data_6J4W
#
_entry.id   6J4W
#
_cell.length_a   1
_cell.length_b   1
_cell.length_c   1
_cell.angle_alpha   90
_cell.angle_beta   90
_cell.angle_gamma   90
#
_symmetry.space_group_name_H-M   'P 1'
#
loop_
_entity.id
_entity.type
_entity.pdbx_description
1 polymer 'DNA-directed RNA polymerase subunit'
2 polymer 'DNA-directed RNA polymerase subunit beta'
3 polymer 'RNA polymerase II third largest subunit B44, part of central core'
4 polymer 'RNA polymerase II subunit B32'
5 polymer 'RNA polymerase subunit ABC27, common to RNA polymerases I, II, and III'
6 polymer 'RNA polymerase subunit ABC23, common to RNA polymerases I, II, and III'
7 polymer 'RNA polymerase II subunit'
8 polymer 'DNA-directed RNA polymerases I, II, and III subunit RPABC3'
9 polymer 'DNA-directed RNA polymerase subunit'
10 polymer 'RNA polymerase subunit ABC10-beta'
11 polymer 'RNA polymerase II subunit B12.5'
12 polymer 'RNA polymerase subunit ABC10-alpha'
13 polymer "RNA (5'-R(P*GP*UP*GP*UP*UP*UP*GP*GP*GP*UP*GP*GP*UP*GP*GP*C)-3')"
14 polymer 'DNA (198-MER)'
15 polymer 'DNA (198-MER)'
16 polymer 'Transcription elongation factor 1 homolog'
17 polymer 'Transcription elongation factor SPT4'
18 polymer Spt5
19 polymer 'Histone H3.3'
20 polymer 'Histone H4'
21 polymer 'Histone H2A type 1-B/E'
22 polymer 'Histone H2B type 1-J'
23 non-polymer 'ZINC ION'
24 non-polymer 'MAGNESIUM ION'
#
loop_
_entity_poly.entity_id
_entity_poly.type
_entity_poly.pdbx_seq_one_letter_code
_entity_poly.pdbx_strand_id
1 'polypeptide(L)'
;MSQFPYSSAPLRSVKEVQFGLLSPEEIRAISVVKIEYPEIMDESRQRPREGGLNDPKLGSIDRNFKCQTCGEGMAECPGH
FGHMELAKPVFHIGFIPKIKKVCECICMNCGKLLLDETNPTMAQAIRIRDPKKRFNAVWQLCKTKMVCEADAPVDEYSEQ
KVVSRGGCGNTQPVVRKDGMKLWGTWKKSGFSDRDAQPERKLLTPGEILNVFKHISPEDCFRLGFNEDYARPEWMIITVL
PVPPPQVRPSIAMDETTQGQDDLTHKLSDILKANINVQKLEMDGSPQHIINEVEQLLQFHVATYMDNDIAGQPQALQKSG
RPVKAIRARLKGKEGRLRGNLMGKRVDFSARTVISGDPNLELDQVGVPISIAKTLSYPETVTQYNIHRLTEYVRNGPNEH
PGAKYVIRDNGDRIDLRYHKRAGDIVLQYGWKVERHLMDDDPVLFNRQPSLHKMSMMAHRVKVMPYSTFRLNLSVTSPYN
ADFDGDEMNLHVPQSEETRAELSQLCAVPLQIVSPQSNKPVMGIVQDTLCGVRKMTLRDTFIEYEQVMNMLFWVPSWDGV
VPQPAILKPKPLWTGKQLLSIAIPSGIHLQRTDGGNSLLSPKDNGMLIVDGKVMFGVVDKKTVGSGGGGLIHTVMREKGP
KICAELFGNIQKVVNYWLLHNGFSIGIGDAIADASTMKEITHAISSAKEQVQEIIYKAQHNELELKPGMTLRESFEGEVS
RTLNDARDSAGRSAEMNLKDLNNVKQMVSAGSKGSFINIAQMSACVGQQMVEGKRIAFGFADRSLPHFTKDDFSPESKGF
VENSYLRGLTPQEFFFHAMAGREGLIDTAVKTAETGYIQRRLVKALEDIMVHYDGTTRNSLGDIIQFLYGEDGLDGTQVE
RQTIDTIPGSDKAFHKRYYVDLMDEKNSIKPDVIEYAADILGDVELQKELNSEYEQLVSDRKFLREIVFVNGDHNWPLPV
NLRRIIQNAQQIFHLDRAKASDLTIPEIIHGVRDLCKKLFVLRGENELIKEAQQNATSLFQCLVRARLATRRILEEFRLN
RDAFEWVLGTIEAQFQRSLVHPGEMVGVIAAQSIGEPATQMTLNTFHYAGVSSKNVTLGVPRLKEILNVAKNIKTPALTV
YLDREIALDIEKAKVIQSSIEYTTLKNVTSATEIYYDPDPTSTVIEEDFDTVEAYFSIPDEKVEETIDKQSPWLLRLELD
RARMLDKQLTMNQVADKISEVFSDDLFVMWSEDNADKLIIRCRVIRDPKAMDEELEAEEDQMLKRIEAHMLDLIALRGIP
GISKVYMVKHKVSVPDESGEYKNEELWALETDGINLAEVMAVPGVDSSRTYSNSFVEILSVLGIEATRSSLYKEILNVIA
FDGSYVNYRHMALLVDVMTSRGYLMAITRHGINRADTGALMRCSFEETVEILFEAGAAAELDDCRGVSENVMLGQLAPMG
TGAFDVMIDEKLLTSLPADYAPTMPLFKGKATQGSATPYDNNAQYDDEFNHDDVADVMFSPMAETGSGDDRSGGLTEYAG
IQSPYQPTSPGLSATSPGFAPTSPGFAPTSPRYSPTSPGYSPTSPSYSPTSPSYSPTSPSYSPTSPSYSPTSPSYSPTSP
SYSPTSPSYSPTSPSYSPTSPSYSPTSPQYSPTSPQYSPTSPQYSPTSPQYSPTSPQYSPTSPQYSPTSPQYSPTSPQYS
PTSPQYSPTSPQYSPTSPQYSPTSPQYSPTSPQYSPTSPQYSPASPQYSPSRHSPNGESKEGE
;
A
2 'polypeptide(L)'
;MSYDPYSIDDTITTEDCWTVISAFFEEKGLVSQQLDSFDEFMETSIQDLVWEEPRLILDQPAQHTNEKDNINKRYEIRFG
KIYLSRPTMTEADGTTHAMFPQEARLRNLTYSSPVYLDMEKSMFTSIDDEGNPNATLDWQQVHEPIKDGVEEGNKVHIGK
VPIMLRSKFCSLRTLDEVDLYKMKECPYDMGGYFVINGSEKVLIAQERSAANIVQVFKKAAPSPISHVAEIRSALEKGSR
LISTMQIKLYGREDKGTGRTIKATLPYVKQDIPIVIVFRALGVVPDGEILQHICYDENDWQMLEMLKPCIEEGFVIQDKE
VALDFIGRRGSAALGIRREKRIQYAKDILQKELLPHITQEEGFETRKTFFLGYMVNRLLLCALERKDQDDRDHFGKKRLD
LAGPLLANLFRILFRKLTREIYRYMQRCIETDRDFNLNLAVKSTTITSGLKYSLATGNWGEQKKAMSSRAGVSQVLNRYT
YSSTLSHLRRTNTPIGRDGKLAKPRQLHNTHWGLVCPAETPEGQACGLVKNLSLLSGISIGSPSEPIINFLEEWGMEPLE
DYDPAQHTKSTRIFVNGVWTGIHRDPSMLVSTMRDLRRSGAISPEVSIIRDIREREFKIFTDVGRVYRPLFIVEDDESKD
NKGELRITKEHIRKIQQGYDDDAMNDDSEEQEQDVYGWSSLVTSGVIEYVDGEEEETIMIAMTPEDLQTRSLEQKEIDLN
DTAKRIKPEMSTSSHHTFTHCEIHPSMILGVAASIIPFPDHNQSPRNTYQSAMGKQAMGVFLTNYNVRMDTMANILYYPQ
KPLAKTQAMEYLKFRELPAGQNAIVAIACYSGYNQEDSMIMNQSSIDRGLFRSLFFRSYMDQEKRFGISIVEEFEKPTRA
TTLRLKHGTYEKLDEDGLIAPGVRVSGDDIIIGKTTPIPPDTEELGQRTKYHTKRDASTPLRSTENGIVDQVLLTTNQEG
LKFVKVRMRTTKVPQIGDKFASRHGQKGTIGVTYRHEDMPFSAEGIVPDLIINPHAIPSRMTVAHLIECLLSKVGSIRGY
EGDATPFTDLTVDAVSNLLRDNGYQSRGFEVMYNGHTGKKLMAQVFFGPTYYQRLRHMVDDKIHARARGPVQVLTRQPVE
GRSRDGGLRFGEMERDCMIAHGAAGFLKERLMEASDAFRVHVCGICGLMSVIANLKKNQFECRSCKNKTNIYQLHIPYAA
KLLFQELMAMNIAPRLYTERSGVSMRS
;
B
3 'polypeptide(L)'
;MSKEPKVNIINAQDDEVELMLSDVNLSLANSLRRTMLAEVPTLAIDLVEIKMNTSVLADEFISHRLGLIPLVSEDVEEMK
YSRDCTCEDYCDECSVVLELSARHEGEEGTTDVYSSSLIKVSGPGNLNVGEPVRRDDYDQGILLCKLRNHQELNIRCIAK
KGIAKEHAKWSPCSAIAFEYDPHNKLKHTDFWFEVDAKKEWPDSKYATWEEPPKPGEVFDYKAKPNRFYMTVETTGSLKA
NQVFSRGIKTLQEKLANVLFELENSRPANTTAYGGATAYGGQTVYGRETSYGGNTNYGDYNAPY
;
C
4 'polypeptide(L)'
;MNVSTSTVGARRRRAKQQVDDEENATLLRLGPEFALKQYDHDGNEHDLIALSLSESRLLIREALKARSRARNGGVDIESS
NGEIDDDELAKVTSGAVANGVVKKTLDYLNTFARFKDEETCTAVDQLLHNSSDCSVLHPFEIAQLSSLGCEDVDEAITLI
PSLAAKKEVNLQRILDELNRLEDPYK
;
D
5 'polypeptide(L)'
;MEDNNRIISRLWRSFRTVKEMAADRGYFISQEEMDQSLEEFRSKICDSMGNPQRKLMSFLANPTPEALEKYSDLGTLWVE
FCDEPSVGIKTMRNFCLRIQEKNFSTGIFIYQNNITPSANKMIPTVSPAIIETFQESDLVVNITHHELVPKHIRLSDGEK
SQLLQRYKLKESQLPRIQREDPVARYLGLKRGQVVKIIRRSETSGRYASYRICL
;
E
6 'polypeptide(L)'
;MSEDEAFNEQTENFENFEDEHFSDDNFEDRSTQPEDYAVGVTADGRQIINGDGIQEVNGTIKAHRKRSNKELAILKEERT
TTPYLTKYERARILGTRALQISMNAPVLVDIEGETDPLQIAMKELSQRKIPLVIRRYLPDGSYEDWGCDELIVDN
;
F
7 'polypeptide(L)'
;MFFLKDLSLILTLHPSYFGPQMNQYLREKLLTDVEGTCTGQFGYIVTVLDGMNIDVGKGRIIPGSGSAEFEVKYRAVVWK
PFKGEVVDAIVSNVSPIGFFADVGPLNVFVSTRLIPDNLVYNPSNSPPAYMSNDELITKGSKVRLKVVGTRTDVNEIYAI
GSIKEDFLGAI
;
G
8 'polypeptide(L)'
;MSSALFDDIFTVQTVDNGRYNKVSRIIGISTTNSAIKLTLDINNEMFPVSQDDSLTVTLANSLSLDGEDESANFSKSWRP
PKPTDKSLADDYDYVMFGTVYKFEEGDEDKIKVYVSFGGLLMCLEGGYKSLASLKQDNLYILIRR
;
H
9 'polypeptide(L)'
;MASFRFCLECNNMLYPKEDKENQRLLYSCRNCDYTELAEDPKVYRHELITNIGETAGIVDDIGQDPTLPRSDKECPECHS
RDCVFFQSQQRRKDTNMTLFYVCLNCKKTFRDESE
;
I
10 'polypeptide(L)' MIIPVRCFSCGKVVGDKWDAYLRLLEEGKQEGDALDELKLKRYCCRRMVLTHVDLIEKFLRYNPLEKKDFDS J
11 'polypeptide(L)'
;MNAPDRFELFILPDDVPKLKITPDSRVPNCIIIKFEREDHTLANLLREELALYPDVTFVAYKVEHPLFANFVMRLQTEEG
TRPKQALERACASIINKLKTLDHKFNEEWNIKNFSLND
;
K
12 'polypeptide(L)' MSREGFVAPSGTDLAAAASGVAPNKHYGVKYTCGACAHNFSLNKSDPVRCKECGHRVIYKARTKRMIQFDAR L
13 'polyribonucleotide' GUGUUUGGGUGGUGGC P
14 'polydeoxyribonucleotide'
;(DA)(DT)(DC)(DA)(DG)(DA)(DA)(DT)(DC)(DC)(DC)(DG)(DG)(DT)(DG)(DC)(DC)(DG)(DA)(DG)
(DG)(DC)(DC)(DG)(DC)(DT)(DC)(DA)(DA)(DT)(DT)(DG)(DG)(DT)(DC)(DG)(DT)(DA)(DG)(DA)
(DC)(DA)(DG)(DC)(DT)(DC)(DT)(DA)(DG)(DC)(DA)(DC)(DC)(DG)(DC)(DT)(DT)(DA)(DA)(DA)
(DC)(DG)(DC)(DA)(DC)(DG)(DT)(DA)(DC)(DG)(DC)(DG)(DC)(DT)(DG)(DT)(DC)(DC)(DC)(DC)
(DC)(DG)(DC)(DG)(DT)(DT)(DT)(DT)(DA)(DA)(DC)(DC)(DG)(DC)(DC)(DA)(DA)(DG)(DG)(DG)
(DG)(DA)(DT)(DT)(DA)(DC)(DA)(DC)(DC)(DC)(DA)(DA)(DG)(DA)(DC)(DA)(DC)(DC)(DA)(DG)
(DG)(DC)(DA)(DC)(DG)(DA)(DG)(DA)(DC)(DA)(DG)(DA)(DA)(DA)(DA)(DA)(DA)(DA)(DC)(DA)
(DA)(DC)(DG)(DA)(DA)(DA)(DA)(DC)(DG)(DG)(DC)(DC)(DA)(DC)(DC)(DA)(DC)(DC)(DC)(DA)
(DA)(DA)(DC)(DA)(DC)(DA)(DC)(DC)(DA)(DA)(DA)(DC)(DA)(DC)(DA)(DA)(DG)(DA)(DG)(DC)
(DT)(DA)(DA)(DT)(DT)(DG)(DA)(DC)(DT)(DG)(DA)(DC)(DG)(DT)(DA)(DA)(DG)(DC)
;
T
15 'polydeoxyribonucleotide'
;(DG)(DC)(DT)(DT)(DA)(DC)(DG)(DT)(DC)(DA)(DG)(DT)(DC)(DT)(DG)(DG)(DC)(DC)(DA)(DT)
(DC)(DT)(DT)(DT)(DG)(DT)(DG)(DT)(DT)(DT)(DG)(DG)(DT)(DG)(DT)(DG)(DT)(DT)(DT)(DG)
(DG)(DG)(DT)(DG)(DG)(DT)(DG)(DG)(DC)(DC)(DG)(DT)(DT)(DT)(DT)(DC)(DG)(DT)(DT)(DG)
(DT)(DT)(DT)(DT)(DT)(DT)(DT)(DC)(DT)(DG)(DT)(DC)(DT)(DC)(DG)(DT)(DG)(DC)(DC)(DT)
(DG)(DG)(DT)(DG)(DT)(DC)(DT)(DT)(DG)(DG)(DG)(DT)(DG)(DT)(DA)(DA)(DT)(DC)(DC)(DC)
(DC)(DT)(DT)(DG)(DG)(DC)(DG)(DG)(DT)(DT)(DA)(DA)(DA)(DA)(DC)(DG)(DC)(DG)(DG)(DG)
(DG)(DG)(DA)(DC)(DA)(DG)(DC)(DG)(DC)(DG)(DT)(DA)(DC)(DG)(DT)(DG)(DC)(DG)(DT)(DT)
(DT)(DA)(DA)(DG)(DC)(DG)(DG)(DT)(DG)(DC)(DT)(DA)(DG)(DA)(DG)(DC)(DT)(DG)(DT)(DC)
(DT)(DA)(DC)(DG)(DA)(DC)(DC)(DA)(DA)(DT)(DT)(DG)(DA)(DG)(DC)(DG)(DG)(DC)(DC)(DT)
(DC)(DG)(DG)(DC)(DA)(DC)(DC)(DG)(DG)(DG)(DA)(DT)(DT)(DC)(DT)(DG)(DA)(DT)
;
N
16 'polypeptide(L)'
;GPGMGKRKSSARKPAPKIKQKLETQFTCLFCNHDNSVVCTLDKKNSIGLLECKKCNLSFQAPINSLSQPIDIYSDWIDAC
EAVAEENADVNGDNFIENDGADREQDDDYDDEF
;
M
17 'polypeptide(L)'
;MRERACMLCGIVLPGRVFMQNGCPNCDSVLNLRDSDQATVNECTSSSFEGLVAVGDNEHSWVAKWLRVDRFQPGLYAVRV
DGRLPSDIVAALEQYGVYYRPRDGSVID
;
V
18 'polypeptide(L)'
;GPGMSETHKNQLDKVSTVSPDGPSEAVKEHSLQSKDLSKNDGQFIVPLDRNVIEQEEHKQVKSSAQAHNTTGDAADNEIE
DGVPSEDVEFDKFKEDDYDEDDEVEEEGDIRSRKRRRHNQFLDVEAEVDDEEDDDDDDDDVELKHDFIQDDHIQHETQNE
GFIAGHVDDDRLHRKLDQSREKIADQDAQELADEFKQRYGRSASSKYMGSASTTAPQRLLIPTVDDPGIWGVKVRLGKEK
DVVRQILKKKLAREGTKNPLEIYSAFQRDSFKGHVYIEARKAEAINDALKGNVNVFSNNSKFLVGIVEYKDLLRPVKSSD
VKLTRGSYVRVKNGKFKGDLAQVDEVLENGLEARLKLVPRLDYGKDLSHLSTSSSVDSTKNRRKFYTSKFRPAQRLFSEA
EARVHEPTIRRDRDGFVTYGGEEYYEGFLYKTFRLQNLIVNSINPTLNELSLFQSNEESTTIDLSTIADSLKETAKNLVS
FQPGDNVEIINGELNHLTGTVSSVNQSTIVSVRLHSDDDTINSETVEIPTSDLRKIFNVGDHVRVIHGKHTDDTGLIVEV
NGDKVEFISNQTKRTVIVFSNYLIKSTDSTVSINESGRFELHDLVQVNSDLVGIVIRAQKDSFDVLCSDGKLLSLPPVSI
YSKLNLNPNQQIAIDSNGVEVKVGDTVREFTGERRQGTILHVYRNFLFLRSREIVENQGVFVTSSNRVKTITSKSNGTGG
QISGPDLSRMNPSRVIPPPSIPVANQRMTGRDPTLNKTVKIRQGGYKGKIGIVKEANGDRFRVELHNPNKTIPIPCSFLL
IESTHGWVPYEDFVASDRRGGNIPRHEISGHVQQPQHGRAPAWGSGGKTPAWGSGGKTPAWGSGGSGGKTPAWGSGGKTP
TWGSGAKTPAWGSGSKTPAWSGLDEEDRRDF
;
W
19 'polypeptide(L)'
;GSHMARTKQTARKSTGGKAPRKQLATKAARKSAPSTGGVKKPHRYRPGTVALREIRRYQKSTELLIRKLPFQRLVREIAQ
DFKTDLRFQSAAIGALQEASEAYLVGLFEDTNLCAIHAKRVTIMPKDIQLARRIRGERA
;
a,e
20 'polypeptide(L)'
;GSHMSGRGKGGKGLGKGGAKRHRKVLRDNIQGITKPAIRRLARRGGVKRISGLIYEETRGVLKVFLENVIRDAVTYTEHA
KRKTVTAMDVVYALKRQGRTLYGFGG
;
b,f
21 'polypeptide(L)'
;GSHMSGRGKQGGKARAKAKTRSSRAGLQFPVGRVHRLLRKGNYSERVGAGAPVYLAAVLEYLTAEILELAGNAARDNKKT
RIIPRHLQLAIRNDEELNKLLGRVTIAQGGVLPNIQAVLLPKKTESHHKAKGK
;
c,g
22 'polypeptide(L)'
;GSHMPEPAKSAPAPKKGSKKAVTKAQKKDGKKRKRSRKESYSIYVYKVLKQVHPDTGISSKAMGIMNSFVNDIFERIAGE
ASRLAHYNKRSTITSREIQTAVRLLLPGELAKHAVSEGTKAVTKYTSAK
;
d,h
#
loop_
_chem_comp.id
_chem_comp.type
_chem_comp.name
_chem_comp.formula
C RNA linking CYTIDINE-5'-MONOPHOSPHATE 'C9 H14 N3 O8 P'
DA DNA linking 2'-DEOXYADENOSINE-5'-MONOPHOSPHATE 'C10 H14 N5 O6 P'
DC DNA linking 2'-DEOXYCYTIDINE-5'-MONOPHOSPHATE 'C9 H14 N3 O7 P'
DG DNA linking 2'-DEOXYGUANOSINE-5'-MONOPHOSPHATE 'C10 H14 N5 O7 P'
DT DNA linking THYMIDINE-5'-MONOPHOSPHATE 'C10 H15 N2 O8 P'
G RNA linking GUANOSINE-5'-MONOPHOSPHATE 'C10 H14 N5 O8 P'
MG non-polymer 'MAGNESIUM ION' 'Mg 2'
U RNA linking URIDINE-5'-MONOPHOSPHATE 'C9 H13 N2 O9 P'
ZN non-polymer 'ZINC ION' 'Zn 2'
#
# COMPACT_ATOMS: atom_id res chain seq x y z
N SER A 2 34.17 10.69 -27.82
CA SER A 2 35.40 10.13 -28.35
C SER A 2 35.09 8.86 -29.14
N GLN A 3 34.12 8.09 -28.64
CA GLN A 3 33.58 6.98 -29.42
C GLN A 3 32.58 7.44 -30.47
N PHE A 4 32.22 8.67 -30.44
CA PHE A 4 31.36 9.36 -31.39
C PHE A 4 32.19 10.04 -32.47
N PRO A 5 31.90 9.80 -33.75
CA PRO A 5 32.61 10.51 -34.82
C PRO A 5 32.34 12.01 -34.72
N TYR A 6 33.28 12.80 -35.24
CA TYR A 6 33.22 14.25 -35.06
C TYR A 6 32.00 14.81 -35.77
N SER A 7 31.33 15.77 -35.13
CA SER A 7 30.23 16.49 -35.74
C SER A 7 30.36 17.98 -35.42
N SER A 8 30.14 18.81 -36.44
CA SER A 8 30.32 20.26 -36.29
C SER A 8 29.25 20.92 -35.44
N ALA A 9 28.12 20.27 -35.18
CA ALA A 9 27.06 20.85 -34.38
C ALA A 9 27.57 21.10 -32.95
N PRO A 10 27.26 22.24 -32.34
CA PRO A 10 27.72 22.52 -30.98
C PRO A 10 27.18 21.56 -29.94
N LEU A 11 28.07 21.14 -29.05
CA LEU A 11 27.70 20.27 -27.94
C LEU A 11 27.16 21.10 -26.79
N ARG A 12 25.96 20.77 -26.30
CA ARG A 12 25.39 21.43 -25.15
C ARG A 12 24.73 20.40 -24.24
N SER A 13 24.39 20.83 -23.04
CA SER A 13 23.64 20.00 -22.10
C SER A 13 22.18 20.42 -22.03
N VAL A 14 21.37 19.55 -21.45
CA VAL A 14 19.95 19.78 -21.29
C VAL A 14 19.70 20.60 -20.04
N LYS A 15 19.03 21.73 -20.19
CA LYS A 15 18.65 22.57 -19.06
C LYS A 15 17.17 22.50 -18.70
N GLU A 16 16.30 22.11 -19.62
CA GLU A 16 14.87 22.14 -19.37
C GLU A 16 14.20 21.05 -20.19
N VAL A 17 13.20 20.40 -19.61
CA VAL A 17 12.36 19.47 -20.35
C VAL A 17 10.94 20.03 -20.38
N GLN A 18 10.47 20.37 -21.57
CA GLN A 18 9.11 20.85 -21.78
C GLN A 18 8.20 19.72 -22.21
N PHE A 19 7.27 19.33 -21.37
CA PHE A 19 6.35 18.29 -21.76
C PHE A 19 5.19 18.90 -22.53
N GLY A 20 4.50 18.07 -23.29
CA GLY A 20 3.30 18.54 -23.98
C GLY A 20 2.73 17.46 -24.87
N LEU A 21 1.75 17.83 -25.67
CA LEU A 21 1.17 16.92 -26.63
C LEU A 21 1.64 17.22 -28.04
N LEU A 22 1.70 16.17 -28.85
CA LEU A 22 2.04 16.27 -30.26
C LEU A 22 0.78 16.54 -31.06
N SER A 23 0.74 17.69 -31.74
CA SER A 23 -0.41 17.98 -32.59
C SER A 23 -0.44 17.00 -33.77
N PRO A 24 -1.63 16.79 -34.35
CA PRO A 24 -1.73 16.03 -35.61
C PRO A 24 -0.87 16.56 -36.73
N GLU A 25 -0.82 17.88 -36.89
CA GLU A 25 0.02 18.48 -37.93
C GLU A 25 1.49 18.16 -37.71
N GLU A 26 1.97 18.29 -36.46
CA GLU A 26 3.38 18.05 -36.16
C GLU A 26 3.78 16.59 -36.39
N ILE A 27 2.90 15.63 -36.03
CA ILE A 27 3.15 14.22 -36.26
C ILE A 27 3.44 13.95 -37.72
N ARG A 28 2.71 14.63 -38.61
CA ARG A 28 2.96 14.45 -40.03
C ARG A 28 4.24 15.15 -40.44
N ALA A 29 4.57 16.26 -39.78
CA ALA A 29 5.76 17.00 -40.17
C ALA A 29 7.03 16.22 -39.83
N ILE A 30 7.04 15.45 -38.75
CA ILE A 30 8.25 14.69 -38.43
C ILE A 30 8.25 13.30 -39.03
N SER A 31 7.11 12.83 -39.53
CA SER A 31 7.02 11.50 -40.10
C SER A 31 7.77 11.44 -41.42
N VAL A 32 8.36 10.29 -41.71
CA VAL A 32 9.03 10.09 -42.98
C VAL A 32 8.32 9.14 -43.92
N VAL A 33 7.15 8.59 -43.55
CA VAL A 33 6.42 7.65 -44.39
C VAL A 33 5.00 7.40 -43.84
N LYS A 34 4.04 7.21 -44.74
CA LYS A 34 2.68 6.87 -44.35
C LYS A 34 2.52 5.35 -44.37
N ILE A 35 1.92 4.82 -43.31
CA ILE A 35 1.81 3.37 -43.06
C ILE A 35 0.41 2.83 -43.34
N GLU A 36 0.27 1.92 -44.31
CA GLU A 36 -1.08 1.52 -44.70
C GLU A 36 -1.33 0.01 -44.66
N TYR A 37 -0.33 -0.80 -44.98
CA TYR A 37 -0.53 -2.24 -45.22
C TYR A 37 0.01 -3.09 -44.09
N PRO A 38 -0.82 -3.95 -43.50
CA PRO A 38 -0.38 -4.79 -42.37
C PRO A 38 0.51 -5.96 -42.75
N GLU A 39 0.61 -6.29 -44.04
CA GLU A 39 1.51 -7.36 -44.46
C GLU A 39 2.96 -6.88 -44.38
N ILE A 40 3.69 -7.46 -43.42
CA ILE A 40 5.07 -7.07 -43.13
C ILE A 40 5.98 -7.31 -44.34
N MET A 41 5.85 -8.47 -44.99
CA MET A 41 6.77 -8.84 -46.05
C MET A 41 6.23 -8.48 -47.42
N ASP A 42 7.15 -8.36 -48.38
CA ASP A 42 6.79 -8.03 -49.76
C ASP A 42 5.87 -9.11 -50.33
N GLU A 43 6.34 -10.37 -50.28
CA GLU A 43 5.59 -11.59 -50.59
C GLU A 43 6.38 -12.80 -50.11
N SER A 44 7.02 -12.67 -48.94
CA SER A 44 7.90 -13.66 -48.30
C SER A 44 9.12 -14.01 -49.15
N ARG A 45 9.46 -13.16 -50.11
CA ARG A 45 10.63 -13.29 -50.97
C ARG A 45 11.72 -12.27 -50.69
N GLN A 46 12.02 -11.99 -49.39
CA GLN A 46 13.10 -11.09 -48.93
C GLN A 46 12.82 -9.62 -49.30
N ARG A 47 13.43 -8.65 -48.54
CA ARG A 47 13.17 -7.21 -48.66
C ARG A 47 11.73 -6.92 -48.23
N PRO A 48 11.58 -6.16 -47.16
CA PRO A 48 10.25 -5.82 -46.62
C PRO A 48 9.60 -4.67 -47.37
N ARG A 49 8.28 -4.78 -47.40
CA ARG A 49 7.38 -3.98 -48.19
C ARG A 49 7.28 -2.54 -47.76
N GLU A 50 7.56 -1.66 -48.72
CA GLU A 50 7.40 -0.23 -48.60
C GLU A 50 5.96 0.11 -48.29
N GLY A 51 5.77 1.07 -47.39
CA GLY A 51 4.48 1.36 -46.79
C GLY A 51 4.05 0.37 -45.74
N GLY A 52 4.80 -0.71 -45.54
CA GLY A 52 4.54 -1.67 -44.50
C GLY A 52 5.26 -1.30 -43.21
N LEU A 53 5.00 -2.11 -42.17
CA LEU A 53 5.47 -1.78 -40.83
C LEU A 53 6.98 -1.89 -40.67
N ASN A 54 7.69 -2.56 -41.58
CA ASN A 54 9.14 -2.58 -41.58
C ASN A 54 9.72 -1.88 -42.80
N ASP A 55 9.04 -0.86 -43.32
CA ASP A 55 9.54 -0.01 -44.39
C ASP A 55 10.95 0.46 -44.06
N PRO A 56 11.93 0.25 -44.94
CA PRO A 56 13.30 0.63 -44.61
C PRO A 56 13.53 2.11 -44.35
N LYS A 57 12.61 3.01 -44.72
CA LYS A 57 12.78 4.40 -44.32
C LYS A 57 12.66 4.61 -42.81
N LEU A 58 12.02 3.69 -42.08
CA LEU A 58 11.92 3.86 -40.63
C LEU A 58 13.22 3.58 -39.93
N GLY A 59 14.09 2.80 -40.55
CA GLY A 59 15.40 2.57 -39.99
C GLY A 59 15.89 1.15 -40.15
N SER A 60 17.15 0.96 -39.83
CA SER A 60 17.87 -0.29 -39.94
C SER A 60 18.11 -0.94 -38.59
N ILE A 61 17.77 -2.22 -38.46
CA ILE A 61 18.21 -2.92 -37.26
C ILE A 61 19.08 -4.08 -37.72
N ASP A 62 19.66 -3.93 -38.91
CA ASP A 62 20.45 -4.95 -39.55
C ASP A 62 21.80 -4.36 -39.92
N ARG A 63 22.88 -5.10 -39.67
CA ARG A 63 24.24 -4.60 -39.80
C ARG A 63 24.66 -4.28 -41.24
N ASN A 64 23.91 -4.73 -42.24
CA ASN A 64 24.32 -4.61 -43.63
C ASN A 64 23.47 -3.71 -44.51
N PHE A 65 22.42 -3.08 -43.96
CA PHE A 65 21.58 -2.18 -44.74
C PHE A 65 21.68 -0.81 -44.09
N LYS A 66 22.15 0.18 -44.84
CA LYS A 66 22.17 1.53 -44.32
C LYS A 66 20.81 2.21 -44.42
N CYS A 67 20.58 3.14 -43.49
CA CYS A 67 19.31 3.85 -43.41
C CYS A 67 19.11 4.67 -44.67
N GLN A 68 17.93 4.58 -45.29
CA GLN A 68 17.73 5.35 -46.51
C GLN A 68 17.34 6.79 -46.23
N THR A 69 17.34 7.21 -44.97
CA THR A 69 17.10 8.59 -44.62
C THR A 69 18.34 9.33 -44.15
N CYS A 70 19.16 8.74 -43.28
CA CYS A 70 20.29 9.47 -42.75
C CYS A 70 21.65 8.96 -43.23
N GLY A 71 21.69 7.81 -43.90
CA GLY A 71 22.96 7.30 -44.39
C GLY A 71 23.89 6.70 -43.35
N GLU A 72 23.52 6.71 -42.07
CA GLU A 72 24.39 6.25 -41.01
C GLU A 72 24.18 4.75 -40.75
N GLY A 73 25.17 4.14 -40.13
CA GLY A 73 25.04 2.74 -39.77
C GLY A 73 24.02 2.56 -38.66
N MET A 74 23.68 1.29 -38.40
CA MET A 74 22.68 0.97 -37.38
C MET A 74 23.07 1.43 -35.98
N ALA A 75 24.37 1.55 -35.70
CA ALA A 75 24.81 1.97 -34.38
C ALA A 75 24.45 3.43 -34.12
N GLU A 76 24.72 4.30 -35.09
CA GLU A 76 24.44 5.72 -34.92
C GLU A 76 22.98 6.09 -35.21
N CYS A 77 22.33 5.40 -36.13
CA CYS A 77 21.00 5.76 -36.61
C CYS A 77 19.98 5.67 -35.49
N PRO A 78 19.33 6.77 -35.12
CA PRO A 78 18.31 6.70 -34.07
C PRO A 78 17.00 6.08 -34.50
N GLY A 79 16.75 5.95 -35.78
CA GLY A 79 15.37 5.61 -36.12
C GLY A 79 14.52 6.84 -36.33
N HIS A 80 13.57 6.72 -37.25
CA HIS A 80 12.73 7.83 -37.64
C HIS A 80 11.28 7.36 -37.59
N PHE A 81 10.39 8.24 -37.16
CA PHE A 81 8.99 7.87 -36.97
C PHE A 81 8.22 7.85 -38.28
N GLY A 82 7.19 7.02 -38.32
CA GLY A 82 6.16 7.12 -39.32
C GLY A 82 4.88 7.71 -38.74
N HIS A 83 3.80 7.59 -39.53
CA HIS A 83 2.49 7.98 -39.04
C HIS A 83 1.45 7.08 -39.66
N MET A 84 0.36 6.88 -38.94
CA MET A 84 -0.74 6.05 -39.41
C MET A 84 -2.02 6.86 -39.29
N GLU A 85 -2.65 7.16 -40.43
CA GLU A 85 -3.90 7.88 -40.43
C GLU A 85 -5.05 7.00 -40.00
N LEU A 86 -5.85 7.49 -39.08
CA LEU A 86 -7.03 6.77 -38.61
C LEU A 86 -8.23 7.25 -39.39
N ALA A 87 -9.08 6.32 -39.82
CA ALA A 87 -10.25 6.70 -40.59
C ALA A 87 -11.23 7.51 -39.75
N LYS A 88 -11.25 7.29 -38.43
CA LYS A 88 -12.17 7.99 -37.57
C LYS A 88 -11.39 8.34 -36.31
N PRO A 89 -11.56 9.54 -35.76
CA PRO A 89 -10.89 9.89 -34.50
C PRO A 89 -11.39 9.08 -33.31
N VAL A 90 -10.44 8.64 -32.49
CA VAL A 90 -10.71 7.87 -31.28
C VAL A 90 -10.09 8.55 -30.06
N PHE A 91 -10.62 8.20 -28.89
CA PHE A 91 -10.06 8.68 -27.63
C PHE A 91 -8.68 8.11 -27.31
N HIS A 92 -7.87 8.95 -26.67
CA HIS A 92 -6.68 8.51 -25.96
C HIS A 92 -7.08 7.99 -24.59
N ILE A 93 -6.78 6.71 -24.33
CA ILE A 93 -7.20 6.01 -23.11
C ILE A 93 -6.69 6.68 -21.83
N GLY A 94 -5.52 7.32 -21.89
CA GLY A 94 -4.95 7.98 -20.74
C GLY A 94 -5.67 9.24 -20.29
N PHE A 95 -6.39 9.89 -21.18
CA PHE A 95 -6.90 11.22 -20.92
C PHE A 95 -8.40 11.27 -20.72
N ILE A 96 -9.09 10.13 -20.84
CA ILE A 96 -10.56 10.08 -20.67
C ILE A 96 -11.07 10.79 -19.41
N PRO A 97 -10.58 10.49 -18.18
CA PRO A 97 -11.13 11.18 -17.00
C PRO A 97 -10.93 12.69 -17.01
N LYS A 98 -9.93 13.19 -17.72
CA LYS A 98 -9.78 14.64 -17.83
C LYS A 98 -10.73 15.21 -18.87
N ILE A 99 -10.88 14.54 -20.02
CA ILE A 99 -11.92 14.87 -21.02
C ILE A 99 -13.28 15.01 -20.35
N LYS A 100 -13.66 14.02 -19.53
CA LYS A 100 -14.91 14.03 -18.77
C LYS A 100 -15.06 15.29 -17.93
N LYS A 101 -13.96 15.72 -17.32
CA LYS A 101 -13.96 16.91 -16.47
C LYS A 101 -14.19 18.17 -17.29
N VAL A 102 -13.61 18.21 -18.50
CA VAL A 102 -13.75 19.36 -19.39
C VAL A 102 -15.20 19.54 -19.86
N CYS A 103 -15.90 18.43 -20.14
CA CYS A 103 -17.31 18.52 -20.54
C CYS A 103 -18.20 19.25 -19.52
N GLU A 104 -18.03 18.98 -18.24
CA GLU A 104 -18.86 19.68 -17.27
C GLU A 104 -18.49 21.15 -17.09
N CYS A 105 -17.34 21.58 -17.62
CA CYS A 105 -16.89 22.96 -17.49
C CYS A 105 -17.40 23.84 -18.62
N ILE A 106 -17.47 23.31 -19.83
CA ILE A 106 -17.78 24.11 -21.00
C ILE A 106 -19.19 23.80 -21.48
N CYS A 107 -19.67 24.66 -22.36
CA CYS A 107 -20.94 24.48 -23.05
C CYS A 107 -20.83 23.43 -24.13
N MET A 108 -21.75 22.46 -24.14
CA MET A 108 -21.62 21.41 -25.14
C MET A 108 -22.07 21.82 -26.55
N ASN A 109 -22.25 23.12 -26.81
CA ASN A 109 -22.60 23.61 -28.13
C ASN A 109 -21.51 24.56 -28.62
N CYS A 110 -21.20 25.62 -27.86
CA CYS A 110 -20.18 26.55 -28.30
C CYS A 110 -18.88 26.48 -27.52
N GLY A 111 -18.87 25.87 -26.34
CA GLY A 111 -17.61 25.68 -25.62
C GLY A 111 -17.10 26.83 -24.80
N LYS A 112 -17.95 27.60 -24.14
CA LYS A 112 -17.47 28.69 -23.31
C LYS A 112 -17.57 28.37 -21.82
N LEU A 113 -16.55 28.80 -21.07
CA LEU A 113 -16.53 28.71 -19.61
C LEU A 113 -17.75 29.35 -18.94
N LEU A 114 -18.48 28.53 -18.20
CA LEU A 114 -19.77 28.84 -17.56
C LEU A 114 -19.71 29.99 -16.56
N LEU A 115 -18.55 30.44 -16.11
CA LEU A 115 -18.50 31.58 -15.20
C LEU A 115 -17.50 32.65 -15.62
N ASP A 116 -17.76 33.84 -15.13
CA ASP A 116 -17.13 35.11 -15.48
C ASP A 116 -16.53 35.73 -14.22
N GLU A 117 -15.67 36.73 -14.43
CA GLU A 117 -15.08 37.54 -13.35
C GLU A 117 -16.10 38.33 -12.53
N THR A 118 -17.34 38.47 -13.01
CA THR A 118 -18.40 39.08 -12.23
C THR A 118 -18.73 38.29 -10.97
N ASN A 119 -18.58 36.97 -11.00
CA ASN A 119 -18.82 36.16 -9.80
C ASN A 119 -17.65 36.35 -8.84
N PRO A 120 -17.88 36.90 -7.63
CA PRO A 120 -16.74 37.27 -6.74
C PRO A 120 -15.83 36.11 -6.33
N THR A 121 -16.41 34.98 -5.92
CA THR A 121 -15.61 33.81 -5.55
C THR A 121 -14.85 33.27 -6.76
N MET A 122 -15.51 33.22 -7.92
CA MET A 122 -14.86 32.80 -9.16
C MET A 122 -13.75 33.75 -9.58
N ALA A 123 -13.89 35.06 -9.33
CA ALA A 123 -12.81 35.98 -9.64
C ALA A 123 -11.58 35.73 -8.78
N GLN A 124 -11.79 35.23 -7.56
CA GLN A 124 -10.67 34.85 -6.71
C GLN A 124 -9.96 33.61 -7.23
N ALA A 125 -10.72 32.67 -7.80
CA ALA A 125 -10.17 31.40 -8.26
C ALA A 125 -9.27 31.53 -9.49
N ILE A 126 -9.52 32.51 -10.37
CA ILE A 126 -8.65 32.65 -11.53
C ILE A 126 -7.27 33.18 -11.14
N ARG A 127 -7.15 33.79 -9.96
CA ARG A 127 -5.87 34.33 -9.51
C ARG A 127 -4.89 33.23 -9.10
N ILE A 128 -5.37 32.01 -8.83
CA ILE A 128 -4.53 30.94 -8.31
C ILE A 128 -3.49 30.64 -9.38
N ARG A 129 -2.22 30.72 -8.96
CA ARG A 129 -1.08 30.64 -9.87
C ARG A 129 -0.85 29.24 -10.44
N ASP A 130 -1.12 28.19 -9.68
CA ASP A 130 -0.82 26.85 -10.19
C ASP A 130 -1.93 26.44 -11.16
N PRO A 131 -1.60 26.08 -12.41
CA PRO A 131 -2.64 25.70 -13.40
C PRO A 131 -3.57 24.58 -12.95
N LYS A 132 -3.01 23.53 -12.34
CA LYS A 132 -3.83 22.39 -11.92
C LYS A 132 -4.85 22.81 -10.86
N LYS A 133 -4.40 23.56 -9.84
CA LYS A 133 -5.30 23.96 -8.76
C LYS A 133 -6.35 24.94 -9.26
N ARG A 134 -5.94 25.89 -10.13
CA ARG A 134 -6.89 26.81 -10.74
C ARG A 134 -7.99 26.08 -11.51
N PHE A 135 -7.59 25.13 -12.38
CA PHE A 135 -8.55 24.35 -13.15
C PHE A 135 -9.53 23.61 -12.24
N ASN A 136 -9.04 23.08 -11.13
CA ASN A 136 -9.88 22.34 -10.21
C ASN A 136 -10.82 23.28 -9.47
N ALA A 137 -10.30 24.43 -9.03
CA ALA A 137 -11.10 25.45 -8.36
C ALA A 137 -12.22 25.96 -9.24
N VAL A 138 -11.94 26.19 -10.53
CA VAL A 138 -12.96 26.58 -11.49
C VAL A 138 -14.02 25.50 -11.60
N TRP A 139 -13.59 24.26 -11.83
CA TRP A 139 -14.53 23.15 -12.01
C TRP A 139 -15.35 22.90 -10.75
N GLN A 140 -14.78 23.20 -9.57
CA GLN A 140 -15.49 23.05 -8.31
C GLN A 140 -16.66 24.03 -8.22
N LEU A 141 -16.53 25.17 -8.88
CA LEU A 141 -17.60 26.16 -8.94
C LEU A 141 -18.60 25.78 -10.01
N CYS A 142 -18.13 25.58 -11.24
CA CYS A 142 -18.99 25.39 -12.40
C CYS A 142 -19.72 24.05 -12.38
N LYS A 143 -19.31 23.10 -11.53
CA LYS A 143 -19.95 21.77 -11.47
C LYS A 143 -21.44 21.91 -11.18
N THR A 144 -21.82 22.81 -10.29
CA THR A 144 -23.20 22.95 -9.84
C THR A 144 -24.01 23.79 -10.81
N LYS A 145 -23.33 24.55 -11.67
CA LYS A 145 -23.98 25.33 -12.71
C LYS A 145 -24.50 24.30 -13.71
N MET A 146 -25.81 24.06 -13.72
CA MET A 146 -26.33 22.95 -14.51
C MET A 146 -26.96 23.35 -15.84
N VAL A 147 -26.81 24.60 -16.24
CA VAL A 147 -27.28 25.03 -17.55
C VAL A 147 -26.30 26.06 -18.10
N CYS A 148 -25.99 25.96 -19.40
CA CYS A 148 -25.21 27.00 -20.04
C CYS A 148 -26.12 28.16 -20.41
N GLU A 149 -25.92 29.26 -19.74
CA GLU A 149 -26.76 30.44 -19.91
C GLU A 149 -26.41 31.18 -21.19
N ALA A 150 -27.45 31.51 -21.95
CA ALA A 150 -27.33 32.30 -23.17
C ALA A 150 -27.07 33.76 -22.79
N ASP A 151 -27.53 34.14 -21.61
CA ASP A 151 -27.55 35.49 -21.09
C ASP A 151 -26.61 35.49 -19.89
N ALA A 152 -25.97 36.63 -19.62
CA ALA A 152 -25.24 36.80 -18.36
C ALA A 152 -26.14 36.55 -17.13
N PRO A 153 -25.55 36.17 -15.95
CA PRO A 153 -26.40 35.93 -14.76
C PRO A 153 -27.20 37.12 -14.25
N VAL A 163 -27.70 40.86 -21.50
CA VAL A 163 -26.27 40.81 -21.74
C VAL A 163 -25.92 39.37 -22.09
N SER A 164 -25.43 39.14 -23.29
CA SER A 164 -25.15 37.79 -23.72
C SER A 164 -23.67 37.50 -23.49
N ARG A 165 -23.40 36.30 -23.01
CA ARG A 165 -22.06 35.82 -22.74
C ARG A 165 -21.53 34.95 -23.86
N GLY A 166 -22.30 34.77 -24.93
CA GLY A 166 -21.93 33.91 -26.03
C GLY A 166 -22.55 32.54 -25.89
N GLY A 167 -23.35 32.35 -24.85
CA GLY A 167 -23.99 31.09 -24.58
C GLY A 167 -25.05 30.77 -25.62
N CYS A 168 -25.48 29.51 -25.60
CA CYS A 168 -26.47 29.01 -26.52
C CYS A 168 -27.78 28.64 -25.84
N GLY A 169 -27.83 28.73 -24.51
CA GLY A 169 -29.02 28.50 -23.72
C GLY A 169 -29.29 27.07 -23.34
N ASN A 170 -28.57 26.10 -23.92
CA ASN A 170 -28.86 24.70 -23.68
C ASN A 170 -28.53 24.29 -22.25
N THR A 171 -29.34 23.38 -21.71
CA THR A 171 -29.02 22.78 -20.43
C THR A 171 -27.88 21.79 -20.61
N GLN A 172 -27.07 21.63 -19.57
CA GLN A 172 -25.95 20.74 -19.80
C GLN A 172 -26.19 19.35 -19.23
N PRO A 173 -25.62 18.33 -19.88
CA PRO A 173 -25.81 16.97 -19.43
C PRO A 173 -24.86 16.60 -18.31
N VAL A 174 -25.23 15.55 -17.59
CA VAL A 174 -24.35 14.91 -16.62
C VAL A 174 -23.65 13.76 -17.33
N VAL A 175 -22.36 13.93 -17.59
CA VAL A 175 -21.58 13.00 -18.39
C VAL A 175 -21.06 11.92 -17.46
N ARG A 176 -21.24 10.66 -17.86
CA ARG A 176 -20.76 9.50 -17.12
C ARG A 176 -19.93 8.60 -18.01
N LYS A 177 -18.90 8.01 -17.41
CA LYS A 177 -18.01 7.09 -18.09
C LYS A 177 -18.48 5.65 -17.90
N ASP A 178 -18.52 4.91 -19.00
CA ASP A 178 -18.91 3.50 -19.02
C ASP A 178 -17.87 2.77 -19.87
N GLY A 179 -16.75 2.42 -19.26
CA GLY A 179 -15.67 1.80 -20.01
C GLY A 179 -15.00 2.80 -20.92
N MET A 180 -14.88 2.45 -22.20
CA MET A 180 -14.29 3.36 -23.17
C MET A 180 -15.32 4.28 -23.81
N LYS A 181 -16.52 4.36 -23.26
CA LYS A 181 -17.60 5.15 -23.84
C LYS A 181 -18.06 6.16 -22.80
N LEU A 182 -18.43 7.35 -23.27
CA LEU A 182 -18.97 8.39 -22.41
C LEU A 182 -20.44 8.64 -22.74
N TRP A 183 -21.27 8.61 -21.70
CA TRP A 183 -22.69 8.83 -21.85
C TRP A 183 -23.05 10.13 -21.17
N GLY A 184 -23.83 10.95 -21.87
CA GLY A 184 -24.32 12.23 -21.40
C GLY A 184 -25.83 12.22 -21.31
N THR A 185 -26.41 12.62 -20.18
CA THR A 185 -27.85 12.56 -19.98
C THR A 185 -28.33 14.01 -19.89
N TRP A 186 -29.05 14.43 -20.92
CA TRP A 186 -29.61 15.77 -20.98
C TRP A 186 -31.02 15.83 -20.41
N LYS A 187 -31.32 16.90 -19.68
CA LYS A 187 -32.61 17.04 -19.03
C LYS A 187 -33.43 17.99 -19.90
N LYS A 188 -34.25 17.43 -20.78
CA LYS A 188 -35.10 18.22 -21.65
C LYS A 188 -36.24 18.86 -20.87
N SER A 189 -36.42 20.16 -21.06
CA SER A 189 -37.48 20.90 -20.39
C SER A 189 -38.82 20.72 -21.09
N ARG A 194 -43.22 18.77 -14.46
CA ARG A 194 -41.82 18.85 -14.06
C ARG A 194 -40.94 17.83 -14.76
N ASP A 195 -40.85 16.64 -14.17
CA ASP A 195 -40.05 15.55 -14.70
C ASP A 195 -40.64 15.03 -16.01
N ALA A 196 -39.79 14.71 -16.97
CA ALA A 196 -40.33 14.31 -18.26
C ALA A 196 -39.63 13.03 -18.67
N GLN A 197 -39.07 12.96 -19.88
CA GLN A 197 -38.22 11.83 -20.20
C GLN A 197 -36.88 12.29 -20.74
N PRO A 198 -35.77 11.86 -20.14
CA PRO A 198 -34.46 12.31 -20.64
C PRO A 198 -33.87 11.29 -21.59
N GLU A 199 -33.16 11.74 -22.62
CA GLU A 199 -32.61 10.79 -23.59
C GLU A 199 -31.09 10.92 -23.63
N ARG A 200 -30.41 9.94 -23.07
CA ARG A 200 -28.96 9.91 -23.07
C ARG A 200 -28.49 9.23 -24.36
N LYS A 201 -27.78 9.98 -25.19
CA LYS A 201 -27.15 9.48 -26.39
C LYS A 201 -25.64 9.41 -26.18
N LEU A 202 -24.99 8.59 -27.00
CA LEU A 202 -23.56 8.39 -26.88
C LEU A 202 -22.83 9.60 -27.42
N LEU A 203 -21.80 10.02 -26.67
CA LEU A 203 -20.96 11.15 -27.03
C LEU A 203 -19.73 10.61 -27.73
N THR A 204 -19.82 10.48 -29.05
CA THR A 204 -18.74 9.91 -29.84
C THR A 204 -17.49 10.81 -29.78
N PRO A 205 -16.31 10.25 -30.03
CA PRO A 205 -15.10 11.10 -30.16
C PRO A 205 -15.17 12.17 -31.23
N GLY A 206 -15.73 11.84 -32.40
CA GLY A 206 -15.85 12.82 -33.47
C GLY A 206 -16.71 14.01 -33.11
N GLU A 207 -17.84 13.75 -32.44
CA GLU A 207 -18.72 14.81 -31.97
C GLU A 207 -17.98 15.76 -31.02
N ILE A 208 -17.26 15.21 -30.03
CA ILE A 208 -16.53 15.99 -29.06
C ILE A 208 -15.35 16.74 -29.71
N LEU A 209 -14.76 16.14 -30.75
CA LEU A 209 -13.61 16.72 -31.45
C LEU A 209 -13.92 18.09 -32.05
N ASN A 210 -15.06 18.19 -32.75
CA ASN A 210 -15.45 19.44 -33.37
C ASN A 210 -15.74 20.52 -32.33
N VAL A 211 -16.41 20.14 -31.24
CA VAL A 211 -16.70 21.06 -30.14
C VAL A 211 -15.42 21.64 -29.56
N PHE A 212 -14.37 20.81 -29.40
CA PHE A 212 -13.13 21.30 -28.81
C PHE A 212 -12.38 22.30 -29.70
N LYS A 213 -12.43 22.16 -31.02
CA LYS A 213 -11.72 23.14 -31.85
C LYS A 213 -12.34 24.53 -31.81
N HIS A 214 -13.56 24.68 -31.35
CA HIS A 214 -14.18 25.99 -31.30
C HIS A 214 -13.95 26.71 -29.97
N ILE A 215 -13.25 26.09 -29.02
CA ILE A 215 -12.90 26.75 -27.77
C ILE A 215 -11.95 27.90 -28.07
N SER A 216 -12.26 29.08 -27.50
CA SER A 216 -11.47 30.27 -27.77
C SER A 216 -10.12 30.19 -27.08
N PRO A 217 -9.11 30.88 -27.61
CA PRO A 217 -7.82 31.04 -26.90
C PRO A 217 -7.90 31.55 -25.48
N GLU A 218 -8.78 32.51 -25.20
CA GLU A 218 -8.91 33.02 -23.84
C GLU A 218 -9.50 31.99 -22.88
N ASP A 219 -10.41 31.14 -23.36
CA ASP A 219 -10.95 30.11 -22.49
C ASP A 219 -10.04 28.90 -22.39
N CYS A 220 -9.24 28.65 -23.43
CA CYS A 220 -8.18 27.65 -23.37
C CYS A 220 -7.19 27.91 -22.26
N PHE A 221 -6.78 29.16 -22.06
CA PHE A 221 -5.85 29.46 -20.97
C PHE A 221 -6.51 29.26 -19.60
N ARG A 222 -7.73 29.79 -19.42
CA ARG A 222 -8.45 29.70 -18.14
C ARG A 222 -8.73 28.27 -17.70
N LEU A 223 -8.70 27.31 -18.62
CA LEU A 223 -8.91 25.92 -18.30
C LEU A 223 -7.61 25.23 -17.92
N GLY A 224 -6.52 25.98 -17.75
CA GLY A 224 -5.24 25.41 -17.42
C GLY A 224 -4.52 24.73 -18.55
N PHE A 225 -5.03 24.80 -19.76
CA PHE A 225 -4.33 24.24 -20.90
C PHE A 225 -3.40 25.32 -21.45
N ASN A 226 -2.73 25.04 -22.57
CA ASN A 226 -1.67 25.92 -23.04
C ASN A 226 -1.75 25.92 -24.56
N GLU A 227 -1.84 27.12 -25.12
CA GLU A 227 -2.11 27.28 -26.55
C GLU A 227 -1.00 26.72 -27.43
N ASP A 228 0.25 26.72 -26.94
CA ASP A 228 1.37 26.27 -27.76
C ASP A 228 1.76 24.83 -27.55
N TYR A 229 1.50 24.27 -26.38
CA TYR A 229 2.07 22.99 -26.00
C TYR A 229 1.05 21.91 -25.67
N ALA A 230 -0.10 22.28 -25.10
CA ALA A 230 -1.11 21.31 -24.70
C ALA A 230 -2.48 21.91 -25.06
N ARG A 231 -2.79 21.88 -26.35
CA ARG A 231 -4.08 22.35 -26.84
C ARG A 231 -5.11 21.24 -26.69
N PRO A 232 -6.29 21.53 -26.10
CA PRO A 232 -7.18 20.46 -25.63
C PRO A 232 -7.75 19.52 -26.69
N GLU A 233 -7.80 19.90 -27.96
CA GLU A 233 -8.29 18.92 -28.92
C GLU A 233 -7.24 17.87 -29.28
N TRP A 234 -5.99 18.07 -28.88
CA TRP A 234 -4.94 17.10 -29.12
C TRP A 234 -5.01 15.89 -28.18
N MET A 235 -5.93 15.89 -27.21
CA MET A 235 -6.20 14.70 -26.41
C MET A 235 -7.02 13.67 -27.14
N ILE A 236 -7.55 13.99 -28.29
CA ILE A 236 -8.24 13.03 -29.16
C ILE A 236 -7.26 12.65 -30.25
N ILE A 237 -7.18 11.36 -30.57
CA ILE A 237 -6.18 10.81 -31.47
C ILE A 237 -6.79 10.72 -32.86
N THR A 238 -6.16 11.39 -33.82
CA THR A 238 -6.55 11.24 -35.22
C THR A 238 -5.49 10.60 -36.09
N VAL A 239 -4.21 10.78 -35.77
CA VAL A 239 -3.13 10.12 -36.49
C VAL A 239 -2.15 9.56 -35.48
N LEU A 240 -1.77 8.31 -35.65
CA LEU A 240 -0.96 7.59 -34.70
C LEU A 240 0.49 7.58 -35.15
N PRO A 241 1.40 8.00 -34.28
CA PRO A 241 2.83 7.93 -34.61
C PRO A 241 3.33 6.49 -34.55
N VAL A 242 4.03 6.09 -35.60
CA VAL A 242 4.51 4.72 -35.76
C VAL A 242 5.97 4.70 -35.30
N PRO A 243 6.29 4.03 -34.19
CA PRO A 243 7.65 4.07 -33.68
C PRO A 243 8.59 3.28 -34.58
N PRO A 244 9.87 3.64 -34.61
CA PRO A 244 10.81 2.95 -35.50
C PRO A 244 11.10 1.55 -34.99
N PRO A 245 11.78 0.68 -35.76
CA PRO A 245 12.04 -0.70 -35.25
C PRO A 245 12.90 -0.79 -34.00
N GLN A 246 13.69 0.22 -33.67
CA GLN A 246 14.47 0.19 -32.43
C GLN A 246 13.60 0.04 -31.19
N VAL A 247 12.35 0.49 -31.24
CA VAL A 247 11.47 0.36 -30.10
C VAL A 247 10.88 -1.05 -30.02
N ARG A 248 10.90 -1.82 -31.11
CA ARG A 248 10.19 -3.11 -31.15
C ARG A 248 11.05 -4.06 -31.98
N PRO A 249 12.20 -4.48 -31.47
CA PRO A 249 13.09 -5.31 -32.28
C PRO A 249 12.58 -6.73 -32.37
N SER A 250 12.97 -7.39 -33.45
CA SER A 250 12.68 -8.81 -33.58
C SER A 250 13.76 -9.63 -32.91
N ILE A 251 13.35 -10.80 -32.44
CA ILE A 251 14.20 -11.75 -31.73
C ILE A 251 14.07 -13.09 -32.45
N ALA A 252 15.12 -13.88 -32.38
CA ALA A 252 15.15 -15.18 -33.06
C ALA A 252 15.11 -16.21 -31.95
N MET A 253 13.96 -16.89 -31.87
CA MET A 253 13.75 -17.94 -30.87
C MET A 253 14.71 -19.10 -31.04
N ASP A 254 14.68 -19.79 -32.18
CA ASP A 254 15.67 -20.83 -32.47
C ASP A 254 16.36 -20.59 -33.81
N GLU A 255 17.30 -19.65 -33.80
CA GLU A 255 18.11 -19.13 -34.92
C GLU A 255 17.43 -18.68 -36.21
N THR A 256 16.83 -19.60 -36.98
CA THR A 256 16.20 -19.24 -38.25
C THR A 256 14.69 -19.03 -38.13
N THR A 257 14.19 -18.81 -36.92
CA THR A 257 12.78 -18.58 -36.66
C THR A 257 12.70 -17.33 -35.80
N GLN A 258 12.00 -16.33 -36.29
CA GLN A 258 11.91 -15.07 -35.57
C GLN A 258 10.46 -14.72 -35.33
N GLY A 259 10.18 -14.32 -34.10
CA GLY A 259 8.87 -13.83 -33.74
C GLY A 259 8.96 -12.33 -33.59
N GLN A 260 7.81 -11.69 -33.62
CA GLN A 260 7.72 -10.25 -33.55
C GLN A 260 7.39 -9.77 -32.15
N ASP A 261 7.75 -8.52 -31.89
CA ASP A 261 7.47 -7.88 -30.62
C ASP A 261 5.96 -7.73 -30.48
N ASP A 262 5.49 -7.66 -29.22
CA ASP A 262 4.06 -7.49 -28.92
C ASP A 262 3.49 -6.25 -29.58
N LEU A 263 4.28 -5.19 -29.67
CA LEU A 263 3.80 -3.97 -30.32
C LEU A 263 3.63 -4.16 -31.81
N THR A 264 4.54 -4.91 -32.45
CA THR A 264 4.42 -5.19 -33.88
C THR A 264 3.15 -5.94 -34.21
N HIS A 265 2.84 -6.99 -33.43
CA HIS A 265 1.58 -7.70 -33.63
C HIS A 265 0.37 -6.80 -33.36
N LYS A 266 0.46 -5.97 -32.32
CA LYS A 266 -0.65 -5.11 -31.96
C LYS A 266 -0.87 -3.99 -32.97
N LEU A 267 0.21 -3.50 -33.59
CA LEU A 267 0.05 -2.49 -34.64
C LEU A 267 -0.55 -3.07 -35.90
N SER A 268 -0.22 -4.32 -36.21
CA SER A 268 -0.90 -5.03 -37.28
C SER A 268 -2.41 -5.10 -37.04
N ASP A 269 -2.83 -5.38 -35.81
CA ASP A 269 -4.26 -5.45 -35.50
C ASP A 269 -4.94 -4.09 -35.66
N ILE A 270 -4.29 -3.02 -35.22
CA ILE A 270 -4.85 -1.68 -35.41
C ILE A 270 -4.92 -1.34 -36.90
N LEU A 271 -3.91 -1.73 -37.66
CA LEU A 271 -3.86 -1.44 -39.08
C LEU A 271 -4.93 -2.20 -39.85
N LYS A 272 -5.08 -3.51 -39.59
CA LYS A 272 -6.19 -4.27 -40.18
C LYS A 272 -7.53 -3.65 -39.83
N ALA A 273 -7.74 -3.35 -38.54
CA ALA A 273 -9.01 -2.76 -38.10
C ALA A 273 -9.25 -1.39 -38.72
N ASN A 274 -8.18 -0.68 -39.06
CA ASN A 274 -8.33 0.62 -39.71
C ASN A 274 -8.87 0.48 -41.13
N ILE A 275 -8.42 -0.57 -41.84
CA ILE A 275 -8.85 -0.76 -43.22
C ILE A 275 -10.35 -1.11 -43.27
N ASN A 276 -10.83 -1.88 -42.30
CA ASN A 276 -12.24 -2.27 -42.29
C ASN A 276 -13.18 -1.11 -41.96
N VAL A 277 -12.69 -0.06 -41.31
CA VAL A 277 -13.51 1.14 -41.16
C VAL A 277 -13.64 1.86 -42.50
N GLN A 278 -12.64 1.76 -43.36
CA GLN A 278 -12.73 2.34 -44.69
C GLN A 278 -13.63 1.51 -45.59
N LYS A 279 -13.72 0.22 -45.32
CA LYS A 279 -14.48 -0.76 -46.05
C LYS A 279 -15.98 -0.69 -45.76
N LEU A 280 -16.39 0.08 -44.75
CA LEU A 280 -17.79 0.16 -44.33
C LEU A 280 -18.51 1.33 -44.99
N GLU A 281 -17.98 2.56 -44.87
CA GLU A 281 -18.64 3.80 -45.25
C GLU A 281 -18.94 3.93 -46.74
N MET A 282 -18.53 2.98 -47.58
CA MET A 282 -18.71 3.04 -49.01
C MET A 282 -19.73 2.06 -49.55
N ASP A 283 -20.24 1.15 -48.71
CA ASP A 283 -21.19 0.13 -49.13
C ASP A 283 -21.93 -0.43 -47.91
N GLY A 284 -22.19 -1.74 -47.89
CA GLY A 284 -22.99 -2.42 -46.87
C GLY A 284 -22.62 -2.13 -45.43
N SER A 285 -23.25 -1.10 -44.88
CA SER A 285 -23.21 -0.79 -43.45
C SER A 285 -24.59 -0.92 -42.81
N PRO A 286 -24.91 -2.05 -42.18
CA PRO A 286 -26.11 -2.11 -41.34
C PRO A 286 -26.08 -1.36 -39.99
N GLN A 287 -25.52 -0.15 -39.95
CA GLN A 287 -25.39 0.73 -38.78
C GLN A 287 -24.94 0.08 -37.48
N HIS A 288 -25.75 -0.85 -36.90
CA HIS A 288 -25.35 -1.70 -35.77
C HIS A 288 -24.02 -2.45 -35.98
N ILE A 289 -23.56 -2.56 -37.22
CA ILE A 289 -22.25 -3.11 -37.56
C ILE A 289 -21.17 -2.03 -37.48
N ILE A 290 -21.49 -0.80 -37.88
CA ILE A 290 -20.55 0.33 -37.77
C ILE A 290 -20.15 0.55 -36.31
N ASN A 291 -21.09 0.39 -35.39
CA ASN A 291 -20.76 0.58 -33.97
C ASN A 291 -19.90 -0.55 -33.43
N GLU A 292 -20.03 -1.76 -33.97
CA GLU A 292 -19.17 -2.84 -33.48
C GLU A 292 -17.74 -2.71 -34.03
N VAL A 293 -17.60 -2.18 -35.24
CA VAL A 293 -16.27 -2.09 -35.84
C VAL A 293 -15.52 -0.85 -35.34
N GLU A 294 -16.22 0.29 -35.19
CA GLU A 294 -15.57 1.48 -34.63
C GLU A 294 -15.16 1.29 -33.17
N GLN A 295 -16.01 0.67 -32.36
CA GLN A 295 -15.65 0.39 -30.97
C GLN A 295 -14.43 -0.52 -30.89
N LEU A 296 -14.26 -1.40 -31.86
CA LEU A 296 -13.12 -2.32 -31.85
C LEU A 296 -11.83 -1.61 -32.21
N LEU A 297 -11.90 -0.59 -33.08
CA LEU A 297 -10.72 0.22 -33.34
C LEU A 297 -10.32 1.00 -32.10
N GLN A 298 -11.31 1.58 -31.39
CA GLN A 298 -11.07 2.22 -30.10
C GLN A 298 -10.45 1.26 -29.10
N PHE A 299 -10.89 0.01 -29.11
CA PHE A 299 -10.35 -0.98 -28.18
C PHE A 299 -8.87 -1.26 -28.43
N HIS A 300 -8.50 -1.54 -29.68
CA HIS A 300 -7.12 -1.87 -30.02
C HIS A 300 -6.18 -0.71 -29.77
N VAL A 301 -6.62 0.52 -30.04
CA VAL A 301 -5.79 1.68 -29.79
C VAL A 301 -5.65 1.90 -28.28
N ALA A 302 -6.66 1.51 -27.51
CA ALA A 302 -6.56 1.67 -26.07
C ALA A 302 -5.59 0.67 -25.47
N THR A 303 -5.80 -0.63 -25.73
CA THR A 303 -4.91 -1.63 -25.13
C THR A 303 -3.50 -1.61 -25.72
N TYR A 304 -3.29 -0.92 -26.85
CA TYR A 304 -1.95 -0.70 -27.37
C TYR A 304 -1.15 0.21 -26.45
N MET A 305 -1.82 1.15 -25.81
CA MET A 305 -1.13 2.06 -24.89
C MET A 305 -1.23 1.61 -23.44
N ASP A 306 -2.36 1.05 -23.04
CA ASP A 306 -2.56 0.68 -21.64
C ASP A 306 -3.44 -0.57 -21.66
N ASN A 307 -2.90 -1.70 -21.21
CA ASN A 307 -3.65 -2.95 -21.19
C ASN A 307 -3.96 -3.36 -19.75
N ASP A 308 -4.09 -2.38 -18.86
CA ASP A 308 -4.54 -2.63 -17.49
C ASP A 308 -5.78 -1.81 -17.17
N ILE A 309 -6.62 -1.58 -18.17
CA ILE A 309 -7.86 -0.83 -17.99
C ILE A 309 -8.79 -1.57 -17.04
N ALA A 310 -9.20 -0.90 -15.97
CA ALA A 310 -10.03 -1.51 -14.94
C ALA A 310 -11.44 -1.74 -15.45
N GLY A 311 -12.02 -2.87 -15.09
CA GLY A 311 -13.39 -3.19 -15.40
C GLY A 311 -13.66 -3.88 -16.71
N GLN A 312 -12.63 -4.29 -17.44
CA GLN A 312 -12.85 -4.97 -18.71
C GLN A 312 -11.72 -5.96 -18.92
N PRO A 313 -11.95 -7.04 -19.70
CA PRO A 313 -10.89 -8.05 -19.89
C PRO A 313 -9.71 -7.52 -20.67
N GLN A 314 -8.53 -8.02 -20.30
CA GLN A 314 -7.29 -7.67 -20.97
C GLN A 314 -7.21 -8.28 -22.37
N ALA A 315 -6.56 -7.55 -23.27
CA ALA A 315 -6.15 -8.10 -24.55
C ALA A 315 -5.16 -9.23 -24.32
N LEU A 316 -5.33 -10.33 -25.06
CA LEU A 316 -4.50 -11.51 -24.88
C LEU A 316 -3.77 -11.86 -26.16
N GLN A 317 -2.54 -12.35 -26.01
CA GLN A 317 -1.84 -13.03 -27.07
C GLN A 317 -2.44 -14.41 -27.30
N LYS A 318 -2.13 -14.99 -28.48
CA LYS A 318 -2.60 -16.35 -28.77
C LYS A 318 -2.01 -17.38 -27.81
N SER A 319 -0.84 -17.12 -27.23
CA SER A 319 -0.32 -17.96 -26.16
C SER A 319 -1.14 -17.90 -24.88
N GLY A 320 -2.05 -16.94 -24.75
CA GLY A 320 -2.91 -16.82 -23.60
C GLY A 320 -2.48 -15.77 -22.60
N ARG A 321 -1.21 -15.36 -22.62
CA ARG A 321 -0.71 -14.37 -21.68
C ARG A 321 -1.04 -12.96 -22.18
N PRO A 322 -1.21 -11.99 -21.28
CA PRO A 322 -1.56 -10.63 -21.68
C PRO A 322 -0.50 -9.91 -22.50
N VAL A 323 -0.99 -9.02 -23.36
CA VAL A 323 -0.14 -8.23 -24.25
C VAL A 323 0.62 -7.21 -23.42
N LYS A 324 1.89 -7.01 -23.75
CA LYS A 324 2.75 -6.06 -23.05
C LYS A 324 2.57 -4.68 -23.64
N ALA A 325 1.68 -3.89 -23.05
CA ALA A 325 1.40 -2.56 -23.55
C ALA A 325 2.51 -1.59 -23.16
N ILE A 326 2.48 -0.38 -23.74
CA ILE A 326 3.52 0.60 -23.49
C ILE A 326 3.53 1.04 -22.03
N ARG A 327 2.34 1.19 -21.42
CA ARG A 327 2.27 1.60 -20.02
C ARG A 327 2.97 0.60 -19.12
N ALA A 328 2.79 -0.69 -19.41
CA ALA A 328 3.41 -1.74 -18.61
C ALA A 328 4.91 -1.80 -18.84
N ARG A 329 5.39 -1.26 -19.97
CA ARG A 329 6.81 -1.19 -20.22
C ARG A 329 7.53 -0.25 -19.26
N LEU A 330 6.83 0.74 -18.71
CA LEU A 330 7.53 1.77 -17.96
C LEU A 330 7.41 1.58 -16.47
N LYS A 331 6.40 0.87 -15.99
CA LYS A 331 6.17 0.80 -14.56
C LYS A 331 6.84 -0.45 -14.01
N GLY A 332 7.02 -0.46 -12.70
CA GLY A 332 7.47 -1.64 -11.98
C GLY A 332 8.97 -1.76 -11.99
N LYS A 333 9.45 -2.70 -11.16
CA LYS A 333 10.88 -2.94 -10.93
C LYS A 333 11.69 -3.18 -12.20
N GLU A 334 11.13 -3.85 -13.20
CA GLU A 334 11.91 -4.17 -14.37
C GLU A 334 11.67 -3.23 -15.56
N GLY A 335 10.84 -2.21 -15.41
CA GLY A 335 10.49 -1.35 -16.53
C GLY A 335 11.59 -0.36 -16.82
N ARG A 336 11.30 0.55 -17.76
CA ARG A 336 12.32 1.48 -18.25
C ARG A 336 12.87 2.39 -17.16
N LEU A 337 12.00 2.84 -16.25
CA LEU A 337 12.46 3.82 -15.28
C LEU A 337 13.19 3.18 -14.11
N ARG A 338 12.57 2.24 -13.42
CA ARG A 338 13.24 1.68 -12.26
C ARG A 338 14.32 0.67 -12.66
N GLY A 339 14.16 0.02 -13.82
CA GLY A 339 15.08 -1.01 -14.24
C GLY A 339 16.22 -0.64 -15.18
N ASN A 340 16.11 0.48 -15.90
CA ASN A 340 17.15 0.89 -16.84
C ASN A 340 17.68 2.30 -16.66
N LEU A 341 17.03 3.14 -15.86
CA LEU A 341 17.43 4.53 -15.74
C LEU A 341 17.82 4.89 -14.32
N MET A 342 17.02 4.52 -13.33
CA MET A 342 17.46 4.74 -11.96
C MET A 342 18.55 3.76 -11.56
N GLY A 343 18.67 2.66 -12.27
CA GLY A 343 19.75 1.72 -12.08
C GLY A 343 19.87 0.88 -13.33
N LYS A 344 21.06 0.31 -13.54
CA LYS A 344 21.31 -0.40 -14.80
C LYS A 344 22.56 -1.23 -14.61
N ARG A 345 22.76 -2.17 -15.52
CA ARG A 345 23.96 -2.97 -15.52
C ARG A 345 25.11 -2.18 -16.10
N VAL A 346 26.33 -2.46 -15.62
CA VAL A 346 27.49 -1.62 -15.96
C VAL A 346 28.70 -2.49 -16.30
N ASP A 347 29.55 -1.93 -17.14
CA ASP A 347 30.84 -2.48 -17.50
C ASP A 347 31.86 -2.28 -16.38
N PHE A 348 33.02 -2.91 -16.56
CA PHE A 348 34.17 -2.85 -15.65
C PHE A 348 33.80 -3.15 -14.21
N SER A 349 33.18 -4.30 -14.01
CA SER A 349 32.75 -4.75 -12.70
C SER A 349 33.18 -6.19 -12.53
N ALA A 350 33.21 -6.64 -11.28
CA ALA A 350 33.62 -8.01 -11.03
C ALA A 350 33.03 -8.45 -9.71
N ARG A 351 32.99 -9.76 -9.50
CA ARG A 351 32.36 -10.28 -8.31
C ARG A 351 32.91 -11.65 -7.98
N THR A 352 33.20 -11.88 -6.70
CA THR A 352 33.59 -13.21 -6.23
C THR A 352 33.46 -13.30 -4.72
N VAL A 353 33.68 -14.50 -4.20
CA VAL A 353 33.65 -14.77 -2.77
C VAL A 353 34.82 -14.04 -2.10
N ILE A 354 34.62 -13.59 -0.87
CA ILE A 354 35.62 -12.83 -0.15
C ILE A 354 36.26 -13.67 0.94
N SER A 355 37.51 -13.35 1.27
CA SER A 355 38.20 -14.01 2.38
C SER A 355 38.93 -12.91 3.15
N GLY A 356 39.20 -13.16 4.43
CA GLY A 356 39.97 -12.21 5.20
C GLY A 356 41.47 -12.37 5.20
N ASP A 357 42.18 -11.25 5.36
CA ASP A 357 43.62 -11.32 5.49
C ASP A 357 44.13 -10.27 6.48
N PRO A 358 44.58 -10.68 7.65
CA PRO A 358 45.23 -9.77 8.61
C PRO A 358 46.52 -9.11 8.14
N ASN A 359 47.16 -9.59 7.08
CA ASN A 359 48.45 -9.07 6.69
C ASN A 359 48.33 -8.20 5.46
N LEU A 360 47.21 -7.50 5.37
CA LEU A 360 46.94 -6.47 4.40
C LEU A 360 46.64 -5.19 5.17
N GLU A 361 47.01 -4.05 4.60
CA GLU A 361 46.67 -2.77 5.20
C GLU A 361 45.17 -2.56 5.16
N LEU A 362 44.68 -1.70 6.06
CA LEU A 362 43.27 -1.39 6.18
C LEU A 362 42.64 -1.00 4.85
N ASP A 363 43.32 -0.17 4.06
CA ASP A 363 42.74 0.33 2.83
C ASP A 363 43.12 -0.51 1.61
N GLN A 364 43.63 -1.72 1.78
CA GLN A 364 43.92 -2.55 0.63
C GLN A 364 42.79 -3.54 0.34
N VAL A 365 42.75 -4.02 -0.91
CA VAL A 365 41.92 -5.15 -1.32
C VAL A 365 42.75 -6.09 -2.20
N GLY A 366 42.82 -7.36 -1.81
CA GLY A 366 43.50 -8.34 -2.64
C GLY A 366 42.65 -8.76 -3.82
N VAL A 367 43.20 -8.65 -5.02
CA VAL A 367 42.47 -8.88 -6.26
C VAL A 367 43.10 -10.06 -6.98
N PRO A 368 42.34 -11.13 -7.24
CA PRO A 368 42.83 -12.27 -8.03
C PRO A 368 43.43 -11.87 -9.37
N ILE A 369 44.49 -12.60 -9.77
CA ILE A 369 45.21 -12.32 -11.01
C ILE A 369 44.29 -12.36 -12.22
N SER A 370 43.40 -13.38 -12.30
CA SER A 370 42.52 -13.54 -13.46
C SER A 370 41.59 -12.35 -13.62
N ILE A 371 41.10 -11.82 -12.51
CA ILE A 371 40.28 -10.62 -12.55
C ILE A 371 41.12 -9.44 -12.98
N ALA A 372 42.34 -9.33 -12.47
CA ALA A 372 43.23 -8.23 -12.80
C ALA A 372 43.65 -8.23 -14.27
N LYS A 373 43.58 -9.35 -14.97
CA LYS A 373 43.88 -9.33 -16.39
C LYS A 373 42.67 -9.01 -17.25
N THR A 374 41.46 -9.20 -16.73
CA THR A 374 40.26 -8.85 -17.48
C THR A 374 39.90 -7.38 -17.35
N LEU A 375 40.02 -6.79 -16.17
CA LEU A 375 39.70 -5.39 -16.01
C LEU A 375 40.84 -4.53 -16.56
N SER A 376 40.54 -3.27 -16.85
CA SER A 376 41.56 -2.41 -17.42
C SER A 376 41.29 -0.95 -17.09
N TYR A 377 42.31 -0.13 -17.26
CA TYR A 377 42.24 1.30 -17.06
C TYR A 377 42.90 1.99 -18.24
N PRO A 378 42.24 2.95 -18.88
CA PRO A 378 42.89 3.60 -20.03
C PRO A 378 43.80 4.74 -19.64
N GLU A 379 45.10 4.47 -19.58
CA GLU A 379 46.07 5.48 -19.17
C GLU A 379 46.58 6.25 -20.38
N THR A 380 46.49 7.56 -20.31
CA THR A 380 46.98 8.43 -21.38
C THR A 380 48.50 8.45 -21.42
N VAL A 381 49.05 8.38 -22.63
CA VAL A 381 50.50 8.34 -22.86
C VAL A 381 51.05 9.76 -22.79
N THR A 382 52.06 9.97 -21.94
CA THR A 382 52.75 11.25 -21.85
C THR A 382 54.25 11.03 -21.92
N GLN A 383 54.99 12.15 -21.95
CA GLN A 383 56.45 12.12 -21.95
C GLN A 383 57.03 11.39 -20.73
N TYR A 384 56.33 11.36 -19.60
CA TYR A 384 56.89 10.81 -18.38
C TYR A 384 56.68 9.32 -18.24
N ASN A 385 55.80 8.72 -19.02
CA ASN A 385 55.52 7.31 -18.90
C ASN A 385 55.61 6.51 -20.20
N ILE A 386 56.02 7.13 -21.30
CA ILE A 386 56.01 6.46 -22.61
C ILE A 386 56.93 5.26 -22.64
N HIS A 387 58.10 5.34 -21.99
CA HIS A 387 59.02 4.21 -21.96
C HIS A 387 58.41 3.07 -21.16
N ARG A 388 57.86 3.39 -19.99
CA ARG A 388 57.17 2.42 -19.13
C ARG A 388 56.03 1.71 -19.85
N LEU A 389 55.23 2.46 -20.60
CA LEU A 389 54.04 1.88 -21.26
C LEU A 389 54.39 0.99 -22.44
N THR A 390 55.49 1.25 -23.13
CA THR A 390 55.91 0.37 -24.22
C THR A 390 56.24 -1.04 -23.73
N GLU A 391 56.81 -1.14 -22.52
CA GLU A 391 57.08 -2.45 -21.91
C GLU A 391 55.82 -3.27 -21.76
N TYR A 392 54.74 -2.65 -21.29
CA TYR A 392 53.45 -3.32 -21.19
C TYR A 392 52.95 -3.81 -22.55
N VAL A 393 53.13 -3.01 -23.60
CA VAL A 393 52.67 -3.41 -24.93
C VAL A 393 53.38 -4.66 -25.44
N ARG A 394 54.70 -4.78 -25.22
CA ARG A 394 55.41 -5.99 -25.65
C ARG A 394 54.95 -7.23 -24.91
N ASN A 395 54.60 -7.09 -23.63
CA ASN A 395 54.16 -8.26 -22.87
C ASN A 395 52.81 -8.77 -23.35
N GLY A 396 51.93 -7.90 -23.83
CA GLY A 396 50.73 -8.36 -24.46
C GLY A 396 49.65 -8.71 -23.46
N PRO A 397 48.51 -9.21 -23.96
CA PRO A 397 47.36 -9.46 -23.08
C PRO A 397 47.51 -10.65 -22.16
N ASN A 398 48.48 -11.53 -22.35
CA ASN A 398 48.52 -12.77 -21.58
C ASN A 398 49.61 -12.84 -20.53
N GLU A 399 50.52 -11.86 -20.48
CA GLU A 399 51.57 -11.84 -19.48
C GLU A 399 51.41 -10.58 -18.65
N HIS A 400 51.44 -10.73 -17.37
CA HIS A 400 51.25 -9.63 -16.43
C HIS A 400 52.59 -9.19 -15.88
N PRO A 401 52.88 -7.88 -15.88
CA PRO A 401 52.01 -6.76 -16.22
C PRO A 401 51.93 -6.39 -17.71
N GLY A 402 50.71 -6.38 -18.25
CA GLY A 402 50.54 -6.19 -19.68
C GLY A 402 49.46 -5.21 -20.08
N ALA A 403 48.90 -5.38 -21.27
CA ALA A 403 47.99 -4.38 -21.82
C ALA A 403 47.14 -5.03 -22.91
N LYS A 404 45.96 -4.46 -23.14
CA LYS A 404 45.00 -5.07 -24.05
C LYS A 404 44.73 -4.27 -25.32
N TYR A 405 44.72 -2.94 -25.27
CA TYR A 405 44.40 -2.18 -26.46
C TYR A 405 45.28 -0.94 -26.54
N VAL A 406 45.45 -0.43 -27.76
CA VAL A 406 46.03 0.89 -27.97
C VAL A 406 45.01 1.71 -28.74
N ILE A 407 44.60 2.83 -28.17
CA ILE A 407 43.56 3.66 -28.75
C ILE A 407 44.11 4.96 -29.32
N ARG A 408 43.94 5.17 -30.61
CA ARG A 408 44.36 6.41 -31.24
C ARG A 408 43.35 7.51 -30.96
N ASP A 409 43.79 8.76 -31.17
CA ASP A 409 42.90 9.92 -31.10
C ASP A 409 41.70 9.86 -32.04
N ASN A 410 41.70 8.99 -33.05
CA ASN A 410 40.55 8.92 -33.93
C ASN A 410 39.50 7.95 -33.37
N GLY A 411 39.94 7.01 -32.54
CA GLY A 411 39.09 6.06 -31.85
C GLY A 411 39.28 4.62 -32.26
N ASP A 412 40.02 4.36 -33.32
CA ASP A 412 40.29 2.98 -33.74
C ASP A 412 41.07 2.21 -32.68
N ARG A 413 40.52 1.10 -32.21
CA ARG A 413 41.23 0.26 -31.26
C ARG A 413 42.03 -0.82 -31.97
N ILE A 414 43.24 -1.05 -31.49
CA ILE A 414 44.06 -2.16 -31.96
C ILE A 414 43.99 -3.27 -30.92
N ASP A 415 43.42 -4.39 -31.32
CA ASP A 415 43.21 -5.51 -30.42
C ASP A 415 44.50 -6.32 -30.35
N LEU A 416 45.14 -6.33 -29.18
CA LEU A 416 46.44 -6.96 -29.06
C LEU A 416 46.37 -8.48 -28.97
N ARG A 417 45.19 -9.08 -29.00
CA ARG A 417 45.16 -10.54 -29.11
C ARG A 417 45.54 -10.98 -30.51
N TYR A 418 45.18 -10.21 -31.53
CA TYR A 418 45.31 -10.62 -32.91
C TYR A 418 46.39 -9.85 -33.66
N HIS A 419 47.11 -8.96 -33.01
CA HIS A 419 48.13 -8.21 -33.71
C HIS A 419 49.45 -8.97 -33.63
N LYS A 420 49.84 -9.56 -34.74
CA LYS A 420 51.04 -10.38 -34.88
C LYS A 420 52.29 -9.53 -35.04
N ARG A 421 52.13 -8.26 -35.38
CA ARG A 421 53.29 -7.38 -35.51
C ARG A 421 53.24 -6.38 -34.35
N ALA A 422 53.08 -6.89 -33.13
CA ALA A 422 53.01 -6.05 -31.93
C ALA A 422 54.32 -5.32 -31.67
N GLY A 423 55.44 -5.91 -32.04
CA GLY A 423 56.75 -5.28 -31.92
C GLY A 423 56.95 -4.04 -32.77
N ASP A 424 56.13 -3.84 -33.80
CA ASP A 424 56.26 -2.66 -34.66
C ASP A 424 55.30 -1.53 -34.31
N ILE A 425 54.80 -1.46 -33.07
CA ILE A 425 54.00 -0.31 -32.68
C ILE A 425 54.88 0.72 -31.96
N VAL A 426 54.78 1.98 -32.38
CA VAL A 426 55.44 3.10 -31.72
C VAL A 426 54.35 4.01 -31.18
N LEU A 427 54.41 4.32 -29.89
CA LEU A 427 53.35 5.12 -29.30
C LEU A 427 53.57 6.62 -29.48
N GLN A 428 52.51 7.32 -29.84
CA GLN A 428 52.47 8.77 -29.96
C GLN A 428 51.83 9.33 -28.69
N TYR A 429 52.33 10.47 -28.22
CA TYR A 429 51.66 11.22 -27.16
C TYR A 429 50.19 11.47 -27.49
N GLY A 430 49.36 11.40 -26.45
CA GLY A 430 47.94 11.61 -26.61
C GLY A 430 47.14 10.36 -26.90
N TRP A 431 47.77 9.30 -27.42
CA TRP A 431 47.13 7.99 -27.50
C TRP A 431 46.80 7.45 -26.11
N LYS A 432 45.99 6.39 -26.09
CA LYS A 432 45.66 5.72 -24.85
C LYS A 432 46.06 4.25 -24.92
N VAL A 433 46.59 3.73 -23.82
CA VAL A 433 46.87 2.31 -23.64
C VAL A 433 45.98 1.76 -22.54
N GLU A 434 45.14 0.78 -22.86
CA GLU A 434 44.33 0.14 -21.83
C GLU A 434 45.15 -0.94 -21.14
N ARG A 435 45.85 -0.58 -20.07
CA ARG A 435 46.72 -1.51 -19.39
C ARG A 435 45.95 -2.30 -18.34
N HIS A 436 46.57 -3.38 -17.90
CA HIS A 436 46.02 -4.20 -16.83
C HIS A 436 45.92 -3.41 -15.52
N LEU A 437 45.04 -3.87 -14.65
CA LEU A 437 44.97 -3.34 -13.30
C LEU A 437 46.25 -3.67 -12.54
N MET A 438 46.77 -2.71 -11.79
CA MET A 438 48.08 -2.81 -11.18
C MET A 438 48.04 -2.23 -9.79
N ASP A 439 49.10 -2.52 -9.03
CA ASP A 439 49.22 -2.15 -7.64
C ASP A 439 48.98 -0.65 -7.41
N ASP A 440 48.23 -0.36 -6.36
CA ASP A 440 47.83 0.94 -5.84
C ASP A 440 46.83 1.69 -6.69
N ASP A 441 46.32 1.12 -7.78
CA ASP A 441 45.15 1.68 -8.43
C ASP A 441 43.97 1.70 -7.46
N PRO A 442 43.25 2.80 -7.34
CA PRO A 442 42.03 2.82 -6.51
C PRO A 442 40.85 2.19 -7.23
N VAL A 443 40.05 1.42 -6.49
CA VAL A 443 38.84 0.82 -7.00
C VAL A 443 37.76 0.97 -5.95
N LEU A 444 36.51 1.03 -6.41
CA LEU A 444 35.36 1.14 -5.53
C LEU A 444 34.84 -0.25 -5.19
N PHE A 445 34.69 -0.53 -3.90
CA PHE A 445 34.35 -1.85 -3.43
C PHE A 445 33.00 -1.76 -2.75
N ASN A 446 32.19 -2.79 -2.85
CA ASN A 446 30.78 -2.64 -2.55
C ASN A 446 30.15 -3.99 -2.22
N ARG A 447 29.37 -4.08 -1.14
CA ARG A 447 28.55 -5.24 -0.84
C ARG A 447 27.08 -4.85 -0.75
N GLN A 448 26.23 -5.60 -1.44
CA GLN A 448 24.78 -5.42 -1.30
C GLN A 448 24.24 -6.14 -0.07
N PRO A 449 23.19 -5.60 0.58
CA PRO A 449 22.44 -4.36 0.31
C PRO A 449 23.18 -3.12 0.84
N SER A 450 23.21 -2.05 0.04
CA SER A 450 23.95 -0.83 0.38
C SER A 450 23.13 0.05 1.31
N LEU A 451 23.15 -0.27 2.60
CA LEU A 451 22.22 0.38 3.53
C LEU A 451 22.68 1.77 3.93
N HIS A 452 23.96 2.08 3.84
CA HIS A 452 24.48 3.37 4.25
C HIS A 452 25.79 3.59 3.50
N LYS A 453 26.37 4.79 3.66
CA LYS A 453 27.41 5.23 2.73
C LYS A 453 28.68 4.42 2.87
N MET A 454 28.94 3.81 4.03
CA MET A 454 30.14 2.99 4.12
C MET A 454 29.94 1.59 3.57
N SER A 455 28.87 1.34 2.82
CA SER A 455 28.83 0.18 1.96
C SER A 455 29.62 0.36 0.68
N MET A 456 30.15 1.55 0.40
CA MET A 456 30.94 1.75 -0.82
C MET A 456 32.17 2.59 -0.45
N MET A 457 33.32 1.94 -0.32
CA MET A 457 34.54 2.66 0.01
C MET A 457 35.60 2.32 -1.03
N ALA A 458 36.54 3.21 -1.23
CA ALA A 458 37.64 3.01 -2.17
C ALA A 458 38.80 2.29 -1.51
N HIS A 459 39.23 1.18 -2.08
CA HIS A 459 40.42 0.47 -1.61
C HIS A 459 41.52 0.52 -2.65
N ARG A 460 42.76 0.37 -2.20
CA ARG A 460 43.92 0.18 -3.07
C ARG A 460 44.13 -1.29 -3.44
N VAL A 461 44.19 -1.58 -4.74
CA VAL A 461 44.41 -2.94 -5.24
C VAL A 461 45.77 -3.47 -4.81
N LYS A 462 45.82 -4.73 -4.38
CA LYS A 462 47.05 -5.53 -4.38
C LYS A 462 46.78 -6.85 -5.10
N VAL A 463 47.45 -7.07 -6.22
CA VAL A 463 47.25 -8.29 -7.01
C VAL A 463 47.90 -9.49 -6.33
N MET A 464 47.17 -10.60 -6.25
CA MET A 464 47.50 -11.78 -5.46
C MET A 464 47.03 -13.03 -6.18
N PRO A 465 47.66 -14.18 -5.95
CA PRO A 465 47.12 -15.45 -6.47
C PRO A 465 45.86 -15.86 -5.75
N TYR A 466 45.18 -16.91 -6.29
CA TYR A 466 43.93 -17.45 -5.76
C TYR A 466 42.75 -16.51 -6.00
N SER A 467 41.53 -17.03 -5.98
CA SER A 467 40.40 -16.42 -6.67
C SER A 467 39.43 -15.67 -5.76
N THR A 468 39.77 -15.43 -4.51
CA THR A 468 38.88 -14.69 -3.63
C THR A 468 39.36 -13.24 -3.55
N PHE A 469 38.45 -12.33 -3.20
CA PHE A 469 38.85 -10.99 -2.77
C PHE A 469 39.31 -10.98 -1.33
N ARG A 470 40.44 -10.33 -1.06
CA ARG A 470 40.94 -10.26 0.29
C ARG A 470 40.68 -8.91 0.91
N LEU A 471 40.21 -8.92 2.15
CA LEU A 471 39.92 -7.72 2.90
C LEU A 471 40.72 -7.81 4.19
N ASN A 472 41.27 -6.70 4.64
CA ASN A 472 41.75 -6.66 6.00
C ASN A 472 40.54 -6.82 6.91
N LEU A 473 40.71 -7.55 8.01
CA LEU A 473 39.58 -7.95 8.83
C LEU A 473 38.83 -6.82 9.50
N SER A 474 39.47 -5.68 9.71
CA SER A 474 38.79 -4.62 10.44
C SER A 474 37.76 -3.88 9.61
N VAL A 475 37.66 -4.14 8.30
CA VAL A 475 36.59 -3.54 7.50
C VAL A 475 35.36 -4.41 7.36
N THR A 476 35.33 -5.60 7.95
CA THR A 476 34.13 -6.43 7.84
C THR A 476 32.92 -5.77 8.48
N SER A 477 33.13 -4.99 9.56
CA SER A 477 32.01 -4.42 10.30
C SER A 477 31.20 -3.41 9.49
N PRO A 478 31.79 -2.34 8.90
CA PRO A 478 30.96 -1.43 8.09
C PRO A 478 30.27 -2.06 6.91
N TYR A 479 30.85 -3.09 6.29
CA TYR A 479 30.14 -3.75 5.21
C TYR A 479 29.08 -4.70 5.71
N ASN A 480 29.07 -4.99 7.02
CA ASN A 480 28.33 -6.10 7.63
C ASN A 480 28.60 -7.41 6.88
N ALA A 481 29.86 -7.56 6.48
CA ALA A 481 30.36 -8.70 5.74
C ALA A 481 30.89 -9.75 6.70
N ASP A 482 30.79 -11.00 6.29
CA ASP A 482 31.59 -12.06 6.88
C ASP A 482 31.97 -13.01 5.77
N PHE A 483 32.55 -14.14 6.11
CA PHE A 483 33.19 -14.98 5.11
C PHE A 483 32.53 -16.34 5.10
N ASP A 484 31.21 -16.35 5.21
CA ASP A 484 30.46 -17.59 5.15
C ASP A 484 29.84 -17.84 3.79
N GLY A 485 30.37 -17.23 2.73
CA GLY A 485 29.78 -17.33 1.43
C GLY A 485 29.41 -16.02 0.76
N ASP A 486 29.39 -14.90 1.49
CA ASP A 486 29.21 -13.55 0.96
C ASP A 486 30.00 -13.29 -0.30
N GLU A 487 29.43 -12.48 -1.19
CA GLU A 487 30.16 -12.00 -2.35
C GLU A 487 30.14 -10.48 -2.34
N MET A 488 31.12 -9.89 -3.00
CA MET A 488 31.21 -8.44 -3.05
C MET A 488 31.59 -8.01 -4.45
N ASN A 489 31.36 -6.74 -4.75
CA ASN A 489 31.46 -6.21 -6.10
C ASN A 489 32.59 -5.21 -6.16
N LEU A 490 33.25 -5.14 -7.29
CA LEU A 490 34.36 -4.22 -7.45
C LEU A 490 34.11 -3.42 -8.71
N HIS A 491 34.32 -2.12 -8.66
CA HIS A 491 34.13 -1.25 -9.80
C HIS A 491 35.39 -0.43 -10.04
N VAL A 492 35.80 -0.35 -11.30
CA VAL A 492 37.07 0.27 -11.67
C VAL A 492 36.75 1.60 -12.32
N PRO A 493 37.20 2.72 -11.77
CA PRO A 493 37.00 4.01 -12.43
C PRO A 493 37.80 4.04 -13.73
N GLN A 494 37.27 4.76 -14.72
CA GLN A 494 37.80 4.72 -16.07
C GLN A 494 38.45 6.00 -16.54
N SER A 495 38.78 6.93 -15.65
CA SER A 495 39.40 8.17 -16.11
C SER A 495 40.19 8.78 -14.97
N GLU A 496 41.06 9.72 -15.35
CA GLU A 496 41.85 10.50 -14.41
C GLU A 496 41.02 11.29 -13.40
N GLU A 497 39.87 11.81 -13.80
CA GLU A 497 39.07 12.63 -12.86
C GLU A 497 38.48 11.80 -11.74
N THR A 498 37.99 10.62 -12.04
CA THR A 498 37.34 9.81 -11.03
C THR A 498 38.29 9.06 -10.13
N ARG A 499 39.49 8.69 -10.61
CA ARG A 499 40.52 8.22 -9.68
C ARG A 499 40.76 9.21 -8.57
N ALA A 500 40.88 10.50 -8.89
CA ALA A 500 41.15 11.49 -7.85
C ALA A 500 39.96 11.64 -6.92
N GLU A 501 38.74 11.56 -7.45
CA GLU A 501 37.55 11.63 -6.61
C GLU A 501 37.48 10.49 -5.62
N LEU A 502 37.84 9.29 -6.06
CA LEU A 502 37.86 8.13 -5.17
C LEU A 502 38.87 8.28 -4.04
N SER A 503 40.11 8.62 -4.37
CA SER A 503 41.14 8.69 -3.34
C SER A 503 40.96 9.87 -2.39
N GLN A 504 40.33 10.94 -2.82
CA GLN A 504 40.24 12.13 -1.97
C GLN A 504 38.89 12.31 -1.30
N LEU A 505 37.91 11.46 -1.59
CA LEU A 505 36.62 11.57 -0.93
C LEU A 505 36.13 10.27 -0.34
N CYS A 506 36.33 9.16 -1.04
CA CYS A 506 35.70 7.91 -0.66
C CYS A 506 36.65 6.94 0.02
N ALA A 507 37.96 7.24 0.06
CA ALA A 507 38.97 6.33 0.58
C ALA A 507 38.68 5.92 2.02
N VAL A 508 38.96 4.66 2.33
CA VAL A 508 38.77 4.01 3.64
C VAL A 508 39.18 4.85 4.86
N PRO A 509 40.39 5.44 4.95
CA PRO A 509 40.73 6.17 6.20
C PRO A 509 39.82 7.38 6.47
N LEU A 510 39.32 8.05 5.44
CA LEU A 510 38.37 9.14 5.63
C LEU A 510 37.04 8.69 6.22
N GLN A 511 36.75 7.38 6.20
CA GLN A 511 35.45 6.86 6.58
C GLN A 511 35.45 6.26 7.97
N ILE A 512 36.56 6.36 8.70
CA ILE A 512 36.71 5.70 10.00
C ILE A 512 35.65 6.18 10.99
N VAL A 513 35.39 7.49 11.00
CA VAL A 513 34.34 8.06 11.82
C VAL A 513 33.11 8.30 10.94
N SER A 514 31.96 7.86 11.42
CA SER A 514 30.75 8.03 10.65
C SER A 514 29.89 9.14 11.21
N PRO A 515 29.21 9.92 10.36
CA PRO A 515 28.30 10.95 10.88
C PRO A 515 27.05 10.41 11.52
N GLN A 516 26.77 9.10 11.42
CA GLN A 516 25.56 8.55 11.98
C GLN A 516 25.47 8.76 13.49
N SER A 517 26.56 8.47 14.19
CA SER A 517 26.52 8.58 15.64
C SER A 517 27.77 9.21 16.23
N ASN A 518 28.50 10.01 15.45
CA ASN A 518 29.75 10.72 15.74
C ASN A 518 30.73 9.85 16.53
N LYS A 519 31.04 8.70 15.93
CA LYS A 519 31.87 7.70 16.57
C LYS A 519 32.39 6.77 15.47
N PRO A 520 33.44 5.99 15.73
CA PRO A 520 33.95 5.09 14.70
C PRO A 520 32.99 3.96 14.38
N VAL A 521 33.11 3.44 13.16
CA VAL A 521 32.42 2.23 12.76
C VAL A 521 33.37 1.09 12.51
N MET A 522 34.66 1.27 12.73
CA MET A 522 35.61 0.17 12.60
C MET A 522 36.42 0.12 13.86
N GLY A 523 36.68 -1.09 14.31
CA GLY A 523 37.60 -1.28 15.40
C GLY A 523 38.35 -2.58 15.28
N ILE A 524 39.05 -2.91 16.33
CA ILE A 524 39.74 -4.17 16.39
C ILE A 524 38.68 -5.20 16.75
N VAL A 525 38.69 -6.35 16.10
CA VAL A 525 37.61 -7.33 16.19
C VAL A 525 38.18 -8.73 16.35
N GLN A 526 37.29 -9.63 16.73
CA GLN A 526 37.36 -11.10 16.77
C GLN A 526 38.69 -11.55 17.36
N ASP A 527 39.51 -12.35 16.66
CA ASP A 527 40.76 -12.89 17.18
C ASP A 527 41.68 -11.81 17.76
N THR A 528 41.84 -10.71 17.04
CA THR A 528 42.78 -9.68 17.45
C THR A 528 42.29 -8.99 18.71
N LEU A 529 40.98 -8.93 18.90
CA LEU A 529 40.42 -8.26 20.06
C LEU A 529 40.45 -9.19 21.26
N CYS A 530 40.05 -10.45 21.07
CA CYS A 530 40.25 -11.49 22.08
C CYS A 530 41.70 -11.58 22.51
N GLY A 531 42.61 -11.60 21.55
CA GLY A 531 44.01 -11.75 21.87
C GLY A 531 44.62 -10.55 22.57
N VAL A 532 44.16 -9.35 22.26
CA VAL A 532 44.78 -8.16 22.81
C VAL A 532 44.41 -8.00 24.28
N ARG A 533 43.25 -8.51 24.70
CA ARG A 533 42.94 -8.55 26.12
C ARG A 533 43.92 -9.46 26.85
N LYS A 534 44.09 -10.69 26.35
CA LYS A 534 45.02 -11.65 26.94
C LYS A 534 46.44 -11.09 26.99
N MET A 535 46.87 -10.41 25.93
CA MET A 535 48.24 -9.91 25.87
C MET A 535 48.47 -8.77 26.86
N THR A 536 47.47 -7.93 27.12
CA THR A 536 47.71 -6.77 27.97
C THR A 536 47.34 -7.00 29.42
N LEU A 537 47.03 -8.23 29.80
CA LEU A 537 46.92 -8.61 31.21
C LEU A 537 48.20 -8.26 31.96
N ARG A 538 48.04 -7.93 33.24
CA ARG A 538 49.13 -7.45 34.07
C ARG A 538 50.28 -8.45 34.18
N ASP A 539 49.97 -9.74 34.16
CA ASP A 539 50.99 -10.79 34.28
C ASP A 539 51.35 -11.48 32.97
N THR A 540 51.36 -10.78 31.85
CA THR A 540 51.91 -11.34 30.61
C THR A 540 53.32 -10.83 30.40
N PHE A 541 54.29 -11.74 30.42
CA PHE A 541 55.68 -11.34 30.23
C PHE A 541 56.26 -12.08 29.05
N ILE A 542 57.21 -11.44 28.37
CA ILE A 542 57.74 -11.92 27.11
C ILE A 542 59.25 -11.81 27.18
N GLU A 543 59.94 -12.91 26.90
CA GLU A 543 61.38 -12.90 26.93
C GLU A 543 61.95 -12.21 25.70
N TYR A 544 63.25 -11.93 25.78
CA TYR A 544 63.95 -11.06 24.83
C TYR A 544 63.88 -11.56 23.41
N GLU A 545 64.13 -12.84 23.18
CA GLU A 545 64.19 -13.39 21.84
C GLU A 545 62.89 -13.19 21.05
N GLN A 546 61.76 -13.34 21.73
CA GLN A 546 60.47 -13.13 21.08
C GLN A 546 60.17 -11.65 20.86
N VAL A 547 60.53 -10.80 21.83
CA VAL A 547 60.38 -9.33 21.73
C VAL A 547 60.99 -8.74 20.47
N MET A 548 62.17 -9.22 20.06
CA MET A 548 62.83 -8.68 18.88
C MET A 548 62.00 -8.91 17.63
N ASN A 549 61.44 -10.11 17.48
CA ASN A 549 60.56 -10.39 16.36
C ASN A 549 59.35 -9.47 16.33
N MET A 550 58.70 -9.30 17.48
CA MET A 550 57.49 -8.48 17.59
C MET A 550 57.73 -7.03 17.23
N LEU A 551 58.86 -6.47 17.63
CA LEU A 551 59.18 -5.10 17.25
C LEU A 551 59.32 -4.98 15.75
N PHE A 552 60.03 -5.92 15.13
CA PHE A 552 60.25 -5.91 13.69
C PHE A 552 58.96 -6.10 12.91
N TRP A 553 57.93 -6.61 13.55
CA TRP A 553 56.66 -6.85 12.88
C TRP A 553 55.86 -5.57 12.71
N VAL A 554 56.21 -4.53 13.45
CA VAL A 554 55.61 -3.21 13.32
C VAL A 554 56.23 -2.38 12.20
N PRO A 555 55.51 -2.12 11.12
CA PRO A 555 56.10 -1.36 9.99
C PRO A 555 56.58 0.04 10.36
N SER A 556 55.89 0.72 11.27
CA SER A 556 56.21 2.08 11.64
C SER A 556 57.25 2.22 12.74
N TRP A 557 57.81 1.12 13.23
CA TRP A 557 58.80 1.15 14.32
C TRP A 557 60.04 1.97 13.96
N ASP A 558 60.51 2.76 14.92
CA ASP A 558 61.62 3.68 14.74
C ASP A 558 63.00 3.04 14.95
N GLY A 559 63.04 1.74 15.19
CA GLY A 559 64.28 1.01 15.39
C GLY A 559 64.87 1.03 16.78
N VAL A 560 64.24 1.69 17.74
CA VAL A 560 64.74 1.75 19.12
C VAL A 560 63.99 0.73 19.98
N VAL A 561 64.67 -0.33 20.39
CA VAL A 561 64.06 -1.31 21.32
C VAL A 561 63.90 -0.67 22.69
N PRO A 562 62.72 -0.68 23.29
CA PRO A 562 62.55 -0.07 24.61
C PRO A 562 63.06 -0.94 25.72
N GLN A 563 63.44 -0.28 26.82
CA GLN A 563 64.03 -0.96 27.96
C GLN A 563 63.02 -1.91 28.61
N PRO A 564 63.46 -3.08 29.03
CA PRO A 564 62.55 -4.03 29.67
C PRO A 564 62.04 -3.53 31.00
N ALA A 565 60.84 -3.97 31.33
CA ALA A 565 60.26 -3.63 32.62
C ALA A 565 61.02 -4.25 33.77
N ILE A 566 61.53 -5.46 33.59
CA ILE A 566 62.38 -6.13 34.57
C ILE A 566 63.79 -6.27 34.02
N LEU A 567 64.76 -5.69 34.69
CA LEU A 567 66.16 -5.86 34.28
C LEU A 567 66.85 -7.07 34.88
N LYS A 568 66.62 -7.38 36.16
CA LYS A 568 67.38 -8.42 36.80
C LYS A 568 66.41 -9.25 37.65
N PRO A 569 66.55 -10.58 37.70
CA PRO A 569 67.55 -11.51 37.17
C PRO A 569 67.43 -11.93 35.72
N LYS A 570 66.45 -11.41 34.99
CA LYS A 570 66.27 -11.82 33.61
C LYS A 570 65.51 -10.70 32.93
N PRO A 571 65.90 -10.27 31.73
CA PRO A 571 65.16 -9.20 31.05
C PRO A 571 63.80 -9.70 30.59
N LEU A 572 62.75 -8.99 31.01
CA LEU A 572 61.37 -9.31 30.67
C LEU A 572 60.60 -8.05 30.39
N TRP A 573 59.85 -8.04 29.31
CA TRP A 573 58.93 -6.98 28.95
C TRP A 573 57.51 -7.38 29.28
N THR A 574 56.70 -6.39 29.62
CA THR A 574 55.29 -6.64 29.81
C THR A 574 54.59 -6.45 28.47
N GLY A 575 53.41 -7.07 28.35
CA GLY A 575 52.60 -6.90 27.16
C GLY A 575 52.23 -5.47 26.84
N LYS A 576 51.91 -4.68 27.86
CA LYS A 576 51.56 -3.27 27.66
C LYS A 576 52.66 -2.46 26.99
N GLN A 577 53.93 -2.81 27.21
CA GLN A 577 55.00 -2.04 26.58
C GLN A 577 55.04 -2.23 25.07
N LEU A 578 54.87 -3.47 24.61
CA LEU A 578 54.98 -3.74 23.18
C LEU A 578 53.78 -3.24 22.41
N LEU A 579 52.58 -3.38 22.98
CA LEU A 579 51.39 -2.75 22.40
C LEU A 579 51.59 -1.25 22.23
N SER A 580 52.26 -0.62 23.20
CA SER A 580 52.49 0.83 23.19
C SER A 580 53.38 1.27 22.04
N ILE A 581 54.21 0.37 21.52
CA ILE A 581 55.00 0.67 20.32
C ILE A 581 54.08 1.00 19.15
N ALA A 582 52.94 0.33 19.05
CA ALA A 582 52.03 0.56 17.93
C ALA A 582 51.25 1.86 18.04
N ILE A 583 51.18 2.46 19.21
CA ILE A 583 50.47 3.73 19.40
C ILE A 583 51.41 4.90 19.16
N PRO A 584 51.04 5.86 18.30
CA PRO A 584 51.92 7.01 18.06
C PRO A 584 52.03 7.88 19.30
N SER A 585 53.12 8.63 19.37
CA SER A 585 53.39 9.50 20.51
C SER A 585 52.45 10.70 20.54
N GLY A 586 52.38 11.33 21.72
CA GLY A 586 51.51 12.46 21.92
C GLY A 586 50.05 12.16 22.15
N ILE A 587 49.68 10.92 22.46
CA ILE A 587 48.29 10.55 22.66
C ILE A 587 47.97 10.41 24.14
N HIS A 588 47.00 11.18 24.61
CA HIS A 588 46.56 11.14 26.00
C HIS A 588 45.09 10.79 26.09
N LEU A 589 44.79 9.85 26.97
CA LEU A 589 43.45 9.36 27.17
C LEU A 589 43.32 8.89 28.60
N GLN A 590 42.22 9.25 29.25
CA GLN A 590 41.95 8.84 30.62
C GLN A 590 40.51 8.38 30.66
N ARG A 591 40.27 7.23 31.25
CA ARG A 591 38.90 6.79 31.49
C ARG A 591 38.85 6.08 32.82
N THR A 592 37.79 6.33 33.56
CA THR A 592 37.56 5.71 34.87
C THR A 592 36.38 4.73 34.80
N ASP A 593 36.63 3.49 35.16
CA ASP A 593 35.61 2.46 35.26
C ASP A 593 35.35 2.20 36.74
N GLY A 594 34.10 2.37 37.15
CA GLY A 594 33.64 2.13 38.50
C GLY A 594 34.39 2.80 39.62
N GLY A 595 34.70 4.09 39.44
CA GLY A 595 35.38 4.90 40.43
C GLY A 595 36.72 4.37 40.91
N ASN A 596 37.50 3.77 40.00
CA ASN A 596 38.79 3.21 40.39
C ASN A 596 39.80 4.30 40.78
N SER A 597 40.72 3.92 41.64
CA SER A 597 41.79 4.81 42.02
C SER A 597 42.96 4.64 41.06
N LEU A 598 43.92 5.56 41.16
CA LEU A 598 45.16 5.46 40.39
C LEU A 598 45.98 4.21 40.71
N LEU A 599 45.71 3.52 41.81
CA LEU A 599 46.38 2.28 42.12
C LEU A 599 45.72 1.05 41.50
N SER A 600 44.53 1.22 40.89
CA SER A 600 43.72 0.26 40.14
C SER A 600 43.82 -1.19 40.59
N PRO A 601 43.27 -1.55 41.75
CA PRO A 601 43.33 -2.94 42.22
C PRO A 601 42.73 -3.96 41.28
N LYS A 602 41.66 -3.64 40.58
CA LYS A 602 41.01 -4.61 39.72
C LYS A 602 41.64 -4.64 38.33
N ASP A 603 42.64 -3.79 38.09
CA ASP A 603 43.30 -3.62 36.80
C ASP A 603 42.33 -3.13 35.73
N ASN A 604 41.37 -2.30 36.11
CA ASN A 604 40.44 -1.70 35.18
C ASN A 604 40.78 -0.24 34.93
N GLY A 605 39.89 0.47 34.25
CA GLY A 605 40.17 1.78 33.70
C GLY A 605 41.22 1.76 32.61
N MET A 606 41.68 2.96 32.25
CA MET A 606 42.67 3.13 31.20
C MET A 606 43.35 4.48 31.37
N LEU A 607 44.67 4.48 31.24
CA LEU A 607 45.47 5.70 31.30
C LEU A 607 46.57 5.64 30.26
N ILE A 608 46.59 6.57 29.33
CA ILE A 608 47.63 6.58 28.32
C ILE A 608 48.28 7.96 28.34
N VAL A 609 49.61 7.97 28.43
CA VAL A 609 50.42 9.18 28.54
C VAL A 609 51.53 9.06 27.52
N ASP A 610 51.63 10.05 26.63
CA ASP A 610 52.62 10.12 25.55
C ASP A 610 52.72 8.82 24.75
N GLY A 611 51.56 8.27 24.41
CA GLY A 611 51.57 7.05 23.63
C GLY A 611 52.09 5.83 24.35
N LYS A 612 52.03 5.81 25.67
CA LYS A 612 52.52 4.66 26.44
C LYS A 612 51.44 4.28 27.43
N VAL A 613 51.14 2.98 27.51
CA VAL A 613 50.09 2.51 28.40
C VAL A 613 50.64 2.46 29.82
N MET A 614 50.09 3.29 30.70
CA MET A 614 50.47 3.20 32.10
C MET A 614 49.81 2.02 32.81
N PHE A 615 48.49 1.97 32.84
CA PHE A 615 47.82 0.79 33.39
C PHE A 615 46.54 0.53 32.62
N GLY A 616 45.96 -0.63 32.86
CA GLY A 616 44.68 -0.98 32.26
C GLY A 616 44.71 -2.06 31.21
N VAL A 617 43.94 -3.12 31.44
CA VAL A 617 43.62 -4.07 30.39
C VAL A 617 42.95 -3.38 29.22
N VAL A 618 43.42 -3.68 28.01
CA VAL A 618 42.89 -3.16 26.77
C VAL A 618 41.81 -4.11 26.26
N ASP A 619 40.56 -3.65 26.20
CA ASP A 619 39.44 -4.49 25.80
C ASP A 619 38.51 -3.67 24.94
N LYS A 620 37.28 -4.14 24.76
CA LYS A 620 36.31 -3.48 23.87
C LYS A 620 36.04 -2.02 24.24
N LYS A 621 36.13 -1.67 25.52
CA LYS A 621 35.90 -0.28 25.90
C LYS A 621 36.96 0.69 25.39
N THR A 622 38.17 0.21 25.05
CA THR A 622 39.22 1.09 24.59
C THR A 622 39.49 1.02 23.10
N VAL A 623 39.57 -0.18 22.53
CA VAL A 623 39.94 -0.37 21.14
C VAL A 623 38.77 -0.88 20.31
N GLY A 624 37.59 -0.96 20.89
CA GLY A 624 36.40 -1.29 20.14
C GLY A 624 35.93 -0.12 19.29
N SER A 625 34.67 -0.11 18.90
CA SER A 625 34.19 0.94 18.03
C SER A 625 33.46 2.02 18.80
N GLY A 626 33.50 1.97 20.13
CA GLY A 626 32.81 2.95 20.94
C GLY A 626 33.36 4.36 20.77
N GLY A 627 32.48 5.33 21.00
CA GLY A 627 32.87 6.73 20.96
C GLY A 627 33.88 7.05 22.05
N GLY A 628 34.82 7.95 21.73
CA GLY A 628 35.78 8.35 22.73
C GLY A 628 36.89 7.34 23.02
N GLY A 629 36.93 6.23 22.30
CA GLY A 629 37.97 5.25 22.49
C GLY A 629 39.26 5.66 21.81
N LEU A 630 40.18 4.70 21.75
CA LEU A 630 41.51 4.93 21.22
C LEU A 630 41.50 5.38 19.76
N ILE A 631 40.76 4.66 18.92
CA ILE A 631 40.70 4.93 17.49
C ILE A 631 40.18 6.34 17.20
N HIS A 632 39.06 6.72 17.83
CA HIS A 632 38.55 8.09 17.74
C HIS A 632 39.60 9.14 18.11
N THR A 633 40.40 8.86 19.13
CA THR A 633 41.33 9.86 19.65
C THR A 633 42.49 10.09 18.69
N VAL A 634 43.07 9.00 18.15
CA VAL A 634 44.17 9.11 17.20
C VAL A 634 43.74 9.86 15.95
N MET A 635 42.49 9.66 15.53
CA MET A 635 41.92 10.35 14.36
C MET A 635 41.93 11.86 14.55
N ARG A 636 41.44 12.35 15.70
CA ARG A 636 41.45 13.79 15.97
C ARG A 636 42.86 14.35 16.08
N GLU A 637 43.77 13.63 16.70
CA GLU A 637 45.09 14.18 16.96
C GLU A 637 46.03 14.04 15.79
N LYS A 638 45.92 12.96 15.03
CA LYS A 638 46.90 12.70 13.99
C LYS A 638 46.35 12.68 12.57
N GLY A 639 45.03 12.62 12.38
CA GLY A 639 44.49 12.57 11.05
C GLY A 639 44.31 11.17 10.53
N PRO A 640 43.64 11.04 9.38
CA PRO A 640 43.23 9.72 8.89
C PRO A 640 44.37 8.81 8.47
N LYS A 641 45.47 9.35 7.94
CA LYS A 641 46.59 8.53 7.49
C LYS A 641 47.23 7.75 8.65
N ILE A 642 47.61 8.45 9.72
CA ILE A 642 48.20 7.80 10.88
C ILE A 642 47.24 6.79 11.49
N CYS A 643 45.97 7.19 11.64
CA CYS A 643 44.93 6.34 12.22
C CYS A 643 44.72 5.05 11.44
N ALA A 644 44.90 5.09 10.12
CA ALA A 644 44.80 3.86 9.34
C ALA A 644 45.95 2.92 9.62
N GLU A 645 47.15 3.44 9.83
CA GLU A 645 48.27 2.60 10.25
C GLU A 645 48.05 1.97 11.61
N LEU A 646 47.27 2.63 12.49
CA LEU A 646 47.04 2.09 13.83
C LEU A 646 46.41 0.71 13.77
N PHE A 647 45.41 0.52 12.90
CA PHE A 647 44.77 -0.78 12.72
C PHE A 647 45.77 -1.83 12.28
N GLY A 648 46.60 -1.51 11.29
CA GLY A 648 47.56 -2.47 10.79
C GLY A 648 48.62 -2.85 11.80
N ASN A 649 49.15 -1.87 12.53
CA ASN A 649 50.16 -2.11 13.55
C ASN A 649 49.67 -3.03 14.66
N ILE A 650 48.56 -2.66 15.31
CA ILE A 650 47.95 -3.48 16.36
C ILE A 650 47.69 -4.91 15.91
N GLN A 651 47.11 -5.08 14.72
CA GLN A 651 46.78 -6.41 14.22
C GLN A 651 48.02 -7.28 14.06
N LYS A 652 49.10 -6.73 13.51
CA LYS A 652 50.26 -7.54 13.20
C LYS A 652 50.98 -7.98 14.47
N VAL A 653 51.00 -7.13 15.48
CA VAL A 653 51.60 -7.49 16.75
C VAL A 653 50.79 -8.57 17.46
N VAL A 654 49.48 -8.34 17.62
CA VAL A 654 48.65 -9.25 18.42
C VAL A 654 48.54 -10.62 17.77
N ASN A 655 48.33 -10.68 16.46
CA ASN A 655 48.17 -11.97 15.81
C ASN A 655 49.45 -12.80 15.89
N TYR A 656 50.61 -12.16 15.83
CA TYR A 656 51.84 -12.88 16.07
C TYR A 656 51.91 -13.43 17.48
N TRP A 657 51.74 -12.56 18.48
CA TRP A 657 51.79 -12.98 19.87
C TRP A 657 50.75 -14.06 20.16
N LEU A 658 49.55 -13.90 19.63
CA LEU A 658 48.49 -14.88 19.88
C LEU A 658 48.80 -16.21 19.21
N LEU A 659 49.49 -16.18 18.07
CA LEU A 659 49.95 -17.40 17.40
C LEU A 659 50.84 -18.24 18.31
N HIS A 660 51.67 -17.60 19.13
CA HIS A 660 52.59 -18.34 19.97
C HIS A 660 52.07 -18.58 21.37
N ASN A 661 51.01 -17.92 21.77
CA ASN A 661 50.36 -18.27 23.03
C ASN A 661 49.30 -19.32 22.78
N GLY A 662 48.53 -19.21 21.70
CA GLY A 662 47.45 -20.13 21.47
C GLY A 662 46.20 -19.75 22.23
N PHE A 663 45.07 -20.29 21.75
CA PHE A 663 43.78 -20.11 22.40
C PHE A 663 42.82 -21.13 21.83
N SER A 664 41.96 -21.68 22.67
CA SER A 664 41.03 -22.70 22.23
C SER A 664 39.74 -22.60 23.03
N ILE A 665 38.82 -23.51 22.75
CA ILE A 665 37.63 -23.72 23.55
C ILE A 665 37.22 -25.18 23.43
N GLY A 666 36.72 -25.78 24.50
CA GLY A 666 36.27 -27.15 24.45
C GLY A 666 35.04 -27.36 25.29
N ILE A 667 34.56 -28.61 25.29
CA ILE A 667 33.37 -29.00 26.04
C ILE A 667 33.54 -28.74 27.54
N GLY A 668 34.79 -28.83 28.03
CA GLY A 668 35.04 -28.59 29.45
C GLY A 668 34.60 -27.22 29.91
N ASP A 669 34.72 -26.23 29.03
CA ASP A 669 34.44 -24.85 29.38
C ASP A 669 32.96 -24.54 29.54
N ALA A 670 32.06 -25.46 29.25
CA ALA A 670 30.64 -25.25 29.50
C ALA A 670 30.20 -25.88 30.81
N ILE A 671 31.09 -26.57 31.51
CA ILE A 671 30.72 -27.45 32.60
C ILE A 671 30.99 -26.76 33.93
N ALA A 672 29.94 -26.49 34.69
CA ALA A 672 30.12 -26.04 36.06
C ALA A 672 30.18 -27.23 37.00
N ASP A 673 30.92 -27.07 38.09
CA ASP A 673 31.18 -28.16 39.02
C ASP A 673 29.94 -28.51 39.82
N ALA A 674 30.00 -29.68 40.48
CA ALA A 674 28.85 -30.29 41.15
C ALA A 674 28.27 -29.42 42.26
N SER A 675 29.11 -28.65 42.96
CA SER A 675 28.61 -27.78 44.02
C SER A 675 27.72 -26.67 43.46
N THR A 676 28.16 -26.03 42.38
CA THR A 676 27.43 -24.92 41.78
C THR A 676 26.09 -25.37 41.19
N MET A 677 26.05 -26.59 40.63
CA MET A 677 24.80 -27.11 40.07
C MET A 677 23.69 -27.21 41.11
N LYS A 678 24.04 -27.57 42.34
CA LYS A 678 23.02 -27.68 43.38
C LYS A 678 22.46 -26.31 43.73
N GLU A 679 23.33 -25.28 43.75
CA GLU A 679 22.86 -23.90 43.84
C GLU A 679 21.93 -23.58 42.67
N ILE A 680 22.39 -23.88 41.46
CA ILE A 680 21.61 -23.65 40.24
C ILE A 680 20.25 -24.35 40.30
N THR A 681 20.25 -25.62 40.70
CA THR A 681 19.03 -26.42 40.76
C THR A 681 18.09 -25.90 41.84
N HIS A 682 18.63 -25.41 42.95
CA HIS A 682 17.80 -24.86 44.01
C HIS A 682 17.07 -23.60 43.55
N ALA A 683 17.77 -22.67 42.91
CA ALA A 683 17.11 -21.43 42.49
C ALA A 683 16.00 -21.69 41.48
N ILE A 684 16.15 -22.69 40.62
CA ILE A 684 15.07 -23.04 39.71
C ILE A 684 13.92 -23.74 40.43
N SER A 685 14.25 -24.62 41.40
CA SER A 685 13.23 -25.30 42.20
C SER A 685 12.40 -24.33 43.02
N SER A 686 13.03 -23.32 43.60
CA SER A 686 12.29 -22.35 44.39
C SER A 686 11.44 -21.44 43.53
N ALA A 687 11.89 -21.14 42.31
CA ALA A 687 11.08 -20.37 41.38
C ALA A 687 9.82 -21.11 40.94
N LYS A 688 9.91 -22.41 40.72
CA LYS A 688 8.71 -23.19 40.42
C LYS A 688 7.72 -23.18 41.59
N GLU A 689 8.21 -23.13 42.83
CA GLU A 689 7.29 -23.05 43.95
C GLU A 689 6.55 -21.72 43.99
N GLN A 690 7.26 -20.60 43.78
CA GLN A 690 6.62 -19.29 43.76
C GLN A 690 5.55 -19.21 42.68
N VAL A 691 5.78 -19.85 41.53
CA VAL A 691 4.77 -19.88 40.45
C VAL A 691 3.54 -20.67 40.89
N GLN A 692 3.75 -21.74 41.66
CA GLN A 692 2.64 -22.46 42.27
C GLN A 692 1.82 -21.57 43.20
N GLU A 693 2.50 -20.83 44.08
CA GLU A 693 1.84 -19.87 44.97
C GLU A 693 1.03 -18.85 44.19
N ILE A 694 1.55 -18.35 43.08
CA ILE A 694 0.83 -17.37 42.28
C ILE A 694 -0.45 -17.97 41.69
N ILE A 695 -0.36 -19.21 41.19
CA ILE A 695 -1.54 -19.92 40.69
C ILE A 695 -2.57 -20.11 41.79
N TYR A 696 -2.12 -20.50 42.98
CA TYR A 696 -3.01 -20.67 44.14
C TYR A 696 -3.72 -19.37 44.48
N LYS A 697 -2.97 -18.27 44.58
CA LYS A 697 -3.55 -16.96 44.92
C LYS A 697 -4.57 -16.54 43.86
N ALA A 698 -4.19 -16.60 42.59
CA ALA A 698 -5.11 -16.20 41.52
C ALA A 698 -6.37 -17.06 41.48
N GLN A 699 -6.27 -18.33 41.83
CA GLN A 699 -7.45 -19.18 41.80
C GLN A 699 -8.27 -19.10 43.08
N HIS A 700 -7.71 -18.54 44.15
CA HIS A 700 -8.46 -18.32 45.37
C HIS A 700 -8.78 -16.84 45.61
N ASN A 701 -8.71 -16.02 44.56
CA ASN A 701 -9.03 -14.59 44.59
C ASN A 701 -8.21 -13.81 45.61
N GLU A 702 -6.93 -14.16 45.74
CA GLU A 702 -6.08 -13.48 46.70
C GLU A 702 -4.94 -12.76 46.02
N LEU A 703 -5.07 -12.48 44.72
CA LEU A 703 -4.02 -11.87 43.94
C LEU A 703 -4.29 -10.39 43.69
N GLU A 704 -3.26 -9.58 43.87
CA GLU A 704 -3.34 -8.15 43.60
C GLU A 704 -3.47 -7.90 42.10
N LEU A 705 -4.40 -7.05 41.72
CA LEU A 705 -4.60 -6.67 40.33
C LEU A 705 -3.70 -5.49 40.02
N LYS A 706 -2.95 -5.60 38.92
CA LYS A 706 -2.06 -4.56 38.44
C LYS A 706 -2.87 -3.52 37.67
N PRO A 707 -2.54 -2.23 37.80
CA PRO A 707 -3.32 -1.18 37.13
C PRO A 707 -3.35 -1.32 35.62
N GLY A 708 -4.54 -1.16 35.05
CA GLY A 708 -4.70 -1.31 33.62
C GLY A 708 -4.79 -2.74 33.13
N MET A 709 -4.78 -3.72 34.03
CA MET A 709 -4.73 -5.11 33.61
C MET A 709 -5.85 -5.92 34.24
N THR A 710 -6.42 -6.82 33.44
CA THR A 710 -7.35 -7.83 33.91
C THR A 710 -6.63 -8.83 34.81
N LEU A 711 -7.40 -9.73 35.43
CA LEU A 711 -6.79 -10.76 36.25
C LEU A 711 -5.84 -11.64 35.45
N ARG A 712 -6.26 -12.10 34.27
CA ARG A 712 -5.42 -13.05 33.52
C ARG A 712 -4.16 -12.38 32.98
N GLU A 713 -4.26 -11.12 32.56
CA GLU A 713 -3.08 -10.36 32.19
C GLU A 713 -2.12 -10.20 33.36
N SER A 714 -2.65 -9.77 34.51
CA SER A 714 -1.84 -9.62 35.72
C SER A 714 -1.19 -10.93 36.13
N PHE A 715 -1.95 -12.02 36.07
CA PHE A 715 -1.42 -13.34 36.38
C PHE A 715 -0.28 -13.71 35.45
N GLU A 716 -0.50 -13.59 34.13
CA GLU A 716 0.53 -13.90 33.14
C GLU A 716 1.75 -13.00 33.28
N GLY A 717 1.51 -11.74 33.62
CA GLY A 717 2.62 -10.80 33.80
C GLY A 717 3.53 -11.12 34.96
N GLU A 718 2.96 -11.48 36.10
CA GLU A 718 3.74 -11.80 37.29
C GLU A 718 4.57 -13.07 37.11
N VAL A 719 3.98 -14.09 36.49
CA VAL A 719 4.69 -15.35 36.23
C VAL A 719 5.90 -15.12 35.31
N SER A 720 5.74 -14.28 34.29
CA SER A 720 6.84 -14.03 33.35
C SER A 720 8.00 -13.33 34.03
N ARG A 721 7.72 -12.28 34.81
CA ARG A 721 8.76 -11.58 35.58
C ARG A 721 9.49 -12.52 36.53
N THR A 722 8.77 -13.44 37.18
CA THR A 722 9.43 -14.38 38.10
C THR A 722 10.40 -15.30 37.36
N LEU A 723 9.98 -15.85 36.23
CA LEU A 723 10.79 -16.83 35.50
C LEU A 723 12.01 -16.22 34.82
N ASN A 724 11.89 -14.98 34.31
CA ASN A 724 13.09 -14.35 33.73
C ASN A 724 14.08 -13.96 34.80
N ASP A 725 13.60 -13.56 35.98
CA ASP A 725 14.53 -13.25 37.07
C ASP A 725 15.17 -14.51 37.62
N ALA A 726 14.44 -15.63 37.61
CA ALA A 726 15.02 -16.92 38.01
C ALA A 726 16.19 -17.33 37.14
N ARG A 727 16.08 -17.15 35.81
CA ARG A 727 17.16 -17.58 34.93
C ARG A 727 18.38 -16.68 35.11
N ASP A 728 18.17 -15.36 35.15
CA ASP A 728 19.24 -14.41 35.40
C ASP A 728 19.95 -14.69 36.72
N SER A 729 19.17 -15.03 37.76
CA SER A 729 19.80 -15.37 39.04
C SER A 729 20.63 -16.63 38.90
N ALA A 730 20.11 -17.63 38.19
CA ALA A 730 20.85 -18.86 37.96
C ALA A 730 22.05 -18.61 37.05
N GLY A 731 21.88 -17.74 36.05
CA GLY A 731 23.00 -17.38 35.19
C GLY A 731 24.12 -16.67 35.93
N ARG A 732 23.76 -15.78 36.86
CA ARG A 732 24.74 -15.06 37.65
C ARG A 732 25.57 -16.00 38.51
N SER A 733 24.93 -17.00 39.10
CA SER A 733 25.64 -18.02 39.88
C SER A 733 26.65 -18.79 39.03
N ALA A 734 26.23 -19.24 37.84
CA ALA A 734 27.12 -19.98 36.95
C ALA A 734 28.31 -19.13 36.49
N GLU A 735 28.05 -17.85 36.19
CA GLU A 735 29.10 -16.94 35.72
C GLU A 735 30.21 -16.77 36.76
N MET A 736 29.83 -16.47 38.00
CA MET A 736 30.79 -16.16 39.05
C MET A 736 31.68 -17.34 39.41
N ASN A 737 31.17 -18.57 39.28
CA ASN A 737 31.97 -19.75 39.56
C ASN A 737 33.08 -19.98 38.53
N LEU A 738 32.98 -19.40 37.34
CA LEU A 738 33.96 -19.68 36.31
C LEU A 738 35.28 -19.00 36.63
N LYS A 739 36.37 -19.76 36.53
CA LYS A 739 37.68 -19.19 36.82
C LYS A 739 38.10 -18.25 35.71
N ASP A 740 39.06 -17.39 36.04
CA ASP A 740 39.67 -16.50 35.05
C ASP A 740 40.27 -17.23 33.84
N LEU A 741 40.80 -18.44 34.03
CA LEU A 741 41.40 -19.11 32.89
C LEU A 741 40.39 -19.74 31.94
N ASN A 742 39.15 -19.92 32.37
CA ASN A 742 38.09 -20.51 31.54
C ASN A 742 37.92 -19.71 30.25
N ASN A 743 37.96 -20.44 29.14
CA ASN A 743 38.02 -19.84 27.81
C ASN A 743 36.75 -19.12 27.40
N VAL A 744 35.58 -19.65 27.79
CA VAL A 744 34.32 -18.95 27.55
C VAL A 744 34.34 -17.57 28.23
N LYS A 745 34.81 -17.53 29.48
CA LYS A 745 34.88 -16.28 30.22
C LYS A 745 35.79 -15.25 29.55
N GLN A 746 36.87 -15.70 28.93
CA GLN A 746 37.78 -14.76 28.30
C GLN A 746 37.15 -14.06 27.10
N MET A 747 36.38 -14.79 26.29
CA MET A 747 35.71 -14.13 25.18
C MET A 747 34.60 -13.20 25.64
N VAL A 748 33.81 -13.59 26.63
CA VAL A 748 32.77 -12.70 27.16
C VAL A 748 33.40 -11.45 27.76
N SER A 749 34.51 -11.60 28.48
CA SER A 749 35.13 -10.45 29.12
C SER A 749 35.80 -9.54 28.11
N ALA A 750 36.36 -10.08 27.04
CA ALA A 750 36.91 -9.23 26.00
C ALA A 750 35.85 -8.50 25.20
N GLY A 751 34.62 -8.96 25.18
CA GLY A 751 33.69 -8.34 24.27
C GLY A 751 33.79 -8.76 22.82
N SER A 752 34.51 -9.83 22.51
CA SER A 752 34.74 -10.15 21.11
C SER A 752 33.65 -11.00 20.49
N LYS A 753 32.89 -11.72 21.30
CA LYS A 753 31.75 -12.53 20.89
C LYS A 753 31.09 -13.04 22.15
N GLY A 754 29.77 -13.07 22.17
CA GLY A 754 29.10 -13.62 23.32
C GLY A 754 28.83 -12.57 24.37
N SER A 755 27.94 -12.93 25.30
CA SER A 755 27.55 -12.03 26.38
C SER A 755 27.09 -12.92 27.53
N PHE A 756 26.69 -12.27 28.63
CA PHE A 756 26.28 -12.94 29.86
C PHE A 756 25.26 -14.04 29.61
N ILE A 757 24.21 -13.72 28.84
CA ILE A 757 23.10 -14.64 28.58
C ILE A 757 23.60 -15.93 27.91
N ASN A 758 24.71 -15.88 27.19
CA ASN A 758 25.23 -17.08 26.52
C ASN A 758 25.87 -18.05 27.50
N ILE A 759 26.59 -17.52 28.50
CA ILE A 759 27.09 -18.37 29.57
C ILE A 759 25.92 -19.02 30.30
N ALA A 760 24.89 -18.22 30.59
CA ALA A 760 23.69 -18.68 31.29
C ALA A 760 23.03 -19.84 30.55
N GLN A 761 22.84 -19.70 29.23
CA GLN A 761 22.08 -20.70 28.49
C GLN A 761 22.88 -21.95 28.22
N MET A 762 24.21 -21.85 28.07
CA MET A 762 24.98 -23.07 27.83
C MET A 762 25.12 -23.88 29.11
N SER A 763 25.22 -23.23 30.26
CA SER A 763 25.64 -23.90 31.47
C SER A 763 24.55 -24.06 32.51
N ALA A 764 23.59 -23.15 32.59
CA ALA A 764 22.66 -23.15 33.71
C ALA A 764 21.22 -23.45 33.31
N CYS A 765 20.63 -22.67 32.41
CA CYS A 765 19.20 -22.74 32.16
C CYS A 765 18.85 -21.92 30.91
N VAL A 766 18.23 -22.58 29.92
CA VAL A 766 17.85 -21.90 28.69
C VAL A 766 16.77 -20.86 28.94
N GLY A 767 15.79 -21.19 29.76
CA GLY A 767 14.84 -20.21 30.23
C GLY A 767 13.57 -20.18 29.41
N GLN A 768 12.82 -19.10 29.62
CA GLN A 768 11.46 -19.01 29.10
C GLN A 768 11.44 -18.79 27.59
N GLN A 769 10.62 -19.58 26.90
CA GLN A 769 10.40 -19.46 25.46
C GLN A 769 9.17 -18.58 25.23
N MET A 770 9.31 -17.61 24.33
CA MET A 770 8.25 -16.65 24.05
C MET A 770 7.81 -16.77 22.60
N VAL A 771 6.51 -16.61 22.37
CA VAL A 771 5.95 -16.48 21.03
C VAL A 771 4.95 -15.34 21.03
N GLU A 772 5.12 -14.39 20.10
CA GLU A 772 4.28 -13.20 19.94
C GLU A 772 4.20 -12.40 21.24
N GLY A 773 5.31 -12.32 21.95
CA GLY A 773 5.37 -11.60 23.20
C GLY A 773 4.71 -12.28 24.38
N LYS A 774 4.14 -13.47 24.20
CA LYS A 774 3.41 -14.14 25.26
C LYS A 774 3.97 -15.54 25.44
N ARG A 775 3.65 -16.19 26.54
CA ARG A 775 3.98 -17.60 26.71
C ARG A 775 3.24 -18.45 25.68
N ILE A 776 3.70 -19.72 25.57
CA ILE A 776 3.19 -20.65 24.57
C ILE A 776 1.67 -20.82 24.69
N ALA A 777 0.98 -20.72 23.58
CA ALA A 777 -0.46 -20.70 23.60
C ALA A 777 -1.03 -22.10 23.60
N PHE A 778 -2.29 -22.21 24.01
CA PHE A 778 -3.01 -23.48 24.03
C PHE A 778 -3.52 -23.76 22.62
N GLY A 779 -2.62 -24.27 21.78
CA GLY A 779 -3.02 -24.61 20.41
C GLY A 779 -3.83 -25.88 20.30
N PHE A 780 -3.67 -26.80 21.23
CA PHE A 780 -4.68 -27.82 21.44
C PHE A 780 -5.72 -27.25 22.39
N ALA A 781 -6.86 -27.93 22.49
CA ALA A 781 -7.93 -27.48 23.36
C ALA A 781 -7.50 -27.52 24.82
N ASP A 782 -7.30 -26.34 25.42
CA ASP A 782 -6.91 -26.14 26.82
C ASP A 782 -5.59 -26.79 27.23
N ARG A 783 -4.69 -27.09 26.30
CA ARG A 783 -3.38 -27.59 26.67
C ARG A 783 -2.40 -27.31 25.54
N SER A 784 -1.12 -27.32 25.88
CA SER A 784 -0.09 -26.99 24.91
C SER A 784 0.38 -28.17 24.09
N LEU A 785 0.32 -29.37 24.65
CA LEU A 785 0.75 -30.58 23.97
C LEU A 785 -0.13 -31.69 24.50
N PRO A 786 -0.37 -32.76 23.74
CA PRO A 786 -1.18 -33.86 24.25
C PRO A 786 -0.52 -34.68 25.35
N HIS A 787 0.67 -34.36 25.82
CA HIS A 787 1.28 -35.09 26.91
C HIS A 787 0.96 -34.46 28.26
N PHE A 788 0.18 -33.39 28.29
CA PHE A 788 -0.21 -32.75 29.53
C PHE A 788 -1.72 -32.83 29.69
N THR A 789 -2.18 -32.77 30.93
CA THR A 789 -3.60 -32.59 31.20
C THR A 789 -4.05 -31.17 30.93
N LYS A 790 -5.36 -31.00 30.74
CA LYS A 790 -5.92 -29.69 30.49
C LYS A 790 -5.78 -28.76 31.70
N ASP A 791 -5.88 -27.46 31.40
CA ASP A 791 -5.86 -26.36 32.38
C ASP A 791 -4.66 -26.43 33.31
N ASP A 792 -3.49 -26.69 32.73
CA ASP A 792 -2.23 -26.77 33.44
C ASP A 792 -1.40 -25.53 33.10
N PHE A 793 -1.23 -24.62 34.06
CA PHE A 793 -0.50 -23.38 33.86
C PHE A 793 0.88 -23.38 34.51
N SER A 794 1.40 -24.56 34.86
CA SER A 794 2.71 -24.70 35.51
C SER A 794 3.82 -24.26 34.54
N PRO A 795 5.05 -24.02 35.05
CA PRO A 795 6.18 -23.71 34.15
C PRO A 795 6.44 -24.70 33.02
N GLU A 796 6.45 -26.01 33.29
CA GLU A 796 6.81 -26.97 32.25
C GLU A 796 5.75 -27.04 31.16
N SER A 797 4.50 -26.69 31.50
CA SER A 797 3.39 -26.81 30.56
C SER A 797 3.40 -25.71 29.51
N LYS A 798 3.90 -24.52 29.84
CA LYS A 798 3.77 -23.39 28.94
C LYS A 798 5.12 -22.86 28.51
N GLY A 799 6.10 -23.75 28.43
CA GLY A 799 7.31 -23.48 27.67
C GLY A 799 8.56 -23.10 28.43
N PHE A 800 8.62 -23.39 29.72
CA PHE A 800 9.85 -23.13 30.45
C PHE A 800 10.80 -24.29 30.21
N VAL A 801 11.96 -24.01 29.65
CA VAL A 801 12.97 -25.01 29.35
C VAL A 801 13.94 -25.00 30.52
N GLU A 802 13.82 -26.00 31.39
CA GLU A 802 14.62 -26.01 32.60
C GLU A 802 16.07 -26.38 32.35
N ASN A 803 16.31 -27.33 31.46
CA ASN A 803 17.65 -27.82 31.20
C ASN A 803 18.50 -26.81 30.42
N SER A 804 19.81 -26.96 30.55
CA SER A 804 20.76 -26.24 29.72
C SER A 804 21.00 -27.01 28.43
N TYR A 805 21.60 -26.33 27.44
CA TYR A 805 21.98 -27.02 26.21
C TYR A 805 23.01 -28.11 26.44
N LEU A 806 23.87 -27.93 27.44
CA LEU A 806 24.83 -28.95 27.85
C LEU A 806 24.14 -30.21 28.35
N ARG A 807 23.19 -30.04 29.26
CA ARG A 807 22.45 -31.16 29.84
C ARG A 807 21.63 -31.88 28.79
N GLY A 808 21.07 -31.15 27.85
CA GLY A 808 20.20 -31.65 26.81
C GLY A 808 18.75 -31.40 27.15
N LEU A 809 17.97 -31.14 26.12
CA LEU A 809 16.57 -30.78 26.33
C LEU A 809 15.71 -32.03 26.29
N THR A 810 14.64 -32.02 27.06
CA THR A 810 13.68 -33.10 26.97
C THR A 810 12.83 -32.93 25.72
N PRO A 811 12.13 -33.99 25.29
CA PRO A 811 11.26 -33.87 24.10
C PRO A 811 10.19 -32.79 24.14
N GLN A 812 9.54 -32.56 25.29
CA GLN A 812 8.54 -31.50 25.35
C GLN A 812 9.17 -30.14 25.17
N GLU A 813 10.21 -29.86 25.96
CA GLU A 813 10.99 -28.64 25.88
C GLU A 813 11.53 -28.38 24.47
N PHE A 814 12.02 -29.43 23.80
CA PHE A 814 12.55 -29.34 22.45
C PHE A 814 11.58 -28.69 21.48
N PHE A 815 10.34 -29.16 21.45
CA PHE A 815 9.37 -28.62 20.51
C PHE A 815 9.09 -27.16 20.80
N PHE A 816 8.91 -26.82 22.08
CA PHE A 816 8.65 -25.43 22.46
C PHE A 816 9.80 -24.54 22.04
N HIS A 817 11.02 -25.03 22.18
CA HIS A 817 12.17 -24.27 21.74
C HIS A 817 12.16 -24.08 20.25
N ALA A 818 11.68 -25.08 19.51
CA ALA A 818 11.60 -24.95 18.06
C ALA A 818 10.50 -23.99 17.65
N MET A 819 9.44 -23.85 18.44
CA MET A 819 8.42 -22.84 18.16
C MET A 819 8.96 -21.42 18.29
N ALA A 820 9.61 -21.12 19.41
CA ALA A 820 10.23 -19.82 19.58
C ALA A 820 11.27 -19.55 18.51
N GLY A 821 12.07 -20.55 18.18
CA GLY A 821 13.11 -20.36 17.18
C GLY A 821 12.56 -20.06 15.80
N ARG A 822 11.51 -20.78 15.40
CA ARG A 822 10.84 -20.53 14.13
C ARG A 822 10.37 -19.09 14.00
N GLU A 823 9.75 -18.56 15.05
CA GLU A 823 9.25 -17.17 15.05
C GLU A 823 10.36 -16.17 14.75
N GLY A 824 11.58 -16.44 15.22
CA GLY A 824 12.68 -15.56 14.92
C GLY A 824 13.10 -15.59 13.47
N LEU A 825 13.09 -16.78 12.85
CA LEU A 825 13.42 -16.85 11.43
C LEU A 825 12.34 -16.19 10.58
N ILE A 826 11.07 -16.35 10.95
CA ILE A 826 9.99 -15.70 10.23
C ILE A 826 10.07 -14.19 10.36
N ASP A 827 10.28 -13.71 11.59
CA ASP A 827 10.38 -12.28 11.86
C ASP A 827 11.48 -11.61 11.04
N THR A 828 12.70 -12.17 11.10
CA THR A 828 13.82 -11.63 10.34
C THR A 828 13.52 -11.62 8.85
N ALA A 829 12.87 -12.67 8.36
CA ALA A 829 12.58 -12.78 6.93
C ALA A 829 11.46 -11.85 6.52
N VAL A 830 10.52 -11.55 7.42
CA VAL A 830 9.35 -10.76 7.09
C VAL A 830 9.78 -9.31 7.23
N LYS A 831 10.12 -8.90 8.46
CA LYS A 831 10.35 -7.49 8.77
C LYS A 831 11.56 -6.88 8.06
N THR A 832 12.38 -7.66 7.34
CA THR A 832 13.45 -7.06 6.57
C THR A 832 12.89 -6.26 5.40
N ALA A 833 11.78 -6.74 4.81
CA ALA A 833 11.15 -6.01 3.72
C ALA A 833 10.35 -4.82 4.20
N GLU A 834 9.86 -4.88 5.44
CA GLU A 834 9.17 -3.73 6.02
C GLU A 834 10.12 -2.54 6.14
N THR A 835 11.31 -2.77 6.69
CA THR A 835 12.28 -1.70 6.86
C THR A 835 12.94 -1.33 5.56
N GLY A 836 12.97 -2.25 4.59
CA GLY A 836 13.55 -1.93 3.31
C GLY A 836 12.69 -0.92 2.57
N TYR A 837 11.38 -1.09 2.64
CA TYR A 837 10.45 -0.10 2.10
C TYR A 837 10.56 1.25 2.81
N ILE A 838 10.72 1.24 4.13
CA ILE A 838 10.92 2.48 4.90
C ILE A 838 12.11 3.26 4.38
N GLN A 839 13.23 2.59 4.14
CA GLN A 839 14.43 3.31 3.73
C GLN A 839 14.26 3.89 2.33
N ARG A 840 13.61 3.15 1.43
CA ARG A 840 13.36 3.67 0.10
C ARG A 840 12.54 4.96 0.10
N ARG A 841 11.42 5.02 0.85
CA ARG A 841 10.66 6.26 0.89
C ARG A 841 11.41 7.43 1.52
N LEU A 842 12.18 7.17 2.58
CA LEU A 842 13.01 8.20 3.19
C LEU A 842 14.02 8.80 2.22
N VAL A 843 14.69 7.97 1.42
CA VAL A 843 15.71 8.49 0.52
C VAL A 843 15.10 9.38 -0.54
N LYS A 844 13.99 8.95 -1.15
CA LYS A 844 13.33 9.77 -2.17
C LYS A 844 12.77 11.07 -1.61
N ALA A 845 12.31 11.05 -0.36
CA ALA A 845 11.89 12.28 0.28
C ALA A 845 13.01 13.29 0.44
N LEU A 846 14.24 12.82 0.65
CA LEU A 846 15.30 13.72 1.11
C LEU A 846 16.46 13.89 0.13
N GLU A 847 16.46 13.19 -1.01
CA GLU A 847 17.67 13.05 -1.83
C GLU A 847 18.20 14.38 -2.39
N ASP A 848 17.33 15.34 -2.66
CA ASP A 848 17.69 16.59 -3.29
C ASP A 848 18.09 17.70 -2.32
N ILE A 849 18.30 17.40 -1.05
CA ILE A 849 18.53 18.43 -0.04
C ILE A 849 20.02 18.66 0.14
N MET A 850 20.46 19.91 -0.04
CA MET A 850 21.86 20.21 -0.13
C MET A 850 22.15 21.45 0.70
N VAL A 851 23.33 21.51 1.29
CA VAL A 851 23.85 22.71 1.93
C VAL A 851 24.42 23.65 0.88
N HIS A 852 23.99 24.90 0.89
CA HIS A 852 24.45 25.87 -0.08
C HIS A 852 25.50 26.75 0.57
N TYR A 853 26.16 27.56 -0.25
CA TYR A 853 27.28 28.37 0.23
C TYR A 853 26.91 29.48 1.20
N ASP A 854 25.64 29.83 1.35
CA ASP A 854 25.26 30.80 2.37
C ASP A 854 24.91 30.15 3.70
N GLY A 855 25.16 28.85 3.83
CA GLY A 855 24.83 28.15 5.04
C GLY A 855 23.42 27.63 5.11
N THR A 856 22.53 28.06 4.23
CA THR A 856 21.15 27.57 4.30
C THR A 856 21.09 26.13 3.80
N THR A 857 20.06 25.42 4.23
CA THR A 857 19.76 24.08 3.76
C THR A 857 18.54 24.10 2.87
N ARG A 858 18.70 23.72 1.59
CA ARG A 858 17.62 23.91 0.65
C ARG A 858 17.42 22.67 -0.21
N ASN A 859 16.23 22.55 -0.78
CA ASN A 859 15.97 21.50 -1.75
C ASN A 859 16.21 22.04 -3.16
N SER A 860 15.78 21.29 -4.17
CA SER A 860 16.04 21.70 -5.55
C SER A 860 15.19 22.86 -6.00
N LEU A 861 14.10 23.16 -5.31
CA LEU A 861 13.32 24.34 -5.61
C LEU A 861 13.87 25.59 -4.97
N GLY A 862 14.93 25.48 -4.18
CA GLY A 862 15.36 26.62 -3.41
C GLY A 862 14.52 26.96 -2.22
N ASP A 863 13.59 26.10 -1.83
CA ASP A 863 12.89 26.30 -0.57
C ASP A 863 13.87 26.15 0.58
N ILE A 864 13.77 27.03 1.57
CA ILE A 864 14.59 26.90 2.77
C ILE A 864 14.00 25.85 3.69
N ILE A 865 14.78 24.82 4.01
CA ILE A 865 14.32 23.88 5.03
C ILE A 865 14.86 24.24 6.40
N GLN A 866 16.12 24.64 6.51
CA GLN A 866 16.69 25.20 7.72
C GLN A 866 17.56 26.38 7.33
N PHE A 867 17.49 27.46 8.10
CA PHE A 867 18.33 28.62 7.81
C PHE A 867 19.80 28.35 8.09
N LEU A 868 20.13 27.36 8.90
CA LEU A 868 21.51 27.01 9.14
C LEU A 868 21.52 25.54 9.49
N TYR A 869 22.36 24.77 8.80
CA TYR A 869 22.34 23.31 8.91
C TYR A 869 22.62 22.82 10.33
N GLY A 870 21.72 22.00 10.84
CA GLY A 870 21.83 21.45 12.18
C GLY A 870 21.75 22.45 13.29
N GLU A 871 21.34 23.68 12.98
CA GLU A 871 21.33 24.86 13.83
C GLU A 871 22.71 25.26 14.37
N ASP A 872 23.79 24.61 13.93
CA ASP A 872 25.12 24.98 14.37
C ASP A 872 26.16 25.08 13.28
N GLY A 873 25.83 24.78 12.03
CA GLY A 873 26.80 24.84 10.97
C GLY A 873 27.89 23.79 11.01
N LEU A 874 27.71 22.70 11.77
CA LEU A 874 28.79 21.75 12.00
C LEU A 874 28.59 20.47 11.21
N ASP A 875 29.71 19.79 10.97
CA ASP A 875 29.70 18.48 10.34
C ASP A 875 29.59 17.41 11.43
N GLY A 876 28.69 16.45 11.22
CA GLY A 876 28.45 15.40 12.19
C GLY A 876 29.65 14.58 12.62
N THR A 877 30.67 14.45 11.77
CA THR A 877 31.85 13.68 12.17
C THR A 877 32.76 14.40 13.14
N GLN A 878 32.49 15.65 13.50
CA GLN A 878 33.48 16.48 14.17
C GLN A 878 33.09 16.87 15.58
N VAL A 879 32.08 16.24 16.17
CA VAL A 879 31.63 16.60 17.49
C VAL A 879 31.82 15.42 18.43
N GLU A 880 31.98 15.73 19.72
CA GLU A 880 32.15 14.71 20.76
C GLU A 880 31.45 15.16 22.03
N ARG A 881 31.01 14.20 22.85
CA ARG A 881 30.38 14.56 24.11
C ARG A 881 31.39 15.24 25.00
N GLN A 882 31.04 16.43 25.49
CA GLN A 882 31.87 17.18 26.39
C GLN A 882 31.01 17.72 27.51
N THR A 883 31.58 17.87 28.70
CA THR A 883 30.83 18.42 29.82
C THR A 883 31.00 19.93 29.92
N ILE A 884 29.89 20.61 30.13
CA ILE A 884 29.84 22.07 30.24
C ILE A 884 29.81 22.42 31.72
N ASP A 885 30.93 22.88 32.27
CA ASP A 885 31.14 22.78 33.70
C ASP A 885 30.39 23.83 34.51
N THR A 886 29.72 24.78 33.87
CA THR A 886 28.93 25.72 34.65
C THR A 886 27.54 25.24 34.97
N ILE A 887 27.16 24.04 34.53
CA ILE A 887 25.79 23.59 34.78
C ILE A 887 25.65 22.83 36.10
N PRO A 888 26.43 21.80 36.46
CA PRO A 888 26.14 21.09 37.71
C PRO A 888 26.70 21.83 38.91
N GLY A 889 26.45 21.27 40.09
CA GLY A 889 26.99 21.75 41.34
C GLY A 889 26.14 22.84 41.98
N SER A 890 26.39 23.05 43.27
CA SER A 890 25.77 24.14 44.01
C SER A 890 26.45 25.46 43.73
N ASP A 891 25.72 26.54 44.02
CA ASP A 891 26.27 27.90 43.94
C ASP A 891 27.53 28.07 44.77
N LYS A 892 27.62 27.39 45.91
CA LYS A 892 28.80 27.49 46.76
C LYS A 892 30.01 26.85 46.09
N ALA A 893 29.85 25.62 45.59
CA ALA A 893 30.94 24.94 44.90
C ALA A 893 31.35 25.70 43.65
N PHE A 894 30.37 26.23 42.93
CA PHE A 894 30.59 27.14 41.80
C PHE A 894 31.46 28.32 42.20
N HIS A 895 31.04 29.03 43.25
CA HIS A 895 31.76 30.23 43.71
C HIS A 895 33.17 29.90 44.13
N LYS A 896 33.36 28.75 44.79
CA LYS A 896 34.69 28.31 45.23
C LYS A 896 35.63 28.14 44.04
N ARG A 897 35.09 27.66 42.91
CA ARG A 897 35.88 27.33 41.73
C ARG A 897 36.23 28.55 40.88
N TYR A 898 35.34 29.53 40.78
CA TYR A 898 35.44 30.60 39.79
C TYR A 898 35.80 31.99 40.33
N TYR A 899 35.49 32.28 41.58
CA TYR A 899 35.64 33.63 42.13
C TYR A 899 37.05 34.00 42.55
N VAL A 900 37.46 35.21 42.19
CA VAL A 900 38.75 35.76 42.60
C VAL A 900 38.46 37.03 43.38
N ASP A 901 38.97 37.11 44.59
CA ASP A 901 38.78 38.25 45.48
C ASP A 901 40.13 38.91 45.68
N LEU A 902 40.34 40.08 45.07
CA LEU A 902 41.62 40.76 45.28
C LEU A 902 41.69 41.50 46.60
N MET A 903 40.64 41.46 47.42
CA MET A 903 40.67 42.10 48.73
C MET A 903 40.93 41.10 49.84
N ASP A 904 40.00 40.15 50.03
CA ASP A 904 40.18 39.06 50.98
C ASP A 904 41.31 38.17 50.49
N GLU A 905 42.44 38.19 51.20
CA GLU A 905 43.66 37.53 50.77
C GLU A 905 43.52 36.00 50.69
N LYS A 906 42.78 35.39 51.61
CA LYS A 906 42.63 33.95 51.66
C LYS A 906 41.63 33.41 50.64
N ASN A 907 40.95 34.27 49.89
CA ASN A 907 40.08 33.85 48.81
C ASN A 907 40.59 34.36 47.48
N SER A 908 41.87 34.72 47.41
CA SER A 908 42.53 35.15 46.20
C SER A 908 43.30 33.98 45.58
N ILE A 909 44.07 34.30 44.55
CA ILE A 909 44.89 33.30 43.87
C ILE A 909 46.11 33.02 44.74
N LYS A 910 46.50 31.75 44.82
CA LYS A 910 47.64 31.34 45.61
C LYS A 910 48.92 32.03 45.11
N PRO A 911 49.81 32.45 46.01
CA PRO A 911 50.97 33.24 45.59
C PRO A 911 52.05 32.47 44.85
N ASP A 912 52.15 31.17 45.03
CA ASP A 912 53.23 30.41 44.41
C ASP A 912 53.01 30.09 42.94
N VAL A 913 51.83 30.37 42.39
CA VAL A 913 51.61 30.10 40.97
C VAL A 913 51.80 31.32 40.08
N ILE A 914 52.01 32.51 40.64
CA ILE A 914 52.26 33.71 39.83
C ILE A 914 53.47 34.45 40.38
N GLU A 915 54.17 35.15 39.49
CA GLU A 915 55.30 35.98 39.90
C GLU A 915 54.87 37.34 40.42
N TYR A 916 53.90 37.96 39.75
CA TYR A 916 53.42 39.31 40.02
C TYR A 916 52.46 39.39 41.19
N ALA A 917 52.53 38.42 42.13
CA ALA A 917 51.55 38.26 43.21
C ALA A 917 51.43 39.50 44.08
N ALA A 918 52.53 40.26 44.24
CA ALA A 918 52.52 41.47 45.06
C ALA A 918 51.60 42.53 44.47
N ASP A 919 51.72 42.82 43.17
CA ASP A 919 50.93 43.89 42.56
C ASP A 919 49.46 43.53 42.33
N ILE A 920 48.97 42.48 42.97
CA ILE A 920 47.62 41.97 42.73
C ILE A 920 46.62 42.46 43.78
N LEU A 921 46.93 42.20 45.06
CA LEU A 921 45.96 42.43 46.12
C LEU A 921 45.63 43.92 46.26
N GLY A 922 44.33 44.22 46.33
CA GLY A 922 43.86 45.56 46.57
C GLY A 922 43.47 46.32 45.32
N ASP A 923 44.02 45.93 44.16
CA ASP A 923 43.80 46.57 42.87
C ASP A 923 42.33 46.53 42.47
N VAL A 924 41.64 47.65 42.65
CA VAL A 924 40.23 47.74 42.34
C VAL A 924 40.00 47.75 40.82
N GLU A 925 40.96 48.28 40.06
CA GLU A 925 40.82 48.32 38.61
C GLU A 925 40.91 46.93 37.98
N LEU A 926 41.75 46.06 38.52
CA LEU A 926 41.79 44.67 38.06
C LEU A 926 40.58 43.89 38.54
N GLN A 927 40.01 44.27 39.68
CA GLN A 927 38.79 43.66 40.19
C GLN A 927 37.57 43.98 39.35
N LYS A 928 37.57 45.07 38.59
CA LYS A 928 36.43 45.37 37.73
C LYS A 928 36.31 44.37 36.59
N GLU A 929 37.45 43.94 36.02
CA GLU A 929 37.43 42.89 35.01
C GLU A 929 36.92 41.58 35.57
N LEU A 930 37.55 41.09 36.66
CA LEU A 930 37.17 39.83 37.28
C LEU A 930 35.72 39.82 37.76
N ASN A 931 35.17 40.98 38.11
CA ASN A 931 33.75 41.01 38.44
C ASN A 931 32.92 40.82 37.18
N SER A 932 33.32 41.47 36.09
CA SER A 932 32.64 41.34 34.81
C SER A 932 32.76 39.93 34.27
N GLU A 933 33.89 39.26 34.53
CA GLU A 933 34.05 37.86 34.17
C GLU A 933 33.03 37.01 34.91
N TYR A 934 32.97 37.13 36.24
CA TYR A 934 32.07 36.30 37.04
C TYR A 934 30.62 36.62 36.73
N GLU A 935 30.31 37.88 36.42
CA GLU A 935 28.95 38.25 36.06
C GLU A 935 28.55 37.59 34.75
N GLN A 936 29.48 37.53 33.80
CA GLN A 936 29.25 36.82 32.54
C GLN A 936 28.95 35.35 32.78
N LEU A 937 29.76 34.70 33.63
CA LEU A 937 29.54 33.31 33.99
C LEU A 937 28.21 33.09 34.71
N VAL A 938 27.73 34.08 35.44
CA VAL A 938 26.44 33.92 36.12
C VAL A 938 25.30 33.97 35.14
N SER A 939 25.35 34.90 34.18
CA SER A 939 24.40 34.93 33.07
C SER A 939 24.29 33.60 32.34
N ASP A 940 25.43 33.04 31.91
CA ASP A 940 25.46 31.74 31.22
C ASP A 940 24.78 30.64 32.02
N ARG A 941 25.21 30.43 33.26
CA ARG A 941 24.64 29.40 34.13
C ARG A 941 23.14 29.57 34.30
N LYS A 942 22.68 30.81 34.41
CA LYS A 942 21.25 31.06 34.58
C LYS A 942 20.50 30.77 33.29
N PHE A 943 21.02 31.27 32.16
CA PHE A 943 20.45 30.98 30.84
C PHE A 943 20.39 29.49 30.54
N LEU A 944 21.50 28.76 30.75
CA LEU A 944 21.54 27.35 30.40
C LEU A 944 20.67 26.47 31.31
N ARG A 945 20.58 26.82 32.58
CA ARG A 945 19.87 25.95 33.50
C ARG A 945 18.36 26.17 33.43
N GLU A 946 17.91 27.35 33.02
CA GLU A 946 16.49 27.66 33.06
C GLU A 946 15.81 27.61 31.70
N ILE A 947 16.57 27.67 30.61
CA ILE A 947 16.03 27.74 29.26
C ILE A 947 16.50 26.57 28.40
N VAL A 948 17.81 26.33 28.36
CA VAL A 948 18.37 25.34 27.44
C VAL A 948 18.24 23.93 27.99
N PHE A 949 18.79 23.67 29.17
CA PHE A 949 18.91 22.29 29.66
C PHE A 949 18.23 22.21 31.02
N VAL A 950 16.89 22.16 30.97
CA VAL A 950 16.06 22.22 32.17
C VAL A 950 16.29 21.01 33.08
N ASN A 951 16.49 19.83 32.50
CA ASN A 951 16.68 18.63 33.31
C ASN A 951 18.07 18.48 33.92
N GLY A 952 19.00 19.40 33.66
CA GLY A 952 20.28 19.36 34.31
C GLY A 952 21.36 18.56 33.63
N ASP A 953 21.08 17.95 32.48
CA ASP A 953 22.09 17.22 31.73
C ASP A 953 23.18 18.18 31.28
N HIS A 954 24.42 17.83 31.55
CA HIS A 954 25.51 18.76 31.31
C HIS A 954 26.56 18.16 30.40
N ASN A 955 26.35 16.93 29.94
CA ASN A 955 27.21 16.27 28.98
C ASN A 955 26.47 16.25 27.65
N TRP A 956 27.07 16.87 26.62
CA TRP A 956 26.37 17.08 25.36
C TRP A 956 27.36 17.05 24.20
N PRO A 957 26.92 16.59 23.03
CA PRO A 957 27.76 16.69 21.83
C PRO A 957 28.02 18.14 21.49
N LEU A 958 29.29 18.46 21.35
CA LEU A 958 29.81 19.79 21.07
C LEU A 958 31.07 19.70 20.23
N PRO A 959 31.41 20.73 19.48
CA PRO A 959 32.61 20.69 18.64
C PRO A 959 33.84 20.83 19.50
N VAL A 960 35.01 20.61 18.85
CA VAL A 960 36.39 20.71 19.32
C VAL A 960 36.62 20.68 20.83
N ASN A 961 37.05 19.50 21.26
CA ASN A 961 37.23 19.06 22.65
C ASN A 961 38.42 19.75 23.30
N LEU A 962 38.08 20.66 24.21
CA LEU A 962 39.05 21.53 24.85
C LEU A 962 39.93 20.77 25.84
N ARG A 963 39.37 19.77 26.53
CA ARG A 963 40.15 18.96 27.47
C ARG A 963 41.35 18.32 26.82
N ARG A 964 41.19 17.80 25.60
CA ARG A 964 42.32 17.16 24.95
C ARG A 964 43.35 18.19 24.48
N ILE A 965 42.88 19.36 24.02
CA ILE A 965 43.79 20.42 23.53
C ILE A 965 44.67 20.94 24.65
N ILE A 966 44.11 21.04 25.86
CA ILE A 966 44.86 21.59 26.97
C ILE A 966 45.94 20.61 27.42
N GLN A 967 45.58 19.34 27.58
CA GLN A 967 46.57 18.36 28.04
C GLN A 967 47.64 18.08 26.99
N ASN A 968 47.41 18.39 25.72
CA ASN A 968 48.49 18.35 24.73
C ASN A 968 49.42 19.53 24.93
N ALA A 969 48.86 20.70 25.28
CA ALA A 969 49.68 21.87 25.52
C ALA A 969 50.55 21.65 26.74
N GLN A 970 50.03 20.92 27.72
CA GLN A 970 50.81 20.55 28.90
C GLN A 970 51.99 19.65 28.53
N GLN A 971 51.86 18.84 27.47
CA GLN A 971 52.97 17.98 27.11
C GLN A 971 54.04 18.69 26.28
N ILE A 972 53.63 19.50 25.29
CA ILE A 972 54.59 20.15 24.40
C ILE A 972 55.50 21.09 25.17
N PHE A 973 54.93 21.86 26.09
CA PHE A 973 55.71 22.86 26.78
C PHE A 973 56.12 22.41 28.17
N HIS A 974 55.97 21.10 28.49
CA HIS A 974 56.37 20.51 29.78
C HIS A 974 55.74 21.30 30.91
N LEU A 975 54.43 21.49 30.82
CA LEU A 975 53.77 22.24 31.88
C LEU A 975 53.56 21.63 33.25
N ASP A 976 54.47 20.76 33.66
CA ASP A 976 54.72 20.46 35.08
C ASP A 976 55.42 21.72 35.64
N ARG A 977 55.82 21.67 36.90
CA ARG A 977 56.51 22.79 37.53
C ARG A 977 55.63 23.54 38.52
N ALA A 978 56.24 23.95 39.63
CA ALA A 978 55.66 24.98 40.49
C ALA A 978 56.20 26.36 40.12
N LYS A 979 57.06 26.40 39.10
CA LYS A 979 57.64 27.65 38.64
C LYS A 979 56.56 28.68 38.33
N ALA A 980 56.33 29.58 39.28
CA ALA A 980 55.32 30.62 39.12
C ALA A 980 55.26 31.11 37.68
N SER A 981 54.03 31.33 37.22
CA SER A 981 53.74 31.72 35.85
C SER A 981 53.88 33.22 35.64
N ASP A 982 54.41 33.58 34.47
CA ASP A 982 54.53 34.96 34.01
C ASP A 982 53.33 35.42 33.19
N LEU A 983 52.19 34.74 33.28
CA LEU A 983 51.04 35.04 32.44
C LEU A 983 50.13 35.98 33.23
N THR A 984 50.01 37.21 32.76
CA THR A 984 49.27 38.21 33.53
C THR A 984 47.77 38.08 33.35
N ILE A 985 47.04 38.59 34.35
CA ILE A 985 45.58 38.47 34.38
C ILE A 985 44.87 39.18 33.22
N PRO A 986 45.19 40.45 32.89
CA PRO A 986 44.50 41.07 31.72
C PRO A 986 44.72 40.37 30.41
N GLU A 987 45.85 39.66 30.23
CA GLU A 987 46.05 38.88 29.02
C GLU A 987 45.03 37.74 28.93
N ILE A 988 44.68 37.13 30.07
CA ILE A 988 43.72 36.04 30.07
C ILE A 988 42.32 36.52 29.73
N ILE A 989 41.83 37.53 30.43
CA ILE A 989 40.44 37.98 30.27
C ILE A 989 40.21 38.58 28.89
N HIS A 990 41.15 39.38 28.42
CA HIS A 990 41.01 39.98 27.10
C HIS A 990 41.28 38.95 25.99
N GLY A 991 42.21 38.02 26.23
CA GLY A 991 42.46 36.95 25.27
C GLY A 991 41.23 36.11 24.98
N VAL A 992 40.56 35.61 26.02
CA VAL A 992 39.39 34.75 25.85
C VAL A 992 38.22 35.52 25.22
N ARG A 993 37.99 36.76 25.66
CA ARG A 993 36.88 37.54 25.13
C ARG A 993 37.07 37.90 23.66
N ASP A 994 38.31 38.15 23.24
CA ASP A 994 38.58 38.43 21.84
C ASP A 994 38.45 37.18 20.97
N LEU A 995 38.76 36.01 21.53
CA LEU A 995 38.59 34.75 20.82
C LEU A 995 37.16 34.54 20.33
N CYS A 996 36.17 34.81 21.19
CA CYS A 996 34.77 34.54 20.86
C CYS A 996 34.21 35.41 19.74
N LYS A 997 34.96 36.38 19.25
CA LYS A 997 34.57 37.17 18.10
C LYS A 997 35.20 36.68 16.80
N LYS A 998 36.10 35.69 16.87
CA LYS A 998 36.77 35.17 15.69
C LYS A 998 36.30 33.77 15.30
N LEU A 999 35.24 33.27 15.91
CA LEU A 999 34.72 31.94 15.60
C LEU A 999 33.69 32.03 14.47
N PHE A 1000 34.20 32.35 13.28
CA PHE A 1000 33.35 32.75 12.16
C PHE A 1000 32.66 31.54 11.58
N VAL A 1001 31.34 31.50 11.69
CA VAL A 1001 30.52 30.60 10.90
C VAL A 1001 30.07 31.28 9.61
N LEU A 1002 29.60 32.52 9.71
CA LEU A 1002 29.14 33.29 8.56
C LEU A 1002 29.89 34.61 8.51
N ARG A 1003 30.37 34.98 7.33
CA ARG A 1003 31.12 36.22 7.18
C ARG A 1003 30.27 37.24 6.44
N GLY A 1004 30.56 38.51 6.70
CA GLY A 1004 29.77 39.60 6.18
C GLY A 1004 29.47 40.52 7.35
N GLU A 1005 29.26 41.80 7.04
CA GLU A 1005 29.03 42.81 8.05
C GLU A 1005 27.57 43.16 8.29
N ASN A 1006 26.64 42.64 7.49
CA ASN A 1006 25.21 42.87 7.68
C ASN A 1006 24.78 42.55 9.11
N GLU A 1007 23.91 43.42 9.63
CA GLU A 1007 23.43 43.36 11.01
C GLU A 1007 22.77 42.03 11.33
N LEU A 1008 22.01 41.48 10.38
CA LEU A 1008 21.34 40.20 10.61
C LEU A 1008 22.33 39.04 10.67
N ILE A 1009 23.42 39.13 9.89
CA ILE A 1009 24.44 38.08 9.89
C ILE A 1009 25.13 38.01 11.24
N LYS A 1010 25.51 39.16 11.81
CA LYS A 1010 26.19 39.19 13.10
C LYS A 1010 25.31 38.62 14.20
N GLU A 1011 24.01 38.87 14.15
CA GLU A 1011 23.12 38.26 15.13
C GLU A 1011 23.07 36.74 14.92
N ALA A 1012 22.95 36.31 13.67
CA ALA A 1012 22.96 34.88 13.35
C ALA A 1012 24.29 34.22 13.72
N GLN A 1013 25.40 34.91 13.47
CA GLN A 1013 26.71 34.38 13.81
C GLN A 1013 26.87 34.22 15.31
N GLN A 1014 26.33 35.16 16.07
CA GLN A 1014 26.41 35.10 17.53
C GLN A 1014 25.51 34.00 18.07
N ASN A 1015 24.33 33.83 17.48
CA ASN A 1015 23.41 32.79 17.89
C ASN A 1015 23.95 31.39 17.64
N ALA A 1016 24.57 31.17 16.48
CA ALA A 1016 25.11 29.85 16.11
C ALA A 1016 26.13 29.32 17.09
N THR A 1017 26.92 30.20 17.71
CA THR A 1017 28.01 29.79 18.58
C THR A 1017 27.74 30.07 20.04
N SER A 1018 26.49 30.36 20.41
CA SER A 1018 26.15 30.70 21.79
C SER A 1018 26.52 29.59 22.75
N LEU A 1019 26.13 28.36 22.44
CA LEU A 1019 26.42 27.25 23.35
C LEU A 1019 27.91 26.98 23.44
N PHE A 1020 28.61 27.04 22.31
CA PHE A 1020 30.04 26.77 22.32
C PHE A 1020 30.85 27.83 23.07
N GLN A 1021 30.48 29.11 22.94
CA GLN A 1021 31.15 30.17 23.72
C GLN A 1021 31.04 29.93 25.21
N CYS A 1022 29.86 29.54 25.70
CA CYS A 1022 29.68 29.19 27.10
C CYS A 1022 30.62 28.06 27.51
N LEU A 1023 30.78 27.05 26.65
CA LEU A 1023 31.69 25.95 26.92
C LEU A 1023 33.13 26.43 27.08
N VAL A 1024 33.58 27.31 26.19
CA VAL A 1024 34.95 27.81 26.25
C VAL A 1024 35.17 28.61 27.53
N ARG A 1025 34.30 29.58 27.78
CA ARG A 1025 34.40 30.43 28.98
C ARG A 1025 34.37 29.60 30.26
N ALA A 1026 33.63 28.49 30.27
CA ALA A 1026 33.56 27.64 31.44
C ALA A 1026 34.88 26.92 31.71
N ARG A 1027 35.72 26.76 30.70
CA ARG A 1027 37.03 26.11 30.86
C ARG A 1027 38.14 27.13 31.04
N LEU A 1028 38.19 28.15 30.20
CA LEU A 1028 39.25 29.15 30.25
C LEU A 1028 38.87 30.29 31.21
N ALA A 1029 38.50 29.89 32.42
CA ALA A 1029 38.27 30.79 33.54
C ALA A 1029 39.57 31.00 34.27
N THR A 1030 39.75 32.22 34.79
CA THR A 1030 40.99 32.70 35.41
C THR A 1030 41.61 31.72 36.40
N ARG A 1031 40.83 31.23 37.36
CA ARG A 1031 41.40 30.31 38.35
C ARG A 1031 41.88 29.01 37.73
N ARG A 1032 41.12 28.47 36.78
CA ARG A 1032 41.48 27.20 36.17
C ARG A 1032 42.72 27.32 35.30
N ILE A 1033 42.85 28.42 34.55
CA ILE A 1033 44.02 28.60 33.69
C ILE A 1033 45.28 28.66 34.54
N LEU A 1034 45.19 29.28 35.71
CA LEU A 1034 46.36 29.52 36.53
C LEU A 1034 46.62 28.43 37.56
N GLU A 1035 45.59 27.97 38.27
CA GLU A 1035 45.80 26.95 39.28
C GLU A 1035 45.83 25.53 38.70
N GLU A 1036 44.89 25.22 37.83
CA GLU A 1036 44.70 23.83 37.40
C GLU A 1036 45.54 23.46 36.18
N PHE A 1037 45.38 24.21 35.09
CA PHE A 1037 46.14 23.88 33.89
C PHE A 1037 47.55 24.44 33.89
N ARG A 1038 47.77 25.57 34.58
CA ARG A 1038 49.10 26.16 34.77
C ARG A 1038 49.78 26.55 33.45
N LEU A 1039 49.06 27.27 32.60
CA LEU A 1039 49.64 27.66 31.34
C LEU A 1039 50.56 28.87 31.52
N ASN A 1040 51.58 28.94 30.69
CA ASN A 1040 52.46 30.09 30.60
C ASN A 1040 52.06 30.96 29.41
N ARG A 1041 52.91 31.93 29.08
CA ARG A 1041 52.61 32.84 27.98
C ARG A 1041 52.66 32.14 26.62
N ASP A 1042 53.69 31.34 26.40
CA ASP A 1042 53.83 30.61 25.13
C ASP A 1042 52.70 29.63 24.88
N ALA A 1043 52.37 28.83 25.89
CA ALA A 1043 51.32 27.82 25.74
C ALA A 1043 49.92 28.40 25.58
N PHE A 1044 49.59 29.46 26.32
CA PHE A 1044 48.23 30.00 26.27
C PHE A 1044 47.92 30.61 24.91
N GLU A 1045 48.87 31.33 24.30
CA GLU A 1045 48.65 31.90 22.97
C GLU A 1045 48.49 30.79 21.94
N TRP A 1046 49.19 29.68 22.15
CA TRP A 1046 49.07 28.52 21.29
C TRP A 1046 47.69 27.88 21.41
N VAL A 1047 47.18 27.72 22.64
CA VAL A 1047 45.85 27.18 22.89
C VAL A 1047 44.76 27.99 22.16
N LEU A 1048 44.83 29.32 22.22
CA LEU A 1048 43.86 30.16 21.51
C LEU A 1048 43.92 29.94 20.01
N GLY A 1049 45.12 29.89 19.45
CA GLY A 1049 45.27 29.67 18.02
C GLY A 1049 44.74 28.33 17.57
N THR A 1050 44.94 27.29 18.38
CA THR A 1050 44.48 25.95 18.01
C THR A 1050 42.96 25.85 18.01
N ILE A 1051 42.31 26.38 19.06
CA ILE A 1051 40.84 26.41 19.14
C ILE A 1051 40.27 27.12 17.92
N GLU A 1052 40.84 28.26 17.59
CA GLU A 1052 40.40 29.06 16.45
C GLU A 1052 40.55 28.28 15.14
N ALA A 1053 41.67 27.59 14.98
CA ALA A 1053 41.90 26.85 13.74
C ALA A 1053 40.99 25.62 13.65
N GLN A 1054 40.85 24.88 14.75
CA GLN A 1054 40.06 23.65 14.71
C GLN A 1054 38.56 23.91 14.62
N PHE A 1055 38.07 25.03 15.13
CA PHE A 1055 36.64 25.31 14.98
C PHE A 1055 36.28 25.54 13.53
N GLN A 1056 37.10 26.28 12.80
CA GLN A 1056 36.88 26.48 11.37
C GLN A 1056 36.83 25.15 10.63
N ARG A 1057 37.77 24.26 10.94
CA ARG A 1057 37.86 22.94 10.32
C ARG A 1057 36.66 22.05 10.61
N SER A 1058 35.83 22.39 11.60
CA SER A 1058 34.71 21.58 12.03
C SER A 1058 33.40 22.02 11.40
N LEU A 1059 33.41 23.10 10.63
CA LEU A 1059 32.23 23.55 9.92
C LEU A 1059 31.90 22.56 8.81
N VAL A 1060 30.61 22.34 8.58
CA VAL A 1060 30.18 21.49 7.48
C VAL A 1060 30.58 22.15 6.16
N HIS A 1061 30.86 21.33 5.19
CA HIS A 1061 31.33 21.87 3.94
C HIS A 1061 30.17 22.06 2.98
N PRO A 1062 30.04 23.24 2.38
CA PRO A 1062 29.03 23.45 1.33
C PRO A 1062 29.12 22.44 0.21
N GLY A 1063 27.95 22.00 -0.24
CA GLY A 1063 27.84 20.91 -1.19
C GLY A 1063 27.49 19.57 -0.59
N GLU A 1064 27.56 19.46 0.73
CA GLU A 1064 27.34 18.18 1.40
C GLU A 1064 25.88 17.78 1.27
N MET A 1065 25.63 16.57 0.78
CA MET A 1065 24.27 16.09 0.58
C MET A 1065 23.73 15.55 1.89
N VAL A 1066 23.37 16.47 2.79
CA VAL A 1066 22.96 16.12 4.13
C VAL A 1066 21.62 15.42 4.17
N GLY A 1067 20.83 15.56 3.11
CA GLY A 1067 19.56 14.88 2.96
C GLY A 1067 19.68 13.38 2.96
N VAL A 1068 20.49 12.86 2.04
CA VAL A 1068 20.69 11.42 1.91
C VAL A 1068 21.33 10.85 3.17
N ILE A 1069 22.27 11.58 3.76
CA ILE A 1069 22.93 11.16 4.99
C ILE A 1069 21.93 10.98 6.11
N ALA A 1070 21.00 11.93 6.23
CA ALA A 1070 19.89 11.83 7.19
C ALA A 1070 19.05 10.59 6.95
N ALA A 1071 18.73 10.30 5.69
CA ALA A 1071 17.87 9.17 5.35
C ALA A 1071 18.52 7.85 5.76
N GLN A 1072 19.79 7.69 5.47
CA GLN A 1072 20.50 6.47 5.83
C GLN A 1072 20.72 6.36 7.34
N SER A 1073 21.02 7.47 8.01
CA SER A 1073 21.26 7.47 9.45
C SER A 1073 20.03 7.05 10.25
N ILE A 1074 18.83 7.35 9.77
CA ILE A 1074 17.62 6.92 10.46
C ILE A 1074 17.22 5.51 10.06
N GLY A 1075 17.39 5.15 8.81
CA GLY A 1075 16.90 3.87 8.32
C GLY A 1075 17.71 2.68 8.77
N GLU A 1076 19.03 2.82 8.76
CA GLU A 1076 19.94 1.74 9.15
C GLU A 1076 19.68 1.17 10.54
N PRO A 1077 19.49 1.96 11.63
CA PRO A 1077 19.18 1.32 12.93
C PRO A 1077 17.87 0.56 12.93
N ALA A 1078 16.86 1.08 12.22
CA ALA A 1078 15.57 0.42 12.09
C ALA A 1078 15.71 -0.97 11.50
N THR A 1079 16.69 -1.20 10.61
CA THR A 1079 16.90 -2.50 9.98
C THR A 1079 17.46 -3.55 10.95
N GLN A 1080 17.66 -3.23 12.22
CA GLN A 1080 18.26 -4.14 13.19
C GLN A 1080 17.54 -3.97 14.52
N MET A 1081 16.24 -3.73 14.47
CA MET A 1081 15.50 -3.40 15.68
C MET A 1081 14.07 -3.97 15.63
N ASN A 1095 2.34 0.13 28.25
CA ASN A 1095 2.25 -0.72 27.06
C ASN A 1095 2.03 0.16 25.83
N VAL A 1096 3.11 0.75 25.33
CA VAL A 1096 3.04 1.59 24.14
C VAL A 1096 3.68 0.84 22.98
N THR A 1097 3.22 1.16 21.78
CA THR A 1097 3.77 0.59 20.55
C THR A 1097 5.18 1.12 20.34
N LEU A 1098 6.11 0.24 19.98
CA LEU A 1098 7.49 0.65 19.72
C LEU A 1098 7.95 -0.03 18.44
N GLY A 1099 9.24 0.08 18.17
CA GLY A 1099 9.94 -0.49 17.02
C GLY A 1099 9.32 -0.08 15.70
N VAL A 1100 9.50 -0.95 14.71
CA VAL A 1100 9.03 -0.65 13.34
C VAL A 1100 7.56 -0.29 13.21
N PRO A 1101 6.58 -0.97 13.87
CA PRO A 1101 5.17 -0.54 13.71
C PRO A 1101 4.91 0.88 14.18
N ARG A 1102 5.59 1.34 15.22
CA ARG A 1102 5.39 2.71 15.67
C ARG A 1102 6.02 3.71 14.70
N LEU A 1103 7.26 3.44 14.27
CA LEU A 1103 7.95 4.21 13.23
C LEU A 1103 7.10 4.38 11.98
N LYS A 1104 6.39 3.33 11.57
CA LYS A 1104 5.55 3.36 10.39
C LYS A 1104 4.40 4.34 10.54
N GLU A 1105 3.76 4.38 11.72
CA GLU A 1105 2.70 5.35 12.03
C GLU A 1105 3.15 6.79 11.85
N ILE A 1106 4.39 7.10 12.21
CA ILE A 1106 4.89 8.48 12.13
C ILE A 1106 5.03 8.90 10.67
N LEU A 1107 5.80 8.16 9.88
CA LEU A 1107 6.10 8.56 8.51
C LEU A 1107 4.84 8.66 7.64
N ASN A 1108 3.90 7.76 7.88
CA ASN A 1108 2.59 7.57 7.26
C ASN A 1108 1.53 8.51 7.79
N VAL A 1109 1.91 9.42 8.72
CA VAL A 1109 1.13 10.31 9.59
C VAL A 1109 -0.34 9.95 9.60
N ALA A 1110 -0.56 8.79 10.18
CA ALA A 1110 -1.86 8.16 10.36
C ALA A 1110 -2.72 8.98 11.30
N LYS A 1111 -4.00 9.07 10.96
CA LYS A 1111 -4.92 9.90 11.72
C LYS A 1111 -5.36 9.18 12.98
N ASN A 1112 -5.38 7.85 12.94
CA ASN A 1112 -5.81 6.99 14.04
C ASN A 1112 -4.68 6.03 14.39
N ILE A 1113 -3.86 6.40 15.37
CA ILE A 1113 -2.71 5.60 15.77
C ILE A 1113 -3.21 4.49 16.66
N LYS A 1114 -2.37 3.49 16.91
CA LYS A 1114 -2.83 2.30 17.59
C LYS A 1114 -2.94 2.51 19.09
N THR A 1115 -2.05 3.29 19.69
CA THR A 1115 -2.05 3.52 21.14
C THR A 1115 -2.05 5.02 21.45
N PRO A 1116 -3.17 5.70 21.26
CA PRO A 1116 -3.23 7.12 21.64
C PRO A 1116 -3.15 7.30 23.14
N ALA A 1117 -2.37 8.29 23.58
CA ALA A 1117 -2.11 8.46 25.00
C ALA A 1117 -1.74 9.90 25.30
N LEU A 1118 -2.22 10.40 26.45
CA LEU A 1118 -1.91 11.75 26.91
C LEU A 1118 -1.01 11.64 28.12
N THR A 1119 -0.07 12.56 28.26
CA THR A 1119 0.71 12.69 29.47
C THR A 1119 0.28 13.95 30.18
N VAL A 1120 -0.38 13.81 31.32
CA VAL A 1120 -1.04 14.93 31.97
C VAL A 1120 -0.30 15.32 33.25
N TYR A 1121 0.61 16.27 33.16
CA TYR A 1121 1.25 16.80 34.35
C TYR A 1121 0.29 17.68 35.14
N LEU A 1122 0.46 17.68 36.46
CA LEU A 1122 -0.42 18.37 37.39
C LEU A 1122 0.35 19.53 38.02
N ASP A 1123 -0.40 20.54 38.46
CA ASP A 1123 0.17 21.64 39.24
C ASP A 1123 0.89 21.14 40.48
N ARG A 1124 1.96 21.87 40.85
CA ARG A 1124 2.93 21.42 41.84
C ARG A 1124 2.29 21.12 43.19
N GLU A 1125 1.42 22.01 43.67
CA GLU A 1125 0.75 21.85 44.96
C GLU A 1125 -0.09 20.59 45.02
N ILE A 1126 -0.68 20.20 43.89
CA ILE A 1126 -1.48 18.99 43.78
C ILE A 1126 -0.61 17.76 43.56
N ALA A 1127 0.51 17.91 42.85
CA ALA A 1127 1.34 16.78 42.46
C ALA A 1127 2.07 16.12 43.61
N LEU A 1128 2.21 16.78 44.75
CA LEU A 1128 2.85 16.17 45.91
C LEU A 1128 1.84 15.80 46.99
N ASP A 1129 0.56 15.67 46.63
CA ASP A 1129 -0.49 15.27 47.56
C ASP A 1129 -1.41 14.29 46.84
N ILE A 1130 -1.20 13.00 47.12
CA ILE A 1130 -1.88 11.91 46.42
C ILE A 1130 -3.40 11.98 46.55
N GLU A 1131 -3.92 12.51 47.66
CA GLU A 1131 -5.36 12.61 47.85
C GLU A 1131 -6.00 13.58 46.89
N LYS A 1132 -5.35 14.72 46.67
CA LYS A 1132 -5.88 15.71 45.73
C LYS A 1132 -5.78 15.21 44.30
N ALA A 1133 -4.73 14.44 43.99
CA ALA A 1133 -4.56 13.88 42.65
C ALA A 1133 -5.64 12.88 42.31
N LYS A 1134 -6.08 12.08 43.28
CA LYS A 1134 -7.18 11.16 43.05
C LYS A 1134 -8.47 11.89 42.71
N VAL A 1135 -8.68 13.08 43.27
CA VAL A 1135 -9.85 13.90 42.96
C VAL A 1135 -9.84 14.29 41.49
N ILE A 1136 -8.67 14.73 41.00
CA ILE A 1136 -8.46 15.06 39.60
C ILE A 1136 -8.73 13.84 38.71
N GLN A 1137 -8.27 12.67 39.15
CA GLN A 1137 -8.47 11.42 38.42
C GLN A 1137 -9.93 11.16 38.11
N SER A 1138 -10.78 11.20 39.14
CA SER A 1138 -12.19 10.86 38.94
C SER A 1138 -12.93 11.88 38.09
N SER A 1139 -12.47 13.13 38.02
CA SER A 1139 -13.16 14.12 37.21
C SER A 1139 -12.82 14.00 35.74
N ILE A 1140 -11.66 13.45 35.41
CA ILE A 1140 -11.23 13.35 34.02
C ILE A 1140 -11.80 12.10 33.35
N GLU A 1141 -11.92 11.03 34.13
CA GLU A 1141 -12.28 9.73 33.60
C GLU A 1141 -13.72 9.69 33.13
N TYR A 1142 -13.92 9.18 31.93
CA TYR A 1142 -15.24 9.12 31.33
C TYR A 1142 -16.02 7.98 31.96
N THR A 1143 -17.21 8.28 32.45
CA THR A 1143 -18.10 7.25 32.99
C THR A 1143 -19.46 7.43 32.36
N THR A 1144 -19.92 6.42 31.65
CA THR A 1144 -21.26 6.48 31.12
C THR A 1144 -22.22 5.79 32.07
N LEU A 1145 -23.51 5.90 31.74
CA LEU A 1145 -24.53 5.20 32.51
C LEU A 1145 -24.39 3.70 32.29
N LYS A 1146 -24.06 3.32 31.06
CA LYS A 1146 -23.81 1.93 30.71
C LYS A 1146 -22.68 1.30 31.54
N ASN A 1147 -21.70 2.11 31.97
CA ASN A 1147 -20.57 1.58 32.73
C ASN A 1147 -20.98 1.13 34.11
N VAL A 1148 -22.00 1.75 34.70
CA VAL A 1148 -22.39 1.46 36.07
C VAL A 1148 -23.66 0.63 36.15
N THR A 1149 -24.31 0.35 35.04
CA THR A 1149 -25.58 -0.37 35.04
C THR A 1149 -25.30 -1.86 34.97
N SER A 1150 -25.91 -2.61 35.89
CA SER A 1150 -25.84 -4.07 35.90
C SER A 1150 -26.98 -4.75 35.14
N ALA A 1151 -28.20 -4.22 35.23
CA ALA A 1151 -29.34 -4.84 34.56
C ALA A 1151 -30.44 -3.81 34.33
N THR A 1152 -31.20 -4.03 33.25
CA THR A 1152 -32.38 -3.26 32.90
C THR A 1152 -33.56 -4.21 32.80
N GLU A 1153 -34.75 -3.70 33.13
CA GLU A 1153 -35.96 -4.51 33.11
C GLU A 1153 -37.13 -3.70 32.55
N ILE A 1154 -38.11 -4.39 31.98
CA ILE A 1154 -39.32 -3.76 31.45
C ILE A 1154 -40.53 -4.46 32.05
N TYR A 1155 -41.26 -3.76 32.93
CA TYR A 1155 -42.46 -4.32 33.53
C TYR A 1155 -43.73 -3.72 32.95
N TYR A 1156 -44.83 -4.44 33.15
CA TYR A 1156 -46.19 -3.94 32.99
C TYR A 1156 -46.73 -3.59 34.37
N ASP A 1157 -46.62 -2.31 34.76
CA ASP A 1157 -47.10 -1.85 36.06
C ASP A 1157 -48.27 -0.90 35.91
N PRO A 1158 -49.51 -1.41 35.81
CA PRO A 1158 -50.63 -0.59 35.33
C PRO A 1158 -51.10 0.49 36.31
N ASP A 1159 -50.94 0.25 37.61
CA ASP A 1159 -51.38 1.19 38.63
C ASP A 1159 -50.22 2.13 38.94
N PRO A 1160 -50.30 3.42 38.59
CA PRO A 1160 -49.16 4.32 38.82
C PRO A 1160 -48.78 4.51 40.28
N THR A 1161 -49.69 4.33 41.22
CA THR A 1161 -49.39 4.54 42.62
C THR A 1161 -48.92 3.28 43.33
N SER A 1162 -49.02 2.11 42.71
CA SER A 1162 -48.52 0.86 43.27
C SER A 1162 -47.63 0.08 42.32
N THR A 1163 -47.29 -1.15 42.70
CA THR A 1163 -46.39 -2.00 41.94
C THR A 1163 -46.67 -3.45 42.30
N VAL A 1164 -46.70 -4.31 41.28
CA VAL A 1164 -46.79 -5.74 41.48
C VAL A 1164 -45.51 -6.29 42.11
N ILE A 1165 -44.39 -5.60 41.96
CA ILE A 1165 -43.12 -6.08 42.49
C ILE A 1165 -43.08 -5.97 44.01
N GLU A 1166 -43.05 -7.13 44.67
CA GLU A 1166 -42.95 -7.20 46.13
C GLU A 1166 -41.61 -6.66 46.62
N GLU A 1167 -40.57 -6.73 45.78
CA GLU A 1167 -39.24 -6.26 46.18
C GLU A 1167 -39.23 -4.76 46.33
N ASP A 1168 -39.85 -4.03 45.41
CA ASP A 1168 -39.89 -2.58 45.51
C ASP A 1168 -41.13 -2.08 46.23
N PHE A 1169 -41.80 -2.93 47.03
CA PHE A 1169 -43.01 -2.53 47.73
C PHE A 1169 -42.75 -1.48 48.77
N ASP A 1170 -41.93 -1.79 49.78
CA ASP A 1170 -41.63 -0.83 50.83
C ASP A 1170 -40.89 0.39 50.30
N THR A 1171 -40.15 0.23 49.19
CA THR A 1171 -39.42 1.35 48.61
C THR A 1171 -40.36 2.39 48.03
N VAL A 1172 -41.24 1.98 47.11
CA VAL A 1172 -42.08 2.96 46.43
C VAL A 1172 -43.26 3.43 47.29
N GLU A 1173 -43.82 2.58 48.16
CA GLU A 1173 -44.94 2.96 49.01
C GLU A 1173 -44.57 4.10 49.95
N ALA A 1174 -43.45 3.96 50.66
CA ALA A 1174 -43.09 5.04 51.57
C ALA A 1174 -42.61 6.27 50.80
N TYR A 1175 -41.98 6.09 49.64
CA TYR A 1175 -41.41 7.21 48.90
C TYR A 1175 -42.50 8.19 48.44
N PHE A 1176 -43.62 7.65 47.90
CA PHE A 1176 -44.68 8.51 47.37
C PHE A 1176 -45.45 9.23 48.46
N SER A 1177 -45.29 8.84 49.72
CA SER A 1177 -45.97 9.50 50.82
C SER A 1177 -45.02 10.45 51.53
N GLN A 1190 -50.05 8.54 32.62
CA GLN A 1190 -48.75 8.03 32.17
C GLN A 1190 -48.82 6.57 31.80
N SER A 1191 -47.77 6.10 31.11
CA SER A 1191 -47.80 4.81 30.45
C SER A 1191 -47.78 3.68 31.49
N PRO A 1192 -48.45 2.56 31.20
CA PRO A 1192 -48.38 1.42 32.12
C PRO A 1192 -47.06 0.68 32.06
N TRP A 1193 -46.26 0.88 31.01
CA TRP A 1193 -44.98 0.21 30.89
C TRP A 1193 -43.94 0.88 31.79
N LEU A 1194 -43.19 0.07 32.52
CA LEU A 1194 -42.17 0.53 33.47
C LEU A 1194 -40.79 0.17 32.96
N LEU A 1195 -39.87 1.12 33.00
CA LEU A 1195 -38.45 0.84 32.78
C LEU A 1195 -37.73 0.83 34.13
N ARG A 1196 -37.20 -0.32 34.52
CA ARG A 1196 -36.56 -0.52 35.81
C ARG A 1196 -35.11 -0.93 35.55
N LEU A 1197 -34.16 -0.09 35.96
CA LEU A 1197 -32.74 -0.39 35.77
C LEU A 1197 -32.03 -0.45 37.12
N GLU A 1198 -31.12 -1.42 37.24
CA GLU A 1198 -30.37 -1.69 38.47
C GLU A 1198 -28.92 -1.27 38.36
N LEU A 1199 -28.45 -0.52 39.36
CA LEU A 1199 -27.05 -0.09 39.42
C LEU A 1199 -26.24 -1.06 40.28
N ASP A 1200 -25.01 -1.33 39.85
CA ASP A 1200 -24.11 -2.20 40.59
C ASP A 1200 -23.47 -1.42 41.75
N ARG A 1201 -23.60 -1.97 42.97
CA ARG A 1201 -23.14 -1.23 44.16
C ARG A 1201 -21.63 -1.05 44.17
N ALA A 1202 -20.88 -2.08 43.76
CA ALA A 1202 -19.43 -2.03 43.78
C ALA A 1202 -18.88 -0.96 42.85
N ARG A 1203 -19.31 -0.94 41.59
CA ARG A 1203 -18.78 0.08 40.68
C ARG A 1203 -19.26 1.47 41.04
N MET A 1204 -20.48 1.63 41.54
CA MET A 1204 -20.94 2.92 42.06
C MET A 1204 -20.17 3.39 43.27
N LEU A 1205 -19.75 2.47 44.13
CA LEU A 1205 -18.99 2.87 45.32
C LEU A 1205 -17.57 3.28 44.98
N ASP A 1206 -16.89 2.51 44.12
CA ASP A 1206 -15.52 2.80 43.70
C ASP A 1206 -15.42 4.15 42.99
N LYS A 1207 -16.31 4.38 42.02
CA LYS A 1207 -16.31 5.61 41.25
C LYS A 1207 -16.80 6.82 42.02
N GLN A 1208 -17.30 6.63 43.25
CA GLN A 1208 -17.78 7.68 44.15
C GLN A 1208 -18.95 8.47 43.55
N LEU A 1209 -20.01 7.75 43.20
CA LEU A 1209 -21.17 8.36 42.59
C LEU A 1209 -22.36 8.11 43.50
N THR A 1210 -23.19 9.14 43.68
CA THR A 1210 -24.41 9.05 44.46
C THR A 1210 -25.62 8.92 43.54
N MET A 1211 -26.69 8.31 44.08
CA MET A 1211 -27.95 8.15 43.33
C MET A 1211 -28.49 9.49 42.85
N ASN A 1212 -28.31 10.54 43.67
CA ASN A 1212 -28.79 11.88 43.35
C ASN A 1212 -28.12 12.41 42.09
N GLN A 1213 -26.79 12.41 42.07
CA GLN A 1213 -26.06 13.04 40.97
C GLN A 1213 -26.22 12.27 39.68
N VAL A 1214 -26.42 10.95 39.78
CA VAL A 1214 -26.73 10.15 38.60
C VAL A 1214 -28.08 10.56 38.02
N ALA A 1215 -29.06 10.77 38.90
CA ALA A 1215 -30.38 11.20 38.50
C ALA A 1215 -30.38 12.63 37.97
N ASP A 1216 -29.54 13.51 38.53
CA ASP A 1216 -29.43 14.89 38.05
C ASP A 1216 -29.09 14.95 36.56
N LYS A 1217 -28.05 14.23 36.14
CA LYS A 1217 -27.64 14.22 34.73
C LYS A 1217 -28.74 13.70 33.83
N ILE A 1218 -29.52 12.74 34.33
CA ILE A 1218 -30.67 12.20 33.62
C ILE A 1218 -31.74 13.26 33.43
N SER A 1219 -32.01 14.05 34.49
CA SER A 1219 -33.00 15.13 34.43
C SER A 1219 -32.76 16.12 33.29
N GLU A 1220 -31.53 16.63 33.13
CA GLU A 1220 -31.26 17.67 32.12
C GLU A 1220 -31.56 17.18 30.70
N VAL A 1221 -31.20 15.93 30.40
CA VAL A 1221 -31.42 15.38 29.06
C VAL A 1221 -32.80 14.78 28.83
N PHE A 1222 -33.53 14.40 29.89
CA PHE A 1222 -34.82 13.77 29.74
C PHE A 1222 -36.00 14.56 30.29
N SER A 1223 -35.76 15.79 30.78
CA SER A 1223 -36.71 16.81 31.22
C SER A 1223 -38.04 16.36 31.80
N ASP A 1224 -39.10 16.33 30.99
CA ASP A 1224 -40.41 15.94 31.49
C ASP A 1224 -40.97 14.68 30.84
N ASP A 1225 -40.17 13.95 30.07
CA ASP A 1225 -40.64 12.69 29.49
C ASP A 1225 -40.36 11.48 30.36
N LEU A 1226 -39.88 11.67 31.59
CA LEU A 1226 -39.52 10.51 32.39
C LEU A 1226 -39.51 10.88 33.87
N PHE A 1227 -40.23 10.07 34.64
CA PHE A 1227 -40.30 10.16 36.09
C PHE A 1227 -39.22 9.28 36.70
N VAL A 1228 -38.30 9.87 37.47
CA VAL A 1228 -37.15 9.13 37.99
C VAL A 1228 -37.36 8.90 39.48
N MET A 1229 -37.15 7.66 39.91
CA MET A 1229 -37.32 7.22 41.29
C MET A 1229 -36.20 6.28 41.66
N TRP A 1230 -35.47 6.58 42.73
CA TRP A 1230 -34.29 5.81 43.08
C TRP A 1230 -34.46 5.22 44.47
N SER A 1231 -33.87 4.05 44.67
CA SER A 1231 -33.91 3.46 46.00
C SER A 1231 -32.75 4.00 46.83
N GLU A 1232 -32.77 3.68 48.11
CA GLU A 1232 -31.72 4.20 48.96
C GLU A 1232 -30.49 3.30 48.92
N ASP A 1233 -29.33 3.90 49.25
CA ASP A 1233 -28.08 3.15 49.26
C ASP A 1233 -28.04 2.07 50.33
N ASN A 1234 -28.91 2.15 51.35
CA ASN A 1234 -28.94 1.12 52.37
C ASN A 1234 -29.69 -0.12 51.91
N ALA A 1235 -30.45 -0.02 50.81
CA ALA A 1235 -31.29 -1.10 50.32
C ALA A 1235 -30.41 -2.27 49.87
N ASP A 1236 -31.03 -3.45 49.79
CA ASP A 1236 -30.29 -4.63 49.36
C ASP A 1236 -29.85 -4.51 47.91
N LYS A 1237 -30.75 -4.05 47.04
CA LYS A 1237 -30.42 -3.73 45.65
C LYS A 1237 -30.62 -2.25 45.35
N LEU A 1238 -29.71 -1.68 44.58
CA LEU A 1238 -29.79 -0.28 44.15
C LEU A 1238 -30.61 -0.22 42.86
N ILE A 1239 -31.78 0.41 42.91
CA ILE A 1239 -32.76 0.35 41.84
C ILE A 1239 -33.17 1.76 41.46
N ILE A 1240 -33.38 1.98 40.15
CA ILE A 1240 -33.91 3.22 39.61
C ILE A 1240 -35.08 2.89 38.68
N ARG A 1241 -36.24 3.45 38.97
CA ARG A 1241 -37.47 3.26 38.19
C ARG A 1241 -37.75 4.44 37.28
N CYS A 1242 -38.25 4.15 36.09
CA CYS A 1242 -38.52 5.16 35.08
C CYS A 1242 -39.81 4.81 34.36
N ARG A 1243 -40.61 5.82 34.05
CA ARG A 1243 -41.83 5.65 33.28
C ARG A 1243 -41.97 6.79 32.28
N VAL A 1244 -42.58 6.50 31.15
CA VAL A 1244 -42.90 7.56 30.21
C VAL A 1244 -44.11 8.28 30.79
N ILE A 1245 -44.23 9.58 30.54
CA ILE A 1245 -45.43 10.29 30.96
C ILE A 1245 -46.22 10.78 29.75
N GLU A 1258 -48.43 2.45 19.49
CA GLU A 1258 -47.58 1.29 19.76
C GLU A 1258 -46.27 1.71 20.42
N GLU A 1259 -45.99 1.16 21.62
CA GLU A 1259 -44.82 1.63 22.36
C GLU A 1259 -44.04 0.50 23.00
N ASP A 1260 -44.30 -0.75 22.59
CA ASP A 1260 -43.52 -1.87 23.14
C ASP A 1260 -42.08 -1.79 22.69
N GLN A 1261 -41.89 -1.42 21.40
CA GLN A 1261 -40.58 -1.31 20.82
C GLN A 1261 -39.93 0.01 21.14
N MET A 1262 -40.74 1.06 21.35
CA MET A 1262 -40.23 2.39 21.65
C MET A 1262 -39.43 2.37 22.94
N LEU A 1263 -39.79 1.48 23.86
CA LEU A 1263 -39.04 1.38 25.10
C LEU A 1263 -37.73 0.66 24.90
N LYS A 1264 -37.69 -0.30 23.96
CA LYS A 1264 -36.42 -0.91 23.62
C LYS A 1264 -35.50 0.07 22.91
N ARG A 1265 -36.06 0.89 22.01
CA ARG A 1265 -35.29 1.93 21.32
C ARG A 1265 -34.81 3.00 22.30
N ILE A 1266 -35.66 3.39 23.26
CA ILE A 1266 -35.25 4.36 24.27
C ILE A 1266 -34.16 3.78 25.15
N GLU A 1267 -34.29 2.49 25.53
CA GLU A 1267 -33.29 1.84 26.38
C GLU A 1267 -31.95 1.80 25.66
N ALA A 1268 -31.98 1.54 24.35
CA ALA A 1268 -30.77 1.60 23.54
C ALA A 1268 -30.22 3.01 23.54
N HIS A 1269 -31.12 4.00 23.40
CA HIS A 1269 -30.75 5.41 23.38
C HIS A 1269 -30.16 5.84 24.71
N MET A 1270 -30.63 5.25 25.82
CA MET A 1270 -30.14 5.61 27.15
C MET A 1270 -28.71 5.15 27.36
N LEU A 1271 -28.46 3.86 27.16
CA LEU A 1271 -27.13 3.27 27.36
C LEU A 1271 -26.07 3.85 26.45
N ASP A 1272 -26.45 4.41 25.31
CA ASP A 1272 -25.52 4.85 24.29
C ASP A 1272 -25.20 6.35 24.38
N LEU A 1273 -25.83 7.08 25.29
CA LEU A 1273 -25.64 8.53 25.22
C LEU A 1273 -25.57 9.24 26.56
N ILE A 1274 -26.02 8.64 27.65
CA ILE A 1274 -26.05 9.36 28.91
C ILE A 1274 -24.63 9.38 29.48
N ALA A 1275 -24.10 10.59 29.68
CA ALA A 1275 -22.77 10.79 30.22
C ALA A 1275 -22.91 11.31 31.65
N LEU A 1276 -22.39 10.56 32.62
CA LEU A 1276 -22.58 11.00 33.99
C LEU A 1276 -21.59 12.08 34.41
N ARG A 1277 -20.33 11.93 34.01
CA ARG A 1277 -19.29 12.93 34.25
C ARG A 1277 -18.08 12.60 33.39
N GLY A 1278 -17.07 13.45 33.46
CA GLY A 1278 -15.79 13.20 32.83
C GLY A 1278 -15.65 13.78 31.44
N ILE A 1279 -14.45 13.61 30.91
CA ILE A 1279 -14.05 14.13 29.60
C ILE A 1279 -14.19 13.03 28.55
N PRO A 1280 -14.99 13.24 27.50
CA PRO A 1280 -15.15 12.23 26.45
C PRO A 1280 -13.83 11.80 25.81
N GLY A 1281 -13.73 10.51 25.50
CA GLY A 1281 -12.53 9.94 24.92
C GLY A 1281 -11.48 9.46 25.90
N ILE A 1282 -11.63 9.72 27.20
CA ILE A 1282 -10.66 9.31 28.20
C ILE A 1282 -11.23 8.09 28.91
N SER A 1283 -10.89 6.91 28.42
CA SER A 1283 -11.49 5.69 28.95
C SER A 1283 -10.86 5.25 30.25
N LYS A 1284 -9.57 5.51 30.45
CA LYS A 1284 -8.87 5.12 31.66
C LYS A 1284 -7.86 6.20 32.03
N VAL A 1285 -7.64 6.36 33.32
CA VAL A 1285 -6.66 7.30 33.85
C VAL A 1285 -5.75 6.55 34.81
N TYR A 1286 -4.46 6.62 34.57
CA TYR A 1286 -3.49 5.92 35.39
C TYR A 1286 -2.75 6.91 36.25
N MET A 1287 -2.40 6.48 37.45
CA MET A 1287 -1.67 7.33 38.38
C MET A 1287 -0.19 6.93 38.27
N VAL A 1288 0.61 7.81 37.69
CA VAL A 1288 2.00 7.52 37.35
C VAL A 1288 2.91 8.42 38.16
N LYS A 1289 3.97 7.84 38.73
CA LYS A 1289 4.96 8.62 39.45
C LYS A 1289 6.12 9.01 38.54
N HIS A 1290 6.45 10.30 38.51
CA HIS A 1290 7.56 10.83 37.72
C HIS A 1290 8.72 11.20 38.64
N LYS A 1291 9.92 10.79 38.27
CA LYS A 1291 11.15 11.24 38.91
C LYS A 1291 11.72 12.39 38.07
N VAL A 1292 11.56 13.63 38.55
CA VAL A 1292 12.00 14.82 37.84
C VAL A 1292 13.13 15.50 38.59
N SER A 1293 14.20 15.86 37.87
CA SER A 1293 15.37 16.48 38.47
C SER A 1293 15.15 17.99 38.52
N VAL A 1294 15.23 18.56 39.72
CA VAL A 1294 14.92 19.97 39.97
C VAL A 1294 15.98 20.50 40.94
N PRO A 1295 16.49 21.72 40.76
CA PRO A 1295 17.56 22.19 41.64
C PRO A 1295 17.06 22.47 43.06
N ASP A 1296 17.95 22.21 44.03
CA ASP A 1296 17.67 22.44 45.43
C ASP A 1296 17.52 23.94 45.72
N GLU A 1297 17.27 24.30 46.98
CA GLU A 1297 17.53 25.67 47.39
C GLU A 1297 19.01 25.94 47.49
N SER A 1298 19.82 24.93 47.85
CA SER A 1298 21.26 25.05 47.80
C SER A 1298 21.83 25.14 46.39
N GLY A 1299 21.03 24.84 45.36
CA GLY A 1299 21.48 24.80 43.99
C GLY A 1299 21.95 23.45 43.47
N GLU A 1300 21.99 22.43 44.30
CA GLU A 1300 22.44 21.12 43.85
C GLU A 1300 21.29 20.37 43.23
N TYR A 1301 21.55 19.65 42.15
CA TYR A 1301 20.50 18.91 41.49
C TYR A 1301 20.10 17.72 42.34
N LYS A 1302 18.82 17.62 42.70
CA LYS A 1302 18.34 16.46 43.42
C LYS A 1302 17.09 15.91 42.77
N ASN A 1303 16.86 14.61 42.98
CA ASN A 1303 15.66 14.01 42.44
C ASN A 1303 14.46 14.43 43.27
N GLU A 1304 13.29 14.31 42.68
CA GLU A 1304 12.06 14.73 43.36
C GLU A 1304 10.93 13.95 42.73
N GLU A 1305 10.19 13.20 43.54
CA GLU A 1305 9.10 12.38 43.04
C GLU A 1305 7.82 13.20 42.99
N LEU A 1306 7.15 13.16 41.84
CA LEU A 1306 5.90 13.87 41.63
C LEU A 1306 4.92 12.95 40.93
N TRP A 1307 3.64 13.13 41.26
CA TRP A 1307 2.55 12.37 40.67
C TRP A 1307 2.05 13.04 39.39
N ALA A 1308 1.82 12.23 38.37
CA ALA A 1308 1.20 12.69 37.14
C ALA A 1308 0.18 11.66 36.70
N LEU A 1309 -0.55 11.97 35.63
CA LEU A 1309 -1.53 11.07 35.09
C LEU A 1309 -1.24 10.75 33.64
N GLU A 1310 -1.64 9.55 33.20
CA GLU A 1310 -1.60 9.17 31.79
C GLU A 1310 -2.90 8.49 31.42
N THR A 1311 -3.36 8.72 30.20
CA THR A 1311 -4.68 8.29 29.76
C THR A 1311 -4.56 7.36 28.57
N ASP A 1312 -5.55 6.48 28.41
CA ASP A 1312 -5.87 5.89 27.11
C ASP A 1312 -6.91 6.72 26.36
N GLY A 1313 -6.65 6.98 25.09
CA GLY A 1313 -7.44 7.89 24.29
C GLY A 1313 -7.02 9.33 24.47
N ILE A 1314 -7.41 10.17 23.49
CA ILE A 1314 -6.99 11.56 23.52
C ILE A 1314 -8.17 12.50 23.37
N ASN A 1315 -8.05 13.66 24.04
CA ASN A 1315 -8.86 14.85 23.82
C ASN A 1315 -8.08 16.01 24.42
N LEU A 1316 -7.00 16.44 23.75
CA LEU A 1316 -6.03 17.35 24.34
C LEU A 1316 -6.64 18.68 24.76
N ALA A 1317 -7.52 19.24 23.93
CA ALA A 1317 -8.10 20.56 24.19
C ALA A 1317 -8.95 20.56 25.47
N GLU A 1318 -9.83 19.57 25.60
CA GLU A 1318 -10.73 19.53 26.75
C GLU A 1318 -10.00 19.21 28.04
N VAL A 1319 -8.98 18.36 28.00
CA VAL A 1319 -8.26 17.99 29.23
C VAL A 1319 -7.42 19.15 29.74
N MET A 1320 -6.86 19.95 28.83
CA MET A 1320 -6.07 21.13 29.20
C MET A 1320 -6.86 22.12 30.05
N ALA A 1321 -8.16 22.25 29.78
CA ALA A 1321 -8.95 23.26 30.47
C ALA A 1321 -9.36 22.86 31.88
N VAL A 1322 -9.23 21.59 32.23
CA VAL A 1322 -9.69 21.06 33.51
C VAL A 1322 -8.90 21.64 34.67
N PRO A 1323 -9.57 22.24 35.67
CA PRO A 1323 -8.86 22.80 36.84
C PRO A 1323 -8.08 21.72 37.58
N GLY A 1324 -6.83 22.05 37.91
CA GLY A 1324 -5.95 21.10 38.55
C GLY A 1324 -4.84 20.69 37.61
N VAL A 1325 -5.18 20.53 36.33
CA VAL A 1325 -4.21 20.17 35.32
C VAL A 1325 -3.30 21.35 35.02
N ASP A 1326 -2.00 21.10 34.97
CA ASP A 1326 -1.03 22.11 34.54
C ASP A 1326 -1.22 22.31 33.05
N SER A 1327 -2.01 23.32 32.69
CA SER A 1327 -2.34 23.59 31.30
C SER A 1327 -1.17 24.05 30.44
N SER A 1328 -0.01 24.37 31.02
CA SER A 1328 1.12 24.77 30.19
C SER A 1328 2.06 23.64 29.83
N ARG A 1329 1.79 22.39 30.22
CA ARG A 1329 2.76 21.33 29.97
C ARG A 1329 2.17 20.02 29.43
N THR A 1330 0.85 19.91 29.30
CA THR A 1330 0.20 18.66 28.88
C THR A 1330 0.64 18.21 27.49
N TYR A 1331 0.93 16.92 27.36
CA TYR A 1331 1.53 16.38 26.14
C TYR A 1331 0.72 15.18 25.64
N SER A 1332 0.68 15.01 24.32
CA SER A 1332 0.02 13.89 23.65
C SER A 1332 0.93 13.22 22.64
N ASN A 1333 0.85 11.90 22.57
CA ASN A 1333 1.63 11.22 21.53
C ASN A 1333 0.96 11.18 20.16
N SER A 1334 -0.18 11.83 19.94
CA SER A 1334 -0.71 12.03 18.59
C SER A 1334 -0.39 13.44 18.15
N PHE A 1335 0.66 13.60 17.34
CA PHE A 1335 1.03 14.90 16.80
C PHE A 1335 0.04 15.47 15.80
N VAL A 1336 -0.84 14.64 15.21
CA VAL A 1336 -1.93 15.18 14.41
C VAL A 1336 -2.84 16.06 15.24
N GLU A 1337 -3.14 15.64 16.47
CA GLU A 1337 -3.98 16.43 17.35
C GLU A 1337 -3.27 17.67 17.85
N ILE A 1338 -1.98 17.55 18.16
CA ILE A 1338 -1.12 18.67 18.55
C ILE A 1338 -1.17 19.79 17.53
N LEU A 1339 -1.15 19.45 16.23
CA LEU A 1339 -1.18 20.46 15.19
C LEU A 1339 -2.46 21.27 15.25
N SER A 1340 -3.58 20.63 15.55
CA SER A 1340 -4.85 21.35 15.60
C SER A 1340 -4.97 22.20 16.85
N VAL A 1341 -4.35 21.79 17.94
CA VAL A 1341 -4.46 22.53 19.19
C VAL A 1341 -3.33 23.54 19.37
N LEU A 1342 -2.08 23.17 19.11
CA LEU A 1342 -0.96 24.00 19.51
C LEU A 1342 -0.21 24.65 18.38
N GLY A 1343 -0.40 24.21 17.14
CA GLY A 1343 0.23 24.85 16.01
C GLY A 1343 1.48 24.13 15.57
N ILE A 1344 2.09 24.67 14.51
CA ILE A 1344 3.10 23.91 13.77
C ILE A 1344 4.42 23.83 14.52
N GLU A 1345 4.80 24.87 15.26
CA GLU A 1345 6.08 24.84 15.97
C GLU A 1345 6.06 23.85 17.13
N ALA A 1346 4.93 23.69 17.79
CA ALA A 1346 4.82 22.68 18.83
C ALA A 1346 4.86 21.28 18.23
N THR A 1347 4.31 21.11 17.02
CA THR A 1347 4.37 19.83 16.34
C THR A 1347 5.81 19.40 16.07
N ARG A 1348 6.67 20.35 15.67
CA ARG A 1348 8.09 20.08 15.47
C ARG A 1348 8.73 19.42 16.69
N SER A 1349 8.53 20.01 17.87
CA SER A 1349 9.12 19.41 19.07
C SER A 1349 8.48 18.06 19.38
N SER A 1350 7.18 17.94 19.19
CA SER A 1350 6.51 16.68 19.52
C SER A 1350 6.91 15.57 18.55
N LEU A 1351 6.99 15.89 17.26
CA LEU A 1351 7.49 14.96 16.26
C LEU A 1351 8.88 14.45 16.61
N TYR A 1352 9.78 15.37 16.96
CA TYR A 1352 11.12 14.99 17.36
C TYR A 1352 11.12 14.08 18.57
N LYS A 1353 10.34 14.43 19.60
CA LYS A 1353 10.29 13.62 20.81
C LYS A 1353 9.85 12.20 20.51
N GLU A 1354 8.85 12.03 19.65
CA GLU A 1354 8.33 10.68 19.38
C GLU A 1354 9.28 9.86 18.52
N ILE A 1355 9.98 10.48 17.56
CA ILE A 1355 10.97 9.72 16.79
C ILE A 1355 12.15 9.32 17.65
N LEU A 1356 12.73 10.28 18.39
CA LEU A 1356 13.86 10.01 19.27
C LEU A 1356 13.60 8.89 20.26
N ASN A 1357 12.40 8.88 20.86
CA ASN A 1357 12.01 7.83 21.80
C ASN A 1357 12.07 6.45 21.14
N VAL A 1358 11.66 6.35 19.87
CA VAL A 1358 11.74 5.08 19.15
C VAL A 1358 13.18 4.64 18.96
N ILE A 1359 14.04 5.52 18.47
CA ILE A 1359 15.42 5.15 18.17
C ILE A 1359 16.20 4.87 19.45
N ALA A 1360 16.09 5.75 20.44
CA ALA A 1360 16.84 5.61 21.69
C ALA A 1360 16.43 4.41 22.53
N PHE A 1361 15.29 3.78 22.23
CA PHE A 1361 14.73 2.75 23.11
C PHE A 1361 15.61 1.49 23.15
N ASP A 1362 16.04 1.00 22.01
CA ASP A 1362 16.99 -0.11 21.96
C ASP A 1362 18.45 0.31 22.11
N GLY A 1363 18.70 1.31 22.95
CA GLY A 1363 20.00 1.87 23.27
C GLY A 1363 20.77 2.59 22.19
N SER A 1364 20.24 2.65 20.97
CA SER A 1364 20.95 3.30 19.89
C SER A 1364 20.98 4.80 20.15
N TYR A 1365 21.85 5.50 19.43
CA TYR A 1365 21.87 6.94 19.56
C TYR A 1365 22.17 7.49 18.18
N VAL A 1366 21.30 8.36 17.67
CA VAL A 1366 21.55 9.06 16.43
C VAL A 1366 21.70 10.53 16.75
N ASN A 1367 22.74 11.15 16.17
CA ASN A 1367 23.05 12.56 16.38
C ASN A 1367 21.84 13.40 16.03
N TYR A 1368 21.65 14.49 16.78
CA TYR A 1368 20.47 15.34 16.69
C TYR A 1368 20.16 15.83 15.30
N ARG A 1369 21.18 16.21 14.52
CA ARG A 1369 20.93 16.93 13.27
C ARG A 1369 20.18 16.10 12.24
N HIS A 1370 20.30 14.77 12.31
CA HIS A 1370 19.62 13.93 11.32
C HIS A 1370 18.13 13.84 11.59
N MET A 1371 17.72 13.64 12.83
CA MET A 1371 16.30 13.61 13.12
C MET A 1371 15.70 15.00 12.98
N ALA A 1372 16.46 16.02 13.35
CA ALA A 1372 16.04 17.41 13.16
C ALA A 1372 15.78 17.71 11.70
N LEU A 1373 16.65 17.22 10.81
CA LEU A 1373 16.48 17.46 9.39
C LEU A 1373 15.21 16.83 8.85
N LEU A 1374 14.89 15.61 9.29
CA LEU A 1374 13.68 14.93 8.82
C LEU A 1374 12.42 15.67 9.25
N VAL A 1375 12.35 16.15 10.50
CA VAL A 1375 11.13 16.81 10.92
C VAL A 1375 10.97 18.19 10.34
N ASP A 1376 12.04 18.86 9.92
CA ASP A 1376 11.86 20.14 9.24
C ASP A 1376 11.27 19.95 7.85
N VAL A 1377 11.65 18.87 7.17
CA VAL A 1377 11.04 18.55 5.88
C VAL A 1377 9.56 18.25 6.06
N MET A 1378 9.21 17.54 7.13
CA MET A 1378 7.82 17.15 7.37
C MET A 1378 6.94 18.30 7.81
N THR A 1379 7.49 19.45 8.14
CA THR A 1379 6.70 20.56 8.64
C THR A 1379 6.89 21.84 7.85
N SER A 1380 7.71 21.83 6.80
CA SER A 1380 8.01 23.06 6.10
C SER A 1380 6.79 23.64 5.39
N ARG A 1381 5.87 22.80 4.93
CA ARG A 1381 4.71 23.34 4.25
C ARG A 1381 3.67 23.93 5.20
N GLY A 1382 3.87 23.85 6.51
CA GLY A 1382 2.89 24.30 7.45
C GLY A 1382 1.89 23.25 7.86
N TYR A 1383 1.73 22.19 7.09
CA TYR A 1383 0.96 21.04 7.50
C TYR A 1383 1.85 19.82 7.46
N LEU A 1384 1.37 18.70 7.97
CA LEU A 1384 2.19 17.51 8.01
C LEU A 1384 2.17 16.84 6.64
N MET A 1385 3.32 16.82 5.97
CA MET A 1385 3.45 16.09 4.72
C MET A 1385 3.94 14.69 5.05
N ALA A 1386 3.08 13.70 4.86
CA ALA A 1386 3.48 12.31 5.03
C ALA A 1386 4.51 11.88 4.01
N ILE A 1387 5.37 10.95 4.41
CA ILE A 1387 6.33 10.30 3.52
C ILE A 1387 5.66 9.14 2.80
N THR A 1388 4.67 9.46 1.96
CA THR A 1388 3.95 8.53 1.08
C THR A 1388 3.78 9.28 -0.23
N ARG A 1389 3.26 8.60 -1.27
CA ARG A 1389 3.00 9.26 -2.55
C ARG A 1389 2.06 10.46 -2.43
N HIS A 1390 1.10 10.41 -1.51
CA HIS A 1390 0.13 11.48 -1.35
C HIS A 1390 0.75 12.75 -0.80
N GLY A 1391 1.83 12.63 -0.04
CA GLY A 1391 2.58 13.81 0.36
C GLY A 1391 3.69 14.22 -0.57
N ILE A 1392 4.59 13.29 -0.86
CA ILE A 1392 5.83 13.58 -1.58
C ILE A 1392 5.55 14.15 -2.96
N ASN A 1393 4.64 13.51 -3.69
CA ASN A 1393 4.41 13.92 -5.07
C ASN A 1393 3.43 15.08 -5.23
N ARG A 1394 2.94 15.66 -4.12
CA ARG A 1394 2.23 16.94 -4.18
C ARG A 1394 3.15 18.16 -4.14
N ALA A 1395 4.42 18.02 -4.49
CA ALA A 1395 5.38 19.11 -4.47
C ALA A 1395 5.49 19.70 -5.88
N ASP A 1396 6.02 20.93 -5.95
CA ASP A 1396 6.23 21.54 -7.26
C ASP A 1396 7.52 21.11 -7.94
N THR A 1397 8.08 19.96 -7.57
CA THR A 1397 9.29 19.45 -8.19
C THR A 1397 8.97 18.91 -9.58
N GLY A 1398 10.04 18.77 -10.38
CA GLY A 1398 9.89 18.34 -11.76
C GLY A 1398 9.21 16.99 -11.90
N ALA A 1399 8.59 16.79 -13.08
CA ALA A 1399 7.85 15.55 -13.34
C ALA A 1399 8.74 14.32 -13.43
N LEU A 1400 9.96 14.45 -13.96
CA LEU A 1400 10.85 13.30 -14.05
C LEU A 1400 11.27 12.80 -12.68
N MET A 1401 11.56 13.74 -11.77
CA MET A 1401 11.88 13.39 -10.39
C MET A 1401 10.72 12.72 -9.68
N ARG A 1402 9.51 13.28 -9.81
CA ARG A 1402 8.34 12.77 -9.10
C ARG A 1402 7.90 11.41 -9.61
N CYS A 1403 8.00 11.18 -10.92
CA CYS A 1403 7.55 9.92 -11.51
C CYS A 1403 8.48 8.75 -11.21
N SER A 1404 9.70 9.01 -10.76
CA SER A 1404 10.61 7.95 -10.36
C SER A 1404 10.31 7.33 -9.02
N PHE A 1405 9.35 7.85 -8.26
CA PHE A 1405 9.00 7.25 -6.97
C PHE A 1405 7.84 6.28 -7.12
N GLU A 1406 6.63 6.80 -7.30
CA GLU A 1406 5.43 6.00 -7.45
C GLU A 1406 4.51 6.73 -8.41
N GLU A 1407 3.48 6.01 -8.89
CA GLU A 1407 2.44 6.52 -9.80
C GLU A 1407 3.09 7.05 -11.07
N THR A 1408 4.01 6.24 -11.62
CA THR A 1408 4.95 6.67 -12.65
C THR A 1408 4.25 7.18 -13.91
N VAL A 1409 3.34 6.38 -14.46
CA VAL A 1409 2.76 6.72 -15.75
C VAL A 1409 1.73 7.83 -15.60
N GLU A 1410 0.96 7.78 -14.50
CA GLU A 1410 -0.04 8.80 -14.19
C GLU A 1410 0.56 10.20 -14.07
N ILE A 1411 1.69 10.31 -13.35
CA ILE A 1411 2.43 11.59 -13.29
C ILE A 1411 2.72 12.12 -14.69
N LEU A 1412 3.19 11.26 -15.58
CA LEU A 1412 3.66 11.73 -16.88
C LEU A 1412 2.51 12.10 -17.81
N PHE A 1413 1.42 11.33 -17.80
CA PHE A 1413 0.21 11.75 -18.51
C PHE A 1413 -0.29 13.10 -18.02
N GLU A 1414 -0.46 13.23 -16.70
CA GLU A 1414 -0.88 14.50 -16.10
C GLU A 1414 0.09 15.64 -16.41
N ALA A 1415 1.39 15.34 -16.50
CA ALA A 1415 2.38 16.36 -16.77
C ALA A 1415 2.25 16.87 -18.20
N GLY A 1416 1.93 15.97 -19.12
CA GLY A 1416 1.70 16.35 -20.50
C GLY A 1416 0.49 17.25 -20.64
N ALA A 1417 -0.65 16.81 -20.10
CA ALA A 1417 -1.90 17.54 -20.25
C ALA A 1417 -1.88 18.94 -19.65
N ALA A 1418 -0.99 19.21 -18.69
CA ALA A 1418 -0.90 20.54 -18.10
C ALA A 1418 0.39 21.27 -18.45
N ALA A 1419 1.10 20.80 -19.49
CA ALA A 1419 2.34 21.39 -20.02
C ALA A 1419 3.35 21.81 -18.94
N GLU A 1420 3.68 20.87 -18.05
CA GLU A 1420 4.66 21.15 -16.99
C GLU A 1420 6.06 21.42 -17.52
N LEU A 1421 6.71 22.41 -16.90
CA LEU A 1421 8.11 22.74 -17.13
C LEU A 1421 9.00 22.22 -16.01
N ASP A 1422 10.04 21.47 -16.37
CA ASP A 1422 10.95 20.85 -15.41
C ASP A 1422 12.27 21.61 -15.56
N ASP A 1423 12.66 22.33 -14.51
CA ASP A 1423 13.81 23.21 -14.53
C ASP A 1423 15.16 22.52 -14.28
N CYS A 1424 15.17 21.20 -14.11
CA CYS A 1424 16.39 20.36 -14.10
C CYS A 1424 17.37 20.76 -13.00
N ARG A 1425 16.86 21.15 -11.84
CA ARG A 1425 17.73 21.48 -10.73
C ARG A 1425 17.92 20.32 -9.77
N GLY A 1426 17.07 19.31 -9.83
CA GLY A 1426 17.21 18.19 -8.93
C GLY A 1426 18.33 17.25 -9.30
N VAL A 1427 18.75 16.47 -8.31
CA VAL A 1427 19.77 15.45 -8.53
C VAL A 1427 19.26 14.39 -9.49
N SER A 1428 18.03 13.91 -9.24
CA SER A 1428 17.46 12.81 -10.01
C SER A 1428 17.26 13.17 -11.47
N GLU A 1429 16.81 14.40 -11.78
CA GLU A 1429 16.70 14.86 -13.17
C GLU A 1429 18.01 14.66 -13.93
N ASN A 1430 19.11 15.17 -13.39
CA ASN A 1430 20.39 15.15 -14.09
C ASN A 1430 21.02 13.77 -14.15
N VAL A 1431 20.84 12.96 -13.10
CA VAL A 1431 21.34 11.58 -13.10
C VAL A 1431 20.73 10.77 -14.25
N MET A 1432 19.41 10.84 -14.43
CA MET A 1432 18.82 10.02 -15.47
C MET A 1432 19.09 10.56 -16.86
N LEU A 1433 19.40 11.84 -17.00
CA LEU A 1433 19.81 12.38 -18.28
C LEU A 1433 21.32 12.29 -18.48
N GLY A 1434 22.03 11.68 -17.53
CA GLY A 1434 23.47 11.54 -17.61
C GLY A 1434 24.32 12.80 -17.62
N GLN A 1435 23.92 13.82 -16.88
CA GLN A 1435 24.66 15.07 -16.86
C GLN A 1435 25.18 15.27 -15.44
N LEU A 1436 26.30 15.98 -15.32
CA LEU A 1436 26.88 16.31 -14.02
C LEU A 1436 25.90 17.05 -13.12
N ALA A 1437 25.57 16.44 -12.00
CA ALA A 1437 24.53 16.92 -11.10
C ALA A 1437 25.05 18.03 -10.18
N PRO A 1438 24.22 19.02 -9.87
CA PRO A 1438 24.68 20.10 -8.99
C PRO A 1438 24.82 19.69 -7.53
N MET A 1439 25.81 18.87 -7.22
CA MET A 1439 26.04 18.33 -5.89
C MET A 1439 27.52 18.01 -5.81
N GLY A 1440 28.09 18.14 -4.61
CA GLY A 1440 29.47 17.80 -4.31
C GLY A 1440 30.46 18.38 -5.29
N THR A 1441 31.21 17.52 -5.97
CA THR A 1441 32.20 17.97 -6.93
C THR A 1441 31.60 18.65 -8.14
N GLY A 1442 30.29 18.55 -8.34
CA GLY A 1442 29.56 19.20 -9.41
C GLY A 1442 28.84 20.47 -9.01
N ALA A 1443 29.01 20.94 -7.79
CA ALA A 1443 28.27 22.11 -7.32
C ALA A 1443 28.87 23.44 -7.71
N PHE A 1444 29.83 23.46 -8.64
CA PHE A 1444 30.50 24.69 -9.00
C PHE A 1444 31.17 24.45 -10.35
N ASP A 1445 31.58 25.53 -10.99
CA ASP A 1445 32.33 25.45 -12.23
C ASP A 1445 33.79 25.79 -12.00
N VAL A 1446 34.65 25.30 -12.87
CA VAL A 1446 36.08 25.56 -12.81
C VAL A 1446 36.50 26.37 -14.03
N MET A 1447 37.10 27.53 -13.80
CA MET A 1447 37.55 28.42 -14.86
C MET A 1447 39.06 28.46 -14.93
N ILE A 1448 39.58 28.87 -16.08
CA ILE A 1448 41.02 28.99 -16.29
C ILE A 1448 41.46 30.41 -15.97
N ASP A 1449 42.48 30.51 -15.10
CA ASP A 1449 42.99 31.78 -14.59
C ASP A 1449 44.00 32.35 -15.59
N GLU A 1450 43.47 33.09 -16.57
CA GLU A 1450 44.29 33.76 -17.57
C GLU A 1450 45.30 34.74 -16.96
N LYS A 1451 44.93 35.39 -15.85
CA LYS A 1451 45.84 36.34 -15.20
C LYS A 1451 47.07 35.65 -14.62
N LEU A 1452 46.89 34.48 -14.00
CA LEU A 1452 48.03 33.80 -13.39
C LEU A 1452 48.93 33.14 -14.41
N LEU A 1453 48.42 32.78 -15.60
CA LEU A 1453 49.28 32.23 -16.62
C LEU A 1453 50.30 33.22 -17.16
N THR A 1454 50.04 34.53 -17.06
CA THR A 1454 50.94 35.51 -17.65
C THR A 1454 52.25 35.65 -16.87
N SER A 1455 52.34 35.10 -15.66
CA SER A 1455 53.60 35.09 -14.92
C SER A 1455 54.58 34.01 -15.39
N LEU A 1456 54.19 33.15 -16.33
CA LEU A 1456 55.09 32.16 -16.88
C LEU A 1456 56.05 32.80 -17.88
N PRO A 1457 57.22 32.18 -18.12
CA PRO A 1457 58.13 32.71 -19.15
C PRO A 1457 57.52 32.68 -20.55
N ALA A 1458 58.18 33.40 -21.47
CA ALA A 1458 57.66 33.57 -22.83
C ALA A 1458 57.85 32.37 -23.75
N ASP A 1459 58.82 31.49 -23.49
CA ASP A 1459 58.98 30.32 -24.37
C ASP A 1459 57.91 29.25 -24.20
N TYR A 1460 57.00 29.39 -23.23
CA TYR A 1460 55.86 28.50 -23.04
C TYR A 1460 54.63 28.91 -23.85
N ALA A 1461 54.75 29.94 -24.68
CA ALA A 1461 53.60 30.61 -25.28
C ALA A 1461 52.97 29.85 -26.46
N PRO A 1462 51.64 29.91 -26.56
CA PRO A 1462 50.93 29.37 -27.74
C PRO A 1462 51.29 30.17 -28.98
N THR A 1463 51.48 29.47 -30.09
CA THR A 1463 51.77 30.22 -31.33
C THR A 1463 50.51 30.40 -32.16
N ASP B 9 5.56 -61.21 32.15
CA ASP B 9 6.29 -60.64 31.02
C ASP B 9 7.35 -59.68 31.53
N ASP B 10 7.83 -58.79 30.68
CA ASP B 10 8.83 -57.82 31.11
C ASP B 10 8.63 -56.51 30.37
N THR B 11 9.52 -55.57 30.62
CA THR B 11 9.38 -54.19 30.15
C THR B 11 10.03 -54.01 28.78
N ILE B 12 9.40 -53.17 27.96
CA ILE B 12 9.93 -52.82 26.66
C ILE B 12 11.13 -51.88 26.82
N THR B 13 12.27 -52.28 26.28
CA THR B 13 13.51 -51.54 26.41
C THR B 13 13.67 -50.63 25.21
N THR B 14 14.71 -49.81 25.22
CA THR B 14 14.99 -48.95 24.07
C THR B 14 15.28 -49.76 22.82
N GLU B 15 16.11 -50.80 22.94
CA GLU B 15 16.42 -51.65 21.80
C GLU B 15 15.19 -52.33 21.21
N ASP B 16 14.24 -52.71 22.07
CA ASP B 16 12.97 -53.30 21.63
C ASP B 16 12.12 -52.33 20.82
N CYS B 17 12.12 -51.06 21.20
CA CYS B 17 11.41 -50.04 20.43
C CYS B 17 11.93 -49.96 19.01
N TRP B 18 13.24 -50.01 18.82
CA TRP B 18 13.81 -50.01 17.48
C TRP B 18 13.48 -51.26 16.69
N THR B 19 13.23 -52.39 17.37
CA THR B 19 12.77 -53.58 16.64
C THR B 19 11.41 -53.36 16.00
N VAL B 20 10.49 -52.71 16.74
CA VAL B 20 9.17 -52.35 16.20
C VAL B 20 9.31 -51.41 15.00
N ILE B 21 10.12 -50.36 15.17
CA ILE B 21 10.31 -49.36 14.12
C ILE B 21 10.91 -49.99 12.87
N SER B 22 11.88 -50.91 13.06
CA SER B 22 12.44 -51.66 11.93
C SER B 22 11.39 -52.41 11.15
N ALA B 23 10.35 -52.92 11.81
CA ALA B 23 9.33 -53.67 11.13
C ALA B 23 8.48 -52.76 10.24
N PHE B 24 8.16 -51.56 10.74
CA PHE B 24 7.51 -50.51 9.96
C PHE B 24 8.20 -50.24 8.64
N PHE B 25 9.49 -49.88 8.67
CA PHE B 25 10.15 -49.49 7.43
C PHE B 25 10.40 -50.68 6.54
N GLU B 26 10.52 -51.88 7.11
CA GLU B 26 10.64 -53.08 6.30
C GLU B 26 9.39 -53.27 5.43
N GLU B 27 8.21 -53.03 5.99
CA GLU B 27 7.00 -53.19 5.21
C GLU B 27 6.68 -51.96 4.35
N LYS B 28 6.78 -50.75 4.92
CA LYS B 28 6.22 -49.59 4.25
C LYS B 28 7.25 -48.71 3.56
N GLY B 29 8.51 -48.76 3.96
CA GLY B 29 9.48 -47.84 3.39
C GLY B 29 9.19 -46.38 3.69
N LEU B 30 9.74 -45.52 2.84
CA LEU B 30 9.66 -44.08 3.07
C LEU B 30 8.73 -43.35 2.12
N VAL B 31 8.33 -43.95 1.01
CA VAL B 31 7.54 -43.25 0.02
C VAL B 31 6.22 -43.96 -0.25
N SER B 32 5.73 -44.75 0.70
CA SER B 32 4.51 -45.52 0.47
C SER B 32 3.29 -44.64 0.32
N GLN B 33 3.28 -43.46 0.93
CA GLN B 33 2.15 -42.56 0.73
C GLN B 33 2.11 -42.02 -0.69
N GLN B 34 3.25 -41.97 -1.38
CA GLN B 34 3.19 -41.65 -2.79
C GLN B 34 2.69 -42.83 -3.61
N LEU B 35 3.23 -44.02 -3.35
CA LEU B 35 2.94 -45.17 -4.22
C LEU B 35 1.52 -45.70 -4.02
N ASP B 36 1.08 -45.83 -2.77
CA ASP B 36 -0.27 -46.34 -2.51
C ASP B 36 -1.32 -45.40 -3.05
N SER B 37 -1.09 -44.09 -2.93
CA SER B 37 -2.03 -43.12 -3.46
C SER B 37 -2.18 -43.26 -4.96
N PHE B 38 -1.06 -43.38 -5.68
CA PHE B 38 -1.16 -43.51 -7.14
C PHE B 38 -1.76 -44.84 -7.53
N ASP B 39 -1.46 -45.91 -6.78
CA ASP B 39 -2.00 -47.23 -7.09
C ASP B 39 -3.51 -47.23 -7.00
N GLU B 40 -4.06 -46.55 -5.99
CA GLU B 40 -5.50 -46.44 -5.81
C GLU B 40 -6.12 -45.66 -6.97
N PHE B 41 -5.37 -44.74 -7.54
CA PHE B 41 -5.86 -43.96 -8.67
C PHE B 41 -6.01 -44.81 -9.92
N MET B 42 -5.04 -45.67 -10.21
CA MET B 42 -5.14 -46.52 -11.40
C MET B 42 -6.19 -47.62 -11.24
N GLU B 43 -6.24 -48.25 -10.08
CA GLU B 43 -7.18 -49.36 -9.86
C GLU B 43 -8.62 -48.89 -9.89
N THR B 44 -8.92 -47.80 -9.25
CA THR B 44 -10.32 -47.50 -8.97
C THR B 44 -10.76 -46.13 -9.44
N SER B 45 -9.94 -45.10 -9.21
CA SER B 45 -10.41 -43.72 -9.35
C SER B 45 -10.72 -43.37 -10.81
N ILE B 46 -9.88 -43.86 -11.74
CA ILE B 46 -10.10 -43.63 -13.16
C ILE B 46 -11.45 -44.19 -13.58
N GLN B 47 -11.72 -45.43 -13.15
CA GLN B 47 -12.98 -46.11 -13.44
C GLN B 47 -14.18 -45.32 -12.94
N ASP B 48 -14.12 -44.85 -11.70
CA ASP B 48 -15.22 -44.07 -11.12
C ASP B 48 -15.43 -42.76 -11.87
N LEU B 49 -14.35 -42.12 -12.32
CA LEU B 49 -14.46 -40.86 -13.04
C LEU B 49 -15.18 -41.04 -14.36
N VAL B 50 -14.93 -42.16 -15.03
CA VAL B 50 -15.62 -42.46 -16.27
C VAL B 50 -17.12 -42.58 -16.05
N TRP B 51 -17.52 -43.22 -14.96
CA TRP B 51 -18.94 -43.39 -14.67
C TRP B 51 -19.58 -42.15 -14.05
N GLU B 52 -18.87 -41.02 -13.97
CA GLU B 52 -19.45 -39.80 -13.42
C GLU B 52 -20.48 -39.21 -14.37
N GLU B 53 -20.25 -39.30 -15.67
CA GLU B 53 -21.24 -38.95 -16.69
C GLU B 53 -21.30 -40.10 -17.68
N PRO B 54 -22.01 -41.18 -17.34
CA PRO B 54 -21.79 -42.46 -18.03
C PRO B 54 -22.36 -42.54 -19.45
N ARG B 55 -23.19 -41.59 -19.89
CA ARG B 55 -23.79 -41.70 -21.22
C ARG B 55 -23.90 -40.37 -21.94
N LEU B 56 -23.69 -40.40 -23.25
CA LEU B 56 -23.92 -39.27 -24.14
C LEU B 56 -25.22 -39.52 -24.89
N ILE B 57 -26.06 -38.51 -25.02
CA ILE B 57 -27.39 -38.66 -25.61
C ILE B 57 -27.63 -37.56 -26.63
N LEU B 58 -28.06 -37.94 -27.83
CA LEU B 58 -28.57 -37.02 -28.85
C LEU B 58 -30.04 -37.33 -29.11
N ASP B 59 -30.66 -36.50 -29.96
CA ASP B 59 -32.06 -36.58 -30.32
C ASP B 59 -32.34 -35.69 -31.52
N GLN B 60 -33.24 -36.14 -32.40
CA GLN B 60 -33.78 -35.41 -33.54
C GLN B 60 -35.16 -36.01 -33.67
N PRO B 61 -36.18 -35.15 -33.84
CA PRO B 61 -37.59 -35.49 -34.02
C PRO B 61 -37.89 -35.52 -35.53
N ALA B 62 -37.34 -36.53 -36.18
CA ALA B 62 -37.44 -36.73 -37.62
C ALA B 62 -38.72 -36.31 -38.36
N GLN B 63 -38.69 -35.12 -38.97
CA GLN B 63 -39.78 -34.64 -39.80
C GLN B 63 -38.83 -34.13 -40.86
N HIS B 64 -38.93 -34.69 -42.07
CA HIS B 64 -38.07 -34.29 -43.17
C HIS B 64 -38.67 -34.63 -44.53
N ASP B 69 -43.96 -38.29 -40.68
CA ASP B 69 -43.14 -39.48 -40.47
C ASP B 69 -42.08 -39.27 -39.39
N ASN B 70 -42.48 -38.63 -38.30
CA ASN B 70 -41.56 -38.38 -37.19
C ASN B 70 -40.89 -39.66 -36.72
N ILE B 71 -39.58 -39.61 -36.53
CA ILE B 71 -38.83 -40.79 -36.09
C ILE B 71 -37.71 -40.46 -35.12
N ASN B 72 -38.07 -40.17 -33.87
CA ASN B 72 -37.09 -39.87 -32.84
C ASN B 72 -35.96 -40.89 -32.92
N LYS B 73 -34.75 -40.41 -33.16
CA LYS B 73 -33.58 -41.28 -33.30
C LYS B 73 -32.59 -40.77 -32.27
N ARG B 74 -32.61 -41.37 -31.09
CA ARG B 74 -31.62 -41.04 -30.09
C ARG B 74 -30.34 -41.82 -30.35
N TYR B 75 -29.24 -41.08 -30.45
CA TYR B 75 -27.92 -41.64 -30.61
C TYR B 75 -27.31 -41.66 -29.22
N GLU B 76 -26.86 -42.83 -28.80
CA GLU B 76 -26.37 -43.00 -27.45
C GLU B 76 -25.05 -43.76 -27.43
N ILE B 77 -24.14 -43.29 -26.58
CA ILE B 77 -22.82 -43.89 -26.42
C ILE B 77 -22.55 -44.06 -24.93
N ARG B 78 -22.22 -45.29 -24.53
CA ARG B 78 -22.03 -45.68 -23.14
C ARG B 78 -20.60 -46.11 -22.90
N PHE B 79 -19.96 -45.58 -21.85
CA PHE B 79 -18.58 -45.90 -21.54
C PHE B 79 -18.52 -47.02 -20.52
N GLY B 80 -17.80 -48.10 -20.82
CA GLY B 80 -17.77 -49.20 -19.88
C GLY B 80 -16.50 -49.43 -19.10
N LYS B 81 -16.01 -50.67 -19.14
CA LYS B 81 -14.85 -51.10 -18.37
C LYS B 81 -13.57 -50.40 -18.86
N ILE B 82 -12.64 -50.18 -17.93
CA ILE B 82 -11.31 -49.67 -18.25
C ILE B 82 -10.31 -50.81 -18.19
N TYR B 83 -9.39 -50.85 -19.15
CA TYR B 83 -8.31 -51.83 -19.18
C TYR B 83 -7.01 -51.06 -19.35
N LEU B 84 -5.97 -51.58 -18.73
CA LEU B 84 -4.64 -50.99 -18.73
C LEU B 84 -3.66 -51.97 -19.30
N SER B 85 -2.71 -51.44 -20.05
CA SER B 85 -1.58 -52.18 -20.58
C SER B 85 -0.29 -51.63 -20.01
N ARG B 86 0.72 -52.48 -19.98
CA ARG B 86 2.04 -52.10 -19.53
C ARG B 86 2.63 -51.07 -20.50
N PRO B 87 3.55 -50.22 -20.03
CA PRO B 87 4.09 -49.17 -20.89
C PRO B 87 4.85 -49.69 -22.10
N THR B 88 4.58 -49.08 -23.25
CA THR B 88 5.04 -49.58 -24.52
C THR B 88 5.62 -48.45 -25.35
N MET B 89 6.78 -48.71 -25.95
CA MET B 89 7.42 -47.77 -26.87
C MET B 89 7.01 -48.15 -28.28
N THR B 90 6.33 -47.24 -28.97
CA THR B 90 6.01 -47.46 -30.37
C THR B 90 6.86 -46.56 -31.25
N GLU B 91 7.85 -47.16 -31.89
CA GLU B 91 8.74 -46.51 -32.84
C GLU B 91 7.96 -45.98 -34.04
N ALA B 92 8.61 -45.09 -34.80
CA ALA B 92 8.05 -44.63 -36.07
C ALA B 92 7.86 -45.79 -37.04
N ASP B 93 8.76 -46.79 -37.00
CA ASP B 93 8.56 -48.09 -37.67
C ASP B 93 7.14 -48.64 -37.54
N GLY B 94 6.62 -48.67 -36.32
CA GLY B 94 5.42 -49.40 -35.99
C GLY B 94 5.62 -50.52 -35.00
N THR B 95 6.85 -51.04 -34.90
CA THR B 95 7.21 -52.05 -33.93
C THR B 95 7.04 -51.54 -32.50
N THR B 96 6.71 -52.46 -31.60
CA THR B 96 6.43 -52.15 -30.22
C THR B 96 7.26 -53.09 -29.36
N HIS B 97 7.54 -52.64 -28.14
CA HIS B 97 8.17 -53.48 -27.13
C HIS B 97 7.93 -52.85 -25.77
N ALA B 98 8.16 -53.64 -24.73
CA ALA B 98 8.02 -53.14 -23.37
C ALA B 98 9.10 -52.08 -23.14
N MET B 99 8.70 -50.96 -22.57
CA MET B 99 9.62 -49.87 -22.29
C MET B 99 10.11 -49.96 -20.85
N PHE B 100 11.39 -49.91 -20.68
CA PHE B 100 11.85 -49.79 -19.31
C PHE B 100 12.42 -48.39 -19.09
N PRO B 101 12.38 -47.87 -17.84
CA PRO B 101 12.77 -46.47 -17.57
C PRO B 101 14.11 -46.00 -18.07
N GLN B 102 15.15 -46.83 -18.08
CA GLN B 102 16.47 -46.36 -18.49
C GLN B 102 16.48 -45.90 -19.94
N GLU B 103 15.80 -46.63 -20.81
CA GLU B 103 15.64 -46.17 -22.19
C GLU B 103 14.86 -44.86 -22.23
N ALA B 104 13.82 -44.76 -21.41
CA ALA B 104 12.97 -43.57 -21.39
C ALA B 104 13.72 -42.31 -20.98
N ARG B 105 14.59 -42.39 -19.97
CA ARG B 105 15.43 -41.25 -19.60
C ARG B 105 16.36 -40.84 -20.74
N LEU B 106 17.07 -41.80 -21.32
CA LEU B 106 18.10 -41.53 -22.32
C LEU B 106 17.53 -40.83 -23.55
N ARG B 107 16.44 -41.35 -24.10
CA ARG B 107 15.89 -40.88 -25.36
C ARG B 107 14.83 -39.79 -25.19
N ASN B 108 14.71 -39.21 -23.99
CA ASN B 108 13.74 -38.16 -23.67
C ASN B 108 12.31 -38.55 -24.03
N LEU B 109 11.94 -39.75 -23.63
CA LEU B 109 10.59 -40.23 -23.81
C LEU B 109 9.79 -40.06 -22.54
N THR B 110 8.50 -40.32 -22.65
CA THR B 110 7.59 -40.30 -21.53
C THR B 110 7.24 -41.73 -21.18
N TYR B 111 7.42 -42.07 -19.93
CA TYR B 111 7.13 -43.40 -19.43
C TYR B 111 5.65 -43.45 -19.11
N SER B 112 4.85 -44.00 -20.03
CA SER B 112 3.41 -43.94 -19.88
C SER B 112 2.77 -45.18 -20.45
N SER B 113 1.60 -45.51 -19.94
CA SER B 113 0.78 -46.65 -20.30
C SER B 113 -0.38 -46.26 -21.20
N PRO B 114 -0.63 -46.98 -22.29
CA PRO B 114 -1.84 -46.73 -23.07
C PRO B 114 -3.07 -47.17 -22.32
N VAL B 115 -4.12 -46.36 -22.38
CA VAL B 115 -5.39 -46.65 -21.73
C VAL B 115 -6.47 -46.90 -22.77
N TYR B 116 -7.17 -48.03 -22.63
CA TYR B 116 -8.27 -48.39 -23.52
C TYR B 116 -9.56 -48.41 -22.72
N LEU B 117 -10.63 -47.98 -23.37
CA LEU B 117 -11.95 -47.84 -22.78
C LEU B 117 -13.00 -48.47 -23.67
N ASP B 118 -13.79 -49.36 -23.07
CA ASP B 118 -14.96 -49.91 -23.74
C ASP B 118 -15.99 -48.82 -23.96
N MET B 119 -16.54 -48.80 -25.16
CA MET B 119 -17.59 -47.87 -25.55
C MET B 119 -18.68 -48.67 -26.22
N GLU B 120 -19.93 -48.33 -25.97
CA GLU B 120 -21.03 -49.11 -26.49
C GLU B 120 -21.98 -48.18 -27.21
N LYS B 121 -22.38 -48.57 -28.41
CA LYS B 121 -23.30 -47.80 -29.22
C LYS B 121 -24.69 -48.41 -29.07
N SER B 122 -25.71 -47.57 -29.14
CA SER B 122 -27.09 -48.05 -29.15
C SER B 122 -27.94 -47.05 -29.92
N MET B 123 -29.03 -47.56 -30.55
CA MET B 123 -29.76 -46.77 -31.53
C MET B 123 -31.28 -46.87 -31.41
N PHE B 124 -31.81 -46.14 -30.44
CA PHE B 124 -33.26 -45.96 -30.34
C PHE B 124 -33.83 -45.27 -31.57
N THR B 125 -34.96 -45.77 -32.06
CA THR B 125 -35.63 -45.27 -33.26
C THR B 125 -37.13 -45.42 -32.99
N SER B 126 -37.86 -44.29 -32.98
CA SER B 126 -39.28 -44.34 -32.66
C SER B 126 -40.11 -43.38 -33.50
N ILE B 127 -41.00 -43.94 -34.33
CA ILE B 127 -41.83 -43.11 -35.22
C ILE B 127 -43.02 -42.56 -34.43
N ASP B 128 -42.82 -41.41 -33.78
CA ASP B 128 -43.91 -40.75 -33.06
C ASP B 128 -43.67 -39.25 -32.88
N GLY B 153 -19.36 -50.26 -29.21
CA GLY B 153 -18.22 -50.53 -30.06
C GLY B 153 -17.29 -51.59 -29.50
N ASN B 154 -16.01 -51.24 -29.33
CA ASN B 154 -15.06 -52.10 -28.65
C ASN B 154 -13.92 -51.17 -28.18
N LYS B 155 -12.87 -51.73 -27.57
CA LYS B 155 -11.64 -51.13 -27.05
C LYS B 155 -11.04 -49.87 -27.68
N VAL B 156 -11.74 -48.74 -27.70
CA VAL B 156 -11.18 -47.53 -28.31
C VAL B 156 -10.15 -46.90 -27.38
N HIS B 157 -9.00 -46.53 -27.96
CA HIS B 157 -7.83 -45.95 -27.29
C HIS B 157 -8.04 -44.48 -26.99
N ILE B 158 -7.93 -44.09 -25.72
CA ILE B 158 -8.23 -42.72 -25.32
C ILE B 158 -7.02 -41.91 -24.86
N GLY B 159 -5.85 -42.49 -24.72
CA GLY B 159 -4.70 -41.69 -24.35
C GLY B 159 -3.71 -42.49 -23.53
N LYS B 160 -2.60 -41.83 -23.19
CA LYS B 160 -1.56 -42.43 -22.37
C LYS B 160 -1.46 -41.71 -21.04
N VAL B 161 -1.35 -42.48 -19.96
CA VAL B 161 -1.23 -41.97 -18.59
C VAL B 161 0.17 -42.27 -18.06
N PRO B 162 0.94 -41.26 -17.64
CA PRO B 162 2.27 -41.51 -17.06
C PRO B 162 2.23 -42.37 -15.80
N ILE B 163 3.13 -43.35 -15.74
CA ILE B 163 3.18 -44.34 -14.67
C ILE B 163 4.21 -43.93 -13.64
N MET B 164 3.83 -43.95 -12.37
CA MET B 164 4.78 -43.72 -11.29
C MET B 164 5.70 -44.91 -11.14
N LEU B 165 7.01 -44.65 -11.13
CA LEU B 165 7.99 -45.73 -11.07
C LEU B 165 7.85 -46.48 -9.75
N ARG B 166 8.03 -47.80 -9.82
CA ARG B 166 7.92 -48.79 -8.75
C ARG B 166 6.49 -48.98 -8.26
N SER B 167 5.49 -48.34 -8.86
CA SER B 167 4.11 -48.65 -8.56
C SER B 167 3.74 -50.01 -9.14
N LYS B 168 2.48 -50.42 -8.94
CA LYS B 168 2.05 -51.73 -9.40
C LYS B 168 1.97 -51.85 -10.92
N PHE B 169 1.94 -50.73 -11.64
CA PHE B 169 1.82 -50.78 -13.09
C PHE B 169 3.11 -50.47 -13.81
N CYS B 170 4.22 -50.44 -13.09
CA CYS B 170 5.54 -50.20 -13.66
C CYS B 170 6.22 -51.52 -13.93
N SER B 171 6.92 -51.61 -15.05
CA SER B 171 7.58 -52.87 -15.42
C SER B 171 8.75 -53.24 -14.52
N LEU B 172 9.13 -52.39 -13.56
CA LEU B 172 10.18 -52.73 -12.62
C LEU B 172 9.68 -53.41 -11.36
N ARG B 173 8.38 -53.35 -11.09
CA ARG B 173 7.80 -53.90 -9.86
C ARG B 173 8.08 -55.38 -9.69
N THR B 174 8.28 -56.09 -10.80
CA THR B 174 8.59 -57.50 -10.79
C THR B 174 10.10 -57.65 -10.90
N LEU B 175 10.55 -58.32 -11.96
CA LEU B 175 11.97 -58.45 -12.32
C LEU B 175 12.81 -59.21 -11.30
N ASP B 176 12.88 -58.71 -10.05
CA ASP B 176 13.63 -59.28 -8.91
C ASP B 176 15.12 -58.99 -9.07
N GLU B 177 15.74 -58.59 -7.96
CA GLU B 177 17.07 -58.01 -7.76
C GLU B 177 18.16 -58.32 -8.79
N VAL B 178 18.17 -59.57 -9.27
CA VAL B 178 19.15 -60.03 -10.25
C VAL B 178 19.02 -59.24 -11.55
N ASP B 179 17.81 -59.19 -12.09
CA ASP B 179 17.48 -58.56 -13.37
C ASP B 179 17.33 -57.05 -13.31
N LEU B 180 17.12 -56.48 -12.12
CA LEU B 180 17.20 -55.03 -11.95
C LEU B 180 18.52 -54.47 -12.41
N TYR B 181 19.63 -55.10 -12.02
CA TYR B 181 20.94 -54.67 -12.48
C TYR B 181 21.06 -54.73 -14.00
N LYS B 182 20.41 -55.68 -14.67
CA LYS B 182 20.51 -55.69 -16.12
C LYS B 182 19.74 -54.55 -16.77
N MET B 183 18.63 -54.13 -16.17
CA MET B 183 17.91 -52.96 -16.67
C MET B 183 18.51 -51.63 -16.28
N LYS B 184 19.74 -51.62 -15.75
CA LYS B 184 20.49 -50.42 -15.36
C LYS B 184 19.79 -49.60 -14.28
N GLU B 185 19.01 -50.24 -13.43
CA GLU B 185 18.23 -49.55 -12.41
C GLU B 185 18.88 -49.76 -11.05
N CYS B 186 18.87 -48.73 -10.26
CA CYS B 186 19.57 -48.92 -9.00
C CYS B 186 18.61 -49.39 -7.92
N PRO B 187 18.98 -50.42 -7.15
CA PRO B 187 18.07 -50.94 -6.13
C PRO B 187 17.79 -49.97 -5.00
N TYR B 188 18.61 -48.94 -4.81
CA TYR B 188 18.34 -47.90 -3.83
C TYR B 188 17.33 -46.88 -4.30
N ASP B 189 17.01 -46.84 -5.59
CA ASP B 189 16.01 -45.92 -6.14
C ASP B 189 14.62 -46.44 -5.80
N MET B 190 13.92 -45.70 -4.96
CA MET B 190 12.63 -46.13 -4.44
C MET B 190 11.44 -45.61 -5.22
N GLY B 191 11.65 -44.94 -6.35
CA GLY B 191 10.51 -44.52 -7.13
C GLY B 191 9.75 -43.36 -6.52
N GLY B 192 8.45 -43.33 -6.80
CA GLY B 192 7.62 -42.22 -6.38
C GLY B 192 7.62 -41.02 -7.29
N TYR B 193 8.13 -41.14 -8.51
CA TYR B 193 8.20 -40.00 -9.41
C TYR B 193 7.86 -40.43 -10.82
N PHE B 194 7.67 -39.46 -11.70
CA PHE B 194 7.30 -39.72 -13.08
C PHE B 194 8.45 -39.33 -13.98
N VAL B 195 8.42 -39.80 -15.21
CA VAL B 195 9.39 -39.39 -16.22
C VAL B 195 8.66 -38.74 -17.38
N ILE B 196 8.89 -37.45 -17.58
CA ILE B 196 8.22 -36.68 -18.63
C ILE B 196 9.28 -35.99 -19.47
N ASN B 197 9.34 -36.37 -20.76
CA ASN B 197 10.37 -35.94 -21.72
C ASN B 197 11.77 -36.12 -21.16
N GLY B 198 12.01 -37.25 -20.52
CA GLY B 198 13.30 -37.56 -19.98
C GLY B 198 13.59 -36.95 -18.63
N SER B 199 12.75 -36.07 -18.15
CA SER B 199 13.00 -35.32 -16.93
C SER B 199 12.17 -35.91 -15.82
N GLU B 200 12.77 -36.11 -14.66
CA GLU B 200 12.07 -36.72 -13.54
C GLU B 200 11.25 -35.69 -12.78
N LYS B 201 9.93 -35.88 -12.75
CA LYS B 201 9.00 -34.94 -12.12
C LYS B 201 8.32 -35.63 -10.95
N VAL B 202 8.31 -34.96 -9.80
CA VAL B 202 7.66 -35.42 -8.58
C VAL B 202 6.49 -34.51 -8.25
N LEU B 203 5.38 -35.09 -7.78
CA LEU B 203 4.25 -34.28 -7.38
C LEU B 203 4.38 -33.87 -5.91
N ILE B 204 4.17 -32.59 -5.65
CA ILE B 204 4.28 -32.01 -4.32
C ILE B 204 2.91 -32.00 -3.68
N ALA B 205 2.79 -32.60 -2.50
CA ALA B 205 1.55 -32.61 -1.76
C ALA B 205 1.01 -31.20 -1.53
N GLN B 206 -0.26 -31.01 -1.82
CA GLN B 206 -0.92 -29.71 -1.75
C GLN B 206 -1.82 -29.66 -0.53
N GLU B 207 -1.58 -28.70 0.35
CA GLU B 207 -2.34 -28.56 1.59
C GLU B 207 -3.59 -27.75 1.31
N ARG B 208 -4.74 -28.24 1.77
CA ARG B 208 -5.98 -27.48 1.64
C ARG B 208 -6.78 -27.63 2.91
N SER B 209 -7.79 -26.76 3.04
CA SER B 209 -8.73 -26.88 4.15
C SER B 209 -9.68 -28.03 3.93
N ALA B 210 -10.09 -28.65 5.03
CA ALA B 210 -11.05 -29.74 4.97
C ALA B 210 -12.38 -29.29 4.43
N ALA B 211 -13.06 -30.19 3.73
CA ALA B 211 -14.41 -29.93 3.29
C ALA B 211 -15.40 -30.47 4.31
N ASN B 212 -16.63 -29.98 4.22
CA ASN B 212 -17.78 -30.47 4.99
C ASN B 212 -17.60 -30.26 6.49
N ILE B 213 -16.94 -29.18 6.88
CA ILE B 213 -16.80 -28.80 8.29
C ILE B 213 -17.16 -27.33 8.44
N VAL B 214 -17.78 -27.01 9.57
CA VAL B 214 -18.21 -25.67 9.89
C VAL B 214 -17.08 -24.96 10.62
N GLN B 215 -16.70 -23.78 10.13
CA GLN B 215 -15.71 -22.97 10.82
C GLN B 215 -16.30 -21.60 11.11
N VAL B 216 -16.05 -21.09 12.31
CA VAL B 216 -16.55 -19.77 12.72
C VAL B 216 -15.39 -18.82 12.94
N PHE B 217 -15.43 -17.67 12.28
CA PHE B 217 -14.40 -16.66 12.45
C PHE B 217 -15.04 -15.33 12.82
N LYS B 218 -14.25 -14.50 13.49
CA LYS B 218 -14.68 -13.14 13.82
C LYS B 218 -14.22 -12.17 12.73
N LYS B 219 -14.96 -11.08 12.59
CA LYS B 219 -14.71 -10.07 11.57
C LYS B 219 -14.17 -8.78 12.19
N ALA B 220 -13.46 -8.01 11.36
CA ALA B 220 -12.77 -6.80 11.76
C ALA B 220 -13.78 -5.70 12.10
N ALA B 221 -13.29 -4.67 12.80
CA ALA B 221 -14.16 -3.61 13.32
C ALA B 221 -14.94 -2.84 12.25
N PRO B 222 -14.36 -2.31 11.12
CA PRO B 222 -15.20 -1.49 10.21
C PRO B 222 -16.19 -2.26 9.34
N SER B 223 -16.77 -3.34 9.85
CA SER B 223 -17.69 -4.18 9.11
C SER B 223 -18.99 -4.36 9.90
N PRO B 224 -20.15 -4.33 9.22
CA PRO B 224 -21.41 -4.62 9.92
C PRO B 224 -21.53 -6.04 10.42
N ILE B 225 -20.73 -6.95 9.89
CA ILE B 225 -20.67 -8.35 10.30
C ILE B 225 -19.65 -8.51 11.42
N SER B 226 -19.99 -9.34 12.41
CA SER B 226 -19.11 -9.61 13.53
C SER B 226 -18.65 -11.06 13.60
N HIS B 227 -19.47 -12.00 13.16
CA HIS B 227 -19.16 -13.41 13.14
C HIS B 227 -19.67 -14.00 11.85
N VAL B 228 -18.93 -14.95 11.29
CA VAL B 228 -19.28 -15.61 10.04
C VAL B 228 -19.07 -17.10 10.24
N ALA B 229 -20.01 -17.91 9.74
CA ALA B 229 -19.83 -19.34 9.65
C ALA B 229 -19.65 -19.68 8.19
N GLU B 230 -18.73 -20.58 7.89
CA GLU B 230 -18.39 -20.86 6.50
C GLU B 230 -18.27 -22.35 6.32
N ILE B 231 -18.63 -22.84 5.13
CA ILE B 231 -18.39 -24.23 4.78
C ILE B 231 -18.26 -24.40 3.27
N ARG B 232 -17.26 -25.18 2.85
CA ARG B 232 -17.15 -25.56 1.45
C ARG B 232 -17.61 -27.00 1.34
N SER B 233 -18.64 -27.24 0.56
CA SER B 233 -19.26 -28.54 0.44
C SER B 233 -18.66 -29.30 -0.72
N ALA B 234 -18.31 -30.55 -0.50
CA ALA B 234 -17.67 -31.37 -1.51
C ALA B 234 -18.18 -32.79 -1.33
N LEU B 235 -18.40 -33.49 -2.44
CA LEU B 235 -19.03 -34.79 -2.40
C LEU B 235 -18.06 -35.82 -1.86
N GLU B 236 -18.59 -36.99 -1.52
CA GLU B 236 -17.69 -38.06 -1.07
C GLU B 236 -17.12 -38.82 -2.27
N LYS B 237 -17.97 -39.21 -3.20
CA LYS B 237 -17.50 -39.83 -4.43
C LYS B 237 -16.76 -38.80 -5.28
N GLY B 238 -15.68 -39.24 -5.96
CA GLY B 238 -14.69 -38.35 -6.52
C GLY B 238 -13.86 -37.47 -5.60
N SER B 239 -14.54 -36.72 -4.73
CA SER B 239 -14.15 -35.91 -3.57
C SER B 239 -14.10 -34.43 -3.93
N ARG B 240 -14.77 -34.05 -5.01
CA ARG B 240 -14.39 -32.87 -5.79
C ARG B 240 -15.18 -31.71 -5.22
N LEU B 241 -14.66 -30.49 -5.36
CA LEU B 241 -15.40 -29.32 -4.93
C LEU B 241 -16.68 -29.11 -5.71
N ILE B 242 -17.68 -28.54 -5.02
CA ILE B 242 -18.97 -28.22 -5.62
C ILE B 242 -19.30 -26.75 -5.45
N SER B 243 -19.41 -26.32 -4.20
CA SER B 243 -19.87 -24.98 -3.90
C SER B 243 -19.44 -24.58 -2.50
N THR B 244 -19.72 -23.34 -2.16
CA THR B 244 -19.30 -22.74 -0.91
C THR B 244 -20.44 -21.91 -0.38
N MET B 245 -20.60 -21.88 0.94
CA MET B 245 -21.80 -21.30 1.52
C MET B 245 -21.36 -20.58 2.79
N GLN B 246 -22.05 -19.50 3.12
CA GLN B 246 -21.70 -18.69 4.27
C GLN B 246 -22.97 -18.29 5.01
N ILE B 247 -22.84 -18.08 6.32
CA ILE B 247 -23.89 -17.51 7.15
C ILE B 247 -23.31 -16.38 7.97
N LYS B 248 -23.73 -15.17 7.67
CA LYS B 248 -23.15 -13.98 8.28
C LYS B 248 -24.11 -13.43 9.32
N LEU B 249 -23.57 -13.05 10.47
CA LEU B 249 -24.32 -12.35 11.52
C LEU B 249 -24.03 -10.87 11.42
N TYR B 250 -25.03 -10.09 11.07
CA TYR B 250 -24.82 -8.66 10.93
C TYR B 250 -24.86 -7.99 12.30
N GLY B 251 -24.77 -6.67 12.30
CA GLY B 251 -24.84 -5.91 13.52
C GLY B 251 -23.57 -5.90 14.34
N ARG B 252 -22.99 -4.71 14.49
CA ARG B 252 -21.80 -4.45 15.29
C ARG B 252 -22.23 -4.40 16.77
N GLU B 253 -21.34 -3.93 17.65
CA GLU B 253 -21.61 -3.73 19.07
C GLU B 253 -22.36 -2.42 19.27
N ASP B 254 -23.66 -2.53 19.58
CA ASP B 254 -24.59 -1.40 19.74
C ASP B 254 -24.74 -0.57 18.47
N LYS B 255 -24.51 -1.20 17.32
CA LYS B 255 -24.65 -0.57 16.02
C LYS B 255 -25.07 -1.67 15.06
N GLY B 256 -25.99 -1.35 14.15
CA GLY B 256 -26.53 -2.39 13.30
C GLY B 256 -27.97 -2.69 13.61
N THR B 257 -28.54 -1.96 14.57
CA THR B 257 -29.97 -1.93 15.00
C THR B 257 -30.49 -3.36 15.14
N GLY B 258 -31.50 -3.76 14.37
CA GLY B 258 -31.90 -5.15 14.23
C GLY B 258 -30.76 -6.09 13.88
N ARG B 259 -30.49 -7.07 14.73
CA ARG B 259 -29.26 -7.87 14.67
C ARG B 259 -29.51 -9.20 13.99
N THR B 260 -29.98 -9.15 12.75
CA THR B 260 -30.63 -10.35 12.23
C THR B 260 -29.54 -11.17 11.56
N ILE B 261 -29.91 -12.29 10.95
CA ILE B 261 -28.92 -13.16 10.33
C ILE B 261 -29.39 -13.49 8.92
N LYS B 262 -28.51 -13.27 7.94
CA LYS B 262 -28.84 -13.66 6.58
C LYS B 262 -27.78 -14.65 6.11
N ALA B 263 -28.16 -15.49 5.15
CA ALA B 263 -27.25 -16.47 4.57
C ALA B 263 -26.89 -16.10 3.14
N THR B 264 -25.90 -16.81 2.61
CA THR B 264 -25.46 -16.65 1.23
C THR B 264 -25.62 -18.01 0.56
N LEU B 265 -26.27 -18.01 -0.59
CA LEU B 265 -26.50 -19.27 -1.30
C LEU B 265 -25.78 -19.23 -2.64
N PRO B 266 -25.26 -20.36 -3.12
CA PRO B 266 -24.62 -20.39 -4.44
C PRO B 266 -25.59 -19.97 -5.54
N TYR B 267 -25.08 -19.13 -6.44
CA TYR B 267 -25.80 -18.62 -7.61
C TYR B 267 -27.01 -17.78 -7.24
N VAL B 268 -26.94 -17.04 -6.13
CA VAL B 268 -27.98 -16.06 -5.77
C VAL B 268 -27.26 -14.76 -5.43
N LYS B 269 -27.73 -13.66 -5.99
CA LYS B 269 -26.97 -12.42 -5.95
C LYS B 269 -26.97 -11.72 -4.59
N GLN B 270 -27.93 -12.03 -3.71
CA GLN B 270 -28.12 -11.25 -2.51
C GLN B 270 -28.28 -12.17 -1.30
N ASP B 271 -27.96 -11.63 -0.13
CA ASP B 271 -28.10 -12.36 1.13
C ASP B 271 -29.57 -12.48 1.55
N ILE B 272 -29.96 -13.69 1.93
CA ILE B 272 -31.35 -14.04 2.25
C ILE B 272 -31.45 -14.37 3.73
N PRO B 273 -32.38 -13.77 4.47
CA PRO B 273 -32.54 -14.07 5.91
C PRO B 273 -32.85 -15.54 6.18
N ILE B 274 -32.37 -16.01 7.34
CA ILE B 274 -32.37 -17.43 7.69
C ILE B 274 -33.78 -18.00 7.72
N VAL B 275 -34.70 -17.29 8.37
CA VAL B 275 -36.08 -17.77 8.56
C VAL B 275 -36.72 -18.09 7.21
N ILE B 276 -36.43 -17.27 6.20
CA ILE B 276 -36.98 -17.45 4.86
C ILE B 276 -36.55 -18.79 4.25
N VAL B 277 -35.28 -19.16 4.44
CA VAL B 277 -34.83 -20.42 3.85
C VAL B 277 -35.37 -21.61 4.63
N PHE B 278 -35.58 -21.46 5.95
CA PHE B 278 -36.25 -22.49 6.73
C PHE B 278 -37.65 -22.74 6.21
N ARG B 279 -38.40 -21.68 5.95
CA ARG B 279 -39.76 -21.80 5.44
C ARG B 279 -39.74 -22.38 4.03
N ALA B 280 -38.81 -21.94 3.20
CA ALA B 280 -38.61 -22.43 1.85
C ALA B 280 -38.27 -23.92 1.75
N LEU B 281 -37.94 -24.57 2.85
CA LEU B 281 -37.65 -26.00 2.79
C LEU B 281 -38.82 -26.86 3.23
N GLY B 282 -39.87 -26.25 3.77
CA GLY B 282 -41.06 -27.00 4.14
C GLY B 282 -41.41 -26.97 5.61
N VAL B 283 -40.70 -26.19 6.40
CA VAL B 283 -41.01 -26.03 7.82
C VAL B 283 -41.26 -24.55 8.10
N VAL B 284 -42.54 -24.20 8.28
CA VAL B 284 -42.94 -22.79 8.27
C VAL B 284 -43.30 -22.18 9.63
N PRO B 285 -44.10 -22.79 10.55
CA PRO B 285 -44.38 -22.08 11.81
C PRO B 285 -43.14 -21.90 12.67
N ASP B 286 -42.94 -20.67 13.16
CA ASP B 286 -41.94 -20.23 14.13
C ASP B 286 -41.54 -21.28 15.15
N GLY B 287 -42.54 -21.88 15.82
CA GLY B 287 -42.30 -22.75 16.95
C GLY B 287 -41.51 -23.99 16.57
N GLU B 288 -41.69 -24.47 15.34
CA GLU B 288 -40.93 -25.60 14.85
C GLU B 288 -39.52 -25.16 14.47
N ILE B 289 -39.41 -23.98 13.84
CA ILE B 289 -38.11 -23.41 13.48
C ILE B 289 -37.20 -23.29 14.69
N LEU B 290 -37.69 -22.65 15.76
CA LEU B 290 -36.84 -22.53 16.94
C LEU B 290 -36.59 -23.88 17.60
N GLN B 291 -37.47 -24.85 17.39
CA GLN B 291 -37.25 -26.18 17.92
C GLN B 291 -36.15 -26.91 17.16
N HIS B 292 -35.87 -26.50 15.92
CA HIS B 292 -34.76 -27.06 15.16
C HIS B 292 -33.42 -26.42 15.47
N ILE B 293 -33.39 -25.19 15.99
CA ILE B 293 -32.10 -24.56 16.23
C ILE B 293 -31.62 -24.68 17.68
N CYS B 294 -32.28 -23.96 18.58
CA CYS B 294 -31.88 -23.94 19.97
C CYS B 294 -32.45 -25.12 20.74
N TYR B 295 -31.58 -25.88 21.40
CA TYR B 295 -32.02 -27.01 22.21
C TYR B 295 -32.03 -26.68 23.70
N ASP B 296 -32.33 -25.43 24.05
CA ASP B 296 -32.36 -25.03 25.46
C ASP B 296 -33.33 -23.85 25.51
N GLU B 297 -34.58 -24.16 25.88
CA GLU B 297 -35.66 -23.18 26.03
C GLU B 297 -35.41 -22.13 27.11
N ASN B 298 -34.49 -22.36 28.04
CA ASN B 298 -34.17 -21.39 29.08
C ASN B 298 -33.23 -20.30 28.60
N ASP B 299 -32.34 -20.62 27.66
CA ASP B 299 -31.33 -19.70 27.13
C ASP B 299 -31.99 -18.50 26.48
N TRP B 300 -32.32 -17.49 27.28
CA TRP B 300 -33.01 -16.31 26.79
C TRP B 300 -32.09 -15.37 26.04
N GLN B 301 -30.79 -15.39 26.33
CA GLN B 301 -29.83 -14.58 25.59
C GLN B 301 -29.77 -14.99 24.13
N MET B 302 -29.69 -16.30 23.89
CA MET B 302 -29.71 -16.81 22.52
C MET B 302 -31.04 -16.54 21.86
N LEU B 303 -32.15 -16.73 22.60
CA LEU B 303 -33.48 -16.49 22.05
C LEU B 303 -33.70 -15.02 21.73
N GLU B 304 -33.16 -14.12 22.55
CA GLU B 304 -33.24 -12.69 22.24
C GLU B 304 -32.47 -12.32 20.98
N MET B 305 -31.41 -13.06 20.66
CA MET B 305 -30.70 -12.69 19.46
C MET B 305 -31.40 -13.22 18.21
N LEU B 306 -32.25 -14.24 18.35
CA LEU B 306 -32.98 -14.69 17.19
C LEU B 306 -34.28 -13.92 16.98
N LYS B 307 -34.69 -13.10 17.96
CA LYS B 307 -35.91 -12.29 17.95
C LYS B 307 -35.99 -11.44 16.67
N PRO B 308 -35.01 -10.56 16.32
CA PRO B 308 -35.16 -9.74 15.12
C PRO B 308 -35.25 -10.53 13.83
N CYS B 309 -34.72 -11.76 13.80
CA CYS B 309 -34.76 -12.57 12.59
C CYS B 309 -36.18 -13.04 12.30
N ILE B 310 -36.96 -13.30 13.35
CA ILE B 310 -38.34 -13.71 13.16
C ILE B 310 -39.15 -12.56 12.57
N GLU B 311 -39.03 -11.37 13.17
CA GLU B 311 -39.82 -10.24 12.74
C GLU B 311 -39.42 -9.72 11.36
N GLU B 312 -38.14 -9.82 10.99
CA GLU B 312 -37.80 -9.38 9.64
C GLU B 312 -38.18 -10.41 8.58
N GLY B 313 -38.67 -11.58 8.97
CA GLY B 313 -39.11 -12.53 7.98
C GLY B 313 -40.49 -13.02 8.34
N PHE B 314 -41.29 -12.14 8.94
CA PHE B 314 -42.61 -12.55 9.41
C PHE B 314 -43.60 -12.57 8.27
N VAL B 315 -43.55 -11.57 7.38
CA VAL B 315 -44.54 -11.38 6.33
C VAL B 315 -44.48 -12.48 5.27
N ILE B 316 -43.42 -13.27 5.25
CA ILE B 316 -43.30 -14.40 4.34
C ILE B 316 -43.87 -15.55 5.17
N GLN B 317 -45.15 -15.86 4.95
CA GLN B 317 -45.88 -16.74 5.84
C GLN B 317 -46.21 -18.12 5.26
N ASP B 318 -45.66 -18.46 4.09
CA ASP B 318 -45.88 -19.80 3.54
C ASP B 318 -44.79 -20.15 2.55
N LYS B 319 -44.81 -21.42 2.14
CA LYS B 319 -43.74 -22.01 1.34
C LYS B 319 -43.61 -21.35 -0.02
N GLU B 320 -44.75 -21.13 -0.69
CA GLU B 320 -44.75 -20.70 -2.08
C GLU B 320 -44.15 -19.31 -2.26
N VAL B 321 -44.59 -18.33 -1.46
CA VAL B 321 -44.00 -16.99 -1.54
C VAL B 321 -42.56 -16.96 -1.04
N ALA B 322 -42.15 -17.93 -0.22
CA ALA B 322 -40.76 -18.03 0.18
C ALA B 322 -39.89 -18.46 -0.98
N LEU B 323 -40.22 -19.59 -1.60
CA LEU B 323 -39.49 -20.10 -2.77
C LEU B 323 -39.43 -19.07 -3.89
N ASP B 324 -40.48 -18.27 -4.06
CA ASP B 324 -40.45 -17.27 -5.11
C ASP B 324 -39.55 -16.10 -4.76
N PHE B 325 -39.50 -15.72 -3.47
CA PHE B 325 -38.59 -14.68 -3.01
C PHE B 325 -37.13 -15.04 -3.34
N ILE B 326 -36.81 -16.33 -3.26
CA ILE B 326 -35.46 -16.79 -3.58
C ILE B 326 -35.21 -16.66 -5.07
N GLY B 327 -36.07 -17.30 -5.89
CA GLY B 327 -35.88 -17.33 -7.33
C GLY B 327 -35.72 -15.97 -8.00
N ARG B 328 -36.27 -14.92 -7.40
CA ARG B 328 -36.20 -13.56 -7.92
C ARG B 328 -34.82 -12.92 -7.74
N ARG B 329 -33.89 -13.62 -7.09
CA ARG B 329 -32.51 -13.20 -6.96
C ARG B 329 -31.48 -14.10 -7.59
N GLY B 330 -31.82 -15.35 -7.91
CA GLY B 330 -30.77 -16.25 -8.31
C GLY B 330 -30.07 -16.28 -9.64
N SER B 331 -29.52 -15.14 -10.06
CA SER B 331 -28.73 -14.97 -11.29
C SER B 331 -29.34 -15.43 -12.59
N ALA B 332 -30.64 -15.70 -12.62
CA ALA B 332 -31.24 -16.18 -13.85
C ALA B 332 -31.58 -15.07 -14.82
N ALA B 333 -32.49 -15.38 -15.71
CA ALA B 333 -33.00 -14.48 -16.73
C ALA B 333 -34.19 -13.73 -16.14
N LEU B 334 -34.65 -12.72 -16.86
CA LEU B 334 -35.74 -11.90 -16.40
C LEU B 334 -37.01 -12.39 -17.08
N GLY B 335 -37.97 -12.85 -16.28
CA GLY B 335 -39.21 -13.33 -16.84
C GLY B 335 -39.34 -14.82 -16.97
N ILE B 336 -39.32 -15.51 -15.82
CA ILE B 336 -39.49 -16.96 -15.87
C ILE B 336 -40.82 -17.33 -15.17
N ARG B 337 -41.61 -16.32 -14.83
CA ARG B 337 -42.82 -16.36 -14.01
C ARG B 337 -42.89 -17.31 -12.79
N ARG B 338 -43.73 -16.92 -11.81
CA ARG B 338 -43.94 -17.66 -10.55
C ARG B 338 -44.24 -19.15 -10.76
N GLU B 339 -44.96 -19.49 -11.82
CA GLU B 339 -45.33 -20.87 -12.11
C GLU B 339 -44.10 -21.77 -12.33
N LYS B 340 -42.96 -21.18 -12.67
CA LYS B 340 -41.69 -21.87 -12.91
C LYS B 340 -40.50 -21.39 -12.09
N ARG B 341 -40.45 -20.08 -11.78
CA ARG B 341 -39.40 -19.51 -10.94
C ARG B 341 -39.28 -20.19 -9.57
N ILE B 342 -40.39 -20.71 -9.04
CA ILE B 342 -40.31 -21.67 -7.93
C ILE B 342 -39.52 -22.92 -8.33
N GLN B 343 -39.93 -23.58 -9.41
CA GLN B 343 -39.29 -24.82 -9.86
C GLN B 343 -37.81 -24.66 -10.26
N TYR B 344 -37.36 -23.44 -10.52
CA TYR B 344 -35.93 -23.23 -10.72
C TYR B 344 -35.19 -23.12 -9.38
N ALA B 345 -35.78 -22.40 -8.43
CA ALA B 345 -35.22 -22.30 -7.09
C ALA B 345 -35.22 -23.60 -6.31
N LYS B 346 -36.23 -24.47 -6.51
CA LYS B 346 -36.20 -25.80 -5.90
C LYS B 346 -34.99 -26.63 -6.32
N ASP B 347 -34.40 -26.34 -7.46
CA ASP B 347 -33.17 -27.05 -7.83
C ASP B 347 -32.00 -26.45 -7.07
N ILE B 348 -31.95 -25.12 -6.93
CA ILE B 348 -30.90 -24.45 -6.18
C ILE B 348 -30.97 -24.83 -4.69
N LEU B 349 -32.11 -25.30 -4.21
CA LEU B 349 -32.17 -25.76 -2.83
C LEU B 349 -31.87 -27.25 -2.71
N GLN B 350 -32.38 -28.06 -3.63
CA GLN B 350 -32.16 -29.51 -3.57
C GLN B 350 -30.70 -29.85 -3.85
N LYS B 351 -30.17 -29.32 -4.94
CA LYS B 351 -28.76 -29.42 -5.23
C LYS B 351 -28.12 -28.05 -5.05
N GLU B 352 -26.79 -28.08 -4.95
CA GLU B 352 -25.83 -26.98 -4.76
C GLU B 352 -25.82 -26.50 -3.31
N LEU B 353 -26.96 -26.48 -2.64
CA LEU B 353 -27.02 -26.11 -1.23
C LEU B 353 -26.80 -27.38 -0.41
N LEU B 354 -25.69 -27.41 0.33
CA LEU B 354 -25.25 -28.57 1.11
C LEU B 354 -25.28 -29.93 0.39
N PRO B 355 -24.71 -30.05 -0.81
CA PRO B 355 -24.83 -31.31 -1.57
C PRO B 355 -24.20 -32.53 -0.93
N HIS B 356 -23.34 -32.36 0.06
CA HIS B 356 -22.73 -33.50 0.73
C HIS B 356 -23.70 -34.30 1.60
N ILE B 357 -24.83 -33.73 2.01
CA ILE B 357 -25.77 -34.49 2.81
C ILE B 357 -26.54 -35.49 1.97
N THR B 358 -27.26 -35.02 0.95
CA THR B 358 -27.93 -35.87 -0.03
C THR B 358 -28.37 -35.00 -1.21
N GLN B 359 -28.62 -35.65 -2.33
CA GLN B 359 -29.20 -35.01 -3.50
C GLN B 359 -30.45 -35.67 -4.05
N GLU B 360 -30.93 -36.76 -3.45
CA GLU B 360 -32.20 -37.32 -3.88
C GLU B 360 -33.37 -36.54 -3.28
N GLU B 361 -34.54 -36.70 -3.90
CA GLU B 361 -35.72 -35.97 -3.47
C GLU B 361 -36.33 -36.56 -2.20
N GLY B 362 -37.19 -35.77 -1.57
CA GLY B 362 -37.95 -36.20 -0.41
C GLY B 362 -37.10 -36.47 0.80
N PHE B 363 -35.93 -35.84 0.89
CA PHE B 363 -35.06 -35.94 2.06
C PHE B 363 -34.72 -34.59 2.68
N GLU B 364 -35.59 -33.58 2.52
CA GLU B 364 -35.37 -32.24 3.04
C GLU B 364 -35.33 -32.13 4.55
N THR B 365 -35.71 -33.19 5.28
CA THR B 365 -35.59 -33.18 6.73
C THR B 365 -34.13 -33.11 7.20
N ARG B 366 -33.20 -33.71 6.45
CA ARG B 366 -31.80 -33.64 6.83
C ARG B 366 -31.22 -32.25 6.67
N LYS B 367 -31.58 -31.54 5.60
CA LYS B 367 -31.02 -30.20 5.42
C LYS B 367 -31.59 -29.23 6.44
N THR B 368 -32.87 -29.35 6.77
CA THR B 368 -33.46 -28.44 7.74
C THR B 368 -32.83 -28.63 9.11
N PHE B 369 -32.63 -29.87 9.52
CA PHE B 369 -31.98 -30.15 10.80
C PHE B 369 -30.54 -29.66 10.82
N PHE B 370 -29.82 -29.83 9.72
CA PHE B 370 -28.44 -29.37 9.64
C PHE B 370 -28.33 -27.85 9.71
N LEU B 371 -29.21 -27.16 8.98
CA LEU B 371 -29.27 -25.70 9.00
C LEU B 371 -29.43 -25.17 10.41
N GLY B 372 -30.27 -25.81 11.22
CA GLY B 372 -30.44 -25.39 12.60
C GLY B 372 -29.17 -25.54 13.41
N TYR B 373 -28.42 -26.61 13.17
CA TYR B 373 -27.12 -26.82 13.83
C TYR B 373 -26.16 -25.67 13.55
N MET B 374 -26.08 -25.24 12.30
CA MET B 374 -25.19 -24.13 11.91
C MET B 374 -25.51 -22.86 12.68
N VAL B 375 -26.78 -22.47 12.71
CA VAL B 375 -27.21 -21.28 13.42
C VAL B 375 -26.89 -21.39 14.91
N ASN B 376 -27.06 -22.59 15.47
CA ASN B 376 -26.71 -22.84 16.87
C ASN B 376 -25.23 -22.59 17.10
N ARG B 377 -24.37 -23.14 16.24
CA ARG B 377 -22.93 -22.93 16.36
C ARG B 377 -22.55 -21.47 16.19
N LEU B 378 -23.19 -20.78 15.24
CA LEU B 378 -22.95 -19.35 15.03
C LEU B 378 -23.21 -18.53 16.29
N LEU B 379 -24.30 -18.82 17.00
CA LEU B 379 -24.64 -17.99 18.16
C LEU B 379 -23.77 -18.31 19.37
N LEU B 380 -23.35 -19.58 19.54
CA LEU B 380 -22.42 -19.92 20.62
C LEU B 380 -21.13 -19.09 20.55
N CYS B 381 -20.64 -18.81 19.35
CA CYS B 381 -19.44 -18.00 19.28
C CYS B 381 -19.78 -16.55 19.54
N ALA B 382 -20.91 -16.07 19.00
CA ALA B 382 -21.33 -14.71 19.26
C ALA B 382 -21.69 -14.48 20.72
N LEU B 383 -22.14 -15.51 21.44
CA LEU B 383 -22.40 -15.38 22.86
C LEU B 383 -21.18 -15.56 23.74
N GLU B 384 -19.98 -15.69 23.13
CA GLU B 384 -18.71 -15.88 23.84
C GLU B 384 -18.72 -17.10 24.76
N ARG B 385 -19.45 -18.15 24.37
CA ARG B 385 -19.42 -19.42 25.08
C ARG B 385 -18.44 -20.41 24.46
N LYS B 386 -17.88 -20.08 23.32
CA LYS B 386 -16.95 -20.93 22.59
C LYS B 386 -16.05 -20.01 21.79
N ASP B 387 -14.76 -20.32 21.81
CA ASP B 387 -13.79 -19.58 21.04
C ASP B 387 -14.06 -19.75 19.56
N GLN B 388 -13.60 -18.78 18.78
CA GLN B 388 -13.63 -18.96 17.34
C GLN B 388 -12.63 -20.06 16.98
N ASP B 389 -12.91 -20.72 15.87
CA ASP B 389 -12.06 -21.83 15.43
C ASP B 389 -10.66 -21.37 15.06
N ASP B 390 -9.71 -22.25 15.25
CA ASP B 390 -8.32 -21.97 14.96
C ASP B 390 -8.07 -22.57 13.58
N ARG B 391 -7.86 -21.68 12.59
CA ARG B 391 -7.69 -22.07 11.20
C ARG B 391 -6.46 -22.96 10.98
N ASP B 392 -5.51 -22.97 11.91
CA ASP B 392 -4.27 -23.70 11.76
C ASP B 392 -4.27 -25.05 12.45
N HIS B 393 -5.30 -25.36 13.22
CA HIS B 393 -5.49 -26.69 13.80
C HIS B 393 -5.37 -27.73 12.69
N PHE B 394 -4.39 -28.63 12.84
CA PHE B 394 -4.06 -29.59 11.78
C PHE B 394 -5.14 -30.60 11.52
N GLY B 395 -6.03 -30.87 12.49
CA GLY B 395 -7.15 -31.77 12.25
C GLY B 395 -8.16 -31.23 11.27
N LYS B 396 -8.16 -29.92 11.04
CA LYS B 396 -9.00 -29.31 10.03
C LYS B 396 -8.29 -29.19 8.69
N LYS B 397 -7.26 -29.99 8.43
CA LYS B 397 -6.46 -29.86 7.22
C LYS B 397 -6.35 -31.20 6.51
N ARG B 398 -6.09 -31.15 5.22
CA ARG B 398 -5.95 -32.33 4.37
C ARG B 398 -4.77 -32.14 3.43
N LEU B 399 -4.15 -33.25 3.06
CA LEU B 399 -3.05 -33.24 2.09
C LEU B 399 -3.48 -33.96 0.82
N ASP B 400 -3.46 -33.25 -0.30
CA ASP B 400 -3.75 -33.85 -1.59
C ASP B 400 -2.46 -34.42 -2.15
N LEU B 401 -2.40 -35.74 -2.33
CA LEU B 401 -1.23 -36.36 -2.90
C LEU B 401 -1.51 -36.76 -4.35
N ALA B 402 -0.67 -37.66 -4.90
CA ALA B 402 -0.66 -37.98 -6.33
C ALA B 402 -2.03 -38.42 -6.83
N GLY B 403 -2.67 -39.30 -6.07
CA GLY B 403 -3.98 -39.83 -6.39
C GLY B 403 -5.06 -38.78 -6.59
N PRO B 404 -5.47 -38.10 -5.51
CA PRO B 404 -6.48 -37.03 -5.63
C PRO B 404 -6.16 -35.93 -6.63
N LEU B 405 -4.89 -35.53 -6.73
CA LEU B 405 -4.49 -34.49 -7.68
C LEU B 405 -4.69 -34.93 -9.12
N LEU B 406 -4.34 -36.18 -9.45
CA LEU B 406 -4.55 -36.63 -10.81
C LEU B 406 -6.02 -36.77 -11.14
N ALA B 407 -6.85 -37.20 -10.19
CA ALA B 407 -8.27 -37.37 -10.47
C ALA B 407 -8.92 -36.05 -10.84
N ASN B 408 -8.56 -34.96 -10.13
CA ASN B 408 -9.13 -33.66 -10.44
C ASN B 408 -8.70 -33.19 -11.83
N LEU B 409 -7.45 -33.45 -12.20
CA LEU B 409 -7.00 -33.08 -13.53
C LEU B 409 -7.59 -33.96 -14.61
N PHE B 410 -7.70 -35.26 -14.34
CA PHE B 410 -8.27 -36.19 -15.31
C PHE B 410 -9.74 -35.88 -15.55
N ARG B 411 -10.46 -35.49 -14.51
CA ARG B 411 -11.86 -35.11 -14.63
C ARG B 411 -12.03 -33.96 -15.62
N ILE B 412 -11.24 -32.90 -15.49
CA ILE B 412 -11.34 -31.74 -16.38
C ILE B 412 -11.07 -32.13 -17.82
N LEU B 413 -10.07 -32.98 -18.04
CA LEU B 413 -9.68 -33.32 -19.40
C LEU B 413 -10.64 -34.30 -20.04
N PHE B 414 -11.23 -35.18 -19.25
CA PHE B 414 -12.18 -36.13 -19.81
C PHE B 414 -13.46 -35.44 -20.28
N ARG B 415 -13.91 -34.38 -19.60
CA ARG B 415 -15.02 -33.59 -20.15
C ARG B 415 -14.64 -32.91 -21.45
N LYS B 416 -13.42 -32.39 -21.55
CA LYS B 416 -12.96 -31.78 -22.79
C LYS B 416 -12.97 -32.78 -23.94
N LEU B 417 -12.52 -34.00 -23.68
CA LEU B 417 -12.63 -35.06 -24.68
C LEU B 417 -14.08 -35.36 -25.02
N THR B 418 -14.95 -35.38 -24.00
CA THR B 418 -16.37 -35.63 -24.21
C THR B 418 -17.03 -34.62 -25.16
N ARG B 419 -16.84 -33.31 -24.90
CA ARG B 419 -17.42 -32.30 -25.78
C ARG B 419 -16.89 -32.39 -27.21
N GLU B 420 -15.64 -32.82 -27.39
CA GLU B 420 -15.13 -32.96 -28.76
C GLU B 420 -15.79 -34.14 -29.45
N ILE B 421 -16.21 -35.15 -28.69
CA ILE B 421 -16.94 -36.25 -29.30
C ILE B 421 -18.34 -35.78 -29.69
N TYR B 422 -19.01 -35.07 -28.77
CA TYR B 422 -20.35 -34.54 -29.01
C TYR B 422 -20.39 -33.58 -30.20
N ARG B 423 -19.46 -32.62 -30.25
CA ARG B 423 -19.40 -31.71 -31.40
C ARG B 423 -19.10 -32.44 -32.70
N TYR B 424 -18.45 -33.59 -32.64
CA TYR B 424 -18.11 -34.32 -33.85
C TYR B 424 -19.26 -35.17 -34.36
N MET B 425 -20.09 -35.69 -33.45
CA MET B 425 -21.27 -36.45 -33.87
C MET B 425 -22.29 -35.61 -34.63
N GLN B 426 -22.52 -34.37 -34.21
CA GLN B 426 -23.50 -33.55 -34.92
C GLN B 426 -23.11 -33.24 -36.37
N ARG B 427 -21.82 -33.22 -36.70
CA ARG B 427 -21.48 -33.17 -38.13
C ARG B 427 -21.45 -34.53 -38.79
N CYS B 428 -20.91 -35.57 -38.13
CA CYS B 428 -20.78 -36.84 -38.82
C CYS B 428 -22.07 -37.64 -38.96
N ILE B 429 -23.16 -37.20 -38.35
CA ILE B 429 -24.42 -37.93 -38.50
C ILE B 429 -25.32 -37.21 -39.51
N GLU B 430 -25.04 -35.94 -39.83
CA GLU B 430 -25.74 -35.28 -40.94
C GLU B 430 -25.38 -35.89 -42.29
N THR B 431 -24.22 -36.55 -42.38
CA THR B 431 -23.87 -37.32 -43.56
C THR B 431 -24.56 -38.68 -43.58
N ASP B 432 -25.15 -39.08 -42.44
CA ASP B 432 -25.80 -40.38 -42.22
C ASP B 432 -24.84 -41.53 -42.54
N ARG B 433 -23.60 -41.39 -42.08
CA ARG B 433 -22.58 -42.41 -42.29
C ARG B 433 -22.08 -42.93 -40.95
N ASP B 434 -22.11 -44.25 -40.78
CA ASP B 434 -21.62 -44.95 -39.59
C ASP B 434 -20.20 -44.54 -39.26
N PHE B 435 -20.01 -43.87 -38.13
CA PHE B 435 -18.68 -43.41 -37.77
C PHE B 435 -17.91 -44.57 -37.15
N ASN B 436 -16.64 -44.67 -37.52
CA ASN B 436 -15.74 -45.77 -37.21
C ASN B 436 -15.16 -45.68 -35.80
N LEU B 437 -15.75 -44.84 -34.94
CA LEU B 437 -15.43 -44.60 -33.53
C LEU B 437 -13.99 -44.15 -33.33
N ASN B 438 -13.00 -44.95 -33.79
CA ASN B 438 -11.58 -44.60 -33.67
C ASN B 438 -11.23 -43.26 -34.33
N LEU B 439 -12.09 -42.75 -35.21
CA LEU B 439 -11.97 -41.44 -35.81
C LEU B 439 -12.67 -40.37 -35.00
N ALA B 440 -13.32 -40.74 -33.89
CA ALA B 440 -13.99 -39.76 -33.04
C ALA B 440 -13.43 -39.70 -31.64
N VAL B 441 -12.22 -40.21 -31.45
CA VAL B 441 -11.51 -40.14 -30.18
C VAL B 441 -10.10 -39.69 -30.50
N LYS B 442 -9.78 -38.44 -30.20
CA LYS B 442 -8.46 -37.91 -30.48
C LYS B 442 -7.71 -38.07 -29.17
N SER B 443 -6.77 -39.01 -29.14
CA SER B 443 -5.98 -39.24 -27.95
C SER B 443 -5.03 -38.10 -27.61
N THR B 444 -4.89 -37.09 -28.45
CA THR B 444 -4.00 -35.99 -28.11
C THR B 444 -4.54 -35.15 -26.98
N THR B 445 -5.86 -35.15 -26.76
CA THR B 445 -6.45 -34.34 -25.70
C THR B 445 -5.98 -34.74 -24.31
N ILE B 446 -6.06 -36.03 -23.97
CA ILE B 446 -5.60 -36.46 -22.66
C ILE B 446 -4.08 -36.53 -22.60
N THR B 447 -3.44 -37.08 -23.63
CA THR B 447 -1.99 -37.26 -23.61
C THR B 447 -1.24 -35.93 -23.51
N SER B 448 -1.63 -34.94 -24.32
CA SER B 448 -0.94 -33.67 -24.25
C SER B 448 -1.32 -32.92 -22.98
N GLY B 449 -2.57 -33.09 -22.54
CA GLY B 449 -3.00 -32.43 -21.32
C GLY B 449 -2.22 -32.87 -20.10
N LEU B 450 -2.11 -34.18 -19.89
CA LEU B 450 -1.34 -34.68 -18.75
C LEU B 450 0.14 -34.36 -18.85
N LYS B 451 0.74 -34.55 -20.04
CA LYS B 451 2.15 -34.20 -20.23
C LYS B 451 2.43 -32.74 -19.95
N TYR B 452 1.57 -31.82 -20.40
CA TYR B 452 1.88 -30.40 -20.25
C TYR B 452 1.82 -29.99 -18.79
N SER B 453 0.80 -30.45 -18.08
CA SER B 453 0.64 -30.07 -16.68
C SER B 453 1.73 -30.66 -15.82
N LEU B 454 2.12 -31.91 -16.08
CA LEU B 454 3.19 -32.50 -15.29
C LEU B 454 4.53 -31.86 -15.63
N ALA B 455 4.71 -31.37 -16.85
CA ALA B 455 6.01 -30.80 -17.20
C ALA B 455 6.18 -29.37 -16.71
N THR B 456 5.11 -28.59 -16.68
CA THR B 456 5.24 -27.21 -16.25
C THR B 456 4.74 -26.95 -14.84
N GLY B 457 3.91 -27.82 -14.27
CA GLY B 457 3.31 -27.44 -13.01
C GLY B 457 2.08 -26.57 -13.10
N ASN B 458 1.69 -26.14 -14.29
CA ASN B 458 0.48 -25.34 -14.46
C ASN B 458 -0.75 -26.22 -14.40
N TRP B 459 -1.52 -26.07 -13.33
CA TRP B 459 -2.64 -26.95 -13.01
C TRP B 459 -3.93 -26.46 -13.63
N GLY B 460 -4.12 -26.80 -14.90
CA GLY B 460 -5.33 -26.41 -15.58
C GLY B 460 -5.16 -26.59 -17.08
N GLU B 461 -6.15 -26.07 -17.80
CA GLU B 461 -6.10 -26.10 -19.25
C GLU B 461 -5.01 -25.11 -19.66
N GLN B 462 -4.25 -25.48 -20.70
CA GLN B 462 -3.13 -24.67 -21.18
C GLN B 462 -3.52 -23.22 -21.49
N LYS B 463 -4.68 -22.99 -22.12
CA LYS B 463 -5.10 -21.62 -22.42
C LYS B 463 -5.42 -20.79 -21.18
N LYS B 464 -5.60 -21.42 -20.01
CA LYS B 464 -5.88 -20.73 -18.76
C LYS B 464 -4.73 -20.84 -17.77
N ALA B 465 -3.49 -20.60 -18.22
CA ALA B 465 -2.31 -20.85 -17.38
C ALA B 465 -2.25 -19.91 -16.18
N MET B 466 -2.65 -18.65 -16.34
CA MET B 466 -2.89 -17.84 -15.15
C MET B 466 -4.19 -18.25 -14.48
N SER B 467 -4.35 -17.82 -13.21
CA SER B 467 -5.40 -18.19 -12.23
C SER B 467 -5.29 -19.64 -11.76
N SER B 468 -4.70 -20.51 -12.56
CA SER B 468 -4.35 -21.88 -12.20
C SER B 468 -3.18 -21.89 -11.22
N ARG B 469 -3.11 -22.95 -10.41
CA ARG B 469 -2.05 -23.05 -9.42
C ARG B 469 -0.76 -23.55 -10.07
N ALA B 470 0.35 -22.89 -9.73
CA ALA B 470 1.67 -23.19 -10.22
C ALA B 470 2.51 -23.98 -9.21
N GLY B 471 3.54 -24.66 -9.73
CA GLY B 471 4.47 -25.35 -8.88
C GLY B 471 4.04 -26.66 -8.27
N VAL B 472 2.97 -27.28 -8.75
CA VAL B 472 2.56 -28.57 -8.21
C VAL B 472 3.55 -29.66 -8.60
N SER B 473 4.08 -29.62 -9.80
CA SER B 473 5.14 -30.52 -10.23
C SER B 473 6.49 -29.81 -10.32
N GLN B 474 7.54 -30.47 -9.86
CA GLN B 474 8.88 -29.90 -9.82
C GLN B 474 9.88 -30.96 -10.26
N VAL B 475 11.00 -30.49 -10.83
CA VAL B 475 12.09 -31.39 -11.21
C VAL B 475 12.70 -31.99 -9.97
N LEU B 476 12.80 -33.32 -9.94
CA LEU B 476 13.27 -34.02 -8.75
C LEU B 476 14.73 -33.71 -8.49
N ASN B 477 15.02 -33.15 -7.32
CA ASN B 477 16.38 -32.83 -6.94
C ASN B 477 17.15 -34.12 -6.71
N ARG B 478 18.26 -34.31 -7.42
CA ARG B 478 19.10 -35.50 -7.27
C ARG B 478 20.51 -35.16 -6.85
N TYR B 479 20.71 -34.01 -6.18
CA TYR B 479 22.05 -33.60 -5.82
C TYR B 479 22.70 -34.60 -4.87
N THR B 480 21.95 -35.13 -3.92
CA THR B 480 22.42 -36.13 -2.98
C THR B 480 21.25 -36.99 -2.53
N TYR B 481 21.58 -38.12 -1.88
CA TYR B 481 20.55 -39.11 -1.58
C TYR B 481 19.54 -38.58 -0.56
N SER B 482 20.02 -37.91 0.48
CA SER B 482 19.15 -37.30 1.48
C SER B 482 18.17 -36.33 0.85
N SER B 483 18.63 -35.57 -0.15
CA SER B 483 17.78 -34.59 -0.79
C SER B 483 16.68 -35.26 -1.59
N THR B 484 16.92 -36.45 -2.12
CA THR B 484 15.86 -37.15 -2.83
C THR B 484 14.76 -37.57 -1.87
N LEU B 485 15.12 -38.15 -0.72
CA LEU B 485 14.12 -38.52 0.28
C LEU B 485 13.29 -37.34 0.75
N SER B 486 13.93 -36.20 1.04
CA SER B 486 13.18 -35.03 1.48
C SER B 486 12.25 -34.53 0.41
N HIS B 487 12.71 -34.51 -0.84
CA HIS B 487 11.90 -33.93 -1.92
C HIS B 487 10.64 -34.74 -2.16
N LEU B 488 10.70 -36.06 -2.00
CA LEU B 488 9.53 -36.89 -2.24
C LEU B 488 8.51 -36.81 -1.12
N ARG B 489 8.85 -36.20 0.01
CA ARG B 489 8.01 -36.10 1.20
C ARG B 489 7.68 -34.66 1.54
N ARG B 490 7.67 -33.78 0.56
CA ARG B 490 7.48 -32.37 0.80
C ARG B 490 6.01 -32.05 0.67
N THR B 491 5.56 -31.02 1.36
CA THR B 491 4.18 -30.56 1.29
C THR B 491 4.23 -29.07 1.05
N ASN B 492 3.17 -28.55 0.45
CA ASN B 492 3.14 -27.16 0.09
C ASN B 492 1.79 -26.57 0.50
N THR B 493 1.81 -25.40 1.10
CA THR B 493 0.58 -24.66 1.37
C THR B 493 0.49 -23.54 0.35
N PRO B 494 -0.56 -23.46 -0.46
CA PRO B 494 -0.56 -22.46 -1.53
C PRO B 494 -1.24 -21.15 -1.15
N ILE B 495 -0.64 -20.46 -0.19
CA ILE B 495 -1.21 -19.21 0.31
C ILE B 495 -0.62 -18.03 -0.44
N GLY B 496 0.68 -18.05 -0.72
CA GLY B 496 1.30 -16.98 -1.47
C GLY B 496 2.64 -16.44 -1.01
N ARG B 497 2.77 -15.13 -1.08
CA ARG B 497 3.91 -14.30 -0.70
C ARG B 497 3.26 -12.95 -0.45
N ASP B 498 2.02 -12.87 -0.88
CA ASP B 498 1.11 -11.75 -0.67
C ASP B 498 0.35 -12.13 0.59
N GLY B 499 0.39 -11.26 1.60
CA GLY B 499 -0.21 -11.58 2.87
C GLY B 499 1.02 -11.86 3.71
N LYS B 500 1.29 -10.92 4.61
CA LYS B 500 2.40 -11.02 5.54
C LYS B 500 1.98 -11.82 6.78
N LEU B 501 1.79 -11.11 7.89
CA LEU B 501 1.37 -11.70 9.17
C LEU B 501 2.23 -12.88 9.64
N ALA B 502 1.61 -13.85 10.31
CA ALA B 502 2.36 -15.00 10.77
C ALA B 502 1.62 -16.33 10.84
N LYS B 503 0.28 -16.31 10.86
CA LYS B 503 -0.48 -17.50 11.24
C LYS B 503 -0.25 -18.71 10.34
N PRO B 504 -0.29 -18.65 8.99
CA PRO B 504 0.06 -19.88 8.27
C PRO B 504 1.55 -20.21 8.33
N ARG B 505 2.40 -19.24 8.64
CA ARG B 505 3.83 -19.53 8.73
C ARG B 505 4.29 -20.12 10.06
N GLN B 506 3.57 -19.94 11.15
CA GLN B 506 4.05 -20.40 12.44
C GLN B 506 4.03 -21.91 12.58
N LEU B 507 4.93 -22.43 13.41
CA LEU B 507 4.89 -23.83 13.80
C LEU B 507 3.82 -23.99 14.87
N HIS B 508 2.67 -24.51 14.49
CA HIS B 508 1.55 -24.67 15.42
C HIS B 508 1.76 -25.92 16.26
N ASN B 509 1.21 -25.90 17.50
CA ASN B 509 1.33 -27.02 18.44
C ASN B 509 0.85 -28.34 17.85
N THR B 510 -0.19 -28.31 17.03
CA THR B 510 -0.74 -29.55 16.51
C THR B 510 0.10 -30.17 15.40
N HIS B 511 1.21 -29.57 15.04
CA HIS B 511 2.13 -30.18 14.10
C HIS B 511 2.96 -31.30 14.69
N TRP B 512 3.04 -31.39 16.03
CA TRP B 512 3.78 -32.42 16.76
C TRP B 512 3.59 -33.81 16.18
N GLY B 513 4.69 -34.42 15.78
CA GLY B 513 4.70 -35.77 15.25
C GLY B 513 4.17 -35.93 13.84
N LEU B 514 3.62 -34.89 13.24
CA LEU B 514 3.07 -34.98 11.90
C LEU B 514 3.89 -34.26 10.85
N VAL B 515 4.39 -33.06 11.10
CA VAL B 515 5.37 -32.47 10.21
C VAL B 515 6.58 -32.09 11.04
N CYS B 516 7.74 -32.07 10.38
CA CYS B 516 9.01 -31.78 11.05
C CYS B 516 9.02 -30.39 11.66
N PRO B 517 9.47 -30.25 12.91
CA PRO B 517 9.62 -28.92 13.52
C PRO B 517 10.86 -28.17 13.09
N ALA B 518 11.81 -28.82 12.43
CA ALA B 518 13.09 -28.22 12.07
C ALA B 518 13.23 -27.89 10.59
N GLU B 519 12.83 -28.80 9.71
CA GLU B 519 13.07 -28.71 8.28
C GLU B 519 12.14 -27.72 7.59
N THR B 520 12.63 -26.51 7.32
CA THR B 520 11.88 -25.55 6.52
C THR B 520 12.78 -24.59 5.77
N PRO B 521 12.43 -24.20 4.54
CA PRO B 521 13.31 -23.35 3.74
C PRO B 521 13.49 -21.96 4.33
N GLU B 522 14.64 -21.36 4.04
CA GLU B 522 14.87 -19.94 4.31
C GLU B 522 14.22 -19.10 3.21
N GLY B 523 13.84 -17.88 3.57
CA GLY B 523 13.32 -16.97 2.57
C GLY B 523 11.81 -16.89 2.47
N GLN B 524 11.32 -16.75 1.23
CA GLN B 524 9.91 -16.40 1.02
C GLN B 524 8.96 -17.53 1.36
N ALA B 525 9.39 -18.77 1.18
CA ALA B 525 8.58 -19.94 1.47
C ALA B 525 8.64 -20.37 2.92
N CYS B 526 9.34 -19.64 3.78
CA CYS B 526 9.64 -20.08 5.15
C CYS B 526 8.38 -20.25 5.97
N GLY B 527 8.17 -21.47 6.45
CA GLY B 527 7.00 -21.82 7.22
C GLY B 527 5.81 -22.28 6.42
N LEU B 528 5.80 -22.06 5.11
CA LEU B 528 4.70 -22.50 4.27
C LEU B 528 4.94 -23.84 3.63
N VAL B 529 6.17 -24.17 3.33
CA VAL B 529 6.56 -25.47 2.82
C VAL B 529 7.04 -26.29 3.99
N LYS B 530 6.45 -27.47 4.18
CA LYS B 530 6.73 -28.28 5.36
C LYS B 530 7.13 -29.67 4.91
N ASN B 531 7.53 -30.51 5.87
CA ASN B 531 8.00 -31.84 5.52
C ASN B 531 7.52 -32.85 6.54
N LEU B 532 7.02 -33.97 6.03
CA LEU B 532 6.41 -35.00 6.86
C LEU B 532 7.41 -35.63 7.79
N SER B 533 7.04 -35.75 9.05
CA SER B 533 7.82 -36.48 10.04
C SER B 533 7.98 -37.93 9.63
N LEU B 534 8.97 -38.58 10.25
CA LEU B 534 9.48 -39.86 9.77
C LEU B 534 8.43 -40.96 9.82
N LEU B 535 7.56 -40.95 10.81
CA LEU B 535 6.55 -42.00 10.96
C LEU B 535 5.18 -41.58 10.46
N SER B 536 5.08 -40.48 9.73
CA SER B 536 3.79 -40.03 9.25
C SER B 536 3.26 -40.95 8.18
N GLY B 537 1.95 -40.97 8.04
CA GLY B 537 1.30 -41.62 6.94
C GLY B 537 0.13 -40.78 6.47
N ILE B 538 -0.38 -41.09 5.29
CA ILE B 538 -1.52 -40.39 4.72
C ILE B 538 -2.62 -41.39 4.45
N SER B 539 -3.82 -41.06 4.90
CA SER B 539 -4.98 -41.91 4.71
C SER B 539 -5.30 -42.09 3.24
N ILE B 540 -5.48 -43.33 2.81
CA ILE B 540 -5.78 -43.59 1.42
C ILE B 540 -7.25 -43.33 1.11
N GLY B 541 -8.11 -43.47 2.09
CA GLY B 541 -9.53 -43.30 1.84
C GLY B 541 -10.26 -44.61 2.03
N SER B 542 -11.48 -44.52 2.54
CA SER B 542 -12.25 -45.69 2.91
C SER B 542 -13.72 -45.40 2.70
N PRO B 543 -14.51 -46.39 2.31
CA PRO B 543 -15.94 -46.14 2.10
C PRO B 543 -16.64 -45.93 3.44
N SER B 544 -17.55 -44.96 3.46
CA SER B 544 -18.29 -44.67 4.68
C SER B 544 -19.47 -45.59 4.91
N GLU B 545 -19.93 -46.28 3.87
CA GLU B 545 -21.09 -47.16 3.97
C GLU B 545 -21.00 -48.27 5.02
N PRO B 546 -19.90 -49.04 5.17
CA PRO B 546 -19.83 -50.01 6.29
C PRO B 546 -19.95 -49.41 7.67
N ILE B 547 -19.53 -48.16 7.85
CA ILE B 547 -19.58 -47.51 9.15
C ILE B 547 -21.02 -47.22 9.57
N ILE B 548 -21.84 -46.74 8.63
CA ILE B 548 -23.27 -46.51 8.88
C ILE B 548 -23.93 -47.79 9.37
N ASN B 549 -23.69 -48.91 8.67
CA ASN B 549 -24.27 -50.19 9.04
C ASN B 549 -23.87 -50.59 10.45
N PHE B 550 -22.63 -50.32 10.84
CA PHE B 550 -22.21 -50.62 12.20
C PHE B 550 -22.89 -49.75 13.24
N LEU B 551 -23.15 -48.48 12.93
CA LEU B 551 -23.75 -47.60 13.91
C LEU B 551 -25.22 -47.93 14.19
N GLU B 552 -25.98 -48.27 13.14
CA GLU B 552 -27.38 -48.62 13.32
C GLU B 552 -27.57 -49.97 13.98
N GLU B 553 -26.64 -50.90 13.77
CA GLU B 553 -26.72 -52.19 14.43
C GLU B 553 -26.52 -52.06 15.93
N TRP B 554 -25.82 -51.03 16.40
CA TRP B 554 -25.54 -50.88 17.82
C TRP B 554 -26.25 -49.69 18.44
N GLY B 555 -27.43 -49.34 17.93
CA GLY B 555 -28.34 -48.54 18.72
C GLY B 555 -28.55 -47.11 18.28
N MET B 556 -28.06 -46.71 17.12
CA MET B 556 -28.23 -45.31 16.70
C MET B 556 -29.65 -45.12 16.21
N GLU B 557 -30.23 -44.02 16.59
CA GLU B 557 -31.61 -43.69 16.29
C GLU B 557 -31.70 -42.64 15.21
N PRO B 558 -32.68 -42.78 14.33
CA PRO B 558 -32.82 -41.87 13.19
C PRO B 558 -33.17 -40.45 13.59
N LEU B 559 -32.99 -39.56 12.62
CA LEU B 559 -33.27 -38.14 12.79
C LEU B 559 -34.75 -37.79 12.83
N GLU B 560 -35.64 -38.62 12.28
CA GLU B 560 -37.06 -38.36 12.43
C GLU B 560 -37.60 -38.61 13.82
N ASP B 561 -36.87 -39.34 14.67
CA ASP B 561 -37.30 -39.61 16.03
C ASP B 561 -36.73 -38.68 17.08
N TYR B 562 -36.41 -37.43 16.77
CA TYR B 562 -35.54 -36.71 17.70
C TYR B 562 -36.29 -35.43 18.01
N ASP B 563 -36.33 -35.09 19.30
CA ASP B 563 -36.99 -33.93 19.85
C ASP B 563 -36.17 -33.35 20.98
N PRO B 564 -35.84 -32.06 20.96
CA PRO B 564 -35.04 -31.51 22.07
C PRO B 564 -35.72 -31.59 23.43
N ALA B 565 -37.05 -31.64 23.50
CA ALA B 565 -37.69 -31.81 24.81
C ALA B 565 -37.44 -33.22 25.34
N GLN B 566 -37.55 -34.24 24.47
CA GLN B 566 -37.25 -35.60 24.89
C GLN B 566 -35.76 -35.87 24.93
N HIS B 567 -35.04 -35.39 23.93
CA HIS B 567 -33.58 -35.53 23.85
C HIS B 567 -32.91 -34.23 24.26
N THR B 568 -32.91 -33.97 25.55
CA THR B 568 -32.26 -32.79 26.06
C THR B 568 -30.83 -33.08 26.47
N LYS B 569 -30.38 -34.33 26.34
CA LYS B 569 -29.07 -34.71 26.81
C LYS B 569 -28.29 -35.64 25.88
N SER B 570 -28.86 -36.15 24.80
CA SER B 570 -28.14 -37.13 23.99
C SER B 570 -27.06 -36.49 23.11
N THR B 571 -26.14 -37.33 22.65
CA THR B 571 -25.00 -36.92 21.85
C THR B 571 -25.30 -37.07 20.35
N ARG B 572 -24.94 -36.03 19.59
CA ARG B 572 -25.00 -36.05 18.14
C ARG B 572 -23.84 -36.79 17.51
N ILE B 573 -24.11 -37.50 16.42
CA ILE B 573 -23.14 -38.36 15.75
C ILE B 573 -22.93 -37.87 14.33
N PHE B 574 -21.69 -37.59 13.96
CA PHE B 574 -21.33 -37.14 12.63
C PHE B 574 -20.44 -38.17 11.95
N VAL B 575 -20.70 -38.43 10.67
CA VAL B 575 -19.90 -39.31 9.84
C VAL B 575 -19.55 -38.51 8.59
N ASN B 576 -18.29 -38.08 8.48
CA ASN B 576 -17.79 -37.23 7.39
C ASN B 576 -18.53 -35.91 7.32
N GLY B 577 -18.86 -35.34 8.47
CA GLY B 577 -19.44 -34.02 8.53
C GLY B 577 -20.93 -33.91 8.33
N VAL B 578 -21.63 -34.99 7.98
CA VAL B 578 -23.09 -34.92 7.89
C VAL B 578 -23.66 -35.52 9.17
N TRP B 579 -24.54 -34.77 9.81
CA TRP B 579 -25.31 -35.24 10.94
C TRP B 579 -26.22 -36.40 10.55
N THR B 580 -25.93 -37.62 11.02
CA THR B 580 -26.68 -38.77 10.56
C THR B 580 -27.54 -39.43 11.64
N GLY B 581 -27.38 -39.06 12.91
CA GLY B 581 -28.17 -39.75 13.93
C GLY B 581 -27.85 -39.21 15.30
N ILE B 582 -28.48 -39.83 16.29
CA ILE B 582 -28.29 -39.49 17.69
C ILE B 582 -28.26 -40.77 18.52
N HIS B 583 -27.44 -40.79 19.57
CA HIS B 583 -27.37 -41.94 20.47
C HIS B 583 -27.40 -41.43 21.90
N ARG B 584 -28.12 -42.14 22.74
CA ARG B 584 -28.40 -41.71 24.10
C ARG B 584 -27.36 -42.18 25.11
N ASP B 585 -26.65 -43.27 24.83
CA ASP B 585 -25.59 -43.83 25.66
C ASP B 585 -24.31 -43.93 24.85
N PRO B 586 -23.59 -42.82 24.67
CA PRO B 586 -22.36 -42.86 23.87
C PRO B 586 -21.22 -43.65 24.48
N SER B 587 -21.13 -43.72 25.81
CA SER B 587 -20.01 -44.38 26.50
C SER B 587 -19.81 -45.84 26.09
N MET B 588 -20.88 -46.62 25.96
CA MET B 588 -20.70 -47.99 25.54
C MET B 588 -20.37 -48.08 24.05
N LEU B 589 -21.00 -47.21 23.26
CA LEU B 589 -20.86 -47.19 21.80
C LEU B 589 -19.42 -46.98 21.36
N VAL B 590 -18.74 -46.01 21.97
CA VAL B 590 -17.39 -45.69 21.52
C VAL B 590 -16.44 -46.82 21.85
N SER B 591 -16.58 -47.45 23.03
CA SER B 591 -15.75 -48.60 23.40
C SER B 591 -15.91 -49.74 22.41
N THR B 592 -17.14 -50.02 21.97
CA THR B 592 -17.37 -51.07 20.97
C THR B 592 -16.72 -50.72 19.65
N MET B 593 -16.99 -49.50 19.17
CA MET B 593 -16.40 -49.00 17.92
C MET B 593 -14.88 -49.03 18.00
N ARG B 594 -14.32 -48.61 19.14
CA ARG B 594 -12.87 -48.61 19.30
C ARG B 594 -12.33 -50.02 19.16
N ASP B 595 -13.03 -51.00 19.75
CA ASP B 595 -12.57 -52.39 19.69
C ASP B 595 -12.66 -52.96 18.28
N LEU B 596 -13.62 -52.49 17.48
CA LEU B 596 -13.68 -52.93 16.09
C LEU B 596 -12.47 -52.44 15.29
N ARG B 597 -11.97 -51.25 15.59
CA ARG B 597 -10.79 -50.80 14.86
C ARG B 597 -9.56 -51.55 15.33
N ARG B 598 -9.48 -51.85 16.61
CA ARG B 598 -8.31 -52.53 17.16
C ARG B 598 -8.26 -53.99 16.75
N SER B 599 -9.32 -54.55 16.18
CA SER B 599 -9.27 -55.92 15.69
C SER B 599 -9.13 -56.02 14.19
N GLY B 600 -9.54 -54.99 13.43
CA GLY B 600 -9.47 -55.03 11.98
C GLY B 600 -10.80 -55.06 11.26
N ALA B 601 -11.92 -55.20 11.98
CA ALA B 601 -13.24 -55.17 11.36
C ALA B 601 -13.51 -53.86 10.63
N ILE B 602 -13.07 -52.76 11.20
CA ILE B 602 -13.06 -51.46 10.54
C ILE B 602 -11.63 -51.16 10.14
N SER B 603 -11.46 -50.54 8.97
CA SER B 603 -10.14 -50.19 8.44
C SER B 603 -9.36 -49.36 9.45
N PRO B 604 -8.11 -49.72 9.73
CA PRO B 604 -7.34 -49.05 10.80
C PRO B 604 -7.12 -47.56 10.61
N GLU B 605 -7.28 -47.03 9.43
CA GLU B 605 -7.09 -45.62 9.21
C GLU B 605 -8.31 -44.78 9.55
N VAL B 606 -9.42 -45.40 9.98
CA VAL B 606 -10.59 -44.64 10.38
C VAL B 606 -10.35 -43.95 11.71
N SER B 607 -10.84 -42.71 11.82
CA SER B 607 -10.78 -41.92 13.04
C SER B 607 -12.07 -42.03 13.84
N ILE B 608 -11.95 -42.23 15.14
CA ILE B 608 -13.09 -42.34 16.04
C ILE B 608 -12.85 -41.33 17.13
N ILE B 609 -13.61 -40.23 17.11
CA ILE B 609 -13.34 -39.06 17.92
C ILE B 609 -14.55 -38.75 18.77
N ARG B 610 -14.40 -38.89 20.07
CA ARG B 610 -15.44 -38.47 21.01
C ARG B 610 -15.04 -37.16 21.64
N ASP B 611 -15.82 -36.11 21.36
CA ASP B 611 -15.67 -34.81 22.03
C ASP B 611 -16.74 -34.78 23.12
N ILE B 612 -16.32 -35.06 24.37
CA ILE B 612 -17.29 -35.20 25.45
C ILE B 612 -17.93 -33.86 25.83
N ARG B 613 -17.11 -32.80 25.94
CA ARG B 613 -17.62 -31.50 26.36
C ARG B 613 -18.67 -30.94 25.42
N GLU B 614 -18.41 -30.96 24.12
CA GLU B 614 -19.38 -30.40 23.20
C GLU B 614 -20.52 -31.36 22.86
N ARG B 615 -20.52 -32.55 23.48
CA ARG B 615 -21.51 -33.60 23.26
C ARG B 615 -21.64 -33.94 21.77
N GLU B 616 -20.50 -34.21 21.15
CA GLU B 616 -20.43 -34.54 19.73
C GLU B 616 -19.55 -35.75 19.57
N PHE B 617 -19.93 -36.61 18.63
CA PHE B 617 -19.17 -37.80 18.30
C PHE B 617 -18.95 -37.81 16.80
N LYS B 618 -17.71 -37.67 16.38
CA LYS B 618 -17.37 -37.50 14.98
C LYS B 618 -16.52 -38.67 14.51
N ILE B 619 -16.85 -39.19 13.34
CA ILE B 619 -16.13 -40.29 12.73
C ILE B 619 -15.70 -39.79 11.37
N PHE B 620 -14.47 -40.07 10.98
CA PHE B 620 -13.94 -39.64 9.69
C PHE B 620 -13.38 -40.82 8.92
N THR B 621 -13.89 -41.02 7.71
CA THR B 621 -13.27 -41.92 6.76
C THR B 621 -12.69 -41.17 5.57
N ASP B 622 -12.59 -39.84 5.67
CA ASP B 622 -12.01 -38.96 4.65
C ASP B 622 -10.64 -39.40 4.15
N VAL B 623 -10.38 -39.11 2.88
CA VAL B 623 -9.05 -39.27 2.30
C VAL B 623 -8.21 -38.04 2.59
N GLY B 624 -6.91 -38.25 2.86
CA GLY B 624 -5.99 -37.16 3.05
C GLY B 624 -5.70 -36.74 4.47
N ARG B 625 -6.17 -37.49 5.46
CA ARG B 625 -5.88 -37.17 6.86
C ARG B 625 -4.48 -37.66 7.21
N VAL B 626 -3.72 -36.82 7.87
CA VAL B 626 -2.36 -37.18 8.28
C VAL B 626 -2.42 -37.85 9.64
N TYR B 627 -1.79 -39.02 9.76
CA TYR B 627 -1.88 -39.78 11.00
C TYR B 627 -0.51 -40.37 11.34
N ARG B 628 -0.39 -40.84 12.57
CA ARG B 628 0.86 -41.43 13.06
C ARG B 628 0.50 -42.56 14.00
N PRO B 629 1.38 -43.54 14.18
CA PRO B 629 1.08 -44.64 15.10
C PRO B 629 1.56 -44.42 16.52
N LEU B 630 0.84 -45.03 17.46
CA LEU B 630 1.23 -45.01 18.87
C LEU B 630 0.99 -46.39 19.48
N PHE B 631 1.77 -46.70 20.52
CA PHE B 631 1.50 -47.84 21.39
C PHE B 631 0.22 -47.63 22.16
N ILE B 632 -0.58 -48.69 22.28
CA ILE B 632 -1.79 -48.64 23.09
C ILE B 632 -1.46 -49.04 24.53
N VAL B 633 -1.93 -48.23 25.47
CA VAL B 633 -1.80 -48.51 26.89
C VAL B 633 -3.14 -49.02 27.40
N GLU B 634 -3.13 -50.10 28.17
CA GLU B 634 -4.36 -50.64 28.74
C GLU B 634 -4.96 -49.70 29.78
N ASP B 635 -6.20 -49.27 29.56
CA ASP B 635 -6.84 -48.27 30.41
C ASP B 635 -8.05 -48.79 31.16
N ASP B 636 -8.47 -50.03 30.89
CA ASP B 636 -9.64 -50.61 31.52
C ASP B 636 -9.27 -51.22 32.86
N GLU B 637 -9.96 -50.77 33.92
CA GLU B 637 -9.75 -51.25 35.28
C GLU B 637 -10.49 -52.57 35.49
N SER B 638 -10.32 -53.52 34.57
CA SER B 638 -10.89 -54.86 34.71
C SER B 638 -9.84 -55.95 34.58
N LYS B 639 -8.55 -55.62 34.74
CA LYS B 639 -7.47 -56.58 34.53
C LYS B 639 -6.20 -56.09 35.21
N ASP B 640 -5.35 -57.07 35.55
CA ASP B 640 -4.02 -56.83 36.12
C ASP B 640 -3.09 -56.16 35.12
N ASN B 641 -3.44 -56.23 33.83
CA ASN B 641 -2.69 -55.61 32.74
C ASN B 641 -2.59 -54.09 32.89
N LYS B 642 -3.54 -53.47 33.59
CA LYS B 642 -3.73 -52.01 33.63
C LYS B 642 -2.46 -51.27 33.99
N GLY B 643 -2.29 -50.11 33.34
CA GLY B 643 -1.17 -49.21 33.55
C GLY B 643 0.07 -49.56 32.75
N GLU B 644 0.10 -50.70 32.06
CA GLU B 644 1.25 -51.16 31.32
C GLU B 644 0.97 -51.18 29.83
N LEU B 645 2.04 -51.27 29.04
CA LEU B 645 1.94 -51.40 27.59
C LEU B 645 1.27 -52.71 27.21
N ARG B 646 0.38 -52.67 26.21
CA ARG B 646 -0.18 -53.91 25.70
C ARG B 646 0.84 -54.76 24.97
N ILE B 647 1.85 -54.15 24.39
CA ILE B 647 2.82 -54.93 23.62
C ILE B 647 3.81 -55.57 24.58
N THR B 648 4.20 -56.81 24.29
CA THR B 648 5.07 -57.57 25.17
C THR B 648 6.16 -58.17 24.32
N LYS B 649 7.18 -58.74 24.98
CA LYS B 649 8.28 -59.39 24.27
C LYS B 649 7.83 -60.58 23.42
N GLU B 650 6.64 -61.13 23.66
CA GLU B 650 6.17 -62.23 22.83
C GLU B 650 5.88 -61.76 21.42
N HIS B 651 5.20 -60.62 21.28
CA HIS B 651 5.05 -59.97 19.98
C HIS B 651 6.40 -59.66 19.35
N ILE B 652 7.32 -59.12 20.16
CA ILE B 652 8.67 -58.78 19.70
C ILE B 652 9.40 -60.03 19.24
N ARG B 653 9.15 -61.15 19.90
CA ARG B 653 9.76 -62.42 19.51
C ARG B 653 9.29 -62.84 18.13
N LYS B 654 7.97 -62.83 17.92
CA LYS B 654 7.38 -63.21 16.64
C LYS B 654 7.77 -62.26 15.51
N ILE B 655 7.96 -60.97 15.81
CA ILE B 655 8.42 -60.01 14.80
C ILE B 655 9.78 -60.39 14.24
N GLN B 656 10.74 -60.74 15.10
CA GLN B 656 12.05 -61.13 14.59
C GLN B 656 12.03 -62.47 13.88
N GLN B 657 11.14 -63.39 14.27
CA GLN B 657 11.04 -64.65 13.55
C GLN B 657 10.37 -64.51 12.19
N GLY B 658 9.31 -63.70 12.11
CA GLY B 658 8.57 -63.58 10.87
C GLY B 658 7.32 -64.43 10.80
N TYR B 659 7.04 -65.24 11.81
CA TYR B 659 5.92 -66.18 11.78
C TYR B 659 5.36 -66.31 13.19
N ASP B 660 4.12 -66.76 13.28
CA ASP B 660 3.50 -67.05 14.56
C ASP B 660 3.74 -68.50 14.94
N ASP B 661 3.64 -68.77 16.24
CA ASP B 661 3.75 -70.13 16.77
C ASP B 661 2.39 -70.82 16.84
N ASP B 662 1.81 -71.02 15.65
CA ASP B 662 0.55 -71.74 15.41
C ASP B 662 -0.61 -71.21 16.28
N VAL B 675 2.92 -63.96 6.30
CA VAL B 675 4.00 -63.15 6.86
C VAL B 675 3.50 -62.39 8.09
N TYR B 676 4.37 -62.26 9.08
CA TYR B 676 4.02 -61.58 10.34
C TYR B 676 4.91 -60.36 10.46
N GLY B 677 4.40 -59.20 10.09
CA GLY B 677 5.17 -57.97 10.11
C GLY B 677 4.39 -56.87 10.79
N TRP B 678 4.59 -55.64 10.31
CA TRP B 678 4.05 -54.44 10.97
C TRP B 678 2.54 -54.51 11.09
N SER B 679 1.85 -54.75 9.97
CA SER B 679 0.39 -54.76 9.95
C SER B 679 -0.20 -55.88 10.78
N SER B 680 0.57 -56.92 11.08
CA SER B 680 0.11 -57.94 12.01
C SER B 680 -0.11 -57.37 13.40
N LEU B 681 0.75 -56.44 13.81
CA LEU B 681 0.58 -55.76 15.10
C LEU B 681 -0.63 -54.85 15.13
N VAL B 682 -1.01 -54.25 14.01
CA VAL B 682 -2.09 -53.29 14.02
C VAL B 682 -3.45 -53.98 14.15
N THR B 683 -3.59 -55.15 13.57
CA THR B 683 -4.84 -55.88 13.64
C THR B 683 -4.86 -56.85 14.80
N SER B 684 -3.91 -56.73 15.73
CA SER B 684 -3.93 -57.50 16.97
C SER B 684 -3.98 -56.58 18.18
N GLY B 685 -4.41 -55.34 17.99
CA GLY B 685 -4.70 -54.45 19.09
C GLY B 685 -3.54 -53.91 19.90
N VAL B 686 -2.30 -54.00 19.43
CA VAL B 686 -1.20 -53.41 20.18
C VAL B 686 -0.73 -52.06 19.68
N ILE B 687 -1.03 -51.69 18.43
CA ILE B 687 -0.71 -50.36 17.91
C ILE B 687 -1.92 -49.84 17.16
N GLU B 688 -2.21 -48.55 17.31
CA GLU B 688 -3.24 -47.96 16.48
C GLU B 688 -2.76 -46.63 15.96
N TYR B 689 -3.41 -46.20 14.89
CA TYR B 689 -3.17 -44.92 14.25
C TYR B 689 -4.06 -43.84 14.82
N VAL B 690 -3.50 -42.67 15.09
CA VAL B 690 -4.29 -41.51 15.46
C VAL B 690 -3.92 -40.36 14.55
N ASP B 691 -4.92 -39.57 14.17
CA ASP B 691 -4.72 -38.36 13.40
C ASP B 691 -4.80 -37.16 14.34
N GLY B 692 -4.71 -35.96 13.75
CA GLY B 692 -4.69 -34.75 14.56
C GLY B 692 -5.95 -34.50 15.37
N GLU B 693 -7.11 -34.89 14.84
CA GLU B 693 -8.36 -34.65 15.52
C GLU B 693 -8.53 -35.58 16.72
N GLU B 694 -8.23 -36.86 16.54
CA GLU B 694 -8.34 -37.82 17.64
C GLU B 694 -7.27 -37.57 18.70
N GLU B 695 -6.12 -37.01 18.29
CA GLU B 695 -5.02 -36.71 19.21
C GLU B 695 -5.44 -35.72 20.30
N GLU B 696 -6.45 -34.90 20.02
CA GLU B 696 -6.98 -33.94 20.98
C GLU B 696 -7.57 -34.59 22.22
N THR B 697 -7.99 -35.85 22.15
CA THR B 697 -8.75 -36.47 23.22
C THR B 697 -8.00 -37.55 23.98
N ILE B 698 -6.70 -37.69 23.78
CA ILE B 698 -5.94 -38.76 24.39
C ILE B 698 -4.86 -38.16 25.28
N MET B 699 -4.26 -39.01 26.10
CA MET B 699 -3.22 -38.60 27.05
C MET B 699 -2.00 -39.47 26.80
N ILE B 700 -0.90 -38.86 26.39
CA ILE B 700 0.25 -39.58 25.86
C ILE B 700 1.41 -39.46 26.82
N ALA B 701 1.99 -40.60 27.21
CA ALA B 701 3.23 -40.59 27.97
C ALA B 701 4.41 -40.48 27.02
N MET B 702 5.46 -39.78 27.45
CA MET B 702 6.54 -39.48 26.52
C MET B 702 7.44 -40.68 26.29
N THR B 703 7.70 -41.46 27.32
CA THR B 703 8.49 -42.67 27.20
C THR B 703 7.85 -43.75 28.05
N PRO B 704 8.15 -45.03 27.79
CA PRO B 704 7.59 -46.11 28.63
C PRO B 704 7.91 -45.96 30.11
N GLU B 705 9.06 -45.40 30.45
CA GLU B 705 9.43 -45.22 31.84
C GLU B 705 8.50 -44.28 32.60
N ASP B 706 7.82 -43.35 31.90
CA ASP B 706 6.92 -42.44 32.58
C ASP B 706 5.59 -43.07 32.95
N LEU B 707 5.34 -44.31 32.54
CA LEU B 707 4.10 -44.99 32.89
C LEU B 707 4.05 -45.39 34.35
N GLN B 708 5.20 -45.47 35.01
CA GLN B 708 5.29 -45.90 36.41
C GLN B 708 6.11 -44.91 37.20
N THR B 709 5.68 -44.65 38.43
CA THR B 709 6.38 -43.74 39.32
C THR B 709 7.70 -44.41 39.79
N ARG B 710 8.66 -43.59 40.21
CA ARG B 710 9.99 -44.07 40.55
C ARG B 710 10.21 -43.99 42.05
N SER B 711 11.40 -44.40 42.47
CA SER B 711 11.82 -44.45 43.86
C SER B 711 11.77 -43.08 44.56
N LEU B 719 18.97 -39.66 42.52
CA LEU B 719 19.61 -39.12 41.32
C LEU B 719 20.77 -38.22 41.72
N ASN B 720 20.52 -36.90 41.66
CA ASN B 720 21.48 -35.85 42.07
C ASN B 720 22.80 -35.91 41.30
N ASP B 721 22.77 -36.38 40.06
CA ASP B 721 23.93 -36.31 39.17
C ASP B 721 23.92 -34.95 38.48
N THR B 722 24.85 -34.08 38.89
CA THR B 722 24.87 -32.68 38.47
C THR B 722 25.16 -32.45 36.99
N ALA B 723 25.51 -33.49 36.23
CA ALA B 723 25.79 -33.35 34.80
C ALA B 723 24.56 -33.57 33.93
N LYS B 724 23.74 -34.54 34.31
CA LYS B 724 22.59 -35.00 33.53
C LYS B 724 21.38 -34.10 33.71
N ARG B 725 20.43 -34.25 32.79
CA ARG B 725 19.30 -33.34 32.69
C ARG B 725 18.19 -33.66 33.67
N ILE B 726 17.49 -32.60 34.08
CA ILE B 726 16.42 -32.68 35.05
C ILE B 726 15.14 -33.14 34.35
N LYS B 727 14.48 -34.14 34.92
CA LYS B 727 13.18 -34.53 34.38
C LYS B 727 12.08 -33.71 35.08
N PRO B 728 11.05 -33.29 34.33
CA PRO B 728 9.98 -32.47 34.93
C PRO B 728 9.27 -33.13 36.11
N GLU B 729 8.81 -32.30 37.03
CA GLU B 729 8.20 -32.80 38.27
C GLU B 729 6.79 -33.35 38.02
N MET B 730 5.98 -32.64 37.22
CA MET B 730 4.60 -33.02 36.86
C MET B 730 3.69 -33.11 38.08
N SER B 731 3.67 -32.05 38.89
CA SER B 731 2.91 -32.07 40.13
C SER B 731 1.62 -31.25 40.11
N THR B 732 1.05 -30.97 38.94
CA THR B 732 -0.23 -30.28 38.96
C THR B 732 -1.42 -31.22 39.08
N SER B 733 -1.36 -32.40 38.48
CA SER B 733 -2.39 -33.42 38.64
C SER B 733 -1.84 -34.54 39.51
N SER B 734 -2.65 -34.97 40.48
CA SER B 734 -2.19 -35.98 41.44
C SER B 734 -1.97 -37.34 40.78
N HIS B 735 -2.91 -37.82 39.99
CA HIS B 735 -2.73 -39.10 39.30
C HIS B 735 -3.11 -39.00 37.83
N HIS B 736 -2.18 -39.37 36.95
CA HIS B 736 -2.40 -39.39 35.51
C HIS B 736 -2.85 -40.76 35.01
N THR B 737 -3.75 -40.75 34.02
CA THR B 737 -4.31 -41.96 33.40
C THR B 737 -3.92 -41.98 31.92
N PHE B 738 -2.73 -42.49 31.63
CA PHE B 738 -2.22 -42.51 30.26
C PHE B 738 -2.99 -43.49 29.40
N THR B 739 -3.36 -43.06 28.19
CA THR B 739 -3.97 -43.93 27.18
C THR B 739 -3.01 -44.43 26.12
N HIS B 740 -1.92 -43.72 25.82
CA HIS B 740 -1.02 -44.12 24.74
C HIS B 740 0.42 -43.81 25.13
N CYS B 741 1.34 -44.33 24.34
CA CYS B 741 2.75 -44.06 24.54
C CYS B 741 3.46 -43.91 23.21
N GLU B 742 4.33 -42.92 23.12
CA GLU B 742 5.17 -42.70 21.95
C GLU B 742 6.08 -43.90 21.71
N ILE B 743 6.31 -44.22 20.44
CA ILE B 743 7.18 -45.33 20.12
C ILE B 743 8.64 -44.96 20.34
N HIS B 744 9.06 -43.83 19.81
CA HIS B 744 10.27 -43.17 20.24
C HIS B 744 10.14 -41.71 19.91
N PRO B 745 10.51 -40.80 20.80
CA PRO B 745 10.25 -39.38 20.56
C PRO B 745 11.11 -38.77 19.48
N SER B 746 12.25 -39.37 19.14
CA SER B 746 13.07 -38.86 18.04
C SER B 746 12.42 -38.95 16.67
N MET B 747 11.34 -39.69 16.52
CA MET B 747 10.61 -39.76 15.25
C MET B 747 9.80 -38.52 14.94
N ILE B 748 9.78 -37.49 15.80
CA ILE B 748 9.14 -36.24 15.42
C ILE B 748 9.93 -35.51 14.34
N LEU B 749 11.21 -35.84 14.16
CA LEU B 749 12.03 -35.17 13.17
C LEU B 749 11.75 -35.76 11.80
N GLY B 750 12.06 -35.00 10.76
CA GLY B 750 11.95 -35.48 9.40
C GLY B 750 13.25 -36.05 8.87
N VAL B 751 13.25 -36.30 7.55
CA VAL B 751 14.39 -36.91 6.87
C VAL B 751 15.67 -36.10 7.10
N ALA B 752 15.60 -34.78 6.85
CA ALA B 752 16.80 -33.96 6.84
C ALA B 752 17.37 -33.81 8.24
N ALA B 753 16.51 -33.46 9.22
CA ALA B 753 16.96 -33.21 10.58
C ALA B 753 17.44 -34.48 11.29
N SER B 754 17.10 -35.66 10.78
CA SER B 754 17.53 -36.92 11.38
C SER B 754 19.01 -37.20 11.18
N ILE B 755 19.70 -36.42 10.35
CA ILE B 755 21.11 -36.62 10.10
C ILE B 755 21.93 -35.91 11.17
N ILE B 756 21.33 -34.98 11.90
CA ILE B 756 22.06 -34.20 12.90
C ILE B 756 22.33 -35.06 14.12
N PRO B 757 23.58 -35.18 14.56
CA PRO B 757 23.87 -35.83 15.83
C PRO B 757 23.55 -34.86 16.95
N PHE B 758 22.82 -35.35 17.96
CA PHE B 758 22.44 -34.60 19.14
C PHE B 758 21.65 -33.32 18.91
N PRO B 759 20.56 -33.30 18.11
CA PRO B 759 19.81 -32.04 17.93
C PRO B 759 19.21 -31.46 19.20
N ASP B 760 19.06 -32.26 20.26
CA ASP B 760 18.60 -31.76 21.54
C ASP B 760 19.63 -30.93 22.28
N HIS B 761 20.81 -30.68 21.72
CA HIS B 761 21.79 -29.80 22.34
C HIS B 761 22.06 -28.56 21.50
N ASN B 762 21.21 -28.23 20.54
CA ASN B 762 21.46 -27.08 19.69
C ASN B 762 20.39 -26.02 19.84
N GLN B 763 20.83 -24.77 19.76
CA GLN B 763 19.93 -23.65 19.47
C GLN B 763 19.15 -23.91 18.21
N SER B 764 17.84 -23.71 18.30
CA SER B 764 16.91 -24.17 17.27
C SER B 764 17.15 -23.68 15.84
N PRO B 765 17.61 -22.45 15.55
CA PRO B 765 17.84 -22.11 14.14
C PRO B 765 18.94 -22.92 13.48
N ARG B 766 19.97 -23.33 14.21
CA ARG B 766 21.01 -24.20 13.63
C ARG B 766 20.45 -25.52 13.10
N ASN B 767 19.42 -26.08 13.72
CA ASN B 767 18.85 -27.28 13.14
C ASN B 767 18.15 -26.99 11.83
N THR B 768 17.48 -25.83 11.75
CA THR B 768 16.88 -25.41 10.49
C THR B 768 17.95 -25.18 9.42
N TYR B 769 19.03 -24.49 9.77
CA TYR B 769 20.09 -24.21 8.78
C TYR B 769 20.73 -25.48 8.27
N GLN B 770 20.98 -26.46 9.16
CA GLN B 770 21.55 -27.70 8.68
C GLN B 770 20.57 -28.47 7.80
N SER B 771 19.27 -28.45 8.14
CA SER B 771 18.26 -29.13 7.33
C SER B 771 18.21 -28.59 5.91
N ALA B 772 18.58 -27.33 5.71
CA ALA B 772 18.70 -26.77 4.38
C ALA B 772 20.01 -27.21 3.72
N MET B 773 21.13 -27.06 4.43
CA MET B 773 22.43 -27.30 3.84
C MET B 773 22.66 -28.77 3.53
N GLY B 774 22.06 -29.66 4.32
CA GLY B 774 22.18 -31.09 4.10
C GLY B 774 21.75 -31.55 2.73
N LYS B 775 20.80 -30.84 2.13
CA LYS B 775 20.36 -31.16 0.78
C LYS B 775 21.31 -30.63 -0.29
N GLN B 776 22.36 -29.89 0.08
CA GLN B 776 23.33 -29.36 -0.86
C GLN B 776 24.70 -30.01 -0.76
N ALA B 777 24.82 -31.13 -0.09
CA ALA B 777 26.13 -31.70 0.18
C ALA B 777 26.41 -32.86 -0.75
N MET B 778 27.52 -32.79 -1.47
CA MET B 778 27.91 -33.85 -2.39
C MET B 778 28.07 -35.17 -1.67
N GLY B 779 27.56 -36.23 -2.28
CA GLY B 779 27.89 -37.55 -1.81
C GLY B 779 27.92 -38.50 -2.96
N VAL B 780 27.04 -39.49 -2.96
CA VAL B 780 26.89 -40.43 -4.06
C VAL B 780 25.40 -40.63 -4.19
N PHE B 781 24.77 -39.94 -5.15
CA PHE B 781 23.32 -39.88 -5.15
C PHE B 781 22.68 -41.18 -5.59
N LEU B 782 23.33 -41.94 -6.47
CA LEU B 782 22.92 -43.29 -6.81
C LEU B 782 24.15 -44.08 -7.26
N THR B 783 24.01 -45.38 -7.23
CA THR B 783 25.12 -46.24 -7.62
C THR B 783 25.25 -46.41 -9.13
N ASN B 784 24.28 -45.95 -9.91
CA ASN B 784 24.31 -46.12 -11.36
C ASN B 784 24.67 -44.85 -12.12
N TYR B 785 25.45 -43.95 -11.49
CA TYR B 785 25.77 -42.65 -12.10
C TYR B 785 26.45 -42.75 -13.46
N ASN B 786 27.16 -43.85 -13.74
CA ASN B 786 27.87 -43.95 -15.01
C ASN B 786 26.94 -44.14 -16.21
N VAL B 787 25.74 -44.67 -16.00
CA VAL B 787 24.82 -44.88 -17.10
C VAL B 787 23.71 -43.83 -17.19
N ARG B 788 23.53 -43.00 -16.18
CA ARG B 788 22.61 -41.87 -16.25
C ARG B 788 23.31 -40.69 -16.88
N MET B 789 22.58 -39.92 -17.67
CA MET B 789 23.13 -38.70 -18.26
C MET B 789 22.35 -37.49 -17.74
N ASP B 790 22.70 -37.06 -16.53
CA ASP B 790 22.02 -35.95 -15.88
C ASP B 790 22.72 -34.66 -16.24
N THR B 791 21.98 -33.56 -16.16
CA THR B 791 22.53 -32.23 -16.46
C THR B 791 23.74 -31.89 -15.60
N MET B 792 23.67 -32.21 -14.31
CA MET B 792 24.80 -31.97 -13.42
C MET B 792 24.81 -33.09 -12.41
N ALA B 793 25.98 -33.60 -12.11
CA ALA B 793 26.10 -34.62 -11.08
C ALA B 793 27.43 -34.43 -10.37
N ASN B 794 27.42 -34.69 -9.07
CA ASN B 794 28.63 -34.62 -8.27
C ASN B 794 28.80 -35.88 -7.45
N ILE B 795 29.99 -36.47 -7.48
CA ILE B 795 30.28 -37.65 -6.67
C ILE B 795 31.56 -37.39 -5.92
N LEU B 796 31.47 -37.41 -4.60
CA LEU B 796 32.63 -37.33 -3.71
C LEU B 796 33.51 -38.54 -3.94
N TYR B 797 34.83 -38.30 -4.05
CA TYR B 797 35.79 -39.38 -4.27
C TYR B 797 35.72 -40.46 -3.22
N TYR B 798 35.89 -40.11 -1.95
CA TYR B 798 36.04 -41.09 -0.87
C TYR B 798 35.03 -40.81 0.22
N PRO B 799 33.77 -41.18 0.04
CA PRO B 799 32.81 -41.01 1.13
C PRO B 799 33.17 -41.86 2.33
N GLN B 800 32.93 -41.33 3.53
CA GLN B 800 33.09 -42.09 4.75
C GLN B 800 31.80 -42.06 5.53
N LYS B 801 31.49 -43.14 6.24
CA LYS B 801 30.35 -43.04 7.12
C LYS B 801 30.73 -42.33 8.41
N PRO B 802 29.80 -41.56 9.00
CA PRO B 802 30.16 -40.75 10.16
C PRO B 802 30.37 -41.57 11.42
N LEU B 803 31.35 -41.15 12.23
CA LEU B 803 31.61 -41.74 13.53
C LEU B 803 30.52 -41.51 14.56
N ALA B 804 29.67 -40.51 14.38
CA ALA B 804 28.58 -40.26 15.31
C ALA B 804 27.31 -40.33 14.49
N LYS B 805 26.53 -41.38 14.70
CA LYS B 805 25.35 -41.63 13.91
C LYS B 805 24.14 -41.70 14.81
N THR B 806 22.97 -41.73 14.18
CA THR B 806 21.72 -41.91 14.90
C THR B 806 21.08 -43.19 14.42
N GLN B 807 20.15 -43.71 15.22
CA GLN B 807 19.46 -44.93 14.86
C GLN B 807 18.64 -44.78 13.59
N ALA B 808 18.08 -43.60 13.35
CA ALA B 808 17.21 -43.43 12.19
C ALA B 808 18.00 -43.48 10.88
N MET B 809 19.32 -43.27 10.93
CA MET B 809 20.14 -43.35 9.72
C MET B 809 20.20 -44.74 9.11
N GLU B 810 19.92 -45.79 9.88
CA GLU B 810 19.94 -47.15 9.33
C GLU B 810 18.97 -47.29 8.15
N TYR B 811 17.79 -46.68 8.27
CA TYR B 811 16.71 -46.74 7.26
C TYR B 811 16.81 -45.68 6.17
N LEU B 812 17.60 -44.66 6.37
CA LEU B 812 17.81 -43.66 5.32
C LEU B 812 18.94 -44.04 4.41
N LYS B 813 19.67 -45.10 4.78
CA LYS B 813 20.77 -45.70 4.03
C LYS B 813 21.99 -44.81 4.05
N PHE B 814 22.05 -43.92 5.05
CA PHE B 814 23.11 -42.92 5.09
C PHE B 814 24.47 -43.58 5.30
N ARG B 815 24.52 -44.66 6.07
CA ARG B 815 25.81 -45.32 6.21
C ARG B 815 26.21 -46.05 4.94
N GLU B 816 25.25 -46.38 4.08
CA GLU B 816 25.56 -47.04 2.81
C GLU B 816 25.84 -46.06 1.69
N LEU B 817 25.21 -44.89 1.68
CA LEU B 817 25.53 -43.83 0.72
C LEU B 817 25.87 -42.53 1.45
N PRO B 818 27.01 -42.47 2.12
CA PRO B 818 27.34 -41.30 2.93
C PRO B 818 27.73 -40.11 2.08
N ALA B 819 27.65 -38.94 2.69
CA ALA B 819 27.81 -37.67 1.99
C ALA B 819 28.74 -36.74 2.77
N GLY B 820 29.99 -37.13 2.92
CA GLY B 820 30.93 -36.31 3.67
C GLY B 820 32.11 -37.12 4.14
N GLN B 821 33.00 -36.44 4.86
CA GLN B 821 34.22 -37.05 5.35
C GLN B 821 34.53 -36.60 6.77
N ASN B 822 35.15 -37.49 7.53
CA ASN B 822 35.60 -37.19 8.89
C ASN B 822 36.93 -36.44 8.88
N ALA B 823 36.90 -35.14 9.09
CA ALA B 823 38.13 -34.39 9.13
C ALA B 823 38.63 -34.35 10.57
N ILE B 824 39.95 -34.34 10.74
CA ILE B 824 40.54 -34.11 12.06
C ILE B 824 40.62 -32.61 12.26
N VAL B 825 39.92 -32.14 13.29
CA VAL B 825 39.67 -30.72 13.47
C VAL B 825 40.24 -30.29 14.80
N ALA B 826 41.04 -29.24 14.76
CA ALA B 826 41.45 -28.50 15.93
C ALA B 826 40.64 -27.21 15.97
N ILE B 827 40.04 -26.92 17.11
CA ILE B 827 39.43 -25.62 17.35
C ILE B 827 40.47 -24.72 18.00
N ALA B 828 41.04 -23.81 17.22
CA ALA B 828 42.12 -22.98 17.73
C ALA B 828 42.17 -21.70 16.92
N CYS B 829 42.66 -20.65 17.57
CA CYS B 829 43.14 -19.45 16.90
C CYS B 829 44.57 -19.72 16.50
N TYR B 830 44.85 -19.75 15.19
CA TYR B 830 46.21 -20.01 14.76
C TYR B 830 46.83 -18.75 14.18
N SER B 831 46.79 -18.54 12.87
CA SER B 831 47.46 -17.37 12.34
C SER B 831 46.54 -16.20 12.12
N GLY B 832 45.30 -16.29 12.53
CA GLY B 832 44.38 -15.24 12.22
C GLY B 832 43.79 -15.32 10.83
N TYR B 833 44.12 -16.34 10.06
CA TYR B 833 43.49 -16.59 8.78
C TYR B 833 42.24 -17.42 8.90
N ASN B 834 41.64 -17.47 10.08
CA ASN B 834 40.37 -18.16 10.22
C ASN B 834 39.39 -17.37 11.05
N GLN B 835 39.54 -16.05 11.08
CA GLN B 835 38.60 -15.21 11.79
C GLN B 835 37.33 -15.11 10.97
N GLU B 836 36.23 -14.81 11.65
CA GLU B 836 34.92 -14.54 11.04
C GLU B 836 34.46 -15.70 10.15
N ASP B 837 34.54 -16.91 10.69
CA ASP B 837 33.97 -18.14 10.12
C ASP B 837 34.69 -18.63 8.89
N SER B 838 35.95 -18.30 8.69
CA SER B 838 36.73 -19.06 7.74
C SER B 838 37.51 -20.16 8.46
N MET B 839 38.32 -20.88 7.71
CA MET B 839 39.00 -22.04 8.26
C MET B 839 40.25 -22.31 7.44
N ILE B 840 41.26 -22.78 8.13
CA ILE B 840 42.52 -23.18 7.54
C ILE B 840 42.48 -24.68 7.26
N MET B 841 42.78 -25.06 6.03
CA MET B 841 42.83 -26.48 5.69
C MET B 841 44.26 -26.90 5.43
N ASN B 842 44.56 -28.14 5.82
CA ASN B 842 45.88 -28.74 5.67
C ASN B 842 46.08 -29.08 4.21
N GLN B 843 47.02 -28.40 3.54
CA GLN B 843 47.29 -28.64 2.11
C GLN B 843 47.74 -30.05 1.80
N SER B 844 48.43 -30.71 2.70
CA SER B 844 48.85 -32.08 2.43
C SER B 844 47.67 -33.03 2.42
N SER B 845 46.68 -32.81 3.30
CA SER B 845 45.44 -33.58 3.26
C SER B 845 44.72 -33.46 1.93
N ILE B 846 44.65 -32.25 1.37
CA ILE B 846 44.06 -32.06 0.04
C ILE B 846 44.81 -32.87 -1.01
N ASP B 847 46.16 -32.83 -0.96
CA ASP B 847 47.00 -33.60 -1.87
C ASP B 847 46.70 -35.10 -1.81
N ARG B 848 46.40 -35.63 -0.64
CA ARG B 848 46.13 -37.06 -0.57
C ARG B 848 44.69 -37.40 -0.90
N GLY B 849 43.85 -36.41 -1.17
CA GLY B 849 42.52 -36.70 -1.66
C GLY B 849 41.36 -36.22 -0.82
N LEU B 850 41.58 -35.54 0.30
CA LEU B 850 40.51 -35.08 1.17
C LEU B 850 39.56 -34.17 0.40
N PHE B 851 38.26 -34.44 0.52
CA PHE B 851 37.15 -33.64 -0.01
C PHE B 851 37.24 -33.37 -1.51
N ARG B 852 38.05 -34.14 -2.24
CA ARG B 852 38.07 -34.06 -3.70
C ARG B 852 36.79 -34.65 -4.27
N SER B 853 36.31 -34.08 -5.39
CA SER B 853 35.09 -34.61 -5.98
C SER B 853 35.11 -34.52 -7.49
N LEU B 854 34.44 -35.47 -8.12
CA LEU B 854 34.07 -35.47 -9.53
C LEU B 854 32.92 -34.52 -9.81
N PHE B 855 32.93 -33.94 -11.01
CA PHE B 855 31.85 -33.10 -11.49
C PHE B 855 31.52 -33.50 -12.91
N PHE B 856 30.22 -33.67 -13.23
CA PHE B 856 29.74 -34.13 -14.53
C PHE B 856 28.77 -33.13 -15.10
N ARG B 857 28.90 -32.80 -16.38
CA ARG B 857 27.89 -32.00 -17.09
C ARG B 857 27.51 -32.65 -18.41
N SER B 858 26.21 -32.78 -18.68
CA SER B 858 25.73 -33.30 -19.96
C SER B 858 25.12 -32.25 -20.85
N TYR B 859 25.49 -32.27 -22.12
CA TYR B 859 24.88 -31.44 -23.17
C TYR B 859 24.05 -32.29 -24.10
N MET B 860 22.85 -31.83 -24.42
CA MET B 860 21.92 -32.52 -25.30
C MET B 860 21.67 -31.69 -26.54
N ASP B 861 21.59 -32.34 -27.70
CA ASP B 861 21.13 -31.65 -28.90
C ASP B 861 20.44 -32.64 -29.83
N GLN B 862 19.58 -32.10 -30.70
CA GLN B 862 18.92 -32.92 -31.70
C GLN B 862 18.63 -32.12 -32.97
N GLU B 863 18.43 -32.84 -34.06
CA GLU B 863 18.07 -32.23 -35.34
C GLU B 863 16.60 -31.84 -35.35
N LYS B 864 16.32 -30.65 -35.88
CA LYS B 864 14.97 -30.13 -35.97
C LYS B 864 14.49 -30.19 -37.41
N ARG B 865 13.17 -30.31 -37.58
CA ARG B 865 12.56 -30.36 -38.91
C ARG B 865 11.92 -29.02 -39.25
N PHE B 866 12.23 -28.50 -40.43
CA PHE B 866 11.59 -27.29 -40.93
C PHE B 866 10.75 -27.51 -42.18
N GLY B 867 10.84 -28.66 -42.82
CA GLY B 867 10.01 -28.94 -43.97
C GLY B 867 10.08 -30.40 -44.35
N ILE B 868 9.48 -30.69 -45.52
CA ILE B 868 9.31 -32.06 -45.99
C ILE B 868 10.65 -32.80 -46.06
N SER B 869 11.66 -32.12 -46.62
CA SER B 869 13.01 -32.65 -46.70
C SER B 869 14.01 -31.61 -46.22
N ILE B 870 13.57 -30.69 -45.37
CA ILE B 870 14.44 -29.64 -44.84
C ILE B 870 14.70 -30.00 -43.38
N VAL B 871 15.87 -30.56 -43.11
CA VAL B 871 16.27 -30.97 -41.78
C VAL B 871 17.67 -30.45 -41.51
N GLU B 872 17.95 -30.17 -40.25
CA GLU B 872 19.32 -29.90 -39.84
C GLU B 872 20.16 -31.16 -39.98
N GLU B 873 21.47 -30.99 -39.98
CA GLU B 873 22.38 -32.10 -40.24
C GLU B 873 23.64 -31.98 -39.40
N PHE B 874 23.94 -33.05 -38.68
CA PHE B 874 25.19 -33.16 -37.93
C PHE B 874 26.35 -33.41 -38.88
N GLU B 875 27.37 -32.55 -38.80
CA GLU B 875 28.54 -32.62 -39.64
C GLU B 875 29.59 -31.69 -39.05
N LYS B 876 30.79 -31.78 -39.57
CA LYS B 876 31.85 -30.83 -39.27
C LYS B 876 31.76 -29.72 -40.30
N PRO B 877 31.30 -28.51 -39.94
CA PRO B 877 30.97 -27.54 -40.98
C PRO B 877 32.23 -26.94 -41.60
N THR B 878 32.24 -26.98 -42.93
CA THR B 878 33.31 -26.38 -43.71
C THR B 878 33.14 -24.87 -43.75
N ARG B 879 34.26 -24.15 -43.61
CA ARG B 879 34.20 -22.69 -43.54
C ARG B 879 33.73 -22.08 -44.86
N ALA B 880 33.92 -22.80 -45.97
CA ALA B 880 33.57 -22.26 -47.28
C ALA B 880 32.06 -22.26 -47.52
N THR B 881 31.32 -23.19 -46.90
CA THR B 881 29.92 -23.38 -47.23
C THR B 881 28.95 -22.91 -46.15
N THR B 882 29.43 -22.54 -44.97
CA THR B 882 28.56 -22.20 -43.84
C THR B 882 28.93 -20.81 -43.36
N LEU B 883 27.93 -19.97 -43.19
CA LEU B 883 28.15 -18.61 -42.73
C LEU B 883 27.89 -18.43 -41.24
N ARG B 884 28.49 -17.36 -40.70
CA ARG B 884 28.40 -16.93 -39.30
C ARG B 884 28.85 -18.03 -38.34
N LEU B 885 30.01 -18.59 -38.63
CA LEU B 885 30.71 -19.53 -37.76
C LEU B 885 31.13 -18.92 -36.42
N LYS B 886 31.16 -19.78 -35.40
CA LYS B 886 31.63 -19.41 -34.08
C LYS B 886 33.15 -19.15 -34.11
N HIS B 887 33.62 -18.43 -33.09
CA HIS B 887 35.02 -18.05 -33.03
C HIS B 887 35.94 -19.17 -32.53
N GLY B 888 35.41 -20.18 -31.85
CA GLY B 888 36.24 -21.24 -31.32
C GLY B 888 36.75 -22.24 -32.36
N THR B 889 37.59 -23.16 -31.89
CA THR B 889 38.18 -24.17 -32.74
C THR B 889 37.19 -25.28 -33.05
N TYR B 890 37.20 -25.75 -34.29
CA TYR B 890 36.43 -26.90 -34.71
C TYR B 890 37.27 -28.16 -34.87
N GLU B 891 38.54 -28.12 -34.49
CA GLU B 891 39.47 -29.20 -34.82
C GLU B 891 39.36 -30.41 -33.93
N LYS B 892 38.47 -30.44 -32.96
CA LYS B 892 38.31 -31.66 -32.18
C LYS B 892 37.15 -32.52 -32.65
N LEU B 893 36.33 -32.04 -33.58
CA LEU B 893 35.25 -32.85 -34.12
C LEU B 893 35.77 -33.90 -35.09
N ASP B 894 35.20 -35.10 -34.99
CA ASP B 894 35.41 -36.10 -36.02
C ASP B 894 34.50 -35.84 -37.21
N GLU B 895 34.61 -36.70 -38.22
CA GLU B 895 33.83 -36.57 -39.44
C GLU B 895 32.32 -36.78 -39.24
N ASP B 896 31.90 -37.50 -38.21
CA ASP B 896 30.48 -37.68 -37.95
C ASP B 896 29.81 -36.48 -37.29
N GLY B 897 30.54 -35.38 -37.08
CA GLY B 897 30.05 -34.22 -36.39
C GLY B 897 30.09 -34.28 -34.88
N LEU B 898 30.65 -35.34 -34.30
CA LEU B 898 30.63 -35.55 -32.87
C LEU B 898 32.05 -35.67 -32.38
N ILE B 899 32.31 -35.15 -31.19
CA ILE B 899 33.64 -35.29 -30.61
C ILE B 899 33.76 -36.67 -29.96
N ALA B 900 34.97 -37.14 -29.81
CA ALA B 900 35.13 -38.48 -29.29
C ALA B 900 35.56 -38.46 -27.83
N PRO B 901 35.16 -39.46 -27.05
CA PRO B 901 35.61 -39.56 -25.66
C PRO B 901 37.11 -39.64 -25.50
N GLY B 902 37.60 -39.04 -24.43
CA GLY B 902 39.00 -38.98 -24.14
C GLY B 902 39.68 -37.68 -24.51
N VAL B 903 39.02 -36.78 -25.22
CA VAL B 903 39.67 -35.56 -25.67
C VAL B 903 39.40 -34.49 -24.62
N ARG B 904 40.44 -33.79 -24.18
CA ARG B 904 40.22 -32.66 -23.29
C ARG B 904 39.62 -31.49 -24.07
N VAL B 905 38.71 -30.76 -23.43
CA VAL B 905 38.08 -29.60 -24.04
C VAL B 905 38.19 -28.44 -23.07
N SER B 906 38.31 -27.25 -23.64
CA SER B 906 38.28 -25.99 -22.92
C SER B 906 37.11 -25.17 -23.44
N GLY B 907 36.81 -24.09 -22.73
CA GLY B 907 35.74 -23.17 -23.09
C GLY B 907 35.71 -22.68 -24.52
N ASP B 908 34.49 -22.61 -25.06
CA ASP B 908 34.12 -22.14 -26.40
C ASP B 908 34.50 -23.09 -27.51
N ASP B 909 35.24 -24.17 -27.22
CA ASP B 909 35.41 -25.24 -28.19
C ASP B 909 34.06 -25.82 -28.62
N ILE B 910 33.91 -26.08 -29.90
CA ILE B 910 32.73 -26.75 -30.42
C ILE B 910 32.82 -28.24 -30.17
N ILE B 911 31.78 -28.83 -29.60
CA ILE B 911 31.76 -30.26 -29.39
C ILE B 911 30.69 -30.97 -30.19
N ILE B 912 29.67 -30.26 -30.67
CA ILE B 912 28.63 -30.83 -31.52
C ILE B 912 28.44 -29.85 -32.67
N GLY B 913 28.82 -30.27 -33.87
CA GLY B 913 28.62 -29.46 -35.06
C GLY B 913 27.29 -29.73 -35.71
N LYS B 914 26.53 -28.66 -35.94
CA LYS B 914 25.24 -28.80 -36.60
C LYS B 914 24.99 -27.55 -37.43
N THR B 915 24.41 -27.74 -38.60
CA THR B 915 24.07 -26.63 -39.49
C THR B 915 22.58 -26.61 -39.78
N THR B 916 22.10 -25.42 -40.15
CA THR B 916 20.74 -25.24 -40.64
C THR B 916 20.81 -24.52 -41.98
N PRO B 917 20.08 -24.98 -43.00
CA PRO B 917 20.12 -24.29 -44.29
C PRO B 917 19.42 -22.94 -44.26
N ILE B 918 19.91 -22.02 -45.10
CA ILE B 918 19.30 -20.71 -45.23
C ILE B 918 18.28 -20.79 -46.36
N PRO B 919 17.05 -20.31 -46.16
CA PRO B 919 16.04 -20.34 -47.23
C PRO B 919 16.41 -19.37 -48.34
N PRO B 920 15.90 -19.58 -49.55
CA PRO B 920 16.13 -18.59 -50.62
C PRO B 920 15.12 -17.46 -50.59
N TYR B 931 25.70 -21.59 -54.58
CA TYR B 931 25.28 -22.11 -53.27
C TYR B 931 25.47 -21.24 -52.03
N HIS B 932 26.14 -21.84 -51.03
CA HIS B 932 26.66 -21.23 -49.81
C HIS B 932 25.34 -20.96 -49.10
N THR B 933 24.81 -22.03 -48.51
CA THR B 933 23.43 -22.13 -48.08
C THR B 933 23.18 -22.41 -46.61
N LYS B 934 24.19 -22.76 -45.82
CA LYS B 934 23.85 -23.11 -44.45
C LYS B 934 24.35 -22.09 -43.44
N ARG B 935 23.78 -22.22 -42.24
CA ARG B 935 24.07 -21.43 -41.06
C ARG B 935 24.42 -22.34 -39.89
N ASP B 936 25.43 -21.93 -39.13
CA ASP B 936 25.90 -22.75 -38.03
C ASP B 936 24.90 -22.73 -36.88
N ALA B 937 24.70 -23.90 -36.28
CA ALA B 937 23.84 -24.00 -35.12
C ALA B 937 24.49 -24.91 -34.09
N SER B 938 25.81 -24.76 -33.94
CA SER B 938 26.60 -25.68 -33.14
C SER B 938 26.57 -25.28 -31.67
N THR B 939 27.01 -26.21 -30.82
CA THR B 939 26.96 -26.00 -29.38
C THR B 939 28.38 -25.91 -28.85
N PRO B 940 28.79 -24.79 -28.29
CA PRO B 940 30.09 -24.73 -27.63
C PRO B 940 30.00 -25.05 -26.15
N LEU B 941 31.10 -25.63 -25.65
CA LEU B 941 31.30 -25.79 -24.21
C LEU B 941 31.19 -24.46 -23.50
N ARG B 942 30.58 -24.49 -22.31
CA ARG B 942 30.43 -23.31 -21.46
C ARG B 942 31.78 -22.66 -21.18
N SER B 943 31.82 -21.33 -21.26
CA SER B 943 33.07 -20.59 -21.31
C SER B 943 33.93 -20.76 -20.06
N THR B 944 33.31 -20.99 -18.92
CA THR B 944 34.00 -21.09 -17.65
C THR B 944 34.46 -22.50 -17.29
N GLU B 945 34.36 -23.47 -18.20
CA GLU B 945 34.59 -24.85 -17.83
C GLU B 945 35.68 -25.49 -18.66
N ASN B 946 36.14 -26.65 -18.19
CA ASN B 946 37.10 -27.52 -18.88
C ASN B 946 36.93 -28.92 -18.32
N GLY B 947 37.56 -29.87 -19.00
CA GLY B 947 37.52 -31.25 -18.54
C GLY B 947 37.74 -32.19 -19.72
N ILE B 948 37.28 -33.42 -19.53
CA ILE B 948 37.48 -34.47 -20.54
C ILE B 948 36.11 -34.96 -20.98
N VAL B 949 35.94 -35.17 -22.28
CA VAL B 949 34.74 -35.82 -22.78
C VAL B 949 34.73 -37.26 -22.30
N ASP B 950 33.66 -37.67 -21.65
CA ASP B 950 33.66 -39.00 -21.04
C ASP B 950 32.92 -40.05 -21.84
N GLN B 951 31.82 -39.68 -22.49
CA GLN B 951 30.93 -40.64 -23.11
C GLN B 951 30.00 -39.87 -24.01
N VAL B 952 29.68 -40.44 -25.17
CA VAL B 952 28.82 -39.79 -26.14
C VAL B 952 27.74 -40.77 -26.55
N LEU B 953 26.51 -40.40 -26.27
CA LEU B 953 25.35 -41.20 -26.60
C LEU B 953 24.84 -40.73 -27.96
N LEU B 954 24.58 -41.68 -28.85
CA LEU B 954 23.94 -41.38 -30.12
C LEU B 954 22.72 -42.26 -30.31
N THR B 955 21.59 -41.64 -30.64
CA THR B 955 20.34 -42.36 -30.77
C THR B 955 19.37 -41.51 -31.57
N THR B 956 18.13 -41.96 -31.66
CA THR B 956 17.07 -41.15 -32.28
C THR B 956 15.95 -40.93 -31.27
N ASN B 957 15.21 -39.86 -31.50
CA ASN B 957 14.12 -39.49 -30.63
C ASN B 957 12.81 -40.03 -31.18
N GLN B 958 11.71 -39.69 -30.49
CA GLN B 958 10.38 -40.17 -30.86
C GLN B 958 9.98 -39.79 -32.29
N GLU B 959 10.50 -38.67 -32.80
CA GLU B 959 10.18 -38.23 -34.14
C GLU B 959 11.12 -38.80 -35.20
N GLY B 960 12.09 -39.62 -34.81
CA GLY B 960 12.95 -40.26 -35.79
C GLY B 960 14.20 -39.52 -36.23
N LEU B 961 14.41 -38.28 -35.82
CA LEU B 961 15.63 -37.58 -36.17
C LEU B 961 16.77 -37.92 -35.20
N LYS B 962 17.99 -37.58 -35.60
CA LYS B 962 19.16 -37.95 -34.81
C LYS B 962 19.24 -37.13 -33.54
N PHE B 963 19.85 -37.73 -32.53
CA PHE B 963 19.81 -37.21 -31.17
C PHE B 963 21.08 -37.59 -30.45
N VAL B 964 21.77 -36.62 -29.85
CA VAL B 964 23.05 -36.89 -29.21
C VAL B 964 23.04 -36.34 -27.81
N LYS B 965 23.84 -36.95 -26.94
CA LYS B 965 24.22 -36.39 -25.65
C LYS B 965 25.70 -36.55 -25.41
N VAL B 966 26.35 -35.50 -24.92
CA VAL B 966 27.77 -35.52 -24.62
C VAL B 966 27.95 -35.24 -23.15
N ARG B 967 28.51 -36.19 -22.40
CA ARG B 967 28.77 -35.96 -20.99
C ARG B 967 30.23 -35.60 -20.82
N MET B 968 30.49 -34.51 -20.11
CA MET B 968 31.86 -34.11 -19.81
C MET B 968 32.10 -34.28 -18.32
N ARG B 969 33.28 -34.80 -17.95
CA ARG B 969 33.69 -34.95 -16.57
C ARG B 969 34.93 -34.11 -16.31
N THR B 970 34.96 -33.49 -15.13
CA THR B 970 36.20 -32.94 -14.63
C THR B 970 36.29 -33.21 -13.14
N THR B 971 37.43 -32.87 -12.56
CA THR B 971 37.64 -33.07 -11.14
C THR B 971 37.87 -31.73 -10.48
N LYS B 972 37.14 -31.48 -9.40
CA LYS B 972 37.22 -30.26 -8.63
C LYS B 972 37.98 -30.52 -7.35
N VAL B 973 39.06 -29.79 -7.15
CA VAL B 973 39.98 -29.96 -6.03
C VAL B 973 39.74 -28.78 -5.09
N PRO B 974 39.56 -29.02 -3.78
CA PRO B 974 39.29 -27.93 -2.84
C PRO B 974 40.36 -26.86 -2.89
N GLN B 975 39.94 -25.62 -2.77
CA GLN B 975 40.87 -24.51 -2.84
C GLN B 975 40.27 -23.38 -2.05
N ILE B 976 41.08 -22.34 -1.80
CA ILE B 976 40.66 -21.09 -1.18
C ILE B 976 39.33 -20.62 -1.75
N GLY B 977 38.36 -20.36 -0.89
CA GLY B 977 37.06 -19.91 -1.32
C GLY B 977 35.98 -20.97 -1.34
N ASP B 978 36.34 -22.25 -1.41
CA ASP B 978 35.33 -23.29 -1.40
C ASP B 978 34.69 -23.41 -0.03
N LYS B 979 33.46 -23.91 0.00
CA LYS B 979 32.61 -23.86 1.17
C LYS B 979 32.45 -25.23 1.79
N PHE B 980 32.44 -25.29 3.13
CA PHE B 980 32.35 -26.52 3.91
C PHE B 980 31.51 -26.26 5.15
N ALA B 981 30.97 -27.33 5.71
CA ALA B 981 30.13 -27.18 6.88
C ALA B 981 30.12 -28.48 7.64
N SER B 982 30.09 -28.39 8.96
CA SER B 982 29.76 -29.52 9.80
C SER B 982 28.25 -29.67 9.81
N ARG B 983 27.74 -30.66 10.53
CA ARG B 983 26.29 -30.85 10.47
C ARG B 983 25.52 -30.01 11.48
N HIS B 984 26.06 -28.88 11.91
CA HIS B 984 25.42 -28.08 12.94
C HIS B 984 25.26 -26.63 12.53
N GLY B 985 25.18 -26.36 11.24
CA GLY B 985 25.05 -24.99 10.82
C GLY B 985 26.29 -24.15 10.97
N GLN B 986 27.46 -24.77 11.03
CA GLN B 986 28.72 -24.10 11.27
C GLN B 986 29.43 -24.19 9.93
N LYS B 987 29.27 -23.17 9.11
CA LYS B 987 29.71 -23.22 7.73
C LYS B 987 30.82 -22.22 7.52
N GLY B 988 31.66 -22.48 6.52
CA GLY B 988 32.76 -21.59 6.28
C GLY B 988 33.45 -21.84 4.96
N THR B 989 34.24 -20.86 4.56
CA THR B 989 35.10 -20.98 3.41
C THR B 989 36.55 -21.10 3.83
N ILE B 990 37.36 -21.70 2.97
CA ILE B 990 38.77 -21.86 3.26
C ILE B 990 39.45 -20.51 3.15
N GLY B 991 40.17 -20.13 4.19
CA GLY B 991 40.87 -18.87 4.16
C GLY B 991 42.29 -18.95 3.69
N VAL B 992 42.94 -20.09 3.91
CA VAL B 992 44.30 -20.30 3.44
C VAL B 992 44.59 -21.78 3.52
N THR B 993 45.61 -22.24 2.82
CA THR B 993 46.11 -23.58 3.02
C THR B 993 47.54 -23.55 3.56
N TYR B 994 47.84 -24.54 4.40
CA TYR B 994 49.16 -24.77 4.97
C TYR B 994 49.64 -26.18 4.69
N ARG B 995 50.91 -26.31 4.34
CA ARG B 995 51.47 -27.63 4.15
C ARG B 995 51.62 -28.32 5.50
N HIS B 996 51.81 -29.64 5.46
CA HIS B 996 51.92 -30.51 6.63
C HIS B 996 52.80 -29.99 7.75
N GLU B 997 54.00 -29.52 7.43
CA GLU B 997 54.94 -29.20 8.48
C GLU B 997 54.68 -27.87 9.17
N ASP B 998 53.84 -27.01 8.62
CA ASP B 998 53.51 -25.77 9.31
C ASP B 998 52.31 -25.87 10.23
N MET B 999 51.54 -26.96 10.18
CA MET B 999 50.41 -27.10 11.05
C MET B 999 50.87 -27.34 12.49
N PRO B 1000 50.07 -26.94 13.48
CA PRO B 1000 50.31 -27.40 14.84
C PRO B 1000 50.12 -28.90 14.94
N PHE B 1001 50.87 -29.53 15.83
CA PHE B 1001 50.79 -30.97 15.98
C PHE B 1001 50.72 -31.35 17.45
N SER B 1002 50.06 -32.46 17.70
CA SER B 1002 50.08 -33.06 19.02
C SER B 1002 51.34 -33.87 19.18
N ALA B 1003 51.63 -34.25 20.43
CA ALA B 1003 52.80 -35.04 20.76
C ALA B 1003 52.90 -36.35 19.96
N GLU B 1004 51.77 -37.00 19.70
CA GLU B 1004 51.77 -38.17 18.82
C GLU B 1004 52.05 -37.87 17.37
N GLY B 1005 52.22 -36.62 16.96
CA GLY B 1005 52.48 -36.28 15.58
C GLY B 1005 51.26 -36.25 14.70
N ILE B 1006 50.08 -36.23 15.29
CA ILE B 1006 48.82 -36.07 14.56
C ILE B 1006 48.67 -34.59 14.26
N VAL B 1007 48.37 -34.25 13.02
CA VAL B 1007 48.13 -32.84 12.72
C VAL B 1007 46.67 -32.72 12.29
N PRO B 1008 46.00 -31.61 12.53
CA PRO B 1008 44.61 -31.52 12.11
C PRO B 1008 44.56 -31.34 10.61
N ASP B 1009 43.52 -31.89 10.01
CA ASP B 1009 43.14 -31.56 8.65
C ASP B 1009 42.58 -30.17 8.48
N LEU B 1010 42.13 -29.52 9.54
CA LEU B 1010 41.20 -28.41 9.39
C LEU B 1010 41.12 -27.66 10.71
N ILE B 1011 41.24 -26.34 10.69
CA ILE B 1011 41.17 -25.51 11.89
C ILE B 1011 40.03 -24.53 11.79
N ILE B 1012 39.03 -24.70 12.65
CA ILE B 1012 37.96 -23.74 12.77
C ILE B 1012 38.24 -22.82 13.94
N ASN B 1013 37.43 -21.78 14.07
CA ASN B 1013 37.74 -20.65 14.96
C ASN B 1013 36.97 -20.80 16.25
N PRO B 1014 37.58 -20.55 17.41
CA PRO B 1014 36.83 -20.64 18.68
C PRO B 1014 35.66 -19.70 18.81
N HIS B 1015 35.66 -18.56 18.12
CA HIS B 1015 34.56 -17.61 18.26
C HIS B 1015 33.28 -18.06 17.59
N ALA B 1016 33.31 -19.14 16.83
CA ALA B 1016 32.09 -19.65 16.24
C ALA B 1016 31.17 -20.31 17.25
N ILE B 1017 31.65 -20.60 18.46
CA ILE B 1017 30.90 -21.46 19.38
C ILE B 1017 30.04 -20.64 20.35
N PRO B 1018 30.56 -19.66 21.14
CA PRO B 1018 29.76 -19.20 22.29
C PRO B 1018 28.50 -18.45 21.94
N SER B 1019 28.51 -17.66 20.88
CA SER B 1019 27.27 -16.96 20.57
C SER B 1019 26.32 -17.80 19.74
N ARG B 1020 26.84 -18.78 19.00
CA ARG B 1020 25.93 -19.62 18.27
C ARG B 1020 25.37 -20.76 19.12
N MET B 1021 26.08 -21.12 20.19
CA MET B 1021 25.68 -22.11 21.19
C MET B 1021 25.41 -23.48 20.57
N THR B 1022 26.24 -23.87 19.61
CA THR B 1022 26.18 -25.20 19.03
C THR B 1022 27.02 -26.16 19.88
N VAL B 1023 26.54 -26.39 21.11
CA VAL B 1023 27.25 -27.26 22.05
C VAL B 1023 27.30 -28.69 21.54
N ALA B 1024 26.29 -29.10 20.76
CA ALA B 1024 26.25 -30.41 20.12
C ALA B 1024 27.47 -30.66 19.24
N HIS B 1025 28.02 -29.62 18.64
CA HIS B 1025 29.19 -29.77 17.78
C HIS B 1025 30.38 -30.24 18.61
N LEU B 1026 30.56 -29.65 19.79
CA LEU B 1026 31.64 -30.05 20.69
C LEU B 1026 31.44 -31.49 21.18
N ILE B 1027 30.25 -31.81 21.68
CA ILE B 1027 29.94 -33.17 22.16
C ILE B 1027 30.15 -34.21 21.06
N GLU B 1028 29.81 -33.88 19.81
CA GLU B 1028 30.03 -34.82 18.71
C GLU B 1028 31.51 -35.10 18.54
N CYS B 1029 32.34 -34.06 18.68
CA CYS B 1029 33.78 -34.22 18.56
C CYS B 1029 34.29 -35.12 19.67
N LEU B 1030 33.88 -34.85 20.91
CA LEU B 1030 34.24 -35.68 22.06
C LEU B 1030 33.83 -37.13 21.86
N LEU B 1031 32.58 -37.36 21.50
CA LEU B 1031 32.08 -38.72 21.30
C LEU B 1031 32.81 -39.45 20.18
N SER B 1032 33.16 -38.74 19.11
CA SER B 1032 33.81 -39.39 17.99
C SER B 1032 35.24 -39.76 18.32
N LYS B 1033 35.91 -38.97 19.14
CA LYS B 1033 37.24 -39.31 19.65
C LYS B 1033 37.20 -40.66 20.35
N VAL B 1034 36.32 -40.80 21.35
CA VAL B 1034 36.10 -42.07 22.05
C VAL B 1034 35.82 -43.18 21.04
N GLY B 1035 34.95 -42.88 20.08
CA GLY B 1035 34.52 -43.90 19.13
C GLY B 1035 35.62 -44.43 18.25
N SER B 1036 36.56 -43.57 17.87
CA SER B 1036 37.63 -44.04 16.99
C SER B 1036 38.72 -44.77 17.76
N ILE B 1037 38.92 -44.45 19.03
CA ILE B 1037 39.87 -45.20 19.84
C ILE B 1037 39.37 -46.60 20.13
N ARG B 1038 38.13 -46.73 20.59
CA ARG B 1038 37.65 -48.05 20.95
C ARG B 1038 37.12 -48.81 19.75
N GLY B 1039 36.93 -48.15 18.62
CA GLY B 1039 36.50 -48.84 17.43
C GLY B 1039 35.03 -49.11 17.25
N TYR B 1040 34.17 -48.13 17.47
CA TYR B 1040 32.77 -48.29 17.08
C TYR B 1040 32.21 -46.91 16.82
N GLU B 1041 31.04 -46.87 16.23
CA GLU B 1041 30.34 -45.62 16.01
C GLU B 1041 29.38 -45.38 17.17
N GLY B 1042 29.63 -44.30 17.92
CA GLY B 1042 28.79 -43.98 19.05
C GLY B 1042 27.37 -43.68 18.62
N ASP B 1043 26.43 -43.99 19.50
CA ASP B 1043 25.02 -43.73 19.24
C ASP B 1043 24.72 -42.34 19.74
N ALA B 1044 24.43 -41.43 18.82
CA ALA B 1044 24.14 -40.03 19.10
C ALA B 1044 22.69 -39.67 18.87
N THR B 1045 21.80 -40.66 18.91
CA THR B 1045 20.37 -40.42 18.83
C THR B 1045 19.95 -39.40 19.88
N PRO B 1046 19.08 -38.46 19.56
CA PRO B 1046 18.58 -37.56 20.59
C PRO B 1046 17.63 -38.26 21.54
N PHE B 1047 17.54 -37.71 22.75
CA PHE B 1047 16.59 -38.11 23.79
C PHE B 1047 16.91 -39.51 24.30
N THR B 1048 18.19 -39.76 24.57
CA THR B 1048 18.67 -40.99 25.20
C THR B 1048 19.35 -40.70 26.53
N ASP B 1049 19.80 -41.77 27.17
CA ASP B 1049 20.44 -41.70 28.49
C ASP B 1049 21.91 -41.32 28.43
N LEU B 1050 22.51 -41.21 27.25
CA LEU B 1050 23.92 -40.84 27.10
C LEU B 1050 24.20 -39.47 27.69
N THR B 1051 25.20 -39.39 28.56
CA THR B 1051 25.60 -38.12 29.15
C THR B 1051 27.04 -37.83 28.78
N VAL B 1052 27.41 -36.55 28.92
CA VAL B 1052 28.78 -36.13 28.63
C VAL B 1052 29.78 -36.79 29.58
N ASP B 1053 29.41 -36.93 30.86
CA ASP B 1053 30.30 -37.54 31.84
C ASP B 1053 30.59 -39.00 31.54
N ALA B 1054 29.59 -39.73 31.04
CA ALA B 1054 29.81 -41.14 30.70
C ALA B 1054 30.82 -41.27 29.57
N VAL B 1055 30.73 -40.39 28.56
CA VAL B 1055 31.69 -40.41 27.47
C VAL B 1055 33.07 -39.97 27.95
N SER B 1056 33.12 -38.97 28.83
CA SER B 1056 34.38 -38.48 29.38
C SER B 1056 35.13 -39.53 30.20
N ASN B 1057 34.41 -40.35 30.96
CA ASN B 1057 35.03 -41.42 31.75
C ASN B 1057 35.75 -42.43 30.87
N LEU B 1058 35.09 -42.87 29.80
CA LEU B 1058 35.72 -43.78 28.85
C LEU B 1058 36.99 -43.19 28.26
N LEU B 1059 36.94 -41.93 27.85
CA LEU B 1059 38.08 -41.30 27.20
C LEU B 1059 39.31 -41.22 28.09
N ARG B 1060 39.14 -40.89 29.38
CA ARG B 1060 40.30 -40.77 30.27
C ARG B 1060 40.97 -42.12 30.49
N ASP B 1061 40.17 -43.19 30.60
CA ASP B 1061 40.68 -44.55 30.71
C ASP B 1061 41.48 -45.04 29.51
N ASN B 1062 41.56 -44.27 28.42
CA ASN B 1062 42.33 -44.65 27.25
C ASN B 1062 43.59 -43.81 27.11
N GLY B 1063 43.90 -42.99 28.11
CA GLY B 1063 45.16 -42.27 28.13
C GLY B 1063 45.10 -40.85 27.63
N TYR B 1064 43.93 -40.34 27.28
CA TYR B 1064 43.76 -38.97 26.82
C TYR B 1064 43.08 -38.14 27.88
N GLN B 1065 43.37 -36.83 27.90
CA GLN B 1065 42.68 -35.90 28.78
C GLN B 1065 41.19 -35.95 28.55
N SER B 1066 40.42 -35.90 29.64
CA SER B 1066 39.04 -36.39 29.57
C SER B 1066 38.11 -35.44 28.85
N ARG B 1067 38.46 -34.18 28.72
CA ARG B 1067 37.60 -33.22 28.05
C ARG B 1067 37.94 -33.02 26.59
N GLY B 1068 38.86 -33.81 26.05
CA GLY B 1068 39.19 -33.74 24.65
C GLY B 1068 40.40 -32.90 24.31
N PHE B 1069 40.92 -32.13 25.26
CA PHE B 1069 42.09 -31.30 25.00
C PHE B 1069 43.32 -32.15 24.81
N GLU B 1070 44.32 -31.57 24.15
CA GLU B 1070 45.63 -32.18 23.98
C GLU B 1070 46.63 -31.03 23.93
N VAL B 1071 47.80 -31.27 24.53
CA VAL B 1071 48.92 -30.36 24.35
C VAL B 1071 49.32 -30.37 22.89
N MET B 1072 49.60 -29.20 22.34
CA MET B 1072 50.00 -29.13 20.95
C MET B 1072 51.16 -28.17 20.84
N TYR B 1073 51.87 -28.26 19.73
CA TYR B 1073 53.13 -27.57 19.52
C TYR B 1073 53.02 -26.69 18.30
N ASN B 1074 53.55 -25.49 18.38
CA ASN B 1074 53.54 -24.60 17.23
C ASN B 1074 54.47 -25.15 16.15
N GLY B 1075 53.98 -25.16 14.91
CA GLY B 1075 54.75 -25.75 13.84
C GLY B 1075 55.92 -24.92 13.38
N HIS B 1076 55.86 -23.59 13.55
CA HIS B 1076 56.95 -22.76 13.06
C HIS B 1076 58.19 -22.89 13.94
N THR B 1077 58.00 -22.97 15.25
CA THR B 1077 59.11 -22.87 16.19
C THR B 1077 59.37 -24.13 16.98
N GLY B 1078 58.43 -25.05 17.05
CA GLY B 1078 58.55 -26.16 17.96
C GLY B 1078 58.23 -25.84 19.40
N LYS B 1079 57.97 -24.58 19.74
CA LYS B 1079 57.65 -24.22 21.11
C LYS B 1079 56.23 -24.65 21.43
N LYS B 1080 55.99 -25.09 22.66
CA LYS B 1080 54.61 -25.36 23.10
C LYS B 1080 53.72 -24.14 23.00
N LEU B 1081 52.45 -24.39 22.74
CA LEU B 1081 51.45 -23.35 22.89
C LEU B 1081 51.10 -23.27 24.36
N MET B 1082 51.02 -22.06 24.90
CA MET B 1082 50.62 -21.85 26.29
C MET B 1082 49.23 -22.39 26.60
N ALA B 1083 48.37 -22.56 25.61
CA ALA B 1083 47.02 -23.06 25.80
C ALA B 1083 46.88 -24.40 25.11
N GLN B 1084 46.08 -25.28 25.68
CA GLN B 1084 45.81 -26.55 25.04
C GLN B 1084 44.59 -26.45 24.14
N VAL B 1085 44.54 -27.33 23.15
CA VAL B 1085 43.66 -27.18 21.99
C VAL B 1085 42.72 -28.38 21.93
N PHE B 1086 41.43 -28.09 21.93
CA PHE B 1086 40.39 -29.07 21.62
C PHE B 1086 40.55 -29.68 20.25
N PHE B 1087 40.61 -31.00 20.21
CA PHE B 1087 41.17 -31.73 19.08
C PHE B 1087 40.47 -33.07 18.90
N GLY B 1088 40.03 -33.36 17.68
CA GLY B 1088 39.34 -34.61 17.40
C GLY B 1088 38.58 -34.66 16.09
N PRO B 1089 38.06 -35.84 15.74
CA PRO B 1089 37.32 -35.99 14.47
C PRO B 1089 35.96 -35.35 14.50
N THR B 1090 35.57 -34.75 13.37
CA THR B 1090 34.24 -34.22 13.17
C THR B 1090 33.81 -34.44 11.73
N TYR B 1091 32.54 -34.79 11.52
CA TYR B 1091 32.02 -35.06 10.19
C TYR B 1091 31.81 -33.76 9.44
N TYR B 1092 32.47 -33.59 8.31
CA TYR B 1092 32.29 -32.34 7.60
C TYR B 1092 31.74 -32.63 6.22
N GLN B 1093 30.86 -31.76 5.75
CA GLN B 1093 30.24 -31.94 4.44
C GLN B 1093 30.59 -30.86 3.43
N ARG B 1094 30.91 -31.30 2.22
CA ARG B 1094 31.26 -30.41 1.09
C ARG B 1094 30.06 -29.89 0.30
N LEU B 1095 29.76 -28.61 0.45
CA LEU B 1095 28.59 -28.01 -0.18
C LEU B 1095 28.89 -27.58 -1.62
N ARG B 1096 27.82 -27.41 -2.41
CA ARG B 1096 27.90 -27.12 -3.85
C ARG B 1096 28.50 -25.76 -4.21
N HIS B 1097 28.72 -24.85 -3.28
CA HIS B 1097 29.14 -23.50 -3.65
C HIS B 1097 30.65 -23.42 -3.67
N MET B 1098 31.20 -23.39 -4.87
CA MET B 1098 32.62 -23.32 -5.12
C MET B 1098 32.93 -22.06 -5.89
N VAL B 1099 34.07 -21.44 -5.57
CA VAL B 1099 34.41 -20.09 -6.02
C VAL B 1099 34.51 -20.03 -7.54
N ASP B 1100 35.01 -21.08 -8.20
CA ASP B 1100 35.13 -20.99 -9.65
C ASP B 1100 33.79 -21.15 -10.35
N ASP B 1101 32.71 -21.39 -9.62
CA ASP B 1101 31.37 -21.31 -10.17
C ASP B 1101 30.75 -19.94 -9.96
N LYS B 1102 31.43 -19.02 -9.30
CA LYS B 1102 30.88 -17.71 -8.97
C LYS B 1102 31.69 -16.55 -9.52
N ILE B 1103 33.03 -16.67 -9.57
CA ILE B 1103 33.92 -15.61 -10.02
C ILE B 1103 33.48 -15.10 -11.38
N HIS B 1104 33.48 -13.77 -11.54
CA HIS B 1104 33.04 -13.19 -12.80
C HIS B 1104 33.65 -11.83 -12.97
N ALA B 1105 34.07 -11.52 -14.19
CA ALA B 1105 34.56 -10.19 -14.53
C ALA B 1105 34.13 -9.81 -15.93
N ARG B 1106 33.89 -8.52 -16.15
CA ARG B 1106 33.55 -8.04 -17.48
C ARG B 1106 34.28 -6.76 -17.82
N ALA B 1107 35.01 -6.74 -18.93
CA ALA B 1107 35.49 -5.46 -19.43
C ALA B 1107 34.44 -4.83 -20.32
N ARG B 1108 34.53 -5.06 -21.62
CA ARG B 1108 33.43 -4.85 -22.56
C ARG B 1108 32.86 -6.19 -22.97
N GLY B 1109 31.72 -6.18 -23.64
CA GLY B 1109 31.11 -7.41 -24.05
C GLY B 1109 29.75 -7.24 -24.69
N PRO B 1110 28.98 -8.33 -24.77
CA PRO B 1110 27.73 -8.31 -25.54
C PRO B 1110 26.70 -7.43 -24.86
N VAL B 1111 25.83 -6.84 -25.67
CA VAL B 1111 24.78 -5.98 -25.16
C VAL B 1111 23.41 -6.49 -25.59
N GLN B 1112 22.39 -5.99 -24.91
CA GLN B 1112 21.02 -6.31 -25.30
C GLN B 1112 20.66 -5.52 -26.55
N VAL B 1113 19.90 -6.17 -27.43
CA VAL B 1113 19.48 -5.52 -28.68
C VAL B 1113 18.60 -4.30 -28.38
N LEU B 1114 17.72 -4.42 -27.40
CA LEU B 1114 16.70 -3.41 -27.13
C LEU B 1114 17.22 -2.18 -26.39
N THR B 1115 18.06 -2.36 -25.38
CA THR B 1115 18.51 -1.24 -24.57
C THR B 1115 19.95 -0.81 -24.81
N ARG B 1116 20.73 -1.62 -25.55
CA ARG B 1116 22.18 -1.45 -25.77
C ARG B 1116 22.99 -1.32 -24.48
N GLN B 1117 22.48 -1.84 -23.38
CA GLN B 1117 23.06 -2.04 -22.07
C GLN B 1117 23.58 -3.47 -21.91
N PRO B 1118 24.66 -3.65 -21.13
CA PRO B 1118 25.23 -4.98 -20.89
C PRO B 1118 24.20 -6.05 -20.52
N VAL B 1119 24.41 -7.27 -21.03
CA VAL B 1119 23.48 -8.37 -20.77
C VAL B 1119 23.52 -8.85 -19.33
N GLU B 1120 22.51 -9.63 -18.95
CA GLU B 1120 22.42 -10.18 -17.60
C GLU B 1120 23.00 -11.59 -17.55
N GLY B 1121 23.86 -11.86 -16.57
CA GLY B 1121 24.18 -13.23 -16.28
C GLY B 1121 25.59 -13.68 -16.61
N ARG B 1122 26.23 -14.36 -15.66
CA ARG B 1122 27.50 -15.09 -15.80
C ARG B 1122 27.62 -15.88 -17.10
N SER B 1123 26.56 -16.61 -17.46
CA SER B 1123 26.58 -17.50 -18.61
C SER B 1123 26.56 -16.76 -19.93
N ARG B 1124 26.34 -15.45 -19.90
CA ARG B 1124 26.29 -14.64 -21.11
C ARG B 1124 27.34 -13.53 -21.12
N ASP B 1125 28.41 -13.66 -20.31
CA ASP B 1125 29.40 -12.58 -20.09
C ASP B 1125 28.75 -11.28 -19.61
N GLY B 1126 27.83 -11.37 -18.67
CA GLY B 1126 27.12 -10.19 -18.24
C GLY B 1126 27.86 -9.27 -17.30
N GLY B 1127 27.24 -8.12 -17.06
CA GLY B 1127 27.75 -7.11 -16.15
C GLY B 1127 26.94 -7.00 -14.87
N LEU B 1128 27.59 -6.53 -13.81
CA LEU B 1128 26.92 -6.35 -12.53
C LEU B 1128 25.94 -5.18 -12.57
N ARG B 1129 24.87 -5.31 -11.80
CA ARG B 1129 23.85 -4.29 -11.69
C ARG B 1129 24.21 -3.20 -10.68
N PHE B 1130 24.34 -1.97 -11.16
CA PHE B 1130 24.46 -0.76 -10.35
C PHE B 1130 23.06 -0.26 -9.99
N GLY B 1131 22.55 -0.71 -8.86
CA GLY B 1131 21.14 -0.52 -8.52
C GLY B 1131 20.86 0.81 -7.88
N GLU B 1132 19.60 0.97 -7.45
CA GLU B 1132 19.16 2.25 -6.88
C GLU B 1132 19.88 2.59 -5.60
N MET B 1133 20.20 1.58 -4.79
CA MET B 1133 20.84 1.82 -3.51
C MET B 1133 22.30 2.22 -3.65
N GLU B 1134 22.97 1.75 -4.70
CA GLU B 1134 24.35 2.17 -4.96
C GLU B 1134 24.42 3.60 -5.47
N ARG B 1135 23.45 4.00 -6.28
CA ARG B 1135 23.27 5.40 -6.65
C ARG B 1135 23.25 6.31 -5.43
N ASP B 1136 22.44 6.00 -4.42
CA ASP B 1136 22.33 6.85 -3.22
C ASP B 1136 23.66 6.99 -2.48
N CYS B 1137 24.43 5.91 -2.38
CA CYS B 1137 25.72 5.95 -1.69
C CYS B 1137 26.68 6.94 -2.34
N MET B 1138 26.70 7.00 -3.67
CA MET B 1138 27.60 7.95 -4.31
C MET B 1138 27.15 9.39 -4.10
N ILE B 1139 25.83 9.63 -4.01
CA ILE B 1139 25.34 10.95 -3.65
C ILE B 1139 25.84 11.35 -2.27
N ALA B 1140 25.73 10.43 -1.29
CA ALA B 1140 26.17 10.71 0.07
C ALA B 1140 27.66 11.03 0.12
N HIS B 1141 28.47 10.32 -0.65
CA HIS B 1141 29.88 10.65 -0.73
C HIS B 1141 30.12 11.98 -1.44
N GLY B 1142 29.11 12.52 -2.11
CA GLY B 1142 29.26 13.68 -2.96
C GLY B 1142 30.10 13.47 -4.19
N ALA B 1143 30.23 12.24 -4.65
CA ALA B 1143 31.08 11.95 -5.80
C ALA B 1143 30.25 12.03 -7.08
N ALA B 1144 29.87 13.27 -7.42
CA ALA B 1144 28.98 13.51 -8.56
C ALA B 1144 29.65 13.16 -9.88
N GLY B 1145 30.94 13.48 -10.00
CA GLY B 1145 31.67 13.16 -11.22
C GLY B 1145 31.72 11.67 -11.49
N PHE B 1146 32.04 10.88 -10.47
CA PHE B 1146 32.09 9.42 -10.62
C PHE B 1146 30.75 8.85 -11.05
N LEU B 1147 29.66 9.35 -10.47
CA LEU B 1147 28.34 8.80 -10.76
C LEU B 1147 27.94 9.04 -12.21
N LYS B 1148 28.20 10.25 -12.73
CA LYS B 1148 27.98 10.55 -14.14
C LYS B 1148 28.71 9.58 -15.07
N GLU B 1149 29.99 9.38 -14.85
CA GLU B 1149 30.78 8.51 -15.71
C GLU B 1149 30.28 7.07 -15.72
N ARG B 1150 30.02 6.50 -14.52
CA ARG B 1150 29.48 5.14 -14.39
C ARG B 1150 28.26 4.90 -15.26
N LEU B 1151 27.36 5.87 -15.30
CA LEU B 1151 26.06 5.66 -15.91
C LEU B 1151 26.05 6.08 -17.36
N MET B 1152 27.18 6.56 -17.89
CA MET B 1152 27.27 6.97 -19.28
C MET B 1152 28.41 6.35 -20.07
N GLU B 1153 29.63 6.85 -19.85
CA GLU B 1153 30.81 6.38 -20.58
C GLU B 1153 31.08 4.90 -20.35
N ALA B 1154 30.81 4.41 -19.15
CA ALA B 1154 31.01 3.02 -18.79
C ALA B 1154 29.79 2.17 -19.06
N SER B 1155 28.82 2.70 -19.78
CA SER B 1155 27.64 1.93 -20.16
C SER B 1155 27.13 2.28 -21.56
N ASP B 1156 25.94 2.87 -21.62
CA ASP B 1156 25.14 3.00 -22.83
C ASP B 1156 25.05 4.42 -23.38
N ALA B 1157 26.14 5.17 -23.31
CA ALA B 1157 26.23 6.54 -23.83
C ALA B 1157 25.86 6.61 -25.31
N PHE B 1158 25.09 7.63 -25.66
CA PHE B 1158 24.54 7.79 -26.99
C PHE B 1158 24.51 9.27 -27.32
N ARG B 1159 24.75 9.60 -28.59
CA ARG B 1159 24.67 10.96 -29.09
C ARG B 1159 23.40 11.17 -29.91
N VAL B 1160 22.64 12.21 -29.58
CA VAL B 1160 21.44 12.57 -30.34
C VAL B 1160 21.57 14.02 -30.79
N HIS B 1161 20.81 14.36 -31.83
CA HIS B 1161 20.67 15.72 -32.32
C HIS B 1161 19.29 16.28 -32.03
N VAL B 1162 19.23 17.53 -31.58
CA VAL B 1162 17.94 18.16 -31.35
C VAL B 1162 17.84 19.45 -32.15
N CYS B 1163 16.59 19.87 -32.39
CA CYS B 1163 16.30 21.12 -33.08
C CYS B 1163 16.23 22.21 -32.05
N GLY B 1164 16.96 23.31 -32.27
CA GLY B 1164 16.94 24.41 -31.32
C GLY B 1164 15.62 25.14 -31.19
N ILE B 1165 14.69 24.92 -32.12
CA ILE B 1165 13.44 25.66 -32.12
C ILE B 1165 12.35 24.85 -31.43
N CYS B 1166 12.11 23.63 -31.92
CA CYS B 1166 11.05 22.80 -31.39
C CYS B 1166 11.51 21.79 -30.35
N GLY B 1167 12.81 21.63 -30.15
CA GLY B 1167 13.27 20.81 -29.05
C GLY B 1167 13.09 19.31 -29.19
N LEU B 1168 12.66 18.83 -30.35
CA LEU B 1168 12.45 17.41 -30.57
C LEU B 1168 13.70 16.78 -31.15
N MET B 1169 13.78 15.45 -31.02
CA MET B 1169 14.87 14.69 -31.64
C MET B 1169 14.54 14.32 -33.08
N SER B 1170 14.02 15.27 -33.85
CA SER B 1170 13.58 15.06 -35.21
C SER B 1170 14.61 15.44 -36.25
N VAL B 1171 15.86 15.50 -35.88
CA VAL B 1171 16.84 15.98 -36.84
C VAL B 1171 17.29 14.79 -37.67
N ILE B 1172 17.43 15.02 -38.97
CA ILE B 1172 17.94 14.07 -39.92
C ILE B 1172 19.35 14.50 -40.25
N ALA B 1173 20.32 13.70 -39.86
CA ALA B 1173 21.72 14.09 -39.84
C ALA B 1173 22.51 13.14 -40.71
N ASN B 1174 22.94 13.60 -41.87
CA ASN B 1174 23.88 12.85 -42.70
C ASN B 1174 25.25 13.42 -42.44
N LEU B 1175 26.13 12.64 -41.81
CA LEU B 1175 27.38 13.18 -41.33
C LEU B 1175 28.44 13.22 -42.41
N LYS B 1176 28.40 12.30 -43.37
CA LYS B 1176 29.35 12.41 -44.47
C LYS B 1176 28.95 13.50 -45.45
N LYS B 1177 27.65 13.76 -45.62
CA LYS B 1177 27.29 14.91 -46.46
C LYS B 1177 27.32 16.21 -45.68
N ASN B 1178 27.40 16.15 -44.35
CA ASN B 1178 27.49 17.31 -43.45
C ASN B 1178 26.28 18.26 -43.60
N GLN B 1179 25.09 17.70 -43.74
CA GLN B 1179 23.88 18.49 -43.90
C GLN B 1179 22.84 18.01 -42.90
N PHE B 1180 22.23 18.96 -42.20
CA PHE B 1180 21.25 18.71 -41.16
C PHE B 1180 19.98 19.50 -41.43
N GLU B 1181 18.84 18.90 -41.11
CA GLU B 1181 17.58 19.60 -41.31
C GLU B 1181 16.51 19.02 -40.42
N CYS B 1182 15.90 19.89 -39.62
CA CYS B 1182 14.61 19.62 -39.02
C CYS B 1182 13.58 20.12 -40.01
N ARG B 1183 12.91 19.20 -40.70
CA ARG B 1183 11.93 19.53 -41.72
C ARG B 1183 10.74 20.32 -41.19
N SER B 1184 10.35 20.04 -39.95
CA SER B 1184 9.21 20.74 -39.37
C SER B 1184 9.48 22.23 -39.18
N CYS B 1185 10.66 22.58 -38.67
CA CYS B 1185 10.94 23.99 -38.46
C CYS B 1185 11.61 24.66 -39.64
N LYS B 1186 11.91 23.91 -40.71
CA LYS B 1186 12.69 24.39 -41.86
C LYS B 1186 13.97 25.06 -41.38
N ASN B 1187 14.71 24.35 -40.54
CA ASN B 1187 15.82 24.93 -39.80
C ASN B 1187 17.03 24.07 -40.06
N LYS B 1188 18.07 24.70 -40.62
CA LYS B 1188 19.33 24.03 -40.91
C LYS B 1188 20.49 24.64 -40.13
N THR B 1189 20.23 25.53 -39.20
CA THR B 1189 21.31 26.27 -38.55
C THR B 1189 21.27 26.17 -37.04
N ASN B 1190 20.09 26.20 -36.43
CA ASN B 1190 19.97 26.19 -34.98
C ASN B 1190 19.75 24.77 -34.49
N ILE B 1191 20.83 23.99 -34.43
CA ILE B 1191 20.76 22.57 -34.15
C ILE B 1191 21.88 22.21 -33.18
N TYR B 1192 21.56 21.43 -32.15
CA TYR B 1192 22.50 21.06 -31.10
C TYR B 1192 22.63 19.56 -31.01
N GLN B 1193 23.79 19.09 -30.55
CA GLN B 1193 23.96 17.69 -30.17
C GLN B 1193 24.04 17.51 -28.66
N LEU B 1194 23.51 16.39 -28.21
CA LEU B 1194 23.45 16.03 -26.81
C LEU B 1194 24.09 14.67 -26.60
N HIS B 1195 24.61 14.46 -25.39
CA HIS B 1195 25.01 13.14 -24.92
C HIS B 1195 24.01 12.72 -23.86
N ILE B 1196 23.21 11.70 -24.15
CA ILE B 1196 22.26 11.19 -23.18
C ILE B 1196 22.35 9.66 -23.17
N PRO B 1197 21.90 9.01 -22.09
CA PRO B 1197 21.79 7.55 -22.11
C PRO B 1197 20.89 7.06 -23.23
N TYR B 1198 21.31 5.95 -23.86
CA TYR B 1198 20.46 5.28 -24.83
C TYR B 1198 19.11 4.91 -24.27
N ALA B 1199 19.06 4.40 -23.03
CA ALA B 1199 17.78 4.07 -22.43
C ALA B 1199 16.90 5.29 -22.21
N ALA B 1200 17.48 6.50 -22.16
CA ALA B 1200 16.67 7.70 -22.09
C ALA B 1200 16.12 8.09 -23.46
N LYS B 1201 16.96 7.97 -24.50
CA LYS B 1201 16.51 8.12 -25.88
C LYS B 1201 15.36 7.18 -26.19
N LEU B 1202 15.49 5.94 -25.74
CA LEU B 1202 14.43 4.94 -25.92
C LEU B 1202 13.16 5.39 -25.23
N LEU B 1203 13.29 5.84 -23.98
CA LEU B 1203 12.15 6.32 -23.20
C LEU B 1203 11.38 7.41 -23.93
N PHE B 1204 12.09 8.41 -24.48
CA PHE B 1204 11.42 9.50 -25.18
C PHE B 1204 10.71 9.03 -26.44
N GLN B 1205 11.31 8.10 -27.19
CA GLN B 1205 10.58 7.56 -28.33
C GLN B 1205 9.35 6.78 -27.90
N GLU B 1206 9.38 6.08 -26.77
CA GLU B 1206 8.15 5.44 -26.32
C GLU B 1206 7.11 6.47 -25.91
N LEU B 1207 7.55 7.59 -25.33
CA LEU B 1207 6.58 8.63 -24.98
C LEU B 1207 5.99 9.29 -26.22
N MET B 1208 6.81 9.57 -27.24
CA MET B 1208 6.31 10.09 -28.50
C MET B 1208 5.25 9.18 -29.10
N ALA B 1209 5.46 7.87 -29.03
CA ALA B 1209 4.50 6.91 -29.57
C ALA B 1209 3.16 6.95 -28.85
N MET B 1210 3.09 7.51 -27.65
CA MET B 1210 1.84 7.73 -26.94
C MET B 1210 1.40 9.17 -26.97
N ASN B 1211 1.85 9.94 -27.97
CA ASN B 1211 1.45 11.33 -28.21
C ASN B 1211 1.95 12.28 -27.14
N ILE B 1212 2.94 11.91 -26.35
CA ILE B 1212 3.52 12.83 -25.38
C ILE B 1212 4.76 13.43 -26.03
N ALA B 1213 4.88 14.75 -26.02
CA ALA B 1213 6.02 15.48 -26.57
C ALA B 1213 7.03 15.87 -25.51
N PRO B 1214 8.16 15.21 -25.40
CA PRO B 1214 9.19 15.69 -24.47
C PRO B 1214 10.23 16.58 -25.12
N ARG B 1215 10.10 17.89 -24.92
CA ARG B 1215 10.93 18.86 -25.63
C ARG B 1215 12.17 19.20 -24.81
N LEU B 1216 13.33 18.91 -25.36
CA LEU B 1216 14.61 19.15 -24.69
C LEU B 1216 15.17 20.51 -25.12
N TYR B 1217 15.17 21.48 -24.21
CA TYR B 1217 15.78 22.77 -24.52
C TYR B 1217 17.08 22.91 -23.77
N THR B 1218 18.06 23.58 -24.40
CA THR B 1218 19.36 23.74 -23.77
C THR B 1218 19.58 25.07 -23.08
N GLU B 1219 18.54 25.88 -22.89
CA GLU B 1219 18.69 27.17 -22.21
C GLU B 1219 17.43 27.50 -21.43
N ARG B 1220 17.61 28.27 -20.35
CA ARG B 1220 16.47 28.64 -19.53
C ARG B 1220 15.90 29.95 -20.04
N SER B 1221 14.81 30.39 -19.41
CA SER B 1221 14.14 31.63 -19.82
C SER B 1221 13.40 32.23 -18.63
N GLY B 1222 13.14 31.40 -17.63
CA GLY B 1222 12.37 31.83 -16.46
C GLY B 1222 10.87 31.79 -16.68
N GLU C 4 79.52 -31.62 20.44
CA GLU C 4 78.64 -31.48 21.60
C GLU C 4 77.19 -32.06 21.50
N PRO C 5 76.51 -32.01 20.34
CA PRO C 5 75.23 -32.75 20.22
C PRO C 5 75.38 -34.25 20.44
N LYS C 6 74.45 -34.81 21.21
CA LYS C 6 74.43 -36.22 21.55
C LYS C 6 73.10 -36.84 21.17
N VAL C 7 73.13 -38.13 20.80
CA VAL C 7 71.97 -38.88 20.37
C VAL C 7 71.97 -40.19 21.12
N ASN C 8 70.79 -40.65 21.54
CA ASN C 8 70.65 -41.92 22.23
C ASN C 8 69.40 -42.55 21.63
N ILE C 9 69.57 -43.60 20.84
CA ILE C 9 68.50 -44.30 20.16
C ILE C 9 67.79 -45.25 21.12
N ILE C 10 66.53 -44.94 21.41
CA ILE C 10 65.72 -45.74 22.33
C ILE C 10 65.24 -47.03 21.68
N ASN C 11 64.74 -46.96 20.44
CA ASN C 11 64.36 -48.17 19.74
C ASN C 11 64.65 -47.99 18.27
N ALA C 12 64.66 -49.10 17.54
CA ALA C 12 64.99 -49.06 16.13
C ALA C 12 64.45 -50.28 15.42
N GLN C 13 64.04 -50.06 14.18
CA GLN C 13 63.66 -51.11 13.24
C GLN C 13 63.69 -50.47 11.86
N ASP C 14 63.29 -51.24 10.84
CA ASP C 14 63.48 -50.83 9.45
C ASP C 14 62.77 -49.53 9.13
N ASP C 15 61.50 -49.41 9.53
CA ASP C 15 60.68 -48.29 9.11
C ASP C 15 60.35 -47.26 10.18
N GLU C 16 60.89 -47.39 11.40
CA GLU C 16 60.78 -46.30 12.34
C GLU C 16 61.92 -46.33 13.35
N VAL C 17 62.45 -45.15 13.63
CA VAL C 17 63.51 -44.97 14.62
C VAL C 17 62.98 -44.03 15.68
N GLU C 18 63.03 -44.46 16.92
CA GLU C 18 62.69 -43.64 18.05
C GLU C 18 64.00 -43.22 18.69
N LEU C 19 64.14 -41.94 19.02
CA LEU C 19 65.44 -41.49 19.46
C LEU C 19 65.31 -40.28 20.34
N MET C 20 66.31 -40.10 21.19
CA MET C 20 66.44 -38.90 21.99
C MET C 20 67.56 -38.05 21.43
N LEU C 21 67.29 -36.76 21.32
CA LEU C 21 68.21 -35.78 20.79
C LEU C 21 68.48 -34.76 21.88
N SER C 22 69.75 -34.43 22.09
CA SER C 22 70.06 -33.61 23.25
C SER C 22 71.25 -32.72 22.94
N ASP C 23 71.43 -31.72 23.81
CA ASP C 23 72.45 -30.67 23.69
C ASP C 23 72.34 -29.92 22.35
N VAL C 24 71.11 -29.63 21.92
CA VAL C 24 70.88 -28.76 20.79
C VAL C 24 69.81 -27.73 21.15
N ASN C 25 69.69 -26.74 20.28
CA ASN C 25 68.67 -25.72 20.40
C ASN C 25 67.34 -26.26 19.89
N LEU C 26 66.27 -25.79 20.51
CA LEU C 26 64.89 -26.07 20.06
C LEU C 26 64.71 -25.86 18.57
N SER C 27 65.23 -24.74 18.04
CA SER C 27 65.07 -24.42 16.62
C SER C 27 65.71 -25.47 15.72
N LEU C 28 66.81 -26.06 16.15
CA LEU C 28 67.46 -27.09 15.33
C LEU C 28 66.65 -28.37 15.32
N ALA C 29 66.09 -28.75 16.48
CA ALA C 29 65.22 -29.92 16.52
C ALA C 29 64.00 -29.71 15.65
N ASN C 30 63.45 -28.51 15.63
CA ASN C 30 62.26 -28.25 14.84
C ASN C 30 62.59 -28.23 13.35
N SER C 31 63.70 -27.59 12.97
CA SER C 31 64.10 -27.55 11.57
C SER C 31 64.42 -28.94 11.04
N LEU C 32 64.94 -29.81 11.88
CA LEU C 32 65.12 -31.19 11.46
C LEU C 32 63.79 -31.87 11.22
N ARG C 33 62.82 -31.68 12.13
CA ARG C 33 61.47 -32.17 11.93
C ARG C 33 60.87 -31.72 10.59
N ARG C 34 60.94 -30.42 10.30
CA ARG C 34 60.37 -29.90 9.06
C ARG C 34 61.10 -30.42 7.83
N THR C 35 62.43 -30.46 7.86
CA THR C 35 63.19 -30.91 6.69
C THR C 35 62.85 -32.34 6.29
N MET C 36 62.73 -33.25 7.27
CA MET C 36 62.41 -34.64 6.97
C MET C 36 61.05 -34.77 6.32
N LEU C 37 60.08 -33.96 6.74
CA LEU C 37 58.75 -34.03 6.17
C LEU C 37 58.73 -33.44 4.76
N ALA C 38 59.44 -32.35 4.53
CA ALA C 38 59.17 -31.50 3.38
C ALA C 38 60.24 -31.51 2.31
N GLU C 39 61.49 -31.76 2.62
CA GLU C 39 62.55 -31.49 1.66
C GLU C 39 63.47 -32.66 1.37
N VAL C 40 63.24 -33.81 1.99
CA VAL C 40 64.04 -34.99 1.68
C VAL C 40 63.50 -35.58 0.38
N PRO C 41 64.29 -35.61 -0.70
CA PRO C 41 63.75 -36.06 -1.99
C PRO C 41 63.33 -37.52 -1.95
N THR C 42 62.32 -37.85 -2.76
CA THR C 42 61.97 -39.24 -3.04
C THR C 42 61.58 -39.37 -4.50
N LEU C 43 61.20 -40.58 -4.87
CA LEU C 43 60.75 -40.88 -6.22
C LEU C 43 59.26 -41.20 -6.17
N ALA C 44 58.51 -40.72 -7.15
CA ALA C 44 57.08 -40.94 -7.18
C ALA C 44 56.57 -40.75 -8.60
N ILE C 45 55.56 -41.53 -8.96
CA ILE C 45 54.89 -41.42 -10.26
C ILE C 45 54.37 -40.02 -10.49
N ASP C 46 54.65 -39.46 -11.67
CA ASP C 46 54.22 -38.09 -11.93
C ASP C 46 53.60 -37.90 -13.32
N LEU C 47 53.42 -38.97 -14.09
CA LEU C 47 52.82 -38.90 -15.41
C LEU C 47 52.30 -40.28 -15.76
N VAL C 48 51.03 -40.35 -16.12
CA VAL C 48 50.39 -41.63 -16.37
C VAL C 48 49.79 -41.55 -17.75
N GLU C 49 50.22 -42.43 -18.64
CA GLU C 49 49.70 -42.50 -19.99
C GLU C 49 48.70 -43.65 -20.04
N ILE C 50 47.43 -43.32 -20.18
CA ILE C 50 46.39 -44.33 -20.22
C ILE C 50 46.11 -44.67 -21.66
N LYS C 51 46.48 -45.88 -22.09
CA LYS C 51 46.12 -46.34 -23.42
C LYS C 51 44.79 -47.06 -23.44
N MET C 52 44.35 -47.62 -22.33
CA MET C 52 43.04 -48.27 -22.27
C MET C 52 42.64 -48.31 -20.80
N ASN C 53 41.40 -47.89 -20.52
CA ASN C 53 40.82 -48.04 -19.19
C ASN C 53 39.32 -48.19 -19.35
N THR C 54 38.86 -49.43 -19.35
CA THR C 54 37.43 -49.73 -19.40
C THR C 54 36.91 -50.20 -18.05
N SER C 55 37.59 -49.87 -16.96
CA SER C 55 37.05 -50.13 -15.63
C SER C 55 36.00 -49.11 -15.24
N VAL C 56 35.37 -49.37 -14.08
CA VAL C 56 34.34 -48.48 -13.56
C VAL C 56 34.89 -47.25 -12.88
N LEU C 57 36.21 -47.17 -12.69
CA LEU C 57 36.82 -46.02 -12.07
C LEU C 57 37.20 -45.02 -13.14
N ALA C 58 37.11 -43.75 -12.81
CA ALA C 58 37.44 -42.71 -13.77
C ALA C 58 38.95 -42.68 -13.97
N ASP C 59 39.36 -42.28 -15.18
CA ASP C 59 40.77 -42.23 -15.57
C ASP C 59 41.66 -41.50 -14.58
N GLU C 60 41.32 -40.27 -14.21
CA GLU C 60 42.22 -39.56 -13.30
C GLU C 60 42.12 -40.04 -11.88
N PHE C 61 41.00 -40.66 -11.52
CA PHE C 61 40.88 -41.34 -10.23
C PHE C 61 41.92 -42.44 -10.10
N ILE C 62 42.06 -43.28 -11.13
CA ILE C 62 43.08 -44.32 -11.06
C ILE C 62 44.45 -43.69 -11.07
N SER C 63 44.66 -42.68 -11.93
CA SER C 63 45.94 -41.99 -12.00
C SER C 63 46.30 -41.37 -10.66
N HIS C 64 45.30 -40.83 -9.95
CA HIS C 64 45.55 -40.22 -8.65
C HIS C 64 46.07 -41.24 -7.64
N ARG C 65 45.49 -42.44 -7.64
CA ARG C 65 45.98 -43.49 -6.74
C ARG C 65 47.41 -43.89 -7.08
N LEU C 66 47.74 -43.97 -8.36
CA LEU C 66 49.09 -44.31 -8.79
C LEU C 66 50.15 -43.38 -8.22
N GLY C 67 49.87 -42.07 -8.21
CA GLY C 67 50.82 -41.11 -7.66
C GLY C 67 51.16 -41.34 -6.20
N LEU C 68 50.27 -41.97 -5.45
CA LEU C 68 50.42 -42.18 -4.03
C LEU C 68 51.17 -43.46 -3.68
N ILE C 69 51.47 -44.33 -4.64
CA ILE C 69 52.21 -45.57 -4.39
C ILE C 69 53.67 -45.32 -4.05
N PRO C 70 54.13 -45.73 -2.87
CA PRO C 70 55.52 -45.48 -2.48
C PRO C 70 56.52 -46.34 -3.24
N LEU C 71 57.54 -45.70 -3.80
CA LEU C 71 58.58 -46.39 -4.56
C LEU C 71 59.91 -46.33 -3.82
N VAL C 72 60.68 -47.42 -3.95
CA VAL C 72 62.05 -47.52 -3.44
C VAL C 72 62.86 -46.35 -3.98
N SER C 73 63.43 -45.55 -3.09
CA SER C 73 64.10 -44.32 -3.48
C SER C 73 65.53 -44.25 -2.96
N GLU C 74 66.14 -45.41 -2.69
CA GLU C 74 67.43 -45.49 -2.01
C GLU C 74 68.55 -44.76 -2.74
N ASP C 75 68.67 -44.95 -4.05
CA ASP C 75 69.74 -44.34 -4.82
C ASP C 75 69.37 -43.02 -5.48
N VAL C 76 68.32 -42.34 -4.99
CA VAL C 76 67.79 -41.14 -5.64
C VAL C 76 68.76 -39.95 -5.62
N GLU C 77 69.76 -39.92 -4.72
CA GLU C 77 70.69 -38.79 -4.67
C GLU C 77 71.53 -38.65 -5.94
N GLU C 78 71.89 -39.74 -6.58
CA GLU C 78 72.64 -39.64 -7.83
C GLU C 78 71.77 -39.27 -9.02
N MET C 79 70.45 -39.30 -8.86
CA MET C 79 69.54 -38.98 -9.94
C MET C 79 69.28 -37.48 -9.98
N LYS C 80 69.10 -36.98 -11.20
CA LYS C 80 68.86 -35.56 -11.45
C LYS C 80 67.37 -35.24 -11.43
N TYR C 81 67.07 -33.97 -11.21
CA TYR C 81 65.71 -33.50 -11.43
C TYR C 81 65.49 -33.36 -12.92
N SER C 82 64.25 -33.64 -13.36
CA SER C 82 63.88 -33.50 -14.76
C SER C 82 64.10 -32.09 -15.26
N ARG C 83 63.82 -31.10 -14.42
CA ARG C 83 63.94 -29.70 -14.80
C ARG C 83 65.40 -29.26 -14.98
N ASP C 84 66.35 -30.02 -14.46
CA ASP C 84 67.76 -29.72 -14.60
C ASP C 84 68.50 -30.58 -15.62
N CYS C 85 67.81 -31.42 -16.40
CA CYS C 85 68.53 -32.28 -17.32
C CYS C 85 68.58 -31.69 -18.72
N THR C 86 69.78 -31.79 -19.31
CA THR C 86 70.19 -31.25 -20.59
C THR C 86 69.62 -31.96 -21.82
N CYS C 87 68.98 -33.08 -21.62
CA CYS C 87 68.41 -33.92 -22.67
C CYS C 87 67.12 -33.39 -23.26
N GLU C 88 66.79 -34.00 -24.41
CA GLU C 88 65.52 -33.87 -25.13
C GLU C 88 64.66 -34.93 -24.49
N ASP C 89 63.36 -34.68 -24.42
CA ASP C 89 62.27 -35.33 -23.65
C ASP C 89 62.79 -36.26 -22.55
N TYR C 90 62.12 -37.33 -22.16
CA TYR C 90 62.79 -38.01 -21.06
C TYR C 90 63.82 -39.00 -21.57
N CYS C 91 64.56 -39.55 -20.62
CA CYS C 91 65.62 -40.48 -20.90
C CYS C 91 65.88 -41.32 -19.66
N ASP C 92 66.98 -42.05 -19.70
CA ASP C 92 67.35 -43.00 -18.68
C ASP C 92 67.93 -42.33 -17.44
N GLU C 93 68.34 -41.08 -17.54
CA GLU C 93 68.99 -40.41 -16.43
C GLU C 93 68.03 -39.62 -15.55
N CYS C 94 66.82 -39.32 -16.02
CA CYS C 94 65.94 -38.48 -15.21
C CYS C 94 64.56 -39.08 -14.93
N SER C 95 64.30 -40.33 -15.31
CA SER C 95 62.98 -40.90 -15.05
C SER C 95 63.08 -42.41 -14.98
N VAL C 96 62.12 -43.01 -14.30
CA VAL C 96 61.88 -44.44 -14.32
C VAL C 96 60.56 -44.68 -15.04
N VAL C 97 60.51 -45.65 -15.93
CA VAL C 97 59.26 -45.99 -16.62
C VAL C 97 58.70 -47.26 -16.02
N LEU C 98 57.43 -47.21 -15.61
CA LEU C 98 56.73 -48.40 -15.14
C LEU C 98 55.54 -48.70 -16.03
N GLU C 99 55.17 -49.98 -16.10
CA GLU C 99 54.05 -50.43 -16.90
C GLU C 99 53.15 -51.35 -16.11
N LEU C 100 51.85 -51.29 -16.41
CA LEU C 100 50.87 -52.15 -15.77
C LEU C 100 49.84 -52.61 -16.79
N SER C 101 49.48 -53.89 -16.72
CA SER C 101 48.45 -54.42 -17.61
C SER C 101 47.68 -55.51 -16.89
N ALA C 102 46.38 -55.32 -16.72
CA ALA C 102 45.55 -56.34 -16.11
C ALA C 102 44.28 -56.55 -16.93
N ARG C 103 43.66 -57.71 -16.74
CA ARG C 103 42.48 -58.10 -17.51
C ARG C 103 41.84 -59.25 -16.73
N HIS C 104 40.52 -59.37 -16.86
CA HIS C 104 39.74 -60.46 -16.29
C HIS C 104 39.09 -61.29 -17.38
N GLU C 105 39.55 -62.53 -17.52
CA GLU C 105 38.90 -63.49 -18.38
C GLU C 105 38.04 -64.42 -17.53
N GLY C 106 36.86 -64.74 -18.02
CA GLY C 106 35.90 -65.52 -17.28
C GLY C 106 34.67 -64.66 -17.05
N GLU C 107 33.48 -65.25 -16.99
CA GLU C 107 32.27 -64.49 -16.78
C GLU C 107 31.93 -64.27 -15.32
N GLU C 108 32.77 -64.71 -14.39
CA GLU C 108 32.41 -64.67 -12.99
C GLU C 108 33.65 -64.29 -12.18
N GLY C 109 33.41 -63.76 -10.98
CA GLY C 109 34.49 -63.42 -10.08
C GLY C 109 35.02 -62.05 -10.39
N THR C 110 35.96 -61.62 -9.55
CA THR C 110 36.52 -60.28 -9.67
C THR C 110 38.04 -60.39 -9.65
N THR C 111 38.69 -59.68 -10.56
CA THR C 111 40.14 -59.61 -10.58
C THR C 111 40.54 -58.32 -9.89
N ASP C 112 41.28 -58.46 -8.82
CA ASP C 112 41.76 -57.34 -8.03
C ASP C 112 43.15 -56.94 -8.53
N VAL C 113 43.29 -55.69 -8.92
CA VAL C 113 44.57 -55.21 -9.45
C VAL C 113 45.33 -54.60 -8.30
N TYR C 114 46.52 -55.12 -8.05
CA TYR C 114 47.34 -54.74 -6.93
C TYR C 114 48.61 -54.07 -7.41
N SER C 115 49.24 -53.32 -6.50
CA SER C 115 50.47 -52.60 -6.81
C SER C 115 51.62 -53.53 -7.17
N SER C 116 51.53 -54.82 -6.84
CA SER C 116 52.59 -55.77 -7.19
C SER C 116 52.65 -56.06 -8.68
N SER C 117 51.59 -55.74 -9.42
CA SER C 117 51.61 -55.90 -10.87
C SER C 117 52.33 -54.77 -11.59
N LEU C 118 52.86 -53.78 -10.87
CA LEU C 118 53.64 -52.73 -11.51
C LEU C 118 55.01 -53.26 -11.88
N ILE C 119 55.32 -53.23 -13.17
CA ILE C 119 56.53 -53.82 -13.70
C ILE C 119 57.47 -52.71 -14.12
N LYS C 120 58.65 -52.68 -13.54
CA LYS C 120 59.69 -51.75 -13.98
C LYS C 120 60.16 -52.15 -15.36
N VAL C 121 60.24 -51.19 -16.28
CA VAL C 121 60.56 -51.46 -17.66
C VAL C 121 61.93 -50.90 -18.02
N SER C 122 62.26 -49.73 -17.51
CA SER C 122 63.57 -49.14 -17.70
C SER C 122 63.90 -48.36 -16.44
N GLY C 123 65.03 -47.69 -16.45
CA GLY C 123 65.48 -47.01 -15.26
C GLY C 123 66.98 -46.86 -15.24
N PRO C 124 67.48 -45.92 -14.45
CA PRO C 124 68.93 -45.70 -14.40
C PRO C 124 69.68 -46.86 -13.74
N GLY C 125 69.96 -47.88 -14.55
CA GLY C 125 70.70 -49.03 -14.05
C GLY C 125 72.10 -48.65 -13.56
N ASN C 126 72.61 -49.41 -12.59
CA ASN C 126 71.87 -50.49 -11.94
C ASN C 126 71.41 -50.05 -10.56
N LEU C 127 70.98 -48.80 -10.48
CA LEU C 127 70.61 -48.21 -9.21
C LEU C 127 69.31 -48.85 -8.72
N ASN C 128 69.27 -49.16 -7.42
CA ASN C 128 68.09 -49.77 -6.81
C ASN C 128 67.03 -48.71 -6.53
N VAL C 129 66.29 -48.35 -7.58
CA VAL C 129 65.21 -47.36 -7.49
C VAL C 129 64.09 -47.78 -8.41
N GLY C 130 62.85 -47.56 -7.96
CA GLY C 130 61.67 -47.64 -8.80
C GLY C 130 60.76 -48.80 -8.51
N GLU C 131 61.18 -49.79 -7.78
CA GLU C 131 60.29 -50.88 -7.46
C GLU C 131 59.28 -50.44 -6.40
N PRO C 132 57.99 -50.71 -6.58
CA PRO C 132 57.00 -50.45 -5.53
C PRO C 132 57.32 -51.27 -4.29
N VAL C 133 57.44 -50.57 -3.16
CA VAL C 133 57.78 -51.16 -1.87
C VAL C 133 56.84 -52.29 -1.47
N ARG C 134 57.42 -53.35 -0.90
CA ARG C 134 56.73 -54.54 -0.42
C ARG C 134 57.14 -54.85 1.01
N ARG C 135 56.20 -55.36 1.82
CA ARG C 135 56.57 -55.74 3.17
C ARG C 135 57.34 -57.05 3.15
N ASP C 136 56.70 -58.10 2.63
CA ASP C 136 57.28 -59.43 2.50
C ASP C 136 57.50 -59.73 1.02
N ASP C 137 57.62 -61.01 0.67
CA ASP C 137 57.52 -61.44 -0.71
C ASP C 137 56.14 -61.96 -1.12
N TYR C 138 55.30 -62.40 -0.18
CA TYR C 138 53.95 -62.83 -0.56
C TYR C 138 52.89 -61.77 -0.36
N ASP C 139 53.31 -60.53 -0.19
CA ASP C 139 52.41 -59.43 0.12
C ASP C 139 52.01 -58.86 -1.23
N GLN C 140 50.70 -58.87 -1.54
CA GLN C 140 50.24 -58.29 -2.80
C GLN C 140 50.32 -56.78 -2.83
N GLY C 141 50.36 -56.13 -1.68
CA GLY C 141 50.45 -54.69 -1.67
C GLY C 141 49.18 -53.87 -1.72
N ILE C 142 49.22 -52.75 -2.42
CA ILE C 142 48.15 -51.76 -2.33
C ILE C 142 47.11 -51.99 -3.41
N LEU C 143 45.85 -51.99 -3.00
CA LEU C 143 44.73 -52.14 -3.91
C LEU C 143 44.59 -50.91 -4.81
N LEU C 144 44.54 -51.12 -6.11
CA LEU C 144 44.42 -50.02 -7.07
C LEU C 144 43.05 -49.93 -7.71
N CYS C 145 42.47 -51.08 -8.05
CA CYS C 145 41.27 -51.15 -8.86
C CYS C 145 40.68 -52.52 -8.70
N LYS C 146 39.50 -52.71 -9.25
CA LYS C 146 38.92 -54.04 -9.32
C LYS C 146 38.27 -54.19 -10.67
N LEU C 147 38.37 -55.38 -11.24
CA LEU C 147 37.90 -55.62 -12.58
C LEU C 147 36.93 -56.79 -12.58
N ARG C 148 35.98 -56.74 -13.50
CA ARG C 148 35.01 -57.79 -13.71
C ARG C 148 35.15 -58.11 -15.19
N ASN C 149 34.45 -59.16 -15.66
CA ASN C 149 34.50 -59.72 -17.02
C ASN C 149 34.58 -58.69 -18.13
N HIS C 150 35.64 -58.80 -18.94
CA HIS C 150 36.02 -58.06 -20.15
C HIS C 150 36.62 -56.68 -19.84
N GLN C 151 36.69 -56.27 -18.59
CA GLN C 151 37.23 -54.95 -18.26
C GLN C 151 38.74 -55.02 -18.18
N GLU C 152 39.41 -54.04 -18.80
CA GLU C 152 40.86 -54.09 -18.94
C GLU C 152 41.45 -52.75 -18.51
N LEU C 153 42.68 -52.81 -18.00
CA LEU C 153 43.42 -51.62 -17.58
C LEU C 153 44.85 -51.75 -18.07
N ASN C 154 45.28 -50.86 -18.96
CA ASN C 154 46.62 -50.95 -19.54
C ASN C 154 47.20 -49.54 -19.56
N ILE C 155 48.12 -49.25 -18.64
CA ILE C 155 48.66 -47.92 -18.39
C ILE C 155 50.19 -47.93 -18.40
N ARG C 156 50.77 -46.78 -18.75
CA ARG C 156 52.21 -46.56 -18.70
C ARG C 156 52.52 -45.36 -17.82
N CYS C 157 53.32 -45.58 -16.77
CA CYS C 157 53.60 -44.59 -15.73
C CYS C 157 55.03 -44.10 -15.78
N ILE C 158 55.21 -42.79 -15.65
CA ILE C 158 56.52 -42.16 -15.58
C ILE C 158 56.75 -41.67 -14.17
N ALA C 159 57.78 -42.19 -13.51
CA ALA C 159 58.11 -41.77 -12.15
C ALA C 159 59.27 -40.77 -12.17
N LYS C 160 59.17 -39.74 -11.34
CA LYS C 160 60.15 -38.66 -11.32
C LYS C 160 60.55 -38.32 -9.90
N LYS C 161 61.74 -37.73 -9.79
CA LYS C 161 62.28 -37.25 -8.53
C LYS C 161 61.61 -35.94 -8.13
N GLY C 162 61.21 -35.82 -6.87
CA GLY C 162 60.56 -34.60 -6.43
C GLY C 162 60.62 -34.48 -4.92
N ILE C 163 60.14 -33.34 -4.43
CA ILE C 163 60.15 -33.05 -3.01
C ILE C 163 58.75 -32.71 -2.55
N ALA C 164 58.53 -32.81 -1.23
CA ALA C 164 57.18 -32.72 -0.70
C ALA C 164 56.61 -31.32 -0.75
N LYS C 165 57.45 -30.29 -0.85
CA LYS C 165 56.98 -28.92 -1.09
C LYS C 165 56.06 -28.82 -2.30
N GLU C 166 56.34 -29.59 -3.35
CA GLU C 166 55.51 -29.54 -4.54
C GLU C 166 54.21 -30.31 -4.41
N HIS C 167 54.25 -31.52 -3.85
CA HIS C 167 53.06 -32.33 -3.67
C HIS C 167 53.34 -33.39 -2.63
N ALA C 168 52.40 -33.61 -1.72
CA ALA C 168 52.62 -34.48 -0.56
C ALA C 168 52.94 -35.93 -0.91
N LYS C 169 52.75 -36.36 -2.14
CA LYS C 169 53.07 -37.74 -2.51
C LYS C 169 54.57 -38.01 -2.46
N TRP C 170 55.40 -36.98 -2.55
CA TRP C 170 56.85 -37.10 -2.46
C TRP C 170 57.37 -37.07 -1.03
N SER C 171 56.53 -37.13 -0.02
CA SER C 171 57.06 -37.09 1.34
C SER C 171 57.53 -38.47 1.78
N PRO C 172 58.74 -38.59 2.33
CA PRO C 172 59.19 -39.88 2.85
C PRO C 172 58.68 -40.23 4.23
N CYS C 173 58.18 -39.29 5.00
CA CYS C 173 57.72 -39.60 6.34
C CYS C 173 56.21 -39.81 6.35
N SER C 174 55.71 -40.34 7.46
CA SER C 174 54.31 -40.13 7.74
C SER C 174 54.18 -39.14 8.88
N ALA C 175 53.80 -39.61 10.06
CA ALA C 175 53.84 -38.75 11.21
C ALA C 175 55.26 -38.60 11.71
N ILE C 176 55.53 -37.52 12.44
CA ILE C 176 56.75 -37.43 13.23
C ILE C 176 56.31 -37.06 14.64
N ALA C 177 56.32 -38.04 15.53
CA ALA C 177 56.09 -37.79 16.94
C ALA C 177 57.24 -36.97 17.50
N PHE C 178 56.93 -36.09 18.43
CA PHE C 178 57.91 -35.10 18.86
C PHE C 178 57.42 -34.51 20.17
N GLU C 179 58.26 -34.53 21.19
CA GLU C 179 57.90 -33.93 22.47
C GLU C 179 59.16 -33.72 23.27
N TYR C 180 59.03 -32.96 24.35
CA TYR C 180 60.12 -32.64 25.26
C TYR C 180 59.53 -32.18 26.57
N ASP C 181 60.37 -32.17 27.61
CA ASP C 181 60.02 -31.73 28.95
C ASP C 181 58.70 -32.32 29.49
N PRO C 182 58.63 -33.65 29.64
CA PRO C 182 57.36 -34.29 30.03
C PRO C 182 56.76 -33.84 31.37
N HIS C 183 57.53 -33.23 32.27
CA HIS C 183 56.97 -32.76 33.53
C HIS C 183 56.76 -31.26 33.59
N ASN C 184 56.97 -30.55 32.46
CA ASN C 184 56.67 -29.12 32.35
C ASN C 184 57.48 -28.27 33.34
N LYS C 185 58.74 -28.65 33.56
CA LYS C 185 59.60 -27.82 34.41
C LYS C 185 59.86 -26.45 33.81
N LEU C 186 59.92 -26.34 32.49
CA LEU C 186 60.17 -25.04 31.87
C LEU C 186 58.98 -24.10 31.95
N LYS C 187 57.79 -24.60 32.29
CA LYS C 187 56.55 -23.83 32.37
C LYS C 187 56.17 -23.18 31.05
N HIS C 188 56.38 -23.90 29.95
CA HIS C 188 56.01 -23.39 28.64
C HIS C 188 54.53 -23.53 28.39
N THR C 189 53.84 -24.38 29.14
CA THR C 189 52.41 -24.46 29.09
C THR C 189 51.81 -24.25 30.47
N ASP C 190 50.59 -23.73 30.46
CA ASP C 190 49.82 -23.39 31.66
C ASP C 190 48.59 -24.27 31.58
N PHE C 191 48.50 -25.26 32.47
CA PHE C 191 47.55 -26.33 32.27
C PHE C 191 46.14 -25.92 32.61
N TRP C 192 45.22 -26.36 31.78
CA TRP C 192 43.80 -26.21 32.05
C TRP C 192 43.37 -27.29 33.01
N PHE C 193 42.57 -26.91 34.00
CA PHE C 193 42.08 -27.89 34.94
C PHE C 193 40.72 -27.48 35.47
N GLU C 194 39.97 -28.47 35.93
CA GLU C 194 38.76 -28.23 36.69
C GLU C 194 39.07 -28.18 38.19
N VAL C 195 39.67 -29.24 38.71
CA VAL C 195 39.95 -29.33 40.14
C VAL C 195 41.44 -29.34 40.45
N ASP C 196 42.17 -30.32 39.94
CA ASP C 196 43.59 -30.47 40.22
C ASP C 196 44.30 -30.84 38.93
N ALA C 197 45.26 -30.01 38.53
CA ALA C 197 45.90 -30.15 37.21
C ALA C 197 46.65 -31.47 37.07
N LYS C 198 47.32 -31.93 38.12
CA LYS C 198 48.13 -33.15 38.01
C LYS C 198 47.27 -34.40 37.80
N LYS C 199 46.16 -34.54 38.52
CA LYS C 199 45.33 -35.72 38.33
C LYS C 199 44.59 -35.72 37.00
N GLU C 200 44.28 -34.56 36.43
CA GLU C 200 43.44 -34.56 35.25
C GLU C 200 44.22 -34.65 33.96
N TRP C 201 45.54 -34.49 33.99
CA TRP C 201 46.26 -34.58 32.75
C TRP C 201 47.05 -35.87 32.72
N PRO C 202 46.96 -36.64 31.64
CA PRO C 202 47.69 -37.90 31.57
C PRO C 202 49.19 -37.67 31.52
N ASP C 203 49.91 -38.74 31.81
CA ASP C 203 51.36 -38.71 31.77
C ASP C 203 51.84 -38.94 30.34
N SER C 204 52.89 -38.22 29.96
CA SER C 204 53.65 -38.52 28.75
C SER C 204 54.12 -39.97 28.76
N LYS C 205 54.28 -40.54 27.58
CA LYS C 205 54.91 -41.86 27.51
C LYS C 205 56.41 -41.85 27.81
N TYR C 206 57.02 -40.70 28.08
CA TYR C 206 58.41 -40.58 28.50
C TYR C 206 58.52 -39.96 29.89
N ALA C 207 57.47 -40.11 30.70
CA ALA C 207 57.49 -39.56 32.05
C ALA C 207 58.56 -40.21 32.92
N THR C 208 58.82 -41.49 32.73
CA THR C 208 59.83 -42.19 33.52
C THR C 208 61.25 -42.00 33.01
N TRP C 209 61.46 -41.21 31.96
CA TRP C 209 62.81 -40.94 31.48
C TRP C 209 63.41 -39.67 32.05
N GLU C 210 62.70 -38.97 32.93
CA GLU C 210 63.19 -37.74 33.54
C GLU C 210 62.60 -37.64 34.94
N GLU C 211 63.28 -36.89 35.79
CA GLU C 211 62.79 -36.97 37.16
C GLU C 211 61.84 -35.81 37.47
N PRO C 212 60.74 -36.14 38.16
CA PRO C 212 59.73 -35.14 38.58
C PRO C 212 60.33 -33.96 39.32
N PRO C 213 59.66 -32.80 39.31
CA PRO C 213 60.14 -31.64 40.06
C PRO C 213 59.92 -31.87 41.55
N LYS C 214 60.93 -31.55 42.36
CA LYS C 214 60.81 -31.74 43.79
C LYS C 214 59.78 -30.76 44.37
N PRO C 215 59.07 -31.18 45.43
CA PRO C 215 58.03 -30.32 46.03
C PRO C 215 58.51 -28.98 46.56
N GLY C 216 59.78 -28.86 46.94
CA GLY C 216 60.27 -27.58 47.41
C GLY C 216 60.82 -26.66 46.33
N GLU C 217 61.60 -27.25 45.41
CA GLU C 217 62.34 -26.70 44.27
C GLU C 217 61.84 -25.36 43.74
N VAL C 218 62.75 -24.39 43.67
CA VAL C 218 62.45 -23.10 43.06
C VAL C 218 62.60 -23.16 41.54
N PHE C 219 61.96 -22.20 40.88
CA PHE C 219 61.92 -22.15 39.42
C PHE C 219 63.27 -21.66 38.88
N ASP C 220 63.92 -22.51 38.10
CA ASP C 220 65.17 -22.22 37.38
C ASP C 220 64.83 -21.40 36.14
N TYR C 221 64.90 -20.08 36.27
CA TYR C 221 64.59 -19.20 35.14
C TYR C 221 65.68 -19.20 34.07
N LYS C 222 66.79 -19.91 34.26
CA LYS C 222 67.86 -20.03 33.30
C LYS C 222 67.82 -21.34 32.54
N ALA C 223 67.01 -22.31 32.98
CA ALA C 223 66.94 -23.59 32.30
C ALA C 223 66.36 -23.40 30.91
N LYS C 224 66.89 -24.15 29.97
CA LYS C 224 66.46 -24.17 28.59
C LYS C 224 66.02 -25.57 28.20
N PRO C 225 65.21 -25.72 27.14
CA PRO C 225 64.89 -27.07 26.63
C PRO C 225 66.18 -27.74 26.18
N ASN C 226 66.30 -29.02 26.48
CA ASN C 226 67.59 -29.62 26.19
C ASN C 226 67.52 -31.07 25.72
N ARG C 227 66.40 -31.76 25.94
CA ARG C 227 66.26 -33.14 25.48
C ARG C 227 65.01 -33.30 24.64
N PHE C 228 65.16 -33.69 23.37
CA PHE C 228 64.04 -33.76 22.45
C PHE C 228 63.87 -35.19 21.96
N TYR C 229 62.80 -35.85 22.41
CA TYR C 229 62.49 -37.20 21.99
C TYR C 229 61.61 -37.18 20.75
N MET C 230 62.02 -37.90 19.70
CA MET C 230 61.22 -37.92 18.48
C MET C 230 61.28 -39.31 17.88
N THR C 231 60.22 -39.66 17.15
CA THR C 231 60.14 -40.91 16.41
C THR C 231 59.80 -40.63 14.96
N VAL C 232 60.64 -41.08 14.06
CA VAL C 232 60.48 -40.85 12.64
C VAL C 232 59.93 -42.11 12.00
N GLU C 233 58.66 -42.11 11.63
CA GLU C 233 58.12 -43.22 10.86
C GLU C 233 58.20 -42.91 9.37
N THR C 234 58.42 -43.97 8.58
CA THR C 234 58.51 -43.81 7.14
C THR C 234 57.52 -44.74 6.49
N THR C 235 57.33 -44.54 5.20
CA THR C 235 56.39 -45.31 4.41
C THR C 235 57.05 -46.49 3.72
N GLY C 236 58.35 -46.65 3.86
CA GLY C 236 59.06 -47.72 3.20
C GLY C 236 59.73 -47.29 1.93
N SER C 237 59.38 -46.11 1.42
CA SER C 237 60.09 -45.51 0.29
C SER C 237 61.56 -45.26 0.60
N LEU C 238 61.89 -45.03 1.86
CA LEU C 238 63.26 -44.89 2.32
C LEU C 238 63.36 -45.58 3.67
N LYS C 239 64.53 -46.11 3.98
CA LYS C 239 64.68 -46.68 5.31
C LYS C 239 64.85 -45.56 6.31
N ALA C 240 64.46 -45.86 7.55
CA ALA C 240 64.41 -44.84 8.61
C ALA C 240 65.76 -44.20 8.88
N ASN C 241 66.83 -44.99 8.88
CA ASN C 241 68.17 -44.44 9.06
C ASN C 241 68.59 -43.50 7.94
N GLN C 242 68.18 -43.80 6.70
CA GLN C 242 68.49 -42.93 5.57
C GLN C 242 67.81 -41.57 5.70
N VAL C 243 66.54 -41.55 6.13
CA VAL C 243 65.79 -40.32 6.27
C VAL C 243 66.43 -39.37 7.27
N PHE C 244 66.85 -39.89 8.42
CA PHE C 244 67.51 -39.05 9.40
C PHE C 244 68.83 -38.52 8.87
N SER C 245 69.60 -39.38 8.20
CA SER C 245 70.87 -38.97 7.62
C SER C 245 70.70 -37.96 6.51
N ARG C 246 69.81 -38.24 5.54
CA ARG C 246 69.61 -37.31 4.44
C ARG C 246 68.91 -36.03 4.85
N GLY C 247 68.11 -36.05 5.92
CA GLY C 247 67.57 -34.81 6.45
C GLY C 247 68.66 -33.85 6.86
N ILE C 248 69.63 -34.36 7.62
CA ILE C 248 70.80 -33.58 8.03
C ILE C 248 71.60 -33.12 6.81
N LYS C 249 71.84 -34.02 5.86
CA LYS C 249 72.61 -33.71 4.66
C LYS C 249 71.95 -32.59 3.85
N THR C 250 70.64 -32.72 3.61
CA THR C 250 69.90 -31.72 2.82
C THR C 250 69.95 -30.35 3.47
N LEU C 251 69.76 -30.32 4.79
CA LEU C 251 69.82 -29.07 5.55
C LEU C 251 71.20 -28.44 5.48
N GLN C 252 72.24 -29.25 5.30
CA GLN C 252 73.59 -28.70 5.20
C GLN C 252 73.78 -27.92 3.90
N GLU C 253 73.41 -28.53 2.76
CA GLU C 253 73.56 -27.87 1.47
C GLU C 253 72.79 -26.57 1.39
N LYS C 254 71.59 -26.51 2.00
CA LYS C 254 70.82 -25.27 2.03
C LYS C 254 71.56 -24.16 2.76
N LEU C 255 72.15 -24.47 3.92
CA LEU C 255 72.96 -23.48 4.62
C LEU C 255 74.24 -23.17 3.85
N ALA C 256 74.81 -24.19 3.20
CA ALA C 256 76.00 -24.00 2.38
C ALA C 256 75.72 -23.05 1.23
N ASN C 257 74.55 -23.20 0.61
CA ASN C 257 74.15 -22.35 -0.51
C ASN C 257 74.02 -20.90 -0.07
N VAL C 258 73.49 -20.66 1.13
CA VAL C 258 73.44 -19.30 1.68
C VAL C 258 74.84 -18.74 1.89
N LEU C 259 75.74 -19.58 2.43
CA LEU C 259 77.10 -19.15 2.69
C LEU C 259 77.85 -18.80 1.40
N PHE C 260 77.63 -19.60 0.35
CA PHE C 260 78.17 -19.32 -0.96
C PHE C 260 77.76 -17.94 -1.47
N GLU C 261 76.47 -17.61 -1.38
CA GLU C 261 75.97 -16.36 -1.94
C GLU C 261 76.53 -15.12 -1.26
N LEU C 262 76.83 -15.17 0.03
CA LEU C 262 77.43 -14.00 0.67
C LEU C 262 78.84 -13.74 0.19
N GLU C 263 79.66 -14.79 0.04
CA GLU C 263 81.03 -14.59 -0.40
C GLU C 263 81.14 -14.35 -1.90
N ASN C 264 80.06 -14.46 -2.65
CA ASN C 264 80.07 -14.09 -4.06
C ASN C 264 79.44 -12.74 -4.36
N SER C 265 78.52 -12.24 -3.53
CA SER C 265 77.94 -10.94 -3.77
C SER C 265 78.87 -9.73 -3.61
N ARG C 266 80.01 -9.86 -2.94
CA ARG C 266 80.91 -8.69 -2.84
C ARG C 266 81.55 -8.35 -4.19
N VAL D 3 26.79 27.61 -35.35
CA VAL D 3 28.20 27.84 -35.14
C VAL D 3 28.34 29.13 -34.33
N SER D 4 28.38 30.26 -35.04
CA SER D 4 28.46 31.57 -34.43
C SER D 4 27.06 32.11 -34.14
N THR D 5 26.88 32.66 -32.94
CA THR D 5 25.57 33.12 -32.47
C THR D 5 25.69 34.55 -31.98
N SER D 6 24.56 35.12 -31.57
CA SER D 6 24.49 36.52 -31.20
C SER D 6 23.88 36.74 -29.82
N THR D 7 23.60 38.02 -29.51
CA THR D 7 22.98 38.37 -28.24
C THR D 7 21.52 37.93 -28.20
N VAL D 8 20.86 38.03 -29.35
CA VAL D 8 19.43 37.71 -29.49
C VAL D 8 19.25 36.20 -29.35
N GLY D 9 18.44 35.78 -28.39
CA GLY D 9 18.26 34.35 -28.20
C GLY D 9 16.86 33.76 -28.15
N ALA D 10 16.82 32.48 -27.80
CA ALA D 10 15.59 31.69 -27.65
C ALA D 10 14.68 31.57 -28.89
N ARG D 11 13.90 32.60 -29.15
CA ARG D 11 12.93 32.59 -30.27
C ARG D 11 12.04 31.33 -30.15
N ARG D 12 11.59 31.05 -28.93
CA ARG D 12 10.66 29.95 -28.74
C ARG D 12 9.32 30.21 -29.45
N ARG D 13 8.60 29.11 -29.69
CA ARG D 13 7.39 29.11 -30.51
C ARG D 13 6.26 29.93 -29.89
N ARG D 14 5.56 30.72 -30.71
CA ARG D 14 4.36 31.42 -30.29
C ARG D 14 3.14 30.97 -31.08
N ALA D 15 1.96 31.20 -30.47
CA ALA D 15 0.70 30.71 -31.02
C ALA D 15 0.35 31.36 -32.34
N LYS D 16 0.61 32.64 -32.48
CA LYS D 16 0.28 33.35 -33.71
C LYS D 16 1.55 33.45 -34.51
N GLN D 17 1.47 33.11 -35.78
CA GLN D 17 2.67 33.17 -36.59
C GLN D 17 2.91 34.63 -36.97
N GLN D 18 3.97 34.86 -37.72
CA GLN D 18 4.27 36.21 -38.15
C GLN D 18 4.86 36.18 -39.54
N VAL D 19 4.41 37.13 -40.36
CA VAL D 19 4.92 37.30 -41.71
C VAL D 19 5.50 38.69 -41.86
N ASP D 20 5.52 39.48 -40.79
CA ASP D 20 6.51 40.54 -40.66
C ASP D 20 7.88 39.97 -40.29
N ASP D 21 8.45 39.00 -41.02
CA ASP D 21 9.81 38.61 -40.71
C ASP D 21 10.63 38.64 -42.00
N GLU D 22 9.94 38.33 -43.11
CA GLU D 22 10.54 38.21 -44.44
C GLU D 22 11.23 39.53 -44.76
N GLU D 23 12.52 39.48 -45.07
CA GLU D 23 13.25 40.71 -45.27
C GLU D 23 12.80 41.46 -46.52
N ASN D 24 12.29 42.68 -46.28
CA ASN D 24 11.78 43.58 -47.28
C ASN D 24 12.27 44.97 -46.84
N ALA D 25 13.24 45.56 -47.55
CA ALA D 25 13.70 46.88 -47.16
C ALA D 25 12.62 47.94 -47.32
N THR D 26 11.70 47.74 -48.27
CA THR D 26 10.58 48.67 -48.46
C THR D 26 9.65 48.69 -47.25
N LEU D 27 9.37 47.53 -46.65
CA LEU D 27 8.49 47.44 -45.48
C LEU D 27 9.19 47.49 -44.13
N LEU D 28 10.49 47.84 -44.10
CA LEU D 28 11.29 47.95 -42.86
C LEU D 28 11.28 46.65 -42.05
N ARG D 29 11.33 45.52 -42.75
CA ARG D 29 11.45 44.21 -42.12
C ARG D 29 12.86 43.68 -42.25
N LEU D 30 13.65 43.75 -41.18
CA LEU D 30 15.06 43.38 -41.24
C LEU D 30 15.32 42.05 -40.55
N GLY D 31 14.27 41.36 -40.11
CA GLY D 31 14.36 40.06 -39.50
C GLY D 31 14.62 40.17 -38.00
N PRO D 32 14.75 39.02 -37.33
CA PRO D 32 14.87 39.05 -35.87
C PRO D 32 16.24 39.50 -35.38
N GLU D 33 17.28 39.39 -36.22
CA GLU D 33 18.64 39.72 -35.81
C GLU D 33 18.93 41.21 -35.91
N PHE D 34 18.22 41.90 -36.80
CA PHE D 34 18.47 43.30 -37.13
C PHE D 34 17.24 44.11 -36.72
N ALA D 35 16.73 43.85 -35.51
CA ALA D 35 15.65 44.64 -34.93
C ALA D 35 16.11 46.09 -34.75
N LEU D 36 15.13 46.99 -34.58
CA LEU D 36 15.46 48.40 -34.38
C LEU D 36 16.28 48.60 -33.11
N LYS D 37 15.87 47.99 -31.99
CA LYS D 37 16.62 48.13 -30.76
C LYS D 37 17.40 46.84 -30.52
N GLN D 38 18.72 46.90 -30.61
CA GLN D 38 19.58 45.79 -30.27
C GLN D 38 20.20 45.96 -28.89
N TYR D 39 20.87 44.90 -28.46
CA TYR D 39 21.61 44.90 -27.22
C TYR D 39 23.01 44.37 -27.49
N ASP D 40 23.99 45.07 -26.92
CA ASP D 40 25.40 44.70 -27.03
C ASP D 40 25.74 43.58 -26.06
N HIS D 41 27.02 43.21 -26.01
CA HIS D 41 27.45 42.13 -25.13
C HIS D 41 27.44 42.45 -23.62
N ASP D 42 26.90 43.59 -23.16
CA ASP D 42 26.75 43.88 -21.74
C ASP D 42 25.29 44.01 -21.36
N GLY D 43 24.36 43.90 -22.31
CA GLY D 43 22.95 44.05 -22.03
C GLY D 43 22.43 45.45 -22.23
N ASN D 44 23.28 46.40 -22.59
CA ASN D 44 22.88 47.79 -22.78
C ASN D 44 22.11 47.95 -24.09
N GLU D 45 21.13 48.85 -24.07
CA GLU D 45 20.31 49.12 -25.24
C GLU D 45 21.11 49.93 -26.25
N HIS D 46 20.78 49.74 -27.53
CA HIS D 46 21.57 50.31 -28.61
C HIS D 46 20.74 50.33 -29.89
N ASP D 47 20.82 51.45 -30.60
CA ASP D 47 20.17 51.58 -31.91
C ASP D 47 20.90 50.74 -32.95
N LEU D 48 20.15 50.25 -33.94
CA LEU D 48 20.72 49.43 -35.00
C LEU D 48 21.77 50.25 -35.77
N ILE D 49 22.88 49.63 -36.09
CA ILE D 49 24.00 50.33 -36.74
C ILE D 49 24.01 49.97 -38.21
N ALA D 50 23.33 50.79 -39.03
CA ALA D 50 23.40 50.68 -40.47
C ALA D 50 24.42 51.69 -40.98
N LEU D 51 25.24 51.27 -41.94
CA LEU D 51 26.39 52.08 -42.35
C LEU D 51 26.29 52.42 -43.83
N SER D 52 26.44 53.71 -44.14
CA SER D 52 26.57 54.15 -45.52
C SER D 52 27.90 53.71 -46.10
N LEU D 53 28.00 53.83 -47.43
CA LEU D 53 29.22 53.48 -48.15
C LEU D 53 30.41 54.33 -47.71
N SER D 54 30.17 55.58 -47.28
CA SER D 54 31.27 56.47 -46.95
C SER D 54 31.87 56.18 -45.57
N GLU D 55 31.03 56.03 -44.55
CA GLU D 55 31.46 55.53 -43.24
C GLU D 55 32.24 54.23 -43.34
N SER D 56 31.61 53.21 -43.95
CA SER D 56 32.19 51.87 -44.10
C SER D 56 33.57 51.86 -44.74
N ARG D 57 33.82 52.72 -45.72
CA ARG D 57 35.14 52.74 -46.34
C ARG D 57 36.23 53.18 -45.36
N LEU D 58 35.93 54.18 -44.53
CA LEU D 58 36.91 54.67 -43.56
C LEU D 58 37.22 53.63 -42.47
N LEU D 59 36.17 53.09 -41.82
CA LEU D 59 36.34 52.10 -40.75
C LEU D 59 37.13 50.86 -41.18
N ILE D 60 36.72 50.25 -42.30
CA ILE D 60 37.34 49.00 -42.76
C ILE D 60 38.80 49.23 -43.10
N ARG D 61 39.09 50.31 -43.82
CA ARG D 61 40.46 50.62 -44.21
C ARG D 61 41.31 50.96 -43.00
N GLU D 62 40.75 51.70 -42.03
CA GLU D 62 41.47 52.02 -40.81
C GLU D 62 41.79 50.77 -40.01
N ALA D 63 40.78 49.91 -39.83
CA ALA D 63 40.95 48.68 -39.07
C ALA D 63 42.02 47.79 -39.68
N LEU D 64 42.10 47.76 -41.00
CA LEU D 64 43.07 46.88 -41.65
C LEU D 64 44.48 47.41 -41.52
N LYS D 65 44.67 48.74 -41.65
CA LYS D 65 46.01 49.28 -41.53
C LYS D 65 46.49 49.40 -40.09
N ALA D 66 45.57 49.62 -39.13
CA ALA D 66 45.97 49.58 -37.73
C ALA D 66 46.38 48.18 -37.31
N ARG D 67 45.65 47.17 -37.79
CA ARG D 67 46.02 45.78 -37.53
C ARG D 67 47.31 45.41 -38.24
N SER D 68 47.49 45.91 -39.48
CA SER D 68 48.72 45.64 -40.24
C SER D 68 49.92 46.25 -39.56
N ARG D 69 49.73 47.43 -38.97
CA ARG D 69 50.81 48.10 -38.26
C ARG D 69 51.12 47.30 -36.99
N ALA D 70 50.08 46.80 -36.34
CA ALA D 70 50.23 45.99 -35.13
C ALA D 70 50.97 44.68 -35.45
N ARG D 71 50.71 44.08 -36.62
CA ARG D 71 51.43 42.87 -37.03
C ARG D 71 52.89 43.14 -37.31
N ASN D 72 53.23 44.39 -37.62
CA ASN D 72 54.58 44.85 -37.86
C ASN D 72 55.20 45.49 -36.63
N GLY D 73 54.62 45.28 -35.45
CA GLY D 73 55.20 45.85 -34.24
C GLY D 73 55.09 47.36 -34.13
N GLY D 74 54.32 48.01 -35.02
CA GLY D 74 54.14 49.44 -35.00
C GLY D 74 54.96 50.17 -36.04
N VAL D 75 54.96 49.64 -37.27
CA VAL D 75 55.45 50.37 -38.44
C VAL D 75 54.30 51.02 -39.20
N ILE D 84 46.39 53.51 -48.17
CA ILE D 84 46.41 54.29 -49.40
C ILE D 84 45.83 53.43 -50.53
N ASP D 85 46.60 52.51 -51.09
CA ASP D 85 46.16 51.72 -52.23
C ASP D 85 45.36 50.51 -51.76
N ASP D 86 44.32 50.17 -52.51
CA ASP D 86 43.41 49.11 -52.11
C ASP D 86 44.00 47.71 -52.31
N ASP D 87 44.78 47.53 -53.38
CA ASP D 87 45.42 46.25 -53.68
C ASP D 87 46.47 45.87 -52.64
N GLU D 88 47.10 46.86 -52.01
CA GLU D 88 48.07 46.58 -50.95
C GLU D 88 47.40 46.28 -49.61
N LEU D 89 46.30 46.96 -49.32
CA LEU D 89 45.60 46.77 -48.05
C LEU D 89 44.95 45.40 -47.91
N ALA D 90 44.55 44.77 -49.01
CA ALA D 90 43.91 43.45 -48.96
C ALA D 90 44.84 42.26 -48.71
N LYS D 91 46.16 42.42 -48.85
CA LYS D 91 47.10 41.35 -48.56
C LYS D 91 47.31 41.09 -47.07
N VAL D 92 46.77 41.93 -46.20
CA VAL D 92 46.82 41.71 -44.75
C VAL D 92 46.08 40.45 -44.30
N THR D 93 45.04 40.03 -45.03
CA THR D 93 44.27 38.85 -44.65
C THR D 93 45.08 37.57 -44.80
N SER D 94 44.54 36.49 -44.21
CA SER D 94 45.21 35.20 -44.14
C SER D 94 44.39 34.18 -44.93
N GLY D 95 44.96 33.66 -46.01
CA GLY D 95 44.24 32.67 -46.80
C GLY D 95 43.65 33.25 -48.06
N ALA D 96 43.67 32.48 -49.15
CA ALA D 96 43.18 32.97 -50.44
C ALA D 96 41.68 33.23 -50.45
N VAL D 97 40.92 32.48 -49.63
CA VAL D 97 39.49 32.72 -49.51
C VAL D 97 39.24 34.10 -48.89
N ALA D 98 40.01 34.43 -47.84
CA ALA D 98 39.90 35.72 -47.17
C ALA D 98 40.43 36.84 -48.06
N ASN D 99 41.53 36.57 -48.78
CA ASN D 99 42.08 37.52 -49.76
C ASN D 99 41.05 37.95 -50.79
N GLY D 100 40.22 37.02 -51.25
CA GLY D 100 39.24 37.34 -52.26
C GLY D 100 38.13 38.28 -51.85
N VAL D 101 37.40 37.94 -50.79
CA VAL D 101 36.24 38.72 -50.33
C VAL D 101 36.64 40.14 -49.91
N VAL D 102 37.81 40.30 -49.31
CA VAL D 102 38.22 41.61 -48.81
C VAL D 102 38.65 42.52 -49.95
N LYS D 103 39.41 41.99 -50.91
CA LYS D 103 39.85 42.75 -52.08
C LYS D 103 38.67 43.21 -52.93
N LYS D 104 37.71 42.30 -53.18
CA LYS D 104 36.52 42.63 -53.95
C LYS D 104 35.66 43.67 -53.25
N THR D 105 35.67 43.70 -51.91
CA THR D 105 34.82 44.67 -51.23
C THR D 105 35.43 46.06 -51.30
N LEU D 106 36.75 46.17 -51.20
CA LEU D 106 37.39 47.49 -51.26
C LEU D 106 37.27 48.08 -52.65
N ASP D 107 37.58 47.27 -53.67
CA ASP D 107 37.51 47.67 -55.07
C ASP D 107 36.09 48.07 -55.47
N TYR D 108 35.07 47.34 -54.98
CA TYR D 108 33.69 47.72 -55.21
C TYR D 108 33.41 49.08 -54.60
N LEU D 109 33.82 49.26 -53.34
CA LEU D 109 33.69 50.55 -52.67
C LEU D 109 34.58 51.60 -53.33
N ASN D 110 35.71 51.18 -53.93
CA ASN D 110 36.60 52.11 -54.63
C ASN D 110 35.93 52.71 -55.86
N THR D 111 34.93 52.05 -56.43
CA THR D 111 34.29 52.53 -57.64
C THR D 111 32.86 53.01 -57.39
N PHE D 112 32.42 53.13 -56.13
CA PHE D 112 31.08 53.65 -55.89
C PHE D 112 30.97 54.55 -54.67
N ALA D 113 32.04 54.74 -53.89
CA ALA D 113 32.05 55.69 -52.76
C ALA D 113 32.33 57.11 -53.23
N ARG D 114 31.31 57.99 -53.18
CA ARG D 114 31.51 59.36 -53.65
C ARG D 114 32.53 60.10 -52.79
N PHE D 115 32.36 60.06 -51.47
CA PHE D 115 33.19 60.85 -50.55
C PHE D 115 34.30 59.96 -50.00
N LYS D 116 35.42 59.93 -50.72
CA LYS D 116 36.51 59.00 -50.52
C LYS D 116 37.57 59.50 -49.52
N ASP D 117 37.27 60.56 -48.75
CA ASP D 117 38.18 60.99 -47.69
C ASP D 117 37.39 61.42 -46.46
N GLU D 118 38.10 61.47 -45.33
CA GLU D 118 37.47 61.74 -44.04
C GLU D 118 37.04 63.20 -43.85
N GLU D 119 37.70 64.15 -44.51
CA GLU D 119 37.26 65.54 -44.47
C GLU D 119 35.83 65.70 -44.98
N THR D 120 35.58 65.31 -46.25
CA THR D 120 34.23 65.33 -46.81
C THR D 120 33.28 64.41 -46.04
N CYS D 121 33.78 63.26 -45.58
CA CYS D 121 32.93 62.26 -44.92
C CYS D 121 32.37 62.77 -43.61
N THR D 122 33.22 63.42 -42.80
CA THR D 122 32.75 64.01 -41.56
C THR D 122 31.76 65.14 -41.82
N ALA D 123 31.95 65.89 -42.92
CA ALA D 123 30.96 66.87 -43.34
C ALA D 123 29.62 66.20 -43.65
N VAL D 124 29.66 65.08 -44.37
CA VAL D 124 28.44 64.30 -44.61
C VAL D 124 27.92 63.68 -43.31
N ASP D 125 28.82 63.31 -42.40
CA ASP D 125 28.45 62.72 -41.11
C ASP D 125 27.65 63.72 -40.27
N GLN D 126 28.17 64.95 -40.15
CA GLN D 126 27.48 65.98 -39.37
C GLN D 126 26.17 66.40 -40.02
N LEU D 127 26.14 66.46 -41.36
CA LEU D 127 24.93 66.83 -42.10
C LEU D 127 23.77 65.87 -41.82
N LEU D 128 24.05 64.58 -41.74
CA LEU D 128 23.01 63.58 -41.54
C LEU D 128 22.75 63.30 -40.06
N HIS D 129 23.73 63.54 -39.19
CA HIS D 129 23.56 63.34 -37.77
C HIS D 129 23.51 64.69 -37.06
N LEU D 137 11.85 59.67 -37.16
CA LEU D 137 13.01 59.43 -38.01
C LEU D 137 13.62 58.05 -37.71
N HIS D 138 13.41 57.09 -38.61
CA HIS D 138 13.94 55.76 -38.32
C HIS D 138 15.41 55.69 -38.76
N PRO D 139 16.25 54.99 -38.02
CA PRO D 139 17.69 54.90 -38.39
C PRO D 139 17.99 54.23 -39.74
N PHE D 140 17.15 53.28 -40.19
CA PHE D 140 17.35 52.64 -41.48
C PHE D 140 17.16 53.59 -42.68
N GLU D 141 16.13 54.44 -42.64
CA GLU D 141 15.90 55.37 -43.75
C GLU D 141 17.02 56.38 -43.87
N ILE D 142 17.54 56.86 -42.74
CA ILE D 142 18.62 57.87 -42.71
C ILE D 142 19.87 57.33 -43.41
N ALA D 143 20.12 56.04 -43.26
CA ALA D 143 21.26 55.37 -43.90
C ALA D 143 21.03 55.09 -45.38
N GLN D 144 19.77 54.88 -45.78
CA GLN D 144 19.43 54.60 -47.19
C GLN D 144 19.68 55.82 -48.07
N LEU D 145 19.20 56.99 -47.64
CA LEU D 145 19.37 58.27 -48.33
C LEU D 145 20.83 58.59 -48.66
N SER D 146 21.77 58.21 -47.80
CA SER D 146 23.19 58.47 -48.06
C SER D 146 23.76 57.52 -49.09
N SER D 147 23.29 56.27 -49.13
CA SER D 147 23.89 55.28 -50.02
C SER D 147 23.44 55.50 -51.47
N LEU D 148 22.18 55.84 -51.70
CA LEU D 148 21.65 55.97 -53.05
C LEU D 148 21.70 57.44 -53.43
N GLY D 149 22.60 57.77 -54.36
CA GLY D 149 22.63 59.11 -54.91
C GLY D 149 21.39 59.46 -55.70
N CYS D 150 20.91 60.69 -55.51
CA CYS D 150 19.72 61.19 -56.17
C CYS D 150 19.96 62.63 -56.60
N GLU D 151 19.26 63.05 -57.66
CA GLU D 151 19.31 64.42 -58.13
C GLU D 151 18.26 65.30 -57.47
N ASP D 152 16.98 64.95 -57.65
CA ASP D 152 15.85 65.78 -57.24
C ASP D 152 14.96 65.00 -56.27
N VAL D 153 13.98 65.71 -55.70
CA VAL D 153 13.00 65.07 -54.81
C VAL D 153 12.18 64.01 -55.55
N ASP D 154 11.91 64.23 -56.85
CA ASP D 154 11.15 63.28 -57.65
C ASP D 154 11.84 61.92 -57.73
N GLU D 155 13.16 61.91 -57.84
CA GLU D 155 13.93 60.68 -57.93
C GLU D 155 14.05 59.94 -56.59
N ALA D 156 13.95 60.63 -55.46
CA ALA D 156 14.13 59.92 -54.19
C ALA D 156 12.91 59.12 -53.75
N ILE D 157 11.71 59.70 -53.84
CA ILE D 157 10.50 58.99 -53.42
C ILE D 157 10.02 57.91 -54.36
N THR D 158 10.56 57.80 -55.57
CA THR D 158 10.17 56.69 -56.43
C THR D 158 10.95 55.41 -56.11
N LEU D 159 12.28 55.47 -56.22
CA LEU D 159 13.14 54.32 -55.94
C LEU D 159 13.10 53.88 -54.48
N ILE D 160 12.74 54.77 -53.56
CA ILE D 160 12.63 54.50 -52.12
C ILE D 160 11.23 54.92 -51.72
N PRO D 161 10.19 54.11 -52.02
CA PRO D 161 8.79 54.56 -51.81
C PRO D 161 8.33 54.73 -50.37
N SER D 162 9.21 54.62 -49.39
CA SER D 162 8.81 54.79 -48.00
C SER D 162 8.85 56.23 -47.55
N LEU D 163 9.59 57.09 -48.25
CA LEU D 163 9.70 58.51 -47.96
C LEU D 163 8.47 59.32 -48.36
N ALA D 164 7.47 58.69 -48.98
CA ALA D 164 6.21 59.32 -49.40
C ALA D 164 5.49 60.10 -48.31
N ALA D 165 4.84 59.37 -47.40
CA ALA D 165 3.97 59.92 -46.36
C ALA D 165 4.72 60.31 -45.10
N LYS D 166 5.87 60.99 -45.20
CA LYS D 166 6.53 61.48 -44.00
C LYS D 166 6.43 62.99 -43.79
N LYS D 167 6.27 63.79 -44.86
CA LYS D 167 5.83 65.19 -44.78
C LYS D 167 6.91 66.07 -44.15
N GLU D 168 8.16 65.72 -44.39
CA GLU D 168 9.32 66.38 -43.80
C GLU D 168 10.45 66.24 -44.81
N VAL D 169 10.61 67.25 -45.65
CA VAL D 169 11.45 67.11 -46.82
C VAL D 169 12.83 67.50 -46.23
N ASN D 170 13.35 68.70 -46.53
CA ASN D 170 14.75 69.17 -46.55
C ASN D 170 15.59 68.48 -47.64
N LEU D 171 15.12 67.33 -48.14
CA LEU D 171 15.51 66.47 -49.27
C LEU D 171 16.34 67.19 -50.33
N GLN D 172 15.84 68.36 -50.75
CA GLN D 172 16.46 69.12 -51.82
C GLN D 172 17.82 69.64 -51.36
N ARG D 173 17.86 70.21 -50.16
CA ARG D 173 19.11 70.69 -49.58
C ARG D 173 20.03 69.55 -49.16
N ILE D 174 19.45 68.38 -48.84
CA ILE D 174 20.23 67.15 -48.70
C ILE D 174 20.96 66.82 -50.00
N LEU D 175 20.21 66.66 -51.09
CA LEU D 175 20.79 66.36 -52.41
C LEU D 175 21.72 67.45 -52.93
N ASP D 176 21.42 68.72 -52.68
CA ASP D 176 22.30 69.80 -53.12
C ASP D 176 23.65 69.74 -52.41
N GLU D 177 23.64 69.54 -51.09
CA GLU D 177 24.90 69.43 -50.35
C GLU D 177 25.67 68.18 -50.75
N LEU D 178 24.98 67.03 -50.89
CA LEU D 178 25.64 65.80 -51.39
C LEU D 178 26.29 66.03 -52.75
N ASN D 179 25.57 66.65 -53.68
CA ASN D 179 26.12 66.90 -55.02
C ASN D 179 27.19 67.99 -55.02
N ARG D 180 27.09 69.00 -54.16
CA ARG D 180 28.13 70.03 -54.11
C ARG D 180 29.41 69.50 -53.48
N LEU D 181 29.31 68.76 -52.37
CA LEU D 181 30.49 68.11 -51.79
C LEU D 181 31.12 67.10 -52.75
N GLU D 182 30.32 66.52 -53.64
CA GLU D 182 30.75 65.54 -54.64
C GLU D 182 31.78 66.11 -55.61
N ASP D 183 32.99 65.57 -55.57
CA ASP D 183 34.07 66.03 -56.43
C ASP D 183 33.75 65.68 -57.88
N PRO D 184 34.34 66.40 -58.84
CA PRO D 184 34.18 65.99 -60.25
C PRO D 184 34.90 64.68 -60.55
N TYR D 185 34.61 64.13 -61.72
CA TYR D 185 35.22 62.87 -62.14
C TYR D 185 35.53 62.96 -63.62
N GLU E 2 -21.92 26.34 42.50
CA GLU E 2 -21.84 24.99 41.98
C GLU E 2 -21.47 24.96 40.47
N ASP E 3 -22.34 24.40 39.62
CA ASP E 3 -22.14 24.46 38.17
C ASP E 3 -22.11 25.89 37.63
N ASN E 4 -22.74 26.84 38.32
CA ASN E 4 -22.66 28.22 37.88
C ASN E 4 -21.25 28.77 38.05
N ASN E 5 -20.48 28.23 39.00
CA ASN E 5 -19.12 28.71 39.21
C ASN E 5 -18.19 28.31 38.08
N ARG E 6 -18.40 27.13 37.50
CA ARG E 6 -17.55 26.72 36.38
C ARG E 6 -17.82 27.52 35.11
N ILE E 7 -19.05 27.98 34.89
CA ILE E 7 -19.33 28.88 33.77
C ILE E 7 -18.59 30.19 33.93
N ILE E 8 -18.70 30.81 35.11
CA ILE E 8 -18.00 32.07 35.38
C ILE E 8 -16.49 31.89 35.32
N SER E 9 -15.97 30.78 35.86
CA SER E 9 -14.53 30.58 35.92
C SER E 9 -13.91 30.47 34.52
N ARG E 10 -14.50 29.62 33.67
CA ARG E 10 -13.99 29.44 32.31
C ARG E 10 -14.09 30.74 31.52
N LEU E 11 -15.21 31.45 31.67
CA LEU E 11 -15.36 32.74 31.02
C LEU E 11 -14.35 33.77 31.53
N TRP E 12 -14.07 33.77 32.85
CA TRP E 12 -13.06 34.67 33.38
C TRP E 12 -11.67 34.34 32.86
N ARG E 13 -11.39 33.06 32.65
CA ARG E 13 -10.08 32.66 32.16
C ARG E 13 -9.93 33.04 30.71
N SER E 14 -10.99 32.83 29.92
CA SER E 14 -11.07 33.30 28.55
C SER E 14 -10.81 34.80 28.45
N PHE E 15 -11.29 35.57 29.43
CA PHE E 15 -11.09 37.01 29.38
C PHE E 15 -9.63 37.39 29.56
N ARG E 16 -8.94 36.74 30.50
CA ARG E 16 -7.52 37.01 30.69
C ARG E 16 -6.72 36.67 29.44
N THR E 17 -7.11 35.60 28.75
CA THR E 17 -6.44 35.20 27.51
C THR E 17 -6.59 36.25 26.43
N VAL E 18 -7.81 36.80 26.28
CA VAL E 18 -8.07 37.84 25.29
C VAL E 18 -7.22 39.08 25.55
N LYS E 19 -7.06 39.44 26.82
CA LYS E 19 -6.22 40.58 27.18
C LYS E 19 -4.76 40.32 26.82
N GLU E 20 -4.26 39.13 27.18
CA GLU E 20 -2.93 38.71 26.74
C GLU E 20 -2.76 38.79 25.23
N MET E 21 -3.79 38.32 24.49
CA MET E 21 -3.78 38.40 23.03
C MET E 21 -3.64 39.84 22.56
N ALA E 22 -4.45 40.73 23.14
CA ALA E 22 -4.40 42.15 22.79
C ALA E 22 -3.03 42.75 23.10
N ALA E 23 -2.48 42.42 24.27
CA ALA E 23 -1.16 42.92 24.66
C ALA E 23 -0.09 42.49 23.68
N ASP E 24 -0.07 41.21 23.29
CA ASP E 24 0.95 40.73 22.35
C ASP E 24 0.80 41.36 20.98
N ARG E 25 -0.41 41.70 20.56
CA ARG E 25 -0.51 42.34 19.25
C ARG E 25 -0.05 43.80 19.28
N GLY E 26 0.31 44.36 20.43
CA GLY E 26 0.78 45.73 20.46
C GLY E 26 -0.21 46.71 21.00
N TYR E 27 -1.38 46.27 21.42
CA TYR E 27 -2.32 47.27 21.92
C TYR E 27 -2.04 47.53 23.38
N PHE E 28 -2.45 48.71 23.82
CA PHE E 28 -2.23 49.13 25.20
C PHE E 28 -3.39 48.68 26.05
N ILE E 29 -3.07 47.93 27.10
CA ILE E 29 -4.01 47.50 28.12
C ILE E 29 -3.45 47.92 29.47
N SER E 30 -4.29 48.57 30.27
CA SER E 30 -3.87 49.12 31.55
C SER E 30 -3.44 48.01 32.50
N GLN E 31 -2.39 48.28 33.29
CA GLN E 31 -1.86 47.31 34.23
C GLN E 31 -2.80 46.97 35.39
N GLU E 32 -3.95 47.62 35.48
CA GLU E 32 -4.99 47.30 36.44
C GLU E 32 -6.01 46.32 35.85
N GLU E 33 -6.31 46.45 34.57
CA GLU E 33 -7.23 45.53 33.90
C GLU E 33 -6.61 44.17 33.59
N MET E 34 -5.30 44.11 33.36
CA MET E 34 -4.68 42.81 33.11
C MET E 34 -4.66 41.92 34.35
N ASP E 35 -4.40 42.51 35.51
CA ASP E 35 -4.30 41.73 36.74
C ASP E 35 -5.60 41.60 37.52
N GLN E 36 -6.74 41.96 36.92
CA GLN E 36 -8.05 41.92 37.59
C GLN E 36 -8.36 40.52 38.11
N SER E 37 -8.54 40.40 39.42
CA SER E 37 -8.83 39.11 40.03
C SER E 37 -10.19 38.57 39.63
N LEU E 38 -10.39 37.30 39.95
CA LEU E 38 -11.67 36.62 39.72
C LEU E 38 -12.80 37.16 40.59
N GLU E 39 -12.51 37.52 41.84
CA GLU E 39 -13.55 38.00 42.75
C GLU E 39 -14.16 39.31 42.28
N GLU E 40 -13.33 40.29 41.92
CA GLU E 40 -13.80 41.56 41.37
C GLU E 40 -14.60 41.34 40.10
N PHE E 41 -14.17 40.37 39.29
CA PHE E 41 -14.84 40.03 38.06
C PHE E 41 -16.27 39.53 38.29
N ARG E 42 -16.49 38.70 39.32
CA ARG E 42 -17.83 38.16 39.55
C ARG E 42 -18.80 39.26 39.96
N SER E 43 -18.35 40.16 40.84
CA SER E 43 -19.14 41.30 41.27
C SER E 43 -19.61 42.16 40.10
N LYS E 44 -18.72 42.44 39.15
CA LYS E 44 -19.04 43.40 38.10
C LYS E 44 -19.88 42.80 36.98
N ILE E 45 -19.78 41.50 36.74
CA ILE E 45 -20.32 40.93 35.52
C ILE E 45 -21.61 40.14 35.76
N CYS E 46 -21.76 39.50 36.91
CA CYS E 46 -22.91 38.65 37.11
C CYS E 46 -24.10 39.47 37.61
N ASP E 47 -25.30 38.93 37.39
CA ASP E 47 -26.52 39.52 37.92
C ASP E 47 -26.68 39.27 39.41
N SER E 48 -27.89 39.49 39.93
CA SER E 48 -28.16 39.03 41.28
C SER E 48 -28.33 37.52 41.31
N MET E 49 -28.77 36.93 40.20
CA MET E 49 -28.90 35.49 40.11
C MET E 49 -27.59 34.81 39.74
N GLY E 50 -26.53 35.57 39.45
CA GLY E 50 -25.23 35.00 39.16
C GLY E 50 -24.94 34.79 37.70
N ASN E 51 -25.90 35.05 36.81
CA ASN E 51 -25.74 34.85 35.39
C ASN E 51 -25.01 36.04 34.76
N PRO E 52 -24.07 35.78 33.86
CA PRO E 52 -23.21 36.84 33.33
C PRO E 52 -23.76 37.54 32.11
N GLN E 53 -23.44 38.83 32.01
CA GLN E 53 -23.93 39.70 30.94
C GLN E 53 -22.73 39.98 30.04
N ARG E 54 -22.70 39.33 28.87
CA ARG E 54 -21.54 39.43 27.98
C ARG E 54 -21.32 40.85 27.48
N LYS E 55 -22.39 41.58 27.18
CA LYS E 55 -22.29 42.93 26.63
C LYS E 55 -21.57 43.91 27.54
N LEU E 56 -21.47 43.60 28.84
CA LEU E 56 -20.69 44.45 29.73
C LEU E 56 -19.20 44.15 29.64
N MET E 57 -18.82 43.04 29.02
CA MET E 57 -17.40 42.67 28.96
C MET E 57 -16.65 43.27 27.77
N SER E 58 -17.35 43.77 26.75
CA SER E 58 -16.72 44.35 25.57
C SER E 58 -15.82 45.52 25.97
N PHE E 59 -14.78 45.75 25.19
CA PHE E 59 -13.86 46.83 25.50
C PHE E 59 -13.12 47.24 24.24
N LEU E 60 -12.44 48.36 24.36
CA LEU E 60 -11.73 49.04 23.29
C LEU E 60 -10.30 49.23 23.74
N ALA E 61 -9.37 49.18 22.79
CA ALA E 61 -7.97 49.35 23.11
C ALA E 61 -7.27 50.04 21.94
N ASN E 62 -6.19 50.73 22.28
CA ASN E 62 -5.37 51.44 21.31
C ASN E 62 -3.94 50.94 21.35
N PRO E 63 -3.19 51.08 20.25
CA PRO E 63 -1.78 50.68 20.26
C PRO E 63 -0.92 51.50 21.20
N THR E 64 0.04 50.82 21.84
CA THR E 64 1.12 51.49 22.55
C THR E 64 1.94 52.37 21.58
N PRO E 65 2.65 53.39 22.10
CA PRO E 65 3.52 54.17 21.20
C PRO E 65 4.61 53.35 20.52
N GLU E 66 5.18 52.37 21.24
CA GLU E 66 6.21 51.51 20.65
C GLU E 66 5.66 50.72 19.47
N ALA E 67 4.48 50.11 19.65
CA ALA E 67 3.87 49.30 18.59
C ALA E 67 3.55 50.16 17.38
N LEU E 68 3.10 51.40 17.62
CA LEU E 68 2.76 52.30 16.54
C LEU E 68 4.02 52.71 15.79
N GLU E 69 5.13 52.84 16.52
CA GLU E 69 6.40 53.09 15.88
C GLU E 69 6.81 51.94 14.97
N LYS E 70 6.61 50.70 15.45
CA LYS E 70 7.01 49.54 14.66
C LYS E 70 6.04 49.27 13.51
N TYR E 71 4.75 49.20 13.80
CA TYR E 71 3.71 48.88 12.82
C TYR E 71 2.79 50.07 12.63
N SER E 72 2.91 50.76 11.50
CA SER E 72 2.08 51.93 11.25
C SER E 72 0.69 51.57 10.72
N ASP E 73 0.38 50.29 10.55
CA ASP E 73 -0.93 49.82 10.12
C ASP E 73 -1.84 49.43 11.28
N LEU E 74 -1.46 49.73 12.50
CA LEU E 74 -2.19 49.28 13.68
C LEU E 74 -3.19 50.33 14.14
N GLY E 75 -4.47 50.01 14.03
CA GLY E 75 -5.59 50.88 14.34
C GLY E 75 -6.24 50.54 15.66
N THR E 76 -7.55 50.73 15.73
CA THR E 76 -8.30 50.42 16.94
C THR E 76 -8.88 49.02 16.91
N LEU E 77 -8.90 48.36 18.06
CA LEU E 77 -9.32 46.98 18.18
C LEU E 77 -10.58 46.96 19.04
N TRP E 78 -11.61 46.29 18.56
CA TRP E 78 -12.87 46.12 19.27
C TRP E 78 -13.07 44.64 19.60
N VAL E 79 -13.20 44.33 20.88
CA VAL E 79 -13.43 42.97 21.35
C VAL E 79 -14.87 42.87 21.82
N GLU E 80 -15.56 41.84 21.37
CA GLU E 80 -16.97 41.63 21.68
C GLU E 80 -17.28 40.16 21.97
N PHE E 81 -17.98 39.92 23.07
CA PHE E 81 -18.52 38.61 23.40
C PHE E 81 -19.99 38.59 22.99
N CYS E 82 -20.36 37.59 22.21
CA CYS E 82 -21.71 37.52 21.66
C CYS E 82 -22.63 36.76 22.60
N ASP E 83 -23.74 37.41 22.97
CA ASP E 83 -24.72 36.81 23.86
C ASP E 83 -25.53 35.66 23.25
N GLU E 84 -25.52 35.49 21.94
CA GLU E 84 -26.34 34.44 21.34
C GLU E 84 -25.53 33.19 21.04
N PRO E 85 -25.82 32.06 21.72
CA PRO E 85 -25.05 30.81 21.54
C PRO E 85 -24.86 30.38 20.09
N SER E 86 -25.93 30.40 19.33
CA SER E 86 -25.91 30.06 17.91
C SER E 86 -25.91 31.40 17.18
N VAL E 87 -24.86 31.67 16.41
CA VAL E 87 -24.78 32.95 15.71
C VAL E 87 -25.41 32.82 14.33
N GLY E 88 -26.56 33.46 14.17
CA GLY E 88 -27.32 33.43 12.94
C GLY E 88 -27.11 34.68 12.11
N ILE E 89 -27.87 34.76 11.02
CA ILE E 89 -27.82 35.89 10.08
C ILE E 89 -28.25 37.18 10.77
N LYS E 90 -29.12 37.09 11.79
CA LYS E 90 -29.58 38.27 12.51
C LYS E 90 -28.48 38.91 13.34
N THR E 91 -27.66 38.09 14.00
CA THR E 91 -26.62 38.62 14.89
C THR E 91 -25.51 39.29 14.08
N MET E 92 -25.14 38.69 12.96
CA MET E 92 -24.00 39.18 12.20
C MET E 92 -24.26 40.55 11.60
N ARG E 93 -25.50 40.84 11.20
CA ARG E 93 -25.79 42.13 10.55
C ARG E 93 -25.55 43.30 11.50
N ASN E 94 -26.06 43.19 12.73
CA ASN E 94 -25.87 44.23 13.73
C ASN E 94 -24.42 44.37 14.15
N PHE E 95 -23.68 43.25 14.14
CA PHE E 95 -22.26 43.32 14.47
C PHE E 95 -21.47 44.03 13.39
N CYS E 96 -21.69 43.67 12.11
CA CYS E 96 -20.98 44.34 11.01
C CYS E 96 -21.34 45.82 10.93
N LEU E 97 -22.62 46.15 11.19
CA LEU E 97 -23.05 47.54 11.23
C LEU E 97 -22.35 48.33 12.35
N ARG E 98 -22.30 47.74 13.55
CA ARG E 98 -21.67 48.38 14.71
C ARG E 98 -20.20 48.72 14.44
N ILE E 99 -19.49 47.82 13.77
CA ILE E 99 -18.07 47.99 13.49
C ILE E 99 -17.86 49.16 12.53
N GLN E 100 -18.67 49.21 11.47
CA GLN E 100 -18.57 50.27 10.47
C GLN E 100 -18.96 51.62 11.03
N GLU E 101 -20.08 51.66 11.77
CA GLU E 101 -20.59 52.91 12.33
C GLU E 101 -19.57 53.58 13.24
N LYS E 102 -19.01 52.82 14.17
CA LYS E 102 -17.97 53.32 15.08
C LYS E 102 -16.57 53.28 14.49
N ASN E 103 -16.43 52.91 13.21
CA ASN E 103 -15.20 52.73 12.40
C ASN E 103 -14.03 52.14 13.18
N PHE E 104 -14.24 50.93 13.71
CA PHE E 104 -13.12 50.15 14.21
C PHE E 104 -12.29 49.55 13.10
N SER E 105 -10.98 49.39 13.38
CA SER E 105 -10.06 48.76 12.45
C SER E 105 -10.11 47.24 12.49
N THR E 106 -10.39 46.64 13.64
CA THR E 106 -10.41 45.18 13.76
C THR E 106 -11.42 44.77 14.82
N GLY E 107 -12.20 43.74 14.52
CA GLY E 107 -13.10 43.17 15.51
C GLY E 107 -12.97 41.70 15.80
N ILE E 108 -12.83 41.38 17.09
CA ILE E 108 -12.66 40.02 17.55
C ILE E 108 -14.01 39.55 18.08
N PHE E 109 -14.56 38.49 17.48
CA PHE E 109 -15.89 37.99 17.79
C PHE E 109 -15.84 36.63 18.47
N ILE E 110 -16.09 36.61 19.77
CA ILE E 110 -16.13 35.38 20.54
C ILE E 110 -17.56 34.86 20.56
N TYR E 111 -17.77 33.63 20.12
CA TYR E 111 -19.08 33.01 20.13
C TYR E 111 -19.09 31.91 21.19
N GLN E 112 -20.27 31.35 21.43
CA GLN E 112 -20.41 30.37 22.51
C GLN E 112 -20.37 28.93 22.02
N ASN E 113 -21.25 28.55 21.10
CA ASN E 113 -21.35 27.15 20.71
C ASN E 113 -20.91 26.85 19.28
N ASN E 114 -21.39 27.60 18.29
CA ASN E 114 -21.06 27.29 16.91
C ASN E 114 -21.34 28.51 16.05
N ILE E 115 -20.89 28.45 14.80
CA ILE E 115 -21.21 29.42 13.76
C ILE E 115 -21.67 28.67 12.52
N THR E 116 -22.88 28.98 12.05
CA THR E 116 -23.44 28.28 10.89
C THR E 116 -22.62 28.58 9.65
N PRO E 117 -22.42 27.61 8.74
CA PRO E 117 -21.64 27.85 7.52
C PRO E 117 -22.19 28.96 6.62
N SER E 118 -23.50 29.20 6.67
CA SER E 118 -24.11 30.31 5.92
C SER E 118 -23.65 31.64 6.49
N ALA E 119 -23.64 31.75 7.82
CA ALA E 119 -23.16 32.95 8.48
C ALA E 119 -21.65 33.12 8.36
N ASN E 120 -20.92 32.02 8.11
CA ASN E 120 -19.47 32.10 7.98
C ASN E 120 -19.06 32.81 6.68
N LYS E 121 -19.97 32.94 5.70
CA LYS E 121 -19.61 33.69 4.50
C LYS E 121 -19.77 35.19 4.66
N MET E 122 -20.50 35.65 5.69
CA MET E 122 -20.62 37.07 5.99
C MET E 122 -19.36 37.71 6.58
N ILE E 123 -18.29 36.94 6.77
CA ILE E 123 -17.07 37.41 7.43
C ILE E 123 -16.15 38.16 6.45
N PRO E 124 -15.81 37.67 5.24
CA PRO E 124 -14.92 38.46 4.38
C PRO E 124 -15.62 39.53 3.55
N THR E 125 -16.92 39.74 3.71
CA THR E 125 -17.64 40.74 2.94
C THR E 125 -17.69 42.13 3.58
N VAL E 126 -16.79 42.41 4.53
CA VAL E 126 -16.93 43.55 5.42
C VAL E 126 -15.57 44.24 5.46
N SER E 127 -14.77 43.99 4.41
CA SER E 127 -13.45 44.58 4.25
C SER E 127 -13.56 46.09 3.98
N PRO E 128 -12.46 46.86 4.19
CA PRO E 128 -11.08 46.59 4.65
C PRO E 128 -10.97 46.36 6.15
N ALA E 129 -12.09 46.38 6.84
CA ALA E 129 -12.14 45.98 8.24
C ALA E 129 -11.96 44.46 8.31
N ILE E 130 -11.34 43.97 9.38
CA ILE E 130 -11.00 42.57 9.46
C ILE E 130 -11.80 42.00 10.61
N ILE E 131 -12.53 40.91 10.35
CA ILE E 131 -13.28 40.23 11.38
C ILE E 131 -12.64 38.87 11.65
N GLU E 132 -12.35 38.60 12.93
CA GLU E 132 -11.82 37.31 13.37
C GLU E 132 -12.77 36.72 14.40
N THR E 133 -12.98 35.41 14.32
CA THR E 133 -13.88 34.70 15.22
C THR E 133 -13.15 33.67 16.05
N PHE E 134 -13.61 33.48 17.29
CA PHE E 134 -13.04 32.48 18.17
C PHE E 134 -14.13 31.77 18.94
N GLN E 135 -14.00 30.45 19.05
CA GLN E 135 -14.85 29.67 19.93
C GLN E 135 -14.37 29.81 21.37
N GLU E 136 -15.31 30.04 22.29
CA GLU E 136 -15.00 30.33 23.69
C GLU E 136 -14.20 29.21 24.35
N SER E 137 -14.45 27.96 23.95
CA SER E 137 -13.66 26.82 24.44
C SER E 137 -12.17 27.01 24.17
N ASP E 138 -11.83 27.37 22.92
CA ASP E 138 -10.45 27.47 22.48
C ASP E 138 -9.61 28.50 23.22
N LEU E 139 -10.23 29.38 24.02
CA LEU E 139 -9.50 30.44 24.68
C LEU E 139 -9.35 30.22 26.17
N VAL E 140 -9.94 29.15 26.71
CA VAL E 140 -9.84 28.85 28.14
C VAL E 140 -8.39 28.72 28.59
N VAL E 141 -7.54 28.14 27.75
CA VAL E 141 -6.10 28.11 28.00
C VAL E 141 -5.40 28.94 26.95
N ASN E 142 -4.47 29.79 27.38
CA ASN E 142 -3.66 30.56 26.47
C ASN E 142 -2.53 29.64 26.02
N ILE E 143 -2.62 29.16 24.78
CA ILE E 143 -1.71 28.14 24.28
C ILE E 143 -0.27 28.62 24.18
N THR E 144 -0.04 29.93 24.03
CA THR E 144 1.34 30.41 23.95
C THR E 144 2.13 30.27 25.24
N HIS E 145 1.51 29.95 26.36
CA HIS E 145 2.27 29.71 27.58
C HIS E 145 2.76 28.28 27.67
N HIS E 146 2.49 27.46 26.68
CA HIS E 146 2.89 26.06 26.71
C HIS E 146 4.38 25.96 26.44
N GLU E 147 5.03 25.00 27.11
CA GLU E 147 6.44 24.67 26.88
C GLU E 147 6.78 24.52 25.40
N LEU E 148 5.94 23.82 24.65
CA LEU E 148 6.30 23.48 23.29
C LEU E 148 6.10 24.62 22.31
N VAL E 149 5.47 25.72 22.71
CA VAL E 149 5.24 26.84 21.80
C VAL E 149 6.23 27.97 22.06
N PRO E 150 7.25 28.14 21.23
CA PRO E 150 8.17 29.26 21.39
C PRO E 150 7.54 30.59 21.02
N LYS E 151 8.20 31.67 21.47
CA LYS E 151 7.70 33.02 21.30
C LYS E 151 7.70 33.47 19.84
N HIS E 152 6.52 33.73 19.31
CA HIS E 152 6.37 34.30 17.97
C HIS E 152 6.30 35.82 17.98
N ILE E 153 7.10 36.46 17.13
CA ILE E 153 7.13 37.91 17.02
C ILE E 153 6.96 38.27 15.55
N ARG E 154 5.96 39.07 15.22
CA ARG E 154 5.76 39.42 13.80
C ARG E 154 6.83 40.42 13.36
N LEU E 155 7.44 40.18 12.20
CA LEU E 155 8.38 41.15 11.65
C LEU E 155 7.67 42.32 10.99
N SER E 156 8.23 43.52 11.17
CA SER E 156 7.79 44.70 10.44
C SER E 156 8.15 44.61 8.98
N ASP E 157 7.49 45.45 8.18
CA ASP E 157 7.73 45.52 6.74
C ASP E 157 9.16 45.88 6.38
N GLY E 158 9.78 46.78 7.15
CA GLY E 158 11.18 47.11 6.89
C GLY E 158 12.12 45.97 7.21
N GLU E 159 11.88 45.30 8.34
CA GLU E 159 12.69 44.15 8.74
C GLU E 159 12.55 43.00 7.74
N LYS E 160 11.32 42.77 7.27
CA LYS E 160 11.07 41.74 6.26
C LYS E 160 11.85 41.96 4.97
N SER E 161 11.76 43.17 4.42
CA SER E 161 12.51 43.50 3.20
C SER E 161 14.01 43.31 3.38
N GLN E 162 14.53 43.71 4.54
CA GLN E 162 15.95 43.53 4.83
C GLN E 162 16.33 42.05 4.87
N LEU E 163 15.43 41.22 5.41
CA LEU E 163 15.64 39.78 5.49
C LEU E 163 15.73 39.14 4.12
N LEU E 164 14.79 39.46 3.23
CA LEU E 164 14.74 38.84 1.91
C LEU E 164 15.99 39.13 1.11
N GLN E 165 16.55 40.33 1.25
CA GLN E 165 17.74 40.67 0.49
C GLN E 165 18.95 39.93 1.02
N ARG E 166 19.06 39.75 2.35
CA ARG E 166 20.19 39.06 2.94
C ARG E 166 20.30 37.62 2.43
N TYR E 167 19.17 36.94 2.27
CA TYR E 167 19.19 35.59 1.73
C TYR E 167 18.91 35.50 0.25
N LYS E 168 18.71 36.64 -0.43
CA LYS E 168 18.36 36.72 -1.85
C LYS E 168 17.20 35.80 -2.24
N LEU E 169 16.10 35.95 -1.50
CA LEU E 169 14.95 35.06 -1.52
C LEU E 169 13.77 35.69 -2.24
N LYS E 170 13.05 34.90 -3.01
CA LYS E 170 11.66 35.23 -3.26
C LYS E 170 10.82 34.89 -2.04
N GLU E 171 9.66 35.54 -1.94
CA GLU E 171 8.76 35.34 -0.81
C GLU E 171 8.26 33.91 -0.71
N SER E 172 8.03 33.28 -1.86
CA SER E 172 7.51 31.92 -1.93
C SER E 172 8.49 30.81 -1.53
N GLN E 173 9.69 31.19 -1.11
CA GLN E 173 10.69 30.20 -0.71
C GLN E 173 10.83 30.00 0.79
N LEU E 174 10.15 30.82 1.59
CA LEU E 174 10.27 30.66 3.03
C LEU E 174 9.36 29.53 3.50
N PRO E 175 9.66 28.86 4.61
CA PRO E 175 8.66 27.97 5.23
C PRO E 175 7.36 28.68 5.55
N ARG E 176 6.30 27.90 5.61
CA ARG E 176 4.97 28.47 5.67
C ARG E 176 4.25 28.10 6.95
N ILE E 177 3.25 28.92 7.28
CA ILE E 177 2.27 28.61 8.32
C ILE E 177 0.87 28.92 7.79
N GLN E 178 -0.04 27.97 7.95
CA GLN E 178 -1.40 28.15 7.45
C GLN E 178 -2.13 29.20 8.26
N ARG E 179 -3.03 29.94 7.59
CA ARG E 179 -3.82 30.95 8.29
C ARG E 179 -4.65 30.38 9.44
N GLU E 180 -5.22 29.18 9.31
CA GLU E 180 -6.00 28.69 10.44
C GLU E 180 -5.17 28.06 11.55
N ASP E 181 -3.85 28.08 11.47
CA ASP E 181 -3.01 27.60 12.56
C ASP E 181 -3.30 28.40 13.83
N PRO E 182 -3.41 27.74 14.99
CA PRO E 182 -3.69 28.44 16.26
C PRO E 182 -2.80 29.61 16.61
N VAL E 183 -1.50 29.57 16.32
CA VAL E 183 -0.69 30.71 16.73
C VAL E 183 -0.81 31.86 15.72
N ALA E 184 -1.01 31.56 14.43
CA ALA E 184 -1.27 32.59 13.44
C ALA E 184 -2.58 33.33 13.69
N ARG E 185 -3.62 32.60 14.09
CA ARG E 185 -4.91 33.22 14.39
C ARG E 185 -4.81 34.10 15.61
N TYR E 186 -4.10 33.61 16.63
CA TYR E 186 -3.86 34.37 17.86
C TYR E 186 -3.23 35.71 17.57
N LEU E 187 -2.33 35.79 16.62
CA LEU E 187 -1.70 37.06 16.32
C LEU E 187 -2.46 37.86 15.28
N GLY E 188 -3.52 37.31 14.72
CA GLY E 188 -4.22 37.93 13.60
C GLY E 188 -3.36 38.17 12.38
N LEU E 189 -2.52 37.21 12.05
CA LEU E 189 -1.67 37.30 10.88
C LEU E 189 -2.46 37.33 9.58
N LYS E 190 -2.05 38.21 8.68
CA LYS E 190 -2.61 38.28 7.34
C LYS E 190 -1.57 37.79 6.36
N ARG E 191 -2.04 37.37 5.19
CA ARG E 191 -1.19 36.89 4.09
C ARG E 191 -0.05 37.84 3.76
N GLY E 192 1.16 37.28 3.68
CA GLY E 192 2.36 38.02 3.36
C GLY E 192 3.19 38.42 4.56
N GLN E 193 2.64 38.34 5.76
CA GLN E 193 3.38 38.72 6.95
C GLN E 193 4.24 37.58 7.46
N VAL E 194 5.36 37.92 8.06
CA VAL E 194 6.35 36.96 8.52
C VAL E 194 6.43 37.00 10.04
N VAL E 195 6.47 35.83 10.67
CA VAL E 195 6.78 35.74 12.09
C VAL E 195 8.21 35.29 12.22
N LYS E 196 8.88 35.80 13.25
CA LYS E 196 10.18 35.32 13.67
C LYS E 196 10.01 34.47 14.91
N ILE E 197 10.69 33.33 14.94
CA ILE E 197 10.49 32.35 15.99
C ILE E 197 11.85 32.03 16.56
N ILE E 198 12.10 32.47 17.78
CA ILE E 198 13.33 32.20 18.50
C ILE E 198 13.09 31.01 19.41
N ARG E 199 13.96 30.03 19.34
CA ARG E 199 13.62 28.68 19.77
C ARG E 199 14.81 28.09 20.50
N ARG E 200 14.55 27.35 21.58
CA ARG E 200 15.57 26.53 22.21
C ARG E 200 16.19 25.55 21.21
N SER E 201 17.48 25.30 21.38
CA SER E 201 18.18 24.30 20.60
C SER E 201 19.20 23.60 21.47
N GLU E 202 19.22 22.28 21.45
CA GLU E 202 20.17 21.55 22.27
C GLU E 202 21.57 21.51 21.68
N THR E 203 21.78 21.91 20.43
CA THR E 203 23.12 21.98 19.88
C THR E 203 23.73 23.38 19.86
N SER E 204 22.93 24.43 19.67
CA SER E 204 23.50 25.77 19.66
C SER E 204 22.97 26.68 20.75
N GLY E 205 22.04 26.24 21.57
CA GLY E 205 21.46 27.10 22.57
C GLY E 205 20.32 27.96 22.08
N ARG E 206 20.53 28.76 21.04
CA ARG E 206 19.51 29.68 20.59
C ARG E 206 19.47 29.61 19.08
N TYR E 207 18.28 29.66 18.48
CA TYR E 207 18.20 29.57 17.03
C TYR E 207 16.98 30.34 16.55
N ALA E 208 17.15 31.22 15.57
CA ALA E 208 16.05 32.01 15.04
C ALA E 208 15.50 31.40 13.76
N SER E 209 14.24 31.01 13.78
CA SER E 209 13.53 30.44 12.65
C SER E 209 12.52 31.46 12.13
N TYR E 210 12.40 31.57 10.81
CA TYR E 210 11.41 32.48 10.21
C TYR E 210 10.38 31.69 9.44
N ARG E 211 9.11 32.06 9.60
CA ARG E 211 8.01 31.53 8.79
C ARG E 211 7.13 32.65 8.25
N ILE E 212 6.64 32.47 7.03
CA ILE E 212 5.75 33.43 6.39
C ILE E 212 4.34 32.85 6.33
N CYS E 213 3.34 33.72 6.54
CA CYS E 213 1.96 33.28 6.65
C CYS E 213 1.32 33.21 5.27
N LEU E 214 0.62 32.12 4.98
CA LEU E 214 -0.14 32.10 3.75
C LEU E 214 -1.42 32.90 3.98
N GLU F 71 27.10 41.58 -14.19
CA GLU F 71 25.76 41.57 -13.61
C GLU F 71 25.64 40.61 -12.43
N LEU F 72 25.65 39.31 -12.72
CA LEU F 72 25.63 38.30 -11.66
C LEU F 72 26.91 38.30 -10.83
N ALA F 73 28.03 38.74 -11.40
CA ALA F 73 29.31 38.63 -10.72
C ALA F 73 29.39 39.57 -9.53
N ILE F 74 29.93 39.06 -8.42
CA ILE F 74 30.07 39.78 -7.17
C ILE F 74 31.50 40.28 -7.08
N LEU F 75 31.65 41.57 -6.76
CA LEU F 75 32.96 42.23 -6.72
C LEU F 75 33.83 41.64 -5.62
N LYS F 76 35.15 41.68 -5.87
CA LYS F 76 36.16 41.09 -5.00
C LYS F 76 36.07 41.56 -3.55
N GLU F 77 35.78 42.84 -3.33
CA GLU F 77 35.76 43.35 -1.96
C GLU F 77 34.54 42.86 -1.18
N GLU F 78 33.48 42.44 -1.88
CA GLU F 78 32.22 42.02 -1.28
C GLU F 78 31.99 40.51 -1.29
N ARG F 79 33.04 39.72 -1.44
CA ARG F 79 32.89 38.26 -1.44
C ARG F 79 32.62 37.78 -0.03
N THR F 80 31.60 36.93 0.11
CA THR F 80 31.18 36.44 1.42
C THR F 80 31.34 34.96 1.70
N THR F 81 31.65 34.13 0.72
CA THR F 81 31.70 32.71 1.02
C THR F 81 33.00 32.37 1.74
N THR F 82 33.07 31.14 2.24
CA THR F 82 34.13 30.73 3.15
C THR F 82 35.50 30.79 2.46
N PRO F 83 36.53 31.31 3.13
CA PRO F 83 37.86 31.33 2.54
C PRO F 83 38.65 30.04 2.62
N TYR F 84 38.08 28.94 3.11
CA TYR F 84 38.80 27.67 3.08
C TYR F 84 38.32 26.82 1.93
N LEU F 85 39.25 26.13 1.30
CA LEU F 85 38.92 25.15 0.29
C LEU F 85 38.17 23.97 0.90
N THR F 86 37.00 23.65 0.37
CA THR F 86 36.19 22.55 0.86
C THR F 86 36.74 21.24 0.33
N LYS F 87 36.37 20.11 0.96
CA LYS F 87 36.83 18.82 0.46
C LYS F 87 36.35 18.57 -0.98
N TYR F 88 35.16 19.06 -1.33
CA TYR F 88 34.65 18.84 -2.67
C TYR F 88 35.40 19.69 -3.70
N GLU F 89 35.68 20.95 -3.36
CA GLU F 89 36.47 21.79 -4.26
C GLU F 89 37.88 21.24 -4.45
N ARG F 90 38.47 20.69 -3.39
CA ARG F 90 39.82 20.15 -3.46
C ARG F 90 39.89 18.96 -4.41
N ALA F 91 38.95 18.03 -4.27
CA ALA F 91 38.89 16.82 -5.10
C ALA F 91 38.71 17.16 -6.57
N ARG F 92 37.84 18.12 -6.88
CA ARG F 92 37.63 18.51 -8.26
C ARG F 92 38.86 19.19 -8.85
N ILE F 93 39.51 20.06 -8.08
CA ILE F 93 40.71 20.76 -8.55
C ILE F 93 41.83 19.78 -8.84
N LEU F 94 42.07 18.84 -7.93
CA LEU F 94 43.13 17.85 -8.12
C LEU F 94 42.87 17.00 -9.35
N GLY F 95 41.64 16.51 -9.50
CA GLY F 95 41.32 15.69 -10.66
C GLY F 95 41.42 16.42 -11.98
N THR F 96 40.83 17.63 -12.05
CA THR F 96 40.88 18.42 -13.28
C THR F 96 42.31 18.74 -13.67
N ARG F 97 43.12 19.17 -12.71
CA ARG F 97 44.50 19.53 -13.01
C ARG F 97 45.32 18.30 -13.41
N ALA F 98 45.12 17.19 -12.71
CA ALA F 98 45.71 15.90 -13.10
C ALA F 98 45.39 15.54 -14.54
N LEU F 99 44.11 15.63 -14.90
CA LEU F 99 43.66 15.33 -16.25
C LEU F 99 44.39 16.18 -17.28
N GLN F 100 44.47 17.49 -17.04
CA GLN F 100 45.16 18.39 -17.97
C GLN F 100 46.64 18.04 -18.12
N ILE F 101 47.29 17.61 -17.05
CA ILE F 101 48.70 17.25 -17.12
C ILE F 101 48.89 16.00 -17.98
N SER F 102 48.01 15.02 -17.84
CA SER F 102 48.11 13.82 -18.66
C SER F 102 47.83 14.09 -20.13
N MET F 103 47.19 15.21 -20.47
CA MET F 103 47.06 15.62 -21.85
C MET F 103 48.14 16.59 -22.28
N ASN F 104 49.21 16.69 -21.48
CA ASN F 104 50.45 17.42 -21.77
C ASN F 104 50.29 18.94 -21.67
N ALA F 105 49.52 19.39 -20.70
CA ALA F 105 49.53 20.80 -20.34
C ALA F 105 50.87 21.16 -19.70
N PRO F 106 51.35 22.37 -19.91
CA PRO F 106 52.57 22.84 -19.23
C PRO F 106 52.45 22.76 -17.71
N VAL F 107 53.43 22.12 -17.08
CA VAL F 107 53.43 21.96 -15.63
C VAL F 107 54.22 23.12 -15.04
N LEU F 108 53.72 23.68 -13.94
CA LEU F 108 54.29 24.88 -13.34
C LEU F 108 55.27 24.63 -12.19
N VAL F 109 55.54 23.37 -11.83
CA VAL F 109 56.52 23.10 -10.78
C VAL F 109 57.58 22.16 -11.34
N ASP F 110 58.69 22.08 -10.63
CA ASP F 110 59.70 21.08 -10.95
C ASP F 110 59.19 19.69 -10.63
N ILE F 111 59.39 18.77 -11.57
CA ILE F 111 59.06 17.36 -11.42
C ILE F 111 60.34 16.61 -11.13
N GLU F 112 60.45 16.03 -9.93
CA GLU F 112 61.62 15.22 -9.64
C GLU F 112 61.36 13.75 -9.93
N GLY F 113 61.23 12.96 -8.87
CA GLY F 113 61.06 11.52 -8.96
C GLY F 113 59.63 11.07 -9.10
N GLU F 114 58.70 11.93 -8.70
CA GLU F 114 57.27 11.60 -8.64
C GLU F 114 56.59 11.98 -9.94
N THR F 115 56.32 10.97 -10.77
CA THR F 115 55.89 11.20 -12.14
C THR F 115 54.43 10.82 -12.41
N ASP F 116 53.70 10.25 -11.44
CA ASP F 116 52.27 9.99 -11.62
C ASP F 116 51.53 11.31 -11.86
N PRO F 117 50.51 11.32 -12.72
CA PRO F 117 49.72 12.55 -12.92
C PRO F 117 49.10 13.13 -11.65
N LEU F 118 48.53 12.27 -10.80
CA LEU F 118 47.93 12.75 -9.55
C LEU F 118 48.99 13.33 -8.60
N GLN F 119 50.19 12.75 -8.58
CA GLN F 119 51.23 13.21 -7.68
C GLN F 119 51.73 14.60 -8.06
N ILE F 120 51.91 14.85 -9.36
CA ILE F 120 52.35 16.16 -9.83
C ILE F 120 51.30 17.21 -9.48
N ALA F 121 50.03 16.89 -9.68
CA ALA F 121 48.95 17.83 -9.34
C ALA F 121 48.91 18.12 -7.85
N MET F 122 49.10 17.09 -7.01
CA MET F 122 49.17 17.30 -5.57
C MET F 122 50.37 18.13 -5.15
N LYS F 123 51.49 18.00 -5.87
CA LYS F 123 52.65 18.82 -5.59
C LYS F 123 52.37 20.29 -5.90
N GLU F 124 51.75 20.57 -7.06
CA GLU F 124 51.37 21.94 -7.41
C GLU F 124 50.42 22.55 -6.39
N LEU F 125 49.47 21.76 -5.87
CA LEU F 125 48.54 22.28 -4.87
C LEU F 125 49.27 22.74 -3.62
N SER F 126 50.23 21.94 -3.14
CA SER F 126 50.94 22.23 -1.91
C SER F 126 51.78 23.50 -2.01
N GLN F 127 52.17 23.91 -3.21
CA GLN F 127 52.96 25.12 -3.38
C GLN F 127 52.12 26.30 -3.84
N ARG F 128 50.79 26.17 -3.81
CA ARG F 128 49.84 27.21 -4.22
C ARG F 128 50.03 27.68 -5.68
N LYS F 129 50.24 26.73 -6.58
CA LYS F 129 50.61 27.06 -7.96
C LYS F 129 49.62 26.54 -9.02
N ILE F 130 48.45 26.06 -8.62
CA ILE F 130 47.43 25.65 -9.59
C ILE F 130 46.68 26.82 -10.21
N PRO F 131 46.76 27.00 -11.53
CA PRO F 131 46.19 28.17 -12.22
C PRO F 131 44.69 28.08 -12.55
N LEU F 132 43.87 27.81 -11.55
CA LEU F 132 42.43 27.67 -11.77
C LEU F 132 41.63 28.56 -10.84
N VAL F 133 40.41 28.84 -11.25
CA VAL F 133 39.49 29.70 -10.51
C VAL F 133 38.23 28.90 -10.25
N ILE F 134 37.79 28.90 -9.01
CA ILE F 134 36.51 28.32 -8.63
C ILE F 134 35.40 29.33 -8.83
N ARG F 135 34.37 28.93 -9.56
CA ARG F 135 33.15 29.74 -9.69
C ARG F 135 32.13 29.10 -8.77
N ARG F 136 31.93 29.66 -7.60
CA ARG F 136 31.00 29.10 -6.63
C ARG F 136 29.61 29.68 -6.86
N TYR F 137 28.67 28.86 -7.27
CA TYR F 137 27.33 29.35 -7.46
C TYR F 137 26.60 29.41 -6.14
N LEU F 138 25.95 30.51 -5.89
CA LEU F 138 25.04 30.77 -4.79
C LEU F 138 23.64 30.39 -5.22
N PRO F 139 22.71 30.14 -4.27
CA PRO F 139 21.35 29.69 -4.66
C PRO F 139 20.57 30.54 -5.66
N ASP F 140 20.76 31.85 -5.68
CA ASP F 140 20.01 32.68 -6.62
C ASP F 140 20.60 32.69 -8.02
N GLY F 141 21.74 32.06 -8.23
CA GLY F 141 22.36 32.04 -9.52
C GLY F 141 23.57 32.96 -9.63
N SER F 142 23.68 33.96 -8.77
CA SER F 142 24.89 34.77 -8.72
C SER F 142 26.08 33.94 -8.24
N TYR F 143 27.28 34.50 -8.36
CA TYR F 143 28.45 33.68 -8.11
C TYR F 143 29.62 34.55 -7.69
N GLU F 144 30.51 33.96 -6.91
CA GLU F 144 31.79 34.56 -6.55
C GLU F 144 32.89 33.72 -7.19
N ASP F 145 33.74 34.36 -7.97
CA ASP F 145 34.94 33.68 -8.46
C ASP F 145 36.06 33.78 -7.44
N TRP F 146 36.61 32.63 -7.06
CA TRP F 146 37.77 32.55 -6.18
C TRP F 146 38.91 31.80 -6.87
N GLY F 147 40.08 32.41 -6.97
CA GLY F 147 41.22 31.69 -7.48
C GLY F 147 41.75 30.69 -6.46
N CYS F 148 42.24 29.56 -6.94
CA CYS F 148 42.89 28.59 -6.06
C CYS F 148 44.21 29.08 -5.50
N ASP F 149 44.79 30.11 -6.10
CA ASP F 149 45.95 30.76 -5.49
C ASP F 149 45.60 31.51 -4.20
N GLU F 150 44.37 31.98 -4.04
CA GLU F 150 44.10 32.76 -2.84
C GLU F 150 43.35 32.00 -1.75
N LEU F 151 42.68 30.89 -2.08
CA LEU F 151 41.99 30.13 -1.05
C LEU F 151 42.95 29.36 -0.16
N ILE F 152 42.69 29.40 1.14
CA ILE F 152 43.56 28.76 2.11
C ILE F 152 43.25 27.26 2.13
N VAL F 153 44.28 26.45 1.97
CA VAL F 153 44.15 24.99 2.03
C VAL F 153 44.69 24.54 3.36
N ASP F 154 43.93 23.73 4.08
CA ASP F 154 44.41 23.18 5.33
C ASP F 154 45.62 22.26 5.15
N MET G 1 24.18 45.30 -48.00
CA MET G 1 23.80 46.36 -47.08
C MET G 1 24.65 46.14 -45.83
N PHE G 2 25.48 47.13 -45.48
CA PHE G 2 26.44 46.97 -44.40
C PHE G 2 25.87 47.31 -43.03
N PHE G 3 26.24 46.50 -42.04
CA PHE G 3 25.89 46.75 -40.65
C PHE G 3 27.09 46.47 -39.76
N LEU G 4 27.04 47.01 -38.55
CA LEU G 4 27.89 46.59 -37.44
C LEU G 4 27.14 45.68 -36.48
N LYS G 5 27.66 44.47 -36.28
CA LYS G 5 27.03 43.47 -35.44
C LYS G 5 27.96 42.99 -34.33
N ASP G 6 27.39 42.90 -33.14
CA ASP G 6 28.05 42.36 -31.96
C ASP G 6 27.77 40.86 -31.94
N LEU G 7 28.79 40.06 -32.22
CA LEU G 7 28.65 38.63 -32.35
C LEU G 7 29.47 37.90 -31.30
N SER G 8 29.31 36.58 -31.28
CA SER G 8 30.13 35.77 -30.39
C SER G 8 30.27 34.37 -30.96
N LEU G 9 31.37 33.75 -30.57
CA LEU G 9 31.77 32.44 -31.07
C LEU G 9 32.24 31.58 -29.92
N ILE G 10 31.74 30.34 -29.87
CA ILE G 10 32.20 29.39 -28.87
C ILE G 10 33.45 28.73 -29.42
N LEU G 11 34.54 28.86 -28.68
CA LEU G 11 35.84 28.29 -29.03
C LEU G 11 36.25 27.25 -27.99
N THR G 12 36.62 26.08 -28.47
CA THR G 12 37.11 25.00 -27.62
C THR G 12 38.62 24.91 -27.76
N LEU G 13 39.32 24.93 -26.64
CA LEU G 13 40.77 24.98 -26.61
C LEU G 13 41.32 23.71 -25.99
N HIS G 14 42.25 23.06 -26.68
CA HIS G 14 42.87 21.87 -26.13
C HIS G 14 43.83 22.29 -25.01
N PRO G 15 43.94 21.48 -23.94
CA PRO G 15 44.77 21.87 -22.78
C PRO G 15 46.23 22.15 -23.06
N SER G 16 46.82 21.55 -24.09
CA SER G 16 48.21 21.81 -24.49
C SER G 16 48.47 23.23 -24.97
N TYR G 17 47.44 24.04 -25.16
CA TYR G 17 47.55 25.44 -25.57
C TYR G 17 47.48 26.40 -24.38
N PHE G 18 47.54 25.88 -23.16
CA PHE G 18 47.41 26.68 -21.94
C PHE G 18 48.71 27.38 -21.54
N GLY G 19 49.08 28.39 -22.31
CA GLY G 19 50.32 29.08 -22.04
C GLY G 19 50.11 30.56 -21.84
N PRO G 20 51.20 31.32 -21.67
CA PRO G 20 51.08 32.74 -21.32
C PRO G 20 50.54 33.63 -22.43
N GLN G 21 50.53 33.17 -23.68
CA GLN G 21 50.03 33.93 -24.82
C GLN G 21 48.73 33.34 -25.36
N MET G 22 47.93 32.80 -24.43
CA MET G 22 46.72 32.05 -24.76
C MET G 22 45.74 32.95 -25.49
N ASN G 23 45.55 34.16 -24.96
CA ASN G 23 44.60 35.13 -25.50
C ASN G 23 45.02 35.55 -26.91
N GLN G 24 46.32 35.74 -27.13
CA GLN G 24 46.79 36.15 -28.45
C GLN G 24 46.57 35.04 -29.47
N TYR G 25 46.79 33.78 -29.09
CA TYR G 25 46.44 32.65 -29.94
C TYR G 25 44.95 32.67 -30.31
N LEU G 26 44.10 32.97 -29.32
CA LEU G 26 42.65 32.96 -29.55
C LEU G 26 42.23 34.07 -30.48
N ARG G 27 42.91 35.21 -30.40
CA ARG G 27 42.59 36.33 -31.25
C ARG G 27 42.90 35.99 -32.70
N GLU G 28 44.07 35.37 -32.94
CA GLU G 28 44.39 34.86 -34.26
C GLU G 28 43.41 33.78 -34.70
N LYS G 29 43.02 32.91 -33.76
CA LYS G 29 42.12 31.81 -34.06
C LYS G 29 40.73 32.29 -34.48
N LEU G 30 40.20 33.27 -33.75
CA LEU G 30 38.91 33.89 -34.09
C LEU G 30 38.89 34.46 -35.51
N LEU G 31 39.93 35.21 -35.87
CA LEU G 31 39.99 35.88 -37.17
C LEU G 31 40.09 34.88 -38.32
N THR G 32 40.94 33.86 -38.18
CA THR G 32 41.09 32.83 -39.21
C THR G 32 39.78 32.09 -39.49
N ASP G 33 38.94 31.94 -38.49
CA ASP G 33 37.75 31.11 -38.61
C ASP G 33 36.54 31.91 -39.08
N VAL G 34 36.52 33.22 -38.87
CA VAL G 34 35.31 34.03 -39.02
C VAL G 34 35.41 34.97 -40.23
N GLU G 35 36.59 35.51 -40.52
CA GLU G 35 36.72 36.50 -41.57
C GLU G 35 36.59 35.87 -42.97
N GLY G 36 35.69 36.44 -43.77
CA GLY G 36 35.44 35.98 -45.12
C GLY G 36 34.35 34.95 -45.25
N THR G 37 33.88 34.38 -44.14
CA THR G 37 32.83 33.38 -44.15
C THR G 37 31.45 34.03 -44.22
N CYS G 38 30.49 33.25 -44.72
CA CYS G 38 29.12 33.72 -44.93
C CYS G 38 28.15 32.83 -44.18
N THR G 39 27.09 33.45 -43.63
CA THR G 39 25.96 32.75 -43.05
C THR G 39 24.68 33.44 -43.51
N GLY G 40 23.62 32.65 -43.70
CA GLY G 40 22.32 33.19 -44.05
C GLY G 40 21.69 34.09 -42.99
N GLN G 41 22.12 33.96 -41.73
CA GLN G 41 21.51 34.71 -40.64
C GLN G 41 22.00 36.16 -40.59
N PHE G 42 23.29 36.38 -40.84
CA PHE G 42 23.90 37.70 -40.82
C PHE G 42 24.48 38.17 -42.14
N GLY G 43 24.81 37.29 -43.07
CA GLY G 43 25.47 37.66 -44.31
C GLY G 43 26.95 37.36 -44.29
N TYR G 44 27.67 38.09 -45.14
CA TYR G 44 29.12 37.98 -45.16
C TYR G 44 29.70 38.79 -44.00
N ILE G 45 30.61 38.17 -43.25
CA ILE G 45 31.37 38.87 -42.22
C ILE G 45 32.65 39.42 -42.85
N VAL G 46 32.70 40.74 -43.05
CA VAL G 46 33.77 41.30 -43.85
C VAL G 46 35.05 41.45 -43.03
N THR G 47 35.02 42.28 -41.99
CA THR G 47 36.14 42.43 -41.06
C THR G 47 35.61 42.61 -39.65
N VAL G 48 36.38 42.10 -38.69
CA VAL G 48 36.07 42.22 -37.27
C VAL G 48 36.75 43.46 -36.71
N LEU G 49 35.99 44.25 -35.94
CA LEU G 49 36.52 45.47 -35.34
C LEU G 49 37.33 45.17 -34.10
N ASP G 50 38.47 45.86 -33.97
CA ASP G 50 39.30 45.91 -32.76
C ASP G 50 39.79 44.53 -32.36
N GLY G 51 40.29 43.78 -33.35
CA GLY G 51 40.60 42.37 -33.15
C GLY G 51 41.65 42.12 -32.09
N MET G 52 42.69 42.95 -32.05
CA MET G 52 43.78 42.72 -31.12
C MET G 52 43.44 43.09 -29.68
N ASN G 53 42.28 43.71 -29.43
CA ASN G 53 41.88 44.08 -28.09
C ASN G 53 40.62 43.37 -27.59
N ILE G 54 40.16 42.32 -28.26
CA ILE G 54 38.94 41.63 -27.84
C ILE G 54 39.09 40.98 -26.48
N ASP G 55 38.11 41.23 -25.60
CA ASP G 55 38.05 40.63 -24.27
C ASP G 55 37.34 39.28 -24.38
N VAL G 56 38.10 38.20 -24.18
CA VAL G 56 37.57 36.84 -24.34
C VAL G 56 36.86 36.28 -23.12
N GLY G 57 36.93 36.94 -21.97
CA GLY G 57 36.26 36.41 -20.80
C GLY G 57 37.06 35.25 -20.21
N LYS G 58 36.41 34.49 -19.35
CA LYS G 58 37.03 33.30 -18.76
C LYS G 58 36.55 32.02 -19.41
N GLY G 59 37.46 31.07 -19.55
CA GLY G 59 37.14 29.78 -20.14
C GLY G 59 36.57 28.75 -19.19
N ARG G 60 35.42 28.20 -19.57
CA ARG G 60 34.81 27.10 -18.84
C ARG G 60 35.43 25.76 -19.21
N ILE G 61 35.91 25.05 -18.19
CA ILE G 61 36.48 23.71 -18.36
C ILE G 61 35.34 22.70 -18.52
N ILE G 62 35.41 21.90 -19.58
CA ILE G 62 34.39 20.88 -19.83
C ILE G 62 34.59 19.67 -18.92
N PRO G 63 33.61 19.33 -18.08
CA PRO G 63 33.73 18.14 -17.22
C PRO G 63 33.94 16.87 -18.01
N GLY G 64 34.96 16.11 -17.64
CA GLY G 64 35.21 14.82 -18.25
C GLY G 64 36.12 14.82 -19.46
N SER G 65 36.46 15.98 -20.01
CA SER G 65 37.30 16.05 -21.19
C SER G 65 38.50 16.98 -21.05
N GLY G 66 38.52 17.85 -20.06
CA GLY G 66 39.70 18.67 -19.85
C GLY G 66 39.84 19.91 -20.73
N SER G 67 39.28 19.89 -21.93
CA SER G 67 39.35 21.02 -22.83
C SER G 67 38.58 22.22 -22.25
N ALA G 68 38.94 23.40 -22.72
CA ALA G 68 38.40 24.65 -22.22
C ALA G 68 37.54 25.35 -23.26
N GLU G 69 36.44 25.93 -22.81
CA GLU G 69 35.46 26.60 -23.66
C GLU G 69 35.44 28.10 -23.40
N PHE G 70 35.77 28.88 -24.41
CA PHE G 70 35.71 30.34 -24.36
C PHE G 70 34.52 30.83 -25.17
N GLU G 71 33.85 31.83 -24.63
CA GLU G 71 32.86 32.58 -25.41
C GLU G 71 33.50 33.92 -25.75
N VAL G 72 33.95 34.04 -26.99
CA VAL G 72 34.63 35.24 -27.47
C VAL G 72 33.56 36.18 -28.00
N LYS G 73 33.25 37.21 -27.23
CA LYS G 73 32.33 38.23 -27.70
C LYS G 73 33.11 39.21 -28.54
N TYR G 74 32.53 39.65 -29.66
CA TYR G 74 33.28 40.53 -30.56
C TYR G 74 32.32 41.39 -31.37
N ARG G 75 32.91 42.32 -32.13
CA ARG G 75 32.17 43.24 -32.97
C ARG G 75 32.76 43.22 -34.38
N ALA G 76 31.90 43.06 -35.39
CA ALA G 76 32.37 42.94 -36.77
C ALA G 76 31.59 43.84 -37.72
N VAL G 77 32.20 44.09 -38.87
CA VAL G 77 31.53 44.63 -40.05
C VAL G 77 30.88 43.48 -40.81
N VAL G 78 29.57 43.53 -41.00
CA VAL G 78 28.91 42.46 -41.72
C VAL G 78 28.21 43.02 -42.94
N TRP G 79 28.10 42.18 -43.97
CA TRP G 79 27.42 42.51 -45.22
C TRP G 79 26.36 41.49 -45.59
N LYS G 80 25.10 41.90 -45.52
CA LYS G 80 24.01 41.08 -45.98
C LYS G 80 23.16 41.90 -46.96
N PRO G 81 22.83 41.36 -48.13
CA PRO G 81 21.91 42.07 -49.03
C PRO G 81 20.48 41.78 -48.63
N PHE G 82 19.55 42.56 -49.16
CA PHE G 82 18.15 42.42 -48.79
C PHE G 82 17.26 42.56 -50.02
N LYS G 83 16.19 41.78 -50.01
CA LYS G 83 15.12 41.90 -50.98
C LYS G 83 14.41 43.25 -50.86
N GLY G 84 14.30 43.95 -52.00
CA GLY G 84 13.72 45.26 -52.07
C GLY G 84 14.74 46.37 -52.17
N GLU G 85 15.98 46.08 -51.79
CA GLU G 85 17.03 47.07 -51.74
C GLU G 85 17.51 47.36 -53.15
N VAL G 86 17.54 48.63 -53.52
CA VAL G 86 18.09 49.00 -54.83
C VAL G 86 19.58 49.25 -54.62
N VAL G 87 20.39 48.69 -55.53
CA VAL G 87 21.84 48.76 -55.44
C VAL G 87 22.44 48.90 -56.83
N ASP G 88 23.65 49.43 -56.84
CA ASP G 88 24.52 49.52 -58.00
C ASP G 88 25.38 48.26 -58.08
N ALA G 89 26.01 48.05 -59.24
CA ALA G 89 26.75 46.82 -59.44
C ALA G 89 27.74 46.97 -60.59
N ILE G 90 28.60 45.96 -60.73
CA ILE G 90 29.58 45.85 -61.80
C ILE G 90 29.37 44.49 -62.47
N VAL G 91 29.06 44.50 -63.77
CA VAL G 91 28.73 43.27 -64.48
C VAL G 91 29.97 42.40 -64.65
N SER G 92 29.83 41.11 -64.34
CA SER G 92 30.92 40.14 -64.45
C SER G 92 30.86 39.31 -65.72
N ASN G 93 29.66 38.98 -66.19
CA ASN G 93 29.45 38.17 -67.38
C ASN G 93 28.19 38.64 -68.08
N VAL G 94 28.13 38.41 -69.39
CA VAL G 94 26.92 38.63 -70.16
C VAL G 94 26.64 37.37 -70.97
N SER G 95 25.39 36.90 -70.93
CA SER G 95 25.06 35.65 -71.60
C SER G 95 23.67 35.72 -72.22
N PRO G 96 23.26 34.76 -73.07
CA PRO G 96 21.89 34.81 -73.63
C PRO G 96 20.76 34.76 -72.60
N ILE G 97 21.04 34.31 -71.38
CA ILE G 97 20.02 34.19 -70.33
C ILE G 97 20.02 35.38 -69.38
N GLY G 98 20.82 36.41 -69.67
CA GLY G 98 20.89 37.57 -68.81
C GLY G 98 22.31 37.99 -68.50
N PHE G 99 22.55 38.57 -67.33
CA PHE G 99 23.92 38.89 -66.95
C PHE G 99 24.16 38.57 -65.48
N PHE G 100 25.44 38.51 -65.13
CA PHE G 100 25.90 38.29 -63.76
C PHE G 100 26.66 39.53 -63.31
N ALA G 101 26.36 39.99 -62.10
CA ALA G 101 26.92 41.25 -61.62
C ALA G 101 27.55 41.04 -60.25
N ASP G 102 28.79 41.47 -60.09
CA ASP G 102 29.51 41.33 -58.83
C ASP G 102 29.18 42.52 -57.94
N VAL G 103 28.47 42.28 -56.85
CA VAL G 103 28.21 43.33 -55.87
C VAL G 103 29.05 42.98 -54.65
N GLY G 104 30.33 43.32 -54.70
CA GLY G 104 31.23 43.07 -53.60
C GLY G 104 31.56 41.61 -53.56
N PRO G 105 31.20 40.95 -52.46
CA PRO G 105 31.55 39.52 -52.32
C PRO G 105 30.88 38.60 -53.34
N LEU G 106 29.59 38.76 -53.60
CA LEU G 106 28.82 37.77 -54.34
C LEU G 106 28.40 38.27 -55.71
N ASN G 107 27.65 37.41 -56.40
CA ASN G 107 27.21 37.63 -57.77
C ASN G 107 25.68 37.49 -57.87
N VAL G 108 25.03 38.41 -58.60
CA VAL G 108 23.58 38.43 -58.75
C VAL G 108 23.22 38.10 -60.19
N PHE G 109 22.25 37.21 -60.40
CA PHE G 109 21.76 36.84 -61.73
C PHE G 109 20.43 37.53 -62.01
N VAL G 110 20.36 38.27 -63.12
CA VAL G 110 19.11 38.86 -63.65
C VAL G 110 18.70 38.12 -64.92
N SER G 111 17.50 37.54 -64.93
CA SER G 111 17.06 36.76 -66.09
C SER G 111 16.43 37.63 -67.19
N THR G 112 16.31 37.01 -68.38
CA THR G 112 15.87 37.69 -69.61
C THR G 112 14.42 38.19 -69.60
N ARG G 113 13.48 37.48 -68.96
CA ARG G 113 12.11 38.00 -68.98
C ARG G 113 11.92 39.23 -68.10
N LEU G 114 12.87 39.54 -67.22
CA LEU G 114 12.88 40.77 -66.45
C LEU G 114 13.88 41.79 -66.98
N ILE G 115 14.22 41.73 -68.26
CA ILE G 115 15.06 42.74 -68.91
C ILE G 115 14.24 43.39 -70.01
N PRO G 116 14.20 44.74 -70.08
CA PRO G 116 13.48 45.44 -71.15
C PRO G 116 13.90 45.04 -72.57
N ASP G 117 12.94 45.10 -73.49
CA ASP G 117 13.14 44.57 -74.84
C ASP G 117 14.18 45.36 -75.63
N ASN G 118 14.27 46.69 -75.40
CA ASN G 118 15.20 47.50 -76.20
C ASN G 118 16.67 47.27 -75.86
N LEU G 119 16.99 46.56 -74.79
CA LEU G 119 18.38 46.26 -74.50
C LEU G 119 18.67 44.94 -75.20
N VAL G 120 19.49 44.98 -76.24
CA VAL G 120 19.71 43.83 -77.10
C VAL G 120 21.15 43.40 -76.95
N TYR G 121 21.36 42.10 -76.72
CA TYR G 121 22.68 41.53 -76.60
C TYR G 121 23.37 41.57 -77.97
N ASN G 122 24.54 42.21 -78.04
CA ASN G 122 25.23 42.39 -79.32
C ASN G 122 26.60 41.73 -79.25
N PRO G 123 26.72 40.48 -79.73
CA PRO G 123 28.04 39.83 -79.74
C PRO G 123 29.02 40.36 -80.79
N SER G 124 28.52 40.83 -81.93
CA SER G 124 29.39 41.30 -83.02
C SER G 124 30.18 42.56 -82.66
N ASN G 125 29.67 43.40 -81.75
CA ASN G 125 30.38 44.61 -81.34
C ASN G 125 31.69 44.22 -80.67
N SER G 126 32.68 45.10 -80.77
CA SER G 126 33.97 44.91 -80.08
C SER G 126 34.29 46.11 -79.21
N PRO G 127 34.28 45.97 -77.87
CA PRO G 127 33.99 44.75 -77.12
C PRO G 127 32.48 44.48 -76.92
N PRO G 128 32.10 43.22 -76.61
CA PRO G 128 30.68 42.90 -76.47
C PRO G 128 30.00 43.67 -75.35
N ALA G 129 28.74 44.04 -75.58
CA ALA G 129 28.04 44.91 -74.65
C ALA G 129 26.54 44.82 -74.90
N TYR G 130 25.78 45.30 -73.92
CA TYR G 130 24.37 45.62 -74.10
C TYR G 130 24.36 47.09 -74.53
N MET G 131 23.78 47.38 -75.69
CA MET G 131 24.00 48.73 -76.21
C MET G 131 22.71 49.46 -76.52
N SER G 132 22.79 50.78 -76.47
CA SER G 132 21.76 51.67 -76.99
C SER G 132 22.46 52.86 -77.65
N ASN G 133 21.71 53.94 -77.85
CA ASN G 133 22.23 55.26 -78.25
C ASN G 133 22.11 56.20 -77.04
N ASP G 134 23.22 56.29 -76.27
CA ASP G 134 23.58 57.11 -75.08
C ASP G 134 23.68 56.22 -73.85
N GLU G 135 23.51 54.93 -74.05
CA GLU G 135 23.64 53.92 -73.01
C GLU G 135 24.78 53.01 -73.43
N LEU G 136 25.47 52.46 -72.44
CA LEU G 136 26.65 51.66 -72.72
C LEU G 136 26.91 50.79 -71.50
N ILE G 137 26.63 49.50 -71.63
CA ILE G 137 26.82 48.55 -70.53
C ILE G 137 27.94 47.62 -70.93
N THR G 138 29.16 48.01 -70.61
CA THR G 138 30.34 47.17 -70.74
C THR G 138 30.76 46.79 -69.32
N LYS G 139 31.78 45.93 -69.20
CA LYS G 139 32.22 45.53 -67.88
C LYS G 139 32.70 46.75 -67.10
N GLY G 140 32.20 46.91 -65.88
CA GLY G 140 32.52 48.08 -65.09
C GLY G 140 31.56 49.24 -65.25
N SER G 141 30.46 49.05 -65.99
CA SER G 141 29.47 50.09 -66.20
C SER G 141 28.54 50.14 -65.00
N LYS G 142 28.36 51.34 -64.45
CA LYS G 142 27.37 51.50 -63.38
C LYS G 142 25.98 51.24 -63.91
N VAL G 143 25.27 50.34 -63.22
CA VAL G 143 23.94 49.90 -63.57
C VAL G 143 23.22 49.94 -62.23
N ARG G 144 21.91 50.17 -62.26
CA ARG G 144 21.12 50.21 -61.04
C ARG G 144 20.03 49.15 -61.06
N LEU G 145 20.10 48.17 -60.16
CA LEU G 145 19.13 47.08 -60.19
C LEU G 145 18.44 46.99 -58.82
N LYS G 146 17.39 46.16 -58.72
CA LYS G 146 16.67 45.99 -57.45
C LYS G 146 16.58 44.51 -57.12
N VAL G 147 16.98 44.15 -55.90
CA VAL G 147 16.95 42.76 -55.43
C VAL G 147 15.52 42.35 -55.09
N VAL G 148 14.98 41.38 -55.85
CA VAL G 148 13.59 40.94 -55.75
C VAL G 148 13.44 39.58 -55.11
N GLY G 149 14.53 38.91 -54.71
CA GLY G 149 14.43 37.61 -54.09
C GLY G 149 15.75 37.10 -53.55
N THR G 150 15.78 36.65 -52.30
CA THR G 150 16.96 36.08 -51.66
C THR G 150 16.77 34.61 -51.30
N ARG G 151 17.67 33.77 -51.78
CA ARG G 151 17.69 32.33 -51.54
C ARG G 151 18.93 32.03 -50.70
N THR G 152 18.79 31.10 -49.75
CA THR G 152 19.85 30.83 -48.77
C THR G 152 20.31 29.39 -48.86
N ASP G 153 21.62 29.22 -49.08
CA ASP G 153 22.36 27.97 -49.11
C ASP G 153 23.18 27.78 -47.81
N VAL G 154 23.01 28.68 -46.82
CA VAL G 154 23.75 28.80 -45.55
C VAL G 154 25.30 28.85 -45.67
N ASN G 155 25.82 28.76 -46.88
CA ASN G 155 27.25 28.77 -47.16
C ASN G 155 27.56 29.99 -48.01
N GLU G 156 26.74 30.23 -49.02
CA GLU G 156 26.78 31.43 -49.84
C GLU G 156 25.31 31.71 -50.13
N ILE G 157 24.91 32.97 -50.12
CA ILE G 157 23.50 33.25 -50.37
C ILE G 157 23.39 33.73 -51.82
N TYR G 158 22.23 33.48 -52.42
CA TYR G 158 21.98 33.83 -53.81
C TYR G 158 20.74 34.69 -53.95
N ALA G 159 20.93 35.83 -54.62
CA ALA G 159 19.95 36.87 -54.80
C ALA G 159 19.72 37.06 -56.29
N ILE G 160 18.46 37.22 -56.67
CA ILE G 160 18.05 37.45 -58.05
C ILE G 160 17.53 38.88 -58.19
N GLY G 161 18.01 39.58 -59.20
CA GLY G 161 17.65 40.94 -59.48
C GLY G 161 16.72 41.11 -60.67
N SER G 162 16.47 42.37 -60.99
CA SER G 162 15.55 42.77 -62.05
C SER G 162 15.91 44.18 -62.49
N ILE G 163 15.85 44.43 -63.78
CA ILE G 163 15.90 45.77 -64.34
C ILE G 163 14.63 46.11 -65.11
N LYS G 164 13.56 45.37 -64.85
CA LYS G 164 12.25 45.52 -65.48
C LYS G 164 11.38 46.59 -64.78
N GLU G 165 11.99 47.69 -64.32
CA GLU G 165 11.23 48.70 -63.59
C GLU G 165 11.78 50.08 -63.91
N ASP G 166 11.11 51.10 -63.40
CA ASP G 166 11.45 52.50 -63.68
C ASP G 166 12.77 52.90 -63.05
N PHE G 167 13.53 53.72 -63.79
CA PHE G 167 14.81 54.32 -63.38
C PHE G 167 15.91 53.31 -63.15
N LEU G 168 15.69 52.02 -63.40
CA LEU G 168 16.76 51.05 -63.23
C LEU G 168 17.39 50.77 -64.58
N GLY G 169 18.71 50.65 -64.58
CA GLY G 169 19.51 50.38 -65.74
C GLY G 169 20.81 51.15 -65.64
N ALA G 170 21.45 51.33 -66.79
CA ALA G 170 22.68 52.11 -66.89
C ALA G 170 22.41 53.59 -66.63
N ILE G 171 23.43 54.30 -66.16
CA ILE G 171 23.31 55.73 -65.87
C ILE G 171 24.55 56.42 -66.41
N SER H 3 74.42 8.84 45.37
CA SER H 3 74.29 8.49 43.96
C SER H 3 72.89 8.00 43.65
N ALA H 4 72.06 7.91 44.69
CA ALA H 4 70.67 7.51 44.57
C ALA H 4 69.77 8.59 45.14
N LEU H 5 68.48 8.47 44.81
CA LEU H 5 67.49 9.47 45.22
C LEU H 5 66.76 9.10 46.50
N PHE H 6 66.60 7.82 46.79
CA PHE H 6 65.84 7.41 47.96
C PHE H 6 66.36 6.05 48.41
N ASP H 7 66.32 5.82 49.72
CA ASP H 7 66.81 4.57 50.29
C ASP H 7 66.10 4.35 51.61
N ASP H 8 65.71 3.10 51.88
CA ASP H 8 65.01 2.74 53.10
C ASP H 8 64.88 1.22 53.16
N ILE H 9 64.39 0.74 54.31
CA ILE H 9 64.12 -0.67 54.55
C ILE H 9 62.65 -0.83 54.93
N PHE H 10 61.98 -1.84 54.37
CA PHE H 10 60.54 -2.00 54.51
C PHE H 10 60.18 -3.37 55.07
N THR H 11 59.16 -3.40 55.92
CA THR H 11 58.58 -4.64 56.39
C THR H 11 57.31 -4.94 55.61
N VAL H 12 57.21 -6.15 55.07
CA VAL H 12 56.07 -6.55 54.27
C VAL H 12 54.90 -6.91 55.18
N GLN H 13 53.80 -6.17 55.05
CA GLN H 13 52.63 -6.48 55.86
C GLN H 13 51.66 -7.44 55.19
N THR H 14 51.40 -7.30 53.88
CA THR H 14 50.47 -8.17 53.19
C THR H 14 51.02 -8.55 51.82
N VAL H 15 50.69 -9.76 51.39
CA VAL H 15 51.06 -10.27 50.07
C VAL H 15 49.77 -10.84 49.50
N ASP H 16 49.13 -10.08 48.62
CA ASP H 16 47.89 -10.47 47.96
C ASP H 16 48.22 -11.23 46.69
N ASN H 17 47.82 -12.49 46.64
CA ASN H 17 47.89 -13.23 45.38
C ASN H 17 46.61 -13.04 44.58
N GLY H 18 45.54 -13.73 44.99
CA GLY H 18 44.21 -13.72 44.38
C GLY H 18 44.15 -13.71 42.88
N ARG H 19 44.27 -12.52 42.29
CA ARG H 19 43.87 -12.30 40.89
C ARG H 19 44.75 -13.08 39.93
N TYR H 20 46.06 -13.04 40.14
CA TYR H 20 47.04 -13.53 39.19
C TYR H 20 47.91 -14.62 39.80
N ASN H 21 48.45 -15.46 38.93
CA ASN H 21 49.39 -16.50 39.30
C ASN H 21 50.84 -16.05 39.36
N LYS H 22 51.19 -14.94 38.72
CA LYS H 22 52.57 -14.53 38.66
C LYS H 22 52.82 -13.13 39.21
N VAL H 23 51.82 -12.46 39.76
CA VAL H 23 52.02 -11.14 40.33
C VAL H 23 51.37 -11.12 41.70
N SER H 24 52.02 -10.46 42.65
CA SER H 24 51.50 -10.19 43.97
C SER H 24 51.70 -8.73 44.31
N ARG H 25 50.74 -8.17 45.01
CA ARG H 25 50.80 -6.83 45.55
C ARG H 25 51.31 -6.87 46.98
N ILE H 26 52.28 -6.02 47.28
CA ILE H 26 52.83 -5.99 48.63
C ILE H 26 52.63 -4.58 49.16
N ILE H 27 52.36 -4.50 50.45
CA ILE H 27 52.29 -3.23 51.17
C ILE H 27 53.38 -3.23 52.21
N GLY H 28 54.07 -2.11 52.36
CA GLY H 28 55.10 -2.02 53.38
C GLY H 28 55.16 -0.64 53.99
N ILE H 29 55.67 -0.61 55.22
CA ILE H 29 55.89 0.63 55.97
C ILE H 29 57.35 0.65 56.38
N SER H 30 57.97 1.83 56.29
CA SER H 30 59.35 2.02 56.71
C SER H 30 59.54 1.66 58.19
N THR H 31 60.54 0.81 58.46
CA THR H 31 60.93 0.49 59.83
C THR H 31 61.33 1.72 60.63
N THR H 32 61.96 2.71 59.98
CA THR H 32 62.54 3.83 60.70
C THR H 32 61.63 5.05 60.74
N ASN H 33 60.57 5.09 59.94
CA ASN H 33 59.77 6.29 59.80
C ASN H 33 58.37 5.84 59.38
N SER H 34 57.43 5.82 60.32
CA SER H 34 56.04 5.54 59.97
C SER H 34 55.47 6.66 59.09
N ALA H 35 54.29 6.40 58.53
CA ALA H 35 53.59 7.23 57.54
C ALA H 35 54.34 7.34 56.21
N ILE H 36 55.38 6.53 56.02
CA ILE H 36 56.01 6.35 54.72
C ILE H 36 55.63 4.94 54.28
N LYS H 37 54.71 4.85 53.32
CA LYS H 37 54.16 3.57 52.90
C LYS H 37 54.50 3.31 51.44
N LEU H 38 54.70 2.03 51.13
CA LEU H 38 55.06 1.58 49.79
C LEU H 38 54.09 0.49 49.37
N THR H 39 53.39 0.69 48.27
CA THR H 39 52.59 -0.36 47.65
C THR H 39 53.23 -0.74 46.32
N LEU H 40 53.50 -2.03 46.13
CA LEU H 40 54.29 -2.45 44.98
C LEU H 40 53.83 -3.81 44.47
N ASP H 41 53.55 -3.88 43.17
CA ASP H 41 53.39 -5.14 42.47
C ASP H 41 54.74 -5.73 42.09
N ILE H 42 54.90 -7.05 42.27
CA ILE H 42 56.15 -7.73 41.91
C ILE H 42 55.84 -9.09 41.32
N ASN H 43 56.79 -9.60 40.54
CA ASN H 43 56.67 -10.90 39.91
C ASN H 43 57.00 -11.97 40.94
N ASN H 44 56.02 -12.83 41.26
CA ASN H 44 56.18 -13.91 42.23
C ASN H 44 57.33 -14.86 41.91
N GLU H 45 57.40 -15.32 40.66
CA GLU H 45 58.30 -16.43 40.33
C GLU H 45 59.76 -16.01 40.31
N MET H 46 60.04 -14.75 40.10
CA MET H 46 61.39 -14.25 39.98
C MET H 46 61.91 -13.80 41.33
N PHE H 47 61.01 -13.30 42.17
CA PHE H 47 61.39 -12.72 43.45
C PHE H 47 60.30 -13.04 44.45
N PRO H 48 60.27 -14.28 44.96
CA PRO H 48 59.23 -14.66 45.92
C PRO H 48 59.45 -13.95 47.23
N VAL H 49 58.39 -13.34 47.73
CA VAL H 49 58.42 -12.63 48.99
C VAL H 49 57.40 -13.25 49.93
N SER H 50 57.71 -13.18 51.21
CA SER H 50 56.81 -13.62 52.24
C SER H 50 56.46 -12.43 53.11
N GLN H 51 55.46 -12.62 53.97
CA GLN H 51 55.08 -11.57 54.89
C GLN H 51 56.15 -11.42 55.96
N ASP H 52 56.35 -10.17 56.42
CA ASP H 52 57.31 -9.73 57.43
C ASP H 52 58.74 -9.71 56.92
N ASP H 53 58.96 -9.87 55.63
CA ASP H 53 60.30 -9.82 55.08
C ASP H 53 60.85 -8.40 55.09
N SER H 54 62.14 -8.28 55.33
CA SER H 54 62.84 -7.00 55.29
C SER H 54 63.47 -6.80 53.92
N LEU H 55 63.16 -5.66 53.29
CA LEU H 55 63.56 -5.38 51.92
C LEU H 55 64.16 -4.00 51.85
N THR H 56 65.37 -3.90 51.32
CA THR H 56 66.00 -2.60 51.07
C THR H 56 65.56 -2.12 49.70
N VAL H 57 64.98 -0.93 49.64
CA VAL H 57 64.40 -0.41 48.41
C VAL H 57 65.13 0.88 48.09
N THR H 58 65.78 0.91 46.94
CA THR H 58 66.47 2.10 46.46
C THR H 58 65.82 2.60 45.18
N LEU H 59 65.71 3.91 45.05
CA LEU H 59 65.18 4.55 43.85
C LEU H 59 66.23 5.45 43.23
N ALA H 60 66.60 5.17 42.00
CA ALA H 60 67.60 5.95 41.28
C ALA H 60 66.99 6.40 39.97
N ASN H 61 67.56 7.44 39.39
CA ASN H 61 67.21 7.85 38.04
C ASN H 61 68.23 7.42 37.00
N SER H 62 69.25 6.67 37.40
CA SER H 62 70.27 6.17 36.49
C SER H 62 70.99 5.03 37.20
N LEU H 63 71.37 4.01 36.44
CA LEU H 63 72.16 2.93 36.98
C LEU H 63 73.65 3.08 36.73
N SER H 64 74.09 4.19 36.17
CA SER H 64 75.49 4.35 35.82
C SER H 64 76.28 4.88 37.01
N LEU H 65 77.33 4.14 37.40
CA LEU H 65 78.14 4.54 38.54
C LEU H 65 79.04 5.73 38.21
N LYS H 76 69.99 5.13 24.17
CA LYS H 76 68.56 4.99 24.44
C LYS H 76 68.00 3.64 24.01
N SER H 77 68.69 2.94 23.11
CA SER H 77 68.20 1.69 22.57
C SER H 77 68.87 0.60 23.39
N TRP H 78 68.05 -0.14 24.15
CA TRP H 78 68.52 -1.16 25.07
C TRP H 78 69.33 -2.23 24.34
N ARG H 79 70.43 -2.61 24.95
CA ARG H 79 71.24 -3.68 24.42
C ARG H 79 71.50 -4.69 25.52
N PRO H 80 71.70 -5.96 25.16
CA PRO H 80 72.07 -6.96 26.16
C PRO H 80 73.33 -6.55 26.90
N PRO H 81 73.32 -6.61 28.23
CA PRO H 81 74.46 -6.08 29.00
C PRO H 81 75.72 -6.89 28.77
N LYS H 82 76.83 -6.19 28.56
CA LYS H 82 78.11 -6.86 28.47
C LYS H 82 78.54 -7.33 29.85
N PRO H 83 79.12 -8.52 29.97
CA PRO H 83 79.63 -8.96 31.27
C PRO H 83 80.78 -8.13 31.83
N THR H 84 81.46 -7.32 31.00
CA THR H 84 82.59 -6.54 31.49
C THR H 84 82.18 -5.23 32.19
N ASP H 85 81.11 -4.57 31.77
CA ASP H 85 80.76 -3.30 32.38
C ASP H 85 80.06 -3.52 33.71
N LYS H 86 79.85 -2.43 34.44
CA LYS H 86 79.34 -2.55 35.80
C LYS H 86 78.44 -1.36 36.10
N SER H 87 77.36 -1.65 36.81
CA SER H 87 76.29 -0.71 37.09
C SER H 87 75.78 -0.98 38.48
N LEU H 88 74.97 -0.04 38.99
CA LEU H 88 74.32 -0.15 40.30
C LEU H 88 73.56 -1.47 40.50
N ALA H 89 73.10 -2.10 39.43
CA ALA H 89 72.25 -3.26 39.55
C ALA H 89 73.02 -4.53 39.89
N ASP H 90 74.34 -4.49 39.88
CA ASP H 90 75.13 -5.68 40.19
C ASP H 90 74.99 -6.15 41.63
N ASP H 91 74.56 -5.26 42.53
CA ASP H 91 74.44 -5.57 43.94
C ASP H 91 73.01 -5.81 44.40
N TYR H 92 72.04 -5.79 43.50
CA TYR H 92 70.66 -6.06 43.87
C TYR H 92 70.11 -7.28 43.15
N ASP H 93 68.98 -7.76 43.67
CA ASP H 93 68.33 -8.98 43.18
C ASP H 93 67.23 -8.72 42.18
N TYR H 94 66.53 -7.59 42.28
CA TYR H 94 65.32 -7.37 41.52
C TYR H 94 65.29 -5.91 41.15
N VAL H 95 65.34 -5.61 39.86
CA VAL H 95 65.37 -4.23 39.38
C VAL H 95 64.23 -4.04 38.42
N MET H 96 63.56 -2.90 38.49
CA MET H 96 62.49 -2.57 37.55
C MET H 96 62.68 -1.15 37.08
N PHE H 97 62.22 -0.86 35.87
CA PHE H 97 62.29 0.47 35.28
C PHE H 97 60.90 1.00 34.93
N GLY H 98 60.66 2.28 35.22
CA GLY H 98 59.30 2.75 35.09
C GLY H 98 59.13 4.23 34.79
N THR H 99 57.87 4.62 34.69
CA THR H 99 57.44 5.95 34.33
C THR H 99 56.66 6.58 35.48
N VAL H 100 57.03 7.79 35.87
CA VAL H 100 56.25 8.52 36.88
C VAL H 100 55.04 9.13 36.22
N TYR H 101 53.84 8.73 36.64
CA TYR H 101 52.64 9.22 35.98
C TYR H 101 51.75 10.08 36.86
N LYS H 102 52.14 10.34 38.12
CA LYS H 102 51.39 11.25 38.98
C LYS H 102 52.29 11.67 40.11
N PHE H 103 52.40 12.99 40.31
CA PHE H 103 53.12 13.62 41.41
C PHE H 103 52.16 14.46 42.25
N GLU H 104 51.76 13.94 43.41
CA GLU H 104 50.70 14.48 44.24
C GLU H 104 51.26 15.46 45.26
N GLU H 105 50.97 16.76 45.07
CA GLU H 105 51.37 17.79 46.03
C GLU H 105 50.15 17.94 46.95
N GLY H 106 50.13 17.08 47.96
CA GLY H 106 49.02 16.88 48.86
C GLY H 106 49.02 17.77 50.09
N ASP H 107 48.16 17.39 51.04
CA ASP H 107 47.92 18.06 52.31
C ASP H 107 49.13 17.78 53.20
N GLU H 108 49.21 18.52 54.34
CA GLU H 108 50.37 18.74 55.22
C GLU H 108 51.61 17.92 54.93
N ASP H 109 51.60 16.60 55.09
CA ASP H 109 52.77 15.95 54.52
C ASP H 109 52.37 14.65 53.83
N LYS H 110 51.16 14.61 53.27
CA LYS H 110 50.70 13.41 52.56
C LYS H 110 51.14 13.49 51.10
N ILE H 111 52.25 12.88 50.74
CA ILE H 111 52.72 12.92 49.36
C ILE H 111 52.64 11.51 48.81
N LYS H 112 52.02 11.35 47.63
CA LYS H 112 51.97 10.05 46.99
C LYS H 112 52.65 10.19 45.64
N VAL H 113 53.42 9.18 45.27
CA VAL H 113 54.11 9.14 43.99
C VAL H 113 53.70 7.85 43.30
N TYR H 114 52.98 7.98 42.19
CA TYR H 114 52.52 6.83 41.44
C TYR H 114 53.45 6.62 40.26
N VAL H 115 53.96 5.40 40.12
CA VAL H 115 54.85 5.02 39.04
C VAL H 115 54.30 3.74 38.42
N SER H 116 54.43 3.62 37.10
CA SER H 116 53.99 2.45 36.35
C SER H 116 55.19 1.75 35.73
N PHE H 117 55.44 0.51 36.15
CA PHE H 117 56.49 -0.32 35.56
C PHE H 117 55.87 -1.25 34.53
N GLY H 118 55.54 -0.70 33.37
CA GLY H 118 54.85 -1.46 32.34
C GLY H 118 53.52 -2.04 32.75
N GLY H 119 52.78 -1.37 33.61
CA GLY H 119 51.53 -1.87 34.12
C GLY H 119 51.64 -2.51 35.48
N LEU H 120 52.83 -2.89 35.89
CA LEU H 120 53.11 -3.18 37.30
C LEU H 120 53.19 -1.87 38.07
N LEU H 121 52.28 -1.66 39.00
CA LEU H 121 52.05 -0.33 39.56
C LEU H 121 52.75 -0.20 40.91
N MET H 122 53.11 1.04 41.24
CA MET H 122 53.68 1.37 42.53
C MET H 122 53.02 2.64 43.04
N CYS H 123 52.64 2.64 44.32
CA CYS H 123 52.38 3.87 45.05
C CYS H 123 53.36 3.99 46.20
N LEU H 124 54.06 5.11 46.26
CA LEU H 124 54.96 5.43 47.36
C LEU H 124 54.40 6.62 48.12
N GLU H 125 54.08 6.41 49.39
CA GLU H 125 53.58 7.46 50.26
C GLU H 125 54.69 7.90 51.20
N GLY H 126 54.68 9.16 51.59
CA GLY H 126 55.72 9.65 52.46
C GLY H 126 55.73 11.17 52.53
N GLY H 127 56.80 11.70 53.12
CA GLY H 127 56.91 13.12 53.34
C GLY H 127 57.71 13.88 52.31
N TYR H 128 57.50 15.21 52.32
CA TYR H 128 58.14 16.10 51.34
C TYR H 128 59.66 16.05 51.42
N LYS H 129 60.20 16.04 52.63
CA LYS H 129 61.65 16.06 52.82
C LYS H 129 62.32 14.77 52.34
N SER H 130 61.59 13.66 52.38
CA SER H 130 62.09 12.38 51.90
C SER H 130 61.91 12.16 50.40
N LEU H 131 60.98 12.88 49.77
CA LEU H 131 60.58 12.57 48.39
C LEU H 131 60.68 13.71 47.40
N ALA H 132 61.20 14.87 47.79
CA ALA H 132 61.24 16.03 46.90
C ALA H 132 62.08 15.79 45.65
N SER H 133 63.13 14.98 45.78
CA SER H 133 64.01 14.71 44.65
C SER H 133 63.39 13.77 43.63
N LEU H 134 62.34 13.03 44.00
CA LEU H 134 61.68 12.06 43.13
C LEU H 134 60.83 12.67 42.01
N LYS H 135 60.70 13.98 41.88
CA LYS H 135 59.95 14.54 40.75
C LYS H 135 60.76 14.36 39.48
N GLN H 136 60.71 13.16 38.93
CA GLN H 136 61.52 12.78 37.79
C GLN H 136 60.63 12.29 36.65
N ASP H 137 61.25 12.13 35.49
CA ASP H 137 60.59 11.50 34.35
C ASP H 137 60.58 9.99 34.44
N ASN H 138 61.71 9.39 34.78
CA ASN H 138 61.79 7.94 34.89
C ASN H 138 62.46 7.54 36.19
N LEU H 139 62.16 6.34 36.66
CA LEU H 139 62.75 5.85 37.89
C LEU H 139 63.09 4.39 37.75
N TYR H 140 64.25 4.01 38.25
CA TYR H 140 64.54 2.63 38.60
C TYR H 140 64.13 2.37 40.03
N ILE H 141 63.73 1.13 40.30
CA ILE H 141 63.56 0.64 41.66
C ILE H 141 64.44 -0.58 41.81
N LEU H 142 65.20 -0.61 42.89
CA LEU H 142 66.12 -1.70 43.16
C LEU H 142 65.75 -2.28 44.52
N ILE H 143 65.67 -3.60 44.59
CA ILE H 143 65.22 -4.30 45.79
C ILE H 143 66.32 -5.26 46.18
N ARG H 144 66.71 -5.22 47.45
CA ARG H 144 67.79 -6.05 47.97
C ARG H 144 67.30 -7.06 48.98
N ARG H 145 67.76 -8.30 48.81
CA ARG H 145 67.56 -9.47 49.66
C ARG H 145 66.15 -10.03 49.55
N SER I 3 -37.58 -18.29 28.73
CA SER I 3 -38.64 -19.11 28.14
C SER I 3 -39.69 -18.23 27.48
N PHE I 4 -39.74 -18.25 26.14
CA PHE I 4 -40.72 -17.48 25.40
C PHE I 4 -41.62 -18.47 24.67
N ARG I 5 -42.92 -18.19 24.59
CA ARG I 5 -43.76 -19.30 24.15
C ARG I 5 -44.45 -19.07 22.81
N PHE I 6 -45.05 -20.15 22.35
CA PHE I 6 -45.74 -20.29 21.08
C PHE I 6 -47.21 -20.64 21.26
N CYS I 7 -48.03 -20.16 20.33
CA CYS I 7 -49.46 -20.42 20.34
C CYS I 7 -49.68 -21.92 20.20
N LEU I 8 -50.58 -22.46 21.02
CA LEU I 8 -50.80 -23.90 21.00
C LEU I 8 -51.61 -24.39 19.82
N GLU I 9 -52.16 -23.51 18.98
CA GLU I 9 -52.93 -23.92 17.82
C GLU I 9 -52.33 -23.51 16.50
N CYS I 10 -51.44 -22.52 16.48
CA CYS I 10 -50.88 -22.02 15.24
C CYS I 10 -49.38 -22.20 15.20
N ASN I 11 -48.75 -22.39 16.36
CA ASN I 11 -47.33 -22.57 16.67
C ASN I 11 -46.48 -21.34 16.39
N ASN I 12 -47.08 -20.24 15.94
CA ASN I 12 -46.38 -18.97 15.79
C ASN I 12 -46.26 -18.28 17.14
N MET I 13 -45.34 -17.31 17.20
CA MET I 13 -44.96 -16.72 18.47
C MET I 13 -45.96 -15.66 18.94
N LEU I 14 -46.18 -15.63 20.26
CA LEU I 14 -47.09 -14.68 20.85
C LEU I 14 -46.38 -13.38 21.20
N TYR I 15 -47.04 -12.25 20.95
CA TYR I 15 -46.43 -10.98 21.36
C TYR I 15 -47.21 -10.35 22.51
N PRO I 16 -46.54 -9.68 23.45
CA PRO I 16 -47.28 -9.07 24.56
C PRO I 16 -48.01 -7.82 24.10
N LYS I 17 -49.28 -7.69 24.51
CA LYS I 17 -50.10 -6.54 24.15
C LYS I 17 -51.04 -6.23 25.30
N GLU I 18 -51.25 -4.95 25.60
CA GLU I 18 -52.11 -4.57 26.71
C GLU I 18 -53.58 -4.58 26.28
N ASP I 19 -54.43 -5.08 27.17
CA ASP I 19 -55.88 -4.93 27.08
C ASP I 19 -56.36 -3.67 27.80
N LYS I 20 -56.54 -2.59 27.05
CA LYS I 20 -56.79 -1.27 27.63
C LYS I 20 -58.09 -1.24 28.42
N GLU I 21 -59.12 -1.96 27.95
CA GLU I 21 -60.44 -1.87 28.54
C GLU I 21 -60.50 -2.54 29.92
N ASN I 22 -59.93 -3.74 30.07
CA ASN I 22 -59.96 -4.42 31.35
C ASN I 22 -58.75 -4.06 32.21
N GLN I 23 -57.78 -3.36 31.62
CA GLN I 23 -56.52 -2.91 32.22
C GLN I 23 -55.70 -4.09 32.75
N ARG I 24 -55.36 -4.97 31.80
CA ARG I 24 -54.54 -6.15 32.07
C ARG I 24 -53.65 -6.47 30.89
N LEU I 25 -52.52 -7.12 31.20
CA LEU I 25 -51.52 -7.52 30.20
C LEU I 25 -51.90 -8.86 29.58
N LEU I 26 -51.90 -8.92 28.26
CA LEU I 26 -52.14 -10.13 27.48
C LEU I 26 -50.92 -10.52 26.66
N TYR I 27 -50.95 -11.78 26.18
CA TYR I 27 -50.01 -12.30 25.20
C TYR I 27 -50.78 -12.64 23.93
N SER I 28 -50.63 -11.82 22.89
CA SER I 28 -51.37 -12.00 21.66
C SER I 28 -50.54 -12.58 20.52
N CYS I 29 -51.19 -13.36 19.68
CA CYS I 29 -50.65 -13.90 18.43
C CYS I 29 -50.70 -12.82 17.34
N ARG I 30 -50.16 -13.16 16.16
CA ARG I 30 -50.14 -12.23 15.05
C ARG I 30 -50.70 -12.85 13.78
N ASN I 31 -50.93 -14.15 13.75
CA ASN I 31 -51.59 -14.78 12.61
C ASN I 31 -53.02 -15.20 12.87
N CYS I 32 -53.49 -15.13 14.12
CA CYS I 32 -54.87 -15.49 14.41
C CYS I 32 -55.31 -14.75 15.66
N ASP I 33 -56.51 -15.07 16.13
CA ASP I 33 -57.19 -14.32 17.17
C ASP I 33 -56.93 -14.86 18.58
N TYR I 34 -56.03 -15.83 18.74
CA TYR I 34 -55.83 -16.43 20.05
C TYR I 34 -55.14 -15.44 20.97
N THR I 35 -55.56 -15.42 22.25
CA THR I 35 -54.96 -14.53 23.24
C THR I 35 -55.09 -15.21 24.60
N GLU I 36 -54.15 -14.94 25.51
CA GLU I 36 -54.16 -15.54 26.84
C GLU I 36 -53.55 -14.57 27.84
N LEU I 37 -53.81 -14.84 29.12
CA LEU I 37 -53.41 -13.98 30.21
C LEU I 37 -51.94 -14.15 30.59
N ALA I 38 -51.30 -13.04 30.95
CA ALA I 38 -49.88 -13.01 31.28
C ALA I 38 -49.71 -13.35 32.76
N GLU I 39 -48.87 -14.35 33.05
CA GLU I 39 -48.52 -14.69 34.42
C GLU I 39 -47.41 -13.81 35.00
N ASP I 40 -46.66 -13.09 34.18
CA ASP I 40 -45.46 -12.38 34.64
C ASP I 40 -45.50 -10.94 34.13
N PRO I 41 -45.47 -9.93 35.02
CA PRO I 41 -45.42 -8.54 34.54
C PRO I 41 -44.12 -8.22 33.81
N LYS I 42 -43.04 -8.99 34.05
CA LYS I 42 -41.77 -8.72 33.39
C LYS I 42 -41.86 -9.15 31.95
N VAL I 43 -41.35 -8.32 31.04
CA VAL I 43 -41.49 -8.57 29.62
C VAL I 43 -40.13 -8.77 28.95
N TYR I 44 -39.06 -8.22 29.50
CA TYR I 44 -37.77 -8.18 28.85
C TYR I 44 -36.74 -7.91 29.94
N ARG I 45 -35.59 -8.57 29.84
CA ARG I 45 -34.48 -8.30 30.75
C ARG I 45 -33.20 -8.28 29.93
N HIS I 46 -32.32 -7.36 30.30
CA HIS I 46 -31.02 -7.16 29.66
C HIS I 46 -29.96 -7.08 30.74
N GLU I 47 -29.10 -8.09 30.79
CA GLU I 47 -28.04 -8.18 31.78
C GLU I 47 -26.77 -7.62 31.14
N LEU I 48 -26.28 -6.51 31.68
CA LEU I 48 -25.00 -5.95 31.26
C LEU I 48 -23.85 -6.61 31.98
N ILE I 49 -23.92 -6.70 33.31
CA ILE I 49 -22.93 -7.46 34.08
C ILE I 49 -23.52 -8.86 34.24
N THR I 50 -23.14 -9.77 33.34
CA THR I 50 -23.76 -11.09 33.29
C THR I 50 -22.80 -12.15 33.83
N ASN I 51 -23.39 -13.25 34.32
CA ASN I 51 -22.64 -14.41 34.75
C ASN I 51 -23.18 -15.70 34.13
N ILE I 52 -24.08 -15.59 33.15
CA ILE I 52 -24.73 -16.76 32.57
C ILE I 52 -23.81 -17.50 31.61
N GLY I 53 -23.87 -18.82 31.69
CA GLY I 53 -23.03 -19.82 31.07
C GLY I 53 -21.70 -20.09 31.75
N GLU I 54 -21.49 -19.59 32.96
CA GLU I 54 -20.22 -19.83 33.65
C GLU I 54 -20.07 -21.30 34.01
N THR I 55 -21.06 -21.82 34.74
CA THR I 55 -21.28 -23.14 35.31
C THR I 55 -21.95 -24.18 34.41
N ALA I 56 -22.90 -23.74 33.58
CA ALA I 56 -23.71 -24.46 32.54
C ALA I 56 -23.13 -25.79 32.06
N GLY I 57 -21.94 -25.86 31.44
CA GLY I 57 -21.66 -27.13 30.77
C GLY I 57 -21.26 -28.21 31.78
N ILE I 58 -22.27 -28.79 32.43
CA ILE I 58 -22.12 -29.93 33.33
C ILE I 58 -22.59 -31.22 32.64
N VAL I 59 -21.72 -32.10 32.16
CA VAL I 59 -22.31 -33.23 31.46
C VAL I 59 -22.03 -34.50 32.29
N ASP I 60 -22.88 -35.51 32.06
CA ASP I 60 -22.75 -36.79 32.78
C ASP I 60 -21.49 -37.60 32.49
N ASP I 61 -20.84 -37.40 31.35
CA ASP I 61 -19.67 -38.21 31.01
C ASP I 61 -18.35 -37.48 31.12
N ILE I 62 -18.32 -36.35 31.82
CA ILE I 62 -17.09 -35.58 31.95
C ILE I 62 -16.00 -36.37 32.69
N GLY I 63 -16.38 -37.27 33.59
CA GLY I 63 -15.44 -38.14 34.28
C GLY I 63 -14.86 -39.27 33.45
N GLN I 64 -15.35 -39.48 32.24
CA GLN I 64 -14.81 -40.50 31.36
C GLN I 64 -13.69 -39.97 30.48
N ASP I 65 -13.47 -38.68 30.50
CA ASP I 65 -12.45 -37.94 29.77
C ASP I 65 -11.12 -38.06 30.52
N PRO I 66 -10.18 -38.88 30.03
CA PRO I 66 -8.93 -39.10 30.77
C PRO I 66 -7.96 -37.94 30.70
N THR I 67 -8.27 -36.90 29.92
CA THR I 67 -7.41 -35.73 29.79
C THR I 67 -7.61 -34.71 30.90
N LEU I 68 -8.65 -34.84 31.68
CA LEU I 68 -8.95 -33.95 32.80
C LEU I 68 -8.12 -34.30 34.03
N PRO I 69 -7.61 -33.29 34.73
CA PRO I 69 -6.87 -33.53 35.96
C PRO I 69 -7.79 -33.94 37.09
N ARG I 70 -7.23 -34.68 38.04
CA ARG I 70 -7.98 -35.27 39.13
C ARG I 70 -7.52 -34.67 40.45
N SER I 71 -8.45 -34.59 41.40
CA SER I 71 -8.21 -33.93 42.67
C SER I 71 -8.67 -34.81 43.82
N ASP I 72 -8.33 -34.34 45.02
CA ASP I 72 -8.67 -35.01 46.26
C ASP I 72 -9.88 -34.42 47.00
N LYS I 73 -10.48 -33.34 46.46
CA LYS I 73 -11.52 -32.60 47.19
C LYS I 73 -12.67 -33.49 47.59
N GLU I 74 -13.17 -33.28 48.81
CA GLU I 74 -14.25 -34.08 49.36
C GLU I 74 -15.60 -33.61 48.83
N CYS I 75 -16.36 -34.54 48.25
CA CYS I 75 -17.70 -34.23 47.79
C CYS I 75 -18.60 -33.92 48.99
N PRO I 76 -19.44 -32.88 48.91
CA PRO I 76 -20.39 -32.67 50.02
C PRO I 76 -21.43 -33.77 50.12
N GLU I 77 -21.89 -34.30 48.99
CA GLU I 77 -22.93 -35.33 49.02
C GLU I 77 -22.42 -36.70 49.47
N CYS I 78 -21.66 -37.36 48.61
CA CYS I 78 -21.22 -38.73 48.84
C CYS I 78 -19.85 -38.88 49.45
N HIS I 79 -19.06 -37.80 49.55
CA HIS I 79 -17.72 -37.81 50.14
C HIS I 79 -16.73 -38.73 49.39
N SER I 80 -16.84 -38.82 48.07
CA SER I 80 -15.85 -39.55 47.27
C SER I 80 -14.55 -38.78 47.10
N ARG I 81 -13.47 -39.57 46.92
CA ARG I 81 -12.09 -39.08 46.80
C ARG I 81 -11.62 -39.20 45.35
N ASP I 82 -12.47 -38.80 44.41
CA ASP I 82 -12.18 -39.00 42.98
C ASP I 82 -13.08 -38.06 42.19
N CYS I 83 -12.48 -37.08 41.54
CA CYS I 83 -13.24 -36.09 40.79
C CYS I 83 -12.39 -35.58 39.64
N VAL I 84 -13.03 -34.87 38.72
CA VAL I 84 -12.31 -34.10 37.71
C VAL I 84 -12.56 -32.63 37.99
N PHE I 85 -11.63 -31.77 37.56
CA PHE I 85 -11.83 -30.34 37.77
C PHE I 85 -11.42 -29.58 36.52
N PHE I 86 -11.84 -28.32 36.45
CA PHE I 86 -11.59 -27.49 35.28
C PHE I 86 -11.92 -26.06 35.62
N GLN I 87 -11.17 -25.12 35.04
CA GLN I 87 -11.52 -23.73 35.22
C GLN I 87 -12.75 -23.41 34.35
N SER I 88 -13.27 -22.19 34.51
CA SER I 88 -14.49 -21.77 33.82
C SER I 88 -14.39 -21.90 32.31
N GLN I 89 -15.44 -22.45 31.70
CA GLN I 89 -15.59 -22.56 30.25
C GLN I 89 -16.14 -21.29 29.61
N GLN I 90 -16.31 -20.23 30.38
CA GLN I 90 -16.67 -18.94 29.84
C GLN I 90 -15.48 -18.29 29.16
N ARG I 91 -15.64 -17.95 27.89
CA ARG I 91 -14.56 -17.44 27.03
C ARG I 91 -14.49 -15.93 26.99
N ARG I 92 -14.81 -15.27 28.10
CA ARG I 92 -14.64 -13.84 28.16
C ARG I 92 -13.19 -13.53 28.53
N LYS I 93 -12.76 -12.30 28.26
CA LYS I 93 -11.38 -11.95 28.54
C LYS I 93 -11.15 -11.66 30.03
N ASP I 94 -12.18 -11.21 30.72
CA ASP I 94 -12.12 -10.89 32.14
C ASP I 94 -12.51 -12.05 33.05
N THR I 95 -12.73 -13.25 32.48
CA THR I 95 -13.16 -14.42 33.25
C THR I 95 -12.14 -14.75 34.32
N ASN I 96 -12.63 -15.12 35.50
CA ASN I 96 -11.78 -15.55 36.60
C ASN I 96 -11.10 -16.87 36.22
N MET I 97 -10.14 -17.27 37.05
CA MET I 97 -9.41 -18.52 36.87
C MET I 97 -9.79 -19.55 37.92
N THR I 98 -10.81 -19.28 38.72
CA THR I 98 -11.22 -20.18 39.79
C THR I 98 -11.71 -21.49 39.22
N LEU I 99 -11.43 -22.56 39.93
CA LEU I 99 -11.68 -23.88 39.40
C LEU I 99 -13.06 -24.37 39.81
N PHE I 100 -13.67 -25.15 38.94
CA PHE I 100 -14.85 -25.93 39.25
C PHE I 100 -14.46 -27.39 39.39
N TYR I 101 -14.93 -28.03 40.44
CA TYR I 101 -14.72 -29.45 40.66
C TYR I 101 -16.05 -30.14 40.43
N VAL I 102 -16.01 -31.32 39.81
CA VAL I 102 -17.21 -32.12 39.59
C VAL I 102 -17.03 -33.50 40.19
N CYS I 103 -17.84 -33.81 41.20
CA CYS I 103 -17.82 -35.14 41.81
C CYS I 103 -18.35 -36.11 40.76
N LEU I 104 -17.63 -37.20 40.55
CA LEU I 104 -18.12 -38.13 39.53
C LEU I 104 -19.37 -38.91 39.95
N ASN I 105 -19.83 -38.79 41.19
CA ASN I 105 -21.00 -39.55 41.66
C ASN I 105 -22.25 -38.68 41.51
N CYS I 106 -22.36 -37.59 42.30
CA CYS I 106 -23.56 -36.76 42.21
C CYS I 106 -23.48 -35.62 41.19
N LYS I 107 -22.32 -35.40 40.55
CA LYS I 107 -22.10 -34.34 39.56
C LYS I 107 -22.36 -32.92 40.08
N LYS I 108 -22.15 -32.67 41.37
CA LYS I 108 -22.25 -31.30 41.86
C LYS I 108 -20.96 -30.53 41.53
N THR I 109 -21.12 -29.22 41.28
CA THR I 109 -20.06 -28.25 41.00
C THR I 109 -19.76 -27.26 42.14
N PHE I 110 -18.56 -27.33 42.71
CA PHE I 110 -18.16 -26.42 43.79
C PHE I 110 -16.84 -25.73 43.42
N ARG I 111 -16.37 -24.85 44.31
CA ARG I 111 -15.14 -24.06 44.14
C ARG I 111 -14.26 -24.15 45.38
N ASP I 112 -13.11 -23.48 45.30
CA ASP I 112 -12.17 -23.36 46.41
C ASP I 112 -12.23 -22.01 47.14
N GLU I 113 -13.40 -21.39 47.29
CA GLU I 113 -13.43 -20.12 48.00
C GLU I 113 -13.79 -20.27 49.48
N MET J 1 34.76 -44.88 -1.93
CA MET J 1 34.55 -45.59 -3.17
C MET J 1 35.36 -46.85 -3.15
N ILE J 2 36.65 -46.67 -2.92
CA ILE J 2 37.60 -47.76 -2.69
C ILE J 2 38.54 -47.21 -1.65
N ILE J 3 39.16 -48.10 -0.87
CA ILE J 3 40.02 -47.73 0.28
C ILE J 3 41.09 -46.74 -0.15
N PRO J 4 41.22 -45.62 0.54
CA PRO J 4 42.27 -44.65 0.21
C PRO J 4 43.66 -45.22 0.40
N VAL J 5 44.58 -44.76 -0.45
CA VAL J 5 45.96 -45.21 -0.37
C VAL J 5 46.59 -44.73 0.94
N ARG J 6 46.42 -43.45 1.26
CA ARG J 6 47.03 -42.89 2.46
C ARG J 6 45.98 -42.39 3.43
N CYS J 7 46.31 -42.41 4.71
CA CYS J 7 45.60 -41.64 5.72
C CYS J 7 45.68 -40.17 5.34
N PHE J 8 44.53 -39.49 5.30
CA PHE J 8 44.50 -38.08 4.96
C PHE J 8 45.33 -37.22 5.91
N SER J 9 45.24 -37.49 7.20
CA SER J 9 45.81 -36.57 8.19
C SER J 9 47.31 -36.74 8.39
N CYS J 10 47.81 -37.97 8.45
CA CYS J 10 49.23 -38.17 8.74
C CYS J 10 50.03 -38.77 7.61
N GLY J 11 49.41 -39.42 6.65
CA GLY J 11 50.12 -39.97 5.52
C GLY J 11 50.53 -41.43 5.57
N LYS J 12 50.35 -42.12 6.70
CA LYS J 12 50.71 -43.54 6.78
C LYS J 12 49.92 -44.32 5.74
N VAL J 13 50.58 -45.25 5.04
CA VAL J 13 49.90 -46.06 4.05
C VAL J 13 48.90 -46.97 4.73
N VAL J 14 47.64 -46.91 4.29
CA VAL J 14 46.60 -47.81 4.75
C VAL J 14 45.92 -48.54 3.62
N GLY J 15 46.32 -48.31 2.37
CA GLY J 15 45.64 -48.99 1.30
C GLY J 15 46.01 -50.45 1.11
N ASP J 16 46.96 -50.99 1.88
CA ASP J 16 47.30 -52.39 1.78
C ASP J 16 46.75 -53.23 2.93
N LYS J 17 45.88 -52.65 3.74
CA LYS J 17 45.41 -53.31 4.95
C LYS J 17 43.92 -53.59 4.91
N TRP J 18 43.26 -53.31 3.79
CA TRP J 18 41.81 -53.46 3.70
C TRP J 18 41.40 -54.92 3.66
N ASP J 19 42.08 -55.72 2.86
CA ASP J 19 41.80 -57.15 2.78
C ASP J 19 42.04 -57.83 4.10
N ALA J 20 43.15 -57.51 4.76
CA ALA J 20 43.45 -58.07 6.07
C ALA J 20 42.38 -57.73 7.10
N TYR J 21 41.78 -56.54 7.01
CA TYR J 21 40.76 -56.14 7.96
C TYR J 21 39.45 -56.92 7.80
N LEU J 22 39.01 -57.16 6.57
CA LEU J 22 37.78 -57.93 6.36
C LEU J 22 37.92 -59.38 6.83
N ARG J 23 39.10 -59.98 6.64
CA ARG J 23 39.31 -61.35 7.05
C ARG J 23 39.23 -61.50 8.57
N LEU J 24 39.85 -60.57 9.31
CA LEU J 24 39.80 -60.55 10.77
C LEU J 24 38.39 -60.44 11.32
N LEU J 25 37.48 -59.79 10.60
CA LEU J 25 36.10 -59.69 11.07
C LEU J 25 35.35 -60.99 10.93
N GLU J 26 35.67 -61.79 9.91
CA GLU J 26 35.08 -63.12 9.82
C GLU J 26 35.47 -63.97 11.02
N GLU J 27 36.73 -63.92 11.44
CA GLU J 27 37.13 -64.66 12.63
C GLU J 27 36.52 -64.14 13.96
N GLY J 28 35.58 -63.19 13.97
CA GLY J 28 34.91 -62.75 15.17
C GLY J 28 35.60 -61.69 15.99
N LYS J 29 36.74 -61.17 15.58
CA LYS J 29 37.36 -60.08 16.31
C LYS J 29 36.50 -58.83 16.25
N GLN J 30 36.60 -58.03 17.31
CA GLN J 30 35.93 -56.74 17.36
C GLN J 30 36.78 -55.70 16.67
N GLU J 31 36.11 -54.65 16.19
CA GLU J 31 36.71 -53.66 15.29
C GLU J 31 37.93 -53.03 15.91
N GLY J 32 37.83 -52.64 17.19
CA GLY J 32 38.95 -52.06 17.90
C GLY J 32 40.15 -52.98 17.95
N ASP J 33 39.91 -54.27 18.21
CA ASP J 33 40.99 -55.25 18.29
C ASP J 33 41.61 -55.52 16.92
N ALA J 34 40.79 -55.61 15.87
CA ALA J 34 41.29 -55.79 14.52
C ALA J 34 42.24 -54.68 14.10
N LEU J 35 41.86 -53.43 14.38
CA LEU J 35 42.73 -52.29 14.09
C LEU J 35 44.02 -52.37 14.90
N ASP J 36 43.92 -52.81 16.16
CA ASP J 36 45.09 -52.97 17.02
C ASP J 36 46.08 -53.96 16.44
N GLU J 37 45.58 -55.11 15.93
CA GLU J 37 46.47 -56.12 15.36
C GLU J 37 47.20 -55.58 14.13
N LEU J 38 46.55 -54.72 13.35
CA LEU J 38 47.19 -54.16 12.17
C LEU J 38 48.18 -53.05 12.48
N LYS J 39 48.37 -52.72 13.76
CA LYS J 39 49.29 -51.69 14.26
C LYS J 39 48.89 -50.27 13.84
N LEU J 40 47.59 -50.01 13.69
CA LEU J 40 47.13 -48.66 13.39
C LEU J 40 46.85 -47.98 14.73
N LYS J 41 47.85 -47.32 15.28
CA LYS J 41 47.73 -46.88 16.66
C LYS J 41 47.13 -45.49 16.78
N ARG J 42 47.57 -44.53 15.96
CA ARG J 42 47.01 -43.19 16.02
C ARG J 42 45.59 -43.21 15.48
N TYR J 43 44.71 -42.44 16.12
CA TYR J 43 43.31 -42.46 15.73
C TYR J 43 43.03 -41.80 14.39
N CYS J 44 43.95 -40.98 13.86
CA CYS J 44 43.80 -40.53 12.48
C CYS J 44 43.81 -41.70 11.50
N CYS J 45 44.70 -42.67 11.69
CA CYS J 45 44.73 -43.82 10.80
C CYS J 45 43.53 -44.71 11.00
N ARG J 46 43.06 -44.85 12.25
CA ARG J 46 41.93 -45.70 12.56
C ARG J 46 40.64 -45.28 11.89
N ARG J 47 40.32 -43.98 11.84
CA ARG J 47 39.13 -43.50 11.15
C ARG J 47 39.08 -43.98 9.70
N MET J 48 40.23 -43.99 9.01
CA MET J 48 40.31 -44.35 7.60
C MET J 48 39.75 -45.74 7.35
N VAL J 49 40.16 -46.71 8.16
CA VAL J 49 39.71 -48.06 7.91
C VAL J 49 38.34 -48.31 8.52
N LEU J 50 38.12 -47.82 9.73
CA LEU J 50 36.88 -48.07 10.45
C LEU J 50 35.66 -47.46 9.78
N THR J 51 35.82 -46.32 9.12
CA THR J 51 34.67 -45.61 8.58
C THR J 51 34.59 -45.59 7.06
N HIS J 52 35.46 -46.30 6.36
CA HIS J 52 35.36 -46.34 4.91
C HIS J 52 34.13 -47.15 4.52
N VAL J 53 33.51 -46.77 3.40
CA VAL J 53 32.35 -47.48 2.87
C VAL J 53 32.70 -47.93 1.47
N ASP J 54 32.63 -49.24 1.25
CA ASP J 54 33.10 -49.87 0.03
C ASP J 54 32.02 -49.91 -1.04
N LEU J 55 31.91 -48.83 -1.81
CA LEU J 55 30.86 -48.77 -2.82
C LEU J 55 31.23 -49.46 -4.12
N ILE J 56 32.52 -49.68 -4.38
CA ILE J 56 32.97 -50.27 -5.64
C ILE J 56 32.38 -51.68 -5.85
N GLU J 57 32.07 -52.40 -4.78
CA GLU J 57 31.40 -53.68 -4.93
C GLU J 57 30.02 -53.51 -5.56
N LYS J 58 29.33 -52.43 -5.23
CA LYS J 58 28.06 -52.15 -5.88
C LYS J 58 28.23 -51.70 -7.34
N PHE J 59 29.19 -50.83 -7.65
CA PHE J 59 29.31 -50.36 -9.03
C PHE J 59 29.70 -51.47 -10.00
N LEU J 60 30.45 -52.48 -9.54
CA LEU J 60 30.84 -53.55 -10.46
C LEU J 60 29.67 -54.40 -10.91
N ARG J 61 28.58 -54.46 -10.14
CA ARG J 61 27.42 -55.27 -10.52
C ARG J 61 26.76 -54.81 -11.82
N TYR J 62 27.02 -53.59 -12.27
CA TYR J 62 26.34 -53.05 -13.44
C TYR J 62 27.11 -53.53 -14.65
N ASN J 63 26.57 -54.54 -15.34
CA ASN J 63 27.15 -55.30 -16.45
C ASN J 63 27.84 -54.45 -17.50
N PRO J 64 29.21 -54.60 -17.60
CA PRO J 64 30.11 -53.73 -18.39
C PRO J 64 29.59 -53.16 -19.70
N LEU J 65 29.96 -51.93 -20.03
CA LEU J 65 29.37 -51.22 -21.14
C LEU J 65 30.19 -51.36 -22.41
N GLU J 66 30.96 -52.45 -22.51
CA GLU J 66 31.62 -52.94 -23.72
C GLU J 66 31.87 -54.43 -23.54
N MET K 1 42.69 -22.26 -11.38
CA MET K 1 42.63 -21.22 -12.39
C MET K 1 43.52 -20.05 -12.01
N ASN K 2 43.58 -19.76 -10.71
CA ASN K 2 44.51 -18.78 -10.16
C ASN K 2 45.47 -19.37 -9.15
N ALA K 3 45.53 -20.69 -9.06
CA ALA K 3 46.47 -21.33 -8.17
C ALA K 3 47.85 -21.16 -8.79
N PRO K 4 48.87 -20.77 -8.03
CA PRO K 4 50.19 -20.67 -8.63
C PRO K 4 50.83 -22.04 -8.68
N ASP K 5 51.85 -22.15 -9.54
CA ASP K 5 52.60 -23.40 -9.60
C ASP K 5 53.28 -23.69 -8.28
N ARG K 6 53.12 -24.92 -7.80
CA ARG K 6 53.68 -25.27 -6.51
C ARG K 6 55.20 -25.28 -6.51
N PHE K 7 55.82 -25.62 -7.67
CA PHE K 7 57.28 -25.60 -7.80
C PHE K 7 57.91 -24.21 -7.66
N GLU K 8 57.13 -23.14 -7.70
CA GLU K 8 57.63 -21.78 -7.51
C GLU K 8 58.08 -21.50 -6.08
N LEU K 9 57.81 -22.38 -5.12
CA LEU K 9 58.29 -22.22 -3.75
C LEU K 9 59.80 -22.34 -3.64
N PHE K 10 60.45 -23.14 -4.50
CA PHE K 10 61.87 -23.42 -4.34
C PHE K 10 62.68 -23.17 -5.59
N ILE K 11 62.07 -23.05 -6.76
CA ILE K 11 62.80 -22.78 -7.99
C ILE K 11 62.92 -21.27 -8.18
N LEU K 12 64.15 -20.81 -8.30
CA LEU K 12 64.46 -19.40 -8.43
C LEU K 12 64.35 -18.93 -9.87
N PRO K 13 63.54 -17.92 -10.18
CA PRO K 13 63.59 -17.27 -11.50
C PRO K 13 64.99 -16.74 -11.81
N ASP K 14 65.32 -16.66 -13.10
CA ASP K 14 66.68 -16.29 -13.50
C ASP K 14 67.01 -14.83 -13.21
N ASP K 15 66.03 -13.93 -13.25
CA ASP K 15 66.25 -12.52 -12.98
C ASP K 15 66.08 -12.16 -11.51
N VAL K 16 66.00 -13.13 -10.61
CA VAL K 16 65.71 -12.91 -9.21
C VAL K 16 66.84 -13.46 -8.37
N PRO K 17 67.51 -12.65 -7.55
CA PRO K 17 68.62 -13.17 -6.75
C PRO K 17 68.07 -13.94 -5.57
N LYS K 18 68.76 -15.04 -5.23
CA LYS K 18 68.43 -15.84 -4.06
C LYS K 18 68.49 -15.02 -2.76
N LEU K 19 69.29 -13.95 -2.74
CA LEU K 19 69.64 -13.25 -1.51
C LEU K 19 69.88 -11.80 -1.91
N LYS K 20 69.37 -10.88 -1.11
CA LYS K 20 69.58 -9.45 -1.36
C LYS K 20 69.82 -8.69 -0.07
N ILE K 21 70.95 -7.97 -0.01
CA ILE K 21 71.36 -7.22 1.16
C ILE K 21 71.20 -5.74 0.83
N THR K 22 70.54 -5.01 1.70
CA THR K 22 70.47 -3.57 1.58
C THR K 22 70.78 -2.96 2.94
N PRO K 23 71.20 -1.69 2.99
CA PRO K 23 71.45 -1.07 4.28
C PRO K 23 70.19 -0.48 4.87
N ASP K 24 70.20 -0.34 6.19
CA ASP K 24 69.23 0.47 6.92
C ASP K 24 70.05 1.63 7.46
N SER K 25 70.13 2.72 6.70
CA SER K 25 70.99 3.83 7.09
C SER K 25 70.42 4.67 8.23
N ARG K 26 69.17 4.40 8.67
CA ARG K 26 68.57 5.16 9.76
C ARG K 26 69.29 4.95 11.08
N VAL K 27 69.87 3.77 11.29
CA VAL K 27 70.70 3.48 12.45
C VAL K 27 72.04 2.98 11.95
N PRO K 28 73.12 3.12 12.74
CA PRO K 28 74.42 2.63 12.28
C PRO K 28 74.48 1.10 12.28
N ASN K 29 75.10 0.56 11.22
CA ASN K 29 75.58 -0.82 11.16
C ASN K 29 74.44 -1.83 11.14
N CYS K 30 73.44 -1.59 10.30
CA CYS K 30 72.25 -2.43 10.26
C CYS K 30 71.96 -2.79 8.81
N ILE K 31 71.70 -4.06 8.55
CA ILE K 31 71.33 -4.49 7.21
C ILE K 31 69.98 -5.18 7.22
N ILE K 32 69.34 -5.14 6.06
CA ILE K 32 68.12 -5.88 5.77
C ILE K 32 68.49 -6.96 4.77
N ILE K 33 68.26 -8.22 5.11
CA ILE K 33 68.52 -9.33 4.19
C ILE K 33 67.20 -9.93 3.77
N LYS K 34 66.94 -9.90 2.48
CA LYS K 34 65.78 -10.50 1.85
C LYS K 34 66.15 -11.87 1.29
N PHE K 35 65.52 -12.93 1.78
CA PHE K 35 65.77 -14.28 1.31
C PHE K 35 64.65 -14.69 0.37
N GLU K 36 65.00 -15.11 -0.83
CA GLU K 36 64.01 -15.55 -1.80
C GLU K 36 63.93 -17.06 -1.83
N ARG K 37 62.71 -17.56 -2.00
CA ARG K 37 62.39 -19.00 -2.11
C ARG K 37 62.89 -19.77 -0.88
N GLU K 38 62.55 -19.27 0.31
CA GLU K 38 62.88 -19.94 1.57
C GLU K 38 61.77 -19.75 2.58
N ASP K 39 61.89 -20.48 3.69
CA ASP K 39 60.82 -20.74 4.64
C ASP K 39 61.27 -20.42 6.06
N HIS K 40 60.34 -20.62 7.00
CA HIS K 40 60.68 -20.74 8.42
C HIS K 40 61.77 -21.76 8.71
N THR K 41 61.81 -22.87 7.95
CA THR K 41 62.81 -23.93 8.11
C THR K 41 64.22 -23.39 8.19
N LEU K 42 64.61 -22.60 7.18
CA LEU K 42 65.93 -21.98 7.19
C LEU K 42 66.00 -20.86 8.21
N ALA K 43 64.96 -20.01 8.26
CA ALA K 43 65.02 -18.74 8.96
C ALA K 43 65.14 -18.89 10.46
N ASN K 44 64.35 -19.79 11.04
CA ASN K 44 64.36 -19.95 12.48
C ASN K 44 65.68 -20.56 12.94
N LEU K 45 66.25 -21.44 12.13
CA LEU K 45 67.55 -22.03 12.42
C LEU K 45 68.65 -20.96 12.55
N LEU K 46 68.78 -20.11 11.54
CA LEU K 46 69.74 -19.01 11.61
C LEU K 46 69.50 -18.06 12.76
N ARG K 47 68.21 -17.78 13.05
CA ARG K 47 67.87 -16.71 13.99
C ARG K 47 68.35 -17.01 15.40
N GLU K 48 68.04 -18.21 15.92
CA GLU K 48 68.41 -18.53 17.30
C GLU K 48 69.92 -18.57 17.48
N GLU K 49 70.61 -19.30 16.60
CA GLU K 49 72.08 -19.30 16.52
C GLU K 49 72.69 -17.92 16.63
N LEU K 50 72.19 -16.97 15.82
CA LEU K 50 72.72 -15.61 15.82
C LEU K 50 72.50 -14.93 17.16
N ALA K 51 71.38 -15.21 17.81
CA ALA K 51 71.02 -14.47 19.03
C ALA K 51 71.93 -14.81 20.19
N LEU K 52 72.57 -15.98 20.18
CA LEU K 52 73.49 -16.32 21.25
C LEU K 52 74.89 -15.74 21.07
N TYR K 53 75.17 -15.12 19.94
CA TYR K 53 76.47 -14.48 19.80
C TYR K 53 76.52 -13.16 20.55
N PRO K 54 77.61 -12.90 21.26
CA PRO K 54 77.71 -11.66 22.06
C PRO K 54 77.71 -10.38 21.25
N ASP K 55 78.18 -10.40 20.01
CA ASP K 55 78.26 -9.15 19.24
C ASP K 55 77.05 -8.88 18.36
N VAL K 56 76.02 -9.72 18.40
CA VAL K 56 74.76 -9.42 17.73
C VAL K 56 73.83 -8.74 18.72
N THR K 57 73.45 -7.50 18.41
CA THR K 57 72.56 -6.74 19.30
C THR K 57 71.11 -6.82 18.89
N PHE K 58 70.82 -7.12 17.63
CA PHE K 58 69.44 -7.26 17.20
C PHE K 58 69.38 -8.26 16.07
N VAL K 59 68.49 -9.24 16.18
CA VAL K 59 68.16 -10.11 15.07
C VAL K 59 66.66 -10.46 15.10
N ALA K 60 66.02 -10.38 13.95
CA ALA K 60 64.61 -10.70 13.82
C ALA K 60 64.33 -11.08 12.37
N TYR K 61 63.22 -11.80 12.19
CA TYR K 61 62.69 -12.11 10.87
C TYR K 61 61.17 -12.12 10.84
N LYS K 62 60.61 -11.95 9.64
CA LYS K 62 59.19 -12.14 9.45
C LYS K 62 58.96 -12.78 8.10
N VAL K 63 58.00 -13.71 8.02
CA VAL K 63 57.46 -14.17 6.76
C VAL K 63 56.24 -13.30 6.47
N GLU K 64 56.40 -12.36 5.54
CA GLU K 64 55.37 -11.34 5.36
C GLU K 64 54.05 -11.89 4.86
N HIS K 65 54.07 -12.92 4.01
CA HIS K 65 52.80 -13.48 3.59
C HIS K 65 53.00 -14.95 3.23
N PRO K 66 52.29 -15.89 3.85
CA PRO K 66 52.53 -17.32 3.58
C PRO K 66 52.29 -17.74 2.14
N LEU K 67 51.59 -16.95 1.33
CA LEU K 67 51.36 -17.34 -0.05
C LEU K 67 52.57 -17.06 -0.93
N PHE K 68 53.60 -16.41 -0.38
CA PHE K 68 54.82 -16.11 -1.11
C PHE K 68 55.94 -16.67 -0.26
N ALA K 69 56.76 -17.53 -0.85
CA ALA K 69 57.83 -18.18 -0.11
C ALA K 69 59.03 -17.23 -0.06
N ASN K 70 58.92 -16.21 0.77
CA ASN K 70 60.10 -15.43 1.10
C ASN K 70 60.04 -14.99 2.54
N PHE K 71 61.15 -14.46 3.02
CA PHE K 71 61.16 -13.81 4.31
C PHE K 71 62.26 -12.78 4.28
N VAL K 72 62.22 -11.89 5.25
CA VAL K 72 63.16 -10.80 5.36
C VAL K 72 63.70 -10.80 6.78
N MET K 73 65.01 -10.65 6.91
CA MET K 73 65.64 -10.68 8.22
C MET K 73 66.32 -9.33 8.42
N ARG K 74 66.31 -8.86 9.66
CA ARG K 74 66.98 -7.64 10.05
C ARG K 74 68.06 -7.96 11.06
N LEU K 75 69.26 -7.45 10.81
CA LEU K 75 70.41 -7.82 11.61
C LEU K 75 71.22 -6.58 11.91
N GLN K 76 71.37 -6.24 13.18
CA GLN K 76 72.22 -5.14 13.59
C GLN K 76 73.29 -5.67 14.56
N THR K 77 74.52 -5.27 14.33
CA THR K 77 75.65 -5.60 15.21
C THR K 77 76.31 -4.33 15.71
N GLU K 78 77.05 -4.47 16.81
CA GLU K 78 77.80 -3.36 17.36
C GLU K 78 78.92 -2.94 16.41
N GLU K 79 79.47 -1.76 16.69
CA GLU K 79 80.41 -1.05 15.81
C GLU K 79 81.59 -1.89 15.33
N GLY K 80 82.16 -2.72 16.21
CA GLY K 80 83.33 -3.52 15.83
C GLY K 80 83.10 -4.48 14.68
N THR K 81 82.00 -5.23 14.72
CA THR K 81 81.81 -6.35 13.82
C THR K 81 80.98 -5.91 12.61
N ARG K 82 81.22 -6.55 11.45
CA ARG K 82 80.41 -6.23 10.30
C ARG K 82 79.32 -7.27 10.19
N PRO K 83 78.04 -6.86 10.09
CA PRO K 83 76.91 -7.82 10.17
C PRO K 83 77.00 -8.99 9.22
N LYS K 84 77.29 -8.71 7.94
CA LYS K 84 77.44 -9.73 6.91
C LYS K 84 78.50 -10.76 7.26
N GLN K 85 79.59 -10.35 7.91
CA GLN K 85 80.61 -11.31 8.32
C GLN K 85 80.07 -12.21 9.42
N ALA K 86 79.39 -11.61 10.39
CA ALA K 86 78.77 -12.33 11.50
C ALA K 86 77.78 -13.37 11.02
N LEU K 87 77.07 -13.08 9.93
CA LEU K 87 76.15 -14.05 9.36
C LEU K 87 76.88 -15.28 8.85
N GLU K 88 78.02 -15.08 8.16
CA GLU K 88 78.88 -16.17 7.73
C GLU K 88 79.32 -17.03 8.90
N ARG K 89 79.66 -16.40 10.03
CA ARG K 89 80.09 -17.16 11.21
C ARG K 89 78.97 -18.04 11.73
N ALA K 90 77.75 -17.50 11.83
CA ALA K 90 76.59 -18.28 12.25
C ALA K 90 76.32 -19.47 11.35
N CYS K 91 76.49 -19.29 10.03
CA CYS K 91 76.33 -20.37 9.07
C CYS K 91 77.30 -21.50 9.30
N ALA K 92 78.59 -21.18 9.46
CA ALA K 92 79.62 -22.21 9.58
C ALA K 92 79.49 -23.00 10.88
N SER K 93 79.15 -22.32 11.97
CA SER K 93 78.85 -22.99 13.23
C SER K 93 77.79 -24.09 13.08
N ILE K 94 76.68 -23.78 12.40
CA ILE K 94 75.59 -24.74 12.31
C ILE K 94 75.95 -25.90 11.40
N ILE K 95 76.63 -25.64 10.28
CA ILE K 95 77.14 -26.69 9.41
C ILE K 95 78.04 -27.63 10.20
N ASN K 96 78.87 -27.08 11.08
CA ASN K 96 79.73 -27.91 11.90
C ASN K 96 78.93 -28.75 12.89
N LYS K 97 78.01 -28.13 13.64
CA LYS K 97 77.16 -28.88 14.57
C LYS K 97 76.37 -29.98 13.89
N LEU K 98 75.90 -29.77 12.67
CA LEU K 98 75.16 -30.82 11.99
C LEU K 98 76.06 -31.92 11.48
N LYS K 99 77.29 -31.58 11.06
CA LYS K 99 78.27 -32.58 10.67
C LYS K 99 78.59 -33.50 11.84
N THR K 100 78.92 -32.91 12.99
CA THR K 100 79.11 -33.66 14.23
C THR K 100 77.89 -34.52 14.54
N LEU K 101 76.71 -33.92 14.46
CA LEU K 101 75.47 -34.62 14.81
C LEU K 101 75.21 -35.81 13.90
N ASP K 102 75.53 -35.65 12.60
CA ASP K 102 75.38 -36.76 11.66
C ASP K 102 76.34 -37.88 11.97
N HIS K 103 77.56 -37.55 12.39
CA HIS K 103 78.57 -38.54 12.73
C HIS K 103 78.15 -39.36 13.93
N LYS K 104 77.73 -38.70 15.01
CA LYS K 104 77.34 -39.40 16.23
C LYS K 104 76.11 -40.28 16.02
N PHE K 105 75.21 -39.92 15.10
CA PHE K 105 74.08 -40.80 14.82
C PHE K 105 74.51 -42.07 14.10
N ASN K 106 75.40 -41.95 13.11
CA ASN K 106 75.92 -43.10 12.39
C ASN K 106 76.59 -44.12 13.30
N GLU K 107 77.44 -43.65 14.22
CA GLU K 107 78.10 -44.53 15.17
C GLU K 107 77.08 -45.30 16.02
N GLU K 108 76.16 -44.56 16.66
CA GLU K 108 75.13 -45.18 17.50
C GLU K 108 74.23 -46.13 16.71
N TRP K 109 74.06 -45.89 15.41
CA TRP K 109 73.18 -46.70 14.58
C TRP K 109 73.73 -48.09 14.31
N ASN K 110 75.02 -48.21 14.03
CA ASN K 110 75.63 -49.52 13.79
C ASN K 110 75.56 -50.41 15.03
N ILE K 111 75.72 -49.84 16.22
CA ILE K 111 75.61 -50.63 17.44
C ILE K 111 74.23 -51.27 17.58
N LYS K 112 73.17 -50.58 17.14
CA LYS K 112 71.83 -51.14 17.24
C LYS K 112 71.47 -52.05 16.06
N ASN K 113 72.21 -51.94 14.94
CA ASN K 113 72.03 -52.75 13.71
C ASN K 113 71.99 -54.25 14.04
N GLY L 28 34.97 -46.05 -40.75
CA GLY L 28 35.24 -44.65 -40.57
C GLY L 28 35.33 -44.24 -39.13
N VAL L 29 34.22 -44.34 -38.40
CA VAL L 29 34.15 -43.99 -36.99
C VAL L 29 33.69 -45.21 -36.21
N LYS L 30 34.43 -45.57 -35.18
CA LYS L 30 34.12 -46.75 -34.38
C LYS L 30 32.98 -46.46 -33.42
N TYR L 31 32.03 -47.40 -33.33
CA TYR L 31 30.92 -47.31 -32.39
C TYR L 31 30.85 -48.58 -31.55
N THR L 32 29.87 -48.63 -30.66
CA THR L 32 29.71 -49.75 -29.76
C THR L 32 28.24 -49.96 -29.45
N CYS L 33 27.77 -51.20 -29.51
CA CYS L 33 26.36 -51.49 -29.28
C CYS L 33 26.06 -51.51 -27.79
N GLY L 34 25.02 -50.77 -27.39
CA GLY L 34 24.72 -50.70 -25.96
C GLY L 34 24.19 -51.98 -25.35
N ALA L 35 23.82 -52.97 -26.17
CA ALA L 35 23.29 -54.24 -25.67
C ALA L 35 24.27 -55.40 -25.80
N CYS L 36 24.81 -55.62 -26.99
CA CYS L 36 25.62 -56.80 -27.28
C CYS L 36 27.09 -56.48 -27.45
N ALA L 37 27.48 -55.21 -27.40
CA ALA L 37 28.86 -54.71 -27.42
C ALA L 37 29.60 -54.98 -28.73
N HIS L 38 28.92 -55.37 -29.81
CA HIS L 38 29.57 -55.52 -31.10
C HIS L 38 30.10 -54.16 -31.55
N ASN L 39 31.29 -54.15 -32.13
CA ASN L 39 31.84 -52.95 -32.73
C ASN L 39 31.70 -52.91 -34.26
N PHE L 40 31.41 -51.72 -34.78
CA PHE L 40 31.20 -51.52 -36.21
C PHE L 40 31.32 -50.04 -36.50
N SER L 41 31.37 -49.69 -37.78
CA SER L 41 31.39 -48.30 -38.20
C SER L 41 30.14 -47.90 -38.95
N LEU L 42 29.91 -46.58 -39.00
CA LEU L 42 28.80 -46.00 -39.76
C LEU L 42 29.27 -44.69 -40.41
N ASN L 43 28.98 -44.48 -41.71
CA ASN L 43 29.27 -43.20 -42.39
C ASN L 43 28.06 -42.24 -42.45
N LYS L 44 27.68 -41.76 -41.28
CA LYS L 44 26.47 -41.00 -40.91
C LYS L 44 25.12 -41.22 -41.60
N SER L 45 25.07 -41.66 -42.86
CA SER L 45 23.78 -41.72 -43.54
C SER L 45 23.05 -43.01 -43.24
N ASP L 46 23.75 -43.97 -42.66
CA ASP L 46 23.17 -45.25 -42.30
C ASP L 46 22.18 -44.99 -41.15
N PRO L 47 21.15 -45.81 -40.99
CA PRO L 47 20.28 -45.62 -39.82
C PRO L 47 21.02 -45.96 -38.53
N VAL L 48 20.53 -45.37 -37.45
CA VAL L 48 21.19 -45.43 -36.13
C VAL L 48 20.62 -46.65 -35.44
N ARG L 49 21.31 -47.78 -35.60
CA ARG L 49 20.98 -49.02 -34.91
C ARG L 49 22.18 -49.96 -34.91
N CYS L 50 22.09 -50.99 -34.08
CA CYS L 50 23.10 -52.04 -34.05
C CYS L 50 22.78 -53.09 -35.10
N LYS L 51 23.80 -53.48 -35.88
CA LYS L 51 23.60 -54.51 -36.88
C LYS L 51 23.24 -55.84 -36.26
N GLU L 52 23.76 -56.14 -35.06
CA GLU L 52 23.57 -57.46 -34.48
C GLU L 52 22.19 -57.66 -33.88
N CYS L 53 21.80 -56.78 -32.95
CA CYS L 53 20.55 -56.94 -32.22
C CYS L 53 19.50 -55.89 -32.51
N GLY L 54 19.80 -54.87 -33.30
CA GLY L 54 18.84 -53.83 -33.55
C GLY L 54 18.64 -52.84 -32.43
N HIS L 55 19.54 -52.80 -31.44
CA HIS L 55 19.41 -51.86 -30.34
C HIS L 55 19.62 -50.45 -30.86
N ARG L 56 18.84 -49.50 -30.34
CA ARG L 56 18.83 -48.15 -30.86
C ARG L 56 19.58 -47.15 -29.98
N VAL L 57 20.36 -47.63 -29.03
CA VAL L 57 21.21 -46.80 -28.18
C VAL L 57 22.67 -47.20 -28.42
N ILE L 58 23.49 -46.30 -28.99
CA ILE L 58 24.87 -46.64 -29.29
C ILE L 58 25.81 -45.56 -28.79
N TYR L 59 27.10 -45.89 -28.70
CA TYR L 59 28.09 -45.04 -28.08
C TYR L 59 29.37 -44.94 -28.91
N LYS L 60 29.96 -43.75 -28.96
CA LYS L 60 31.20 -43.56 -29.69
C LYS L 60 32.37 -44.23 -28.97
N ALA L 61 33.26 -44.86 -29.74
CA ALA L 61 34.44 -45.40 -29.10
C ALA L 61 35.45 -44.30 -28.84
N ARG L 62 36.40 -44.57 -27.96
CA ARG L 62 37.34 -43.58 -27.48
C ARG L 62 38.30 -43.16 -28.60
N THR L 63 38.86 -41.96 -28.47
CA THR L 63 39.82 -41.39 -29.40
C THR L 63 41.07 -42.25 -29.59
N LYS L 64 41.64 -42.13 -30.79
CA LYS L 64 42.95 -42.71 -31.08
C LYS L 64 44.06 -42.06 -30.25
N ARG L 65 43.92 -40.79 -29.89
CA ARG L 65 45.01 -40.05 -29.24
C ARG L 65 45.30 -40.58 -27.85
N MET L 66 46.56 -40.46 -27.45
CA MET L 66 46.97 -40.77 -26.10
C MET L 66 46.55 -39.67 -25.12
N ILE L 67 46.13 -40.08 -23.94
CA ILE L 67 45.71 -39.20 -22.85
C ILE L 67 46.71 -39.29 -21.71
N GLN L 68 47.15 -38.13 -21.20
CA GLN L 68 48.08 -38.06 -20.08
C GLN L 68 47.48 -37.36 -18.88
N PHE L 69 47.76 -37.88 -17.69
CA PHE L 69 47.33 -37.23 -16.46
C PHE L 69 48.50 -37.12 -15.49
N ASP L 70 48.50 -36.08 -14.68
CA ASP L 70 49.65 -35.75 -13.83
C ASP L 70 49.68 -36.48 -12.52
N ALA L 71 48.66 -37.30 -12.23
CA ALA L 71 48.60 -38.13 -11.03
C ALA L 71 48.70 -37.29 -9.76
N ARG L 72 48.11 -36.10 -9.78
CA ARG L 72 48.07 -35.23 -8.62
C ARG L 72 46.64 -35.00 -8.18
N ILE P 18 -39.51 6.92 2.99
CA ILE P 18 -39.59 7.72 1.77
C ILE P 18 -39.73 6.79 0.57
N LYS P 19 -40.58 7.19 -0.38
CA LYS P 19 -40.78 6.41 -1.60
C LYS P 19 -39.46 6.24 -2.34
N GLN P 20 -39.41 5.19 -3.16
CA GLN P 20 -38.25 4.89 -4.00
C GLN P 20 -38.70 4.90 -5.45
N LYS P 21 -38.14 5.81 -6.25
CA LYS P 21 -38.38 5.86 -7.68
C LYS P 21 -37.13 5.33 -8.39
N LEU P 22 -37.26 4.17 -9.02
CA LEU P 22 -36.14 3.45 -9.59
C LEU P 22 -36.42 3.13 -11.06
N GLU P 23 -35.44 3.37 -11.92
CA GLU P 23 -35.49 2.89 -13.29
C GLU P 23 -34.92 1.48 -13.35
N THR P 24 -35.46 0.68 -14.27
CA THR P 24 -35.06 -0.71 -14.43
C THR P 24 -34.69 -0.98 -15.88
N GLN P 25 -34.16 -2.18 -16.12
CA GLN P 25 -33.81 -2.65 -17.46
C GLN P 25 -34.77 -3.74 -17.92
N PHE P 26 -36.01 -3.69 -17.45
CA PHE P 26 -37.04 -4.65 -17.83
C PHE P 26 -37.74 -4.19 -19.11
N THR P 27 -38.29 -5.16 -19.83
CA THR P 27 -39.05 -4.89 -21.05
C THR P 27 -40.54 -4.85 -20.71
N CYS P 28 -41.22 -3.81 -21.17
CA CYS P 28 -42.67 -3.73 -21.00
C CYS P 28 -43.35 -4.88 -21.73
N LEU P 29 -44.27 -5.55 -21.03
CA LEU P 29 -44.94 -6.73 -21.58
C LEU P 29 -45.88 -6.38 -22.73
N PHE P 30 -46.20 -5.11 -22.94
CA PHE P 30 -47.15 -4.70 -23.97
C PHE P 30 -46.48 -3.98 -25.12
N CYS P 31 -45.80 -2.85 -24.87
CA CYS P 31 -45.21 -2.06 -25.95
C CYS P 31 -43.85 -2.58 -26.40
N ASN P 32 -43.20 -3.43 -25.59
CA ASN P 32 -41.95 -4.12 -25.90
C ASN P 32 -40.73 -3.21 -25.86
N HIS P 33 -40.87 -1.95 -25.49
CA HIS P 33 -39.71 -1.09 -25.31
C HIS P 33 -38.93 -1.54 -24.08
N ASP P 34 -37.63 -1.80 -24.27
CA ASP P 34 -36.78 -2.20 -23.15
C ASP P 34 -36.18 -0.96 -22.48
N ASN P 35 -35.82 -1.15 -21.21
CA ASN P 35 -35.22 -0.08 -20.37
C ASN P 35 -36.15 1.13 -20.27
N SER P 36 -37.46 0.86 -20.19
CA SER P 36 -38.46 1.92 -20.10
C SER P 36 -39.53 1.64 -19.06
N VAL P 37 -39.26 0.76 -18.10
CA VAL P 37 -40.18 0.45 -17.01
C VAL P 37 -39.63 1.07 -15.73
N VAL P 38 -40.42 1.94 -15.09
CA VAL P 38 -40.05 2.59 -13.84
C VAL P 38 -40.87 1.98 -12.71
N CYS P 39 -40.22 1.73 -11.57
CA CYS P 39 -40.83 1.08 -10.42
C CYS P 39 -40.86 2.06 -9.26
N THR P 40 -42.06 2.31 -8.72
CA THR P 40 -42.26 3.16 -7.55
C THR P 40 -42.75 2.29 -6.41
N LEU P 41 -41.91 2.10 -5.39
CA LEU P 41 -42.20 1.23 -4.26
C LEU P 41 -42.53 2.09 -3.04
N ASP P 42 -43.78 2.06 -2.61
CA ASP P 42 -44.24 2.78 -1.42
C ASP P 42 -44.36 1.76 -0.28
N LYS P 43 -43.32 1.72 0.57
CA LYS P 43 -43.30 0.77 1.68
C LYS P 43 -44.15 1.22 2.85
N LYS P 44 -44.43 2.51 2.98
CA LYS P 44 -45.27 2.99 4.08
C LYS P 44 -46.69 2.43 3.99
N ASN P 45 -47.16 2.15 2.77
CA ASN P 45 -48.49 1.59 2.55
C ASN P 45 -48.44 0.24 1.84
N SER P 46 -47.26 -0.32 1.62
CA SER P 46 -47.09 -1.65 1.03
C SER P 46 -47.76 -1.74 -0.35
N ILE P 47 -47.45 -0.77 -1.20
CA ILE P 47 -48.03 -0.67 -2.54
C ILE P 47 -46.91 -0.37 -3.52
N GLY P 48 -46.67 -1.29 -4.45
CA GLY P 48 -45.68 -1.10 -5.50
C GLY P 48 -46.35 -0.78 -6.84
N LEU P 49 -45.69 0.06 -7.62
CA LEU P 49 -46.26 0.60 -8.86
C LEU P 49 -45.24 0.49 -9.98
N LEU P 50 -45.62 -0.21 -11.04
CA LEU P 50 -44.84 -0.25 -12.27
C LEU P 50 -45.42 0.74 -13.28
N GLU P 51 -44.53 1.44 -13.98
CA GLU P 51 -44.92 2.43 -14.98
C GLU P 51 -44.06 2.28 -16.21
N CYS P 52 -44.67 2.52 -17.37
CA CYS P 52 -43.96 2.48 -18.64
C CYS P 52 -43.71 3.90 -19.13
N LYS P 53 -42.44 4.25 -19.32
CA LYS P 53 -42.06 5.57 -19.81
C LYS P 53 -42.42 5.76 -21.28
N LYS P 54 -42.86 4.71 -21.97
CA LYS P 54 -43.18 4.79 -23.39
C LYS P 54 -44.68 4.81 -23.63
N CYS P 55 -45.34 3.65 -23.59
CA CYS P 55 -46.77 3.57 -23.90
C CYS P 55 -47.66 4.04 -22.76
N ASN P 56 -47.08 4.29 -21.59
CA ASN P 56 -47.82 4.87 -20.46
C ASN P 56 -48.72 3.99 -19.58
N LEU P 57 -48.58 2.67 -19.72
CA LEU P 57 -49.37 1.73 -18.94
C LEU P 57 -48.92 1.72 -17.48
N SER P 58 -49.79 1.23 -16.59
CA SER P 58 -49.48 1.18 -15.18
C SER P 58 -50.01 -0.12 -14.55
N PHE P 59 -49.24 -0.67 -13.60
CA PHE P 59 -49.63 -1.89 -12.92
C PHE P 59 -49.30 -1.82 -11.44
N GLN P 60 -50.30 -2.08 -10.60
CA GLN P 60 -50.11 -2.04 -9.15
C GLN P 60 -50.11 -3.44 -8.55
N ALA P 61 -49.32 -3.63 -7.49
CA ALA P 61 -49.23 -4.92 -6.82
C ALA P 61 -48.77 -4.69 -5.39
N PRO P 62 -49.11 -5.60 -4.46
CA PRO P 62 -48.62 -5.45 -3.08
C PRO P 62 -47.15 -5.83 -2.95
N ILE P 63 -46.44 -5.10 -2.09
CA ILE P 63 -45.04 -5.37 -1.79
C ILE P 63 -44.87 -5.47 -0.29
N ASN P 64 -43.83 -6.19 0.12
CA ASN P 64 -43.47 -6.30 1.53
C ASN P 64 -42.37 -5.29 1.86
N SER P 65 -41.50 -5.61 2.82
CA SER P 65 -40.34 -4.79 3.08
C SER P 65 -39.09 -5.27 2.34
N LEU P 66 -39.08 -6.54 1.94
CA LEU P 66 -37.93 -7.17 1.29
C LEU P 66 -37.96 -7.02 -0.23
N SER P 67 -39.04 -6.49 -0.80
CA SER P 67 -39.22 -6.54 -2.25
C SER P 67 -38.29 -5.55 -2.95
N GLN P 68 -38.10 -5.80 -4.24
CA GLN P 68 -37.22 -5.06 -5.12
C GLN P 68 -37.87 -5.04 -6.50
N PRO P 69 -37.42 -4.13 -7.40
CA PRO P 69 -38.08 -4.03 -8.72
C PRO P 69 -38.28 -5.34 -9.46
N ILE P 70 -37.48 -6.36 -9.14
CA ILE P 70 -37.65 -7.67 -9.77
C ILE P 70 -38.79 -8.45 -9.15
N ASP P 71 -39.25 -8.07 -7.96
CA ASP P 71 -40.35 -8.77 -7.29
C ASP P 71 -41.70 -8.40 -7.87
N ILE P 72 -41.94 -7.11 -8.10
CA ILE P 72 -43.22 -6.71 -8.68
C ILE P 72 -43.25 -6.95 -10.19
N TYR P 73 -42.09 -6.81 -10.87
CA TYR P 73 -42.05 -7.15 -12.29
C TYR P 73 -42.31 -8.63 -12.51
N SER P 74 -41.95 -9.48 -11.55
CA SER P 74 -42.32 -10.88 -11.62
C SER P 74 -43.82 -11.06 -11.45
N ASP P 75 -44.43 -10.33 -10.50
CA ASP P 75 -45.87 -10.39 -10.31
C ASP P 75 -46.63 -9.87 -11.52
N TRP P 76 -46.02 -8.97 -12.29
CA TRP P 76 -46.68 -8.47 -13.49
C TRP P 76 -46.68 -9.50 -14.61
N ILE P 77 -45.65 -10.35 -14.67
CA ILE P 77 -45.60 -11.39 -15.69
C ILE P 77 -46.69 -12.43 -15.44
N ASP P 78 -46.96 -12.74 -14.17
CA ASP P 78 -47.98 -13.72 -13.82
C ASP P 78 -49.39 -13.15 -13.89
N ALA P 79 -49.53 -11.83 -13.69
CA ALA P 79 -50.83 -11.20 -13.81
C ALA P 79 -51.33 -11.16 -15.24
N CYS P 80 -50.43 -11.22 -16.22
CA CYS P 80 -50.83 -11.25 -17.63
C CYS P 80 -51.19 -12.67 -18.07
N GLU P 81 -50.33 -13.63 -17.76
CA GLU P 81 -50.53 -15.01 -18.17
C GLU P 81 -51.57 -15.71 -17.31
N GLU Q 3 -22.71 -29.30 -51.05
CA GLU Q 3 -23.90 -28.47 -51.31
C GLU Q 3 -23.74 -27.58 -52.53
N ARG Q 4 -24.77 -27.54 -53.38
CA ARG Q 4 -24.77 -26.61 -54.50
C ARG Q 4 -26.04 -25.77 -54.48
N ALA Q 5 -26.01 -24.65 -55.20
CA ALA Q 5 -27.14 -23.75 -55.25
C ALA Q 5 -27.67 -23.73 -56.68
N CYS Q 6 -28.99 -23.86 -56.83
CA CYS Q 6 -29.61 -23.80 -58.16
C CYS Q 6 -29.51 -22.40 -58.73
N MET Q 7 -29.03 -22.29 -59.93
CA MET Q 7 -28.93 -20.97 -60.49
C MET Q 7 -30.31 -20.40 -60.81
N LEU Q 8 -31.29 -21.16 -61.03
CA LEU Q 8 -32.58 -20.61 -61.43
C LEU Q 8 -33.39 -20.13 -60.21
N CYS Q 9 -33.45 -20.93 -59.16
CA CYS Q 9 -34.28 -20.63 -58.01
C CYS Q 9 -33.51 -20.30 -56.74
N GLY Q 10 -32.22 -20.63 -56.72
CA GLY Q 10 -31.39 -20.24 -55.60
C GLY Q 10 -31.38 -21.23 -54.45
N ILE Q 11 -32.11 -22.33 -54.59
CA ILE Q 11 -32.19 -23.29 -53.49
C ILE Q 11 -30.86 -24.01 -53.29
N VAL Q 12 -30.56 -24.26 -52.03
CA VAL Q 12 -29.32 -24.93 -51.63
C VAL Q 12 -29.59 -26.36 -51.18
N LEU Q 13 -28.96 -27.31 -51.86
CA LEU Q 13 -29.15 -28.73 -51.59
C LEU Q 13 -27.84 -29.45 -51.78
N PRO Q 14 -27.66 -30.61 -51.11
CA PRO Q 14 -26.53 -31.47 -51.47
C PRO Q 14 -26.56 -31.77 -52.96
N GLY Q 15 -25.40 -31.70 -53.62
CA GLY Q 15 -25.29 -31.87 -55.05
C GLY Q 15 -25.93 -33.13 -55.59
N ARG Q 16 -25.79 -34.22 -54.84
CA ARG Q 16 -26.35 -35.49 -55.30
C ARG Q 16 -27.86 -35.43 -55.41
N VAL Q 17 -28.47 -34.52 -54.64
CA VAL Q 17 -29.91 -34.34 -54.67
C VAL Q 17 -30.32 -33.83 -56.04
N PHE Q 18 -29.51 -32.94 -56.59
CA PHE Q 18 -29.76 -32.37 -57.90
C PHE Q 18 -29.69 -33.49 -58.93
N MET Q 19 -28.90 -34.51 -58.63
CA MET Q 19 -28.74 -35.66 -59.52
C MET Q 19 -29.87 -36.68 -59.31
N GLN Q 20 -30.21 -36.93 -58.04
CA GLN Q 20 -31.23 -37.89 -57.66
C GLN Q 20 -32.66 -37.46 -57.99
N ASN Q 21 -33.02 -36.26 -57.53
CA ASN Q 21 -34.41 -35.79 -57.61
C ASN Q 21 -34.61 -34.56 -58.50
N GLY Q 22 -33.53 -33.93 -58.93
CA GLY Q 22 -33.61 -32.70 -59.69
C GLY Q 22 -33.81 -31.53 -58.76
N CYS Q 23 -33.96 -30.32 -59.30
CA CYS Q 23 -34.29 -29.21 -58.41
C CYS Q 23 -35.77 -29.25 -58.01
N PRO Q 24 -36.25 -29.27 -56.66
CA PRO Q 24 -37.67 -29.35 -56.29
C PRO Q 24 -38.51 -28.18 -56.77
N ASN Q 25 -37.86 -27.07 -57.11
CA ASN Q 25 -38.59 -25.92 -57.65
C ASN Q 25 -38.62 -25.87 -59.18
N CYS Q 26 -37.56 -26.37 -59.81
CA CYS Q 26 -37.27 -26.07 -61.21
C CYS Q 26 -37.30 -27.25 -62.17
N ASP Q 27 -37.42 -28.48 -61.66
CA ASP Q 27 -37.00 -29.60 -62.50
C ASP Q 27 -37.99 -29.85 -63.64
N SER Q 28 -39.18 -29.25 -63.56
CA SER Q 28 -40.14 -29.34 -64.67
C SER Q 28 -39.58 -28.75 -65.95
N VAL Q 29 -38.67 -27.80 -65.81
CA VAL Q 29 -38.06 -27.17 -66.99
C VAL Q 29 -36.57 -27.49 -67.11
N LEU Q 30 -35.91 -27.70 -65.98
CA LEU Q 30 -34.47 -27.91 -65.98
C LEU Q 30 -34.08 -29.36 -66.20
N ASN Q 31 -34.95 -30.28 -65.80
CA ASN Q 31 -34.74 -31.72 -66.01
C ASN Q 31 -33.40 -32.20 -65.48
N LEU Q 32 -32.97 -31.76 -64.30
CA LEU Q 32 -31.66 -32.19 -63.84
C LEU Q 32 -31.67 -33.64 -63.39
N ARG Q 33 -32.86 -34.12 -63.04
CA ARG Q 33 -32.99 -35.47 -62.52
C ARG Q 33 -32.47 -36.42 -63.59
N ASP Q 34 -32.83 -36.14 -64.84
CA ASP Q 34 -32.47 -37.01 -65.95
C ASP Q 34 -31.26 -36.50 -66.74
N SER Q 35 -30.30 -35.90 -66.05
CA SER Q 35 -29.15 -35.31 -66.73
C SER Q 35 -27.88 -36.08 -66.41
N ASP Q 36 -26.76 -35.58 -66.93
CA ASP Q 36 -25.45 -36.05 -66.51
C ASP Q 36 -24.86 -35.03 -65.54
N GLN Q 37 -23.72 -35.35 -64.93
CA GLN Q 37 -23.10 -34.44 -63.96
C GLN Q 37 -22.69 -33.13 -64.61
N ALA Q 38 -22.29 -33.18 -65.89
CA ALA Q 38 -21.91 -31.94 -66.58
C ALA Q 38 -23.11 -30.98 -66.63
N THR Q 39 -24.30 -31.50 -66.91
CA THR Q 39 -25.49 -30.65 -66.94
C THR Q 39 -25.84 -30.08 -65.56
N VAL Q 40 -25.82 -30.92 -64.53
CA VAL Q 40 -26.12 -30.47 -63.17
C VAL Q 40 -25.18 -29.35 -62.76
N ASN Q 41 -23.90 -29.49 -63.13
CA ASN Q 41 -22.87 -28.53 -62.74
C ASN Q 41 -22.94 -27.24 -63.57
N GLU Q 42 -23.71 -27.28 -64.65
CA GLU Q 42 -23.88 -26.07 -65.45
C GLU Q 42 -25.08 -25.28 -64.96
N CYS Q 43 -25.98 -25.95 -64.22
CA CYS Q 43 -27.19 -25.29 -63.72
C CYS Q 43 -27.19 -25.04 -62.22
N THR Q 44 -26.21 -25.60 -61.53
CA THR Q 44 -26.09 -25.43 -60.09
C THR Q 44 -24.65 -25.04 -59.79
N SER Q 45 -24.44 -24.27 -58.72
CA SER Q 45 -23.10 -23.78 -58.42
C SER Q 45 -22.61 -24.22 -57.05
N SER Q 46 -21.34 -24.61 -56.98
CA SER Q 46 -20.72 -24.94 -55.71
C SER Q 46 -20.35 -23.68 -54.94
N SER Q 47 -20.46 -22.53 -55.61
CA SER Q 47 -20.08 -21.24 -55.05
C SER Q 47 -21.26 -20.29 -54.85
N PHE Q 48 -21.56 -20.02 -53.57
CA PHE Q 48 -22.68 -19.18 -53.26
C PHE Q 48 -22.48 -18.57 -51.88
N GLU Q 49 -23.21 -17.48 -51.63
CA GLU Q 49 -23.06 -16.75 -50.38
C GLU Q 49 -24.38 -16.21 -49.87
N GLY Q 50 -24.51 -16.17 -48.55
CA GLY Q 50 -25.69 -15.61 -47.90
C GLY Q 50 -26.73 -16.69 -47.76
N LEU Q 51 -26.57 -17.50 -46.74
CA LEU Q 51 -27.46 -18.61 -46.49
C LEU Q 51 -28.76 -18.11 -45.85
N VAL Q 52 -29.89 -18.48 -46.43
CA VAL Q 52 -31.22 -18.01 -46.00
C VAL Q 52 -32.11 -19.19 -45.69
N ALA Q 53 -32.57 -19.28 -44.46
CA ALA Q 53 -33.61 -20.25 -44.12
C ALA Q 53 -34.93 -19.60 -44.46
N VAL Q 54 -35.64 -20.14 -45.43
CA VAL Q 54 -36.98 -19.63 -45.73
C VAL Q 54 -37.99 -20.63 -45.20
N GLY Q 55 -38.73 -20.24 -44.19
CA GLY Q 55 -39.68 -21.14 -43.56
C GLY Q 55 -41.09 -20.93 -44.07
N ASP Q 56 -41.38 -19.70 -44.49
CA ASP Q 56 -42.72 -19.31 -44.89
C ASP Q 56 -42.66 -18.46 -46.16
N ASN Q 57 -42.43 -19.11 -47.30
CA ASN Q 57 -42.19 -18.40 -48.55
C ASN Q 57 -43.22 -17.37 -48.92
N GLU Q 58 -44.38 -17.70 -48.63
CA GLU Q 58 -45.41 -16.89 -49.26
C GLU Q 58 -45.71 -15.62 -48.46
N HIS Q 59 -45.29 -15.57 -47.20
CA HIS Q 59 -45.50 -14.37 -46.36
C HIS Q 59 -44.23 -13.67 -45.87
N SER Q 60 -43.09 -14.23 -46.21
CA SER Q 60 -41.80 -13.63 -45.89
C SER Q 60 -41.47 -12.48 -46.83
N TRP Q 61 -41.13 -11.32 -46.26
CA TRP Q 61 -40.66 -10.23 -47.11
C TRP Q 61 -39.28 -10.60 -47.66
N VAL Q 62 -38.45 -11.24 -46.85
CA VAL Q 62 -37.13 -11.65 -47.29
C VAL Q 62 -37.29 -12.52 -48.54
N ALA Q 63 -38.21 -13.47 -48.49
CA ALA Q 63 -38.46 -14.34 -49.64
C ALA Q 63 -38.94 -13.55 -50.85
N LYS Q 64 -39.80 -12.55 -50.65
CA LYS Q 64 -40.30 -11.78 -51.78
C LYS Q 64 -39.16 -11.00 -52.45
N TRP Q 65 -38.28 -10.42 -51.63
CA TRP Q 65 -37.16 -9.65 -52.16
C TRP Q 65 -36.24 -10.54 -52.99
N LEU Q 66 -36.01 -11.76 -52.52
CA LEU Q 66 -35.12 -12.69 -53.21
C LEU Q 66 -35.83 -13.43 -54.35
N ARG Q 67 -37.12 -13.14 -54.53
CA ARG Q 67 -37.96 -13.75 -55.56
C ARG Q 67 -37.98 -15.28 -55.39
N VAL Q 68 -38.15 -15.70 -54.13
CA VAL Q 68 -38.36 -17.11 -53.85
C VAL Q 68 -39.69 -17.32 -53.11
N ASP Q 69 -40.58 -16.34 -53.20
CA ASP Q 69 -41.85 -16.40 -52.49
C ASP Q 69 -42.83 -17.44 -53.05
N ARG Q 70 -42.60 -17.91 -54.27
CA ARG Q 70 -43.48 -18.92 -54.84
C ARG Q 70 -42.87 -20.31 -54.75
N PHE Q 71 -41.73 -20.41 -54.08
CA PHE Q 71 -41.01 -21.68 -54.01
C PHE Q 71 -41.27 -22.40 -52.68
N GLN Q 72 -40.57 -23.50 -52.47
CA GLN Q 72 -40.80 -24.34 -51.30
C GLN Q 72 -39.90 -23.91 -50.13
N PRO Q 73 -40.36 -24.14 -48.89
CA PRO Q 73 -39.51 -23.85 -47.73
C PRO Q 73 -38.20 -24.62 -47.81
N GLY Q 74 -37.13 -23.98 -47.36
CA GLY Q 74 -35.81 -24.57 -47.52
C GLY Q 74 -34.69 -23.57 -47.35
N LEU Q 75 -33.49 -24.02 -47.68
CA LEU Q 75 -32.30 -23.15 -47.63
C LEU Q 75 -32.08 -22.55 -49.00
N TYR Q 76 -31.86 -21.23 -49.03
CA TYR Q 76 -31.62 -20.54 -50.28
C TYR Q 76 -30.37 -19.68 -50.13
N ALA Q 77 -29.86 -19.22 -51.26
CA ALA Q 77 -28.65 -18.40 -51.27
C ALA Q 77 -28.98 -17.01 -51.76
N VAL Q 78 -28.43 -15.99 -51.10
CA VAL Q 78 -28.63 -14.63 -51.57
C VAL Q 78 -27.92 -14.41 -52.91
N ARG Q 79 -26.69 -14.88 -53.01
CA ARG Q 79 -25.89 -14.74 -54.23
C ARG Q 79 -25.41 -16.11 -54.70
N VAL Q 80 -25.68 -16.39 -55.97
CA VAL Q 80 -25.22 -17.60 -56.61
C VAL Q 80 -24.26 -17.22 -57.74
N ASP Q 81 -23.03 -17.72 -57.69
CA ASP Q 81 -22.04 -17.35 -58.70
C ASP Q 81 -22.13 -18.19 -59.96
N GLY Q 82 -21.92 -17.54 -61.11
CA GLY Q 82 -21.98 -18.21 -62.38
C GLY Q 82 -23.29 -17.81 -63.02
N ARG Q 83 -23.45 -18.13 -64.29
CA ARG Q 83 -24.74 -17.93 -64.92
C ARG Q 83 -25.08 -19.17 -65.72
N LEU Q 84 -26.38 -19.42 -65.89
CA LEU Q 84 -26.85 -20.48 -66.74
C LEU Q 84 -26.22 -20.37 -68.13
N PRO Q 85 -25.84 -21.50 -68.72
CA PRO Q 85 -25.28 -21.52 -70.08
C PRO Q 85 -26.28 -20.96 -71.10
N SER Q 86 -25.80 -20.27 -72.12
CA SER Q 86 -26.71 -19.59 -73.04
C SER Q 86 -27.67 -20.58 -73.71
N ASP Q 87 -27.24 -21.82 -73.92
CA ASP Q 87 -28.09 -22.81 -74.56
C ASP Q 87 -29.26 -23.22 -73.67
N ILE Q 88 -29.00 -23.29 -72.37
CA ILE Q 88 -30.07 -23.60 -71.42
C ILE Q 88 -31.00 -22.41 -71.22
N VAL Q 89 -30.43 -21.21 -71.14
CA VAL Q 89 -31.27 -20.01 -71.09
C VAL Q 89 -32.19 -19.99 -72.30
N ALA Q 90 -31.66 -20.31 -73.48
CA ALA Q 90 -32.48 -20.31 -74.69
C ALA Q 90 -33.59 -21.35 -74.58
N ALA Q 91 -33.29 -22.51 -74.02
CA ALA Q 91 -34.30 -23.55 -73.92
C ALA Q 91 -35.37 -23.18 -72.91
N LEU Q 92 -34.97 -22.54 -71.82
CA LEU Q 92 -35.95 -22.10 -70.83
C LEU Q 92 -36.89 -21.08 -71.42
N GLU Q 93 -36.34 -20.22 -72.27
CA GLU Q 93 -37.15 -19.17 -72.86
C GLU Q 93 -38.17 -19.75 -73.82
N GLN Q 94 -37.80 -20.85 -74.48
CA GLN Q 94 -38.75 -21.58 -75.30
C GLN Q 94 -39.94 -22.07 -74.47
N TYR Q 95 -39.72 -22.22 -73.17
CA TYR Q 95 -40.75 -22.74 -72.25
C TYR Q 95 -41.52 -21.65 -71.54
N GLY Q 96 -41.30 -20.41 -71.94
CA GLY Q 96 -41.97 -19.29 -71.30
C GLY Q 96 -41.39 -18.92 -69.94
N VAL Q 97 -40.18 -19.38 -69.67
CA VAL Q 97 -39.50 -19.07 -68.40
C VAL Q 97 -38.48 -17.97 -68.58
N TYR Q 98 -38.57 -16.90 -67.78
CA TYR Q 98 -37.57 -15.84 -67.92
C TYR Q 98 -36.50 -15.91 -66.82
N TYR Q 99 -35.27 -16.11 -67.26
CA TYR Q 99 -34.15 -16.22 -66.34
C TYR Q 99 -33.68 -14.86 -65.86
N ARG Q 100 -33.72 -14.66 -64.55
CA ARG Q 100 -33.14 -13.46 -63.97
C ARG Q 100 -31.96 -13.94 -63.16
N PRO Q 101 -30.74 -13.64 -63.63
CA PRO Q 101 -29.54 -14.15 -62.97
C PRO Q 101 -29.45 -13.79 -61.48
N ARG Q 102 -28.91 -14.70 -60.70
CA ARG Q 102 -28.84 -14.51 -59.24
C ARG Q 102 -27.42 -14.23 -58.76
N ASP Q 103 -26.57 -13.75 -59.66
CA ASP Q 103 -25.15 -13.55 -59.36
C ASP Q 103 -24.80 -12.13 -58.96
N GLY Q 104 -25.78 -11.25 -59.02
CA GLY Q 104 -25.56 -9.84 -58.70
C GLY Q 104 -25.17 -9.01 -59.91
N PRO R 216 -40.51 -5.21 -61.67
CA PRO R 216 -39.38 -4.38 -61.22
C PRO R 216 -39.08 -4.60 -59.74
N GLN R 217 -37.80 -4.65 -59.40
CA GLN R 217 -37.38 -4.84 -58.02
C GLN R 217 -37.93 -3.72 -57.10
N ARG R 218 -38.10 -2.50 -57.64
CA ARG R 218 -38.57 -1.38 -56.81
C ARG R 218 -39.99 -1.58 -56.26
N LEU R 219 -40.75 -2.53 -56.80
CA LEU R 219 -42.10 -2.76 -56.28
C LEU R 219 -42.09 -3.75 -55.12
N LEU R 220 -40.92 -4.31 -54.84
CA LEU R 220 -40.81 -5.29 -53.76
C LEU R 220 -40.26 -4.72 -52.46
N ILE R 221 -40.12 -3.39 -52.37
CA ILE R 221 -39.58 -2.79 -51.17
C ILE R 221 -40.46 -3.08 -49.96
N PRO R 222 -39.84 -3.18 -48.78
CA PRO R 222 -40.60 -3.48 -47.55
C PRO R 222 -41.43 -2.31 -47.06
N THR R 223 -42.48 -2.65 -46.33
CA THR R 223 -43.37 -1.66 -45.75
C THR R 223 -43.62 -1.99 -44.29
N VAL R 224 -44.36 -1.11 -43.63
CA VAL R 224 -44.70 -1.26 -42.23
C VAL R 224 -45.56 -2.52 -41.98
N ASP R 225 -46.17 -3.04 -43.04
CA ASP R 225 -47.00 -4.25 -42.95
C ASP R 225 -46.18 -5.54 -42.95
N ASP R 226 -44.92 -5.43 -43.32
CA ASP R 226 -44.04 -6.59 -43.38
C ASP R 226 -43.51 -6.96 -42.00
N PRO R 227 -43.09 -8.23 -41.82
CA PRO R 227 -42.55 -8.59 -40.51
C PRO R 227 -41.31 -7.79 -40.15
N GLY R 228 -40.99 -7.76 -38.85
CA GLY R 228 -39.78 -7.13 -38.38
C GLY R 228 -38.58 -8.03 -38.62
N ILE R 229 -37.40 -7.43 -38.59
CA ILE R 229 -36.15 -8.18 -38.66
C ILE R 229 -35.28 -7.78 -37.48
N TRP R 230 -34.86 -8.77 -36.73
CA TRP R 230 -33.92 -8.59 -35.62
C TRP R 230 -32.57 -9.16 -35.99
N GLY R 231 -31.50 -8.52 -35.56
CA GLY R 231 -30.17 -9.11 -35.63
C GLY R 231 -29.84 -9.77 -34.30
N VAL R 232 -29.04 -10.83 -34.34
CA VAL R 232 -28.62 -11.53 -33.14
C VAL R 232 -27.12 -11.85 -33.24
N LYS R 233 -26.39 -11.65 -32.15
CA LYS R 233 -24.98 -11.97 -32.08
C LYS R 233 -24.78 -13.47 -31.89
N VAL R 234 -23.92 -14.08 -32.71
CA VAL R 234 -23.63 -15.50 -32.55
C VAL R 234 -22.12 -15.75 -32.59
N ARG R 235 -21.69 -16.92 -32.15
CA ARG R 235 -20.28 -17.30 -32.17
C ARG R 235 -19.71 -17.19 -33.58
N LEU R 236 -18.55 -16.55 -33.70
CA LEU R 236 -17.92 -16.35 -35.00
C LEU R 236 -17.71 -17.68 -35.71
N GLY R 237 -18.12 -17.75 -36.98
CA GLY R 237 -17.98 -18.97 -37.75
C GLY R 237 -19.15 -19.92 -37.61
N LYS R 238 -20.11 -19.57 -36.77
CA LYS R 238 -21.24 -20.44 -36.51
C LYS R 238 -22.54 -19.87 -37.07
N GLU R 239 -22.43 -18.82 -37.88
CA GLU R 239 -23.61 -18.15 -38.42
C GLU R 239 -24.42 -19.05 -39.35
N LYS R 240 -23.76 -19.77 -40.24
CA LYS R 240 -24.48 -20.70 -41.13
C LYS R 240 -25.13 -21.81 -40.31
N ASP R 241 -24.42 -22.32 -39.30
CA ASP R 241 -25.00 -23.36 -38.46
C ASP R 241 -26.28 -22.92 -37.76
N VAL R 242 -26.29 -21.70 -37.24
CA VAL R 242 -27.47 -21.15 -36.58
C VAL R 242 -28.63 -21.00 -37.57
N VAL R 243 -28.35 -20.55 -38.79
CA VAL R 243 -29.41 -20.43 -39.80
C VAL R 243 -30.02 -21.81 -40.10
N ARG R 244 -29.17 -22.81 -40.25
CA ARG R 244 -29.58 -24.21 -40.42
C ARG R 244 -30.49 -24.71 -39.31
N GLN R 245 -30.02 -24.45 -38.07
CA GLN R 245 -30.72 -24.93 -36.88
C GLN R 245 -32.10 -24.29 -36.78
N ILE R 246 -32.17 -23.00 -37.13
CA ILE R 246 -33.46 -22.31 -37.12
C ILE R 246 -34.41 -22.94 -38.14
N LEU R 247 -33.91 -23.28 -39.32
CA LEU R 247 -34.75 -23.91 -40.34
C LEU R 247 -35.29 -25.26 -39.83
N LYS R 248 -34.43 -26.08 -39.23
CA LYS R 248 -34.89 -27.37 -38.71
C LYS R 248 -36.01 -27.22 -37.69
N LYS R 249 -35.85 -26.26 -36.80
CA LYS R 249 -36.84 -26.00 -35.76
C LYS R 249 -38.15 -25.53 -36.38
N LYS R 250 -38.08 -24.61 -37.33
CA LYS R 250 -39.27 -24.12 -38.04
C LYS R 250 -40.07 -25.25 -38.70
N LEU R 251 -39.37 -26.07 -39.48
CA LEU R 251 -40.01 -27.13 -40.27
C LEU R 251 -40.59 -28.23 -39.37
N ALA R 252 -39.94 -28.46 -38.24
CA ALA R 252 -40.34 -29.52 -37.32
C ALA R 252 -41.59 -29.19 -36.55
N ARG R 253 -41.84 -27.89 -36.41
CA ARG R 253 -42.94 -27.38 -35.60
C ARG R 253 -44.11 -26.88 -36.46
N GLU R 254 -43.95 -26.89 -37.79
CA GLU R 254 -45.03 -26.48 -38.69
C GLU R 254 -46.31 -27.31 -38.44
N GLY R 255 -47.44 -26.63 -38.28
CA GLY R 255 -48.72 -27.34 -38.11
C GLY R 255 -49.01 -27.86 -36.72
N THR R 256 -48.06 -27.74 -35.79
CA THR R 256 -48.28 -28.17 -34.41
C THR R 256 -48.99 -27.05 -33.66
N LYS R 257 -49.29 -27.26 -32.38
CA LYS R 257 -49.97 -26.21 -31.62
C LYS R 257 -49.01 -25.11 -31.22
N ASN R 258 -47.71 -25.37 -31.31
CA ASN R 258 -46.68 -24.38 -30.98
C ASN R 258 -45.71 -24.16 -32.14
N PRO R 259 -46.20 -23.61 -33.25
CA PRO R 259 -45.31 -23.37 -34.40
C PRO R 259 -44.24 -22.34 -34.05
N LEU R 260 -43.08 -22.41 -34.68
CA LEU R 260 -42.08 -21.35 -34.53
C LEU R 260 -42.48 -20.19 -35.43
N GLU R 261 -42.84 -19.08 -34.81
CA GLU R 261 -43.41 -17.98 -35.57
C GLU R 261 -42.31 -17.04 -36.08
N ILE R 262 -41.37 -17.63 -36.82
CA ILE R 262 -40.45 -16.85 -37.64
C ILE R 262 -40.73 -17.15 -39.12
N TYR R 263 -40.39 -16.19 -39.98
CA TYR R 263 -40.62 -16.36 -41.42
C TYR R 263 -39.36 -16.80 -42.15
N SER R 264 -38.24 -16.25 -41.74
CA SER R 264 -36.98 -16.53 -42.38
C SER R 264 -35.84 -16.19 -41.45
N ALA R 265 -34.65 -16.67 -41.75
CA ALA R 265 -33.45 -16.25 -41.03
C ALA R 265 -32.28 -16.29 -41.99
N PHE R 266 -31.32 -15.40 -41.83
CA PHE R 266 -30.19 -15.47 -42.77
C PHE R 266 -28.92 -14.90 -42.14
N GLN R 267 -27.80 -15.14 -42.81
CA GLN R 267 -26.51 -14.66 -42.34
C GLN R 267 -25.63 -14.20 -43.50
N ARG R 268 -25.17 -12.96 -43.43
CA ARG R 268 -24.32 -12.39 -44.48
C ARG R 268 -22.84 -12.51 -44.11
N ASP R 269 -22.05 -13.04 -45.04
CA ASP R 269 -20.62 -13.22 -44.83
C ASP R 269 -19.97 -11.90 -44.41
N SER R 270 -20.31 -10.83 -45.10
CA SER R 270 -19.76 -9.50 -44.81
C SER R 270 -20.05 -9.07 -43.36
N PHE R 271 -21.09 -9.64 -42.76
CA PHE R 271 -21.48 -9.30 -41.40
C PHE R 271 -21.15 -10.43 -40.43
N LYS R 272 -19.87 -10.63 -40.12
CA LYS R 272 -19.44 -11.67 -39.19
C LYS R 272 -20.16 -11.65 -37.83
N GLY R 273 -20.44 -12.84 -37.29
CA GLY R 273 -20.96 -12.96 -35.95
C GLY R 273 -22.41 -12.56 -35.75
N HIS R 274 -23.26 -12.48 -36.71
CA HIS R 274 -24.65 -12.05 -36.69
C HIS R 274 -25.53 -12.96 -37.53
N VAL R 275 -26.70 -13.15 -37.04
CA VAL R 275 -27.75 -13.78 -37.81
C VAL R 275 -28.94 -12.82 -37.78
N TYR R 276 -29.70 -12.76 -38.87
CA TYR R 276 -30.89 -11.92 -38.92
C TYR R 276 -32.11 -12.81 -38.99
N ILE R 277 -33.15 -12.44 -38.26
CA ILE R 277 -34.32 -13.30 -38.14
C ILE R 277 -35.57 -12.49 -38.36
N GLU R 278 -36.45 -12.99 -39.22
CA GLU R 278 -37.66 -12.30 -39.61
C GLU R 278 -38.85 -12.82 -38.82
N ALA R 279 -39.58 -11.94 -38.16
CA ALA R 279 -40.75 -12.33 -37.38
C ALA R 279 -41.65 -11.14 -37.10
N ARG R 280 -42.69 -11.36 -36.29
CA ARG R 280 -43.63 -10.31 -35.95
C ARG R 280 -43.52 -9.92 -34.48
N LYS R 281 -43.12 -10.88 -33.66
CA LYS R 281 -42.96 -10.64 -32.22
C LYS R 281 -41.56 -11.00 -31.75
N ALA R 282 -41.03 -10.22 -30.83
CA ALA R 282 -39.70 -10.46 -30.29
C ALA R 282 -39.61 -11.83 -29.63
N GLU R 283 -40.68 -12.24 -28.96
CA GLU R 283 -40.73 -13.52 -28.29
C GLU R 283 -40.39 -14.69 -29.23
N ALA R 284 -40.74 -14.54 -30.51
CA ALA R 284 -40.43 -15.57 -31.49
C ALA R 284 -38.92 -15.66 -31.73
N ILE R 285 -38.22 -14.53 -31.59
CA ILE R 285 -36.77 -14.54 -31.75
C ILE R 285 -36.17 -15.37 -30.63
N ASN R 286 -36.62 -15.12 -29.39
CA ASN R 286 -36.14 -15.89 -28.25
C ASN R 286 -36.44 -17.38 -28.41
N ASP R 287 -37.62 -17.67 -28.95
CA ASP R 287 -38.06 -19.04 -29.22
C ASP R 287 -37.15 -19.71 -30.26
N ALA R 288 -36.83 -18.99 -31.34
CA ALA R 288 -35.96 -19.55 -32.38
C ALA R 288 -34.58 -19.94 -31.85
N LEU R 289 -34.06 -19.15 -30.92
CA LEU R 289 -32.69 -19.37 -30.44
C LEU R 289 -32.58 -20.20 -29.16
N LYS R 290 -33.70 -20.56 -28.56
CA LYS R 290 -33.68 -21.24 -27.28
C LYS R 290 -32.89 -22.55 -27.37
N GLY R 291 -31.90 -22.67 -26.49
CA GLY R 291 -31.08 -23.88 -26.42
C GLY R 291 -29.96 -23.93 -27.44
N ASN R 292 -29.85 -22.92 -28.28
CA ASN R 292 -28.82 -22.95 -29.32
C ASN R 292 -27.46 -22.61 -28.72
N VAL R 293 -26.53 -23.56 -28.81
CA VAL R 293 -25.24 -23.46 -28.12
C VAL R 293 -24.30 -22.46 -28.78
N ASN R 294 -24.69 -21.99 -29.97
CA ASN R 294 -23.86 -21.07 -30.75
C ASN R 294 -24.26 -19.61 -30.58
N VAL R 295 -25.24 -19.36 -29.72
CA VAL R 295 -25.80 -18.04 -29.54
C VAL R 295 -25.42 -17.47 -28.19
N PHE R 296 -25.05 -16.19 -28.13
CA PHE R 296 -24.69 -15.61 -26.84
C PHE R 296 -25.91 -15.32 -25.99
N SER R 297 -25.88 -15.90 -24.79
CA SER R 297 -26.96 -15.89 -23.82
C SER R 297 -27.41 -14.50 -23.37
N ASN R 298 -26.50 -13.52 -23.40
CA ASN R 298 -26.89 -12.16 -23.12
C ASN R 298 -28.08 -11.73 -23.99
N ASN R 299 -28.98 -10.90 -23.48
CA ASN R 299 -30.18 -10.62 -24.24
C ASN R 299 -29.85 -9.60 -25.33
N SER R 300 -28.86 -9.96 -26.14
CA SER R 300 -28.40 -9.12 -27.23
C SER R 300 -29.04 -9.53 -28.53
N LYS R 301 -30.19 -9.00 -28.81
CA LYS R 301 -30.74 -8.88 -30.14
C LYS R 301 -31.00 -7.42 -30.34
N PHE R 302 -30.99 -7.07 -31.61
CA PHE R 302 -31.22 -5.67 -31.94
C PHE R 302 -32.21 -5.58 -33.11
N LEU R 303 -33.00 -4.51 -33.11
CA LEU R 303 -34.00 -4.26 -34.16
C LEU R 303 -33.38 -3.57 -35.38
N VAL R 304 -33.77 -4.01 -36.57
CA VAL R 304 -33.36 -3.38 -37.82
C VAL R 304 -34.49 -2.47 -38.33
N GLY R 305 -34.15 -1.30 -38.86
CA GLY R 305 -35.17 -0.44 -39.42
C GLY R 305 -35.62 -0.90 -40.80
N ILE R 306 -36.91 -0.71 -41.11
CA ILE R 306 -37.43 -1.06 -42.43
C ILE R 306 -36.56 -0.50 -43.55
N VAL R 307 -36.02 0.70 -43.34
CA VAL R 307 -35.26 1.38 -44.39
C VAL R 307 -33.87 0.75 -44.58
N GLU R 308 -33.50 -0.14 -43.65
CA GLU R 308 -32.23 -0.87 -43.70
C GLU R 308 -32.35 -2.30 -44.25
N TYR R 309 -33.58 -2.77 -44.45
CA TYR R 309 -33.79 -4.16 -44.85
C TYR R 309 -33.11 -4.56 -46.14
N LYS R 310 -33.29 -3.72 -47.22
CA LYS R 310 -32.84 -4.30 -48.48
C LYS R 310 -31.31 -4.35 -48.58
N ASP R 311 -30.69 -3.46 -47.92
CA ASP R 311 -29.25 -3.42 -47.95
C ASP R 311 -28.65 -4.68 -47.33
N LEU R 312 -29.42 -5.33 -46.46
CA LEU R 312 -28.99 -6.56 -45.79
C LEU R 312 -28.87 -7.69 -46.79
N LEU R 313 -29.60 -7.56 -47.90
CA LEU R 313 -29.75 -8.62 -48.91
C LEU R 313 -29.11 -8.23 -50.25
N ARG R 314 -28.26 -7.20 -50.25
CA ARG R 314 -27.50 -6.88 -51.45
C ARG R 314 -26.59 -8.04 -51.83
N PRO R 315 -26.68 -8.51 -53.07
CA PRO R 315 -25.85 -9.68 -53.39
C PRO R 315 -24.39 -9.29 -53.54
N VAL R 316 -24.07 -8.16 -54.16
CA VAL R 316 -22.68 -7.74 -54.33
C VAL R 316 -22.41 -6.41 -53.64
N LYS R 322 -16.13 -8.85 -61.58
CA LYS R 322 -15.18 -8.31 -62.55
C LYS R 322 -14.27 -9.40 -63.09
N LEU R 323 -13.37 -9.01 -64.00
CA LEU R 323 -12.44 -9.94 -64.60
C LEU R 323 -12.57 -9.85 -66.11
N THR R 324 -11.56 -9.33 -66.76
CA THR R 324 -11.61 -9.18 -68.20
C THR R 324 -10.30 -9.63 -68.80
N ARG R 325 -10.40 -10.25 -69.96
CA ARG R 325 -9.24 -10.71 -70.66
C ARG R 325 -8.32 -9.51 -71.02
N GLY R 326 -7.04 -9.66 -70.74
CA GLY R 326 -6.07 -8.60 -70.95
C GLY R 326 -5.72 -7.82 -69.70
N SER R 327 -6.54 -7.96 -68.65
CA SER R 327 -6.31 -7.26 -67.39
C SER R 327 -5.41 -8.07 -66.47
N TYR R 328 -4.91 -7.42 -65.43
CA TYR R 328 -4.07 -8.07 -64.44
C TYR R 328 -4.84 -8.52 -63.21
N VAL R 329 -4.40 -9.64 -62.66
CA VAL R 329 -4.92 -10.15 -61.40
C VAL R 329 -3.71 -10.61 -60.57
N ARG R 330 -3.92 -10.89 -59.30
CA ARG R 330 -2.89 -11.48 -58.45
C ARG R 330 -3.30 -12.90 -58.07
N VAL R 331 -2.36 -13.84 -58.23
CA VAL R 331 -2.63 -15.25 -57.92
C VAL R 331 -2.64 -15.46 -56.40
N LYS R 332 -3.58 -16.28 -55.93
CA LYS R 332 -3.80 -16.50 -54.50
C LYS R 332 -3.31 -17.86 -53.96
N ASN R 333 -2.84 -18.75 -54.83
CA ASN R 333 -2.48 -20.12 -54.42
C ASN R 333 -1.22 -20.61 -55.16
N GLY R 334 -0.49 -21.52 -54.52
CA GLY R 334 0.58 -22.23 -55.21
C GLY R 334 1.90 -21.48 -55.24
N LYS R 335 2.85 -21.97 -56.02
CA LYS R 335 4.15 -21.30 -56.08
C LYS R 335 4.05 -19.91 -56.66
N PHE R 336 2.96 -19.63 -57.38
CA PHE R 336 2.80 -18.31 -57.98
C PHE R 336 1.97 -17.38 -57.09
N LYS R 337 1.69 -17.82 -55.86
CA LYS R 337 0.93 -16.99 -54.94
C LYS R 337 1.56 -15.62 -54.77
N GLY R 338 0.74 -14.59 -54.92
CA GLY R 338 1.22 -13.22 -54.81
C GLY R 338 1.70 -12.63 -56.10
N ASP R 339 1.89 -13.45 -57.14
CA ASP R 339 2.43 -12.94 -58.40
C ASP R 339 1.34 -12.29 -59.24
N LEU R 340 1.73 -11.26 -59.98
CA LEU R 340 0.86 -10.59 -60.91
C LEU R 340 0.76 -11.43 -62.18
N ALA R 341 -0.44 -11.53 -62.74
CA ALA R 341 -0.61 -12.33 -63.95
C ALA R 341 -1.60 -11.66 -64.87
N GLN R 342 -1.42 -11.81 -66.17
CA GLN R 342 -2.48 -11.32 -67.13
C GLN R 342 -3.53 -12.37 -67.39
N VAL R 343 -4.79 -11.94 -67.35
CA VAL R 343 -5.88 -12.83 -67.73
C VAL R 343 -5.87 -13.06 -69.23
N ASP R 344 -5.58 -14.30 -69.65
CA ASP R 344 -5.58 -14.62 -71.08
C ASP R 344 -6.94 -15.02 -71.60
N GLU R 345 -7.65 -15.87 -70.84
CA GLU R 345 -8.97 -16.33 -71.24
C GLU R 345 -9.64 -17.13 -70.13
N VAL R 346 -10.95 -17.35 -70.26
CA VAL R 346 -11.70 -18.09 -69.27
C VAL R 346 -12.38 -19.31 -69.89
N LEU R 347 -12.66 -20.31 -69.06
CA LEU R 347 -13.30 -21.53 -69.53
C LEU R 347 -14.74 -21.27 -69.98
N GLU R 348 -15.22 -22.09 -70.91
CA GLU R 348 -16.58 -21.95 -71.43
C GLU R 348 -17.60 -21.95 -70.30
N ASN R 349 -17.48 -22.91 -69.39
CA ASN R 349 -18.40 -23.03 -68.26
C ASN R 349 -18.37 -21.79 -67.38
N GLY R 350 -17.18 -21.25 -67.15
CA GLY R 350 -17.01 -20.08 -66.33
C GLY R 350 -16.61 -20.41 -64.90
N LEU R 351 -15.35 -20.79 -64.72
CA LEU R 351 -14.83 -21.15 -63.40
C LEU R 351 -13.34 -20.86 -63.30
N GLU R 352 -12.57 -21.44 -64.21
CA GLU R 352 -11.12 -21.25 -64.22
C GLU R 352 -10.70 -20.33 -65.35
N ALA R 353 -9.66 -19.53 -65.10
CA ALA R 353 -9.15 -18.60 -66.10
C ALA R 353 -7.70 -18.91 -66.45
N ARG R 354 -7.39 -18.84 -67.75
CA ARG R 354 -6.04 -19.12 -68.22
C ARG R 354 -5.26 -17.83 -67.95
N LEU R 355 -4.14 -17.97 -67.24
CA LEU R 355 -3.29 -16.85 -66.86
C LEU R 355 -1.92 -16.92 -67.52
N LYS R 356 -1.40 -15.74 -67.86
CA LYS R 356 -0.07 -15.58 -68.43
C LYS R 356 0.83 -15.10 -67.29
N LEU R 357 1.86 -15.88 -67.00
CA LEU R 357 2.62 -15.76 -65.76
C LEU R 357 4.12 -15.83 -66.06
N VAL R 358 4.93 -15.01 -65.36
CA VAL R 358 6.37 -15.17 -65.42
C VAL R 358 6.76 -16.42 -64.63
N PRO R 359 7.39 -17.40 -65.30
CA PRO R 359 7.63 -18.69 -64.64
C PRO R 359 8.67 -18.66 -63.52
N ARG R 360 8.61 -19.68 -62.68
CA ARG R 360 9.58 -19.91 -61.60
C ARG R 360 10.08 -21.35 -61.74
N LEU R 361 11.12 -21.54 -62.55
CA LEU R 361 11.59 -22.86 -62.99
C LEU R 361 13.03 -23.14 -62.62
N ASP R 362 13.37 -24.44 -62.58
CA ASP R 362 14.74 -24.91 -62.37
C ASP R 362 15.32 -25.76 -63.50
N TYR R 363 14.54 -26.01 -64.56
CA TYR R 363 14.98 -26.85 -65.67
C TYR R 363 15.41 -28.24 -65.23
N GLY R 364 14.73 -28.77 -64.22
CA GLY R 364 14.93 -30.13 -63.75
C GLY R 364 16.24 -30.36 -63.03
N LYS R 365 16.89 -29.27 -62.62
CA LYS R 365 18.26 -29.28 -62.12
C LYS R 365 18.52 -30.26 -60.98
N ASP R 366 17.59 -30.39 -60.05
CA ASP R 366 17.82 -31.28 -58.91
C ASP R 366 16.80 -32.41 -58.80
N LEU R 367 16.20 -32.80 -59.93
CA LEU R 367 15.21 -33.86 -59.94
C LEU R 367 15.85 -35.24 -59.81
N SER R 368 15.10 -36.19 -59.26
CA SER R 368 15.57 -37.56 -59.08
C SER R 368 14.69 -38.54 -59.86
N TYR R 386 6.64 -28.88 -55.41
CA TYR R 386 7.22 -27.59 -55.05
C TYR R 386 6.29 -26.81 -54.13
N THR R 387 6.87 -25.91 -53.34
CA THR R 387 6.09 -25.10 -52.41
C THR R 387 6.30 -23.61 -52.68
N SER R 388 5.52 -22.77 -51.98
CA SER R 388 5.62 -21.33 -52.14
C SER R 388 6.73 -20.75 -51.27
N LYS R 389 7.22 -21.56 -50.33
CA LYS R 389 8.27 -21.13 -49.42
C LYS R 389 9.65 -21.63 -49.89
N PHE R 390 9.62 -22.60 -50.80
CA PHE R 390 10.86 -23.18 -51.33
C PHE R 390 10.85 -23.15 -52.86
N ARG R 391 10.18 -22.16 -53.42
CA ARG R 391 10.09 -22.01 -54.87
C ARG R 391 11.37 -21.41 -55.43
N PRO R 392 11.36 -21.05 -56.72
CA PRO R 392 12.43 -20.46 -57.52
C PRO R 392 12.14 -18.98 -57.81
N ALA R 393 13.20 -18.23 -58.15
CA ALA R 393 12.99 -16.86 -58.64
C ALA R 393 12.22 -16.84 -59.95
N GLN R 394 11.54 -15.72 -60.22
CA GLN R 394 10.82 -15.58 -61.47
C GLN R 394 11.76 -15.22 -62.62
N ARG R 395 11.59 -15.87 -63.77
CA ARG R 395 12.39 -15.55 -64.94
C ARG R 395 11.66 -16.15 -66.14
N LEU R 396 11.66 -15.43 -67.25
CA LEU R 396 10.98 -15.92 -68.44
C LEU R 396 11.56 -17.28 -68.85
N PHE R 397 10.69 -18.14 -69.36
CA PHE R 397 11.11 -19.46 -69.82
C PHE R 397 12.10 -19.27 -70.97
N SER R 398 13.16 -20.06 -70.95
CA SER R 398 14.17 -20.01 -72.01
C SER R 398 14.21 -21.40 -72.61
N GLU R 399 13.69 -21.53 -73.83
CA GLU R 399 13.64 -22.86 -74.46
C GLU R 399 15.01 -23.44 -74.81
N ALA R 400 15.99 -22.60 -75.11
CA ALA R 400 17.32 -23.15 -75.38
C ALA R 400 18.01 -23.66 -74.13
N GLU R 401 17.71 -23.04 -72.99
CA GLU R 401 18.19 -23.54 -71.72
C GLU R 401 17.56 -24.90 -71.41
N ALA R 402 16.26 -25.02 -71.66
CA ALA R 402 15.57 -26.31 -71.50
C ALA R 402 16.14 -27.37 -72.45
N ARG R 403 16.42 -26.95 -73.68
CA ARG R 403 17.00 -27.86 -74.67
C ARG R 403 18.34 -28.39 -74.18
N VAL R 404 19.17 -27.48 -73.68
CA VAL R 404 20.49 -27.84 -73.20
C VAL R 404 20.44 -28.76 -71.99
N HIS R 405 19.58 -28.43 -71.03
CA HIS R 405 19.64 -29.05 -69.71
C HIS R 405 18.65 -30.19 -69.45
N GLU R 406 17.54 -30.20 -70.18
CA GLU R 406 16.49 -31.18 -69.89
C GLU R 406 15.63 -31.45 -71.13
N ILE R 409 11.08 -31.54 -73.02
CA ILE R 409 10.79 -30.38 -73.86
C ILE R 409 10.14 -30.79 -75.18
N ARG R 410 8.97 -30.21 -75.46
CA ARG R 410 8.21 -30.50 -76.68
C ARG R 410 7.83 -29.21 -77.37
N ARG R 411 8.21 -29.05 -78.64
CA ARG R 411 7.75 -27.90 -79.39
C ARG R 411 6.33 -28.13 -79.88
N ASP R 412 5.49 -27.11 -79.72
CA ASP R 412 4.07 -27.22 -80.05
C ASP R 412 3.62 -26.27 -81.15
N ARG R 413 4.35 -25.18 -81.34
CA ARG R 413 3.97 -24.15 -82.31
C ARG R 413 5.10 -23.15 -82.35
N ASP R 414 4.92 -22.09 -83.11
CA ASP R 414 5.84 -20.98 -83.05
C ASP R 414 5.78 -20.40 -81.63
N GLY R 415 6.94 -20.41 -81.03
CA GLY R 415 7.23 -19.87 -79.69
C GLY R 415 6.52 -20.58 -78.56
N PHE R 416 5.97 -21.76 -78.83
CA PHE R 416 5.18 -22.49 -77.85
C PHE R 416 5.84 -23.83 -77.58
N VAL R 417 6.19 -24.04 -76.32
CA VAL R 417 6.78 -25.29 -75.86
C VAL R 417 6.02 -25.83 -74.68
N THR R 418 5.91 -27.15 -74.61
CA THR R 418 5.43 -27.81 -73.42
C THR R 418 6.65 -28.35 -72.70
N TYR R 419 6.88 -27.89 -71.49
CA TYR R 419 8.05 -28.28 -70.73
C TYR R 419 7.59 -28.78 -69.37
N GLY R 420 7.92 -30.01 -69.04
CA GLY R 420 7.40 -30.67 -67.85
C GLY R 420 5.89 -30.52 -67.73
N GLY R 421 5.20 -30.72 -68.85
CA GLY R 421 3.73 -30.77 -68.87
C GLY R 421 3.06 -29.44 -68.55
N GLU R 422 3.79 -28.34 -68.71
CA GLU R 422 3.21 -27.00 -68.65
C GLU R 422 3.55 -26.30 -69.96
N GLU R 423 2.68 -25.37 -70.34
CA GLU R 423 2.83 -24.63 -71.59
C GLU R 423 3.46 -23.24 -71.43
N TYR R 424 4.46 -22.97 -72.26
CA TYR R 424 5.20 -21.70 -72.24
C TYR R 424 5.17 -21.13 -73.63
N TYR R 425 4.63 -19.92 -73.76
CA TYR R 425 4.53 -19.26 -75.06
C TYR R 425 5.25 -17.92 -74.97
N GLU R 426 6.27 -17.76 -75.81
CA GLU R 426 7.11 -16.56 -75.81
C GLU R 426 7.65 -16.24 -74.41
N GLY R 427 7.98 -17.29 -73.66
CA GLY R 427 8.61 -17.15 -72.36
C GLY R 427 7.67 -17.16 -71.16
N PHE R 428 6.37 -17.04 -71.40
CA PHE R 428 5.41 -16.99 -70.30
C PHE R 428 4.69 -18.32 -70.12
N LEU R 429 4.46 -18.70 -68.86
CA LEU R 429 3.58 -19.80 -68.52
C LEU R 429 2.13 -19.40 -68.82
N TYR R 430 1.39 -20.32 -69.43
CA TYR R 430 -0.05 -20.17 -69.57
C TYR R 430 -0.65 -21.32 -68.79
N LYS R 431 -1.33 -21.01 -67.69
CA LYS R 431 -1.84 -22.02 -66.79
C LYS R 431 -3.22 -21.64 -66.27
N THR R 432 -4.10 -22.64 -66.16
CA THR R 432 -5.46 -22.39 -65.71
C THR R 432 -5.54 -22.36 -64.19
N PHE R 433 -6.24 -21.36 -63.67
CA PHE R 433 -6.51 -21.20 -62.25
C PHE R 433 -8.00 -21.02 -62.05
N ARG R 434 -8.51 -21.54 -60.94
CA ARG R 434 -9.86 -21.20 -60.56
C ARG R 434 -9.98 -19.69 -60.38
N LEU R 435 -11.10 -19.14 -60.84
CA LEU R 435 -11.36 -17.73 -60.64
C LEU R 435 -11.35 -17.40 -59.15
N GLN R 436 -11.80 -18.33 -58.31
CA GLN R 436 -11.78 -18.08 -56.87
C GLN R 436 -10.36 -18.03 -56.30
N ASN R 437 -9.39 -18.46 -57.12
CA ASN R 437 -7.96 -18.49 -56.77
C ASN R 437 -7.18 -17.27 -57.25
N LEU R 438 -7.89 -16.28 -57.77
CA LEU R 438 -7.23 -15.03 -58.16
C LEU R 438 -7.92 -13.85 -57.51
N ILE R 439 -7.16 -12.79 -57.31
CA ILE R 439 -7.68 -11.55 -56.78
C ILE R 439 -7.80 -10.56 -57.92
N VAL R 440 -8.99 -9.98 -58.08
CA VAL R 440 -9.23 -9.03 -59.17
C VAL R 440 -9.39 -7.58 -58.72
N ASN R 441 -9.54 -7.38 -57.41
CA ASN R 441 -9.85 -6.08 -56.83
C ASN R 441 -8.74 -5.49 -55.99
N SER R 442 -8.62 -4.17 -56.04
CA SER R 442 -7.66 -3.42 -55.22
C SER R 442 -6.20 -3.83 -55.30
N ILE R 443 -5.80 -4.37 -56.45
CA ILE R 443 -4.42 -4.78 -56.67
C ILE R 443 -3.55 -3.65 -56.67
N ASN R 444 -2.42 -3.72 -55.97
CA ASN R 444 -1.42 -2.66 -55.97
C ASN R 444 -0.14 -3.15 -56.65
N PRO R 445 0.17 -2.66 -57.84
CA PRO R 445 1.42 -3.09 -58.47
C PRO R 445 2.59 -2.69 -57.57
N THR R 446 3.60 -3.54 -57.52
CA THR R 446 4.78 -3.27 -56.72
C THR R 446 5.80 -2.49 -57.52
N LEU R 447 6.85 -2.04 -56.82
CA LEU R 447 7.99 -1.40 -57.50
C LEU R 447 8.54 -2.31 -58.59
N ASN R 448 8.74 -3.58 -58.22
CA ASN R 448 9.32 -4.54 -59.14
C ASN R 448 8.42 -4.74 -60.37
N GLU R 449 7.11 -4.73 -60.17
CA GLU R 449 6.16 -4.92 -61.28
C GLU R 449 6.09 -3.74 -62.22
N LEU R 450 6.24 -2.54 -61.66
CA LEU R 450 6.33 -1.35 -62.49
C LEU R 450 7.60 -1.41 -63.33
N SER R 451 8.71 -1.87 -62.75
CA SER R 451 9.94 -2.03 -63.53
C SER R 451 9.75 -3.04 -64.67
N LEU R 452 9.02 -4.13 -64.41
CA LEU R 452 8.90 -5.20 -65.42
C LEU R 452 7.83 -4.93 -66.46
N PHE R 453 6.57 -4.75 -66.03
CA PHE R 453 5.47 -4.57 -66.96
C PHE R 453 5.25 -3.10 -67.31
N ASP R 752 50.32 -19.92 -40.08
CA ASP R 752 51.39 -20.71 -39.47
C ASP R 752 50.91 -22.17 -39.56
N PRO R 753 51.82 -23.13 -39.81
CA PRO R 753 51.40 -24.51 -40.04
C PRO R 753 51.32 -25.41 -38.83
N THR R 754 51.53 -24.90 -37.60
CA THR R 754 51.55 -25.78 -36.44
C THR R 754 50.44 -25.52 -35.43
N LEU R 755 49.50 -24.62 -35.71
CA LEU R 755 48.35 -24.44 -34.82
C LEU R 755 47.54 -25.73 -34.76
N ASN R 756 46.94 -25.98 -33.59
CA ASN R 756 45.99 -27.06 -33.32
C ASN R 756 46.56 -28.47 -33.44
N LYS R 757 47.86 -28.61 -33.73
CA LYS R 757 48.55 -29.89 -33.79
C LYS R 757 49.11 -30.23 -32.42
N THR R 758 49.12 -31.53 -32.12
CA THR R 758 49.53 -32.00 -30.80
C THR R 758 51.04 -31.83 -30.65
N VAL R 759 51.49 -31.52 -29.42
CA VAL R 759 52.86 -31.09 -29.15
C VAL R 759 53.31 -31.76 -27.85
N LYS R 760 54.60 -32.06 -27.77
CA LYS R 760 55.27 -32.47 -26.54
C LYS R 760 56.37 -31.48 -26.19
N ILE R 761 56.53 -31.19 -24.90
CA ILE R 761 57.48 -30.21 -24.42
C ILE R 761 58.74 -30.94 -23.98
N ARG R 762 59.91 -30.47 -24.44
CA ARG R 762 61.15 -31.19 -24.21
C ARG R 762 62.12 -30.51 -23.26
N GLN R 763 61.87 -29.27 -22.84
CA GLN R 763 62.70 -28.60 -21.84
C GLN R 763 61.77 -27.90 -20.85
N GLY R 764 62.30 -27.60 -19.67
CA GLY R 764 61.60 -26.77 -18.71
C GLY R 764 60.85 -27.60 -17.69
N GLY R 765 60.09 -26.89 -16.83
CA GLY R 765 59.32 -27.59 -15.81
C GLY R 765 58.15 -28.43 -16.32
N TYR R 766 57.71 -28.21 -17.55
CA TYR R 766 56.60 -28.96 -18.14
C TYR R 766 57.07 -29.97 -19.17
N LYS R 767 58.29 -30.47 -18.98
CA LYS R 767 58.95 -31.33 -19.94
C LYS R 767 58.30 -32.71 -19.91
N GLY R 768 57.93 -33.22 -21.09
CA GLY R 768 57.22 -34.49 -21.20
C GLY R 768 55.71 -34.46 -21.27
N LYS R 769 55.09 -33.27 -21.24
CA LYS R 769 53.63 -33.15 -21.20
C LYS R 769 53.03 -32.91 -22.59
N ILE R 770 51.82 -33.46 -22.80
CA ILE R 770 51.10 -33.32 -24.06
C ILE R 770 50.36 -31.97 -24.02
N GLY R 771 50.11 -31.41 -25.20
CA GLY R 771 49.37 -30.16 -25.30
C GLY R 771 48.91 -29.94 -26.73
N ILE R 772 48.18 -28.85 -26.93
CA ILE R 772 47.70 -28.42 -28.24
C ILE R 772 48.01 -26.94 -28.39
N VAL R 773 48.50 -26.55 -29.58
CA VAL R 773 48.80 -25.16 -29.89
C VAL R 773 47.50 -24.37 -30.04
N LYS R 774 47.19 -23.56 -29.03
CA LYS R 774 45.97 -22.76 -29.04
C LYS R 774 46.12 -21.45 -29.80
N GLU R 775 47.30 -20.82 -29.73
CA GLU R 775 47.57 -19.54 -30.39
C GLU R 775 49.06 -19.40 -30.64
N ALA R 776 49.43 -19.08 -31.88
CA ALA R 776 50.83 -18.98 -32.28
C ALA R 776 51.13 -17.63 -32.95
N ASN R 777 51.00 -16.55 -32.17
CA ASN R 777 51.24 -15.20 -32.69
C ASN R 777 52.67 -15.01 -33.18
N GLY R 778 53.64 -15.21 -32.30
CA GLY R 778 55.04 -15.10 -32.68
C GLY R 778 55.98 -15.48 -31.56
N ASP R 779 56.91 -16.43 -31.77
CA ASP R 779 57.97 -16.83 -30.83
C ASP R 779 57.47 -17.45 -29.52
N ARG R 780 56.46 -16.82 -28.92
CA ARG R 780 55.79 -17.26 -27.70
C ARG R 780 54.49 -17.95 -28.10
N PHE R 781 54.40 -19.25 -27.85
CA PHE R 781 53.19 -20.01 -28.19
C PHE R 781 52.27 -20.07 -26.98
N ARG R 782 51.02 -20.43 -27.25
CA ARG R 782 50.03 -20.72 -26.23
C ARG R 782 49.66 -22.19 -26.39
N VAL R 783 50.14 -23.01 -25.48
CA VAL R 783 49.82 -24.43 -25.47
C VAL R 783 48.72 -24.67 -24.43
N GLU R 784 47.65 -25.34 -24.84
CA GLU R 784 46.64 -25.71 -23.84
C GLU R 784 47.13 -27.07 -23.34
N LEU R 785 47.80 -27.04 -22.19
CA LEU R 785 48.29 -28.27 -21.57
C LEU R 785 47.14 -29.23 -21.31
N HIS R 786 47.44 -30.52 -21.36
CA HIS R 786 46.34 -31.44 -21.07
C HIS R 786 46.21 -31.66 -19.58
N ASN R 787 47.32 -31.68 -18.88
CA ASN R 787 47.44 -32.31 -17.58
C ASN R 787 46.81 -31.43 -16.49
N PRO R 788 47.18 -30.12 -16.29
CA PRO R 788 46.28 -29.31 -15.46
C PRO R 788 45.44 -28.37 -16.32
N ASN R 789 44.31 -27.90 -15.81
CA ASN R 789 43.41 -27.08 -16.63
C ASN R 789 44.01 -25.68 -16.66
N LYS R 790 45.03 -25.53 -17.48
CA LYS R 790 45.72 -24.26 -17.67
C LYS R 790 46.34 -24.19 -19.07
N THR R 791 46.30 -23.00 -19.66
CA THR R 791 46.95 -22.69 -20.93
C THR R 791 48.15 -21.80 -20.69
N ILE R 792 49.33 -22.24 -21.13
CA ILE R 792 50.56 -21.55 -20.74
C ILE R 792 51.17 -20.75 -21.89
N PRO R 793 51.92 -19.69 -21.59
CA PRO R 793 52.78 -19.05 -22.61
C PRO R 793 54.12 -19.77 -22.66
N ILE R 794 54.58 -20.11 -23.87
CA ILE R 794 55.85 -20.86 -23.92
C ILE R 794 56.68 -20.49 -25.15
N PRO R 795 58.00 -20.39 -25.01
CA PRO R 795 58.89 -20.17 -26.17
C PRO R 795 59.01 -21.34 -27.11
N CYS R 796 59.21 -21.01 -28.40
CA CYS R 796 59.28 -21.97 -29.50
C CYS R 796 60.45 -22.95 -29.46
N SER R 797 61.57 -22.60 -28.81
CA SER R 797 62.67 -23.55 -28.64
C SER R 797 62.30 -24.81 -27.86
N PHE R 798 61.28 -24.73 -27.01
CA PHE R 798 60.89 -25.77 -26.07
C PHE R 798 59.96 -26.86 -26.61
N LEU R 799 59.53 -26.80 -27.87
CA LEU R 799 58.48 -27.70 -28.33
C LEU R 799 58.99 -28.80 -29.25
N LEU R 800 58.39 -29.98 -29.12
CA LEU R 800 58.45 -31.04 -30.12
C LEU R 800 57.06 -31.18 -30.74
N ILE R 801 57.00 -31.30 -32.07
CA ILE R 801 55.73 -31.46 -32.78
C ILE R 801 55.60 -32.89 -33.26
N GLU R 802 54.38 -33.43 -33.24
CA GLU R 802 54.14 -34.76 -33.79
C GLU R 802 53.94 -34.69 -35.29
N SER R 803 54.49 -35.68 -35.98
CA SER R 803 54.44 -35.79 -37.43
C SER R 803 54.25 -37.26 -37.75
N THR R 804 54.63 -37.64 -38.97
CA THR R 804 54.46 -39.02 -39.42
C THR R 804 55.28 -39.97 -38.56
N HIS R 805 56.53 -39.61 -38.27
CA HIS R 805 57.42 -40.42 -37.44
C HIS R 805 57.83 -39.60 -36.22
N GLY R 806 57.24 -39.92 -35.07
CA GLY R 806 57.55 -39.38 -33.76
C GLY R 806 57.45 -37.88 -33.58
N TRP R 807 58.03 -37.44 -32.47
CA TRP R 807 58.07 -36.03 -32.08
C TRP R 807 59.32 -35.43 -32.71
N VAL R 808 59.12 -34.44 -33.56
CA VAL R 808 60.21 -33.87 -34.36
C VAL R 808 60.51 -32.45 -33.91
N PRO R 809 61.80 -32.09 -33.71
CA PRO R 809 62.22 -30.70 -33.41
C PRO R 809 61.90 -29.71 -34.53
N TYR R 810 62.40 -28.47 -34.42
CA TYR R 810 62.06 -27.44 -35.41
C TYR R 810 62.72 -27.65 -36.77
N GLU R 811 62.52 -28.83 -37.35
CA GLU R 811 62.84 -29.13 -38.74
C GLU R 811 61.60 -29.59 -39.50
N ASP R 812 60.42 -29.31 -38.97
CA ASP R 812 59.17 -29.74 -39.57
C ASP R 812 58.66 -28.72 -40.58
N PRO S 42 -55.63 -1.22 3.53
CA PRO S 42 -56.31 -1.81 2.37
C PRO S 42 -57.26 -2.91 2.78
N HIS S 43 -58.36 -2.55 3.43
CA HIS S 43 -59.25 -3.55 4.02
C HIS S 43 -60.64 -2.95 4.21
N ARG S 44 -61.60 -3.81 4.54
CA ARG S 44 -62.97 -3.43 4.84
C ARG S 44 -63.34 -3.90 6.24
N TYR S 45 -63.87 -3.01 7.06
CA TYR S 45 -64.46 -3.38 8.32
C TYR S 45 -65.97 -3.17 8.33
N ARG S 46 -66.56 -3.37 9.51
CA ARG S 46 -68.00 -3.34 9.67
C ARG S 46 -68.52 -1.90 9.51
N PRO S 47 -69.77 -1.73 9.07
CA PRO S 47 -70.32 -0.38 8.88
C PRO S 47 -70.48 0.36 10.21
N GLY S 48 -69.89 1.54 10.29
CA GLY S 48 -69.95 2.34 11.49
C GLY S 48 -68.64 3.03 11.83
N THR S 49 -67.53 2.39 11.47
CA THR S 49 -66.22 3.01 11.73
C THR S 49 -65.98 4.20 10.82
N VAL S 50 -66.43 4.09 9.57
CA VAL S 50 -66.36 5.21 8.64
C VAL S 50 -67.24 6.35 9.11
N ALA S 51 -68.37 6.02 9.73
CA ALA S 51 -69.30 7.03 10.22
C ALA S 51 -68.69 7.86 11.34
N LEU S 52 -68.14 7.19 12.36
CA LEU S 52 -67.52 7.92 13.46
C LEU S 52 -66.25 8.62 13.00
N ARG S 53 -65.58 8.07 11.99
CA ARG S 53 -64.40 8.72 11.46
C ARG S 53 -64.77 10.01 10.73
N GLU S 54 -65.90 10.00 10.02
CA GLU S 54 -66.35 11.22 9.36
C GLU S 54 -66.86 12.25 10.37
N ILE S 55 -67.48 11.79 11.47
CA ILE S 55 -67.92 12.71 12.53
C ILE S 55 -66.72 13.41 13.15
N ARG S 56 -65.67 12.65 13.46
CA ARG S 56 -64.47 13.25 14.04
C ARG S 56 -63.75 14.15 13.04
N ARG S 57 -63.67 13.71 11.78
CA ARG S 57 -62.99 14.49 10.75
C ARG S 57 -63.70 15.80 10.48
N TYR S 58 -65.03 15.82 10.55
CA TYR S 58 -65.75 17.02 10.21
C TYR S 58 -65.99 17.94 11.40
N GLN S 59 -66.09 17.41 12.62
CA GLN S 59 -66.04 18.29 13.77
C GLN S 59 -64.64 18.83 14.02
N LYS S 60 -63.60 18.13 13.55
CA LYS S 60 -62.28 18.77 13.47
C LYS S 60 -62.26 19.84 12.40
N SER S 61 -62.94 19.63 11.29
CA SER S 61 -62.84 20.56 10.18
C SER S 61 -63.68 21.80 10.45
N THR S 62 -63.43 22.83 9.67
CA THR S 62 -64.10 24.10 9.82
C THR S 62 -65.00 24.47 8.66
N GLU S 63 -64.47 24.49 7.45
CA GLU S 63 -65.06 25.24 6.35
C GLU S 63 -66.22 24.55 5.66
N LEU S 64 -66.57 25.05 4.47
CA LEU S 64 -67.83 24.77 3.79
C LEU S 64 -67.95 23.31 3.37
N LEU S 65 -69.16 22.79 3.45
CA LEU S 65 -69.47 21.44 2.96
C LEU S 65 -70.17 21.45 1.62
N ILE S 66 -71.20 22.26 1.43
CA ILE S 66 -71.78 22.46 0.12
C ILE S 66 -70.82 23.32 -0.69
N ARG S 67 -70.52 22.89 -1.91
CA ARG S 67 -69.54 23.63 -2.69
C ARG S 67 -70.15 24.90 -3.26
N LYS S 68 -69.27 25.69 -3.88
CA LYS S 68 -69.60 27.09 -4.20
C LYS S 68 -70.55 27.20 -5.38
N LEU S 69 -70.13 26.72 -6.54
CA LEU S 69 -70.80 27.08 -7.79
C LEU S 69 -72.22 26.52 -7.96
N PRO S 70 -72.55 25.26 -7.59
CA PRO S 70 -73.98 24.89 -7.63
C PRO S 70 -74.84 25.67 -6.68
N PHE S 71 -74.28 26.08 -5.54
CA PHE S 71 -75.04 26.93 -4.63
C PHE S 71 -75.27 28.31 -5.24
N GLN S 72 -74.27 28.83 -5.95
CA GLN S 72 -74.42 30.10 -6.64
C GLN S 72 -75.51 30.04 -7.70
N ARG S 73 -75.53 28.95 -8.48
CA ARG S 73 -76.55 28.84 -9.51
C ARG S 73 -77.94 28.58 -8.93
N LEU S 74 -78.01 27.93 -7.76
CA LEU S 74 -79.30 27.79 -7.09
C LEU S 74 -79.83 29.13 -6.60
N VAL S 75 -78.95 29.94 -6.02
CA VAL S 75 -79.34 31.27 -5.58
C VAL S 75 -79.77 32.12 -6.76
N ARG S 76 -79.06 32.02 -7.88
CA ARG S 76 -79.46 32.79 -9.05
C ARG S 76 -80.77 32.30 -9.65
N GLU S 77 -81.05 31.00 -9.54
CA GLU S 77 -82.34 30.45 -10.00
C GLU S 77 -83.49 31.03 -9.20
N ILE S 78 -83.39 31.00 -7.88
CA ILE S 78 -84.49 31.55 -7.09
C ILE S 78 -84.51 33.08 -7.17
N ALA S 79 -83.35 33.70 -7.43
CA ALA S 79 -83.27 35.15 -7.42
C ALA S 79 -83.85 35.77 -8.69
N GLN S 80 -83.68 35.10 -9.83
CA GLN S 80 -84.19 35.66 -11.07
C GLN S 80 -85.71 35.64 -11.12
N ASP S 81 -86.32 34.71 -10.39
CA ASP S 81 -87.77 34.56 -10.36
C ASP S 81 -88.47 35.67 -9.57
N PHE S 82 -87.73 36.52 -8.86
CA PHE S 82 -88.34 37.66 -8.19
C PHE S 82 -87.99 39.00 -8.83
N LYS S 83 -86.90 39.06 -9.57
CA LYS S 83 -86.49 40.27 -10.27
C LYS S 83 -85.51 39.84 -11.33
N THR S 84 -85.58 40.48 -12.50
CA THR S 84 -84.71 40.11 -13.60
C THR S 84 -83.37 40.83 -13.52
N ASP S 85 -82.32 40.13 -13.95
CA ASP S 85 -80.99 40.67 -14.24
C ASP S 85 -80.34 41.32 -13.01
N LEU S 86 -80.02 40.48 -12.04
CA LEU S 86 -79.31 40.93 -10.85
C LEU S 86 -77.81 40.85 -11.06
N ARG S 87 -77.09 41.47 -10.12
CA ARG S 87 -75.64 41.35 -10.01
C ARG S 87 -75.30 41.20 -8.53
N PHE S 88 -74.27 40.41 -8.23
CA PHE S 88 -74.04 39.92 -6.88
C PHE S 88 -72.64 40.22 -6.38
N GLN S 89 -72.56 40.54 -5.08
CA GLN S 89 -71.30 40.44 -4.36
C GLN S 89 -71.08 38.99 -3.95
N SER S 90 -69.83 38.54 -4.05
CA SER S 90 -69.50 37.15 -3.74
C SER S 90 -69.63 36.87 -2.26
N ALA S 91 -69.30 37.86 -1.42
CA ALA S 91 -69.40 37.68 0.02
C ALA S 91 -70.84 37.53 0.45
N ALA S 92 -71.78 38.13 -0.29
CA ALA S 92 -73.20 37.94 -0.04
C ALA S 92 -73.58 36.48 -0.22
N ILE S 93 -73.05 35.85 -1.26
CA ILE S 93 -73.40 34.46 -1.53
C ILE S 93 -72.73 33.55 -0.52
N GLY S 94 -71.52 33.90 -0.08
CA GLY S 94 -70.88 33.15 0.98
C GLY S 94 -71.62 33.25 2.29
N ALA S 95 -72.18 34.42 2.58
CA ALA S 95 -73.02 34.60 3.76
C ALA S 95 -74.29 33.76 3.66
N LEU S 96 -74.88 33.70 2.47
CA LEU S 96 -76.02 32.83 2.24
C LEU S 96 -75.68 31.39 2.51
N GLN S 97 -74.51 30.97 2.04
CA GLN S 97 -74.05 29.60 2.26
C GLN S 97 -73.84 29.32 3.73
N GLU S 98 -73.32 30.31 4.45
CA GLU S 98 -73.09 30.16 5.88
C GLU S 98 -74.38 30.00 6.64
N ALA S 99 -75.37 30.83 6.29
CA ALA S 99 -76.67 30.74 6.94
C ALA S 99 -77.37 29.43 6.61
N SER S 100 -77.21 28.96 5.37
CA SER S 100 -77.81 27.70 4.95
C SER S 100 -77.23 26.54 5.72
N GLU S 101 -75.90 26.51 5.85
CA GLU S 101 -75.24 25.45 6.59
C GLU S 101 -75.61 25.51 8.07
N ALA S 102 -75.77 26.71 8.61
CA ALA S 102 -76.21 26.87 9.99
C ALA S 102 -77.61 26.30 10.20
N TYR S 103 -78.53 26.62 9.28
CA TYR S 103 -79.91 26.20 9.42
C TYR S 103 -80.05 24.69 9.26
N LEU S 104 -79.27 24.12 8.35
CA LEU S 104 -79.32 22.68 8.16
C LEU S 104 -78.68 21.94 9.33
N VAL S 105 -77.61 22.49 9.91
CA VAL S 105 -76.98 21.83 11.05
C VAL S 105 -77.89 21.87 12.26
N GLY S 106 -78.58 22.99 12.47
CA GLY S 106 -79.56 23.05 13.56
C GLY S 106 -80.70 22.08 13.34
N LEU S 107 -81.17 21.96 12.10
CA LEU S 107 -82.25 21.02 11.81
C LEU S 107 -81.79 19.59 12.00
N PHE S 108 -80.55 19.29 11.63
CA PHE S 108 -80.06 17.93 11.81
C PHE S 108 -79.83 17.61 13.27
N GLU S 109 -79.41 18.59 14.08
CA GLU S 109 -79.24 18.34 15.51
C GLU S 109 -80.57 18.01 16.14
N ASP S 110 -81.61 18.80 15.81
CA ASP S 110 -82.93 18.49 16.35
C ASP S 110 -83.47 17.18 15.81
N THR S 111 -83.15 16.84 14.56
CA THR S 111 -83.63 15.61 13.97
C THR S 111 -82.97 14.41 14.63
N ASN S 112 -81.68 14.53 14.93
CA ASN S 112 -80.99 13.42 15.57
C ASN S 112 -81.43 13.28 17.01
N LEU S 113 -81.78 14.38 17.68
CA LEU S 113 -82.32 14.26 19.02
C LEU S 113 -83.69 13.60 19.02
N CYS S 114 -84.51 13.90 18.00
CA CYS S 114 -85.78 13.20 17.86
C CYS S 114 -85.58 11.72 17.58
N ALA S 115 -84.57 11.39 16.76
CA ALA S 115 -84.32 10.01 16.41
C ALA S 115 -83.86 9.21 17.61
N ILE S 116 -82.86 9.73 18.32
CA ILE S 116 -82.36 9.06 19.52
C ILE S 116 -83.43 9.00 20.59
N HIS S 117 -84.35 9.98 20.61
CA HIS S 117 -85.51 9.84 21.46
C HIS S 117 -86.43 8.71 21.03
N ALA S 118 -86.56 8.48 19.73
CA ALA S 118 -87.47 7.44 19.24
C ALA S 118 -86.86 6.04 19.26
N LYS S 119 -85.72 5.86 19.95
CA LYS S 119 -84.98 4.60 20.05
C LYS S 119 -84.55 4.09 18.68
N ARG S 120 -84.33 5.01 17.74
CA ARG S 120 -83.92 4.69 16.39
C ARG S 120 -82.68 5.47 16.05
N VAL S 121 -81.89 4.95 15.12
CA VAL S 121 -80.82 5.72 14.52
C VAL S 121 -81.11 6.05 13.06
N THR S 122 -81.89 5.22 12.37
CA THR S 122 -82.35 5.52 11.03
C THR S 122 -83.34 6.68 11.09
N ILE S 123 -82.91 7.87 10.68
CA ILE S 123 -83.81 9.00 10.59
C ILE S 123 -84.75 8.81 9.42
N MET S 124 -85.95 9.35 9.55
CA MET S 124 -87.00 9.27 8.56
C MET S 124 -87.59 10.68 8.43
N PRO S 125 -88.26 10.99 7.31
CA PRO S 125 -88.72 12.38 7.12
C PRO S 125 -89.79 12.83 8.10
N LYS S 126 -90.47 11.91 8.79
CA LYS S 126 -91.39 12.35 9.84
C LYS S 126 -90.67 12.89 11.06
N ASP S 127 -89.38 12.56 11.24
CA ASP S 127 -88.57 13.23 12.25
C ASP S 127 -88.39 14.71 11.91
N ILE S 128 -88.11 15.02 10.65
CA ILE S 128 -88.01 16.41 10.23
C ILE S 128 -89.37 17.09 10.29
N GLN S 129 -90.46 16.33 10.08
CA GLN S 129 -91.80 16.84 10.31
C GLN S 129 -92.00 17.29 11.75
N LEU S 130 -91.62 16.45 12.71
CA LEU S 130 -91.74 16.81 14.12
C LEU S 130 -90.86 18.00 14.47
N ALA S 131 -89.65 18.05 13.89
CA ALA S 131 -88.71 19.11 14.20
C ALA S 131 -89.19 20.47 13.71
N ARG S 132 -89.55 20.57 12.45
CA ARG S 132 -90.04 21.83 11.92
C ARG S 132 -91.48 22.11 12.33
N ARG S 133 -92.16 21.16 12.96
CA ARG S 133 -93.37 21.48 13.69
C ARG S 133 -93.04 22.24 14.97
N ILE S 134 -92.13 21.69 15.77
CA ILE S 134 -91.95 22.22 17.11
C ILE S 134 -91.12 23.51 17.09
N ARG S 135 -90.25 23.69 16.11
CA ARG S 135 -89.70 25.04 15.96
C ARG S 135 -90.71 26.04 15.42
N GLY S 136 -91.82 25.56 14.85
CA GLY S 136 -92.87 26.46 14.40
C GLY S 136 -92.53 27.29 13.19
N GLU S 137 -91.43 26.97 12.51
CA GLU S 137 -90.97 27.73 11.36
C GLU S 137 -91.35 26.95 10.12
N ARG S 138 -92.19 27.54 9.29
CA ARG S 138 -92.76 26.83 8.16
C ARG S 138 -92.40 27.54 6.86
N ARG T 27 -81.52 25.65 -14.29
CA ARG T 27 -82.38 24.47 -14.34
C ARG T 27 -81.81 23.34 -13.50
N ASP T 28 -82.66 22.77 -12.65
CA ASP T 28 -82.38 21.58 -11.85
C ASP T 28 -81.19 21.81 -10.90
N ASN T 29 -81.00 23.06 -10.48
CA ASN T 29 -79.92 23.35 -9.56
C ASN T 29 -80.28 22.99 -8.13
N ILE T 30 -81.51 22.58 -7.86
CA ILE T 30 -81.80 21.97 -6.58
C ILE T 30 -81.10 20.62 -6.46
N GLN T 31 -80.85 19.95 -7.59
CA GLN T 31 -80.02 18.76 -7.57
C GLN T 31 -78.54 19.08 -7.72
N GLY T 32 -78.19 20.36 -7.87
CA GLY T 32 -76.83 20.79 -7.61
C GLY T 32 -76.40 20.55 -6.17
N ILE T 33 -77.34 20.60 -5.24
CA ILE T 33 -77.17 20.05 -3.91
C ILE T 33 -77.02 18.54 -4.05
N THR T 34 -75.81 18.03 -3.85
CA THR T 34 -75.55 16.64 -4.12
C THR T 34 -75.94 15.76 -2.94
N LYS T 35 -76.10 14.46 -3.22
CA LYS T 35 -76.25 13.50 -2.14
C LYS T 35 -75.04 13.43 -1.19
N PRO T 36 -73.77 13.44 -1.64
CA PRO T 36 -72.68 13.56 -0.66
C PRO T 36 -72.64 14.87 0.09
N ALA T 37 -73.21 15.96 -0.44
CA ALA T 37 -73.26 17.19 0.34
C ALA T 37 -74.23 17.08 1.52
N ILE T 38 -75.42 16.51 1.27
CA ILE T 38 -76.35 16.25 2.36
C ILE T 38 -75.77 15.24 3.33
N ARG T 39 -74.99 14.28 2.81
CA ARG T 39 -74.30 13.33 3.69
C ARG T 39 -73.26 14.03 4.56
N ARG T 40 -72.48 14.94 3.98
CA ARG T 40 -71.45 15.66 4.74
C ARG T 40 -72.06 16.56 5.81
N LEU T 41 -73.12 17.29 5.47
CA LEU T 41 -73.78 18.12 6.47
C LEU T 41 -74.51 17.29 7.51
N ALA T 42 -74.88 16.05 7.19
CA ALA T 42 -75.39 15.19 8.23
C ALA T 42 -74.29 14.75 9.17
N ARG T 43 -73.10 14.50 8.64
CA ARG T 43 -72.02 14.00 9.49
C ARG T 43 -71.49 15.10 10.40
N ARG T 44 -71.38 16.33 9.89
CA ARG T 44 -70.93 17.43 10.75
C ARG T 44 -71.92 17.68 11.87
N GLY T 45 -73.21 17.64 11.57
CA GLY T 45 -74.22 17.81 12.60
C GLY T 45 -74.33 16.67 13.57
N GLY T 46 -73.87 15.48 13.19
CA GLY T 46 -73.82 14.36 14.10
C GLY T 46 -74.66 13.17 13.70
N VAL T 47 -75.25 13.18 12.52
CA VAL T 47 -76.11 12.10 12.09
C VAL T 47 -75.25 10.91 11.68
N LYS T 48 -75.66 9.71 12.10
CA LYS T 48 -74.94 8.51 11.71
C LYS T 48 -75.62 7.75 10.58
N ARG T 49 -76.93 7.51 10.69
CA ARG T 49 -77.64 6.67 9.73
C ARG T 49 -78.59 7.52 8.90
N ILE T 50 -78.23 7.71 7.63
CA ILE T 50 -78.95 8.60 6.72
C ILE T 50 -79.83 7.75 5.83
N SER T 51 -81.14 8.03 5.83
CA SER T 51 -82.00 7.29 4.92
C SER T 51 -81.93 7.85 3.51
N GLY T 52 -82.77 7.31 2.64
CA GLY T 52 -82.80 7.73 1.26
C GLY T 52 -83.91 8.70 0.96
N LEU T 53 -84.91 8.74 1.83
CA LEU T 53 -86.02 9.66 1.65
C LEU T 53 -85.76 11.03 2.27
N ILE T 54 -84.61 11.20 2.91
CA ILE T 54 -84.33 12.44 3.62
C ILE T 54 -83.95 13.54 2.63
N TYR T 55 -83.31 13.17 1.52
CA TYR T 55 -82.54 14.10 0.71
C TYR T 55 -83.41 15.17 0.07
N GLU T 56 -84.52 14.77 -0.52
CA GLU T 56 -85.33 15.74 -1.24
C GLU T 56 -86.17 16.58 -0.30
N GLU T 57 -86.52 16.04 0.86
CA GLU T 57 -87.14 16.86 1.91
C GLU T 57 -86.18 17.93 2.40
N THR T 58 -84.90 17.56 2.53
CA THR T 58 -83.88 18.53 2.93
C THR T 58 -83.70 19.59 1.84
N ARG T 59 -83.72 19.17 0.58
CA ARG T 59 -83.65 20.11 -0.53
C ARG T 59 -84.83 21.08 -0.52
N GLY T 60 -86.03 20.59 -0.20
CA GLY T 60 -87.19 21.46 -0.15
C GLY T 60 -87.14 22.47 0.99
N VAL T 61 -86.65 22.03 2.16
CA VAL T 61 -86.54 22.94 3.30
C VAL T 61 -85.49 24.02 3.03
N LEU T 62 -84.36 23.62 2.43
CA LEU T 62 -83.36 24.57 1.97
C LEU T 62 -83.95 25.56 0.97
N LYS T 63 -84.83 25.08 0.09
CA LYS T 63 -85.42 25.96 -0.91
C LYS T 63 -86.35 26.98 -0.28
N VAL T 64 -87.17 26.58 0.69
CA VAL T 64 -88.11 27.52 1.34
C VAL T 64 -87.35 28.57 2.14
N PHE T 65 -86.28 28.14 2.83
CA PHE T 65 -85.41 29.06 3.56
C PHE T 65 -84.79 30.09 2.62
N LEU T 66 -84.22 29.63 1.51
CA LEU T 66 -83.63 30.56 0.54
C LEU T 66 -84.67 31.46 -0.11
N GLU T 67 -85.92 30.98 -0.24
CA GLU T 67 -87.00 31.82 -0.75
C GLU T 67 -87.24 33.02 0.15
N ASN T 68 -87.43 32.79 1.44
CA ASN T 68 -87.71 33.90 2.35
C ASN T 68 -86.53 34.85 2.45
N VAL T 69 -85.32 34.30 2.50
CA VAL T 69 -84.13 35.14 2.65
C VAL T 69 -83.91 35.99 1.41
N ILE T 70 -84.02 35.40 0.21
CA ILE T 70 -83.75 36.20 -0.97
C ILE T 70 -84.92 37.13 -1.30
N ARG T 71 -86.14 36.84 -0.83
CA ARG T 71 -87.20 37.83 -0.90
C ARG T 71 -86.85 39.08 -0.12
N ASP T 72 -86.37 38.91 1.12
CA ASP T 72 -85.96 40.08 1.90
C ASP T 72 -84.75 40.77 1.29
N ALA T 73 -83.83 40.00 0.69
CA ALA T 73 -82.64 40.59 0.09
C ALA T 73 -82.99 41.46 -1.11
N VAL T 74 -83.86 40.96 -1.98
CA VAL T 74 -84.29 41.75 -3.13
C VAL T 74 -85.13 42.93 -2.68
N THR T 75 -85.84 42.80 -1.55
CA THR T 75 -86.59 43.93 -1.02
C THR T 75 -85.66 45.07 -0.62
N TYR T 76 -84.62 44.76 0.16
CA TYR T 76 -83.63 45.78 0.52
C TYR T 76 -82.83 46.25 -0.68
N THR T 77 -82.71 45.43 -1.72
CA THR T 77 -81.97 45.90 -2.88
C THR T 77 -82.79 46.89 -3.69
N GLU T 78 -84.08 46.61 -3.86
CA GLU T 78 -84.93 47.52 -4.63
C GLU T 78 -85.13 48.84 -3.90
N HIS T 79 -85.23 48.79 -2.56
CA HIS T 79 -85.36 50.07 -1.89
C HIS T 79 -84.04 50.83 -1.82
N ALA T 80 -82.93 50.17 -2.10
CA ALA T 80 -81.69 50.88 -2.30
C ALA T 80 -81.64 51.63 -3.62
N LYS T 81 -82.55 51.33 -4.55
CA LYS T 81 -82.53 51.81 -5.93
C LYS T 81 -81.19 51.54 -6.59
N ARG T 82 -80.69 50.34 -6.39
CA ARG T 82 -79.43 49.90 -6.98
C ARG T 82 -79.63 48.52 -7.57
N LYS T 83 -78.99 48.29 -8.72
CA LYS T 83 -79.17 47.04 -9.44
C LYS T 83 -78.17 45.98 -9.01
N THR T 84 -77.68 46.08 -7.77
CA THR T 84 -76.71 45.14 -7.25
C THR T 84 -77.07 44.84 -5.80
N VAL T 85 -77.03 43.56 -5.44
CA VAL T 85 -77.33 43.12 -4.08
C VAL T 85 -76.03 43.09 -3.29
N THR T 86 -76.02 43.73 -2.12
CA THR T 86 -74.82 43.74 -1.32
C THR T 86 -74.91 42.74 -0.18
N ALA T 87 -73.74 42.43 0.39
CA ALA T 87 -73.70 41.54 1.53
C ALA T 87 -74.31 42.18 2.76
N MET T 88 -74.20 43.51 2.85
CA MET T 88 -74.76 44.26 3.98
C MET T 88 -76.26 44.08 4.04
N ASP T 89 -76.90 44.06 2.87
CA ASP T 89 -78.34 43.85 2.78
C ASP T 89 -78.72 42.45 3.24
N VAL T 90 -77.87 41.47 2.95
CA VAL T 90 -78.11 40.12 3.42
C VAL T 90 -78.03 40.08 4.93
N VAL T 91 -77.05 40.79 5.50
CA VAL T 91 -76.89 40.83 6.95
C VAL T 91 -78.10 41.48 7.61
N TYR T 92 -78.60 42.55 7.01
CA TYR T 92 -79.71 43.28 7.60
C TYR T 92 -80.99 42.46 7.52
N ALA T 93 -81.15 41.73 6.41
CA ALA T 93 -82.31 40.85 6.29
C ALA T 93 -82.24 39.70 7.28
N LEU T 94 -81.04 39.20 7.54
CA LEU T 94 -80.89 38.16 8.56
C LEU T 94 -81.17 38.72 9.95
N LYS T 95 -80.84 39.99 10.17
CA LYS T 95 -81.22 40.66 11.42
C LYS T 95 -82.73 40.77 11.53
N ARG T 96 -83.41 40.94 10.39
CA ARG T 96 -84.87 40.94 10.41
C ARG T 96 -85.43 39.55 10.71
N GLN T 97 -84.66 38.49 10.47
CA GLN T 97 -85.12 37.15 10.79
C GLN T 97 -85.08 36.85 12.27
N GLY T 98 -83.92 37.04 12.90
CA GLY T 98 -83.66 36.49 14.21
C GLY T 98 -82.56 35.45 14.22
N ARG T 99 -81.77 35.42 13.15
CA ARG T 99 -80.72 34.42 12.91
C ARG T 99 -79.43 35.15 12.54
N THR T 100 -79.04 36.11 13.37
CA THR T 100 -78.09 37.14 13.00
C THR T 100 -76.69 36.58 12.76
N LEU T 101 -76.09 37.01 11.66
CA LEU T 101 -74.77 36.57 11.23
C LEU T 101 -73.77 37.69 11.47
N TYR T 102 -72.73 37.40 12.25
CA TYR T 102 -71.65 38.35 12.44
C TYR T 102 -70.65 38.23 11.30
N GLY T 103 -69.48 38.82 11.51
CA GLY T 103 -68.31 38.45 10.73
C GLY T 103 -68.09 39.20 9.45
N PHE T 104 -69.15 39.54 8.72
CA PHE T 104 -69.00 40.04 7.37
C PHE T 104 -69.28 41.53 7.28
N GLY T 105 -69.38 42.20 8.42
CA GLY T 105 -69.71 43.62 8.47
C GLY T 105 -71.15 43.84 8.90
N GLY T 106 -71.34 44.90 9.67
CA GLY T 106 -72.66 45.28 10.14
C GLY T 106 -73.05 44.57 11.43
N THR U 20 -111.00 67.58 9.05
CA THR U 20 -109.63 67.12 9.26
C THR U 20 -109.03 66.64 7.95
N ARG U 21 -107.84 66.05 8.03
CA ARG U 21 -107.20 65.45 6.87
C ARG U 21 -107.68 64.03 6.62
N SER U 22 -108.49 63.48 7.54
CA SER U 22 -108.91 62.09 7.44
C SER U 22 -109.86 61.88 6.27
N SER U 23 -110.93 62.66 6.22
CA SER U 23 -111.83 62.60 5.08
C SER U 23 -111.22 63.18 3.81
N ARG U 24 -110.10 63.92 3.92
CA ARG U 24 -109.35 64.34 2.76
C ARG U 24 -108.62 63.17 2.10
N ALA U 25 -108.51 62.04 2.77
CA ALA U 25 -108.15 60.78 2.14
C ALA U 25 -109.24 59.73 2.26
N GLY U 26 -110.30 60.01 3.03
CA GLY U 26 -111.43 59.10 3.08
C GLY U 26 -111.22 57.84 3.89
N LEU U 27 -110.76 57.97 5.13
CA LEU U 27 -110.55 56.83 6.00
C LEU U 27 -111.26 57.05 7.33
N GLN U 28 -111.01 56.14 8.27
CA GLN U 28 -111.54 56.25 9.61
C GLN U 28 -110.46 56.47 10.66
N PHE U 29 -109.19 56.36 10.31
CA PHE U 29 -108.05 56.54 11.19
C PHE U 29 -107.42 57.90 10.97
N PRO U 30 -107.02 58.58 12.04
CA PRO U 30 -106.59 59.97 11.91
C PRO U 30 -105.19 60.04 11.31
N VAL U 31 -104.87 61.19 10.75
CA VAL U 31 -103.52 61.41 10.28
C VAL U 31 -102.73 62.19 11.32
N GLY U 32 -103.40 63.08 12.06
CA GLY U 32 -102.70 63.98 12.96
C GLY U 32 -102.13 63.27 14.17
N ARG U 33 -102.92 62.34 14.75
CA ARG U 33 -102.44 61.56 15.89
C ARG U 33 -101.24 60.71 15.51
N VAL U 34 -101.30 60.09 14.34
CA VAL U 34 -100.21 59.26 13.87
C VAL U 34 -98.99 60.11 13.58
N HIS U 35 -99.21 61.30 13.05
CA HIS U 35 -98.10 62.21 12.76
C HIS U 35 -97.48 62.74 14.04
N ARG U 36 -98.27 62.87 15.10
CA ARG U 36 -97.72 63.20 16.40
C ARG U 36 -96.91 62.04 16.96
N LEU U 37 -97.43 60.82 16.84
CA LEU U 37 -96.76 59.65 17.38
C LEU U 37 -95.44 59.37 16.66
N LEU U 38 -95.34 59.72 15.39
CA LEU U 38 -94.07 59.53 14.70
C LEU U 38 -93.02 60.52 15.13
N ARG U 39 -93.40 61.62 15.79
CA ARG U 39 -92.38 62.50 16.33
C ARG U 39 -92.09 62.19 17.79
N LYS U 40 -93.12 61.82 18.55
CA LYS U 40 -92.91 61.47 19.96
C LYS U 40 -92.49 60.02 20.16
N GLY U 41 -92.28 59.28 19.08
CA GLY U 41 -91.55 58.03 19.19
C GLY U 41 -90.08 58.15 18.84
N ASN U 42 -89.69 59.31 18.32
CA ASN U 42 -88.34 59.63 17.86
C ASN U 42 -87.86 58.64 16.81
N TYR U 43 -88.77 58.23 15.94
CA TYR U 43 -88.49 57.19 14.97
C TYR U 43 -87.60 57.66 13.84
N SER U 44 -87.54 58.96 13.63
CA SER U 44 -86.46 59.58 12.87
C SER U 44 -86.41 61.04 13.28
N GLU U 45 -85.71 61.85 12.48
CA GLU U 45 -85.75 63.29 12.68
C GLU U 45 -87.06 63.87 12.19
N ARG U 46 -87.30 63.77 10.89
CA ARG U 46 -88.45 64.42 10.28
C ARG U 46 -89.43 63.39 9.75
N VAL U 47 -90.67 63.84 9.56
CA VAL U 47 -91.75 63.00 9.07
C VAL U 47 -92.28 63.59 7.79
N GLY U 48 -92.37 62.77 6.75
CA GLY U 48 -92.86 63.21 5.45
C GLY U 48 -94.35 63.52 5.48
N ALA U 49 -94.82 63.98 4.33
CA ALA U 49 -96.17 64.54 4.27
C ALA U 49 -97.22 63.43 4.30
N GLY U 50 -97.22 62.56 3.30
CA GLY U 50 -98.32 61.62 3.18
C GLY U 50 -98.09 60.25 3.79
N ALA U 51 -96.92 60.03 4.35
CA ALA U 51 -96.61 58.73 4.95
C ALA U 51 -97.57 58.28 6.07
N PRO U 52 -98.03 59.12 7.00
CA PRO U 52 -99.03 58.62 7.95
C PRO U 52 -100.37 58.33 7.31
N VAL U 53 -100.70 58.95 6.18
CA VAL U 53 -101.92 58.58 5.46
C VAL U 53 -101.79 57.16 4.94
N TYR U 54 -100.63 56.85 4.38
CA TYR U 54 -100.31 55.51 3.90
C TYR U 54 -100.42 54.50 5.01
N LEU U 55 -99.89 54.85 6.18
CA LEU U 55 -99.92 53.95 7.33
C LEU U 55 -101.34 53.74 7.83
N ALA U 56 -102.15 54.80 7.77
CA ALA U 56 -103.55 54.67 8.17
C ALA U 56 -104.30 53.72 7.24
N ALA U 57 -103.99 53.80 5.94
CA ALA U 57 -104.62 52.89 4.99
C ALA U 57 -104.22 51.45 5.26
N VAL U 58 -102.93 51.23 5.58
CA VAL U 58 -102.45 49.88 5.85
C VAL U 58 -103.11 49.31 7.09
N LEU U 59 -103.20 50.11 8.14
CA LEU U 59 -103.83 49.67 9.38
C LEU U 59 -105.31 49.37 9.18
N GLU U 60 -105.99 50.20 8.40
CA GLU U 60 -107.42 50.00 8.24
C GLU U 60 -107.70 48.78 7.37
N TYR U 61 -106.84 48.50 6.39
CA TYR U 61 -107.01 47.26 5.64
C TYR U 61 -106.78 46.03 6.50
N LEU U 62 -105.78 46.10 7.39
CA LEU U 62 -105.50 44.98 8.28
C LEU U 62 -106.67 44.71 9.21
N THR U 63 -107.12 45.73 9.94
CA THR U 63 -108.24 45.52 10.85
C THR U 63 -109.54 45.24 10.12
N ALA U 64 -109.65 45.63 8.85
CA ALA U 64 -110.81 45.27 8.05
C ALA U 64 -110.86 43.78 7.80
N GLU U 65 -109.72 43.20 7.41
CA GLU U 65 -109.69 41.75 7.20
C GLU U 65 -109.89 41.00 8.52
N ILE U 66 -109.34 41.52 9.60
CA ILE U 66 -109.46 40.88 10.90
C ILE U 66 -110.91 40.87 11.36
N LEU U 67 -111.57 42.02 11.29
CA LEU U 67 -112.94 42.09 11.74
C LEU U 67 -113.89 41.39 10.77
N GLU U 68 -113.50 41.26 9.51
CA GLU U 68 -114.27 40.44 8.57
C GLU U 68 -114.31 39.00 9.02
N LEU U 69 -113.14 38.41 9.27
CA LEU U 69 -113.11 37.02 9.70
C LEU U 69 -113.68 36.88 11.10
N ALA U 70 -113.58 37.93 11.92
CA ALA U 70 -114.21 37.95 13.22
C ALA U 70 -115.72 37.92 13.09
N GLY U 71 -116.26 38.63 12.10
CA GLY U 71 -117.70 38.61 11.89
C GLY U 71 -118.18 37.26 11.40
N ASN U 72 -117.37 36.60 10.57
CA ASN U 72 -117.71 35.23 10.18
C ASN U 72 -117.66 34.29 11.36
N ALA U 73 -116.72 34.52 12.28
CA ALA U 73 -116.67 33.71 13.50
C ALA U 73 -117.87 34.00 14.39
N ALA U 74 -118.37 35.23 14.37
CA ALA U 74 -119.58 35.57 15.10
C ALA U 74 -120.78 34.87 14.49
N ARG U 75 -120.79 34.75 13.17
CA ARG U 75 -121.81 33.99 12.48
C ARG U 75 -121.73 32.50 12.81
N ASP U 76 -120.54 32.03 13.18
CA ASP U 76 -120.37 30.59 13.46
C ASP U 76 -121.12 30.14 14.70
N ASN U 77 -120.98 30.85 15.82
CA ASN U 77 -121.67 30.46 17.03
C ASN U 77 -123.00 31.17 17.19
N LYS U 78 -123.43 31.94 16.17
CA LYS U 78 -124.74 32.58 16.11
C LYS U 78 -124.93 33.60 17.23
N LYS U 79 -123.95 34.48 17.39
CA LYS U 79 -124.01 35.58 18.34
C LYS U 79 -123.88 36.89 17.58
N THR U 80 -124.27 37.99 18.22
CA THR U 80 -124.22 39.29 17.58
C THR U 80 -123.05 40.14 18.03
N ARG U 81 -122.67 40.06 19.29
CA ARG U 81 -121.53 40.82 19.80
C ARG U 81 -120.30 39.92 19.83
N ILE U 82 -119.18 40.45 19.37
CA ILE U 82 -117.98 39.65 19.15
C ILE U 82 -117.31 39.35 20.49
N ILE U 83 -117.17 38.07 20.79
CA ILE U 83 -116.44 37.63 21.98
C ILE U 83 -115.01 37.29 21.55
N PRO U 84 -114.01 37.40 22.43
CA PRO U 84 -112.62 37.22 21.98
C PRO U 84 -112.27 35.79 21.58
N ARG U 85 -113.09 34.80 21.92
CA ARG U 85 -112.89 33.46 21.38
C ARG U 85 -113.07 33.47 19.86
N HIS U 86 -114.04 34.25 19.38
CA HIS U 86 -114.23 34.39 17.95
C HIS U 86 -113.02 35.06 17.32
N LEU U 87 -112.42 36.00 18.04
CA LEU U 87 -111.17 36.62 17.58
C LEU U 87 -110.08 35.59 17.46
N GLN U 88 -109.92 34.75 18.48
CA GLN U 88 -108.84 33.77 18.49
C GLN U 88 -108.99 32.76 17.35
N LEU U 89 -110.23 32.30 17.14
CA LEU U 89 -110.46 31.32 16.08
C LEU U 89 -110.28 31.94 14.71
N ALA U 90 -110.69 33.21 14.54
CA ALA U 90 -110.53 33.86 13.25
C ALA U 90 -109.07 34.15 12.96
N ILE U 91 -108.26 34.41 14.00
CA ILE U 91 -106.84 34.61 13.76
C ILE U 91 -106.17 33.29 13.42
N ARG U 92 -106.53 32.22 14.12
CA ARG U 92 -105.84 30.96 13.94
C ARG U 92 -106.26 30.22 12.67
N ASN U 93 -107.46 30.48 12.14
CA ASN U 93 -107.90 29.70 10.99
C ASN U 93 -107.21 30.10 9.69
N ASP U 94 -107.07 31.40 9.45
CA ASP U 94 -106.35 31.85 8.25
C ASP U 94 -104.89 31.46 8.35
N GLU U 95 -104.28 31.19 7.19
CA GLU U 95 -102.88 30.81 7.16
C GLU U 95 -101.99 32.00 7.49
N GLU U 96 -102.15 33.11 6.75
CA GLU U 96 -101.25 34.24 6.93
C GLU U 96 -101.51 34.97 8.23
N LEU U 97 -102.75 34.96 8.71
CA LEU U 97 -103.04 35.55 10.01
C LEU U 97 -102.64 34.66 11.16
N ASN U 98 -102.38 33.38 10.89
CA ASN U 98 -101.69 32.59 11.90
C ASN U 98 -100.18 32.75 11.76
N LYS U 99 -99.71 33.20 10.59
CA LYS U 99 -98.27 33.46 10.43
C LYS U 99 -97.87 34.72 11.17
N LEU U 100 -98.63 35.81 10.99
CA LEU U 100 -98.31 37.04 11.68
C LEU U 100 -98.53 36.90 13.18
N LEU U 101 -99.76 36.62 13.59
CA LEU U 101 -100.08 36.57 15.00
C LEU U 101 -99.98 35.15 15.55
N GLY U 102 -98.85 34.51 15.30
CA GLY U 102 -98.60 33.20 15.86
C GLY U 102 -97.78 33.34 17.12
N ARG U 103 -96.86 34.30 17.11
CA ARG U 103 -95.99 34.55 18.24
C ARG U 103 -96.64 35.46 19.28
N VAL U 104 -97.90 35.84 19.10
CA VAL U 104 -98.59 36.67 20.06
C VAL U 104 -99.81 35.89 20.51
N THR U 105 -99.78 35.42 21.74
CA THR U 105 -100.98 34.86 22.31
C THR U 105 -101.92 35.97 22.73
N ILE U 106 -103.18 35.63 22.94
CA ILE U 106 -104.22 36.59 23.22
C ILE U 106 -104.93 36.17 24.50
N ALA U 107 -105.13 37.13 25.40
CA ALA U 107 -105.93 36.91 26.61
C ALA U 107 -107.33 36.45 26.26
N GLN U 108 -107.82 35.48 27.06
CA GLN U 108 -109.11 34.81 26.87
C GLN U 108 -109.22 34.14 25.51
N GLY U 109 -108.09 33.75 24.93
CA GLY U 109 -108.07 33.28 23.56
C GLY U 109 -108.49 31.83 23.42
N GLY U 110 -107.80 30.94 24.11
CA GLY U 110 -108.01 29.54 23.90
C GLY U 110 -107.30 29.08 22.65
N VAL U 111 -107.59 27.84 22.26
CA VAL U 111 -107.00 27.25 21.08
C VAL U 111 -108.11 26.68 20.20
N LEU U 112 -107.72 26.10 19.08
CA LEU U 112 -108.65 25.57 18.11
C LEU U 112 -109.32 24.30 18.64
N PRO U 113 -110.45 23.91 18.05
CA PRO U 113 -110.93 22.54 18.29
C PRO U 113 -110.01 21.56 17.59
N ASN U 114 -109.19 20.87 18.37
CA ASN U 114 -108.13 20.04 17.81
C ASN U 114 -108.17 18.68 18.48
N ILE U 115 -108.36 17.64 17.68
CA ILE U 115 -108.35 16.26 18.14
C ILE U 115 -107.40 15.50 17.23
N GLN U 116 -106.43 14.82 17.83
CA GLN U 116 -105.54 13.98 17.03
C GLN U 116 -106.25 12.69 16.65
N ALA U 117 -106.28 12.43 15.34
CA ALA U 117 -107.05 11.30 14.82
C ALA U 117 -106.40 9.98 15.19
N VAL U 118 -105.08 9.98 15.40
CA VAL U 118 -104.37 8.79 15.84
C VAL U 118 -104.66 8.45 17.30
N LEU U 119 -105.39 9.31 18.01
CA LEU U 119 -105.86 9.01 19.34
C LEU U 119 -107.30 8.55 19.38
N LEU U 120 -107.97 8.48 18.23
CA LEU U 120 -109.40 8.17 18.22
C LEU U 120 -109.63 6.69 18.49
N PRO U 121 -110.66 6.35 19.24
CA PRO U 121 -110.95 4.94 19.52
C PRO U 121 -111.60 4.26 18.33
N LYS U 122 -111.45 2.95 18.28
CA LYS U 122 -111.96 2.16 17.18
C LYS U 122 -113.47 1.98 17.28
N ARG V 35 -106.05 62.42 37.25
CA ARG V 35 -107.01 62.39 36.15
C ARG V 35 -106.35 62.66 34.80
N SER V 36 -105.39 61.81 34.42
CA SER V 36 -104.74 61.95 33.13
C SER V 36 -105.67 61.45 32.04
N ARG V 37 -105.76 62.20 30.94
CA ARG V 37 -106.68 61.91 29.86
C ARG V 37 -106.00 60.90 28.93
N LYS V 38 -106.30 59.63 29.13
CA LYS V 38 -105.73 58.55 28.35
C LYS V 38 -106.49 58.37 27.04
N GLU V 39 -105.85 57.70 26.10
CA GLU V 39 -106.33 57.59 24.73
C GLU V 39 -106.62 56.14 24.37
N SER V 40 -107.37 55.96 23.29
CA SER V 40 -107.67 54.63 22.76
C SER V 40 -107.98 54.78 21.28
N TYR V 41 -108.55 53.73 20.70
CA TYR V 41 -108.90 53.69 19.29
C TYR V 41 -110.32 53.18 19.07
N SER V 42 -111.20 53.37 20.06
CA SER V 42 -112.46 52.65 20.09
C SER V 42 -113.39 53.11 18.97
N ILE V 43 -113.48 54.42 18.76
CA ILE V 43 -114.49 54.95 17.86
C ILE V 43 -114.13 54.69 16.40
N TYR V 44 -112.84 54.67 16.08
CA TYR V 44 -112.42 54.55 14.69
C TYR V 44 -112.61 53.13 14.19
N VAL V 45 -112.10 52.17 14.95
CA VAL V 45 -112.32 50.76 14.69
C VAL V 45 -113.80 50.41 14.79
N TYR V 46 -114.52 51.09 15.68
CA TYR V 46 -115.94 50.84 15.81
C TYR V 46 -116.71 51.28 14.57
N LYS V 47 -116.29 52.39 13.96
CA LYS V 47 -116.88 52.81 12.70
C LYS V 47 -116.51 51.89 11.54
N VAL V 48 -115.29 51.34 11.56
CA VAL V 48 -114.90 50.37 10.54
C VAL V 48 -115.75 49.11 10.65
N LEU V 49 -116.01 48.66 11.88
CA LEU V 49 -116.88 47.52 12.12
C LEU V 49 -118.30 47.81 11.66
N LYS V 50 -118.79 49.02 11.91
CA LYS V 50 -120.13 49.37 11.45
C LYS V 50 -120.19 49.49 9.93
N GLN V 51 -119.06 49.75 9.27
CA GLN V 51 -119.08 49.65 7.82
C GLN V 51 -119.21 48.21 7.36
N VAL V 52 -118.22 47.36 7.69
CA VAL V 52 -118.18 46.05 7.04
C VAL V 52 -119.10 45.03 7.69
N HIS V 53 -119.61 45.29 8.88
CA HIS V 53 -120.57 44.40 9.53
C HIS V 53 -121.54 45.24 10.35
N PRO V 54 -122.61 45.74 9.71
CA PRO V 54 -123.51 46.65 10.43
C PRO V 54 -124.38 45.94 11.45
N ASP V 55 -124.73 44.69 11.22
CA ASP V 55 -125.52 43.92 12.17
C ASP V 55 -124.60 43.07 13.04
N THR V 56 -123.68 43.74 13.72
CA THR V 56 -122.65 43.05 14.51
C THR V 56 -122.21 43.97 15.63
N GLY V 57 -122.24 43.46 16.87
CA GLY V 57 -121.73 44.18 18.01
C GLY V 57 -120.28 43.84 18.31
N ILE V 58 -119.83 44.33 19.45
CA ILE V 58 -118.47 44.09 19.91
C ILE V 58 -118.46 44.22 21.42
N SER V 59 -117.61 43.43 22.08
CA SER V 59 -117.32 43.64 23.49
C SER V 59 -116.18 44.63 23.62
N SER V 60 -116.20 45.38 24.73
CA SER V 60 -115.15 46.37 24.97
C SER V 60 -113.81 45.71 25.25
N LYS V 61 -113.84 44.48 25.77
CA LYS V 61 -112.61 43.71 25.96
C LYS V 61 -111.93 43.45 24.63
N ALA V 62 -112.71 43.07 23.62
CA ALA V 62 -112.21 42.93 22.28
C ALA V 62 -111.69 44.25 21.72
N MET V 63 -112.28 45.37 22.13
CA MET V 63 -111.77 46.65 21.68
C MET V 63 -110.39 46.93 22.26
N GLY V 64 -110.18 46.58 23.52
CA GLY V 64 -108.85 46.68 24.10
C GLY V 64 -107.86 45.75 23.40
N ILE V 65 -108.32 44.56 23.01
CA ILE V 65 -107.49 43.62 22.27
C ILE V 65 -107.07 44.20 20.94
N MET V 66 -108.03 44.79 20.22
CA MET V 66 -107.72 45.38 18.92
C MET V 66 -106.82 46.59 19.06
N ASN V 67 -106.96 47.33 20.16
CA ASN V 67 -106.11 48.49 20.40
C ASN V 67 -104.67 48.05 20.61
N SER V 68 -104.49 47.00 21.40
CA SER V 68 -103.18 46.40 21.58
C SER V 68 -102.61 45.89 20.26
N PHE V 69 -103.48 45.32 19.43
CA PHE V 69 -103.10 44.82 18.12
C PHE V 69 -102.56 45.93 17.23
N VAL V 70 -103.27 47.05 17.18
CA VAL V 70 -102.86 48.15 16.32
C VAL V 70 -101.59 48.80 16.85
N ASN V 71 -101.44 48.84 18.18
CA ASN V 71 -100.20 49.35 18.76
C ASN V 71 -99.01 48.48 18.39
N ASP V 72 -99.20 47.17 18.39
CA ASP V 72 -98.14 46.24 18.01
C ASP V 72 -97.76 46.41 16.55
N ILE V 73 -98.77 46.44 15.67
CA ILE V 73 -98.51 46.61 14.23
C ILE V 73 -97.80 47.92 13.97
N PHE V 74 -98.23 48.96 14.69
CA PHE V 74 -97.66 50.28 14.53
C PHE V 74 -96.21 50.33 14.97
N GLU V 75 -95.88 49.70 16.10
CA GLU V 75 -94.50 49.71 16.55
C GLU V 75 -93.60 48.90 15.65
N ARG V 76 -94.11 47.80 15.09
CA ARG V 76 -93.29 47.01 14.18
C ARG V 76 -92.99 47.78 12.91
N ILE V 77 -94.01 48.44 12.35
CA ILE V 77 -93.80 49.22 11.14
C ILE V 77 -92.88 50.40 11.41
N ALA V 78 -92.97 50.97 12.61
CA ALA V 78 -92.09 52.06 13.00
C ALA V 78 -90.64 51.60 13.08
N GLY V 79 -90.40 50.43 13.67
CA GLY V 79 -89.05 49.93 13.79
C GLY V 79 -88.46 49.56 12.45
N GLU V 80 -89.27 49.04 11.54
CA GLU V 80 -88.75 48.73 10.22
C GLU V 80 -88.47 49.99 9.43
N ALA V 81 -89.29 51.03 9.61
CA ALA V 81 -89.01 52.31 8.99
C ALA V 81 -87.74 52.92 9.56
N SER V 82 -87.52 52.72 10.86
CA SER V 82 -86.31 53.17 11.52
C SER V 82 -85.07 52.52 10.92
N ARG V 83 -85.09 51.19 10.80
CA ARG V 83 -83.93 50.52 10.23
C ARG V 83 -83.75 50.83 8.75
N LEU V 84 -84.83 51.11 8.04
CA LEU V 84 -84.69 51.59 6.66
C LEU V 84 -83.96 52.93 6.63
N ALA V 85 -84.33 53.83 7.54
CA ALA V 85 -83.68 55.13 7.62
C ALA V 85 -82.21 55.00 7.98
N HIS V 86 -81.88 54.07 8.88
CA HIS V 86 -80.49 53.86 9.25
C HIS V 86 -79.70 53.25 8.10
N TYR V 87 -80.21 52.19 7.48
CA TYR V 87 -79.44 51.54 6.44
C TYR V 87 -79.54 52.26 5.11
N ASN V 88 -80.15 53.43 5.05
CA ASN V 88 -80.14 54.21 3.82
C ASN V 88 -79.38 55.52 3.92
N LYS V 89 -78.84 55.87 5.09
CA LYS V 89 -78.10 57.12 5.34
C LYS V 89 -78.95 58.35 5.01
N ARG V 90 -80.25 58.26 5.28
CA ARG V 90 -81.16 59.39 5.14
C ARG V 90 -82.05 59.45 6.36
N SER V 91 -82.80 60.55 6.47
CA SER V 91 -83.68 60.75 7.61
C SER V 91 -85.02 61.33 7.21
N THR V 92 -85.31 61.41 5.92
CA THR V 92 -86.56 61.94 5.42
C THR V 92 -87.46 60.76 5.05
N ILE V 93 -88.39 60.42 5.93
CA ILE V 93 -89.25 59.26 5.75
C ILE V 93 -90.31 59.65 4.72
N THR V 94 -90.17 59.16 3.49
CA THR V 94 -91.23 59.28 2.51
C THR V 94 -92.24 58.17 2.76
N SER V 95 -93.27 58.09 1.92
CA SER V 95 -94.15 56.94 2.01
C SER V 95 -93.55 55.68 1.42
N ARG V 96 -92.44 55.83 0.67
CA ARG V 96 -91.83 54.70 -0.01
C ARG V 96 -91.15 53.76 0.98
N GLU V 97 -90.55 54.31 2.02
CA GLU V 97 -89.99 53.51 3.10
C GLU V 97 -91.08 52.78 3.85
N ILE V 98 -92.23 53.43 4.05
CA ILE V 98 -93.34 52.77 4.71
C ILE V 98 -93.86 51.63 3.84
N GLN V 99 -93.82 51.83 2.51
CA GLN V 99 -94.24 50.80 1.58
C GLN V 99 -93.34 49.57 1.66
N THR V 100 -92.02 49.78 1.66
CA THR V 100 -91.14 48.62 1.70
C THR V 100 -91.20 47.94 3.07
N ALA V 101 -91.53 48.68 4.12
CA ALA V 101 -91.69 48.05 5.43
C ALA V 101 -92.97 47.24 5.48
N VAL V 102 -94.02 47.71 4.79
CA VAL V 102 -95.26 46.94 4.70
C VAL V 102 -95.03 45.64 3.95
N ARG V 103 -94.27 45.69 2.86
CA ARG V 103 -94.00 44.44 2.14
C ARG V 103 -93.06 43.52 2.91
N LEU V 104 -92.21 44.06 3.79
CA LEU V 104 -91.37 43.18 4.61
C LEU V 104 -92.18 42.50 5.69
N LEU V 105 -92.86 43.28 6.53
CA LEU V 105 -93.44 42.76 7.77
C LEU V 105 -94.59 41.80 7.53
N LEU V 106 -95.40 42.05 6.54
CA LEU V 106 -96.59 41.27 6.36
C LEU V 106 -96.33 40.11 5.42
N PRO V 107 -97.11 39.03 5.53
CA PRO V 107 -97.07 37.98 4.52
C PRO V 107 -97.57 38.49 3.17
N GLY V 108 -97.22 37.75 2.11
CA GLY V 108 -97.23 38.22 0.74
C GLY V 108 -98.48 38.83 0.13
N GLU V 109 -99.54 38.02 -0.02
CA GLU V 109 -100.70 38.48 -0.79
C GLU V 109 -101.49 39.53 -0.02
N LEU V 110 -101.52 39.38 1.31
CA LEU V 110 -102.12 40.40 2.16
C LEU V 110 -101.35 41.71 2.04
N ALA V 111 -100.03 41.62 1.93
CA ALA V 111 -99.22 42.81 1.71
C ALA V 111 -99.45 43.39 0.32
N LYS V 112 -99.79 42.54 -0.66
CA LYS V 112 -100.08 43.04 -2.00
C LYS V 112 -101.34 43.89 -2.00
N HIS V 113 -102.40 43.37 -1.37
CA HIS V 113 -103.61 44.18 -1.16
C HIS V 113 -103.32 45.42 -0.31
N ALA V 114 -102.38 45.32 0.64
CA ALA V 114 -102.05 46.47 1.47
C ALA V 114 -101.36 47.55 0.67
N VAL V 115 -100.46 47.17 -0.23
CA VAL V 115 -99.82 48.12 -1.13
C VAL V 115 -100.86 48.77 -2.03
N SER V 116 -101.86 47.99 -2.46
CA SER V 116 -102.96 48.54 -3.25
C SER V 116 -103.72 49.61 -2.49
N GLU V 117 -104.12 49.30 -1.25
CA GLU V 117 -104.85 50.24 -0.41
C GLU V 117 -104.04 51.50 -0.13
N GLY V 118 -102.74 51.31 0.14
CA GLY V 118 -101.91 52.45 0.49
C GLY V 118 -101.67 53.38 -0.69
N THR V 119 -101.38 52.80 -1.85
CA THR V 119 -101.13 53.62 -3.04
C THR V 119 -102.40 54.35 -3.46
N LYS V 120 -103.56 53.68 -3.32
CA LYS V 120 -104.82 54.32 -3.64
C LYS V 120 -105.12 55.48 -2.70
N ALA V 121 -104.82 55.32 -1.41
CA ALA V 121 -105.05 56.41 -0.47
C ALA V 121 -104.09 57.56 -0.71
N VAL V 122 -102.84 57.26 -1.09
CA VAL V 122 -101.87 58.31 -1.41
C VAL V 122 -102.32 59.13 -2.61
N THR V 123 -102.78 58.43 -3.65
CA THR V 123 -103.21 59.13 -4.86
C THR V 123 -104.47 59.95 -4.61
N LYS V 124 -105.42 59.40 -3.86
CA LYS V 124 -106.66 60.12 -3.60
C LYS V 124 -106.43 61.30 -2.65
N TYR V 125 -105.43 61.22 -1.80
CA TYR V 125 -105.16 62.34 -0.91
C TYR V 125 -104.30 63.42 -1.57
N THR V 126 -103.39 63.04 -2.47
CA THR V 126 -102.49 64.01 -3.06
C THR V 126 -102.99 64.62 -4.36
N SER V 127 -103.90 63.94 -5.06
CA SER V 127 -104.48 64.56 -6.26
C SER V 127 -105.45 65.66 -5.88
N ALA V 128 -106.35 65.39 -4.94
CA ALA V 128 -107.14 66.42 -4.30
C ALA V 128 -106.33 67.01 -3.14
N LYS V 129 -106.98 67.79 -2.28
CA LYS V 129 -106.27 68.43 -1.18
C LYS V 129 -106.89 68.06 0.17
N HIS W 43 -122.99 2.68 35.33
CA HIS W 43 -121.90 1.72 35.28
C HIS W 43 -120.59 2.39 34.90
N ARG W 44 -119.61 1.57 34.53
CA ARG W 44 -118.28 2.03 34.18
C ARG W 44 -118.15 2.14 32.67
N TYR W 45 -117.43 3.15 32.21
CA TYR W 45 -117.17 3.31 30.78
C TYR W 45 -115.83 2.68 30.41
N ARG W 46 -115.44 2.89 29.18
CA ARG W 46 -114.13 2.47 28.74
C ARG W 46 -113.15 3.63 28.87
N PRO W 47 -111.85 3.35 28.99
CA PRO W 47 -110.86 4.43 28.97
C PRO W 47 -110.78 5.08 27.60
N GLY W 48 -110.68 6.40 27.60
CA GLY W 48 -110.69 7.21 26.41
C GLY W 48 -112.02 7.88 26.14
N THR W 49 -113.11 7.30 26.66
CA THR W 49 -114.41 7.93 26.61
C THR W 49 -114.39 9.26 27.34
N VAL W 50 -114.10 9.20 28.64
CA VAL W 50 -114.13 10.38 29.49
C VAL W 50 -113.00 11.33 29.12
N ALA W 51 -111.85 10.78 28.74
CA ALA W 51 -110.67 11.60 28.47
C ALA W 51 -110.84 12.45 27.23
N LEU W 52 -111.17 11.83 26.10
CA LEU W 52 -111.41 12.61 24.88
C LEU W 52 -112.68 13.44 25.00
N ARG W 53 -113.67 12.96 25.76
CA ARG W 53 -114.87 13.75 25.96
C ARG W 53 -114.55 15.05 26.69
N GLU W 54 -113.61 14.99 27.64
CA GLU W 54 -113.23 16.22 28.32
C GLU W 54 -112.23 17.03 27.50
N ILE W 55 -111.51 16.43 26.56
CA ILE W 55 -110.74 17.24 25.62
C ILE W 55 -111.68 18.08 24.76
N ARG W 56 -112.78 17.46 24.30
CA ARG W 56 -113.81 18.20 23.58
C ARG W 56 -114.43 19.28 24.46
N ARG W 57 -114.73 18.93 25.71
CA ARG W 57 -115.39 19.84 26.63
C ARG W 57 -114.46 20.95 27.12
N TYR W 58 -113.16 20.77 27.02
CA TYR W 58 -112.21 21.77 27.47
C TYR W 58 -111.40 22.41 26.35
N GLN W 59 -111.73 22.16 25.09
CA GLN W 59 -111.20 23.04 24.07
C GLN W 59 -112.19 24.13 23.66
N LYS W 60 -113.19 24.39 24.48
CA LYS W 60 -114.20 25.39 24.13
C LYS W 60 -114.25 26.58 25.08
N SER W 61 -114.02 26.39 26.37
CA SER W 61 -114.09 27.49 27.32
C SER W 61 -112.70 28.01 27.61
N THR W 62 -112.51 29.32 27.42
CA THR W 62 -111.21 29.95 27.59
C THR W 62 -111.03 30.53 28.98
N GLU W 63 -112.00 30.32 29.86
CA GLU W 63 -111.85 30.69 31.26
C GLU W 63 -110.69 29.93 31.89
N LEU W 64 -110.00 30.59 32.83
CA LEU W 64 -108.77 30.04 33.38
C LEU W 64 -109.05 28.86 34.30
N LEU W 65 -108.08 27.97 34.40
CA LEU W 65 -108.23 26.73 35.13
C LEU W 65 -107.42 26.70 36.42
N ILE W 66 -106.19 27.19 36.38
CA ILE W 66 -105.41 27.38 37.59
C ILE W 66 -106.04 28.56 38.31
N ARG W 67 -106.80 28.27 39.36
CA ARG W 67 -107.62 29.29 39.99
C ARG W 67 -106.78 30.27 40.79
N LYS W 68 -107.46 31.25 41.37
CA LYS W 68 -106.85 32.53 41.68
C LYS W 68 -105.89 32.45 42.86
N LEU W 69 -106.42 32.12 44.04
CA LEU W 69 -105.68 32.34 45.28
C LEU W 69 -104.43 31.47 45.49
N PRO W 70 -104.42 30.15 45.21
CA PRO W 70 -103.15 29.43 45.38
C PRO W 70 -102.09 29.86 44.38
N PHE W 71 -102.49 30.16 43.15
CA PHE W 71 -101.54 30.70 42.18
C PHE W 71 -101.03 32.06 42.61
N GLN W 72 -101.88 32.84 43.28
CA GLN W 72 -101.46 34.15 43.78
C GLN W 72 -100.45 34.01 44.91
N ARG W 73 -100.70 33.09 45.83
CA ARG W 73 -99.75 32.82 46.91
C ARG W 73 -98.43 32.31 46.35
N LEU W 74 -98.49 31.53 45.28
CA LEU W 74 -97.28 31.06 44.62
C LEU W 74 -96.50 32.21 44.00
N VAL W 75 -97.19 33.13 43.31
CA VAL W 75 -96.50 34.22 42.66
C VAL W 75 -95.87 35.16 43.69
N ARG W 76 -96.55 35.37 44.80
CA ARG W 76 -95.96 36.20 45.86
C ARG W 76 -94.78 35.50 46.50
N GLU W 77 -94.83 34.17 46.61
CA GLU W 77 -93.69 33.40 47.10
C GLU W 77 -92.48 33.54 46.18
N ILE W 78 -92.71 33.49 44.87
CA ILE W 78 -91.63 33.63 43.91
C ILE W 78 -91.04 35.03 43.98
N ALA W 79 -91.90 36.04 44.01
CA ALA W 79 -91.43 37.42 43.97
C ALA W 79 -90.82 37.86 45.28
N GLN W 80 -91.08 37.13 46.39
CA GLN W 80 -90.64 37.55 47.71
C GLN W 80 -89.13 37.65 47.82
N ASP W 81 -88.41 36.82 47.08
CA ASP W 81 -86.96 36.82 47.10
C ASP W 81 -86.35 37.76 46.06
N PHE W 82 -87.05 38.84 45.71
CA PHE W 82 -86.47 39.87 44.88
C PHE W 82 -86.42 41.22 45.60
N LYS W 83 -87.49 41.55 46.31
CA LYS W 83 -87.49 42.69 47.22
C LYS W 83 -88.56 42.40 48.26
N THR W 84 -88.35 42.93 49.47
CA THR W 84 -89.25 42.67 50.58
C THR W 84 -90.55 43.45 50.43
N ASP W 85 -91.66 42.72 50.54
CA ASP W 85 -93.02 43.25 50.74
C ASP W 85 -93.45 44.17 49.59
N LEU W 86 -93.56 43.58 48.41
CA LEU W 86 -94.01 44.31 47.25
C LEU W 86 -95.51 44.15 47.08
N ARG W 87 -96.19 45.26 46.83
CA ARG W 87 -97.63 45.23 46.63
C ARG W 87 -97.94 44.88 45.19
N PHE W 88 -99.12 44.34 44.96
CA PHE W 88 -99.49 43.82 43.65
C PHE W 88 -100.81 44.41 43.17
N GLN W 89 -100.83 44.82 41.91
CA GLN W 89 -102.07 44.99 41.19
C GLN W 89 -102.70 43.62 40.93
N SER W 90 -104.00 43.62 40.67
CA SER W 90 -104.63 42.38 40.24
C SER W 90 -104.38 42.12 38.76
N ALA W 91 -104.06 43.16 38.00
CA ALA W 91 -103.93 43.01 36.55
C ALA W 91 -102.67 42.26 36.17
N ALA W 92 -101.58 42.48 36.91
CA ALA W 92 -100.36 41.73 36.67
C ALA W 92 -100.54 40.26 36.99
N ILE W 93 -101.29 39.96 38.05
CA ILE W 93 -101.58 38.57 38.42
C ILE W 93 -102.43 37.90 37.34
N GLY W 94 -103.41 38.63 36.82
CA GLY W 94 -104.21 38.08 35.73
C GLY W 94 -103.42 37.85 34.46
N ALA W 95 -102.50 38.77 34.14
CA ALA W 95 -101.66 38.61 32.96
C ALA W 95 -100.73 37.42 33.09
N LEU W 96 -100.13 37.24 34.26
CA LEU W 96 -99.24 36.09 34.41
C LEU W 96 -100.02 34.79 34.48
N GLN W 97 -101.27 34.84 34.92
CA GLN W 97 -102.07 33.62 34.96
C GLN W 97 -102.44 33.18 33.56
N GLU W 98 -102.87 34.14 32.72
CA GLU W 98 -103.11 33.88 31.31
C GLU W 98 -101.87 33.38 30.60
N ALA W 99 -100.73 34.03 30.84
CA ALA W 99 -99.49 33.65 30.16
C ALA W 99 -99.03 32.27 30.58
N SER W 100 -99.23 31.92 31.85
CA SER W 100 -98.84 30.60 32.33
C SER W 100 -99.67 29.52 31.68
N GLU W 101 -100.99 29.70 31.65
CA GLU W 101 -101.80 28.62 31.07
C GLU W 101 -101.60 28.51 29.57
N ALA W 102 -101.39 29.63 28.88
CA ALA W 102 -101.14 29.57 27.45
C ALA W 102 -99.79 28.91 27.14
N TYR W 103 -98.77 29.23 27.92
CA TYR W 103 -97.46 28.66 27.68
C TYR W 103 -97.45 27.16 27.95
N LEU W 104 -98.20 26.72 28.96
CA LEU W 104 -98.26 25.28 29.16
C LEU W 104 -99.15 24.58 28.14
N VAL W 105 -100.11 25.28 27.53
CA VAL W 105 -100.84 24.69 26.41
C VAL W 105 -99.90 24.43 25.23
N GLY W 106 -99.08 25.43 24.88
CA GLY W 106 -98.16 25.25 23.77
C GLY W 106 -97.10 24.19 24.06
N LEU W 107 -96.62 24.16 25.29
CA LEU W 107 -95.66 23.14 25.70
C LEU W 107 -96.26 21.74 25.64
N PHE W 108 -97.52 21.58 26.09
CA PHE W 108 -98.15 20.27 26.01
C PHE W 108 -98.43 19.84 24.58
N GLU W 109 -98.68 20.80 23.67
CA GLU W 109 -98.84 20.44 22.26
C GLU W 109 -97.55 19.82 21.71
N ASP W 110 -96.41 20.47 21.96
CA ASP W 110 -95.17 19.92 21.43
C ASP W 110 -94.78 18.62 22.16
N THR W 111 -95.11 18.51 23.44
CA THR W 111 -94.88 17.26 24.17
C THR W 111 -95.69 16.11 23.60
N ASN W 112 -96.97 16.35 23.31
CA ASN W 112 -97.80 15.26 22.82
C ASN W 112 -97.43 14.87 21.40
N LEU W 113 -96.99 15.85 20.59
CA LEU W 113 -96.54 15.49 19.25
C LEU W 113 -95.27 14.66 19.31
N CYS W 114 -94.35 14.96 20.24
CA CYS W 114 -93.20 14.08 20.43
C CYS W 114 -93.59 12.68 20.88
N ALA W 115 -94.50 12.59 21.86
CA ALA W 115 -94.84 11.30 22.43
C ALA W 115 -95.59 10.42 21.44
N ILE W 116 -96.34 11.02 20.53
CA ILE W 116 -96.94 10.22 19.48
C ILE W 116 -95.90 9.85 18.43
N HIS W 117 -95.01 10.80 18.08
CA HIS W 117 -94.03 10.55 17.03
C HIS W 117 -93.04 9.45 17.38
N ALA W 118 -92.73 9.29 18.66
CA ALA W 118 -91.89 8.17 19.07
C ALA W 118 -92.69 6.91 19.36
N LYS W 119 -93.88 6.78 18.73
CA LYS W 119 -94.70 5.58 18.72
C LYS W 119 -95.19 5.20 20.12
N ARG W 120 -95.69 6.19 20.84
CA ARG W 120 -96.36 5.97 22.11
C ARG W 120 -97.64 6.79 22.16
N VAL W 121 -98.45 6.50 23.16
CA VAL W 121 -99.72 7.18 23.34
C VAL W 121 -99.70 8.09 24.56
N THR W 122 -98.88 7.76 25.55
CA THR W 122 -98.86 8.45 26.83
C THR W 122 -97.53 9.18 26.98
N ILE W 123 -97.61 10.43 27.45
CA ILE W 123 -96.42 11.26 27.61
C ILE W 123 -95.60 10.77 28.80
N MET W 124 -94.32 11.15 28.81
CA MET W 124 -93.33 10.92 29.85
C MET W 124 -92.35 12.08 29.83
N PRO W 125 -91.73 12.44 30.97
CA PRO W 125 -91.05 13.74 31.08
C PRO W 125 -89.86 13.95 30.15
N LYS W 126 -89.29 12.89 29.60
CA LYS W 126 -88.24 13.11 28.62
C LYS W 126 -88.78 13.65 27.31
N ASP W 127 -90.08 13.52 27.06
CA ASP W 127 -90.69 14.24 25.95
C ASP W 127 -90.61 15.73 26.17
N ILE W 128 -90.91 16.18 27.39
CA ILE W 128 -90.81 17.59 27.75
C ILE W 128 -89.37 18.05 27.65
N GLN W 129 -88.43 17.20 28.08
CA GLN W 129 -87.01 17.53 27.96
C GLN W 129 -86.59 17.66 26.50
N LEU W 130 -87.11 16.78 25.65
CA LEU W 130 -86.79 16.83 24.22
C LEU W 130 -87.33 18.10 23.60
N ALA W 131 -88.58 18.43 23.89
CA ALA W 131 -89.22 19.60 23.30
C ALA W 131 -88.55 20.88 23.77
N ARG W 132 -88.21 20.95 25.06
CA ARG W 132 -87.55 22.14 25.57
C ARG W 132 -86.13 22.25 25.04
N ARG W 133 -85.49 21.11 24.77
CA ARG W 133 -84.21 21.12 24.08
C ARG W 133 -84.36 21.63 22.66
N ILE W 134 -85.47 21.33 22.01
CA ILE W 134 -85.72 21.84 20.67
C ILE W 134 -85.90 23.35 20.70
N ARG W 135 -86.75 23.85 21.59
CA ARG W 135 -87.08 25.28 21.59
C ARG W 135 -85.95 26.18 22.07
N GLY W 136 -84.84 25.62 22.55
CA GLY W 136 -83.70 26.44 22.86
C GLY W 136 -83.75 27.13 24.21
N GLU W 137 -84.54 26.63 25.15
CA GLU W 137 -84.52 27.15 26.51
C GLU W 137 -83.33 26.59 27.28
N ARG W 138 -83.17 25.28 27.24
CA ARG W 138 -82.00 24.66 27.84
C ARG W 138 -80.81 24.84 26.91
N ALA W 139 -79.76 25.48 27.40
CA ALA W 139 -78.59 25.79 26.59
C ALA W 139 -77.79 24.52 26.27
N ASN X 29 -97.50 26.28 49.33
CA ASN X 29 -96.37 26.78 48.56
C ASN X 29 -96.55 26.48 47.09
N ILE X 30 -95.74 25.56 46.58
CA ILE X 30 -95.86 25.14 45.19
C ILE X 30 -97.07 24.24 44.99
N GLN X 31 -97.60 23.66 46.07
CA GLN X 31 -98.61 22.62 45.97
C GLN X 31 -100.02 23.17 45.94
N GLY X 32 -100.20 24.44 45.58
CA GLY X 32 -101.48 24.88 45.09
C GLY X 32 -101.76 24.41 43.68
N ILE X 33 -100.71 24.02 42.95
CA ILE X 33 -100.88 23.53 41.60
C ILE X 33 -101.31 22.09 41.72
N THR X 34 -102.63 21.85 41.79
CA THR X 34 -103.11 20.52 42.07
C THR X 34 -102.98 19.63 40.85
N LYS X 35 -102.91 18.33 41.13
CA LYS X 35 -102.90 17.29 40.09
C LYS X 35 -104.02 17.39 39.05
N PRO X 36 -105.31 17.53 39.38
CA PRO X 36 -106.30 17.57 38.30
C PRO X 36 -106.27 18.86 37.49
N ALA X 37 -105.71 19.94 38.02
CA ALA X 37 -105.55 21.14 37.20
C ALA X 37 -104.50 20.95 36.13
N ILE X 38 -103.39 20.29 36.48
CA ILE X 38 -102.39 19.93 35.50
C ILE X 38 -102.97 18.95 34.50
N ARG X 39 -103.87 18.08 34.96
CA ARG X 39 -104.61 17.21 34.05
C ARG X 39 -105.48 18.01 33.09
N ARG X 40 -106.12 19.07 33.57
CA ARG X 40 -106.97 19.88 32.70
C ARG X 40 -106.13 20.61 31.66
N LEU X 41 -104.95 21.09 32.06
CA LEU X 41 -104.04 21.67 31.08
C LEU X 41 -103.55 20.64 30.07
N ALA X 42 -103.39 19.39 30.49
CA ALA X 42 -103.07 18.34 29.54
C ALA X 42 -104.23 18.06 28.61
N ARG X 43 -105.46 18.24 29.10
CA ARG X 43 -106.63 18.06 28.26
C ARG X 43 -106.71 19.13 27.19
N ARG X 44 -106.49 20.39 27.58
CA ARG X 44 -106.55 21.44 26.57
C ARG X 44 -105.35 21.40 25.64
N GLY X 45 -104.19 21.00 26.15
CA GLY X 45 -103.00 20.91 25.31
C GLY X 45 -103.07 19.82 24.26
N GLY X 46 -103.93 18.84 24.46
CA GLY X 46 -104.13 17.78 23.51
C GLY X 46 -103.66 16.42 23.94
N VAL X 47 -103.43 16.21 25.23
CA VAL X 47 -102.82 14.97 25.72
C VAL X 47 -103.91 14.09 26.30
N LYS X 48 -103.91 12.81 25.90
CA LYS X 48 -104.92 11.88 26.35
C LYS X 48 -104.62 11.25 27.70
N ARG X 49 -103.44 10.66 27.85
CA ARG X 49 -103.08 9.89 29.04
C ARG X 49 -101.77 10.40 29.61
N ILE X 50 -101.67 10.42 30.94
CA ILE X 50 -100.61 11.13 31.64
C ILE X 50 -99.81 10.14 32.49
N SER X 51 -98.49 10.32 32.52
CA SER X 51 -97.62 9.58 33.44
C SER X 51 -97.62 10.20 34.83
N GLY X 52 -96.64 9.82 35.65
CA GLY X 52 -96.56 10.34 37.00
C GLY X 52 -95.65 11.54 37.19
N LEU X 53 -94.46 11.50 36.61
CA LEU X 53 -93.41 12.47 36.89
C LEU X 53 -93.56 13.76 36.09
N ILE X 54 -94.55 13.79 35.18
CA ILE X 54 -94.96 14.99 34.47
C ILE X 54 -95.29 16.11 35.45
N TYR X 55 -95.82 15.77 36.61
CA TYR X 55 -96.20 16.74 37.62
C TYR X 55 -95.00 17.53 38.13
N GLU X 56 -93.94 16.82 38.52
CA GLU X 56 -92.75 17.49 39.02
C GLU X 56 -92.03 18.23 37.89
N GLU X 57 -92.04 17.66 36.68
CA GLU X 57 -91.38 18.35 35.58
C GLU X 57 -92.11 19.64 35.21
N THR X 58 -93.44 19.61 35.28
CA THR X 58 -94.26 20.78 35.02
C THR X 58 -94.02 21.86 36.06
N ARG X 59 -93.96 21.47 37.33
CA ARG X 59 -93.67 22.43 38.39
C ARG X 59 -92.29 23.07 38.21
N GLY X 60 -91.30 22.29 37.77
CA GLY X 60 -89.98 22.85 37.55
C GLY X 60 -89.94 23.85 36.43
N VAL X 61 -90.54 23.50 35.28
CA VAL X 61 -90.52 24.41 34.13
C VAL X 61 -91.34 25.66 34.42
N LEU X 62 -92.46 25.49 35.11
CA LEU X 62 -93.30 26.60 35.55
C LEU X 62 -92.53 27.56 36.44
N LYS X 63 -91.75 27.02 37.38
CA LYS X 63 -90.99 27.85 38.29
C LYS X 63 -89.90 28.62 37.57
N VAL X 64 -89.22 27.98 36.61
CA VAL X 64 -88.15 28.64 35.86
C VAL X 64 -88.68 29.81 35.03
N PHE X 65 -89.78 29.57 34.32
CA PHE X 65 -90.36 30.60 33.47
C PHE X 65 -90.88 31.78 34.30
N LEU X 66 -91.57 31.48 35.41
CA LEU X 66 -92.05 32.56 36.26
C LEU X 66 -90.92 33.34 36.91
N GLU X 67 -89.79 32.67 37.20
CA GLU X 67 -88.64 33.37 37.74
C GLU X 67 -88.09 34.39 36.76
N ASN X 68 -87.91 33.97 35.50
CA ASN X 68 -87.41 34.93 34.49
C ASN X 68 -88.36 36.09 34.29
N VAL X 69 -89.67 35.81 34.26
CA VAL X 69 -90.63 36.88 34.01
C VAL X 69 -90.70 37.85 35.18
N ILE X 70 -90.75 37.33 36.40
CA ILE X 70 -90.84 38.20 37.56
C ILE X 70 -89.55 38.98 37.78
N ARG X 71 -88.40 38.41 37.42
CA ARG X 71 -87.15 39.18 37.51
C ARG X 71 -87.15 40.37 36.56
N ASP X 72 -87.58 40.15 35.31
CA ASP X 72 -87.66 41.29 34.40
C ASP X 72 -88.72 42.30 34.82
N ALA X 73 -89.82 41.83 35.40
CA ALA X 73 -90.89 42.73 35.82
C ALA X 73 -90.46 43.60 37.00
N VAL X 74 -89.80 43.00 37.98
CA VAL X 74 -89.33 43.78 39.12
C VAL X 74 -88.13 44.64 38.73
N THR X 75 -87.39 44.29 37.67
CA THR X 75 -86.38 45.21 37.18
C THR X 75 -87.01 46.45 36.56
N TYR X 76 -88.07 46.26 35.78
CA TYR X 76 -88.87 47.39 35.29
C TYR X 76 -89.45 48.22 36.43
N THR X 77 -89.94 47.55 37.47
CA THR X 77 -90.53 48.28 38.59
C THR X 77 -89.50 49.05 39.37
N GLU X 78 -88.29 48.49 39.53
CA GLU X 78 -87.24 49.19 40.23
C GLU X 78 -86.70 50.35 39.41
N HIS X 79 -86.76 50.27 38.08
CA HIS X 79 -86.47 51.50 37.36
C HIS X 79 -87.63 52.48 37.45
N ALA X 80 -88.84 52.01 37.68
CA ALA X 80 -89.95 52.93 37.86
C ALA X 80 -89.95 53.59 39.24
N LYS X 81 -89.10 53.13 40.15
CA LYS X 81 -88.95 53.67 41.51
C LYS X 81 -90.27 53.65 42.27
N ARG X 82 -91.02 52.57 42.10
CA ARG X 82 -92.31 52.41 42.75
C ARG X 82 -92.38 51.03 43.38
N LYS X 83 -93.33 50.86 44.29
CA LYS X 83 -93.39 49.68 45.12
C LYS X 83 -94.35 48.61 44.61
N THR X 84 -95.11 48.89 43.56
CA THR X 84 -96.15 47.98 43.12
C THR X 84 -95.93 47.59 41.67
N VAL X 85 -96.03 46.30 41.39
CA VAL X 85 -95.86 45.78 40.04
C VAL X 85 -97.06 46.18 39.20
N THR X 86 -96.80 46.89 38.11
CA THR X 86 -97.87 47.29 37.21
C THR X 86 -98.30 46.12 36.35
N ALA X 87 -99.37 46.34 35.57
CA ALA X 87 -99.60 45.46 34.44
C ALA X 87 -98.63 45.77 33.31
N MET X 88 -98.22 47.04 33.19
CA MET X 88 -97.40 47.46 32.06
C MET X 88 -96.00 46.90 32.14
N ASP X 89 -95.47 46.73 33.35
CA ASP X 89 -94.17 46.10 33.50
C ASP X 89 -94.21 44.64 33.06
N VAL X 90 -95.30 43.94 33.40
CA VAL X 90 -95.51 42.58 32.93
C VAL X 90 -95.57 42.52 31.41
N VAL X 91 -96.31 43.45 30.81
CA VAL X 91 -96.49 43.45 29.36
C VAL X 91 -95.17 43.71 28.65
N TYR X 92 -94.42 44.72 29.11
CA TYR X 92 -93.16 44.98 28.43
C TYR X 92 -92.10 43.96 28.75
N ALA X 93 -92.20 43.27 29.89
CA ALA X 93 -91.27 42.19 30.17
C ALA X 93 -91.52 41.00 29.25
N LEU X 94 -92.79 40.68 29.02
CA LEU X 94 -93.08 39.61 28.08
C LEU X 94 -92.77 40.03 26.64
N LYS X 95 -92.84 41.33 26.35
CA LYS X 95 -92.30 41.86 25.10
C LYS X 95 -90.80 41.60 25.02
N ARG X 96 -90.09 41.75 26.13
CA ARG X 96 -88.66 41.50 26.12
C ARG X 96 -88.37 40.01 25.94
N GLN X 97 -89.29 39.15 26.32
CA GLN X 97 -89.13 37.71 26.10
C GLN X 97 -89.39 37.29 24.67
N GLY X 98 -89.94 38.16 23.83
CA GLY X 98 -90.43 37.70 22.55
C GLY X 98 -91.72 36.93 22.66
N ARG X 99 -92.47 37.16 23.74
CA ARG X 99 -93.70 36.45 24.07
C ARG X 99 -94.80 37.45 24.30
N THR X 100 -94.97 38.34 23.32
CA THR X 100 -95.90 39.47 23.40
C THR X 100 -97.33 39.02 23.64
N LEU X 101 -98.00 39.69 24.58
CA LEU X 101 -99.37 39.41 24.95
C LEU X 101 -100.24 40.64 24.73
N TYR X 102 -101.40 40.43 24.12
CA TYR X 102 -102.37 41.49 23.90
C TYR X 102 -103.36 41.54 25.06
N GLY X 103 -104.43 42.29 24.86
CA GLY X 103 -105.56 42.29 25.74
C GLY X 103 -105.47 43.28 26.89
N PHE X 104 -104.26 43.72 27.24
CA PHE X 104 -104.07 44.52 28.44
C PHE X 104 -103.42 45.86 28.13
N GLY X 105 -103.48 46.28 26.88
CA GLY X 105 -103.10 47.62 26.50
C GLY X 105 -101.62 47.92 26.60
N GLY X 106 -100.81 47.29 25.76
CA GLY X 106 -99.38 47.51 25.77
C GLY X 106 -98.83 48.17 24.53
N ALA Y 18 -56.33 65.29 33.15
CA ALA Y 18 -56.55 64.43 31.99
C ALA Y 18 -57.48 65.10 30.99
N LYS Y 19 -56.99 65.26 29.75
CA LYS Y 19 -57.78 65.94 28.73
C LYS Y 19 -58.90 65.05 28.21
N THR Y 20 -58.54 63.87 27.70
CA THR Y 20 -59.54 62.97 27.13
C THR Y 20 -60.35 62.31 28.23
N ARG Y 21 -61.66 62.16 27.97
CA ARG Y 21 -62.53 61.51 28.94
C ARG Y 21 -62.23 60.03 29.08
N SER Y 22 -61.59 59.43 28.09
CA SER Y 22 -61.07 58.08 28.23
C SER Y 22 -60.06 58.01 29.36
N SER Y 23 -59.15 58.98 29.40
CA SER Y 23 -58.20 59.06 30.49
C SER Y 23 -58.89 59.47 31.79
N ARG Y 24 -59.93 60.29 31.70
CA ARG Y 24 -60.69 60.67 32.90
C ARG Y 24 -61.50 59.50 33.43
N ALA Y 25 -61.79 58.51 32.59
CA ALA Y 25 -62.39 57.28 33.05
C ALA Y 25 -61.38 56.16 33.24
N GLY Y 26 -60.19 56.31 32.68
CA GLY Y 26 -59.19 55.26 32.78
C GLY Y 26 -59.54 54.00 32.01
N LEU Y 27 -60.33 54.11 30.96
CA LEU Y 27 -60.78 52.97 30.19
C LEU Y 27 -60.19 53.04 28.79
N GLN Y 28 -60.61 52.13 27.92
CA GLN Y 28 -60.03 52.07 26.58
C GLN Y 28 -61.03 52.22 25.45
N PHE Y 29 -62.27 51.80 25.64
CA PHE Y 29 -63.28 52.06 24.63
C PHE Y 29 -63.66 53.53 24.67
N PRO Y 30 -63.37 54.30 23.61
CA PRO Y 30 -63.45 55.76 23.69
C PRO Y 30 -64.86 56.31 23.87
N VAL Y 31 -65.06 57.00 24.98
CA VAL Y 31 -66.39 57.47 25.36
C VAL Y 31 -66.89 58.53 24.40
N GLY Y 32 -65.97 59.24 23.74
CA GLY Y 32 -66.37 60.28 22.81
C GLY Y 32 -67.01 59.76 21.53
N ARG Y 33 -66.46 58.67 20.98
CA ARG Y 33 -67.06 58.12 19.77
C ARG Y 33 -68.39 57.46 20.09
N VAL Y 34 -68.51 56.87 21.28
CA VAL Y 34 -69.79 56.42 21.80
C VAL Y 34 -70.75 57.58 21.91
N HIS Y 35 -70.27 58.74 22.36
CA HIS Y 35 -71.12 59.90 22.53
C HIS Y 35 -71.60 60.43 21.20
N ARG Y 36 -70.73 60.39 20.18
CA ARG Y 36 -71.13 60.80 18.83
C ARG Y 36 -72.18 59.85 18.26
N LEU Y 37 -72.00 58.55 18.46
CA LEU Y 37 -73.01 57.62 17.95
C LEU Y 37 -74.31 57.72 18.73
N LEU Y 38 -74.24 58.08 20.01
CA LEU Y 38 -75.47 58.24 20.78
C LEU Y 38 -76.21 59.51 20.43
N ARG Y 39 -75.50 60.55 19.97
CA ARG Y 39 -76.21 61.73 19.49
C ARG Y 39 -76.95 61.43 18.19
N LYS Y 40 -76.33 60.70 17.28
CA LYS Y 40 -76.99 60.27 16.05
C LYS Y 40 -77.56 58.87 16.21
N GLY Y 41 -78.45 58.72 17.18
CA GLY Y 41 -78.97 57.41 17.49
C GLY Y 41 -80.48 57.34 17.59
N ASN Y 42 -81.13 58.51 17.65
CA ASN Y 42 -82.60 58.63 17.76
C ASN Y 42 -83.12 57.86 18.96
N TYR Y 43 -82.56 58.14 20.13
CA TYR Y 43 -82.79 57.32 21.31
C TYR Y 43 -83.49 58.05 22.43
N SER Y 44 -83.22 59.34 22.59
CA SER Y 44 -83.99 60.22 23.45
C SER Y 44 -83.88 61.61 22.85
N GLU Y 45 -84.17 62.62 23.64
CA GLU Y 45 -83.84 63.98 23.21
C GLU Y 45 -82.43 64.34 23.64
N ARG Y 46 -82.09 64.09 24.89
CA ARG Y 46 -80.82 64.51 25.45
C ARG Y 46 -80.06 63.32 26.00
N VAL Y 47 -78.73 63.44 25.96
CA VAL Y 47 -77.80 62.39 26.37
C VAL Y 47 -76.98 62.92 27.52
N GLY Y 48 -76.97 62.19 28.63
CA GLY Y 48 -76.17 62.57 29.78
C GLY Y 48 -74.67 62.47 29.53
N ALA Y 49 -73.92 62.88 30.55
CA ALA Y 49 -72.47 62.92 30.46
C ALA Y 49 -71.79 61.75 31.14
N GLY Y 50 -72.53 60.91 31.86
CA GLY Y 50 -71.94 59.75 32.49
C GLY Y 50 -72.45 58.44 31.93
N ALA Y 51 -73.57 58.51 31.22
CA ALA Y 51 -74.10 57.32 30.57
C ALA Y 51 -73.17 56.67 29.54
N PRO Y 52 -72.49 57.40 28.63
CA PRO Y 52 -71.55 56.68 27.75
C PRO Y 52 -70.32 56.16 28.47
N VAL Y 53 -69.96 56.76 29.61
CA VAL Y 53 -68.92 56.20 30.46
C VAL Y 53 -69.35 54.83 30.97
N TYR Y 54 -70.57 54.77 31.51
CA TYR Y 54 -71.11 53.51 32.04
C TYR Y 54 -71.19 52.46 30.96
N LEU Y 55 -71.62 52.88 29.77
CA LEU Y 55 -71.80 51.96 28.65
C LEU Y 55 -70.47 51.42 28.15
N ALA Y 56 -69.46 52.31 28.03
CA ALA Y 56 -68.14 51.87 27.59
C ALA Y 56 -67.48 50.95 28.61
N ALA Y 57 -67.79 51.15 29.90
CA ALA Y 57 -67.30 50.22 30.90
C ALA Y 57 -67.92 48.84 30.75
N VAL Y 58 -69.24 48.78 30.49
CA VAL Y 58 -69.90 47.49 30.33
C VAL Y 58 -69.39 46.77 29.08
N LEU Y 59 -69.16 47.52 28.00
CA LEU Y 59 -68.64 46.91 26.78
C LEU Y 59 -67.20 46.43 26.96
N GLU Y 60 -66.39 47.18 27.71
CA GLU Y 60 -65.03 46.72 27.98
C GLU Y 60 -65.03 45.45 28.81
N TYR Y 61 -65.96 45.35 29.76
CA TYR Y 61 -66.03 44.14 30.57
C TYR Y 61 -66.47 42.94 29.75
N LEU Y 62 -67.40 43.13 28.81
CA LEU Y 62 -67.82 42.01 27.99
C LEU Y 62 -66.74 41.57 27.00
N THR Y 63 -66.03 42.52 26.40
CA THR Y 63 -64.95 42.16 25.48
C THR Y 63 -63.82 41.45 26.21
N ALA Y 64 -63.53 41.86 27.45
CA ALA Y 64 -62.54 41.14 28.24
C ALA Y 64 -63.04 39.75 28.60
N GLU Y 65 -64.34 39.62 28.90
CA GLU Y 65 -64.92 38.34 29.26
C GLU Y 65 -64.87 37.35 28.12
N ILE Y 66 -64.97 37.84 26.88
CA ILE Y 66 -64.84 36.93 25.74
C ILE Y 66 -63.37 36.66 25.40
N LEU Y 67 -62.52 37.69 25.38
CA LEU Y 67 -61.12 37.46 25.04
C LEU Y 67 -60.37 36.62 26.06
N GLU Y 68 -60.85 36.56 27.29
CA GLU Y 68 -60.28 35.64 28.27
C GLU Y 68 -60.45 34.18 27.84
N LEU Y 69 -61.69 33.82 27.48
CA LEU Y 69 -61.95 32.47 27.00
C LEU Y 69 -61.33 32.24 25.63
N ALA Y 70 -61.13 33.31 24.86
CA ALA Y 70 -60.43 33.18 23.58
C ALA Y 70 -58.96 32.84 23.80
N GLY Y 71 -58.33 33.46 24.81
CA GLY Y 71 -56.96 33.12 25.14
C GLY Y 71 -56.83 31.69 25.65
N ASN Y 72 -57.81 31.25 26.45
CA ASN Y 72 -57.81 29.86 26.89
C ASN Y 72 -57.99 28.89 25.71
N ALA Y 73 -58.82 29.26 24.73
CA ALA Y 73 -59.02 28.40 23.58
C ALA Y 73 -57.79 28.35 22.69
N ALA Y 74 -57.07 29.46 22.58
CA ALA Y 74 -55.83 29.45 21.81
C ALA Y 74 -54.74 28.71 22.54
N ARG Y 75 -54.81 28.68 23.88
CA ARG Y 75 -53.82 27.98 24.67
C ARG Y 75 -54.07 26.47 24.69
N ASP Y 76 -55.34 26.04 24.55
CA ASP Y 76 -55.64 24.61 24.55
C ASP Y 76 -55.11 23.91 23.30
N ASN Y 77 -55.00 24.63 22.19
CA ASN Y 77 -54.47 24.06 20.96
C ASN Y 77 -53.08 24.55 20.63
N LYS Y 78 -52.47 25.31 21.53
CA LYS Y 78 -51.12 25.89 21.38
C LYS Y 78 -50.99 26.70 20.10
N LYS Y 79 -51.94 27.58 19.87
CA LYS Y 79 -51.94 28.41 18.67
C LYS Y 79 -51.84 29.87 19.06
N THR Y 80 -51.08 30.61 18.26
CA THR Y 80 -50.78 32.00 18.61
C THR Y 80 -51.92 32.93 18.21
N ARG Y 81 -52.22 33.02 16.92
CA ARG Y 81 -53.28 33.89 16.45
C ARG Y 81 -54.63 33.25 16.74
N ILE Y 82 -55.51 34.01 17.37
CA ILE Y 82 -56.84 33.48 17.70
C ILE Y 82 -57.66 33.43 16.41
N ILE Y 83 -58.18 32.25 16.10
CA ILE Y 83 -58.96 32.03 14.89
C ILE Y 83 -60.43 31.99 15.27
N PRO Y 84 -61.38 32.16 14.35
CA PRO Y 84 -62.79 32.13 14.74
C PRO Y 84 -63.28 30.79 15.23
N ARG Y 85 -62.58 29.70 14.91
CA ARG Y 85 -62.86 28.43 15.56
C ARG Y 85 -62.67 28.54 17.06
N HIS Y 86 -61.58 29.19 17.48
CA HIS Y 86 -61.34 29.43 18.90
C HIS Y 86 -62.46 30.26 19.50
N LEU Y 87 -62.96 31.23 18.75
CA LEU Y 87 -64.03 32.08 19.23
C LEU Y 87 -65.31 31.28 19.43
N GLN Y 88 -65.64 30.41 18.48
CA GLN Y 88 -66.86 29.62 18.58
C GLN Y 88 -66.79 28.63 19.72
N LEU Y 89 -65.62 28.00 19.90
CA LEU Y 89 -65.44 27.08 21.02
C LEU Y 89 -65.50 27.84 22.34
N ALA Y 90 -64.94 29.05 22.36
CA ALA Y 90 -64.94 29.84 23.60
C ALA Y 90 -66.32 30.33 23.94
N ILE Y 91 -67.17 30.57 22.94
CA ILE Y 91 -68.53 30.97 23.24
C ILE Y 91 -69.34 29.79 23.73
N ARG Y 92 -69.20 28.64 23.09
CA ARG Y 92 -70.01 27.51 23.51
C ARG Y 92 -69.52 26.86 24.81
N ASN Y 93 -68.28 27.11 25.22
CA ASN Y 93 -67.81 26.52 26.47
C ASN Y 93 -68.35 27.24 27.70
N ASP Y 94 -68.70 28.50 27.59
CA ASP Y 94 -69.33 29.21 28.70
C ASP Y 94 -70.80 28.82 28.77
N GLU Y 95 -71.38 28.92 29.96
CA GLU Y 95 -72.80 28.64 30.08
C GLU Y 95 -73.65 29.90 29.95
N GLU Y 96 -73.23 31.00 30.59
CA GLU Y 96 -73.99 32.24 30.46
C GLU Y 96 -73.85 32.87 29.08
N LEU Y 97 -72.69 32.74 28.43
CA LEU Y 97 -72.57 33.29 27.09
C LEU Y 97 -73.31 32.47 26.06
N ASN Y 98 -73.58 31.20 26.36
CA ASN Y 98 -74.46 30.43 25.49
C ASN Y 98 -75.90 30.90 25.65
N LYS Y 99 -76.28 31.24 26.88
CA LYS Y 99 -77.65 31.68 27.14
C LYS Y 99 -77.92 33.06 26.56
N LEU Y 100 -76.88 33.87 26.42
CA LEU Y 100 -77.04 35.16 25.75
C LEU Y 100 -77.12 34.98 24.25
N LEU Y 101 -76.06 34.46 23.64
CA LEU Y 101 -75.85 34.54 22.20
C LEU Y 101 -76.31 33.30 21.46
N GLY Y 102 -77.35 32.63 21.95
CA GLY Y 102 -77.78 31.38 21.35
C GLY Y 102 -78.41 31.55 19.99
N ARG Y 103 -79.09 32.67 19.77
CA ARG Y 103 -79.66 33.00 18.47
C ARG Y 103 -78.69 33.80 17.61
N VAL Y 104 -77.41 33.75 17.95
CA VAL Y 104 -76.35 34.38 17.17
C VAL Y 104 -75.52 33.26 16.57
N THR Y 105 -75.13 33.41 15.32
CA THR Y 105 -74.37 32.38 14.63
C THR Y 105 -73.17 33.00 13.96
N ILE Y 106 -71.99 32.61 14.40
CA ILE Y 106 -70.74 33.19 13.94
C ILE Y 106 -70.27 32.44 12.70
N ALA Y 107 -69.77 33.18 11.72
CA ALA Y 107 -69.18 32.58 10.53
C ALA Y 107 -67.91 31.83 10.87
N GLN Y 108 -67.54 30.92 9.96
CA GLN Y 108 -66.35 30.08 10.00
C GLN Y 108 -66.28 29.18 11.23
N GLY Y 109 -67.38 29.00 11.93
CA GLY Y 109 -67.30 28.49 13.29
C GLY Y 109 -67.20 26.99 13.41
N GLY Y 110 -68.13 26.28 12.79
CA GLY Y 110 -68.32 24.90 13.14
C GLY Y 110 -69.16 24.82 14.41
N VAL Y 111 -69.18 23.63 15.00
CA VAL Y 111 -69.90 23.45 16.26
C VAL Y 111 -68.98 22.83 17.29
N LEU Y 112 -69.53 22.50 18.45
CA LEU Y 112 -68.81 21.75 19.45
C LEU Y 112 -68.42 20.37 18.91
N PRO Y 113 -67.29 19.85 19.35
CA PRO Y 113 -67.05 18.41 19.14
C PRO Y 113 -68.01 17.64 20.02
N ASN Y 114 -69.06 17.08 19.42
CA ASN Y 114 -70.18 16.56 20.19
C ASN Y 114 -70.56 15.20 19.63
N ILE Y 115 -70.49 14.18 20.46
CA ILE Y 115 -70.87 12.82 20.13
C ILE Y 115 -71.89 12.36 21.15
N GLN Y 116 -72.99 11.77 20.67
CA GLN Y 116 -74.05 11.32 21.56
C GLN Y 116 -73.69 10.02 22.26
N ALA Y 117 -74.64 9.50 23.04
CA ALA Y 117 -74.39 8.33 23.87
C ALA Y 117 -74.52 7.03 23.09
N VAL Y 118 -75.65 6.83 22.41
CA VAL Y 118 -75.91 5.57 21.72
C VAL Y 118 -75.21 5.46 20.38
N LEU Y 119 -74.47 6.48 19.96
CA LEU Y 119 -73.82 6.42 18.66
C LEU Y 119 -72.50 5.66 18.68
N LEU Y 120 -71.83 5.61 19.84
CA LEU Y 120 -70.57 4.89 19.90
C LEU Y 120 -70.82 3.39 19.88
N PRO Y 121 -69.95 2.61 19.22
CA PRO Y 121 -70.12 1.15 19.22
C PRO Y 121 -69.81 0.55 20.58
N LYS Y 122 -70.76 -0.24 21.07
CA LYS Y 122 -70.61 -0.96 22.32
C LYS Y 122 -69.58 -2.08 22.20
N SER Z 36 -62.99 54.45 2.64
CA SER Z 36 -62.94 55.82 3.12
C SER Z 36 -62.61 55.86 4.60
N ARG Z 37 -63.27 56.75 5.33
CA ARG Z 37 -63.11 56.84 6.78
C ARG Z 37 -64.17 55.99 7.47
N LYS Z 38 -64.23 54.74 7.06
CA LYS Z 38 -65.16 53.77 7.64
C LYS Z 38 -64.60 53.38 9.01
N GLU Z 39 -65.21 53.90 10.06
CA GLU Z 39 -64.65 53.76 11.39
C GLU Z 39 -65.04 52.43 12.01
N SER Z 40 -64.06 51.76 12.61
CA SER Z 40 -64.23 50.45 13.22
C SER Z 40 -63.75 50.52 14.66
N TYR Z 41 -63.67 49.35 15.29
CA TYR Z 41 -63.27 49.24 16.69
C TYR Z 41 -61.96 48.49 16.85
N SER Z 42 -61.08 48.60 15.86
CA SER Z 42 -59.94 47.69 15.74
C SER Z 42 -58.91 47.90 16.85
N ILE Z 43 -58.36 49.12 16.93
CA ILE Z 43 -57.24 49.37 17.83
C ILE Z 43 -57.68 49.34 19.29
N TYR Z 44 -58.96 49.52 19.55
CA TYR Z 44 -59.46 49.52 20.92
C TYR Z 44 -59.46 48.10 21.47
N VAL Z 45 -59.96 47.15 20.69
CA VAL Z 45 -59.93 45.76 21.10
C VAL Z 45 -58.51 45.21 21.02
N TYR Z 46 -57.64 45.77 20.16
CA TYR Z 46 -56.21 45.45 20.25
C TYR Z 46 -55.63 45.83 21.59
N LYS Z 47 -55.96 47.01 22.10
CA LYS Z 47 -55.48 47.40 23.41
C LYS Z 47 -56.08 46.54 24.51
N VAL Z 48 -57.33 46.07 24.32
CA VAL Z 48 -57.94 45.14 25.27
C VAL Z 48 -57.16 43.82 25.29
N LEU Z 49 -56.83 43.31 24.10
CA LEU Z 49 -56.14 42.03 24.01
C LEU Z 49 -54.70 42.14 24.53
N LYS Z 50 -54.05 43.28 24.31
CA LYS Z 50 -52.73 43.50 24.89
C LYS Z 50 -52.80 43.63 26.40
N GLN Z 51 -53.90 44.14 26.95
CA GLN Z 51 -54.04 44.21 28.38
C GLN Z 51 -54.78 43.02 28.98
N VAL Z 52 -54.97 41.94 28.22
CA VAL Z 52 -55.44 40.70 28.83
C VAL Z 52 -54.44 39.58 28.58
N HIS Z 53 -54.23 39.20 27.32
CA HIS Z 53 -53.23 38.21 26.95
C HIS Z 53 -52.16 38.94 26.14
N PRO Z 54 -51.09 39.40 26.79
CA PRO Z 54 -50.22 40.42 26.17
C PRO Z 54 -49.35 39.93 25.03
N ASP Z 55 -49.33 38.64 24.73
CA ASP Z 55 -48.52 38.09 23.65
C ASP Z 55 -49.36 37.17 22.78
N THR Z 56 -50.54 37.63 22.39
CA THR Z 56 -51.46 36.83 21.61
C THR Z 56 -51.95 37.65 20.42
N GLY Z 57 -51.72 37.14 19.21
CA GLY Z 57 -52.20 37.78 18.00
C GLY Z 57 -53.61 37.32 17.64
N ILE Z 58 -54.15 37.93 16.58
CA ILE Z 58 -55.54 37.68 16.18
C ILE Z 58 -55.68 38.07 14.72
N SER Z 59 -56.68 37.50 14.05
CA SER Z 59 -56.85 37.63 12.61
C SER Z 59 -57.75 38.79 12.24
N SER Z 60 -57.93 39.00 10.94
CA SER Z 60 -58.75 40.10 10.49
C SER Z 60 -60.23 39.79 10.69
N LYS Z 61 -60.65 38.60 10.27
CA LYS Z 61 -62.06 38.26 10.35
C LYS Z 61 -62.53 38.07 11.78
N ALA Z 62 -61.63 37.65 12.68
CA ALA Z 62 -61.98 37.61 14.09
C ALA Z 62 -62.25 39.01 14.63
N MET Z 63 -61.46 39.98 14.16
CA MET Z 63 -61.71 41.36 14.54
C MET Z 63 -63.03 41.85 13.97
N GLY Z 64 -63.38 41.41 12.77
CA GLY Z 64 -64.70 41.71 12.24
C GLY Z 64 -65.82 41.12 13.07
N ILE Z 65 -65.61 39.91 13.59
CA ILE Z 65 -66.58 39.26 14.48
C ILE Z 65 -66.74 40.08 15.76
N MET Z 66 -65.62 40.55 16.31
CA MET Z 66 -65.67 41.39 17.50
C MET Z 66 -66.39 42.71 17.22
N ASN Z 67 -66.17 43.27 16.03
CA ASN Z 67 -66.81 44.52 15.64
C ASN Z 67 -68.32 44.35 15.57
N SER Z 68 -68.77 43.27 14.92
CA SER Z 68 -70.19 42.97 14.88
C SER Z 68 -70.75 42.70 16.27
N PHE Z 69 -69.94 42.10 17.14
CA PHE Z 69 -70.38 41.83 18.50
C PHE Z 69 -70.63 43.12 19.28
N VAL Z 70 -69.70 44.07 19.16
CA VAL Z 70 -69.84 45.31 19.91
C VAL Z 70 -71.00 46.14 19.36
N ASN Z 71 -71.17 46.14 18.03
CA ASN Z 71 -72.30 46.88 17.47
C ASN Z 71 -73.64 46.25 17.84
N ASP Z 72 -73.67 44.91 17.94
CA ASP Z 72 -74.88 44.21 18.38
C ASP Z 72 -75.24 44.59 19.81
N ILE Z 73 -74.28 44.49 20.72
CA ILE Z 73 -74.57 44.78 22.12
C ILE Z 73 -74.90 46.25 22.32
N PHE Z 74 -74.26 47.12 21.55
CA PHE Z 74 -74.56 48.55 21.60
C PHE Z 74 -76.00 48.83 21.19
N GLU Z 75 -76.43 48.26 20.06
CA GLU Z 75 -77.81 48.50 19.63
C GLU Z 75 -78.81 47.90 20.58
N ARG Z 76 -78.50 46.74 21.18
CA ARG Z 76 -79.44 46.14 22.11
C ARG Z 76 -79.64 47.00 23.34
N ILE Z 77 -78.55 47.51 23.90
CA ILE Z 77 -78.67 48.26 25.14
C ILE Z 77 -79.26 49.64 24.88
N ALA Z 78 -78.91 50.26 23.75
CA ALA Z 78 -79.47 51.57 23.44
C ALA Z 78 -80.95 51.48 23.11
N GLY Z 79 -81.36 50.42 22.41
CA GLY Z 79 -82.77 50.24 22.13
C GLY Z 79 -83.57 49.97 23.38
N GLU Z 80 -83.02 49.16 24.29
CA GLU Z 80 -83.73 48.87 25.53
C GLU Z 80 -83.82 50.11 26.41
N ALA Z 81 -82.79 50.96 26.36
CA ALA Z 81 -82.82 52.22 27.10
C ALA Z 81 -83.86 53.17 26.51
N SER Z 82 -83.98 53.21 25.19
CA SER Z 82 -84.98 54.07 24.56
C SER Z 82 -86.38 53.59 24.88
N ARG Z 83 -86.58 52.27 24.94
CA ARG Z 83 -87.85 51.71 25.40
C ARG Z 83 -88.17 52.15 26.82
N LEU Z 84 -87.19 52.10 27.73
CA LEU Z 84 -87.47 52.56 29.09
C LEU Z 84 -87.75 54.05 29.17
N ALA Z 85 -87.07 54.83 28.33
CA ALA Z 85 -87.32 56.26 28.25
C ALA Z 85 -88.76 56.55 27.86
N HIS Z 86 -89.30 55.78 26.92
CA HIS Z 86 -90.71 55.93 26.59
C HIS Z 86 -91.63 55.31 27.65
N TYR Z 87 -91.18 54.28 28.36
CA TYR Z 87 -92.08 53.58 29.27
C TYR Z 87 -92.26 54.33 30.57
N ASN Z 88 -91.38 55.28 30.88
CA ASN Z 88 -91.66 56.18 31.99
C ASN Z 88 -91.77 57.63 31.54
N LYS Z 89 -91.82 57.88 30.23
CA LYS Z 89 -92.01 59.20 29.62
C LYS Z 89 -90.95 60.19 30.10
N ARG Z 90 -89.70 59.76 30.00
CA ARG Z 90 -88.56 60.57 30.40
C ARG Z 90 -87.67 60.74 29.19
N SER Z 91 -87.56 61.97 28.71
CA SER Z 91 -87.07 62.22 27.36
C SER Z 91 -85.56 62.35 27.27
N THR Z 92 -84.82 61.95 28.29
CA THR Z 92 -83.38 62.02 28.26
C THR Z 92 -82.78 60.77 28.87
N ILE Z 93 -81.47 60.65 28.78
CA ILE Z 93 -80.75 59.44 29.17
C ILE Z 93 -79.70 59.79 30.20
N THR Z 94 -79.82 59.20 31.39
CA THR Z 94 -78.77 59.21 32.39
C THR Z 94 -78.07 57.87 32.39
N SER Z 95 -77.20 57.65 33.36
CA SER Z 95 -76.56 56.35 33.49
C SER Z 95 -77.49 55.30 34.09
N ARG Z 96 -78.55 55.72 34.79
CA ARG Z 96 -79.36 54.79 35.54
C ARG Z 96 -80.17 53.89 34.62
N GLU Z 97 -80.60 54.43 33.49
CA GLU Z 97 -81.27 53.64 32.46
C GLU Z 97 -80.34 52.57 31.90
N ILE Z 98 -79.06 52.91 31.69
CA ILE Z 98 -78.11 51.94 31.18
C ILE Z 98 -77.88 50.83 32.19
N GLN Z 99 -77.83 51.21 33.48
CA GLN Z 99 -77.65 50.23 34.56
C GLN Z 99 -78.78 49.23 34.59
N THR Z 100 -80.02 49.72 34.62
CA THR Z 100 -81.14 48.79 34.63
C THR Z 100 -81.34 48.10 33.30
N ALA Z 101 -80.79 48.65 32.21
CA ALA Z 101 -80.88 47.97 30.91
C ALA Z 101 -79.99 46.74 30.89
N VAL Z 102 -78.77 46.86 31.42
CA VAL Z 102 -77.90 45.70 31.49
C VAL Z 102 -78.37 44.74 32.58
N ARG Z 103 -79.13 45.23 33.58
CA ARG Z 103 -79.87 44.31 34.44
C ARG Z 103 -80.89 43.50 33.63
N LEU Z 104 -81.52 44.13 32.64
CA LEU Z 104 -82.54 43.43 31.85
C LEU Z 104 -81.93 42.39 30.92
N LEU Z 105 -80.87 42.77 30.18
CA LEU Z 105 -80.36 41.88 29.15
C LEU Z 105 -79.63 40.68 29.74
N LEU Z 106 -78.56 40.93 30.44
CA LEU Z 106 -77.71 39.82 30.84
C LEU Z 106 -78.27 39.13 32.07
N PRO Z 107 -78.10 37.82 32.19
CA PRO Z 107 -78.50 37.14 33.42
C PRO Z 107 -77.53 37.41 34.56
N GLY Z 108 -77.83 36.83 35.72
CA GLY Z 108 -77.35 37.25 37.03
C GLY Z 108 -75.90 37.65 37.26
N GLU Z 109 -74.97 36.70 37.09
CA GLU Z 109 -73.60 36.91 37.57
C GLU Z 109 -72.84 37.91 36.72
N LEU Z 110 -72.93 37.76 35.40
CA LEU Z 110 -72.31 38.70 34.48
C LEU Z 110 -72.92 40.09 34.65
N ALA Z 111 -74.22 40.15 34.92
CA ALA Z 111 -74.88 41.43 35.18
C ALA Z 111 -74.36 42.08 36.44
N LYS Z 112 -74.16 41.29 37.49
CA LYS Z 112 -73.66 41.82 38.76
C LYS Z 112 -72.25 42.36 38.60
N HIS Z 113 -71.40 41.63 37.86
CA HIS Z 113 -70.05 42.12 37.60
C HIS Z 113 -70.05 43.37 36.74
N ALA Z 114 -70.95 43.44 35.75
CA ALA Z 114 -70.99 44.62 34.89
C ALA Z 114 -71.49 45.84 35.64
N VAL Z 115 -72.44 45.63 36.56
CA VAL Z 115 -72.93 46.73 37.39
C VAL Z 115 -71.81 47.26 38.27
N SER Z 116 -71.02 46.34 38.87
CA SER Z 116 -69.89 46.74 39.68
C SER Z 116 -68.85 47.52 38.86
N GLU Z 117 -68.55 47.03 37.65
CA GLU Z 117 -67.58 47.70 36.79
C GLU Z 117 -68.04 49.09 36.37
N GLY Z 118 -69.31 49.20 35.99
CA GLY Z 118 -69.84 50.49 35.58
C GLY Z 118 -69.89 51.49 36.71
N THR Z 119 -70.35 51.06 37.89
CA THR Z 119 -70.38 51.96 39.04
C THR Z 119 -68.99 52.41 39.44
N LYS Z 120 -68.00 51.52 39.33
CA LYS Z 120 -66.63 51.89 39.68
C LYS Z 120 -66.08 52.92 38.70
N ALA Z 121 -66.29 52.69 37.40
CA ALA Z 121 -65.77 53.63 36.41
C ALA Z 121 -66.50 54.97 36.48
N VAL Z 122 -67.80 54.94 36.78
CA VAL Z 122 -68.58 56.17 36.87
C VAL Z 122 -68.16 56.99 38.08
N THR Z 123 -67.95 56.33 39.22
CA THR Z 123 -67.52 57.05 40.41
C THR Z 123 -66.11 57.60 40.25
N LYS Z 124 -65.23 56.86 39.57
CA LYS Z 124 -63.87 57.34 39.34
C LYS Z 124 -63.86 58.52 38.38
N TYR Z 125 -64.73 58.49 37.36
CA TYR Z 125 -64.89 59.66 36.51
C TYR Z 125 -65.58 60.81 37.23
N THR Z 126 -66.37 60.50 38.26
CA THR Z 126 -67.12 61.53 38.97
C THR Z 126 -66.22 62.35 39.86
N SER Z 127 -65.54 61.69 40.81
CA SER Z 127 -64.75 62.42 41.80
C SER Z 127 -63.53 63.06 41.18
N ALA Z 128 -62.87 62.36 40.27
CA ALA Z 128 -61.72 62.93 39.56
C ALA Z 128 -62.23 63.68 38.34
ZN ZN AA . 18.42 6.89 -39.98
ZN ZN BA . -23.23 27.04 -26.82
MG MG CA . 27.05 -13.99 5.33
ZN ZN DA . 12.32 21.65 -35.10
ZN ZN EA . 67.29 -37.33 -18.24
ZN ZN FA . -20.94 -37.52 44.49
ZN ZN GA . -52.00 -18.07 15.67
ZN ZN HA . 46.24 -41.76 10.43
ZN ZN IA . 23.87 -55.37 -30.77
ZN ZN JA . -45.49 -0.09 -21.91
ZN ZN KA . -34.00 -24.35 -58.84
#